data_8P5X
#
_entry.id   8P5X
#
_cell.length_a   1.00
_cell.length_b   1.00
_cell.length_c   1.00
_cell.angle_alpha   90.00
_cell.angle_beta   90.00
_cell.angle_gamma   90.00
#
_symmetry.space_group_name_H-M   'P 1'
#
loop_
_entity.id
_entity.type
_entity.pdbx_description
1 polymer '2-oxoglutarate dehydrogenase E1/E2 component'
2 polymer 'Oxoglutarate dehydrogenase inhibitor'
3 non-polymer 'THIAMINE DIPHOSPHATE'
4 non-polymer 'MAGNESIUM ION'
#
loop_
_entity_poly.entity_id
_entity_poly.type
_entity_poly.pdbx_seq_one_letter_code
_entity_poly.pdbx_strand_id
1 'polypeptide(L)'
;GSMSSASTFGQNAWLVDEMFQQFQKDPKSVDKEWRELFEAQGGPNTTPATTEAQPSAPKESAKPAPKAAPAAKAAPRVET
KPADKTAPKAKESSVPQQPKLPEPGQTPIRGIFKSIAKNMDISLEIPTATSVRDMPARLMFENRAMVNDQLKRTRGGKIS
FTHIIGYAMVKAVMAHPDMNNSYDVIDGKPTLIVPEHINLGLAIDLPQKDGSRALVVAAIKETEKMNFSEFLAAYEDIVA
RSRKGKLTMDDYQGVTVSLTNPGGIGTRHSVPRLTKGQGTIIGVGSMDYPAEFQGASEDRLAELGVGKLVTITSTYDHRV
IQGAVSGEFLRTMSRLLTDDSFWDEIFDAMNVPYTPMRWAQDVPNTGVDKNTRVMQLIEAYRSRGHLIADTNPLSWVQPG
MPVPDHRDLDIETHNLTIWDLDRTFNVGGFGGKETMTLREVLSRLRAAYTLKVGSEYTHILDRDERTWLQDRLEAGMPKP
TQAEQKYILQKLNAAEAFENFLQTKYVGQKRFSLEGAEALIPLMDSAIDTAAGQGLDEVVIGMPHRGRLNVLFNIVGKPL
ASIFNEFEGQMEQGQIGGSGDVKYHLGSEGQHLQMFGDGEIKVSLTANPSHLEAVNPVMEGIVRAKQDYLDKGVDGKTVV
PLLLHGDAAFAGLGIVPETINLAKLRGYDVGGTIHIVVNNQIGFTTTPDSSRSMHYATDYAKAFGCPVFHVNGDDPEAVV
WVGQLATEYRRRFGKDVFIDLVCYRLRGHNEADDPSMTQPKMYELITGRETVRAQYTEDLLGRGDLSNEDAEAVVRDFHD
QMESVFNEVKEGGKKQAEAQTGITGSQKLPHGLETNISREELLELGQAFANTPEGFNYHPRVAPVAKKRVSSVTEGGIDW
AWGELLAFGSLANSGRLVRLAGEDSRRGTFTQRHAVAIDPATAEEFNPLHELAQSKGNNGKFLVYNSALTEYAGMGFEYG
YSVGNEDSIVAWEAQFGDFANGAQTIIDEYVSSGEAKWGQTSKLILLLPHGYEGQGPDHSSARIERFLQLCAEGSMTVAQ
PSTPANHFHLLRRHALSDLKRPLVIFTPKSMLRNKAAASAPEDFTEVTKFQSVINDPNVADAAKVKKVMLVSGKLYYELA
KRKEKDGRDDIAIVRIEMLHPIPFNRISEALAGYPNAEEVLFVQDEPANQGPWPFYQEHLPELIPNMPKMRRVSRRAQSS
TATGVAKVHQLEEKQLIDEAFEA
;
A,B,C,D,E,F
2 'polypeptide(L)'
;GMSDNNGTPEPQVETTSVFRADLLKEMESSTGTAPASTGAENLPAGSALLVVKRGPNAGARFLLDQPTTTAGRHPESDIF
LDDVTVSRRHAEFRINEGEFEVVDVGSLNGTYVNREPRNAQVMQTGDEIQIGKFRLVFLAGPAE
;
G,H,I,J,K,L
#
# COMPACT_ATOMS: atom_id res chain seq x y z
N PRO A 104 -6.36 -25.11 63.56
CA PRO A 104 -7.82 -25.34 63.53
C PRO A 104 -8.49 -25.14 64.90
N GLY A 105 -9.80 -24.84 64.88
CA GLY A 105 -10.65 -24.72 66.07
C GLY A 105 -11.25 -23.32 66.21
N GLN A 106 -11.60 -22.96 67.44
CA GLN A 106 -12.24 -21.67 67.82
C GLN A 106 -11.30 -20.87 68.70
N THR A 107 -11.13 -19.58 68.43
CA THR A 107 -10.26 -18.67 69.20
C THR A 107 -10.95 -17.34 69.40
N PRO A 108 -11.11 -16.84 70.65
CA PRO A 108 -11.61 -15.50 70.89
C PRO A 108 -10.84 -14.39 70.18
N ILE A 109 -11.56 -13.37 69.72
CA ILE A 109 -11.00 -12.18 69.04
C ILE A 109 -10.63 -11.19 70.14
N ARG A 110 -9.41 -10.63 70.07
CA ARG A 110 -8.84 -9.77 71.12
C ARG A 110 -8.09 -8.60 70.49
N GLY A 111 -8.08 -7.45 71.15
CA GLY A 111 -7.21 -6.31 70.82
C GLY A 111 -7.80 -5.42 69.77
N ILE A 112 -6.98 -4.98 68.81
CA ILE A 112 -7.37 -4.06 67.71
C ILE A 112 -8.36 -4.77 66.79
N PHE A 113 -8.26 -6.09 66.68
CA PHE A 113 -9.14 -6.93 65.81
C PHE A 113 -10.55 -6.98 66.40
N LYS A 114 -10.68 -6.90 67.72
CA LYS A 114 -12.00 -6.87 68.41
C LYS A 114 -12.67 -5.52 68.15
N SER A 115 -11.90 -4.44 68.13
CA SER A 115 -12.39 -3.06 67.87
C SER A 115 -12.92 -2.93 66.44
N ILE A 116 -12.20 -3.49 65.46
CA ILE A 116 -12.60 -3.50 64.02
C ILE A 116 -13.93 -4.23 63.89
N ALA A 117 -14.07 -5.38 64.54
CA ALA A 117 -15.28 -6.22 64.50
C ALA A 117 -16.49 -5.47 65.04
N LYS A 118 -16.34 -4.72 66.13
CA LYS A 118 -17.46 -3.99 66.78
C LYS A 118 -17.92 -2.84 65.90
N ASN A 119 -17.01 -2.16 65.22
CA ASN A 119 -17.33 -0.99 64.38
C ASN A 119 -18.08 -1.43 63.13
N MET A 120 -17.75 -2.61 62.58
CA MET A 120 -18.42 -3.17 61.38
C MET A 120 -19.83 -3.63 61.73
N ASP A 121 -20.10 -4.00 62.98
CA ASP A 121 -21.47 -4.34 63.46
C ASP A 121 -22.31 -3.08 63.54
N ILE A 122 -21.74 -1.95 63.97
CA ILE A 122 -22.44 -0.65 64.11
C ILE A 122 -22.77 -0.10 62.73
N SER A 123 -21.94 -0.40 61.72
CA SER A 123 -22.08 0.11 60.33
C SER A 123 -23.37 -0.39 59.68
N LEU A 124 -23.96 -1.48 60.20
CA LEU A 124 -25.20 -2.08 59.65
C LEU A 124 -26.38 -1.13 59.76
N GLU A 125 -26.31 -0.07 60.57
CA GLU A 125 -27.44 0.87 60.77
C GLU A 125 -27.33 2.09 59.84
N ILE A 126 -26.50 2.04 58.78
CA ILE A 126 -26.37 3.12 57.76
C ILE A 126 -26.88 2.59 56.43
N PRO A 127 -27.95 3.17 55.82
CA PRO A 127 -28.37 2.79 54.47
C PRO A 127 -27.57 3.47 53.35
N THR A 128 -26.86 2.69 52.54
CA THR A 128 -25.84 3.18 51.59
C THR A 128 -26.22 2.87 50.15
N ALA A 129 -25.68 3.63 49.21
CA ALA A 129 -25.75 3.43 47.75
C ALA A 129 -24.41 3.82 47.12
N THR A 130 -24.03 3.22 45.99
CA THR A 130 -22.72 3.48 45.33
C THR A 130 -22.94 3.89 43.87
N SER A 131 -22.09 4.81 43.38
CA SER A 131 -21.96 5.28 41.98
C SER A 131 -20.57 4.91 41.47
N VAL A 132 -20.43 4.58 40.19
CA VAL A 132 -19.16 4.12 39.55
C VAL A 132 -18.97 4.92 38.25
N ARG A 133 -17.77 5.44 38.00
CA ARG A 133 -17.42 6.21 36.78
C ARG A 133 -15.97 5.91 36.36
N ASP A 134 -15.73 5.75 35.06
CA ASP A 134 -14.40 5.48 34.45
C ASP A 134 -13.93 6.73 33.71
N MET A 135 -12.65 7.09 33.86
CA MET A 135 -12.06 8.39 33.48
C MET A 135 -10.77 8.15 32.69
N PRO A 136 -10.48 8.92 31.61
CA PRO A 136 -9.19 8.84 30.94
C PRO A 136 -8.00 9.22 31.83
N ALA A 137 -6.85 8.56 31.66
CA ALA A 137 -5.68 8.67 32.56
C ALA A 137 -4.40 9.13 31.85
N ARG A 138 -4.40 9.30 30.52
CA ARG A 138 -3.17 9.54 29.71
C ARG A 138 -2.45 10.82 30.17
N LEU A 139 -3.20 11.90 30.37
CA LEU A 139 -2.65 13.23 30.68
C LEU A 139 -2.05 13.24 32.08
N MET A 140 -2.52 12.38 32.99
CA MET A 140 -1.89 12.21 34.32
C MET A 140 -0.50 11.64 34.14
N PHE A 141 -0.37 10.56 33.38
CA PHE A 141 0.91 9.88 33.13
C PHE A 141 1.93 10.86 32.56
N GLU A 142 1.53 11.71 31.62
CA GLU A 142 2.44 12.64 30.91
C GLU A 142 2.87 13.76 31.85
N ASN A 143 1.93 14.42 32.49
CA ASN A 143 2.20 15.63 33.31
C ASN A 143 2.89 15.25 34.62
N ARG A 144 2.70 14.04 35.13
CA ARG A 144 3.40 13.56 36.34
C ARG A 144 4.88 13.37 36.03
N ALA A 145 5.19 12.91 34.83
CA ALA A 145 6.58 12.68 34.36
C ALA A 145 7.34 14.00 34.28
N MET A 146 6.68 15.08 33.88
CA MET A 146 7.28 16.42 33.78
C MET A 146 7.62 16.97 35.17
N VAL A 147 6.79 16.73 36.18
CA VAL A 147 7.04 17.24 37.56
C VAL A 147 8.19 16.46 38.17
N ASN A 148 8.27 15.15 37.95
CA ASN A 148 9.30 14.29 38.56
C ASN A 148 10.65 14.52 37.87
N ASP A 149 10.65 14.99 36.63
CA ASP A 149 11.88 15.38 35.88
C ASP A 149 12.49 16.63 36.50
N GLN A 150 11.65 17.61 36.87
CA GLN A 150 12.06 18.88 37.53
C GLN A 150 12.61 18.59 38.92
N LEU A 151 12.04 17.65 39.66
CA LEU A 151 12.43 17.38 41.06
C LEU A 151 13.77 16.65 41.11
N LYS A 152 14.12 15.83 40.12
CA LYS A 152 15.42 15.10 40.13
C LYS A 152 16.57 16.04 39.74
N ARG A 153 16.26 17.20 39.14
CA ARG A 153 17.25 18.29 38.90
C ARG A 153 17.59 18.98 40.22
N THR A 154 16.61 19.17 41.11
CA THR A 154 16.73 19.93 42.38
C THR A 154 16.88 18.97 43.57
N ARG A 155 17.22 17.70 43.33
CA ARG A 155 17.35 16.62 44.36
C ARG A 155 16.18 16.69 45.35
N GLY A 156 14.95 16.84 44.84
CA GLY A 156 13.71 16.60 45.59
C GLY A 156 13.33 15.13 45.53
N GLY A 157 12.08 14.79 45.85
CA GLY A 157 11.57 13.41 45.80
C GLY A 157 10.78 13.14 44.54
N LYS A 158 9.78 12.26 44.64
CA LYS A 158 8.75 11.98 43.60
C LYS A 158 7.39 12.42 44.14
N ILE A 159 6.43 12.66 43.26
CA ILE A 159 4.97 12.67 43.59
C ILE A 159 4.34 11.42 43.00
N SER A 160 3.27 10.93 43.63
CA SER A 160 2.50 9.70 43.29
C SER A 160 1.16 10.08 42.65
N PHE A 161 0.43 9.08 42.13
CA PHE A 161 -0.93 9.25 41.55
C PHE A 161 -1.93 9.54 42.67
N THR A 162 -1.70 8.99 43.86
CA THR A 162 -2.57 9.16 45.05
C THR A 162 -2.52 10.61 45.54
N HIS A 163 -1.37 11.29 45.39
CA HIS A 163 -1.21 12.73 45.73
C HIS A 163 -2.10 13.58 44.83
N ILE A 164 -2.07 13.32 43.53
CA ILE A 164 -2.78 14.13 42.49
C ILE A 164 -4.29 13.91 42.65
N ILE A 165 -4.74 12.67 42.74
CA ILE A 165 -6.18 12.30 42.84
C ILE A 165 -6.73 12.81 44.17
N GLY A 166 -5.92 12.72 45.22
CA GLY A 166 -6.25 13.24 46.57
C GLY A 166 -6.54 14.72 46.55
N TYR A 167 -5.73 15.51 45.84
CA TYR A 167 -5.85 16.98 45.77
C TYR A 167 -7.10 17.35 44.95
N ALA A 168 -7.37 16.61 43.87
CA ALA A 168 -8.55 16.78 43.01
C ALA A 168 -9.83 16.51 43.80
N MET A 169 -9.78 15.54 44.71
CA MET A 169 -10.90 15.16 45.61
C MET A 169 -11.26 16.33 46.52
N VAL A 170 -10.27 17.04 47.06
CA VAL A 170 -10.47 18.20 47.97
C VAL A 170 -11.15 19.32 47.19
N LYS A 171 -10.71 19.59 45.97
CA LYS A 171 -11.27 20.65 45.10
C LYS A 171 -12.73 20.35 44.76
N ALA A 172 -13.08 19.07 44.60
CA ALA A 172 -14.44 18.60 44.25
C ALA A 172 -15.39 18.77 45.42
N VAL A 173 -14.94 18.51 46.65
CA VAL A 173 -15.76 18.62 47.89
C VAL A 173 -16.06 20.10 48.15
N MET A 174 -15.15 21.00 47.78
CA MET A 174 -15.37 22.47 47.90
C MET A 174 -16.42 22.94 46.90
N ALA A 175 -16.50 22.31 45.72
CA ALA A 175 -17.48 22.64 44.66
C ALA A 175 -18.86 22.07 44.99
N HIS A 176 -18.91 21.00 45.79
CA HIS A 176 -20.13 20.25 46.18
C HIS A 176 -20.09 19.97 47.67
N PRO A 177 -20.36 20.96 48.55
CA PRO A 177 -20.17 20.79 49.98
C PRO A 177 -21.10 19.83 50.73
N ASP A 178 -22.21 19.40 50.10
CA ASP A 178 -23.16 18.41 50.66
C ASP A 178 -22.44 17.09 50.94
N MET A 179 -21.38 16.79 50.19
CA MET A 179 -20.61 15.53 50.30
C MET A 179 -19.83 15.47 51.61
N ASN A 180 -19.76 16.55 52.40
CA ASN A 180 -18.98 16.59 53.67
C ASN A 180 -19.90 16.50 54.90
N ASN A 181 -21.21 16.29 54.73
CA ASN A 181 -22.20 16.27 55.82
C ASN A 181 -22.44 14.84 56.31
N SER A 182 -23.03 14.68 57.50
CA SER A 182 -23.32 13.38 58.15
C SER A 182 -24.68 13.44 58.89
N TYR A 183 -25.11 12.31 59.47
CA TYR A 183 -26.41 12.11 60.16
C TYR A 183 -26.15 11.69 61.61
N ASP A 184 -26.98 12.13 62.55
CA ASP A 184 -26.98 11.66 63.96
C ASP A 184 -28.35 11.87 64.57
N VAL A 185 -28.68 11.11 65.62
CA VAL A 185 -29.92 11.29 66.42
C VAL A 185 -29.52 11.92 67.75
N ILE A 186 -29.92 13.17 67.98
CA ILE A 186 -29.48 14.03 69.13
C ILE A 186 -30.72 14.46 69.90
N ASP A 187 -30.87 14.01 71.13
CA ASP A 187 -32.05 14.26 71.99
C ASP A 187 -33.26 13.65 71.33
N GLY A 188 -33.10 12.51 70.68
CA GLY A 188 -34.19 11.77 70.04
C GLY A 188 -34.74 12.38 68.78
N LYS A 189 -34.13 13.40 68.19
CA LYS A 189 -34.59 13.95 66.91
C LYS A 189 -33.53 13.73 65.83
N PRO A 190 -33.90 13.39 64.57
CA PRO A 190 -32.99 13.44 63.44
C PRO A 190 -32.28 14.77 63.16
N THR A 191 -31.00 14.73 62.80
CA THR A 191 -30.14 15.92 62.73
C THR A 191 -29.15 15.82 61.55
N LEU A 192 -28.89 16.94 60.87
CA LEU A 192 -27.85 17.09 59.84
C LEU A 192 -26.67 17.82 60.47
N ILE A 193 -25.47 17.26 60.36
CA ILE A 193 -24.22 17.81 60.96
C ILE A 193 -23.35 18.36 59.84
N VAL A 194 -23.08 19.67 59.86
CA VAL A 194 -22.22 20.41 58.89
C VAL A 194 -20.92 20.77 59.57
N PRO A 195 -19.79 20.10 59.29
CA PRO A 195 -18.52 20.44 59.92
C PRO A 195 -17.93 21.81 59.55
N GLU A 196 -16.87 22.21 60.25
CA GLU A 196 -16.12 23.47 60.04
C GLU A 196 -15.03 23.27 59.00
N HIS A 197 -14.40 22.10 58.97
CA HIS A 197 -13.24 21.79 58.09
C HIS A 197 -13.48 20.54 57.25
N ILE A 198 -12.73 20.40 56.16
CA ILE A 198 -12.55 19.14 55.39
C ILE A 198 -11.31 18.44 55.94
N ASN A 199 -11.48 17.36 56.70
CA ASN A 199 -10.40 16.52 57.27
C ASN A 199 -10.36 15.18 56.54
N LEU A 200 -9.33 14.93 55.73
CA LEU A 200 -9.27 13.81 54.77
C LEU A 200 -8.53 12.65 55.42
N GLY A 201 -9.16 11.48 55.52
CA GLY A 201 -8.60 10.26 56.11
C GLY A 201 -7.92 9.40 55.08
N LEU A 202 -6.67 9.00 55.33
CA LEU A 202 -5.87 8.07 54.51
C LEU A 202 -5.90 6.69 55.16
N ALA A 203 -6.00 5.64 54.34
CA ALA A 203 -5.92 4.22 54.77
C ALA A 203 -4.44 3.81 54.85
N ILE A 204 -3.85 3.91 56.04
CA ILE A 204 -2.43 3.53 56.35
C ILE A 204 -2.44 2.14 57.02
N ASP A 205 -1.73 1.17 56.43
CA ASP A 205 -1.58 -0.21 56.96
C ASP A 205 -0.24 -0.32 57.70
N LEU A 206 -0.28 -0.54 59.02
CA LEU A 206 0.92 -0.69 59.90
C LEU A 206 0.90 -2.10 60.50
N PRO A 207 1.95 -2.94 60.27
CA PRO A 207 2.08 -4.22 60.98
C PRO A 207 2.24 -4.07 62.49
N GLN A 208 1.69 -5.02 63.26
CA GLN A 208 1.77 -5.09 64.75
C GLN A 208 3.05 -5.83 65.17
N LYS A 209 3.30 -5.92 66.48
CA LYS A 209 4.48 -6.59 67.09
C LYS A 209 4.46 -8.10 66.76
N ASP A 210 3.27 -8.71 66.78
CA ASP A 210 3.06 -10.17 66.50
C ASP A 210 3.44 -10.48 65.04
N GLY A 211 2.98 -9.65 64.09
CA GLY A 211 3.20 -9.81 62.64
C GLY A 211 1.95 -9.54 61.81
N SER A 212 0.76 -9.74 62.40
CA SER A 212 -0.57 -9.57 61.75
C SER A 212 -0.78 -8.10 61.35
N ARG A 213 -1.20 -7.86 60.11
CA ARG A 213 -1.50 -6.52 59.55
C ARG A 213 -2.84 -6.01 60.12
N ALA A 214 -2.93 -4.71 60.40
CA ALA A 214 -4.13 -4.03 60.93
C ALA A 214 -4.20 -2.59 60.40
N LEU A 215 -5.16 -2.31 59.51
CA LEU A 215 -5.39 -0.98 58.89
C LEU A 215 -6.02 -0.05 59.93
N VAL A 216 -5.59 1.21 59.97
CA VAL A 216 -6.19 2.31 60.78
C VAL A 216 -6.13 3.61 59.96
N VAL A 217 -7.11 4.50 60.14
CA VAL A 217 -7.27 5.74 59.31
C VAL A 217 -6.79 6.95 60.09
N ALA A 218 -5.75 7.63 59.59
CA ALA A 218 -5.19 8.90 60.09
C ALA A 218 -5.68 10.05 59.21
N ALA A 219 -5.70 11.28 59.72
CA ALA A 219 -6.38 12.44 59.12
C ALA A 219 -5.39 13.57 58.80
N ILE A 220 -5.45 14.09 57.58
CA ILE A 220 -4.84 15.39 57.15
C ILE A 220 -5.88 16.45 57.44
N LYS A 221 -5.62 17.37 58.37
CA LYS A 221 -6.64 18.31 58.92
C LYS A 221 -6.55 19.67 58.23
N GLU A 222 -7.70 20.34 58.09
CA GLU A 222 -7.86 21.72 57.56
C GLU A 222 -7.30 21.80 56.13
N THR A 223 -7.87 21.02 55.22
CA THR A 223 -7.35 20.79 53.84
C THR A 223 -7.90 21.85 52.90
N GLU A 224 -8.95 22.57 53.31
CA GLU A 224 -9.64 23.58 52.45
C GLU A 224 -8.87 24.90 52.41
N LYS A 225 -7.73 25.00 53.12
CA LYS A 225 -6.89 26.21 53.23
C LYS A 225 -5.49 25.95 52.65
N MET A 226 -5.32 24.92 51.83
CA MET A 226 -3.99 24.46 51.36
C MET A 226 -3.89 24.59 49.83
N ASN A 227 -2.70 24.93 49.32
CA ASN A 227 -2.31 24.78 47.91
C ASN A 227 -1.61 23.42 47.76
N PHE A 228 -1.16 23.05 46.57
CA PHE A 228 -0.67 21.68 46.27
C PHE A 228 0.59 21.41 47.07
N SER A 229 1.47 22.40 47.20
CA SER A 229 2.78 22.29 47.91
C SER A 229 2.53 22.00 49.39
N GLU A 230 1.62 22.77 50.00
CA GLU A 230 1.20 22.62 51.41
C GLU A 230 0.57 21.24 51.62
N PHE A 231 -0.28 20.79 50.69
CA PHE A 231 -1.00 19.50 50.72
C PHE A 231 0.00 18.35 50.71
N LEU A 232 1.01 18.43 49.86
CA LEU A 232 2.02 17.37 49.66
C LEU A 232 2.85 17.20 50.94
N ALA A 233 3.18 18.31 51.59
CA ALA A 233 3.96 18.36 52.86
C ALA A 233 3.17 17.67 53.97
N ALA A 234 1.91 18.05 54.15
CA ALA A 234 0.98 17.53 55.18
C ALA A 234 0.82 16.02 55.03
N TYR A 235 0.67 15.54 53.80
CA TYR A 235 0.48 14.11 53.44
C TYR A 235 1.70 13.34 53.92
N GLU A 236 2.90 13.77 53.50
CA GLU A 236 4.18 13.06 53.74
C GLU A 236 4.56 13.10 55.22
N ASP A 237 4.03 14.07 55.98
CA ASP A 237 4.19 14.13 57.46
C ASP A 237 3.54 12.91 58.09
N ILE A 238 2.27 12.62 57.75
CA ILE A 238 1.47 11.50 58.33
C ILE A 238 2.15 10.17 57.98
N VAL A 239 2.61 10.01 56.76
CA VAL A 239 3.22 8.74 56.26
C VAL A 239 4.55 8.52 56.97
N ALA A 240 5.33 9.59 57.18
CA ALA A 240 6.64 9.57 57.85
C ALA A 240 6.48 9.10 59.29
N ARG A 241 5.63 9.78 60.06
CA ARG A 241 5.43 9.53 61.52
C ARG A 241 4.87 8.13 61.74
N SER A 242 4.05 7.61 60.83
CA SER A 242 3.46 6.26 60.94
C SER A 242 4.55 5.20 60.86
N ARG A 243 5.57 5.42 60.03
CA ARG A 243 6.65 4.43 59.77
C ARG A 243 7.64 4.39 60.93
N LYS A 244 7.64 5.39 61.82
CA LYS A 244 8.54 5.45 63.01
C LYS A 244 7.73 5.57 64.31
N GLY A 245 6.45 5.21 64.28
CA GLY A 245 5.57 5.07 65.46
C GLY A 245 5.52 6.32 66.31
N LYS A 246 5.04 7.43 65.76
CA LYS A 246 4.94 8.73 66.48
C LYS A 246 3.62 9.43 66.14
N LEU A 247 2.53 8.67 65.93
CA LEU A 247 1.15 9.21 65.79
C LEU A 247 0.53 9.25 67.18
N THR A 248 -0.27 10.28 67.46
CA THR A 248 -0.94 10.53 68.75
C THR A 248 -2.44 10.24 68.61
N MET A 249 -3.19 10.40 69.69
CA MET A 249 -4.65 10.12 69.74
C MET A 249 -5.38 11.14 68.87
N ASP A 250 -4.89 12.37 68.78
CA ASP A 250 -5.56 13.48 68.05
C ASP A 250 -5.49 13.23 66.54
N ASP A 251 -4.50 12.48 66.07
CA ASP A 251 -4.30 12.17 64.63
C ASP A 251 -5.42 11.26 64.11
N TYR A 252 -6.05 10.48 64.98
CA TYR A 252 -7.09 9.47 64.62
C TYR A 252 -8.51 10.01 64.83
N GLN A 253 -8.70 11.26 65.26
CA GLN A 253 -10.04 11.82 65.58
C GLN A 253 -10.40 12.94 64.61
N GLY A 254 -11.66 13.00 64.18
CA GLY A 254 -12.26 14.14 63.50
C GLY A 254 -12.35 14.02 61.99
N VAL A 255 -12.31 12.80 61.43
CA VAL A 255 -12.33 12.57 59.95
C VAL A 255 -13.74 12.90 59.43
N THR A 256 -13.82 13.63 58.32
CA THR A 256 -15.09 14.03 57.66
C THR A 256 -15.33 13.20 56.39
N VAL A 257 -14.29 12.94 55.61
CA VAL A 257 -14.36 12.18 54.32
C VAL A 257 -13.10 11.33 54.20
N SER A 258 -13.15 10.20 53.49
CA SER A 258 -12.08 9.17 53.42
C SER A 258 -11.75 8.78 51.98
N LEU A 259 -10.53 8.28 51.77
CA LEU A 259 -9.97 7.82 50.47
C LEU A 259 -9.30 6.46 50.66
N THR A 260 -9.61 5.48 49.80
CA THR A 260 -9.02 4.12 49.79
C THR A 260 -8.50 3.80 48.39
N ASN A 261 -7.50 2.93 48.28
CA ASN A 261 -6.82 2.59 47.00
C ASN A 261 -6.71 1.07 46.85
N PRO A 262 -7.79 0.37 46.45
CA PRO A 262 -7.70 -1.01 46.00
C PRO A 262 -6.85 -1.27 44.74
N GLY A 263 -6.63 -0.25 43.91
CA GLY A 263 -5.91 -0.36 42.63
C GLY A 263 -4.45 -0.72 42.79
N GLY A 264 -3.86 -0.45 43.95
CA GLY A 264 -2.47 -0.85 44.28
C GLY A 264 -2.18 -2.27 43.91
N ILE A 265 -2.99 -3.23 44.39
CA ILE A 265 -2.84 -4.68 44.15
C ILE A 265 -3.23 -4.99 42.69
N GLY A 266 -4.20 -4.27 42.13
CA GLY A 266 -4.66 -4.44 40.74
C GLY A 266 -6.15 -4.72 40.60
N THR A 267 -6.95 -4.51 41.65
CA THR A 267 -8.42 -4.63 41.64
C THR A 267 -8.98 -3.55 40.72
N ARG A 268 -10.05 -3.85 39.97
CA ARG A 268 -10.60 -2.92 38.95
C ARG A 268 -11.55 -1.93 39.64
N HIS A 269 -12.43 -2.39 40.52
CA HIS A 269 -13.19 -1.52 41.46
C HIS A 269 -13.73 -2.34 42.63
N SER A 270 -14.20 -1.64 43.68
CA SER A 270 -14.75 -2.23 44.93
C SER A 270 -16.05 -1.52 45.33
N VAL A 271 -16.84 -2.17 46.18
CA VAL A 271 -18.03 -1.58 46.88
C VAL A 271 -17.73 -1.64 48.37
N PRO A 272 -17.02 -0.64 48.94
CA PRO A 272 -16.63 -0.68 50.35
C PRO A 272 -17.70 -0.26 51.35
N ARG A 273 -17.45 -0.49 52.64
CA ARG A 273 -18.35 -0.13 53.76
C ARG A 273 -18.02 1.27 54.28
N LEU A 274 -19.04 1.95 54.82
CA LEU A 274 -19.00 3.32 55.35
C LEU A 274 -19.13 3.25 56.86
N THR A 275 -18.14 3.78 57.58
CA THR A 275 -18.07 3.85 59.06
C THR A 275 -18.92 5.01 59.56
N LYS A 276 -19.49 4.87 60.76
CA LYS A 276 -20.39 5.85 61.41
C LYS A 276 -19.62 7.13 61.70
N GLY A 277 -20.23 8.29 61.45
CA GLY A 277 -19.62 9.62 61.65
C GLY A 277 -19.42 10.37 60.35
N GLN A 278 -19.28 9.67 59.22
CA GLN A 278 -18.95 10.25 57.89
C GLN A 278 -20.14 10.11 56.96
N GLY A 279 -20.07 10.77 55.80
CA GLY A 279 -21.13 10.80 54.78
C GLY A 279 -20.75 10.11 53.49
N THR A 280 -19.48 10.12 53.10
CA THR A 280 -19.00 9.42 51.87
C THR A 280 -17.60 8.82 52.09
N ILE A 281 -17.29 7.79 51.31
CA ILE A 281 -15.95 7.16 51.13
C ILE A 281 -15.70 7.02 49.63
N ILE A 282 -14.53 7.44 49.15
CA ILE A 282 -14.11 7.42 47.71
C ILE A 282 -13.05 6.32 47.53
N GLY A 283 -13.17 5.51 46.48
CA GLY A 283 -12.24 4.41 46.15
C GLY A 283 -11.63 4.58 44.78
N VAL A 284 -10.34 4.30 44.63
CA VAL A 284 -9.53 4.46 43.39
C VAL A 284 -9.05 3.07 42.95
N GLY A 285 -9.43 2.64 41.74
CA GLY A 285 -9.12 1.33 41.16
C GLY A 285 -7.86 1.36 40.32
N SER A 286 -7.64 0.32 39.52
CA SER A 286 -6.37 0.05 38.79
C SER A 286 -6.23 0.99 37.60
N MET A 287 -4.99 1.35 37.25
CA MET A 287 -4.65 2.21 36.10
C MET A 287 -3.93 1.38 35.03
N ASP A 288 -4.53 0.26 34.63
CA ASP A 288 -4.01 -0.63 33.55
C ASP A 288 -4.89 -0.46 32.32
N TYR A 289 -4.52 -1.13 31.22
CA TYR A 289 -5.38 -1.33 30.04
C TYR A 289 -6.47 -2.31 30.44
N PRO A 290 -7.65 -2.28 29.80
CA PRO A 290 -8.62 -3.36 29.95
C PRO A 290 -8.06 -4.74 29.58
N ALA A 291 -8.67 -5.80 30.09
CA ALA A 291 -8.19 -7.20 29.96
C ALA A 291 -8.23 -7.66 28.50
N GLU A 292 -9.11 -7.09 27.68
CA GLU A 292 -9.26 -7.42 26.24
C GLU A 292 -8.08 -6.90 25.40
N PHE A 293 -7.23 -6.03 25.94
CA PHE A 293 -6.06 -5.43 25.25
C PHE A 293 -4.74 -5.88 25.87
N GLN A 294 -4.73 -6.77 26.85
CA GLN A 294 -3.52 -7.08 27.64
C GLN A 294 -2.56 -8.03 26.90
N GLY A 295 -2.89 -8.48 25.68
CA GLY A 295 -2.02 -9.32 24.86
C GLY A 295 -1.74 -8.73 23.49
N ALA A 296 -2.04 -7.45 23.28
CA ALA A 296 -1.84 -6.74 22.00
C ALA A 296 -0.46 -6.12 21.96
N SER A 297 0.02 -5.83 20.75
CA SER A 297 1.33 -5.18 20.47
C SER A 297 1.27 -3.71 20.89
N GLU A 298 2.40 -3.15 21.27
CA GLU A 298 2.55 -1.70 21.57
C GLU A 298 2.34 -0.90 20.28
N ASP A 299 2.74 -1.46 19.14
CA ASP A 299 2.67 -0.82 17.80
C ASP A 299 1.20 -0.63 17.40
N ARG A 300 0.39 -1.69 17.52
CA ARG A 300 -1.04 -1.68 17.10
C ARG A 300 -1.86 -0.76 17.99
N LEU A 301 -1.58 -0.74 19.30
CA LEU A 301 -2.29 0.12 20.28
C LEU A 301 -1.97 1.58 20.00
N ALA A 302 -0.70 1.89 19.68
CA ALA A 302 -0.20 3.24 19.34
C ALA A 302 -0.87 3.76 18.07
N GLU A 303 -1.09 2.89 17.08
CA GLU A 303 -1.74 3.23 15.78
C GLU A 303 -3.17 3.70 16.04
N LEU A 304 -3.93 2.95 16.83
CA LEU A 304 -5.39 3.15 17.06
C LEU A 304 -5.60 4.38 17.94
N GLY A 305 -4.83 4.54 19.01
CA GLY A 305 -4.93 5.64 19.96
C GLY A 305 -5.64 5.25 21.23
N VAL A 306 -5.28 4.10 21.80
CA VAL A 306 -5.92 3.48 22.99
C VAL A 306 -5.17 3.95 24.22
N GLY A 307 -5.86 4.55 25.17
CA GLY A 307 -5.29 5.06 26.42
C GLY A 307 -5.62 4.16 27.59
N LYS A 308 -4.98 4.42 28.74
CA LYS A 308 -5.26 3.76 30.04
C LYS A 308 -6.36 4.55 30.73
N LEU A 309 -7.11 3.89 31.62
CA LEU A 309 -8.26 4.48 32.36
C LEU A 309 -8.10 4.21 33.85
N VAL A 310 -8.77 5.00 34.68
CA VAL A 310 -8.93 4.78 36.14
C VAL A 310 -10.44 4.82 36.47
N THR A 311 -10.92 3.90 37.29
CA THR A 311 -12.33 3.80 37.75
C THR A 311 -12.39 4.32 39.18
N ILE A 312 -13.32 5.24 39.47
CA ILE A 312 -13.51 5.88 40.80
C ILE A 312 -14.95 5.63 41.26
N THR A 313 -15.12 5.28 42.54
CA THR A 313 -16.41 4.94 43.18
C THR A 313 -16.73 5.94 44.29
N SER A 314 -18.01 6.11 44.59
CA SER A 314 -18.55 6.95 45.68
C SER A 314 -19.63 6.14 46.43
N THR A 315 -19.43 5.86 47.72
CA THR A 315 -20.40 5.17 48.60
C THR A 315 -20.87 6.15 49.68
N TYR A 316 -22.16 6.46 49.74
CA TYR A 316 -22.74 7.59 50.50
C TYR A 316 -23.93 7.16 51.34
N ASP A 317 -24.22 7.91 52.41
CA ASP A 317 -25.40 7.75 53.30
C ASP A 317 -26.60 8.43 52.65
N HIS A 318 -27.66 7.69 52.36
CA HIS A 318 -28.81 8.12 51.52
C HIS A 318 -29.79 8.95 52.34
N ARG A 319 -29.67 8.96 53.65
CA ARG A 319 -30.51 9.79 54.54
C ARG A 319 -30.15 11.27 54.40
N VAL A 320 -28.94 11.62 53.95
CA VAL A 320 -28.45 13.03 53.89
C VAL A 320 -27.90 13.41 52.51
N ILE A 321 -27.43 12.47 51.69
CA ILE A 321 -26.88 12.74 50.34
C ILE A 321 -27.73 12.01 49.33
N GLN A 322 -28.20 12.71 48.29
CA GLN A 322 -29.02 12.13 47.20
C GLN A 322 -28.12 11.79 46.02
N GLY A 323 -28.62 10.98 45.09
CA GLY A 323 -27.83 10.36 44.01
C GLY A 323 -27.32 11.35 43.01
N ALA A 324 -28.12 12.38 42.70
CA ALA A 324 -27.79 13.46 41.75
C ALA A 324 -26.55 14.22 42.21
N VAL A 325 -26.39 14.43 43.51
CA VAL A 325 -25.23 15.13 44.11
C VAL A 325 -23.98 14.27 43.93
N SER A 326 -24.08 12.96 44.17
CA SER A 326 -22.96 12.00 44.07
C SER A 326 -22.45 11.90 42.63
N GLY A 327 -23.35 11.95 41.65
CA GLY A 327 -23.02 11.91 40.23
C GLY A 327 -22.32 13.18 39.79
N GLU A 328 -22.80 14.34 40.24
CA GLU A 328 -22.21 15.67 39.95
C GLU A 328 -20.80 15.75 40.53
N PHE A 329 -20.56 15.14 41.69
CA PHE A 329 -19.25 15.11 42.37
C PHE A 329 -18.25 14.36 41.50
N LEU A 330 -18.62 13.20 40.96
CA LEU A 330 -17.71 12.37 40.13
C LEU A 330 -17.46 13.04 38.77
N ARG A 331 -18.43 13.80 38.25
CA ARG A 331 -18.28 14.54 36.97
C ARG A 331 -17.25 15.66 37.13
N THR A 332 -17.23 16.35 38.27
CA THR A 332 -16.27 17.43 38.56
C THR A 332 -14.85 16.86 38.66
N MET A 333 -14.67 15.69 39.28
CA MET A 333 -13.34 15.04 39.40
C MET A 333 -12.80 14.68 38.02
N SER A 334 -13.66 14.16 37.15
CA SER A 334 -13.32 13.80 35.74
C SER A 334 -12.80 15.03 35.00
N ARG A 335 -13.54 16.14 35.07
CA ARG A 335 -13.21 17.42 34.38
C ARG A 335 -11.88 17.97 34.86
N LEU A 336 -11.63 17.96 36.17
CA LEU A 336 -10.43 18.55 36.79
C LEU A 336 -9.17 17.84 36.28
N LEU A 337 -9.20 16.53 36.11
CA LEU A 337 -8.00 15.73 35.77
C LEU A 337 -7.64 15.89 34.29
N THR A 338 -8.42 16.65 33.52
CA THR A 338 -8.19 16.94 32.08
C THR A 338 -8.16 18.46 31.84
N ASP A 339 -8.24 19.28 32.89
CA ASP A 339 -8.46 20.75 32.81
C ASP A 339 -7.13 21.49 32.78
N ASP A 340 -7.05 22.55 31.97
CA ASP A 340 -5.83 23.40 31.78
C ASP A 340 -5.50 24.11 33.08
N SER A 341 -6.49 24.74 33.72
CA SER A 341 -6.31 25.56 34.94
C SER A 341 -5.79 24.72 36.10
N PHE A 342 -6.22 23.48 36.21
CA PHE A 342 -5.85 22.54 37.30
C PHE A 342 -4.35 22.27 37.22
N TRP A 343 -3.85 21.91 36.04
CA TRP A 343 -2.43 21.53 35.84
C TRP A 343 -1.52 22.76 35.86
N ASP A 344 -2.04 23.94 35.52
CA ASP A 344 -1.32 25.23 35.64
C ASP A 344 -1.01 25.51 37.11
N GLU A 345 -1.97 25.27 37.98
CA GLU A 345 -1.85 25.54 39.44
C GLU A 345 -0.80 24.62 40.07
N ILE A 346 -0.71 23.37 39.65
CA ILE A 346 0.23 22.37 40.24
C ILE A 346 1.65 22.70 39.80
N PHE A 347 1.84 23.00 38.51
CA PHE A 347 3.15 23.35 37.90
C PHE A 347 3.70 24.62 38.55
N ASP A 348 2.84 25.61 38.78
CA ASP A 348 3.20 26.89 39.45
C ASP A 348 3.79 26.61 40.82
N ALA A 349 3.17 25.73 41.59
CA ALA A 349 3.54 25.43 42.99
C ALA A 349 4.87 24.70 43.05
N MET A 350 5.15 23.80 42.10
CA MET A 350 6.34 22.93 42.13
C MET A 350 7.49 23.55 41.33
N ASN A 351 7.27 24.68 40.68
CA ASN A 351 8.30 25.49 39.96
C ASN A 351 8.80 24.70 38.75
N VAL A 352 7.89 24.33 37.86
CA VAL A 352 8.20 23.63 36.58
C VAL A 352 8.17 24.70 35.50
N PRO A 353 9.27 24.92 34.75
CA PRO A 353 9.37 26.04 33.82
C PRO A 353 8.59 25.93 32.51
N TYR A 354 8.20 24.72 32.10
CA TYR A 354 7.52 24.44 30.82
C TYR A 354 6.01 24.57 30.98
N THR A 355 5.30 24.68 29.87
CA THR A 355 3.82 24.66 29.79
C THR A 355 3.38 23.21 29.89
N PRO A 356 2.26 22.88 30.57
CA PRO A 356 1.79 21.51 30.66
C PRO A 356 1.28 20.97 29.33
N MET A 357 1.31 19.66 29.15
CA MET A 357 0.69 18.96 28.01
C MET A 357 -0.81 19.14 28.13
N ARG A 358 -1.51 19.40 27.03
CA ARG A 358 -2.94 19.68 26.99
C ARG A 358 -3.69 18.48 26.45
N TRP A 359 -5.00 18.41 26.71
CA TRP A 359 -5.90 17.32 26.30
C TRP A 359 -6.46 17.65 24.92
N ALA A 360 -6.42 16.70 24.00
CA ALA A 360 -6.87 16.84 22.61
C ALA A 360 -7.17 15.48 22.02
N GLN A 361 -7.94 15.43 20.95
CA GLN A 361 -8.19 14.21 20.17
C GLN A 361 -7.05 14.00 19.18
N ASP A 362 -6.73 12.75 18.87
CA ASP A 362 -5.76 12.35 17.82
C ASP A 362 -6.28 12.88 16.48
N VAL A 363 -5.39 13.46 15.69
CA VAL A 363 -5.68 14.06 14.35
C VAL A 363 -5.18 13.10 13.27
N PRO A 364 -5.83 13.02 12.09
CA PRO A 364 -5.38 12.16 10.99
C PRO A 364 -4.16 12.68 10.22
N ASN A 365 -3.35 11.76 9.66
CA ASN A 365 -2.10 12.07 8.91
C ASN A 365 -2.47 12.41 7.46
N THR A 366 -3.09 13.57 7.27
CA THR A 366 -3.58 14.10 5.97
C THR A 366 -3.03 15.51 5.77
N GLY A 367 -3.04 15.99 4.53
CA GLY A 367 -2.50 17.31 4.17
C GLY A 367 -0.99 17.30 4.29
N VAL A 368 -0.44 18.21 5.09
CA VAL A 368 1.01 18.24 5.42
C VAL A 368 1.31 17.03 6.30
N ASP A 369 2.21 16.17 5.84
CA ASP A 369 2.61 14.91 6.52
C ASP A 369 3.16 15.25 7.90
N LYS A 370 3.07 14.30 8.83
CA LYS A 370 3.51 14.50 10.22
C LYS A 370 5.03 14.58 10.28
N ASN A 371 5.76 13.95 9.38
CA ASN A 371 7.24 14.05 9.34
C ASN A 371 7.66 15.48 9.06
N THR A 372 6.99 16.18 8.16
CA THR A 372 7.26 17.59 7.84
C THR A 372 7.04 18.43 9.08
N ARG A 373 6.02 18.10 9.88
CA ARG A 373 5.65 18.88 11.09
C ARG A 373 6.72 18.71 12.15
N VAL A 374 7.36 17.54 12.27
CA VAL A 374 8.41 17.28 13.29
C VAL A 374 9.68 18.01 12.88
N MET A 375 9.93 18.22 11.60
CA MET A 375 11.14 18.93 11.11
C MET A 375 10.97 20.42 11.35
N GLN A 376 9.75 20.94 11.27
CA GLN A 376 9.45 22.36 11.54
C GLN A 376 9.58 22.65 13.04
N LEU A 377 9.36 21.68 13.90
CA LEU A 377 9.52 21.83 15.37
C LEU A 377 11.01 21.91 15.71
N ILE A 378 11.87 21.16 15.03
CA ILE A 378 13.33 21.17 15.26
C ILE A 378 13.89 22.54 14.86
N GLU A 379 13.38 23.15 13.79
CA GLU A 379 13.83 24.47 13.32
C GLU A 379 13.42 25.54 14.32
N ALA A 380 12.20 25.44 14.87
CA ALA A 380 11.65 26.42 15.82
C ALA A 380 12.52 26.52 17.06
N TYR A 381 12.97 25.39 17.62
CA TYR A 381 13.77 25.36 18.86
C TYR A 381 15.18 25.87 18.60
N ARG A 382 15.74 25.57 17.45
CA ARG A 382 17.09 26.03 17.04
C ARG A 382 17.10 27.52 16.78
N SER A 383 15.95 28.14 16.51
CA SER A 383 15.86 29.58 16.16
C SER A 383 15.37 30.41 17.34
N ARG A 384 14.35 29.94 18.06
CA ARG A 384 13.57 30.77 19.01
C ARG A 384 13.57 30.16 20.41
N GLY A 385 14.31 29.10 20.67
CA GLY A 385 14.27 28.37 21.94
C GLY A 385 14.87 29.14 23.09
N HIS A 386 15.72 30.11 22.81
CA HIS A 386 16.36 30.99 23.81
C HIS A 386 15.34 31.85 24.53
N LEU A 387 14.13 32.00 24.01
CA LEU A 387 13.10 32.87 24.60
C LEU A 387 12.48 32.22 25.82
N ILE A 388 12.67 30.93 26.07
CA ILE A 388 12.11 30.25 27.27
C ILE A 388 13.19 29.52 28.07
N ALA A 389 14.42 30.01 28.09
CA ALA A 389 15.55 29.32 28.72
C ALA A 389 15.81 29.85 30.13
N ASP A 390 16.36 29.02 30.99
CA ASP A 390 16.54 29.27 32.45
C ASP A 390 17.81 30.09 32.63
N THR A 391 17.73 31.36 32.28
CA THR A 391 18.87 32.27 32.15
C THR A 391 18.87 33.30 33.28
N ASN A 392 17.72 33.59 33.88
CA ASN A 392 17.56 34.63 34.92
C ASN A 392 17.66 33.97 36.29
N PRO A 393 18.64 34.31 37.15
CA PRO A 393 18.69 33.75 38.49
C PRO A 393 17.63 34.26 39.46
N LEU A 394 16.94 35.35 39.13
CA LEU A 394 15.73 35.83 39.84
C LEU A 394 14.50 35.36 39.07
N SER A 395 13.37 35.19 39.77
CA SER A 395 12.02 34.97 39.18
C SER A 395 11.39 36.35 38.87
N TRP A 396 12.00 37.09 37.95
CA TRP A 396 11.70 38.52 37.66
C TRP A 396 11.37 38.70 36.18
N VAL A 397 10.26 39.40 35.90
CA VAL A 397 9.91 39.94 34.55
C VAL A 397 9.64 41.43 34.71
N GLN A 398 10.40 42.27 34.00
CA GLN A 398 10.26 43.75 34.00
C GLN A 398 8.87 44.09 33.46
N PRO A 399 7.97 44.71 34.27
CA PRO A 399 6.61 44.98 33.83
C PRO A 399 6.45 46.00 32.68
N GLY A 400 7.42 46.91 32.50
CA GLY A 400 7.38 47.93 31.44
C GLY A 400 7.52 47.35 30.04
N MET A 401 8.47 46.41 29.86
CA MET A 401 8.88 45.84 28.55
C MET A 401 7.78 44.93 27.99
N PRO A 402 7.60 44.87 26.65
CA PRO A 402 6.67 43.94 26.04
C PRO A 402 7.23 42.51 25.92
N VAL A 403 6.39 41.50 26.15
CA VAL A 403 6.76 40.05 26.13
C VAL A 403 6.63 39.55 24.70
N PRO A 404 7.71 38.97 24.10
CA PRO A 404 7.60 38.36 22.77
C PRO A 404 6.69 37.13 22.75
N ASP A 405 6.07 36.88 21.60
CA ASP A 405 5.25 35.68 21.30
C ASP A 405 6.19 34.47 21.23
N HIS A 406 5.87 33.38 21.95
CA HIS A 406 6.60 32.08 21.88
C HIS A 406 5.61 30.92 21.88
N ARG A 407 4.59 31.01 21.03
CA ARG A 407 3.63 29.92 20.77
C ARG A 407 4.27 28.90 19.84
N ASP A 408 5.32 29.29 19.09
CA ASP A 408 6.01 28.45 18.08
C ASP A 408 6.69 27.25 18.74
N LEU A 409 6.84 27.22 20.06
CA LEU A 409 7.54 26.14 20.79
C LEU A 409 6.57 25.17 21.44
N ASP A 410 5.26 25.31 21.23
CA ASP A 410 4.22 24.37 21.73
C ASP A 410 3.86 23.40 20.63
N ILE A 411 3.64 22.13 20.95
CA ILE A 411 3.41 21.08 19.91
C ILE A 411 2.04 21.26 19.26
N GLU A 412 1.12 21.99 19.90
CA GLU A 412 -0.24 22.27 19.38
C GLU A 412 -0.14 23.16 18.15
N THR A 413 0.83 24.07 18.11
CA THR A 413 1.04 25.04 17.01
C THR A 413 1.44 24.32 15.72
N HIS A 414 2.01 23.13 15.82
CA HIS A 414 2.50 22.32 14.68
C HIS A 414 1.60 21.11 14.43
N ASN A 415 0.37 21.12 14.91
CA ASN A 415 -0.65 20.06 14.69
C ASN A 415 -0.09 18.71 15.11
N LEU A 416 0.38 18.61 16.34
CA LEU A 416 0.83 17.35 16.97
C LEU A 416 0.22 17.30 18.37
N THR A 417 -0.09 16.10 18.85
CA THR A 417 -0.80 15.85 20.13
C THR A 417 -0.04 14.84 20.96
N ILE A 418 -0.49 14.63 22.19
CA ILE A 418 0.06 13.64 23.16
C ILE A 418 0.05 12.26 22.53
N TRP A 419 -0.82 12.00 21.57
CA TRP A 419 -0.99 10.66 20.95
C TRP A 419 0.14 10.35 19.98
N ASP A 420 1.06 11.29 19.73
CA ASP A 420 2.18 11.15 18.78
C ASP A 420 3.50 10.93 19.49
N LEU A 421 3.52 10.93 20.82
CA LEU A 421 4.77 10.98 21.60
C LEU A 421 5.56 9.69 21.43
N ASP A 422 4.91 8.54 21.29
CA ASP A 422 5.59 7.22 21.21
C ASP A 422 5.58 6.65 19.80
N ARG A 423 5.21 7.44 18.79
CA ARG A 423 5.32 7.09 17.36
C ARG A 423 6.68 7.53 16.84
N THR A 424 7.22 6.85 15.82
CA THR A 424 8.59 7.03 15.28
C THR A 424 8.51 7.81 13.97
N PHE A 425 9.50 8.67 13.71
CA PHE A 425 9.54 9.65 12.59
C PHE A 425 10.94 9.72 12.00
N ASN A 426 11.06 10.13 10.74
CA ASN A 426 12.33 10.36 10.04
C ASN A 426 12.82 11.76 10.35
N VAL A 427 14.05 11.91 10.81
CA VAL A 427 14.59 13.18 11.40
C VAL A 427 15.83 13.67 10.66
N GLY A 428 16.40 12.89 9.75
CA GLY A 428 17.43 13.36 8.82
C GLY A 428 18.71 13.71 9.53
N GLY A 429 19.24 12.79 10.33
CA GLY A 429 20.58 12.89 10.93
C GLY A 429 20.61 13.75 12.18
N PHE A 430 19.48 14.10 12.74
CA PHE A 430 19.40 14.83 14.04
C PHE A 430 19.84 13.86 15.13
N GLY A 431 20.78 14.28 15.98
CA GLY A 431 21.37 13.45 17.04
C GLY A 431 22.09 12.24 16.50
N GLY A 432 22.62 12.34 15.28
CA GLY A 432 23.27 11.24 14.56
C GLY A 432 22.38 10.03 14.46
N LYS A 433 21.12 10.20 14.06
CA LYS A 433 20.16 9.09 13.84
C LYS A 433 19.25 9.43 12.67
N GLU A 434 18.72 8.40 12.01
CA GLU A 434 17.81 8.51 10.86
C GLU A 434 16.37 8.52 11.33
N THR A 435 16.04 7.73 12.35
CA THR A 435 14.70 7.65 12.96
C THR A 435 14.79 7.89 14.47
N MET A 436 13.67 8.29 15.08
CA MET A 436 13.58 8.72 16.49
C MET A 436 12.12 8.88 16.85
N THR A 437 11.74 8.80 18.12
CA THR A 437 10.38 9.08 18.62
C THR A 437 10.25 10.54 19.00
N LEU A 438 9.05 11.10 19.03
CA LEU A 438 8.80 12.51 19.35
C LEU A 438 9.21 12.80 20.77
N ARG A 439 9.07 11.83 21.66
CA ARG A 439 9.46 11.96 23.08
C ARG A 439 10.96 12.21 23.13
N GLU A 440 11.75 11.42 22.41
CA GLU A 440 13.22 11.55 22.40
C GLU A 440 13.62 12.88 21.76
N VAL A 441 12.93 13.31 20.70
CA VAL A 441 13.25 14.56 19.96
C VAL A 441 13.08 15.74 20.90
N LEU A 442 12.01 15.75 21.69
CA LEU A 442 11.67 16.87 22.59
C LEU A 442 12.69 16.94 23.72
N SER A 443 13.10 15.78 24.26
CA SER A 443 14.11 15.69 25.33
C SER A 443 15.39 16.37 24.89
N ARG A 444 15.91 15.99 23.73
CA ARG A 444 17.20 16.49 23.23
C ARG A 444 17.12 17.99 22.95
N LEU A 445 16.04 18.47 22.36
CA LEU A 445 15.90 19.90 22.02
C LEU A 445 15.88 20.73 23.29
N ARG A 446 15.31 20.22 24.37
CA ARG A 446 15.15 20.95 25.65
C ARG A 446 16.48 20.96 26.39
N ALA A 447 17.26 19.89 26.30
CA ALA A 447 18.57 19.78 26.94
C ALA A 447 19.57 20.71 26.30
N ALA A 448 19.42 20.99 25.01
CA ALA A 448 20.39 21.75 24.20
C ALA A 448 20.11 23.24 24.20
N TYR A 449 18.84 23.66 24.27
CA TYR A 449 18.45 25.04 23.95
C TYR A 449 17.60 25.69 25.04
N THR A 450 17.33 25.06 26.18
CA THR A 450 16.35 25.59 27.17
C THR A 450 16.82 25.52 28.63
N LEU A 451 18.06 25.11 28.93
CA LEU A 451 18.57 25.04 30.32
C LEU A 451 19.36 26.31 30.62
N LYS A 452 20.63 26.26 31.01
CA LYS A 452 21.35 27.41 31.57
C LYS A 452 22.11 28.20 30.51
N VAL A 453 22.08 27.79 29.24
CA VAL A 453 22.75 28.49 28.12
C VAL A 453 21.77 28.67 26.98
N GLY A 454 21.48 29.90 26.57
CA GLY A 454 20.63 30.26 25.43
C GLY A 454 21.45 30.82 24.29
N SER A 455 21.31 30.29 23.09
CA SER A 455 22.15 30.58 21.90
C SER A 455 21.34 31.22 20.79
N GLU A 456 21.92 32.20 20.10
CA GLU A 456 21.40 32.82 18.86
C GLU A 456 22.47 32.66 17.78
N TYR A 457 22.26 31.80 16.78
CA TYR A 457 23.25 31.49 15.73
C TYR A 457 22.66 31.29 14.33
N THR A 458 21.34 31.22 14.13
CA THR A 458 20.75 30.75 12.85
C THR A 458 20.68 31.88 11.83
N HIS A 459 20.92 33.11 12.24
CA HIS A 459 20.98 34.30 11.37
C HIS A 459 22.29 34.36 10.58
N ILE A 460 23.31 33.60 10.97
CA ILE A 460 24.62 33.56 10.27
C ILE A 460 24.39 32.98 8.87
N LEU A 461 25.08 33.52 7.86
CA LEU A 461 24.86 33.24 6.43
C LEU A 461 25.73 32.09 5.93
N ASP A 462 26.96 31.94 6.43
CA ASP A 462 27.88 30.86 6.00
C ASP A 462 27.40 29.54 6.60
N ARG A 463 27.35 28.49 5.80
CA ARG A 463 26.80 27.17 6.17
C ARG A 463 27.81 26.42 7.05
N ASP A 464 29.10 26.57 6.77
CA ASP A 464 30.17 25.85 7.51
C ASP A 464 30.26 26.35 8.94
N GLU A 465 30.12 27.65 9.17
CA GLU A 465 30.27 28.22 10.53
C GLU A 465 28.97 28.06 11.32
N ARG A 466 27.84 27.88 10.66
CA ARG A 466 26.54 27.58 11.31
C ARG A 466 26.53 26.14 11.79
N THR A 467 27.15 25.23 11.05
CA THR A 467 27.20 23.78 11.35
C THR A 467 28.17 23.50 12.48
N TRP A 468 29.25 24.25 12.58
CA TRP A 468 30.28 24.12 13.64
C TRP A 468 29.65 24.41 15.00
N LEU A 469 28.86 25.47 15.11
CA LEU A 469 28.18 25.89 16.36
C LEU A 469 27.10 24.89 16.71
N GLN A 470 26.34 24.45 15.73
CA GLN A 470 25.20 23.51 15.90
C GLN A 470 25.69 22.21 16.51
N ASP A 471 26.81 21.69 16.04
CA ASP A 471 27.35 20.38 16.46
C ASP A 471 27.84 20.47 17.89
N ARG A 472 28.44 21.58 18.28
CA ARG A 472 29.02 21.76 19.63
C ARG A 472 27.92 21.97 20.65
N LEU A 473 26.88 22.74 20.31
CA LEU A 473 25.77 23.05 21.24
C LEU A 473 24.91 21.81 21.46
N GLU A 474 24.77 20.93 20.48
CA GLU A 474 23.88 19.75 20.59
C GLU A 474 24.61 18.55 21.16
N ALA A 475 25.93 18.59 21.26
CA ALA A 475 26.75 17.58 21.96
C ALA A 475 26.72 17.83 23.45
N GLY A 476 26.64 19.09 23.85
CA GLY A 476 26.45 19.50 25.26
C GLY A 476 27.76 19.82 25.94
N MET A 477 27.67 20.41 27.13
CA MET A 477 28.82 20.73 28.01
C MET A 477 29.45 19.42 28.46
N PRO A 478 30.76 19.20 28.28
CA PRO A 478 31.43 18.02 28.81
C PRO A 478 31.42 17.96 30.33
N LYS A 479 31.34 16.76 30.91
CA LYS A 479 31.31 16.56 32.37
C LYS A 479 32.70 16.89 32.90
N PRO A 480 32.87 17.91 33.76
CA PRO A 480 34.19 18.25 34.26
C PRO A 480 34.70 17.29 35.34
N THR A 481 36.01 17.15 35.44
CA THR A 481 36.71 16.28 36.41
C THR A 481 36.62 16.89 37.80
N GLN A 482 37.00 16.14 38.82
CA GLN A 482 36.98 16.60 40.22
C GLN A 482 38.02 17.70 40.39
N ALA A 483 39.21 17.54 39.86
CA ALA A 483 40.28 18.55 39.94
C ALA A 483 39.79 19.87 39.35
N GLU A 484 39.17 19.82 38.17
CA GLU A 484 38.63 21.01 37.49
C GLU A 484 37.61 21.68 38.40
N GLN A 485 36.71 20.91 39.01
CA GLN A 485 35.63 21.41 39.88
C GLN A 485 36.21 22.15 41.06
N LYS A 486 37.26 21.63 41.68
CA LYS A 486 37.85 22.27 42.87
C LYS A 486 38.57 23.55 42.51
N TYR A 487 39.10 23.66 41.30
CA TYR A 487 39.80 24.88 40.82
C TYR A 487 38.77 25.99 40.63
N ILE A 488 37.55 25.69 40.19
CA ILE A 488 36.46 26.70 40.03
C ILE A 488 36.03 27.20 41.40
N LEU A 489 36.03 26.34 42.41
CA LEU A 489 35.60 26.70 43.79
C LEU A 489 36.64 27.58 44.43
N GLN A 490 37.91 27.39 44.14
CA GLN A 490 39.00 28.20 44.72
C GLN A 490 38.96 29.61 44.17
N LYS A 491 38.58 29.82 42.92
CA LYS A 491 38.50 31.16 42.31
C LYS A 491 37.32 31.92 42.89
N LEU A 492 36.17 31.27 43.12
CA LEU A 492 35.00 31.91 43.75
C LEU A 492 35.33 32.27 45.19
N ASN A 493 36.10 31.46 45.90
CA ASN A 493 36.49 31.75 47.30
C ASN A 493 37.32 33.01 47.35
N ALA A 494 38.25 33.18 46.42
CA ALA A 494 39.17 34.33 46.36
C ALA A 494 38.39 35.60 46.05
N ALA A 495 37.52 35.56 45.06
CA ALA A 495 36.64 36.67 44.66
C ALA A 495 35.86 37.19 45.85
N GLU A 496 35.20 36.31 46.61
CA GLU A 496 34.34 36.71 47.74
C GLU A 496 35.18 37.18 48.92
N ALA A 497 36.36 36.63 49.12
CA ALA A 497 37.27 37.02 50.21
C ALA A 497 37.72 38.45 50.04
N PHE A 498 37.98 38.88 48.81
CA PHE A 498 38.50 40.22 48.47
C PHE A 498 37.40 41.24 48.62
N GLU A 499 36.17 40.91 48.23
CA GLU A 499 35.00 41.81 48.39
C GLU A 499 34.82 42.13 49.87
N ASN A 500 34.98 41.15 50.75
CA ASN A 500 34.81 41.33 52.20
C ASN A 500 35.89 42.23 52.77
N PHE A 501 37.12 42.13 52.30
CA PHE A 501 38.26 42.94 52.77
C PHE A 501 38.03 44.41 52.42
N LEU A 502 37.52 44.65 51.22
CA LEU A 502 37.33 46.00 50.65
C LEU A 502 36.23 46.71 51.45
N GLN A 503 35.11 46.03 51.70
CA GLN A 503 33.92 46.59 52.39
C GLN A 503 34.24 46.89 53.85
N THR A 504 35.16 46.17 54.48
CA THR A 504 35.42 46.27 55.94
C THR A 504 36.58 47.22 56.24
N LYS A 505 37.64 47.19 55.45
CA LYS A 505 38.91 47.88 55.78
C LYS A 505 38.92 49.30 55.16
N TYR A 506 38.02 49.58 54.22
CA TYR A 506 37.95 50.89 53.49
C TYR A 506 36.49 51.29 53.28
N VAL A 507 36.27 52.58 53.00
CA VAL A 507 34.94 53.25 53.00
C VAL A 507 34.70 53.88 51.63
N GLY A 508 33.44 53.98 51.21
CA GLY A 508 33.01 54.53 49.92
C GLY A 508 33.42 53.64 48.76
N GLN A 509 33.32 52.31 48.95
CA GLN A 509 33.67 51.28 47.94
C GLN A 509 32.40 50.51 47.52
N LYS A 510 31.22 50.89 48.01
CA LYS A 510 29.93 50.22 47.74
C LYS A 510 29.54 50.40 46.27
N ARG A 511 29.89 51.57 45.70
CA ARG A 511 29.69 51.92 44.27
C ARG A 511 30.39 50.90 43.37
N PHE A 512 31.56 50.43 43.77
CA PHE A 512 32.51 49.65 42.93
C PHE A 512 32.40 48.14 43.22
N SER A 513 31.37 47.69 43.89
CA SER A 513 31.22 46.29 44.37
C SER A 513 30.81 45.38 43.21
N LEU A 514 31.25 44.14 43.27
CA LEU A 514 31.02 43.07 42.28
C LEU A 514 30.03 42.05 42.84
N GLU A 515 29.46 42.33 44.02
CA GLU A 515 28.55 41.40 44.73
C GLU A 515 27.31 41.25 43.87
N GLY A 516 27.00 40.03 43.48
CA GLY A 516 25.93 39.68 42.54
C GLY A 516 26.47 39.11 41.26
N ALA A 517 27.72 39.44 40.92
CA ALA A 517 28.37 39.14 39.63
C ALA A 517 29.76 38.59 39.87
N GLU A 518 29.92 37.62 40.76
CA GLU A 518 31.23 37.07 41.15
C GLU A 518 31.68 36.02 40.14
N ALA A 519 30.80 35.55 39.26
CA ALA A 519 31.11 34.56 38.23
C ALA A 519 31.93 35.18 37.10
N LEU A 520 32.01 36.50 37.03
CA LEU A 520 32.88 37.22 36.08
C LEU A 520 34.31 36.73 36.21
N ILE A 521 34.78 36.45 37.44
CA ILE A 521 36.20 36.13 37.69
C ILE A 521 36.52 34.77 37.08
N PRO A 522 35.80 33.67 37.36
CA PRO A 522 36.02 32.46 36.60
C PRO A 522 35.74 32.47 35.08
N LEU A 523 34.98 33.41 34.54
CA LEU A 523 34.71 33.51 33.06
C LEU A 523 35.94 34.07 32.38
N MET A 524 36.47 35.18 32.89
CA MET A 524 37.66 35.85 32.36
C MET A 524 38.86 34.90 32.44
N ASP A 525 38.97 34.11 33.50
CA ASP A 525 40.09 33.16 33.70
C ASP A 525 40.03 32.06 32.65
N SER A 526 38.84 31.60 32.30
CA SER A 526 38.61 30.51 31.34
C SER A 526 39.11 30.92 29.96
N ALA A 527 38.77 32.14 29.54
CA ALA A 527 39.12 32.71 28.23
C ALA A 527 40.64 32.92 28.12
N ILE A 528 41.26 33.48 29.13
CA ILE A 528 42.72 33.77 29.15
C ILE A 528 43.49 32.46 29.12
N ASP A 529 43.00 31.43 29.78
CA ASP A 529 43.66 30.11 29.83
C ASP A 529 43.57 29.41 28.49
N THR A 530 42.43 29.50 27.82
CA THR A 530 42.18 28.92 26.48
C THR A 530 43.10 29.57 25.46
N ALA A 531 43.35 30.87 25.57
CA ALA A 531 44.24 31.64 24.69
C ALA A 531 45.69 31.21 24.85
N ALA A 532 46.10 30.90 26.07
CA ALA A 532 47.46 30.44 26.40
C ALA A 532 47.71 29.07 25.79
N GLY A 533 46.69 28.23 25.70
CA GLY A 533 46.81 26.89 25.10
C GLY A 533 46.86 26.94 23.61
N GLN A 534 46.30 27.98 23.00
CA GLN A 534 46.33 28.19 21.54
C GLN A 534 47.70 28.69 21.11
N GLY A 535 48.49 29.26 22.01
CA GLY A 535 49.89 29.64 21.75
C GLY A 535 50.05 31.11 21.47
N LEU A 536 49.12 31.96 21.91
CA LEU A 536 49.07 33.40 21.56
C LEU A 536 49.93 34.20 22.54
N ASP A 537 50.12 35.49 22.29
CA ASP A 537 51.20 36.32 22.90
C ASP A 537 50.70 37.21 24.04
N GLU A 538 49.55 37.86 23.91
CA GLU A 538 49.05 38.83 24.91
C GLU A 538 47.52 38.91 24.89
N VAL A 539 46.91 39.32 26.01
CA VAL A 539 45.48 39.69 26.14
C VAL A 539 45.41 41.12 26.69
N VAL A 540 44.72 42.02 25.99
CA VAL A 540 44.51 43.44 26.38
C VAL A 540 43.07 43.59 26.84
N ILE A 541 42.85 44.11 28.05
CA ILE A 541 41.52 44.26 28.71
C ILE A 541 41.16 45.73 28.77
N GLY A 542 39.92 46.07 28.43
CA GLY A 542 39.30 47.38 28.67
C GLY A 542 37.98 47.21 29.38
N MET A 543 37.68 48.03 30.38
CA MET A 543 36.49 47.86 31.25
C MET A 543 36.18 49.12 32.02
N PRO A 544 34.96 49.28 32.56
CA PRO A 544 34.64 50.30 33.55
C PRO A 544 34.93 49.98 35.02
N HIS A 545 34.53 50.89 35.94
CA HIS A 545 34.80 50.89 37.39
C HIS A 545 34.43 49.57 38.07
N ARG A 546 33.24 49.04 37.83
CA ARG A 546 32.66 47.93 38.62
C ARG A 546 33.54 46.71 38.52
N GLY A 547 34.18 46.33 39.62
CA GLY A 547 34.96 45.10 39.75
C GLY A 547 36.42 45.26 39.39
N ARG A 548 36.90 46.49 39.27
CA ARG A 548 38.22 46.75 38.68
C ARG A 548 39.32 46.25 39.61
N LEU A 549 39.25 46.56 40.90
CA LEU A 549 40.30 46.16 41.85
C LEU A 549 40.31 44.65 42.04
N ASN A 550 39.17 44.00 41.88
CA ASN A 550 39.04 42.53 41.96
C ASN A 550 39.80 41.91 40.78
N VAL A 551 39.69 42.50 39.58
CA VAL A 551 40.36 42.03 38.35
C VAL A 551 41.87 42.28 38.47
N LEU A 552 42.29 43.32 39.15
CA LEU A 552 43.72 43.64 39.35
C LEU A 552 44.39 42.58 40.22
N PHE A 553 43.68 42.02 41.19
CA PHE A 553 44.23 41.09 42.20
C PHE A 553 44.12 39.63 41.76
N ASN A 554 43.07 39.26 41.05
CA ASN A 554 42.73 37.84 40.76
C ASN A 554 43.00 37.47 39.31
N ILE A 555 43.17 38.42 38.39
CA ILE A 555 43.35 38.13 36.94
C ILE A 555 44.68 38.69 36.42
N VAL A 556 45.10 39.88 36.82
CA VAL A 556 46.38 40.48 36.36
C VAL A 556 47.49 39.95 37.26
N GLY A 557 47.24 39.89 38.56
CA GLY A 557 48.12 39.23 39.54
C GLY A 557 48.99 40.19 40.30
N LYS A 558 48.54 41.42 40.54
CA LYS A 558 49.33 42.42 41.30
C LYS A 558 49.28 42.03 42.77
N PRO A 559 50.32 42.32 43.57
CA PRO A 559 50.25 42.17 45.02
C PRO A 559 49.34 43.17 45.73
N LEU A 560 48.89 42.85 46.94
CA LEU A 560 47.97 43.71 47.73
C LEU A 560 48.68 45.01 48.09
N ALA A 561 49.96 44.93 48.41
CA ALA A 561 50.81 46.09 48.77
C ALA A 561 50.80 47.12 47.64
N SER A 562 50.90 46.66 46.39
CA SER A 562 50.95 47.52 45.18
C SER A 562 49.62 48.25 44.98
N ILE A 563 48.49 47.56 45.20
CA ILE A 563 47.13 48.11 44.95
C ILE A 563 46.87 49.24 45.94
N PHE A 564 47.09 48.99 47.23
CA PHE A 564 46.76 49.92 48.34
C PHE A 564 48.05 50.61 48.84
N ASN A 565 48.26 51.86 48.41
CA ASN A 565 49.34 52.77 48.89
C ASN A 565 48.79 54.19 48.98
N GLY A 580 47.36 64.19 39.56
CA GLY A 580 47.34 62.73 39.76
C GLY A 580 45.95 62.15 39.54
N ASP A 581 45.76 60.88 39.90
CA ASP A 581 44.45 60.16 39.77
C ASP A 581 44.43 58.93 40.70
N VAL A 582 43.29 58.23 40.72
CA VAL A 582 42.99 57.11 41.64
C VAL A 582 43.48 55.79 41.03
N LYS A 583 43.34 54.68 41.77
CA LYS A 583 43.67 53.29 41.35
C LYS A 583 42.71 52.84 40.26
N TYR A 584 41.46 53.34 40.30
CA TYR A 584 40.31 52.92 39.44
C TYR A 584 40.46 53.39 37.98
N HIS A 585 41.51 54.14 37.65
CA HIS A 585 41.72 54.66 36.28
C HIS A 585 43.13 54.38 35.72
N LEU A 586 44.11 53.94 36.52
CA LEU A 586 45.49 53.69 36.01
C LEU A 586 45.57 52.30 35.35
N GLY A 587 46.63 52.06 34.56
CA GLY A 587 46.87 50.79 33.84
C GLY A 587 47.90 49.91 34.53
N SER A 588 47.96 48.61 34.20
CA SER A 588 48.86 47.62 34.81
C SER A 588 49.19 46.47 33.85
N GLU A 589 50.24 45.70 34.16
CA GLU A 589 50.74 44.54 33.38
C GLU A 589 51.02 43.35 34.31
N GLY A 590 50.95 42.13 33.80
CA GLY A 590 51.23 40.89 34.55
C GLY A 590 51.30 39.66 33.68
N GLN A 591 51.62 38.51 34.25
CA GLN A 591 51.79 37.19 33.58
C GLN A 591 50.74 36.20 34.07
N HIS A 592 50.27 35.30 33.20
CA HIS A 592 49.30 34.23 33.51
C HIS A 592 49.89 32.89 33.10
N LEU A 593 50.28 32.07 34.07
CA LEU A 593 50.72 30.66 33.87
C LEU A 593 49.48 29.79 33.85
N GLN A 594 49.61 28.59 33.33
CA GLN A 594 48.51 27.65 33.03
C GLN A 594 48.67 26.43 33.95
N MET A 595 47.69 26.19 34.82
CA MET A 595 47.70 25.18 35.91
C MET A 595 47.96 23.78 35.37
N PHE A 596 47.19 23.36 34.37
CA PHE A 596 47.20 22.00 33.78
C PHE A 596 47.70 22.06 32.34
N GLY A 597 48.86 22.67 32.12
CA GLY A 597 49.48 22.80 30.79
C GLY A 597 50.87 23.38 30.89
N ASP A 598 51.45 23.81 29.79
CA ASP A 598 52.80 24.44 29.76
C ASP A 598 52.76 25.80 29.08
N GLY A 599 51.61 26.48 29.06
CA GLY A 599 51.43 27.78 28.38
C GLY A 599 51.59 28.95 29.33
N GLU A 600 52.15 30.06 28.84
CA GLU A 600 52.21 31.38 29.50
C GLU A 600 51.58 32.42 28.59
N ILE A 601 51.13 33.55 29.11
CA ILE A 601 50.59 34.68 28.30
C ILE A 601 50.66 35.97 29.12
N LYS A 602 50.99 37.09 28.48
CA LYS A 602 50.97 38.44 29.09
C LYS A 602 49.53 38.91 29.24
N VAL A 603 49.23 39.71 30.26
CA VAL A 603 47.90 40.33 30.49
C VAL A 603 48.10 41.82 30.82
N SER A 604 47.43 42.70 30.09
CA SER A 604 47.51 44.18 30.22
C SER A 604 46.13 44.77 30.49
N LEU A 605 46.05 45.84 31.27
CA LEU A 605 44.82 46.60 31.56
C LEU A 605 45.04 48.06 31.16
N THR A 606 44.13 48.62 30.38
CA THR A 606 44.20 49.95 29.74
C THR A 606 43.67 51.02 30.68
N ALA A 607 44.17 52.26 30.58
CA ALA A 607 43.67 53.43 31.33
C ALA A 607 42.43 53.99 30.65
N ASN A 608 41.55 54.66 31.39
CA ASN A 608 40.29 55.19 30.84
C ASN A 608 39.70 56.26 31.74
N PRO A 609 38.88 57.18 31.20
CA PRO A 609 38.11 58.11 32.00
C PRO A 609 36.73 57.59 32.42
N SER A 610 35.99 58.40 33.15
CA SER A 610 34.65 58.06 33.70
C SER A 610 33.60 58.05 32.59
N HIS A 611 33.83 58.79 31.51
CA HIS A 611 32.97 58.82 30.30
C HIS A 611 32.85 57.40 29.77
N LEU A 612 31.65 56.82 29.83
CA LEU A 612 31.41 55.41 29.48
C LEU A 612 31.67 55.19 28.00
N GLU A 613 32.35 54.09 27.68
CA GLU A 613 32.50 53.48 26.34
C GLU A 613 33.55 54.20 25.49
N ALA A 614 34.24 55.20 26.03
CA ALA A 614 35.25 56.00 25.30
C ALA A 614 36.55 55.21 25.11
N VAL A 615 36.73 54.11 25.84
CA VAL A 615 37.92 53.22 25.78
C VAL A 615 37.81 52.26 24.59
N ASN A 616 36.63 52.10 24.00
CA ASN A 616 36.38 51.07 22.97
C ASN A 616 37.33 51.25 21.80
N PRO A 617 37.31 52.38 21.04
CA PRO A 617 38.25 52.57 19.96
C PRO A 617 39.74 52.64 20.34
N VAL A 618 40.07 53.10 21.55
CA VAL A 618 41.47 53.30 22.00
C VAL A 618 42.11 51.94 22.21
N MET A 619 41.38 51.01 22.80
CA MET A 619 41.81 49.63 23.10
C MET A 619 42.11 48.89 21.80
N GLU A 620 41.26 49.04 20.78
CA GLU A 620 41.38 48.35 19.47
C GLU A 620 42.67 48.77 18.77
N GLY A 621 42.96 50.06 18.80
CA GLY A 621 44.20 50.64 18.25
C GLY A 621 45.45 50.13 18.94
N ILE A 622 45.43 49.95 20.25
CA ILE A 622 46.58 49.40 21.02
C ILE A 622 46.86 47.98 20.53
N VAL A 623 45.82 47.20 20.26
CA VAL A 623 45.97 45.78 19.84
C VAL A 623 46.58 45.74 18.45
N ARG A 624 46.18 46.61 17.54
CA ARG A 624 46.67 46.61 16.14
C ARG A 624 48.14 47.00 16.11
N ALA A 625 48.57 47.93 16.93
CA ALA A 625 49.97 48.38 16.99
C ALA A 625 50.86 47.24 17.44
N LYS A 626 50.41 46.45 18.41
CA LYS A 626 51.17 45.31 18.97
C LYS A 626 51.26 44.18 17.98
N GLN A 627 50.20 43.93 17.21
CA GLN A 627 50.16 42.89 16.16
C GLN A 627 51.15 43.27 15.06
N ASP A 628 51.20 44.54 14.68
CA ASP A 628 52.08 45.04 13.59
C ASP A 628 53.54 44.89 13.96
N TYR A 629 53.90 45.03 15.22
CA TYR A 629 55.29 44.95 15.72
C TYR A 629 55.80 43.51 15.70
N LEU A 630 54.92 42.53 15.89
CA LEU A 630 55.32 41.12 15.92
C LEU A 630 55.53 40.62 14.50
N ASP A 631 54.71 41.05 13.54
CA ASP A 631 54.92 40.87 12.08
C ASP A 631 54.87 39.38 11.76
N LYS A 632 53.69 38.77 11.83
CA LYS A 632 53.45 37.33 11.60
C LYS A 632 52.48 37.09 10.44
N GLY A 633 52.01 38.13 9.76
CA GLY A 633 51.14 38.00 8.58
C GLY A 633 49.68 37.76 8.94
N VAL A 634 48.88 37.38 7.92
CA VAL A 634 47.40 37.18 7.99
C VAL A 634 47.08 35.97 8.87
N ASP A 635 47.91 34.93 8.82
CA ASP A 635 47.77 33.68 9.63
C ASP A 635 48.06 33.94 11.12
N GLY A 636 48.64 35.10 11.47
CA GLY A 636 48.94 35.50 12.85
C GLY A 636 47.71 35.99 13.57
N LYS A 637 47.71 37.25 14.00
CA LYS A 637 46.66 37.91 14.80
C LYS A 637 46.64 37.30 16.20
N THR A 638 47.72 37.50 16.96
CA THR A 638 48.07 36.76 18.19
C THR A 638 48.07 37.68 19.41
N VAL A 639 47.28 38.76 19.39
CA VAL A 639 46.98 39.60 20.57
C VAL A 639 45.46 39.74 20.65
N VAL A 640 44.84 39.24 21.73
CA VAL A 640 43.37 39.08 21.86
C VAL A 640 42.79 40.27 22.60
N PRO A 641 41.83 41.03 22.02
CA PRO A 641 41.07 42.02 22.75
C PRO A 641 39.84 41.52 23.50
N LEU A 642 39.81 41.69 24.82
CA LEU A 642 38.71 41.33 25.76
C LEU A 642 38.11 42.61 26.32
N LEU A 643 36.83 42.89 26.04
CA LEU A 643 36.18 44.20 26.32
C LEU A 643 34.92 43.97 27.15
N LEU A 644 34.84 44.59 28.33
CA LEU A 644 33.71 44.47 29.28
C LEU A 644 32.84 45.72 29.18
N HIS A 645 31.51 45.55 29.14
CA HIS A 645 30.49 46.62 29.08
C HIS A 645 29.45 46.42 30.17
N GLY A 646 28.66 47.45 30.47
CA GLY A 646 27.39 47.40 31.21
C GLY A 646 26.22 47.48 30.27
N ASP A 647 25.05 46.99 30.67
CA ASP A 647 23.90 46.72 29.77
C ASP A 647 23.30 48.03 29.26
N ALA A 648 23.16 49.04 30.10
CA ALA A 648 22.54 50.33 29.75
C ALA A 648 23.42 51.08 28.77
N ALA A 649 24.72 51.12 29.01
CA ALA A 649 25.70 51.85 28.18
C ALA A 649 25.83 51.20 26.82
N PHE A 650 25.71 49.88 26.73
CA PHE A 650 25.92 49.11 25.49
C PHE A 650 24.81 49.39 24.50
N ALA A 651 23.56 49.52 24.97
CA ALA A 651 22.38 49.73 24.11
C ALA A 651 22.20 51.20 23.76
N GLY A 652 22.77 52.11 24.53
CA GLY A 652 22.40 53.53 24.49
C GLY A 652 23.38 54.38 23.73
N LEU A 653 24.67 54.25 23.98
CA LEU A 653 25.71 55.12 23.42
C LEU A 653 26.09 54.62 22.03
N GLY A 654 26.25 55.54 21.07
CA GLY A 654 26.45 55.24 19.65
C GLY A 654 27.88 54.86 19.29
N ILE A 655 28.83 55.14 20.17
CA ILE A 655 30.27 54.77 19.96
C ILE A 655 30.39 53.25 19.90
N VAL A 656 29.51 52.50 20.54
CA VAL A 656 29.60 51.02 20.60
C VAL A 656 29.45 50.45 19.19
N PRO A 657 28.33 50.63 18.47
CA PRO A 657 28.21 50.10 17.11
C PRO A 657 29.11 50.76 16.06
N GLU A 658 29.57 51.98 16.29
CA GLU A 658 30.50 52.70 15.40
C GLU A 658 31.85 52.00 15.36
N THR A 659 32.28 51.43 16.49
CA THR A 659 33.58 50.75 16.66
C THR A 659 33.51 49.32 16.12
N ILE A 660 32.37 48.65 16.25
CA ILE A 660 32.19 47.26 15.74
C ILE A 660 32.22 47.29 14.21
N ASN A 661 31.86 48.41 13.58
CA ASN A 661 31.82 48.57 12.11
C ASN A 661 33.23 48.61 11.52
N LEU A 662 34.27 48.82 12.32
CA LEU A 662 35.67 48.85 11.85
C LEU A 662 36.30 47.45 11.82
N ALA A 663 35.58 46.41 12.20
CA ALA A 663 36.14 45.08 12.51
C ALA A 663 36.74 44.40 11.29
N LYS A 664 36.14 44.53 10.11
CA LYS A 664 36.57 43.80 8.89
C LYS A 664 37.25 44.71 7.89
N LEU A 665 37.52 45.97 8.21
CA LEU A 665 38.13 46.93 7.26
C LEU A 665 39.64 46.74 7.26
N ARG A 666 40.32 47.30 6.26
CA ARG A 666 41.68 46.92 5.84
C ARG A 666 42.68 47.38 6.89
N GLY A 667 42.67 48.63 7.28
CA GLY A 667 43.67 49.14 8.23
C GLY A 667 43.33 48.85 9.69
N TYR A 668 42.17 48.29 10.00
CA TYR A 668 41.59 48.26 11.35
C TYR A 668 41.35 46.84 11.88
N ASP A 669 41.54 45.79 11.09
CA ASP A 669 41.15 44.40 11.48
C ASP A 669 42.17 43.83 12.45
N VAL A 670 41.71 43.22 13.54
CA VAL A 670 42.55 42.66 14.64
C VAL A 670 42.20 41.21 14.92
N GLY A 671 41.39 40.55 14.11
CA GLY A 671 41.12 39.11 14.21
C GLY A 671 39.93 38.76 15.07
N GLY A 672 39.10 39.72 15.44
CA GLY A 672 37.91 39.50 16.30
C GLY A 672 38.08 40.11 17.67
N THR A 673 36.97 40.40 18.34
CA THR A 673 36.91 40.94 19.72
C THR A 673 35.92 40.11 20.53
N ILE A 674 36.33 39.62 21.71
CA ILE A 674 35.45 38.93 22.69
C ILE A 674 34.82 40.01 23.57
N HIS A 675 33.49 40.14 23.52
CA HIS A 675 32.67 41.13 24.26
C HIS A 675 31.93 40.44 25.40
N ILE A 676 32.00 40.98 26.63
CA ILE A 676 31.23 40.51 27.81
C ILE A 676 30.34 41.64 28.29
N VAL A 677 29.02 41.48 28.23
CA VAL A 677 28.02 42.45 28.76
C VAL A 677 27.50 41.92 30.09
N VAL A 678 27.74 42.65 31.18
CA VAL A 678 27.29 42.34 32.56
C VAL A 678 25.91 42.94 32.75
N ASN A 679 24.89 42.10 32.72
CA ASN A 679 23.46 42.45 32.61
C ASN A 679 22.84 42.26 33.99
N ASN A 680 22.89 43.31 34.81
CA ASN A 680 22.39 43.29 36.21
C ASN A 680 21.02 43.95 36.28
N GLN A 681 20.38 44.14 35.12
CA GLN A 681 18.93 44.41 35.00
C GLN A 681 18.58 45.79 35.60
N ILE A 682 19.53 46.73 35.61
CA ILE A 682 19.36 48.11 36.19
C ILE A 682 20.53 49.00 35.74
N GLY A 683 20.25 50.28 35.49
CA GLY A 683 21.26 51.31 35.15
C GLY A 683 21.84 51.94 36.40
N PHE A 684 21.20 53.01 36.90
CA PHE A 684 21.51 53.71 38.17
C PHE A 684 20.24 53.69 39.05
N THR A 685 19.19 54.40 38.60
CA THR A 685 17.81 54.35 39.15
C THR A 685 16.82 54.04 38.01
N THR A 686 17.33 53.48 36.90
CA THR A 686 16.61 53.30 35.61
C THR A 686 16.57 51.81 35.26
N THR A 687 15.44 51.32 34.76
CA THR A 687 15.17 49.90 34.42
C THR A 687 15.22 49.72 32.90
N PRO A 688 15.42 48.47 32.39
CA PRO A 688 15.54 48.21 30.95
C PRO A 688 14.41 48.72 30.04
N ASP A 689 13.19 48.82 30.59
CA ASP A 689 11.98 49.33 29.87
C ASP A 689 12.23 50.75 29.37
N SER A 690 12.95 51.57 30.14
CA SER A 690 13.21 53.00 29.85
C SER A 690 14.65 53.21 29.37
N SER A 691 15.33 52.16 28.91
CA SER A 691 16.75 52.19 28.51
C SER A 691 16.95 51.78 27.05
N ARG A 692 16.13 50.88 26.50
CA ARG A 692 16.32 50.40 25.13
C ARG A 692 15.00 50.02 24.48
N SER A 693 14.99 50.01 23.15
CA SER A 693 13.87 49.62 22.26
C SER A 693 14.16 48.26 21.60
N MET A 694 15.27 47.60 21.94
CA MET A 694 15.61 46.22 21.51
C MET A 694 15.14 45.26 22.61
N HIS A 695 14.91 43.98 22.27
CA HIS A 695 14.44 42.93 23.21
C HIS A 695 15.55 42.56 24.17
N TYR A 696 16.74 42.25 23.66
CA TYR A 696 17.99 42.04 24.43
C TYR A 696 18.94 43.20 24.18
N ALA A 697 19.88 43.43 25.09
CA ALA A 697 20.89 44.50 25.00
C ALA A 697 21.93 44.17 23.93
N THR A 698 22.10 42.89 23.61
CA THR A 698 23.15 42.36 22.71
C THR A 698 22.60 42.15 21.30
N ASP A 699 21.63 42.94 20.85
CA ASP A 699 20.93 42.69 19.57
C ASP A 699 21.65 43.39 18.41
N TYR A 700 22.69 44.18 18.68
CA TYR A 700 23.56 44.75 17.64
C TYR A 700 24.32 43.64 16.93
N ALA A 701 24.50 42.49 17.57
CA ALA A 701 25.18 41.31 17.02
C ALA A 701 24.49 40.82 15.74
N LYS A 702 23.17 40.95 15.64
CA LYS A 702 22.38 40.46 14.49
C LYS A 702 22.55 41.39 13.28
N ALA A 703 23.04 42.61 13.49
CA ALA A 703 23.33 43.57 12.41
C ALA A 703 24.65 43.21 11.73
N PHE A 704 25.59 42.64 12.48
CA PHE A 704 26.97 42.38 12.02
C PHE A 704 27.21 40.90 11.75
N GLY A 705 26.24 40.02 12.00
CA GLY A 705 26.29 38.62 11.59
C GLY A 705 27.12 37.76 12.51
N CYS A 706 27.06 37.98 13.83
CA CYS A 706 27.93 37.34 14.85
C CYS A 706 27.08 36.56 15.86
N PRO A 707 27.62 35.49 16.50
CA PRO A 707 26.89 34.72 17.49
C PRO A 707 26.75 35.31 18.89
N VAL A 708 25.67 34.99 19.61
CA VAL A 708 25.40 35.47 21.00
C VAL A 708 25.11 34.29 21.91
N PHE A 709 25.75 34.22 23.08
CA PHE A 709 25.54 33.21 24.14
C PHE A 709 25.03 33.92 25.40
N HIS A 710 23.83 33.60 25.87
CA HIS A 710 23.23 34.10 27.13
C HIS A 710 23.44 33.05 28.21
N VAL A 711 24.04 33.37 29.36
CA VAL A 711 24.39 32.37 30.40
C VAL A 711 24.00 32.89 31.77
N ASN A 712 23.53 31.98 32.63
CA ASN A 712 23.03 32.21 34.00
C ASN A 712 24.22 32.33 34.94
N GLY A 713 24.29 33.41 35.70
CA GLY A 713 25.45 33.74 36.52
C GLY A 713 25.45 33.04 37.85
N ASP A 714 24.57 32.08 38.07
CA ASP A 714 24.51 31.25 39.29
C ASP A 714 24.79 29.78 38.97
N ASP A 715 25.35 29.48 37.79
CA ASP A 715 25.80 28.13 37.40
C ASP A 715 27.24 28.19 36.90
N PRO A 716 28.25 28.14 37.80
CA PRO A 716 29.61 28.37 37.40
C PRO A 716 30.25 27.40 36.40
N GLU A 717 29.78 26.17 36.29
CA GLU A 717 30.32 25.20 35.31
C GLU A 717 29.92 25.60 33.90
N ALA A 718 28.72 26.13 33.72
CA ALA A 718 28.20 26.61 32.43
C ALA A 718 28.92 27.87 31.99
N VAL A 719 29.33 28.70 32.93
CA VAL A 719 30.04 29.98 32.64
C VAL A 719 31.42 29.64 32.12
N VAL A 720 32.14 28.66 32.68
CA VAL A 720 33.52 28.33 32.24
C VAL A 720 33.48 27.68 30.86
N TRP A 721 32.39 27.03 30.49
CA TRP A 721 32.27 26.38 29.16
C TRP A 721 32.10 27.42 28.08
N VAL A 722 31.27 28.44 28.31
CA VAL A 722 30.95 29.51 27.33
C VAL A 722 32.20 30.31 27.06
N GLY A 723 33.03 30.56 28.07
CA GLY A 723 34.33 31.24 27.91
C GLY A 723 35.24 30.52 26.96
N GLN A 724 35.29 29.19 27.06
CA GLN A 724 36.16 28.32 26.24
C GLN A 724 35.66 28.31 24.79
N LEU A 725 34.37 28.18 24.60
CA LEU A 725 33.71 28.03 23.28
C LEU A 725 33.86 29.31 22.48
N ALA A 726 33.80 30.46 23.13
CA ALA A 726 33.90 31.79 22.49
C ALA A 726 35.32 32.02 22.00
N THR A 727 36.31 31.64 22.79
CA THR A 727 37.75 31.82 22.46
C THR A 727 38.13 30.88 21.32
N GLU A 728 37.52 29.71 21.22
CA GLU A 728 37.75 28.76 20.12
C GLU A 728 37.12 29.25 18.83
N TYR A 729 35.96 29.91 18.89
CA TYR A 729 35.23 30.43 17.71
C TYR A 729 36.03 31.59 17.10
N ARG A 730 36.68 32.41 17.91
CA ARG A 730 37.47 33.57 17.44
C ARG A 730 38.68 33.09 16.65
N ARG A 731 39.34 32.01 17.08
CA ARG A 731 40.59 31.54 16.46
C ARG A 731 40.31 30.86 15.14
N ARG A 732 39.13 30.28 14.96
CA ARG A 732 38.77 29.47 13.77
C ARG A 732 38.24 30.37 12.67
N PHE A 733 37.45 31.39 13.00
CA PHE A 733 36.66 32.19 12.02
C PHE A 733 37.06 33.66 12.00
N GLY A 734 37.74 34.18 13.01
CA GLY A 734 38.28 35.54 13.00
C GLY A 734 37.20 36.59 12.99
N LYS A 735 36.12 36.40 13.73
CA LYS A 735 35.00 37.34 13.86
C LYS A 735 34.73 37.65 15.33
N ASP A 736 33.86 38.63 15.59
CA ASP A 736 33.45 39.07 16.93
C ASP A 736 32.46 38.07 17.52
N VAL A 737 32.42 37.99 18.85
CA VAL A 737 31.59 37.04 19.64
C VAL A 737 31.12 37.77 20.89
N PHE A 738 29.87 37.57 21.30
CA PHE A 738 29.16 38.34 22.35
C PHE A 738 28.63 37.40 23.42
N ILE A 739 29.00 37.61 24.69
CA ILE A 739 28.52 36.85 25.88
C ILE A 739 27.69 37.79 26.76
N ASP A 740 26.46 37.41 27.09
CA ASP A 740 25.53 38.10 28.02
C ASP A 740 25.49 37.33 29.34
N LEU A 741 26.04 37.89 30.42
CA LEU A 741 26.11 37.28 31.76
C LEU A 741 25.00 37.88 32.61
N VAL A 742 23.95 37.12 32.87
CA VAL A 742 22.73 37.57 33.58
C VAL A 742 22.96 37.36 35.07
N CYS A 743 23.03 38.44 35.83
CA CYS A 743 23.31 38.49 37.28
C CYS A 743 22.42 39.54 37.91
N TYR A 744 22.76 40.06 39.09
CA TYR A 744 22.04 41.19 39.74
C TYR A 744 23.01 42.08 40.52
N ARG A 745 22.52 43.22 41.02
CA ARG A 745 23.28 44.22 41.80
C ARG A 745 22.73 44.22 43.22
N LEU A 746 23.51 43.75 44.19
CA LEU A 746 23.07 43.48 45.59
C LEU A 746 22.79 44.80 46.30
N ARG A 747 23.74 45.74 46.25
CA ARG A 747 23.65 47.06 46.94
C ARG A 747 23.20 48.13 45.93
N GLY A 748 23.04 49.37 46.40
CA GLY A 748 22.79 50.55 45.56
C GLY A 748 24.08 51.07 44.93
N HIS A 749 23.96 52.01 43.99
CA HIS A 749 25.10 52.62 43.25
C HIS A 749 25.82 53.64 44.14
N ASN A 750 25.07 54.41 44.94
CA ASN A 750 25.61 55.39 45.92
C ASN A 750 26.05 54.63 47.19
N GLU A 751 26.89 55.26 48.02
CA GLU A 751 27.40 54.71 49.30
C GLU A 751 26.25 54.59 50.30
N ALA A 752 25.46 55.66 50.46
CA ALA A 752 24.26 55.72 51.33
C ALA A 752 23.05 56.12 50.48
N ASP A 753 22.46 55.15 49.76
CA ASP A 753 21.24 55.32 48.93
C ASP A 753 20.47 53.99 48.89
N ASP A 754 19.14 54.05 49.07
CA ASP A 754 18.23 52.88 49.14
C ASP A 754 17.70 52.59 47.73
N PRO A 755 17.98 51.40 47.14
CA PRO A 755 17.46 51.06 45.81
C PRO A 755 15.98 50.65 45.80
N SER A 756 15.40 50.36 46.96
CA SER A 756 13.96 50.01 47.16
C SER A 756 13.09 51.28 47.03
N MET A 757 13.68 52.47 47.19
CA MET A 757 13.02 53.79 47.02
C MET A 757 12.33 53.88 45.65
N THR A 758 13.00 53.38 44.59
CA THR A 758 12.54 53.46 43.17
C THR A 758 12.08 52.08 42.66
N GLN A 759 12.85 51.01 42.92
CA GLN A 759 12.56 49.61 42.49
C GLN A 759 12.28 48.73 43.71
N PRO A 760 11.10 48.84 44.36
CA PRO A 760 10.79 48.05 45.55
C PRO A 760 10.52 46.55 45.29
N LYS A 761 9.87 46.22 44.17
CA LYS A 761 9.46 44.83 43.82
C LYS A 761 10.68 43.98 43.47
N MET A 762 11.66 44.54 42.75
CA MET A 762 12.89 43.82 42.32
C MET A 762 13.75 43.51 43.56
N TYR A 763 13.82 44.41 44.53
CA TYR A 763 14.72 44.31 45.71
C TYR A 763 14.03 43.58 46.86
N GLU A 764 12.81 43.08 46.67
CA GLU A 764 12.19 42.04 47.53
C GLU A 764 12.84 40.70 47.22
N LEU A 765 13.06 40.39 45.94
CA LEU A 765 13.68 39.13 45.46
C LEU A 765 15.18 39.09 45.81
N ILE A 766 15.86 40.24 45.81
CA ILE A 766 17.36 40.31 45.93
C ILE A 766 17.77 40.14 47.40
N THR A 767 17.12 40.85 48.32
CA THR A 767 17.57 40.96 49.74
C THR A 767 17.39 39.62 50.45
N GLY A 768 18.47 39.13 51.09
CA GLY A 768 18.49 37.89 51.89
C GLY A 768 18.52 36.64 51.04
N ARG A 769 19.42 36.58 50.05
CA ARG A 769 19.70 35.39 49.21
C ARG A 769 20.96 34.70 49.72
N GLU A 770 21.22 33.48 49.24
CA GLU A 770 22.53 32.80 49.38
C GLU A 770 23.42 33.23 48.22
N THR A 771 24.72 33.34 48.47
CA THR A 771 25.79 33.71 47.49
C THR A 771 26.02 32.57 46.53
N VAL A 772 26.67 32.82 45.39
CA VAL A 772 26.97 31.82 44.33
C VAL A 772 28.01 30.82 44.86
N ARG A 773 28.93 31.26 45.70
CA ARG A 773 29.93 30.41 46.37
C ARG A 773 29.26 29.40 47.27
N ALA A 774 28.32 29.85 48.11
CA ALA A 774 27.58 29.02 49.06
C ALA A 774 26.79 27.97 48.32
N GLN A 775 26.10 28.35 47.27
CA GLN A 775 25.23 27.45 46.49
C GLN A 775 26.06 26.37 45.84
N TYR A 776 27.23 26.69 45.32
CA TYR A 776 28.08 25.74 44.58
C TYR A 776 28.73 24.77 45.55
N THR A 777 29.11 25.20 46.74
CA THR A 777 29.70 24.33 47.77
C THR A 777 28.69 23.29 48.19
N GLU A 778 27.43 23.68 48.35
CA GLU A 778 26.32 22.81 48.80
C GLU A 778 26.02 21.77 47.73
N ASP A 779 26.20 22.11 46.46
CA ASP A 779 25.92 21.21 45.31
C ASP A 779 27.01 20.15 45.19
N LEU A 780 28.28 20.50 45.41
CA LEU A 780 29.40 19.54 45.34
C LEU A 780 29.32 18.57 46.51
N LEU A 781 29.11 19.04 47.74
CA LEU A 781 29.04 18.18 48.94
C LEU A 781 27.75 17.37 48.97
N GLY A 782 26.87 17.46 47.98
CA GLY A 782 25.63 16.67 47.94
C GLY A 782 25.48 15.86 46.68
N ARG A 783 26.56 15.60 45.95
CA ARG A 783 26.59 14.64 44.82
C ARG A 783 27.47 13.44 45.19
N GLY A 784 28.05 13.43 46.39
CA GLY A 784 28.67 12.24 47.01
C GLY A 784 29.88 11.72 46.24
N ASP A 785 30.47 12.54 45.36
CA ASP A 785 31.73 12.23 44.64
C ASP A 785 32.89 12.29 45.63
N LEU A 786 32.87 13.26 46.55
CA LEU A 786 34.01 13.65 47.42
C LEU A 786 34.13 12.67 48.59
N SER A 787 35.35 12.35 48.99
CA SER A 787 35.69 11.48 50.15
C SER A 787 35.63 12.30 51.44
N ASN A 788 35.97 11.69 52.58
CA ASN A 788 35.95 12.35 53.92
C ASN A 788 37.08 13.38 53.99
N GLU A 789 38.29 12.99 53.57
CA GLU A 789 39.50 13.86 53.56
C GLU A 789 39.30 15.02 52.56
N ASP A 790 38.71 14.73 51.40
CA ASP A 790 38.45 15.70 50.30
C ASP A 790 37.42 16.75 50.76
N ALA A 791 36.41 16.32 51.49
CA ALA A 791 35.28 17.17 51.95
C ALA A 791 35.76 18.19 52.98
N GLU A 792 36.64 17.79 53.90
CA GLU A 792 37.22 18.70 54.94
C GLU A 792 37.99 19.83 54.30
N ALA A 793 38.68 19.55 53.19
CA ALA A 793 39.55 20.50 52.46
C ALA A 793 38.73 21.62 51.85
N VAL A 794 37.56 21.32 51.31
CA VAL A 794 36.67 22.32 50.66
C VAL A 794 36.29 23.39 51.68
N VAL A 795 36.07 23.00 52.93
CA VAL A 795 35.64 23.91 54.03
C VAL A 795 36.80 24.82 54.42
N ARG A 796 38.00 24.27 54.50
CA ARG A 796 39.21 24.92 55.03
C ARG A 796 39.77 25.93 54.04
N ASP A 797 39.44 25.81 52.75
CA ASP A 797 39.99 26.67 51.68
C ASP A 797 39.50 28.11 51.87
N PHE A 798 38.24 28.31 52.23
CA PHE A 798 37.65 29.66 52.40
C PHE A 798 38.27 30.37 53.58
N HIS A 799 38.64 29.64 54.64
CA HIS A 799 39.31 30.22 55.83
C HIS A 799 40.74 30.61 55.48
N ASP A 800 41.42 29.83 54.64
CA ASP A 800 42.81 30.11 54.21
C ASP A 800 42.85 31.42 53.44
N GLN A 801 41.99 31.58 52.43
CA GLN A 801 41.99 32.77 51.54
C GLN A 801 41.74 34.02 52.37
N MET A 802 40.86 33.95 53.37
CA MET A 802 40.50 35.07 54.28
C MET A 802 41.70 35.43 55.13
N GLU A 803 42.34 34.47 55.79
CA GLU A 803 43.51 34.73 56.67
C GLU A 803 44.62 35.41 55.88
N SER A 804 44.82 35.02 54.62
CA SER A 804 45.90 35.53 53.73
C SER A 804 45.70 37.01 53.45
N VAL A 805 44.48 37.42 53.11
CA VAL A 805 44.16 38.81 52.67
C VAL A 805 44.23 39.75 53.88
N PHE A 806 43.92 39.27 55.09
CA PHE A 806 43.76 40.10 56.31
C PHE A 806 45.03 40.04 57.18
N ASN A 807 46.15 39.52 56.67
CA ASN A 807 47.43 39.48 57.44
C ASN A 807 47.94 40.92 57.59
N GLY A 832 69.71 71.68 19.94
CA GLY A 832 70.68 71.83 18.84
C GLY A 832 70.63 70.66 17.87
N LEU A 833 69.43 70.25 17.47
CA LEU A 833 69.18 69.12 16.55
C LEU A 833 68.96 69.67 15.14
N GLU A 834 69.70 69.15 14.15
CA GLU A 834 69.65 69.59 12.74
C GLU A 834 68.78 68.64 11.93
N THR A 835 67.89 69.17 11.10
CA THR A 835 66.79 68.42 10.44
C THR A 835 66.93 68.39 8.92
N ASN A 836 68.00 68.92 8.34
CA ASN A 836 68.19 68.93 6.88
C ASN A 836 68.56 67.54 6.40
N ILE A 837 68.32 67.27 5.11
CA ILE A 837 68.78 66.03 4.43
C ILE A 837 69.81 66.40 3.37
N SER A 838 70.46 65.41 2.75
CA SER A 838 71.54 65.58 1.76
C SER A 838 70.96 65.73 0.36
N ARG A 839 71.71 66.37 -0.55
CA ARG A 839 71.36 66.52 -1.99
C ARG A 839 71.01 65.17 -2.57
N GLU A 840 71.76 64.14 -2.18
CA GLU A 840 71.66 62.79 -2.77
C GLU A 840 70.37 62.13 -2.30
N GLU A 841 70.00 62.32 -1.03
CA GLU A 841 68.76 61.75 -0.45
C GLU A 841 67.55 62.35 -1.14
N LEU A 842 67.60 63.64 -1.47
CA LEU A 842 66.49 64.41 -2.07
C LEU A 842 66.23 63.93 -3.50
N LEU A 843 67.30 63.73 -4.28
CA LEU A 843 67.19 63.28 -5.69
C LEU A 843 66.58 61.89 -5.73
N GLU A 844 66.94 61.03 -4.79
CA GLU A 844 66.48 59.62 -4.76
C GLU A 844 64.99 59.59 -4.49
N LEU A 845 64.47 60.47 -3.64
CA LEU A 845 63.04 60.55 -3.28
C LEU A 845 62.24 60.98 -4.49
N GLY A 846 62.76 61.95 -5.23
CA GLY A 846 62.15 62.41 -6.49
C GLY A 846 62.05 61.31 -7.51
N GLN A 847 63.05 60.45 -7.59
CA GLN A 847 63.17 59.43 -8.65
C GLN A 847 62.27 58.24 -8.37
N ALA A 848 61.55 58.23 -7.28
CA ALA A 848 60.67 57.12 -6.89
C ALA A 848 59.43 57.12 -7.74
N PHE A 849 59.00 58.30 -8.17
CA PHE A 849 57.78 58.49 -8.98
C PHE A 849 58.05 58.17 -10.45
N ALA A 850 59.30 57.91 -10.84
CA ALA A 850 59.70 57.43 -12.18
C ALA A 850 59.84 55.92 -12.23
N ASN A 851 60.22 55.26 -11.14
CA ASN A 851 60.50 53.80 -11.10
C ASN A 851 59.18 53.06 -10.98
N THR A 852 58.40 53.10 -12.03
CA THR A 852 57.06 52.47 -12.14
C THR A 852 57.27 50.99 -12.38
N PRO A 853 56.46 50.07 -11.84
CA PRO A 853 56.59 48.66 -12.16
C PRO A 853 56.22 48.29 -13.60
N GLU A 854 56.67 47.12 -14.08
CA GLU A 854 56.54 46.67 -15.48
C GLU A 854 55.07 46.59 -15.87
N GLY A 855 54.70 47.32 -16.92
CA GLY A 855 53.32 47.39 -17.42
C GLY A 855 52.40 48.00 -16.41
N PHE A 856 52.78 49.17 -15.88
CA PHE A 856 51.93 50.10 -15.10
C PHE A 856 51.98 51.43 -15.81
N ASN A 857 50.83 52.03 -16.05
CA ASN A 857 50.71 53.41 -16.57
C ASN A 857 49.84 54.21 -15.61
N TYR A 858 50.12 55.50 -15.48
CA TYR A 858 49.37 56.44 -14.62
C TYR A 858 48.15 56.92 -15.40
N HIS A 859 47.04 57.20 -14.71
CA HIS A 859 45.83 57.86 -15.26
C HIS A 859 46.24 59.22 -15.74
N PRO A 860 45.75 59.72 -16.89
CA PRO A 860 46.30 60.91 -17.50
C PRO A 860 46.09 62.26 -16.82
N ARG A 861 45.33 62.34 -15.72
CA ARG A 861 45.22 63.55 -14.89
C ARG A 861 46.21 63.48 -13.73
N VAL A 862 46.76 62.28 -13.43
CA VAL A 862 47.76 62.02 -12.36
C VAL A 862 49.17 62.02 -12.95
N ALA A 863 49.31 61.80 -14.25
CA ALA A 863 50.61 61.71 -14.94
C ALA A 863 51.39 62.99 -14.82
N PRO A 864 50.86 64.19 -15.11
CA PRO A 864 51.65 65.40 -14.98
C PRO A 864 52.07 65.84 -13.58
N VAL A 865 51.38 65.37 -12.53
CA VAL A 865 51.75 65.59 -11.11
C VAL A 865 53.03 64.83 -10.83
N ALA A 866 53.09 63.57 -11.27
CA ALA A 866 54.25 62.67 -11.09
C ALA A 866 55.46 63.24 -11.81
N LYS A 867 55.27 63.83 -12.97
CA LYS A 867 56.38 64.34 -13.79
C LYS A 867 56.98 65.55 -13.11
N LYS A 868 56.19 66.35 -12.39
CA LYS A 868 56.67 67.61 -11.78
C LYS A 868 57.44 67.29 -10.51
N ARG A 869 57.03 66.25 -9.78
CA ARG A 869 57.72 65.76 -8.57
C ARG A 869 59.15 65.36 -8.92
N VAL A 870 59.39 64.81 -10.11
CA VAL A 870 60.73 64.34 -10.53
C VAL A 870 61.60 65.51 -10.96
N SER A 871 61.04 66.61 -11.45
CA SER A 871 61.81 67.76 -11.98
C SER A 871 62.09 68.80 -10.90
N SER A 872 61.21 68.89 -9.90
CA SER A 872 61.14 69.96 -8.89
C SER A 872 62.35 69.92 -7.98
N VAL A 873 62.88 68.72 -7.73
CA VAL A 873 63.97 68.46 -6.77
C VAL A 873 65.29 68.92 -7.35
N THR A 874 65.33 69.45 -8.56
CA THR A 874 66.50 70.09 -9.17
C THR A 874 66.20 71.53 -9.59
N GLU A 875 64.99 71.82 -10.06
CA GLU A 875 64.63 73.10 -10.71
C GLU A 875 64.04 74.07 -9.70
N GLY A 876 63.06 73.62 -8.92
CA GLY A 876 62.39 74.43 -7.89
C GLY A 876 60.90 74.22 -7.91
N GLY A 877 60.18 75.01 -7.14
CA GLY A 877 58.72 75.05 -7.17
C GLY A 877 58.12 73.85 -6.50
N ILE A 878 58.43 73.63 -5.23
CA ILE A 878 57.91 72.47 -4.46
C ILE A 878 56.67 72.95 -3.71
N ASP A 879 55.56 72.25 -3.85
CA ASP A 879 54.25 72.65 -3.29
C ASP A 879 54.04 71.96 -1.95
N TRP A 880 52.98 72.34 -1.25
CA TRP A 880 52.69 71.92 0.13
C TRP A 880 52.69 70.40 0.21
N ALA A 881 51.91 69.73 -0.60
CA ALA A 881 51.69 68.27 -0.50
C ALA A 881 53.00 67.54 -0.67
N TRP A 882 53.86 67.98 -1.58
CA TRP A 882 55.14 67.32 -1.90
C TRP A 882 56.12 67.54 -0.77
N GLY A 883 56.04 68.66 -0.06
CA GLY A 883 56.81 68.92 1.16
C GLY A 883 56.45 67.97 2.28
N GLU A 884 55.17 67.67 2.45
CA GLU A 884 54.68 66.76 3.50
C GLU A 884 55.17 65.34 3.24
N LEU A 885 55.08 64.87 2.00
CA LEU A 885 55.45 63.48 1.64
C LEU A 885 56.96 63.33 1.69
N LEU A 886 57.73 64.36 1.36
CA LEU A 886 59.21 64.32 1.44
C LEU A 886 59.64 64.11 2.89
N ALA A 887 58.87 64.60 3.85
CA ALA A 887 59.14 64.44 5.30
C ALA A 887 58.85 63.01 5.73
N PHE A 888 57.66 62.50 5.46
CA PHE A 888 57.27 61.14 5.87
C PHE A 888 58.13 60.11 5.17
N GLY A 889 58.58 60.38 3.96
CA GLY A 889 59.42 59.47 3.19
C GLY A 889 60.79 59.36 3.77
N SER A 890 61.43 60.49 4.05
CA SER A 890 62.77 60.54 4.65
C SER A 890 62.81 59.72 5.93
N LEU A 891 61.75 59.79 6.74
CA LEU A 891 61.70 59.13 8.06
C LEU A 891 61.51 57.64 7.88
N ALA A 892 60.79 57.18 6.87
CA ALA A 892 60.61 55.76 6.60
C ALA A 892 61.90 55.13 6.10
N ASN A 893 62.74 55.88 5.42
CA ASN A 893 64.03 55.39 4.91
C ASN A 893 64.96 55.07 6.07
N SER A 894 64.99 55.92 7.09
CA SER A 894 65.85 55.73 8.29
C SER A 894 65.49 54.45 9.03
N GLY A 895 64.25 54.02 8.97
CA GLY A 895 63.83 52.69 9.42
C GLY A 895 62.58 52.69 10.27
N ARG A 896 61.74 53.70 10.18
CA ARG A 896 60.58 53.89 11.08
C ARG A 896 59.31 53.40 10.41
N LEU A 897 58.28 53.13 11.20
CA LEU A 897 56.93 52.77 10.73
C LEU A 897 56.09 54.03 10.74
N VAL A 898 55.70 54.54 9.56
CA VAL A 898 54.90 55.76 9.37
C VAL A 898 53.51 55.35 8.93
N ARG A 899 52.47 55.81 9.62
CA ARG A 899 51.05 55.51 9.37
C ARG A 899 50.26 56.80 9.22
N LEU A 900 49.48 56.94 8.14
CA LEU A 900 48.59 58.09 7.84
C LEU A 900 47.18 57.57 7.58
N ALA A 901 46.17 58.08 8.26
CA ALA A 901 44.77 57.63 8.16
C ALA A 901 43.79 58.79 8.23
N GLY A 902 42.69 58.71 7.49
CA GLY A 902 41.61 59.70 7.46
C GLY A 902 40.73 59.54 6.24
N GLU A 903 39.65 60.31 6.15
CA GLU A 903 38.66 60.24 5.05
C GLU A 903 39.31 60.73 3.76
N ASP A 904 39.46 59.83 2.78
CA ASP A 904 39.91 60.12 1.40
C ASP A 904 41.36 60.59 1.43
N SER A 905 42.20 59.93 2.23
CA SER A 905 43.56 60.39 2.58
C SER A 905 44.60 59.88 1.57
N ARG A 906 44.31 58.82 0.83
CA ARG A 906 45.22 58.29 -0.21
C ARG A 906 45.30 59.26 -1.38
N ARG A 907 44.15 59.70 -1.90
CA ARG A 907 44.06 60.69 -3.00
C ARG A 907 44.27 62.09 -2.45
N GLY A 908 43.64 62.40 -1.32
CA GLY A 908 43.52 63.77 -0.78
C GLY A 908 42.13 64.33 -1.02
N THR A 909 41.64 65.15 -0.10
CA THR A 909 40.30 65.81 -0.18
C THR A 909 40.31 66.84 -1.29
N PHE A 910 41.40 67.57 -1.44
CA PHE A 910 41.55 68.66 -2.42
C PHE A 910 42.37 68.15 -3.60
N THR A 911 42.43 66.84 -3.79
CA THR A 911 43.07 66.15 -4.95
C THR A 911 44.52 66.59 -5.05
N GLN A 912 45.27 66.52 -3.95
CA GLN A 912 46.59 67.17 -3.83
C GLN A 912 47.69 66.15 -3.52
N ARG A 913 47.40 64.94 -3.02
CA ARG A 913 48.41 64.07 -2.39
C ARG A 913 48.91 63.03 -3.36
N HIS A 914 48.04 62.13 -3.82
CA HIS A 914 48.39 61.03 -4.75
C HIS A 914 49.56 60.27 -4.19
N ALA A 915 49.34 59.50 -3.13
CA ALA A 915 50.35 58.70 -2.43
C ALA A 915 50.23 57.24 -2.82
N VAL A 916 49.04 56.79 -3.17
CA VAL A 916 48.82 55.53 -3.91
C VAL A 916 48.18 55.90 -5.23
N ALA A 917 48.70 55.39 -6.35
CA ALA A 917 48.17 55.59 -7.71
C ALA A 917 47.53 54.31 -8.20
N ILE A 918 46.51 54.41 -9.07
CA ILE A 918 45.76 53.25 -9.62
C ILE A 918 45.81 53.31 -11.15
N ASP A 919 46.07 52.17 -11.79
CA ASP A 919 46.13 52.03 -13.28
C ASP A 919 44.72 51.86 -13.83
N PRO A 920 44.23 52.75 -14.70
CA PRO A 920 42.87 52.67 -15.17
C PRO A 920 42.52 51.38 -15.93
N ALA A 921 43.50 50.78 -16.61
CA ALA A 921 43.33 49.56 -17.41
C ALA A 921 43.12 48.36 -16.50
N THR A 922 43.97 48.15 -15.50
CA THR A 922 44.09 46.87 -14.77
C THR A 922 43.58 46.96 -13.32
N ALA A 923 43.45 48.16 -12.76
CA ALA A 923 43.09 48.41 -11.34
C ALA A 923 44.16 47.83 -10.41
N GLU A 924 45.44 48.07 -10.72
CA GLU A 924 46.62 47.67 -9.92
C GLU A 924 47.13 48.89 -9.17
N GLU A 925 47.55 48.72 -7.92
CA GLU A 925 47.95 49.81 -6.99
C GLU A 925 49.48 49.92 -6.96
N PHE A 926 49.98 51.14 -6.80
CA PHE A 926 51.42 51.45 -6.65
C PHE A 926 51.62 52.49 -5.56
N ASN A 927 52.57 52.25 -4.65
CA ASN A 927 52.92 53.10 -3.48
C ASN A 927 54.40 53.41 -3.54
N PRO A 928 54.83 54.41 -4.32
CA PRO A 928 56.24 54.63 -4.55
C PRO A 928 57.15 54.72 -3.34
N LEU A 929 56.75 55.46 -2.32
CA LEU A 929 57.61 55.74 -1.14
C LEU A 929 57.72 54.52 -0.25
N HIS A 930 56.74 53.61 -0.24
CA HIS A 930 56.83 52.34 0.53
C HIS A 930 57.86 51.44 -0.10
N GLU A 931 57.96 51.44 -1.41
CA GLU A 931 58.88 50.57 -2.16
C GLU A 931 60.30 51.06 -1.97
N LEU A 932 60.54 52.36 -1.95
CA LEU A 932 61.91 52.89 -1.75
C LEU A 932 62.38 52.55 -0.35
N ALA A 933 61.49 52.56 0.63
CA ALA A 933 61.84 52.34 2.04
C ALA A 933 62.28 50.89 2.22
N GLN A 934 61.59 49.96 1.57
CA GLN A 934 61.86 48.51 1.69
C GLN A 934 63.07 48.09 0.85
N SER A 935 63.68 48.99 0.10
CA SER A 935 64.88 48.69 -0.71
C SER A 935 66.15 49.19 -0.03
N LYS A 936 66.05 49.93 1.07
CA LYS A 936 67.19 50.57 1.76
C LYS A 936 67.71 49.66 2.86
N GLY A 937 66.97 48.64 3.24
CA GLY A 937 67.42 47.60 4.17
C GLY A 937 67.55 48.12 5.58
N ASN A 938 66.51 48.79 6.08
CA ASN A 938 66.31 49.08 7.52
C ASN A 938 64.88 48.77 7.92
N ASN A 939 64.16 47.99 7.15
CA ASN A 939 62.77 47.55 7.39
C ASN A 939 61.88 48.73 7.78
N GLY A 940 61.84 49.76 6.93
CA GLY A 940 60.94 50.92 7.08
C GLY A 940 59.69 50.69 6.30
N LYS A 941 58.60 51.34 6.69
CA LYS A 941 57.27 51.20 6.05
C LYS A 941 56.56 52.54 5.98
N PHE A 942 55.86 52.80 4.88
CA PHE A 942 54.90 53.91 4.69
C PHE A 942 53.54 53.31 4.38
N LEU A 943 52.61 53.33 5.34
CA LEU A 943 51.27 52.71 5.28
C LEU A 943 50.21 53.81 5.25
N VAL A 944 49.33 53.84 4.24
CA VAL A 944 48.30 54.90 4.05
C VAL A 944 46.95 54.23 3.87
N TYR A 945 45.94 54.60 4.66
CA TYR A 945 44.61 53.96 4.73
C TYR A 945 43.50 55.01 4.65
N ASN A 946 42.41 54.66 3.98
CA ASN A 946 41.14 55.44 3.91
C ASN A 946 40.20 54.97 5.02
N SER A 947 39.80 55.86 5.93
CA SER A 947 38.91 55.56 7.07
C SER A 947 37.47 55.38 6.59
N ALA A 948 36.59 54.98 7.48
CA ALA A 948 35.13 55.10 7.34
C ALA A 948 34.73 56.50 7.76
N LEU A 949 33.47 56.84 7.55
CA LEU A 949 32.94 58.20 7.81
C LEU A 949 32.65 58.29 9.30
N THR A 950 33.70 58.55 10.09
CA THR A 950 33.66 58.65 11.57
C THR A 950 34.75 59.59 12.04
N GLU A 951 34.51 60.31 13.12
CA GLU A 951 35.50 61.23 13.75
C GLU A 951 35.86 60.71 15.15
N TYR A 952 34.88 60.28 15.93
CA TYR A 952 35.06 59.75 17.31
C TYR A 952 35.89 58.47 17.21
N ALA A 953 35.41 57.46 16.50
CA ALA A 953 36.07 56.15 16.37
C ALA A 953 37.40 56.29 15.64
N GLY A 954 37.47 57.18 14.66
CA GLY A 954 38.67 57.37 13.83
C GLY A 954 39.83 57.91 14.63
N MET A 955 39.66 59.04 15.30
CA MET A 955 40.74 59.71 16.06
C MET A 955 41.11 58.86 17.27
N GLY A 956 40.13 58.20 17.87
CA GLY A 956 40.37 57.31 19.03
C GLY A 956 41.33 56.21 18.69
N PHE A 957 41.18 55.63 17.49
CA PHE A 957 41.98 54.49 17.02
C PHE A 957 43.44 54.90 16.81
N GLU A 958 43.69 56.14 16.40
CA GLU A 958 45.06 56.61 16.13
C GLU A 958 45.76 57.01 17.43
N TYR A 959 45.02 57.45 18.45
CA TYR A 959 45.60 57.71 19.79
C TYR A 959 46.05 56.39 20.39
N GLY A 960 45.26 55.34 20.19
CA GLY A 960 45.58 54.00 20.69
C GLY A 960 46.85 53.46 20.09
N TYR A 961 47.07 53.73 18.80
CA TYR A 961 48.23 53.24 18.02
C TYR A 961 49.49 53.87 18.58
N SER A 962 49.43 55.15 18.95
CA SER A 962 50.58 55.89 19.51
C SER A 962 50.98 55.33 20.87
N VAL A 963 50.03 54.87 21.67
CA VAL A 963 50.29 54.33 23.04
C VAL A 963 50.86 52.93 22.94
N GLY A 964 50.41 52.13 21.97
CA GLY A 964 50.85 50.73 21.80
C GLY A 964 52.11 50.56 20.99
N ASN A 965 52.69 51.63 20.44
CA ASN A 965 54.05 51.63 19.82
C ASN A 965 54.64 53.02 19.92
N GLU A 966 55.44 53.27 20.94
CA GLU A 966 56.08 54.57 21.22
C GLU A 966 56.96 55.01 20.06
N ASP A 967 57.49 54.08 19.25
CA ASP A 967 58.52 54.35 18.24
C ASP A 967 57.92 54.57 16.85
N SER A 968 56.61 54.53 16.69
CA SER A 968 55.90 54.77 15.41
C SER A 968 55.64 56.26 15.25
N ILE A 969 55.52 56.73 14.00
CA ILE A 969 55.05 58.09 13.63
C ILE A 969 53.65 57.95 13.08
N VAL A 970 52.63 58.47 13.78
CA VAL A 970 51.19 58.34 13.44
C VAL A 970 50.58 59.72 13.23
N ALA A 971 49.72 59.87 12.22
CA ALA A 971 49.00 61.12 11.88
C ALA A 971 47.57 60.82 11.48
N TRP A 972 46.59 61.51 12.07
CA TRP A 972 45.16 61.50 11.71
C TRP A 972 44.81 62.81 11.02
N GLU A 973 44.11 62.72 9.89
CA GLU A 973 43.66 63.88 9.07
C GLU A 973 42.14 63.95 9.09
N ALA A 974 41.60 65.17 9.12
CA ALA A 974 40.17 65.47 9.05
C ALA A 974 39.86 66.04 7.67
N GLN A 975 38.65 65.79 7.16
CA GLN A 975 38.23 66.26 5.82
C GLN A 975 38.26 67.77 5.84
N PHE A 976 37.62 68.38 6.83
CA PHE A 976 37.74 69.80 7.22
C PHE A 976 37.88 69.86 8.73
N GLY A 977 38.61 70.81 9.25
CA GLY A 977 38.87 70.96 10.69
C GLY A 977 37.62 71.27 11.47
N ASP A 978 36.56 71.72 10.80
CA ASP A 978 35.24 72.06 11.39
C ASP A 978 34.53 70.82 11.92
N PHE A 979 34.88 69.62 11.45
CA PHE A 979 34.19 68.36 11.81
C PHE A 979 34.89 67.65 12.96
N ALA A 980 35.94 68.22 13.53
CA ALA A 980 36.70 67.61 14.65
C ALA A 980 35.95 67.78 15.98
N ASN A 981 34.88 68.56 16.03
CA ASN A 981 34.04 68.72 17.25
C ASN A 981 33.25 67.46 17.52
N GLY A 982 33.16 66.53 16.58
CA GLY A 982 32.52 65.23 16.77
C GLY A 982 33.44 64.21 17.39
N ALA A 983 34.66 64.61 17.75
CA ALA A 983 35.62 63.80 18.52
C ALA A 983 36.12 64.60 19.72
N GLN A 984 35.25 65.38 20.35
CA GLN A 984 35.63 66.28 21.46
C GLN A 984 35.95 65.47 22.71
N THR A 985 35.23 64.37 22.94
CA THR A 985 35.48 63.46 24.09
C THR A 985 36.93 63.01 24.06
N ILE A 986 37.46 62.64 22.89
CA ILE A 986 38.84 62.10 22.74
C ILE A 986 39.84 63.23 22.88
N ILE A 987 39.53 64.45 22.49
CA ILE A 987 40.46 65.60 22.62
C ILE A 987 40.58 65.97 24.09
N ASP A 988 39.45 66.04 24.80
CA ASP A 988 39.36 66.55 26.20
C ASP A 988 39.93 65.54 27.19
N GLU A 989 39.64 64.25 27.00
CA GLU A 989 39.82 63.20 28.03
C GLU A 989 41.08 62.39 27.82
N TYR A 990 41.71 62.41 26.64
CA TYR A 990 42.89 61.58 26.29
C TYR A 990 44.06 62.42 25.78
N VAL A 991 43.86 63.22 24.73
CA VAL A 991 44.95 63.85 23.96
C VAL A 991 45.54 65.01 24.73
N SER A 992 44.72 65.83 25.38
CA SER A 992 45.14 67.07 26.04
C SER A 992 45.52 66.84 27.50
N SER A 993 45.05 65.75 28.12
CA SER A 993 45.00 65.56 29.58
C SER A 993 45.62 64.26 30.07
N GLY A 994 45.99 63.33 29.20
CA GLY A 994 46.43 61.97 29.58
C GLY A 994 47.69 61.95 30.41
N GLU A 995 48.67 62.77 30.11
CA GLU A 995 49.97 62.81 30.82
C GLU A 995 49.77 63.33 32.24
N ALA A 996 48.99 64.38 32.42
CA ALA A 996 48.72 64.99 33.74
C ALA A 996 47.96 64.01 34.63
N LYS A 997 46.99 63.28 34.09
CA LYS A 997 46.12 62.38 34.85
C LYS A 997 46.87 61.12 35.23
N TRP A 998 47.37 60.37 34.25
CA TRP A 998 47.83 58.97 34.41
C TRP A 998 49.31 58.79 34.11
N GLY A 999 50.02 59.79 33.61
CA GLY A 999 51.43 59.65 33.22
C GLY A 999 51.62 58.86 31.95
N GLN A 1000 50.64 58.87 31.06
CA GLN A 1000 50.63 58.16 29.76
C GLN A 1000 50.94 59.17 28.67
N THR A 1001 52.01 58.95 27.91
CA THR A 1001 52.54 59.90 26.91
C THR A 1001 52.15 59.46 25.51
N SER A 1002 51.94 60.43 24.61
CA SER A 1002 51.61 60.21 23.17
C SER A 1002 52.31 61.26 22.31
N LYS A 1003 52.60 60.90 21.06
CA LYS A 1003 53.25 61.73 20.04
C LYS A 1003 52.38 61.78 18.78
N LEU A 1004 51.06 61.81 18.93
CA LEU A 1004 50.09 61.82 17.81
C LEU A 1004 50.16 63.16 17.11
N ILE A 1005 50.02 63.16 15.77
CA ILE A 1005 49.96 64.39 14.92
C ILE A 1005 48.53 64.52 14.43
N LEU A 1006 47.87 65.65 14.72
CA LEU A 1006 46.55 66.02 14.16
C LEU A 1006 46.77 67.03 13.04
N LEU A 1007 46.30 66.71 11.83
CA LEU A 1007 46.35 67.56 10.61
C LEU A 1007 44.94 68.06 10.31
N LEU A 1008 44.64 69.34 10.61
CA LEU A 1008 43.28 69.94 10.59
C LEU A 1008 43.26 71.10 9.60
N PRO A 1009 42.59 70.99 8.41
CA PRO A 1009 42.46 72.10 7.49
C PRO A 1009 41.71 73.33 7.98
N HIS A 1010 42.11 74.53 7.56
CA HIS A 1010 41.70 75.82 8.15
C HIS A 1010 41.90 76.95 7.15
N GLY A 1011 40.90 77.79 6.94
CA GLY A 1011 41.06 79.04 6.20
C GLY A 1011 39.75 79.68 5.84
N TYR A 1012 39.71 81.01 5.79
CA TYR A 1012 38.53 81.84 5.48
C TYR A 1012 38.59 82.20 4.01
N GLU A 1013 37.95 81.39 3.16
CA GLU A 1013 38.02 81.45 1.69
C GLU A 1013 36.63 81.64 1.06
N GLY A 1014 35.56 81.71 1.84
CA GLY A 1014 34.22 82.10 1.38
C GLY A 1014 33.35 80.91 1.08
N GLN A 1015 33.44 79.84 1.84
CA GLN A 1015 32.78 78.56 1.56
C GLN A 1015 31.84 78.16 2.69
N GLY A 1016 31.52 79.06 3.62
CA GLY A 1016 30.41 78.93 4.58
C GLY A 1016 30.87 78.60 5.99
N PRO A 1017 29.95 78.57 6.97
CA PRO A 1017 30.31 78.32 8.37
C PRO A 1017 30.77 76.92 8.80
N ASP A 1018 30.57 75.87 8.01
CA ASP A 1018 31.00 74.50 8.36
C ASP A 1018 32.19 74.07 7.49
N HIS A 1019 32.84 75.02 6.82
CA HIS A 1019 34.01 74.79 5.96
C HIS A 1019 34.99 75.97 6.05
N SER A 1020 35.22 76.53 7.23
CA SER A 1020 36.11 77.70 7.40
C SER A 1020 37.04 77.64 8.62
N SER A 1021 36.59 77.21 9.79
CA SER A 1021 37.37 77.29 11.05
C SER A 1021 37.53 75.91 11.68
N ALA A 1022 38.75 75.60 12.13
CA ALA A 1022 39.10 74.41 12.93
C ALA A 1022 39.12 74.74 14.42
N ARG A 1023 38.77 75.97 14.80
CA ARG A 1023 38.56 76.44 16.19
C ARG A 1023 39.89 76.46 16.94
N ILE A 1024 40.78 77.36 16.53
CA ILE A 1024 42.12 77.60 17.15
C ILE A 1024 41.92 77.97 18.62
N GLU A 1025 41.00 78.90 18.90
CA GLU A 1025 40.71 79.42 20.25
C GLU A 1025 40.48 78.28 21.24
N ARG A 1026 39.83 77.21 20.81
CA ARG A 1026 39.44 76.09 21.68
C ARG A 1026 40.65 75.27 22.05
N PHE A 1027 41.59 75.08 21.13
CA PHE A 1027 42.83 74.29 21.36
C PHE A 1027 43.78 75.07 22.25
N LEU A 1028 43.86 76.39 22.11
CA LEU A 1028 44.78 77.19 22.94
C LEU A 1028 44.25 77.31 24.38
N GLN A 1029 42.96 77.14 24.59
CA GLN A 1029 42.31 77.14 25.92
C GLN A 1029 42.76 75.92 26.72
N LEU A 1030 43.04 74.79 26.06
CA LEU A 1030 43.39 73.50 26.68
C LEU A 1030 44.88 73.37 26.97
N CYS A 1031 45.72 74.35 26.62
CA CYS A 1031 47.20 74.26 26.75
C CYS A 1031 47.67 74.88 28.05
N ALA A 1032 48.59 74.21 28.76
CA ALA A 1032 49.22 74.71 29.99
C ALA A 1032 50.50 73.93 30.28
N GLU A 1033 51.60 74.62 30.53
CA GLU A 1033 52.90 74.06 30.93
C GLU A 1033 53.38 73.07 29.87
N GLY A 1034 53.28 73.47 28.60
CA GLY A 1034 53.78 72.70 27.45
C GLY A 1034 53.11 71.36 27.30
N SER A 1035 51.79 71.29 27.42
CA SER A 1035 51.03 70.02 27.35
C SER A 1035 50.99 69.50 25.93
N MET A 1036 50.78 70.37 24.93
CA MET A 1036 50.91 70.04 23.49
C MET A 1036 51.36 71.25 22.69
N THR A 1037 51.99 71.01 21.54
CA THR A 1037 52.53 71.99 20.56
C THR A 1037 51.48 72.31 19.50
N VAL A 1038 51.25 73.60 19.22
CA VAL A 1038 50.24 74.11 18.25
C VAL A 1038 50.94 75.05 17.26
N ALA A 1039 50.79 74.82 15.94
CA ALA A 1039 51.49 75.56 14.87
C ALA A 1039 50.63 75.74 13.62
N GLN A 1040 50.96 76.76 12.82
CA GLN A 1040 50.31 77.14 11.53
C GLN A 1040 51.40 77.64 10.60
N PRO A 1041 52.10 76.77 9.82
CA PRO A 1041 53.19 77.19 8.97
C PRO A 1041 52.74 77.83 7.65
N SER A 1042 53.60 78.65 7.04
CA SER A 1042 53.30 79.50 5.87
C SER A 1042 53.97 78.98 4.59
N THR A 1043 54.92 78.05 4.70
CA THR A 1043 55.87 77.66 3.62
C THR A 1043 56.03 76.16 3.64
N PRO A 1044 56.02 75.44 2.50
CA PRO A 1044 56.21 73.99 2.49
C PRO A 1044 57.47 73.43 3.17
N ALA A 1045 58.59 74.12 3.08
CA ALA A 1045 59.86 73.73 3.69
C ALA A 1045 59.77 73.81 5.21
N ASN A 1046 59.01 74.76 5.76
CA ASN A 1046 58.91 74.94 7.22
C ASN A 1046 58.05 73.82 7.78
N HIS A 1047 57.04 73.36 7.06
CA HIS A 1047 56.20 72.22 7.44
C HIS A 1047 57.05 70.96 7.51
N PHE A 1048 58.01 70.82 6.59
CA PHE A 1048 58.94 69.70 6.48
C PHE A 1048 59.79 69.64 7.74
N HIS A 1049 60.34 70.78 8.12
CA HIS A 1049 61.29 70.89 9.24
C HIS A 1049 60.56 70.68 10.58
N LEU A 1050 59.28 71.03 10.68
CA LEU A 1050 58.48 70.86 11.91
C LEU A 1050 58.21 69.39 12.13
N LEU A 1051 57.80 68.67 11.10
CA LEU A 1051 57.46 67.24 11.21
C LEU A 1051 58.69 66.43 11.59
N ARG A 1052 59.86 66.79 11.09
CA ARG A 1052 61.11 66.05 11.35
C ARG A 1052 61.65 66.37 12.74
N ARG A 1053 61.45 67.58 13.22
CA ARG A 1053 61.86 67.95 14.60
C ARG A 1053 61.08 67.13 15.62
N HIS A 1054 59.79 66.96 15.39
CA HIS A 1054 58.88 66.22 16.29
C HIS A 1054 59.28 64.77 16.37
N ALA A 1055 59.66 64.17 15.26
CA ALA A 1055 59.95 62.72 15.17
C ALA A 1055 61.33 62.38 15.69
N LEU A 1056 62.26 63.33 15.77
CA LEU A 1056 63.65 63.08 16.20
C LEU A 1056 63.94 63.70 17.57
N SER A 1057 62.97 64.27 18.27
CA SER A 1057 63.15 64.84 19.63
C SER A 1057 62.85 63.80 20.69
N ASP A 1058 63.18 64.11 21.93
CA ASP A 1058 62.93 63.27 23.13
C ASP A 1058 61.66 63.72 23.84
N LEU A 1059 61.08 64.87 23.47
CA LEU A 1059 59.84 65.41 24.08
C LEU A 1059 58.66 64.62 23.55
N LYS A 1060 57.90 63.97 24.41
CA LYS A 1060 56.84 63.01 24.07
C LYS A 1060 55.46 63.62 24.32
N ARG A 1061 55.06 64.59 23.50
CA ARG A 1061 53.78 65.33 23.60
C ARG A 1061 53.16 65.46 22.23
N PRO A 1062 51.83 65.59 22.08
CA PRO A 1062 51.20 65.75 20.78
C PRO A 1062 51.51 67.02 19.99
N LEU A 1063 51.19 67.02 18.70
CA LEU A 1063 51.38 68.13 17.73
C LEU A 1063 50.09 68.37 16.96
N VAL A 1064 49.55 69.59 17.00
CA VAL A 1064 48.34 70.04 16.27
C VAL A 1064 48.80 71.05 15.22
N ILE A 1065 48.67 70.73 13.93
CA ILE A 1065 49.04 71.59 12.77
C ILE A 1065 47.76 72.00 12.05
N PHE A 1066 47.60 73.31 11.82
CA PHE A 1066 46.50 73.91 11.02
C PHE A 1066 47.00 74.08 9.59
N THR A 1067 46.47 73.29 8.66
CA THR A 1067 46.98 73.06 7.29
C THR A 1067 46.14 73.85 6.30
N PRO A 1068 46.69 74.28 5.13
CA PRO A 1068 45.96 75.12 4.19
C PRO A 1068 45.08 74.43 3.15
N LYS A 1069 44.28 75.20 2.40
CA LYS A 1069 43.33 74.72 1.35
C LYS A 1069 43.62 75.40 0.01
N SER A 1070 43.48 76.71 -0.10
CA SER A 1070 43.77 77.48 -1.33
C SER A 1070 45.27 77.64 -1.53
N MET A 1071 46.03 77.82 -0.45
CA MET A 1071 47.49 78.04 -0.46
C MET A 1071 48.21 76.80 -0.99
N LEU A 1072 47.54 75.64 -1.06
CA LEU A 1072 48.08 74.39 -1.63
C LEU A 1072 48.58 74.61 -3.04
N ARG A 1073 48.02 75.56 -3.80
CA ARG A 1073 48.32 75.78 -5.23
C ARG A 1073 48.74 77.23 -5.51
N ASN A 1074 49.13 77.99 -4.51
CA ASN A 1074 49.62 79.38 -4.67
C ASN A 1074 51.10 79.32 -5.03
N LYS A 1075 51.52 80.04 -6.07
CA LYS A 1075 52.88 79.93 -6.63
C LYS A 1075 53.84 80.84 -5.87
N ALA A 1076 53.35 81.75 -5.04
CA ALA A 1076 54.21 82.61 -4.20
C ALA A 1076 54.63 81.86 -2.93
N ALA A 1077 54.00 80.72 -2.64
CA ALA A 1077 54.22 79.93 -1.42
C ALA A 1077 55.27 78.83 -1.65
N ALA A 1078 55.55 78.46 -2.91
CA ALA A 1078 56.42 77.31 -3.25
C ALA A 1078 57.84 77.54 -2.75
N SER A 1079 58.61 76.45 -2.57
CA SER A 1079 59.95 76.41 -1.93
C SER A 1079 61.02 75.88 -2.88
N ALA A 1080 62.26 76.34 -2.71
CA ALA A 1080 63.45 75.92 -3.48
C ALA A 1080 64.11 74.75 -2.80
N PRO A 1081 64.96 73.95 -3.51
CA PRO A 1081 65.64 72.83 -2.91
C PRO A 1081 66.65 73.12 -1.80
N GLU A 1082 67.27 74.29 -1.83
CA GLU A 1082 68.25 74.72 -0.81
C GLU A 1082 67.56 74.87 0.54
N ASP A 1083 66.25 75.05 0.56
CA ASP A 1083 65.46 75.21 1.81
C ASP A 1083 65.26 73.88 2.52
N PHE A 1084 65.49 72.76 1.85
CA PHE A 1084 65.43 71.40 2.44
C PHE A 1084 66.82 70.81 2.69
N THR A 1085 67.91 71.48 2.28
CA THR A 1085 69.27 70.91 2.20
C THR A 1085 70.31 71.83 2.85
N GLU A 1086 70.20 73.15 2.77
CA GLU A 1086 71.18 74.09 3.37
C GLU A 1086 70.64 74.73 4.65
N VAL A 1087 69.34 74.99 4.75
CA VAL A 1087 68.67 75.49 5.99
C VAL A 1087 68.54 74.32 6.96
N THR A 1088 68.97 74.50 8.21
CA THR A 1088 69.25 73.42 9.19
C THR A 1088 68.06 73.17 10.12
N LYS A 1089 67.37 74.22 10.58
CA LYS A 1089 66.35 74.17 11.67
C LYS A 1089 64.99 74.65 11.18
N PHE A 1090 63.95 74.42 11.97
CA PHE A 1090 62.59 74.99 11.86
C PHE A 1090 62.59 76.38 12.44
N GLN A 1091 61.87 77.30 11.80
CA GLN A 1091 61.77 78.72 12.22
C GLN A 1091 60.40 78.93 12.87
N SER A 1092 60.38 79.60 14.02
CA SER A 1092 59.18 79.90 14.82
C SER A 1092 58.65 81.29 14.49
N VAL A 1093 59.53 82.23 14.16
CA VAL A 1093 59.22 83.58 13.65
C VAL A 1093 59.99 83.74 12.35
N ILE A 1094 59.38 84.34 11.32
CA ILE A 1094 60.00 84.68 10.01
C ILE A 1094 59.86 86.17 9.82
N ASN A 1095 60.97 86.89 9.78
CA ASN A 1095 61.01 88.36 9.65
C ASN A 1095 60.72 88.73 8.20
N ASP A 1096 60.54 90.02 7.89
CA ASP A 1096 60.08 90.49 6.56
C ASP A 1096 61.23 90.37 5.57
N PRO A 1097 61.05 89.64 4.44
CA PRO A 1097 62.07 89.59 3.40
C PRO A 1097 62.32 90.89 2.64
N ASN A 1098 61.32 91.76 2.55
CA ASN A 1098 61.29 92.93 1.63
C ASN A 1098 61.36 94.21 2.44
N VAL A 1099 62.46 94.47 3.11
CA VAL A 1099 62.71 95.75 3.82
C VAL A 1099 64.05 96.34 3.34
N ALA A 1100 64.01 97.49 2.68
CA ALA A 1100 65.19 98.19 2.16
C ALA A 1100 65.98 98.77 3.33
N ASP A 1101 65.34 99.63 4.13
CA ASP A 1101 65.96 100.35 5.27
C ASP A 1101 65.10 100.14 6.51
N ALA A 1102 65.68 99.57 7.57
CA ALA A 1102 64.98 99.23 8.82
C ALA A 1102 64.74 100.48 9.66
N ALA A 1103 65.52 101.55 9.43
CA ALA A 1103 65.40 102.82 10.18
C ALA A 1103 64.16 103.60 9.76
N LYS A 1104 63.58 103.30 8.59
CA LYS A 1104 62.40 104.00 8.04
C LYS A 1104 61.09 103.35 8.53
N VAL A 1105 61.12 102.20 9.18
CA VAL A 1105 59.90 101.46 9.59
C VAL A 1105 59.28 102.15 10.80
N LYS A 1106 57.95 102.35 10.78
CA LYS A 1106 57.16 103.03 11.84
C LYS A 1106 56.02 102.14 12.37
N LYS A 1107 55.46 101.26 11.56
CA LYS A 1107 54.44 100.25 11.93
C LYS A 1107 55.04 98.86 11.82
N VAL A 1108 54.61 97.92 12.64
CA VAL A 1108 54.97 96.47 12.56
C VAL A 1108 53.69 95.64 12.69
N MET A 1109 53.36 94.83 11.69
CA MET A 1109 52.16 93.97 11.67
C MET A 1109 52.57 92.54 12.02
N LEU A 1110 51.91 91.90 12.98
CA LEU A 1110 52.05 90.46 13.30
C LEU A 1110 50.89 89.70 12.68
N VAL A 1111 51.14 88.53 12.12
CA VAL A 1111 50.18 87.74 11.32
C VAL A 1111 50.53 86.26 11.41
N SER A 1112 49.57 85.36 11.18
CA SER A 1112 49.81 83.90 11.15
C SER A 1112 48.92 83.23 10.11
N GLY A 1113 49.53 82.67 9.06
CA GLY A 1113 48.86 81.79 8.08
C GLY A 1113 48.79 82.40 6.70
N LYS A 1114 47.71 82.14 5.97
CA LYS A 1114 47.55 82.47 4.54
C LYS A 1114 47.38 83.98 4.33
N LEU A 1115 46.97 84.73 5.33
CA LEU A 1115 46.66 86.17 5.16
C LEU A 1115 47.95 86.95 4.91
N TYR A 1116 49.11 86.37 5.17
CA TYR A 1116 50.42 87.02 4.91
C TYR A 1116 50.47 87.47 3.45
N TYR A 1117 50.15 86.54 2.56
CA TYR A 1117 50.36 86.67 1.11
C TYR A 1117 49.50 87.81 0.57
N GLU A 1118 48.31 88.02 1.12
CA GLU A 1118 47.41 89.14 0.74
C GLU A 1118 48.02 90.47 1.18
N LEU A 1119 48.47 90.55 2.43
CA LEU A 1119 49.04 91.77 3.02
C LEU A 1119 50.32 92.17 2.28
N ALA A 1120 51.12 91.18 1.86
CA ALA A 1120 52.43 91.38 1.20
C ALA A 1120 52.23 91.94 -0.20
N LYS A 1121 51.20 91.46 -0.89
CA LYS A 1121 50.78 91.91 -2.25
C LYS A 1121 50.50 93.41 -2.21
N ARG A 1122 49.76 93.87 -1.21
CA ARG A 1122 49.28 95.26 -1.08
C ARG A 1122 50.44 96.17 -0.75
N LYS A 1123 51.43 95.69 0.01
CA LYS A 1123 52.61 96.48 0.42
C LYS A 1123 53.43 96.83 -0.81
N GLU A 1124 53.54 95.89 -1.76
CA GLU A 1124 54.33 96.04 -3.00
C GLU A 1124 53.61 97.00 -3.94
N LYS A 1125 52.29 96.85 -4.10
CA LYS A 1125 51.45 97.66 -5.00
C LYS A 1125 51.51 99.13 -4.61
N ASP A 1126 51.49 99.45 -3.32
CA ASP A 1126 51.36 100.83 -2.81
C ASP A 1126 52.72 101.41 -2.44
N GLY A 1127 53.77 100.61 -2.42
CA GLY A 1127 55.15 101.09 -2.17
C GLY A 1127 55.32 101.61 -0.76
N ARG A 1128 54.90 100.84 0.24
CA ARG A 1128 54.95 101.23 1.67
C ARG A 1128 56.27 100.73 2.25
N ASP A 1129 57.22 101.64 2.46
CA ASP A 1129 58.56 101.37 3.03
C ASP A 1129 58.58 101.73 4.51
N ASP A 1130 57.41 102.01 5.09
CA ASP A 1130 57.23 102.38 6.52
C ASP A 1130 56.59 101.23 7.30
N ILE A 1131 56.19 100.14 6.63
CA ILE A 1131 55.54 98.95 7.23
C ILE A 1131 56.48 97.76 7.12
N ALA A 1132 56.47 96.86 8.11
CA ALA A 1132 57.17 95.56 8.14
C ALA A 1132 56.23 94.47 8.64
N ILE A 1133 56.09 93.36 7.91
CA ILE A 1133 55.14 92.26 8.21
C ILE A 1133 55.92 91.05 8.73
N VAL A 1134 55.62 90.59 9.95
CA VAL A 1134 56.35 89.51 10.70
C VAL A 1134 55.38 88.37 10.99
N ARG A 1135 55.78 87.14 10.73
CA ARG A 1135 54.93 85.94 10.76
C ARG A 1135 55.23 85.12 12.01
N ILE A 1136 54.20 84.59 12.67
CA ILE A 1136 54.29 83.70 13.84
C ILE A 1136 53.86 82.31 13.39
N GLU A 1137 54.81 81.38 13.29
CA GLU A 1137 54.63 80.04 12.71
C GLU A 1137 54.22 79.07 13.81
N MET A 1138 54.77 79.22 15.01
CA MET A 1138 54.41 78.42 16.22
C MET A 1138 53.62 79.30 17.18
N LEU A 1139 52.46 78.83 17.63
CA LEU A 1139 51.49 79.57 18.46
C LEU A 1139 51.70 79.25 19.93
N HIS A 1140 51.69 77.97 20.31
CA HIS A 1140 52.01 77.50 21.69
C HIS A 1140 53.11 76.45 21.64
N PRO A 1141 54.21 76.57 22.41
CA PRO A 1141 54.53 77.71 23.26
C PRO A 1141 54.75 79.04 22.54
N ILE A 1142 54.64 80.15 23.24
CA ILE A 1142 54.80 81.51 22.66
C ILE A 1142 56.28 81.75 22.48
N PRO A 1143 56.78 81.95 21.24
CA PRO A 1143 58.17 82.29 21.04
C PRO A 1143 58.49 83.75 21.34
N PHE A 1144 58.58 84.09 22.61
CA PHE A 1144 58.63 85.50 23.06
C PHE A 1144 60.02 86.09 22.85
N ASN A 1145 61.08 85.28 22.89
CA ASN A 1145 62.47 85.76 22.72
C ASN A 1145 62.69 86.17 21.27
N ARG A 1146 62.19 85.38 20.33
CA ARG A 1146 62.32 85.64 18.88
C ARG A 1146 61.48 86.83 18.48
N ILE A 1147 60.29 87.01 19.06
CA ILE A 1147 59.40 88.17 18.79
C ILE A 1147 60.07 89.44 19.30
N SER A 1148 60.76 89.35 20.42
CA SER A 1148 61.46 90.50 21.04
C SER A 1148 62.63 90.93 20.16
N GLU A 1149 63.41 89.96 19.65
CA GLU A 1149 64.58 90.20 18.77
C GLU A 1149 64.14 90.91 17.50
N ALA A 1150 63.02 90.48 16.92
CA ALA A 1150 62.42 91.03 15.68
C ALA A 1150 62.07 92.49 15.88
N LEU A 1151 61.38 92.83 16.96
CA LEU A 1151 60.90 94.20 17.25
C LEU A 1151 62.08 95.10 17.60
N ALA A 1152 63.15 94.55 18.15
CA ALA A 1152 64.38 95.30 18.51
C ALA A 1152 65.08 95.80 17.24
N GLY A 1153 64.94 95.06 16.14
CA GLY A 1153 65.57 95.36 14.85
C GLY A 1153 64.95 96.57 14.16
N TYR A 1154 63.78 97.04 14.62
CA TYR A 1154 63.08 98.24 14.08
C TYR A 1154 62.98 99.29 15.18
N PRO A 1155 64.05 100.06 15.46
CA PRO A 1155 64.08 100.96 16.60
C PRO A 1155 63.24 102.25 16.59
N ASN A 1156 62.60 102.59 15.47
CA ASN A 1156 61.72 103.78 15.38
C ASN A 1156 60.27 103.33 15.16
N ALA A 1157 59.89 102.17 15.68
CA ALA A 1157 58.51 101.63 15.58
C ALA A 1157 57.65 102.28 16.65
N GLU A 1158 56.57 102.95 16.24
CA GLU A 1158 55.64 103.68 17.13
C GLU A 1158 54.48 102.77 17.54
N GLU A 1159 53.99 101.92 16.64
CA GLU A 1159 52.80 101.06 16.92
C GLU A 1159 53.00 99.64 16.41
N VAL A 1160 52.26 98.69 16.98
CA VAL A 1160 52.25 97.24 16.67
C VAL A 1160 50.81 96.79 16.49
N LEU A 1161 50.45 96.27 15.31
CA LEU A 1161 49.09 95.77 15.00
C LEU A 1161 49.12 94.25 14.97
N PHE A 1162 48.07 93.60 15.48
CA PHE A 1162 47.85 92.14 15.40
C PHE A 1162 46.70 91.93 14.44
N VAL A 1163 46.93 91.24 13.31
CA VAL A 1163 45.99 91.15 12.17
C VAL A 1163 45.58 89.71 11.98
N GLN A 1164 44.29 89.38 12.05
CA GLN A 1164 43.78 88.01 11.82
C GLN A 1164 42.51 88.05 11.00
N ASP A 1165 42.19 86.97 10.30
CA ASP A 1165 40.97 86.81 9.48
C ASP A 1165 39.78 86.47 10.34
N GLU A 1166 39.97 85.77 11.46
CA GLU A 1166 38.86 85.21 12.27
C GLU A 1166 38.17 86.33 13.02
N PRO A 1167 36.89 86.16 13.45
CA PRO A 1167 36.22 87.10 14.33
C PRO A 1167 36.95 87.37 15.64
N ALA A 1168 36.62 88.45 16.34
CA ALA A 1168 37.42 88.98 17.48
C ALA A 1168 37.33 88.10 18.72
N ASN A 1169 36.37 87.18 18.80
CA ASN A 1169 36.21 86.24 19.92
C ASN A 1169 36.72 84.86 19.52
N GLN A 1170 37.31 84.73 18.34
CA GLN A 1170 37.84 83.46 17.80
C GLN A 1170 39.28 83.72 17.32
N GLY A 1171 39.99 82.68 16.89
CA GLY A 1171 41.37 82.78 16.38
C GLY A 1171 42.37 82.90 17.52
N PRO A 1172 43.64 83.23 17.25
CA PRO A 1172 44.63 83.45 18.30
C PRO A 1172 44.68 84.75 19.10
N TRP A 1173 43.81 85.72 18.88
CA TRP A 1173 43.89 87.04 19.53
C TRP A 1173 43.60 86.95 21.02
N PRO A 1174 42.53 86.24 21.46
CA PRO A 1174 42.22 86.16 22.88
C PRO A 1174 43.39 85.70 23.75
N PHE A 1175 44.13 84.69 23.28
CA PHE A 1175 45.29 84.07 23.96
C PHE A 1175 46.44 85.04 24.02
N TYR A 1176 46.68 85.78 22.94
CA TYR A 1176 47.89 86.62 22.77
C TYR A 1176 47.72 87.94 23.50
N GLN A 1177 46.51 88.48 23.63
CA GLN A 1177 46.28 89.79 24.30
C GLN A 1177 46.45 89.62 25.81
N GLU A 1178 46.23 88.42 26.32
CA GLU A 1178 46.35 88.07 27.76
C GLU A 1178 47.83 87.91 28.12
N HIS A 1179 48.58 87.13 27.34
CA HIS A 1179 49.89 86.55 27.74
C HIS A 1179 51.08 87.32 27.20
N LEU A 1180 51.00 87.98 26.05
CA LEU A 1180 52.20 88.53 25.37
C LEU A 1180 52.69 89.78 26.06
N PRO A 1181 51.83 90.72 26.51
CA PRO A 1181 52.31 91.93 27.18
C PRO A 1181 53.16 91.71 28.45
N GLU A 1182 52.84 90.69 29.24
CA GLU A 1182 53.58 90.37 30.49
C GLU A 1182 54.93 89.72 30.15
N LEU A 1183 55.08 89.08 28.98
CA LEU A 1183 56.33 88.40 28.55
C LEU A 1183 57.26 89.36 27.82
N ILE A 1184 56.77 90.45 27.25
CA ILE A 1184 57.59 91.51 26.59
C ILE A 1184 57.13 92.86 27.16
N PRO A 1185 57.62 93.27 28.35
CA PRO A 1185 57.21 94.52 28.97
C PRO A 1185 57.35 95.83 28.19
N ASN A 1186 58.44 95.99 27.43
CA ASN A 1186 58.80 97.26 26.75
C ASN A 1186 57.98 97.45 25.46
N MET A 1187 57.28 96.43 24.98
CA MET A 1187 56.45 96.46 23.74
C MET A 1187 55.41 97.56 23.85
N PRO A 1188 55.09 98.30 22.76
CA PRO A 1188 53.92 99.19 22.73
C PRO A 1188 52.59 98.45 22.87
N LYS A 1189 51.50 99.17 23.14
CA LYS A 1189 50.15 98.58 23.30
C LYS A 1189 49.68 98.07 21.94
N MET A 1190 49.28 96.80 21.87
CA MET A 1190 48.82 96.17 20.62
C MET A 1190 47.45 96.73 20.24
N ARG A 1191 47.12 96.70 18.95
CA ARG A 1191 45.86 97.19 18.36
C ARG A 1191 45.33 96.13 17.40
N ARG A 1192 44.17 95.55 17.68
CA ARG A 1192 43.56 94.47 16.91
C ARG A 1192 43.07 95.00 15.58
N VAL A 1193 43.16 94.20 14.52
CA VAL A 1193 42.49 94.39 13.22
C VAL A 1193 41.96 93.03 12.79
N SER A 1194 40.66 92.82 12.87
CA SER A 1194 39.99 91.53 12.57
C SER A 1194 38.57 91.75 12.12
N ARG A 1195 37.87 90.68 11.80
CA ARG A 1195 36.41 90.67 11.61
C ARG A 1195 35.72 90.88 12.97
N ARG A 1196 34.49 91.38 12.94
CA ARG A 1196 33.61 91.67 14.11
C ARG A 1196 33.30 90.37 14.86
N ALA A 1197 33.09 90.44 16.17
CA ALA A 1197 32.74 89.29 17.04
C ALA A 1197 31.37 88.76 16.68
N GLN A 1198 31.20 87.44 16.60
CA GLN A 1198 29.90 86.85 16.24
C GLN A 1198 29.76 85.42 16.77
N SER A 1199 28.54 84.92 16.75
CA SER A 1199 28.10 83.65 17.40
C SER A 1199 28.31 82.47 16.48
N SER A 1200 28.30 82.67 15.17
CA SER A 1200 28.69 81.68 14.15
C SER A 1200 30.16 81.91 13.79
N THR A 1201 30.69 81.07 12.90
CA THR A 1201 32.10 81.06 12.46
C THR A 1201 32.29 82.06 11.33
N ALA A 1202 31.44 82.01 10.30
CA ALA A 1202 31.55 82.79 9.06
C ALA A 1202 30.21 82.93 8.36
N THR A 1203 30.08 83.94 7.50
CA THR A 1203 28.89 84.20 6.63
C THR A 1203 28.67 83.06 5.66
N GLY A 1204 27.48 82.98 5.07
CA GLY A 1204 27.12 81.99 4.06
C GLY A 1204 26.82 82.60 2.71
N VAL A 1205 26.96 83.92 2.59
CA VAL A 1205 26.82 84.71 1.33
C VAL A 1205 28.22 85.09 0.86
N ALA A 1206 28.58 84.73 -0.36
CA ALA A 1206 29.94 84.85 -0.93
C ALA A 1206 30.28 86.31 -1.24
N LYS A 1207 29.30 87.14 -1.58
CA LYS A 1207 29.56 88.57 -1.89
C LYS A 1207 29.87 89.31 -0.60
N VAL A 1208 29.32 88.89 0.52
CA VAL A 1208 29.54 89.53 1.85
C VAL A 1208 30.97 89.23 2.31
N HIS A 1209 31.46 88.02 2.05
CA HIS A 1209 32.84 87.57 2.36
C HIS A 1209 33.84 88.47 1.66
N GLN A 1210 33.61 88.79 0.40
CA GLN A 1210 34.57 89.56 -0.42
C GLN A 1210 34.60 91.00 0.06
N LEU A 1211 33.48 91.52 0.55
CA LEU A 1211 33.38 92.91 1.02
C LEU A 1211 34.08 93.06 2.37
N GLU A 1212 33.92 92.07 3.25
CA GLU A 1212 34.57 91.99 4.59
C GLU A 1212 36.09 92.00 4.43
N GLU A 1213 36.61 91.20 3.49
CA GLU A 1213 38.07 91.03 3.28
C GLU A 1213 38.68 92.34 2.81
N LYS A 1214 38.01 93.07 1.93
CA LYS A 1214 38.46 94.38 1.42
C LYS A 1214 38.56 95.37 2.58
N GLN A 1215 37.56 95.37 3.46
CA GLN A 1215 37.43 96.29 4.61
C GLN A 1215 38.55 96.05 5.62
N LEU A 1216 38.94 94.79 5.80
CA LEU A 1216 39.97 94.30 6.76
C LEU A 1216 41.34 94.85 6.36
N ILE A 1217 41.69 94.72 5.08
CA ILE A 1217 43.03 95.10 4.55
C ILE A 1217 43.12 96.61 4.47
N ASP A 1218 42.03 97.31 4.17
CA ASP A 1218 42.01 98.79 4.12
C ASP A 1218 42.26 99.34 5.52
N GLU A 1219 41.68 98.72 6.54
CA GLU A 1219 41.79 99.15 7.96
C GLU A 1219 43.24 99.05 8.42
N ALA A 1220 43.95 98.01 7.97
CA ALA A 1220 45.34 97.69 8.33
C ALA A 1220 46.29 98.77 7.84
N PHE A 1221 46.07 99.26 6.62
CA PHE A 1221 46.98 100.21 5.93
C PHE A 1221 46.53 101.65 6.15
N GLU A 1222 45.32 101.89 6.68
CA GLU A 1222 44.77 103.24 6.94
C GLU A 1222 45.74 104.01 7.83
N ALA A 1223 46.06 105.25 7.45
CA ALA A 1223 46.96 106.16 8.21
C ALA A 1223 46.17 106.80 9.36
N PRO B 104 0.41 12.90 -67.39
CA PRO B 104 1.21 11.75 -67.84
C PRO B 104 2.09 12.07 -69.06
N GLY B 105 3.18 11.30 -69.22
CA GLY B 105 4.11 11.37 -70.36
C GLY B 105 5.52 11.73 -69.93
N GLN B 106 6.30 12.29 -70.86
CA GLN B 106 7.72 12.65 -70.71
C GLN B 106 7.86 14.16 -70.84
N THR B 107 8.64 14.79 -69.97
CA THR B 107 8.94 16.24 -70.00
C THR B 107 10.42 16.46 -69.68
N PRO B 108 11.18 17.16 -70.54
CA PRO B 108 12.53 17.58 -70.21
C PRO B 108 12.65 18.37 -68.90
N ILE B 109 13.75 18.13 -68.17
CA ILE B 109 14.08 18.82 -66.90
C ILE B 109 14.81 20.10 -67.26
N ARG B 110 14.40 21.23 -66.67
CA ARG B 110 14.89 22.58 -67.02
C ARG B 110 15.08 23.40 -65.75
N GLY B 111 16.06 24.31 -65.76
CA GLY B 111 16.23 25.36 -64.75
C GLY B 111 17.03 24.87 -63.55
N ILE B 112 16.59 25.23 -62.35
CA ILE B 112 17.24 24.87 -61.06
C ILE B 112 17.18 23.36 -60.84
N PHE B 113 16.13 22.71 -61.35
CA PHE B 113 15.91 21.26 -61.23
C PHE B 113 16.93 20.49 -62.07
N LYS B 114 17.37 21.07 -63.18
CA LYS B 114 18.42 20.46 -64.05
C LYS B 114 19.77 20.54 -63.34
N SER B 115 20.04 21.62 -62.62
CA SER B 115 21.29 21.84 -61.86
C SER B 115 21.40 20.84 -60.71
N ILE B 116 20.30 20.61 -59.97
CA ILE B 116 20.23 19.64 -58.86
C ILE B 116 20.55 18.24 -59.41
N ALA B 117 19.96 17.87 -60.53
CA ALA B 117 20.13 16.56 -61.18
C ALA B 117 21.59 16.33 -61.57
N LYS B 118 22.28 17.34 -62.09
CA LYS B 118 23.68 17.20 -62.55
C LYS B 118 24.63 17.02 -61.37
N ASN B 119 24.36 17.70 -60.25
CA ASN B 119 25.23 17.66 -59.05
C ASN B 119 25.11 16.30 -58.37
N MET B 120 23.92 15.68 -58.39
CA MET B 120 23.68 14.35 -57.79
C MET B 120 24.36 13.26 -58.64
N ASP B 121 24.55 13.47 -59.93
CA ASP B 121 25.31 12.55 -60.80
C ASP B 121 26.80 12.62 -60.48
N ILE B 122 27.33 13.81 -60.18
CA ILE B 122 28.77 14.03 -59.83
C ILE B 122 29.05 13.41 -58.47
N SER B 123 28.08 13.38 -57.57
CA SER B 123 28.21 12.87 -56.18
C SER B 123 28.55 11.38 -56.16
N LEU B 124 28.28 10.65 -57.24
CA LEU B 124 28.52 9.20 -57.35
C LEU B 124 30.02 8.88 -57.27
N GLU B 125 30.91 9.86 -57.43
CA GLU B 125 32.37 9.62 -57.41
C GLU B 125 32.97 9.88 -56.02
N ILE B 126 32.16 9.94 -54.95
CA ILE B 126 32.62 10.09 -53.54
C ILE B 126 32.27 8.82 -52.79
N PRO B 127 33.25 8.06 -52.23
CA PRO B 127 32.95 6.93 -51.37
C PRO B 127 32.66 7.30 -49.91
N THR B 128 31.45 7.04 -49.43
CA THR B 128 30.92 7.57 -48.15
C THR B 128 30.61 6.43 -47.17
N ALA B 129 30.60 6.77 -45.88
CA ALA B 129 30.17 5.91 -44.75
C ALA B 129 29.44 6.78 -43.73
N THR B 130 28.49 6.22 -42.97
CA THR B 130 27.67 6.97 -41.98
C THR B 130 27.78 6.33 -40.59
N SER B 131 27.78 7.18 -39.55
CA SER B 131 27.69 6.84 -38.11
C SER B 131 26.40 7.41 -37.54
N VAL B 132 25.78 6.73 -36.57
CA VAL B 132 24.47 7.10 -35.96
C VAL B 132 24.63 7.04 -34.44
N ARG B 133 24.15 8.05 -33.70
CA ARG B 133 24.20 8.11 -32.22
C ARG B 133 22.95 8.80 -31.68
N ASP B 134 22.37 8.27 -30.60
CA ASP B 134 21.17 8.80 -29.90
C ASP B 134 21.59 9.43 -28.57
N MET B 135 21.04 10.60 -28.24
CA MET B 135 21.50 11.50 -27.16
C MET B 135 20.31 11.93 -26.32
N PRO B 136 20.42 12.01 -24.97
CA PRO B 136 19.36 12.59 -24.13
C PRO B 136 19.05 14.06 -24.47
N ALA B 137 17.79 14.47 -24.38
CA ALA B 137 17.32 15.80 -24.82
C ALA B 137 16.65 16.62 -23.70
N ARG B 138 16.47 16.09 -22.50
CA ARG B 138 15.66 16.71 -21.41
C ARG B 138 16.22 18.08 -21.02
N LEU B 139 17.53 18.17 -20.85
CA LEU B 139 18.20 19.39 -20.37
C LEU B 139 18.12 20.51 -21.41
N MET B 140 18.02 20.17 -22.70
CA MET B 140 17.79 21.17 -23.77
C MET B 140 16.42 21.80 -23.57
N PHE B 141 15.39 20.97 -23.41
CA PHE B 141 14.00 21.43 -23.24
C PHE B 141 13.92 22.40 -22.05
N GLU B 142 14.59 22.09 -20.94
CA GLU B 142 14.50 22.88 -19.69
C GLU B 142 15.23 24.20 -19.85
N ASN B 143 16.48 24.16 -20.29
CA ASN B 143 17.34 25.36 -20.35
C ASN B 143 16.92 26.28 -21.49
N ARG B 144 16.28 25.78 -22.53
CA ARG B 144 15.75 26.62 -23.63
C ARG B 144 14.58 27.44 -23.12
N ALA B 145 13.76 26.86 -22.25
CA ALA B 145 12.58 27.52 -21.65
C ALA B 145 13.02 28.70 -20.79
N MET B 146 14.14 28.56 -20.08
CA MET B 146 14.68 29.63 -19.21
C MET B 146 15.17 30.82 -20.05
N VAL B 147 15.78 30.58 -21.22
CA VAL B 147 16.28 31.68 -22.10
C VAL B 147 15.11 32.40 -22.72
N ASN B 148 14.07 31.68 -23.13
CA ASN B 148 12.91 32.29 -23.83
C ASN B 148 12.04 33.04 -22.83
N ASP B 149 12.10 32.70 -21.54
CA ASP B 149 11.39 33.42 -20.44
C ASP B 149 12.04 34.79 -20.24
N GLN B 150 13.38 34.86 -20.28
CA GLN B 150 14.17 36.10 -20.15
C GLN B 150 13.92 37.02 -21.33
N LEU B 151 13.79 36.47 -22.54
CA LEU B 151 13.66 37.28 -23.78
C LEU B 151 12.26 37.92 -23.85
N LYS B 152 11.21 37.28 -23.34
CA LYS B 152 9.84 37.86 -23.39
C LYS B 152 9.69 38.97 -22.35
N ARG B 153 10.57 39.06 -21.36
CA ARG B 153 10.66 40.20 -20.41
C ARG B 153 11.24 41.43 -21.13
N THR B 154 12.23 41.23 -22.01
CA THR B 154 12.97 42.30 -22.71
C THR B 154 12.47 42.49 -24.15
N ARG B 155 11.28 41.99 -24.47
CA ARG B 155 10.65 42.03 -25.83
C ARG B 155 11.69 41.68 -26.89
N GLY B 156 12.48 40.63 -26.68
CA GLY B 156 13.29 39.96 -27.71
C GLY B 156 12.46 38.93 -28.43
N GLY B 157 13.10 38.00 -29.15
CA GLY B 157 12.43 36.91 -29.89
C GLY B 157 12.46 35.60 -29.12
N LYS B 158 12.51 34.49 -29.85
CA LYS B 158 12.75 33.11 -29.34
C LYS B 158 14.08 32.62 -29.89
N ILE B 159 14.68 31.62 -29.25
CA ILE B 159 15.72 30.74 -29.84
C ILE B 159 15.11 29.36 -30.08
N SER B 160 15.60 28.65 -31.09
CA SER B 160 15.15 27.31 -31.56
C SER B 160 16.14 26.24 -31.14
N PHE B 161 15.79 24.97 -31.33
CA PHE B 161 16.67 23.79 -31.08
C PHE B 161 17.79 23.75 -32.13
N THR B 162 17.51 24.20 -33.34
CA THR B 162 18.47 24.23 -34.47
C THR B 162 19.60 25.24 -34.19
N HIS B 163 19.30 26.33 -33.48
CA HIS B 163 20.31 27.33 -33.04
C HIS B 163 21.30 26.69 -32.08
N ILE B 164 20.81 25.96 -31.08
CA ILE B 164 21.61 25.36 -29.98
C ILE B 164 22.48 24.24 -30.56
N ILE B 165 21.90 23.34 -31.34
CA ILE B 165 22.61 22.16 -31.92
C ILE B 165 23.63 22.66 -32.93
N GLY B 166 23.28 23.71 -33.69
CA GLY B 166 24.18 24.36 -34.66
C GLY B 166 25.43 24.89 -34.00
N TYR B 167 25.30 25.53 -32.84
CA TYR B 167 26.43 26.15 -32.10
C TYR B 167 27.31 25.06 -31.51
N ALA B 168 26.72 23.98 -31.01
CA ALA B 168 27.42 22.79 -30.46
C ALA B 168 28.25 22.12 -31.56
N MET B 169 27.73 22.09 -32.79
CA MET B 169 28.39 21.52 -33.98
C MET B 169 29.68 22.29 -34.28
N VAL B 170 29.66 23.62 -34.18
CA VAL B 170 30.84 24.49 -34.45
C VAL B 170 31.92 24.19 -33.40
N LYS B 171 31.54 24.07 -32.13
CA LYS B 171 32.48 23.79 -31.02
C LYS B 171 33.13 22.42 -31.21
N ALA B 172 32.40 21.45 -31.75
CA ALA B 172 32.87 20.07 -31.99
C ALA B 172 33.90 20.02 -33.13
N VAL B 173 33.69 20.81 -34.18
CA VAL B 173 34.59 20.86 -35.37
C VAL B 173 35.91 21.52 -34.97
N MET B 174 35.88 22.44 -34.01
CA MET B 174 37.10 23.09 -33.47
C MET B 174 37.90 22.10 -32.63
N ALA B 175 37.24 21.16 -31.95
CA ALA B 175 37.87 20.12 -31.11
C ALA B 175 38.44 18.99 -31.98
N HIS B 176 37.88 18.80 -33.18
CA HIS B 176 38.24 17.72 -34.14
C HIS B 176 38.34 18.31 -35.53
N PRO B 177 39.43 19.03 -35.87
CA PRO B 177 39.52 19.78 -37.13
C PRO B 177 39.61 18.97 -38.42
N ASP B 178 39.88 17.66 -38.35
CA ASP B 178 39.92 16.75 -39.51
C ASP B 178 38.56 16.72 -40.22
N MET B 179 37.48 16.98 -39.49
CA MET B 179 36.09 16.96 -40.00
C MET B 179 35.83 18.10 -40.97
N ASN B 180 36.74 19.07 -41.11
CA ASN B 180 36.56 20.27 -41.99
C ASN B 180 37.38 20.15 -43.28
N ASN B 181 38.03 19.01 -43.53
CA ASN B 181 38.94 18.80 -44.70
C ASN B 181 38.16 18.14 -45.84
N SER B 182 38.70 18.21 -47.07
CA SER B 182 38.11 17.65 -48.32
C SER B 182 39.20 17.07 -49.23
N TYR B 183 38.80 16.45 -50.35
CA TYR B 183 39.67 15.75 -51.33
C TYR B 183 39.52 16.41 -52.70
N ASP B 184 40.59 16.48 -53.49
CA ASP B 184 40.55 16.93 -54.91
C ASP B 184 41.76 16.35 -55.65
N VAL B 185 41.66 16.21 -56.96
CA VAL B 185 42.78 15.81 -57.86
C VAL B 185 43.26 17.04 -58.60
N ILE B 186 44.48 17.50 -58.28
CA ILE B 186 45.09 18.79 -58.75
C ILE B 186 46.38 18.48 -59.48
N ASP B 187 46.43 18.73 -60.78
CA ASP B 187 47.58 18.42 -61.65
C ASP B 187 47.79 16.91 -61.66
N GLY B 188 46.71 16.15 -61.62
CA GLY B 188 46.73 14.69 -61.68
C GLY B 188 47.24 14.00 -60.44
N LYS B 189 47.44 14.67 -59.32
CA LYS B 189 47.85 14.00 -58.07
C LYS B 189 46.75 14.14 -57.02
N PRO B 190 46.46 13.11 -56.20
CA PRO B 190 45.66 13.25 -55.00
C PRO B 190 46.10 14.29 -53.97
N THR B 191 45.16 15.03 -53.39
CA THR B 191 45.43 16.22 -52.56
C THR B 191 44.45 16.31 -51.39
N LEU B 192 44.94 16.75 -50.22
CA LEU B 192 44.12 17.09 -49.03
C LEU B 192 44.03 18.59 -48.94
N ILE B 193 42.81 19.13 -48.84
CA ILE B 193 42.52 20.59 -48.79
C ILE B 193 42.10 20.95 -47.37
N VAL B 194 42.87 21.82 -46.72
CA VAL B 194 42.63 22.34 -45.35
C VAL B 194 42.19 23.79 -45.46
N PRO B 195 40.89 24.13 -45.28
CA PRO B 195 40.45 25.52 -45.37
C PRO B 195 40.96 26.46 -44.27
N GLU B 196 40.70 27.75 -44.43
CA GLU B 196 41.08 28.83 -43.49
C GLU B 196 39.99 29.03 -42.44
N HIS B 197 38.71 28.86 -42.83
CA HIS B 197 37.54 29.13 -41.97
C HIS B 197 36.61 27.92 -41.90
N ILE B 198 35.76 27.87 -40.88
CA ILE B 198 34.56 27.00 -40.78
C ILE B 198 33.37 27.80 -41.30
N ASN B 199 32.87 27.49 -42.49
CA ASN B 199 31.70 28.12 -43.13
C ASN B 199 30.55 27.12 -43.14
N LEU B 200 29.50 27.35 -42.33
CA LEU B 200 28.43 26.37 -42.04
C LEU B 200 27.26 26.63 -42.97
N GLY B 201 26.85 25.63 -43.75
CA GLY B 201 25.74 25.70 -44.71
C GLY B 201 24.44 25.26 -44.07
N LEU B 202 23.39 26.08 -44.20
CA LEU B 202 22.01 25.79 -43.76
C LEU B 202 21.18 25.38 -44.97
N ALA B 203 20.29 24.41 -44.79
CA ALA B 203 19.32 23.95 -45.81
C ALA B 203 18.07 24.83 -45.74
N ILE B 204 18.02 25.88 -46.58
CA ILE B 204 16.89 26.86 -46.69
C ILE B 204 16.05 26.47 -47.92
N ASP B 205 14.75 26.21 -47.71
CA ASP B 205 13.78 25.86 -48.79
C ASP B 205 12.98 27.13 -49.16
N LEU B 206 13.15 27.62 -50.40
CA LEU B 206 12.45 28.82 -50.94
C LEU B 206 11.59 28.39 -52.13
N PRO B 207 10.25 28.59 -52.10
CA PRO B 207 9.40 28.38 -53.27
C PRO B 207 9.74 29.29 -54.45
N GLN B 208 9.58 28.78 -55.68
CA GLN B 208 9.83 29.50 -56.96
C GLN B 208 8.55 30.26 -57.37
N LYS B 209 8.61 31.01 -58.48
CA LYS B 209 7.49 31.81 -59.04
C LYS B 209 6.34 30.88 -59.49
N ASP B 210 6.67 29.72 -60.06
CA ASP B 210 5.71 28.70 -60.55
C ASP B 210 4.91 28.12 -59.37
N GLY B 211 5.60 27.76 -58.28
CA GLY B 211 5.01 27.14 -57.07
C GLY B 211 5.84 25.98 -56.53
N SER B 212 6.60 25.30 -57.40
CA SER B 212 7.45 24.13 -57.07
C SER B 212 8.56 24.53 -56.09
N ARG B 213 8.73 23.75 -55.01
CA ARG B 213 9.77 23.96 -53.97
C ARG B 213 11.13 23.53 -54.52
N ALA B 214 12.20 24.25 -54.15
CA ALA B 214 13.60 23.99 -54.56
C ALA B 214 14.56 24.42 -53.44
N LEU B 215 15.18 23.44 -52.78
CA LEU B 215 16.15 23.66 -51.67
C LEU B 215 17.48 24.16 -52.25
N VAL B 216 18.11 25.13 -51.58
CA VAL B 216 19.48 25.64 -51.89
C VAL B 216 20.19 25.94 -50.56
N VAL B 217 21.51 25.78 -50.51
CA VAL B 217 22.33 25.88 -49.26
C VAL B 217 23.07 27.23 -49.24
N ALA B 218 22.75 28.07 -48.26
CA ALA B 218 23.42 29.36 -47.94
C ALA B 218 24.37 29.17 -46.77
N ALA B 219 25.38 30.01 -46.64
CA ALA B 219 26.53 29.83 -45.72
C ALA B 219 26.62 30.96 -44.69
N ILE B 220 26.76 30.61 -43.41
CA ILE B 220 27.20 31.48 -42.30
C ILE B 220 28.72 31.41 -42.27
N LYS B 221 29.43 32.51 -42.57
CA LYS B 221 30.89 32.51 -42.83
C LYS B 221 31.65 32.94 -41.57
N GLU B 222 32.85 32.39 -41.39
CA GLU B 222 33.84 32.71 -40.32
C GLU B 222 33.20 32.48 -38.95
N THR B 223 32.81 31.24 -38.67
CA THR B 223 31.99 30.84 -37.50
C THR B 223 32.91 30.53 -36.32
N GLU B 224 34.21 30.34 -36.55
CA GLU B 224 35.18 29.94 -35.51
C GLU B 224 35.63 31.15 -34.67
N LYS B 225 35.10 32.35 -34.97
CA LYS B 225 35.45 33.62 -34.29
C LYS B 225 34.23 34.23 -33.60
N MET B 226 33.17 33.43 -33.37
CA MET B 226 31.87 33.94 -32.87
C MET B 226 31.55 33.34 -31.49
N ASN B 227 30.90 34.13 -30.63
CA ASN B 227 30.20 33.65 -29.40
C ASN B 227 28.74 33.41 -29.77
N PHE B 228 27.91 32.96 -28.83
CA PHE B 228 26.54 32.49 -29.12
C PHE B 228 25.69 33.64 -29.64
N SER B 229 25.86 34.84 -29.08
CA SER B 229 25.09 36.06 -29.43
C SER B 229 25.38 36.45 -30.88
N GLU B 230 26.67 36.46 -31.25
CA GLU B 230 27.15 36.76 -32.60
C GLU B 230 26.62 35.72 -33.59
N PHE B 231 26.65 34.43 -33.21
CA PHE B 231 26.20 33.28 -34.02
C PHE B 231 24.71 33.40 -34.32
N LEU B 232 23.91 33.78 -33.33
CA LEU B 232 22.44 33.88 -33.43
C LEU B 232 22.07 35.00 -34.41
N ALA B 233 22.80 36.11 -34.36
CA ALA B 233 22.61 37.28 -35.24
C ALA B 233 22.88 36.91 -36.69
N ALA B 234 24.03 36.27 -36.95
CA ALA B 234 24.48 35.82 -38.28
C ALA B 234 23.47 34.87 -38.92
N TYR B 235 22.94 33.94 -38.13
CA TYR B 235 21.95 32.92 -38.55
C TYR B 235 20.70 33.63 -39.04
N GLU B 236 20.14 34.51 -38.21
CA GLU B 236 18.84 35.20 -38.45
C GLU B 236 18.96 36.20 -39.60
N ASP B 237 20.17 36.67 -39.91
CA ASP B 237 20.45 37.51 -41.11
C ASP B 237 20.14 36.72 -42.37
N ILE B 238 20.68 35.50 -42.51
CA ILE B 238 20.53 34.63 -43.71
C ILE B 238 19.06 34.28 -43.90
N VAL B 239 18.36 33.95 -42.81
CA VAL B 239 16.93 33.52 -42.86
C VAL B 239 16.06 34.70 -43.26
N ALA B 240 16.37 35.90 -42.77
CA ALA B 240 15.64 37.16 -43.05
C ALA B 240 15.74 37.49 -44.54
N ARG B 241 16.96 37.58 -45.06
CA ARG B 241 17.23 38.00 -46.45
C ARG B 241 16.64 37.01 -47.44
N SER B 242 16.61 35.72 -47.11
CA SER B 242 16.04 34.65 -47.97
C SER B 242 14.54 34.87 -48.15
N ARG B 243 13.84 35.32 -47.10
CA ARG B 243 12.37 35.47 -47.10
C ARG B 243 11.95 36.71 -47.89
N LYS B 244 12.87 37.64 -48.18
CA LYS B 244 12.59 38.88 -48.96
C LYS B 244 13.49 38.98 -50.19
N GLY B 245 14.07 37.86 -50.63
CA GLY B 245 14.82 37.72 -51.89
C GLY B 245 15.95 38.72 -52.03
N LYS B 246 16.93 38.69 -51.15
CA LYS B 246 18.10 39.60 -51.17
C LYS B 246 19.39 38.84 -50.84
N LEU B 247 19.51 37.58 -51.26
CA LEU B 247 20.77 36.80 -51.20
C LEU B 247 21.52 37.02 -52.51
N THR B 248 22.85 37.09 -52.45
CA THR B 248 23.76 37.35 -53.58
C THR B 248 24.50 36.06 -53.94
N MET B 249 25.35 36.11 -54.95
CA MET B 249 26.12 34.95 -55.46
C MET B 249 27.14 34.52 -54.40
N ASP B 250 27.68 35.45 -53.63
CA ASP B 250 28.76 35.19 -52.64
C ASP B 250 28.20 34.40 -51.45
N ASP B 251 26.89 34.51 -51.19
CA ASP B 251 26.21 33.81 -50.06
C ASP B 251 26.18 32.30 -50.30
N TYR B 252 26.22 31.86 -51.56
CA TYR B 252 26.10 30.44 -51.96
C TYR B 252 27.47 29.79 -52.21
N GLN B 253 28.59 30.48 -52.01
CA GLN B 253 29.94 29.96 -52.34
C GLN B 253 30.76 29.79 -51.06
N GLY B 254 31.53 28.72 -50.96
CA GLY B 254 32.61 28.54 -49.97
C GLY B 254 32.24 27.70 -48.77
N VAL B 255 31.21 26.84 -48.86
CA VAL B 255 30.73 26.00 -47.72
C VAL B 255 31.75 24.91 -47.43
N THR B 256 32.10 24.69 -46.17
CA THR B 256 33.07 23.67 -45.71
C THR B 256 32.33 22.47 -45.08
N VAL B 257 31.29 22.71 -44.30
CA VAL B 257 30.49 21.67 -43.59
C VAL B 257 29.03 22.09 -43.60
N SER B 258 28.09 21.13 -43.54
CA SER B 258 26.63 21.35 -43.74
C SER B 258 25.80 20.72 -42.62
N LEU B 259 24.59 21.24 -42.40
CA LEU B 259 23.60 20.79 -41.39
C LEU B 259 22.22 20.68 -42.04
N THR B 260 21.53 19.55 -41.85
CA THR B 260 20.15 19.29 -42.36
C THR B 260 19.27 18.84 -41.20
N ASN B 261 17.96 19.07 -41.29
CA ASN B 261 16.98 18.77 -40.22
C ASN B 261 15.78 18.01 -40.78
N PRO B 262 15.89 16.69 -41.02
CA PRO B 262 14.73 15.85 -41.27
C PRO B 262 13.69 15.73 -40.14
N GLY B 263 14.10 16.00 -38.91
CA GLY B 263 13.27 15.85 -37.70
C GLY B 263 12.09 16.80 -37.67
N GLY B 264 12.14 17.92 -38.40
CA GLY B 264 11.03 18.87 -38.55
C GLY B 264 9.72 18.18 -38.85
N ILE B 265 9.68 17.35 -39.89
CA ILE B 265 8.47 16.61 -40.34
C ILE B 265 8.19 15.48 -39.34
N GLY B 266 9.21 14.87 -38.76
CA GLY B 266 9.07 13.79 -37.75
C GLY B 266 9.81 12.51 -38.11
N THR B 267 10.73 12.55 -39.09
CA THR B 267 11.61 11.42 -39.46
C THR B 267 12.54 11.12 -38.30
N ARG B 268 12.86 9.85 -38.04
CA ARG B 268 13.66 9.43 -36.87
C ARG B 268 15.14 9.58 -37.19
N HIS B 269 15.60 9.14 -38.36
CA HIS B 269 16.93 9.47 -38.91
C HIS B 269 16.97 9.22 -40.41
N SER B 270 18.01 9.73 -41.09
CA SER B 270 18.24 9.64 -42.55
C SER B 270 19.69 9.26 -42.85
N VAL B 271 19.93 8.76 -44.06
CA VAL B 271 21.29 8.54 -44.64
C VAL B 271 21.40 9.43 -45.87
N PRO B 272 21.78 10.72 -45.72
CA PRO B 272 21.81 11.66 -46.84
C PRO B 272 23.05 11.58 -47.73
N ARG B 273 23.00 12.25 -48.88
CA ARG B 273 24.12 12.32 -49.86
C ARG B 273 25.03 13.51 -49.57
N LEU B 274 26.30 13.37 -49.94
CA LEU B 274 27.39 14.35 -49.72
C LEU B 274 27.76 14.94 -51.07
N THR B 275 27.66 16.26 -51.20
CA THR B 275 28.00 17.04 -52.42
C THR B 275 29.51 17.26 -52.48
N LYS B 276 30.05 17.35 -53.69
CA LYS B 276 31.50 17.51 -53.99
C LYS B 276 31.98 18.85 -53.44
N GLY B 277 33.15 18.87 -52.82
CA GLY B 277 33.76 20.07 -52.22
C GLY B 277 33.88 19.99 -50.72
N GLN B 278 33.03 19.20 -50.06
CA GLN B 278 32.93 19.09 -48.58
C GLN B 278 33.41 17.72 -48.12
N GLY B 279 33.56 17.55 -46.81
CA GLY B 279 34.05 16.32 -46.16
C GLY B 279 33.00 15.62 -45.32
N THR B 280 32.08 16.36 -44.68
CA THR B 280 30.98 15.77 -43.88
C THR B 280 29.69 16.58 -44.03
N ILE B 281 28.57 15.91 -43.77
CA ILE B 281 27.20 16.48 -43.62
C ILE B 281 26.58 15.87 -42.36
N ILE B 282 26.02 16.70 -41.47
CA ILE B 282 25.39 16.30 -40.17
C ILE B 282 23.87 16.42 -40.30
N GLY B 283 23.12 15.43 -39.82
CA GLY B 283 21.65 15.39 -39.86
C GLY B 283 21.06 15.25 -38.47
N VAL B 284 19.97 15.97 -38.19
CA VAL B 284 19.27 16.04 -36.88
C VAL B 284 17.86 15.48 -37.05
N GLY B 285 17.53 14.42 -36.32
CA GLY B 285 16.24 13.70 -36.39
C GLY B 285 15.25 14.21 -35.37
N SER B 286 14.17 13.47 -35.14
CA SER B 286 12.98 13.90 -34.36
C SER B 286 13.29 13.91 -32.87
N MET B 287 12.65 14.82 -32.12
CA MET B 287 12.79 14.96 -30.65
C MET B 287 11.47 14.55 -29.98
N ASP B 288 10.97 13.37 -30.30
CA ASP B 288 9.75 12.78 -29.69
C ASP B 288 10.16 11.64 -28.77
N TYR B 289 9.19 11.05 -28.08
CA TYR B 289 9.34 9.77 -27.36
C TYR B 289 9.45 8.68 -28.40
N PRO B 290 10.10 7.54 -28.12
CA PRO B 290 10.00 6.36 -28.98
C PRO B 290 8.55 5.88 -29.18
N ALA B 291 8.32 5.15 -30.26
CA ALA B 291 6.96 4.73 -30.70
C ALA B 291 6.33 3.77 -29.70
N GLU B 292 7.13 3.03 -28.92
CA GLU B 292 6.65 2.06 -27.90
C GLU B 292 6.07 2.77 -26.67
N PHE B 293 6.25 4.09 -26.52
CA PHE B 293 5.76 4.90 -25.38
C PHE B 293 4.71 5.92 -25.82
N GLN B 294 4.29 5.94 -27.08
CA GLN B 294 3.44 7.04 -27.62
C GLN B 294 1.97 6.89 -27.24
N GLY B 295 1.59 5.84 -26.49
CA GLY B 295 0.22 5.64 -25.99
C GLY B 295 0.15 5.49 -24.49
N ALA B 296 1.22 5.83 -23.77
CA ALA B 296 1.31 5.72 -22.30
C ALA B 296 0.83 7.02 -21.66
N SER B 297 0.45 6.93 -20.38
CA SER B 297 0.00 8.07 -19.54
C SER B 297 1.18 8.97 -19.21
N GLU B 298 0.94 10.26 -19.01
CA GLU B 298 1.94 11.24 -18.55
C GLU B 298 2.37 10.89 -17.13
N ASP B 299 1.44 10.35 -16.33
CA ASP B 299 1.65 9.99 -14.91
C ASP B 299 2.66 8.84 -14.80
N ARG B 300 2.46 7.78 -15.59
CA ARG B 300 3.30 6.55 -15.55
C ARG B 300 4.70 6.85 -16.06
N LEU B 301 4.82 7.68 -17.10
CA LEU B 301 6.13 8.07 -17.69
C LEU B 301 6.92 8.91 -16.67
N ALA B 302 6.23 9.83 -15.98
CA ALA B 302 6.80 10.71 -14.93
C ALA B 302 7.33 9.88 -13.75
N GLU B 303 6.62 8.82 -13.37
CA GLU B 303 7.00 7.93 -12.26
C GLU B 303 8.33 7.25 -12.57
N LEU B 304 8.47 6.69 -13.78
CA LEU B 304 9.62 5.86 -14.20
C LEU B 304 10.85 6.73 -14.41
N GLY B 305 10.69 7.88 -15.06
CA GLY B 305 11.77 8.82 -15.38
C GLY B 305 12.25 8.70 -16.81
N VAL B 306 11.31 8.65 -17.75
CA VAL B 306 11.56 8.44 -19.21
C VAL B 306 11.69 9.81 -19.86
N GLY B 307 12.80 10.05 -20.54
CA GLY B 307 13.07 11.31 -21.24
C GLY B 307 12.90 11.18 -22.73
N LYS B 308 12.91 12.32 -23.43
CA LYS B 308 12.92 12.41 -24.91
C LYS B 308 14.37 12.36 -25.37
N LEU B 309 14.59 11.91 -26.61
CA LEU B 309 15.94 11.73 -27.21
C LEU B 309 15.98 12.42 -28.58
N VAL B 310 17.18 12.73 -29.06
CA VAL B 310 17.47 13.19 -30.44
C VAL B 310 18.55 12.29 -31.03
N THR B 311 18.39 11.86 -32.28
CA THR B 311 19.36 11.02 -33.04
C THR B 311 20.10 11.92 -34.02
N ILE B 312 21.43 11.85 -34.03
CA ILE B 312 22.32 12.67 -34.90
C ILE B 312 23.19 11.72 -35.74
N THR B 313 23.34 12.03 -37.03
CA THR B 313 24.09 11.24 -38.02
C THR B 313 25.27 12.04 -38.57
N SER B 314 26.31 11.34 -39.03
CA SER B 314 27.51 11.89 -39.69
C SER B 314 27.81 11.07 -40.94
N THR B 315 27.76 11.68 -42.14
CA THR B 315 28.10 11.06 -43.44
C THR B 315 29.36 11.73 -43.98
N TYR B 316 30.44 10.98 -44.19
CA TYR B 316 31.81 11.51 -44.43
C TYR B 316 32.47 10.83 -45.62
N ASP B 317 33.44 11.50 -46.24
CA ASP B 317 34.31 11.00 -47.33
C ASP B 317 35.44 10.17 -46.73
N HIS B 318 35.54 8.90 -47.08
CA HIS B 318 36.41 7.90 -46.42
C HIS B 318 37.83 8.00 -46.94
N ARG B 319 38.06 8.72 -48.03
CA ARG B 319 39.40 8.96 -48.58
C ARG B 319 40.21 9.89 -47.68
N VAL B 320 39.56 10.72 -46.86
CA VAL B 320 40.24 11.76 -46.02
C VAL B 320 39.84 11.69 -44.55
N ILE B 321 38.67 11.17 -44.19
CA ILE B 321 38.21 11.06 -42.78
C ILE B 321 38.01 9.58 -42.46
N GLN B 322 38.58 9.10 -41.36
CA GLN B 322 38.45 7.70 -40.89
C GLN B 322 37.34 7.62 -39.84
N GLY B 323 36.88 6.41 -39.56
CA GLY B 323 35.67 6.14 -38.76
C GLY B 323 35.82 6.54 -37.31
N ALA B 324 37.01 6.33 -36.74
CA ALA B 324 37.35 6.67 -35.34
C ALA B 324 37.20 8.17 -35.09
N VAL B 325 37.54 9.00 -36.06
CA VAL B 325 37.42 10.49 -35.98
C VAL B 325 35.94 10.86 -35.94
N SER B 326 35.12 10.24 -36.80
CA SER B 326 33.65 10.51 -36.92
C SER B 326 32.93 10.13 -35.63
N GLY B 327 33.34 9.05 -34.98
CA GLY B 327 32.77 8.60 -33.70
C GLY B 327 33.13 9.54 -32.57
N GLU B 328 34.38 9.99 -32.51
CA GLU B 328 34.88 10.95 -31.50
C GLU B 328 34.14 12.28 -31.64
N PHE B 329 33.82 12.70 -32.86
CA PHE B 329 33.09 13.95 -33.15
C PHE B 329 31.69 13.88 -32.53
N LEU B 330 30.98 12.76 -32.72
CA LEU B 330 29.60 12.60 -32.20
C LEU B 330 29.61 12.47 -30.68
N ARG B 331 30.67 11.92 -30.09
CA ARG B 331 30.81 11.78 -28.61
C ARG B 331 30.97 13.17 -27.98
N THR B 332 31.72 14.07 -28.61
CA THR B 332 31.94 15.46 -28.13
C THR B 332 30.63 16.23 -28.17
N MET B 333 29.80 16.06 -29.20
CA MET B 333 28.50 16.75 -29.32
C MET B 333 27.57 16.30 -28.20
N SER B 334 27.56 15.01 -27.89
CA SER B 334 26.76 14.40 -26.80
C SER B 334 27.13 15.05 -25.46
N ARG B 335 28.43 15.11 -25.16
CA ARG B 335 28.98 15.66 -23.89
C ARG B 335 28.60 17.13 -23.75
N LEU B 336 28.75 17.93 -24.80
CA LEU B 336 28.51 19.39 -24.78
C LEU B 336 27.07 19.69 -24.39
N LEU B 337 26.10 18.92 -24.88
CA LEU B 337 24.67 19.22 -24.69
C LEU B 337 24.21 18.86 -23.28
N THR B 338 25.09 18.32 -22.44
CA THR B 338 24.83 17.94 -21.03
C THR B 338 25.84 18.63 -20.10
N ASP B 339 26.72 19.48 -20.61
CA ASP B 339 27.91 20.01 -19.89
C ASP B 339 27.57 21.34 -19.22
N ASP B 340 28.09 21.56 -18.01
CA ASP B 340 27.87 22.76 -17.18
C ASP B 340 28.46 23.99 -17.87
N SER B 341 29.70 23.90 -18.33
CA SER B 341 30.46 25.01 -18.94
C SER B 341 29.78 25.52 -20.21
N PHE B 342 29.17 24.62 -21.00
CA PHE B 342 28.50 24.94 -22.27
C PHE B 342 27.31 25.85 -22.00
N TRP B 343 26.46 25.46 -21.05
CA TRP B 343 25.21 26.20 -20.74
C TRP B 343 25.50 27.48 -19.96
N ASP B 344 26.62 27.55 -19.23
CA ASP B 344 27.10 28.77 -18.55
C ASP B 344 27.43 29.84 -19.61
N GLU B 345 28.09 29.45 -20.68
CA GLU B 345 28.53 30.35 -21.77
C GLU B 345 27.33 30.94 -22.50
N ILE B 346 26.26 30.18 -22.71
CA ILE B 346 25.06 30.63 -23.48
C ILE B 346 24.28 31.61 -22.63
N PHE B 347 24.08 31.29 -21.35
CA PHE B 347 23.33 32.12 -20.36
C PHE B 347 24.03 33.47 -20.19
N ASP B 348 25.36 33.46 -20.10
CA ASP B 348 26.20 34.67 -19.98
C ASP B 348 25.93 35.62 -21.15
N ALA B 349 25.87 35.08 -22.36
CA ALA B 349 25.73 35.86 -23.61
C ALA B 349 24.34 36.48 -23.71
N MET B 350 23.30 35.78 -23.26
CA MET B 350 21.90 36.21 -23.44
C MET B 350 21.40 36.98 -22.21
N ASN B 351 22.22 37.07 -21.15
CA ASN B 351 21.95 37.89 -19.93
C ASN B 351 20.78 37.27 -19.17
N VAL B 352 20.91 36.01 -18.79
CA VAL B 352 19.92 35.26 -17.96
C VAL B 352 20.48 35.27 -16.54
N PRO B 353 19.73 35.82 -15.55
CA PRO B 353 20.27 36.01 -14.20
C PRO B 353 20.40 34.78 -13.32
N TYR B 354 19.71 33.70 -13.65
CA TYR B 354 19.65 32.45 -12.84
C TYR B 354 20.77 31.51 -13.26
N THR B 355 21.06 30.52 -12.43
CA THR B 355 21.98 29.41 -12.70
C THR B 355 21.26 28.41 -13.59
N PRO B 356 21.91 27.76 -14.57
CA PRO B 356 21.24 26.78 -15.40
C PRO B 356 20.90 25.49 -14.65
N MET B 357 19.88 24.78 -15.11
CA MET B 357 19.53 23.43 -14.61
C MET B 357 20.67 22.50 -14.98
N ARG B 358 21.06 21.61 -14.09
CA ARG B 358 22.20 20.69 -14.25
C ARG B 358 21.70 19.29 -14.54
N TRP B 359 22.56 18.44 -15.09
CA TRP B 359 22.28 17.03 -15.46
C TRP B 359 22.57 16.15 -14.25
N ALA B 360 21.66 15.26 -13.91
CA ALA B 360 21.76 14.35 -12.77
C ALA B 360 20.83 13.16 -13.00
N GLN B 361 21.05 12.06 -12.28
CA GLN B 361 20.15 10.89 -12.26
C GLN B 361 19.03 11.14 -11.27
N ASP B 362 17.85 10.59 -11.54
CA ASP B 362 16.70 10.60 -10.62
C ASP B 362 17.11 9.85 -9.35
N VAL B 363 16.75 10.41 -8.18
CA VAL B 363 17.07 9.87 -6.83
C VAL B 363 15.81 9.23 -6.26
N PRO B 364 15.91 8.16 -5.44
CA PRO B 364 14.74 7.53 -4.82
C PRO B 364 14.12 8.31 -3.64
N ASN B 365 12.81 8.15 -3.42
CA ASN B 365 12.05 8.86 -2.35
C ASN B 365 12.19 8.08 -1.04
N THR B 366 13.39 8.12 -0.46
CA THR B 366 13.80 7.42 0.78
C THR B 366 14.41 8.43 1.73
N GLY B 367 14.49 8.09 3.02
CA GLY B 367 15.01 8.98 4.07
C GLY B 367 14.04 10.11 4.31
N VAL B 368 14.52 11.35 4.18
CA VAL B 368 13.66 12.58 4.24
C VAL B 368 12.80 12.59 2.99
N ASP B 369 11.49 12.58 3.16
CA ASP B 369 10.47 12.56 2.09
C ASP B 369 10.67 13.78 1.20
N LYS B 370 10.26 13.68 -0.06
CA LYS B 370 10.43 14.76 -1.05
C LYS B 370 9.51 15.93 -0.72
N ASN B 371 8.37 15.70 -0.08
CA ASN B 371 7.47 16.80 0.32
C ASN B 371 8.15 17.70 1.34
N THR B 372 8.89 17.13 2.28
CA THR B 372 9.66 17.89 3.29
C THR B 372 10.70 18.74 2.58
N ARG B 373 11.31 18.23 1.52
CA ARG B 373 12.38 18.92 0.78
C ARG B 373 11.80 20.12 0.03
N VAL B 374 10.58 20.04 -0.47
CA VAL B 374 9.92 21.14 -1.22
C VAL B 374 9.52 22.25 -0.25
N MET B 375 9.22 21.92 1.01
CA MET B 375 8.83 22.91 2.02
C MET B 375 10.07 23.66 2.49
N GLN B 376 11.22 23.00 2.53
CA GLN B 376 12.50 23.63 2.90
C GLN B 376 12.97 24.59 1.80
N LEU B 377 12.61 24.34 0.55
CA LEU B 377 12.94 25.24 -0.58
C LEU B 377 12.11 26.51 -0.49
N ILE B 378 10.85 26.42 -0.08
CA ILE B 378 9.95 27.60 0.07
C ILE B 378 10.48 28.50 1.18
N GLU B 379 11.01 27.92 2.26
CA GLU B 379 11.55 28.70 3.40
C GLU B 379 12.83 29.41 2.97
N ALA B 380 13.67 28.76 2.18
CA ALA B 380 14.96 29.31 1.71
C ALA B 380 14.74 30.58 0.90
N TYR B 381 13.76 30.59 0.00
CA TYR B 381 13.50 31.74 -0.90
C TYR B 381 12.90 32.89 -0.12
N ARG B 382 12.04 32.60 0.84
CA ARG B 382 11.39 33.61 1.72
C ARG B 382 12.40 34.25 2.65
N SER B 383 13.53 33.61 2.93
CA SER B 383 14.56 34.09 3.88
C SER B 383 15.74 34.72 3.17
N ARG B 384 16.24 34.09 2.10
CA ARG B 384 17.57 34.41 1.51
C ARG B 384 17.45 34.76 0.03
N GLY B 385 16.25 34.88 -0.52
CA GLY B 385 16.05 35.09 -1.97
C GLY B 385 16.47 36.45 -2.44
N HIS B 386 16.55 37.42 -1.54
CA HIS B 386 16.99 38.81 -1.82
C HIS B 386 18.45 38.86 -2.26
N LEU B 387 19.22 37.81 -2.02
CA LEU B 387 20.66 37.77 -2.33
C LEU B 387 20.88 37.60 -3.83
N ILE B 388 19.88 37.21 -4.62
CA ILE B 388 20.03 37.01 -6.08
C ILE B 388 18.99 37.81 -6.85
N ALA B 389 18.54 38.97 -6.37
CA ALA B 389 17.43 39.73 -6.97
C ALA B 389 17.97 40.85 -7.84
N ASP B 390 17.20 41.24 -8.86
CA ASP B 390 17.59 42.19 -9.92
C ASP B 390 17.40 43.60 -9.39
N THR B 391 18.29 44.02 -8.51
CA THR B 391 18.16 45.24 -7.71
C THR B 391 19.17 46.29 -8.18
N ASN B 392 20.26 45.89 -8.81
CA ASN B 392 21.36 46.80 -9.24
C ASN B 392 21.14 47.19 -10.69
N PRO B 393 20.93 48.48 -11.03
CA PRO B 393 20.80 48.88 -12.42
C PRO B 393 22.08 48.82 -13.26
N LEU B 394 23.24 48.71 -12.62
CA LEU B 394 24.54 48.42 -13.27
C LEU B 394 24.84 46.93 -13.12
N SER B 395 25.61 46.36 -14.05
CA SER B 395 26.21 45.00 -13.95
C SER B 395 27.53 45.10 -13.18
N TRP B 396 27.46 45.47 -11.90
CA TRP B 396 28.61 45.84 -11.05
C TRP B 396 28.63 44.98 -9.78
N VAL B 397 29.79 44.41 -9.47
CA VAL B 397 30.10 43.78 -8.14
C VAL B 397 31.40 44.43 -7.63
N GLN B 398 31.33 45.06 -6.46
CA GLN B 398 32.50 45.71 -5.79
C GLN B 398 33.53 44.62 -5.47
N PRO B 399 34.74 44.68 -6.07
CA PRO B 399 35.73 43.61 -5.88
C PRO B 399 36.31 43.46 -4.46
N GLY B 400 36.29 44.53 -3.65
CA GLY B 400 36.82 44.52 -2.28
C GLY B 400 35.97 43.67 -1.34
N MET B 401 34.65 43.79 -1.42
CA MET B 401 33.67 43.18 -0.47
C MET B 401 33.61 41.66 -0.69
N PRO B 402 33.38 40.86 0.38
CA PRO B 402 33.17 39.41 0.25
C PRO B 402 31.75 39.05 -0.21
N VAL B 403 31.62 38.04 -1.08
CA VAL B 403 30.34 37.56 -1.67
C VAL B 403 29.73 36.54 -0.71
N PRO B 404 28.47 36.73 -0.23
CA PRO B 404 27.79 35.72 0.57
C PRO B 404 27.50 34.44 -0.21
N ASP B 405 27.48 33.31 0.51
CA ASP B 405 27.07 31.98 0.02
C ASP B 405 25.57 32.01 -0.30
N HIS B 406 25.16 31.57 -1.49
CA HIS B 406 23.73 31.41 -1.87
C HIS B 406 23.55 30.11 -2.66
N ARG B 407 24.09 29.01 -2.12
CA ARG B 407 23.87 27.64 -2.63
C ARG B 407 22.50 27.15 -2.18
N ASP B 408 21.93 27.74 -1.12
CA ASP B 408 20.64 27.34 -0.52
C ASP B 408 19.47 27.54 -1.49
N LEU B 409 19.66 28.26 -2.59
CA LEU B 409 18.60 28.58 -3.57
C LEU B 409 18.68 27.68 -4.79
N ASP B 410 19.59 26.71 -4.85
CA ASP B 410 19.71 25.72 -5.96
C ASP B 410 18.99 24.45 -5.56
N ILE B 411 18.29 23.80 -6.49
CA ILE B 411 17.44 22.62 -6.16
C ILE B 411 18.32 21.41 -5.83
N GLU B 412 19.59 21.42 -6.23
CA GLU B 412 20.57 20.34 -5.97
C GLU B 412 20.88 20.27 -4.49
N THR B 413 20.89 21.41 -3.80
CA THR B 413 21.20 21.52 -2.36
C THR B 413 20.13 20.84 -1.51
N HIS B 414 18.90 20.69 -2.04
CA HIS B 414 17.75 20.09 -1.34
C HIS B 414 17.41 18.72 -1.91
N ASN B 415 18.34 18.05 -2.59
CA ASN B 415 18.17 16.69 -3.14
C ASN B 415 16.94 16.61 -4.01
N LEU B 416 16.83 17.50 -5.00
CA LEU B 416 15.77 17.48 -6.03
C LEU B 416 16.45 17.69 -7.38
N THR B 417 15.91 17.10 -8.43
CA THR B 417 16.49 17.05 -9.79
C THR B 417 15.45 17.49 -10.81
N ILE B 418 15.87 17.64 -12.06
CA ILE B 418 15.02 17.99 -13.22
C ILE B 418 13.88 16.99 -13.35
N TRP B 419 14.04 15.78 -12.85
CA TRP B 419 13.05 14.69 -13.00
C TRP B 419 11.87 14.88 -12.07
N ASP B 420 11.88 15.90 -11.21
CA ASP B 420 10.83 16.18 -10.21
C ASP B 420 9.98 17.37 -10.62
N LEU B 421 10.26 18.00 -11.76
CA LEU B 421 9.65 19.31 -12.11
C LEU B 421 8.17 19.15 -12.40
N ASP B 422 7.73 18.03 -12.97
CA ASP B 422 6.31 17.82 -13.38
C ASP B 422 5.59 16.86 -12.45
N ARG B 423 6.18 16.51 -11.30
CA ARG B 423 5.53 15.73 -10.22
C ARG B 423 4.84 16.68 -9.27
N THR B 424 3.76 16.23 -8.60
CA THR B 424 2.87 17.05 -7.74
C THR B 424 3.18 16.78 -6.27
N PHE B 425 3.10 17.79 -5.42
CA PHE B 425 3.52 17.79 -4.01
C PHE B 425 2.53 18.56 -3.15
N ASN B 426 2.45 18.24 -1.86
CA ASN B 426 1.62 18.95 -0.85
C ASN B 426 2.39 20.15 -0.35
N VAL B 427 1.80 21.34 -0.40
CA VAL B 427 2.50 22.64 -0.17
C VAL B 427 1.87 23.44 0.97
N GLY B 428 0.73 23.02 1.51
CA GLY B 428 0.19 23.57 2.76
C GLY B 428 -0.24 25.01 2.61
N GLY B 429 -1.07 25.30 1.62
CA GLY B 429 -1.73 26.59 1.46
C GLY B 429 -0.86 27.65 0.82
N PHE B 430 0.27 27.28 0.24
CA PHE B 430 1.13 28.19 -0.53
C PHE B 430 0.40 28.55 -1.83
N GLY B 431 0.28 29.84 -2.12
CA GLY B 431 -0.46 30.36 -3.30
C GLY B 431 -1.93 30.01 -3.23
N GLY B 432 -2.48 29.86 -2.03
CA GLY B 432 -3.87 29.43 -1.80
C GLY B 432 -4.19 28.13 -2.49
N LYS B 433 -3.33 27.12 -2.36
CA LYS B 433 -3.54 25.78 -2.92
C LYS B 433 -2.98 24.72 -1.97
N GLU B 434 -3.52 23.51 -2.02
CA GLU B 434 -3.11 22.36 -1.19
C GLU B 434 -2.05 21.55 -1.91
N THR B 435 -2.17 21.40 -3.23
CA THR B 435 -1.21 20.68 -4.09
C THR B 435 -0.74 21.58 -5.24
N MET B 436 0.41 21.27 -5.83
CA MET B 436 1.10 22.09 -6.84
C MET B 436 2.26 21.28 -7.40
N THR B 437 2.74 21.58 -8.60
CA THR B 437 3.95 20.97 -9.21
C THR B 437 5.17 21.81 -8.86
N LEU B 438 6.36 21.23 -8.91
CA LEU B 438 7.62 21.92 -8.56
C LEU B 438 7.87 23.03 -9.55
N ARG B 439 7.47 22.87 -10.79
CA ARG B 439 7.63 23.90 -11.84
C ARG B 439 6.84 25.13 -11.42
N GLU B 440 5.58 24.95 -11.00
CA GLU B 440 4.72 26.08 -10.60
C GLU B 440 5.27 26.71 -9.33
N VAL B 441 5.78 25.94 -8.39
CA VAL B 441 6.30 26.45 -7.08
C VAL B 441 7.48 27.36 -7.36
N LEU B 442 8.36 26.98 -8.27
CA LEU B 442 9.60 27.73 -8.58
C LEU B 442 9.24 29.03 -9.28
N SER B 443 8.27 29.01 -10.19
CA SER B 443 7.77 30.19 -10.92
C SER B 443 7.34 31.25 -9.92
N ARG B 444 6.46 30.89 -9.01
CA ARG B 444 5.86 31.82 -8.04
C ARG B 444 6.92 32.38 -7.12
N LEU B 445 7.84 31.57 -6.63
CA LEU B 445 8.89 32.03 -5.69
C LEU B 445 9.79 33.04 -6.38
N ARG B 446 10.04 32.88 -7.67
CA ARG B 446 10.97 33.75 -8.44
C ARG B 446 10.28 35.06 -8.76
N ALA B 447 8.99 35.05 -9.02
CA ALA B 447 8.19 36.24 -9.32
C ALA B 447 8.04 37.13 -8.10
N ALA B 448 8.05 36.55 -6.91
CA ALA B 448 7.77 37.24 -5.64
C ALA B 448 9.03 37.78 -5.00
N TYR B 449 10.17 37.12 -5.14
CA TYR B 449 11.36 37.37 -4.29
C TYR B 449 12.63 37.61 -5.10
N THR B 450 12.62 37.65 -6.44
CA THR B 450 13.87 37.68 -7.24
C THR B 450 13.84 38.68 -8.40
N LEU B 451 12.81 39.50 -8.58
CA LEU B 451 12.73 40.51 -9.67
C LEU B 451 13.21 41.85 -9.14
N LYS B 452 12.43 42.92 -9.20
CA LYS B 452 12.91 44.31 -8.97
C LYS B 452 12.75 44.74 -7.52
N VAL B 453 12.19 43.91 -6.64
CA VAL B 453 11.98 44.21 -5.21
C VAL B 453 12.50 43.04 -4.37
N GLY B 454 13.48 43.27 -3.51
CA GLY B 454 14.04 42.29 -2.56
C GLY B 454 13.64 42.63 -1.14
N SER B 455 13.09 41.67 -0.40
CA SER B 455 12.46 41.86 0.93
C SER B 455 13.20 41.07 1.99
N GLU B 456 13.37 41.65 3.17
CA GLU B 456 13.87 41.00 4.40
C GLU B 456 12.81 41.19 5.49
N TYR B 457 12.10 40.12 5.88
CA TYR B 457 10.98 40.18 6.85
C TYR B 457 10.92 38.98 7.80
N THR B 458 11.67 37.90 7.64
CA THR B 458 11.44 36.62 8.37
C THR B 458 12.07 36.66 9.76
N HIS B 459 12.89 37.65 10.04
CA HIS B 459 13.51 37.89 11.38
C HIS B 459 12.51 38.48 12.36
N ILE B 460 11.39 39.02 11.91
CA ILE B 460 10.33 39.60 12.79
C ILE B 460 9.75 38.47 13.63
N LEU B 461 9.45 38.76 14.90
CA LEU B 461 9.08 37.77 15.94
C LEU B 461 7.56 37.59 16.02
N ASP B 462 6.77 38.64 15.81
CA ASP B 462 5.29 38.56 15.87
C ASP B 462 4.78 37.84 14.63
N ARG B 463 3.87 36.88 14.80
CA ARG B 463 3.37 35.99 13.72
C ARG B 463 2.38 36.76 12.85
N ASP B 464 1.57 37.63 13.44
CA ASP B 464 0.51 38.39 12.73
C ASP B 464 1.14 39.40 11.77
N GLU B 465 2.23 40.06 12.16
CA GLU B 465 2.85 41.10 11.31
C GLU B 465 3.77 40.47 10.27
N ARG B 466 4.23 39.24 10.49
CA ARG B 466 5.01 38.46 9.50
C ARG B 466 4.09 37.96 8.40
N THR B 467 2.86 37.59 8.74
CA THR B 467 1.85 37.04 7.80
C THR B 467 1.28 38.15 6.92
N TRP B 468 1.13 39.35 7.45
CA TRP B 468 0.60 40.53 6.72
C TRP B 468 1.52 40.87 5.56
N LEU B 469 2.84 40.88 5.80
CA LEU B 469 3.86 41.21 4.78
C LEU B 469 3.95 40.09 3.75
N GLN B 470 3.89 38.84 4.20
CA GLN B 470 4.00 37.64 3.35
C GLN B 470 2.89 37.62 2.32
N ASP B 471 1.67 37.95 2.73
CA ASP B 471 0.47 37.87 1.88
C ASP B 471 0.53 38.95 0.81
N ARG B 472 1.03 40.14 1.15
CA ARG B 472 1.08 41.28 0.22
C ARG B 472 2.20 41.09 -0.79
N LEU B 473 3.35 40.57 -0.38
CA LEU B 473 4.51 40.36 -1.28
C LEU B 473 4.24 39.23 -2.25
N GLU B 474 3.47 38.21 -1.87
CA GLU B 474 3.23 37.02 -2.72
C GLU B 474 2.01 37.22 -3.61
N ALA B 475 1.20 38.24 -3.37
CA ALA B 475 0.09 38.65 -4.26
C ALA B 475 0.63 39.48 -5.42
N GLY B 476 1.69 40.24 -5.17
CA GLY B 476 2.42 40.98 -6.22
C GLY B 476 1.95 42.41 -6.34
N MET B 477 2.70 43.21 -7.09
CA MET B 477 2.38 44.62 -7.42
C MET B 477 1.14 44.62 -8.28
N PRO B 478 0.07 45.38 -7.93
CA PRO B 478 -1.09 45.52 -8.80
C PRO B 478 -0.77 46.21 -10.13
N LYS B 479 -1.46 45.82 -11.21
CA LYS B 479 -1.24 46.39 -12.55
C LYS B 479 -1.79 47.81 -12.53
N PRO B 480 -0.97 48.87 -12.72
CA PRO B 480 -1.47 50.23 -12.69
C PRO B 480 -2.25 50.62 -13.95
N THR B 481 -3.19 51.54 -13.81
CA THR B 481 -4.06 52.06 -14.88
C THR B 481 -3.24 52.97 -15.79
N GLN B 482 -3.81 53.36 -16.93
CA GLN B 482 -3.13 54.25 -17.89
C GLN B 482 -2.97 55.63 -17.29
N ALA B 483 -4.00 56.15 -16.63
CA ALA B 483 -3.95 57.47 -15.97
C ALA B 483 -2.82 57.50 -14.97
N GLU B 484 -2.72 56.48 -14.13
CA GLU B 484 -1.66 56.35 -13.10
C GLU B 484 -0.30 56.39 -13.79
N GLN B 485 -0.13 55.64 -14.87
CA GLN B 485 1.13 55.52 -15.62
C GLN B 485 1.55 56.87 -16.15
N LYS B 486 0.64 57.67 -16.68
CA LYS B 486 0.99 58.98 -17.26
C LYS B 486 1.35 59.97 -16.17
N TYR B 487 0.81 59.84 -14.97
CA TYR B 487 1.13 60.72 -13.82
C TYR B 487 2.56 60.46 -13.36
N ILE B 488 3.05 59.21 -13.41
CA ILE B 488 4.44 58.86 -13.05
C ILE B 488 5.40 59.45 -14.09
N LEU B 489 5.01 59.50 -15.36
CA LEU B 489 5.85 60.03 -16.44
C LEU B 489 5.96 61.53 -16.32
N GLN B 490 4.93 62.20 -15.87
CA GLN B 490 4.92 63.69 -15.74
C GLN B 490 5.84 64.11 -14.61
N LYS B 491 5.96 63.33 -13.53
CA LYS B 491 6.85 63.66 -12.39
C LYS B 491 8.30 63.47 -12.81
N LEU B 492 8.62 62.42 -13.56
CA LEU B 492 9.99 62.20 -14.07
C LEU B 492 10.37 63.31 -15.04
N ASN B 493 9.44 63.79 -15.85
CA ASN B 493 9.72 64.89 -16.81
C ASN B 493 10.10 66.14 -16.06
N ALA B 494 9.39 66.46 -14.98
CA ALA B 494 9.60 67.67 -14.17
C ALA B 494 10.96 67.60 -13.49
N ALA B 495 11.27 66.48 -12.87
CA ALA B 495 12.56 66.22 -12.19
C ALA B 495 13.72 66.49 -13.14
N GLU B 496 13.70 65.94 -14.35
CA GLU B 496 14.80 66.05 -15.32
C GLU B 496 14.85 67.46 -15.90
N ALA B 497 13.73 68.13 -16.06
CA ALA B 497 13.66 69.50 -16.59
C ALA B 497 14.36 70.46 -15.66
N PHE B 498 14.22 70.28 -14.35
CA PHE B 498 14.75 71.17 -13.31
C PHE B 498 16.25 70.97 -13.20
N GLU B 499 16.73 69.73 -13.31
CA GLU B 499 18.17 69.41 -13.28
C GLU B 499 18.87 70.15 -14.43
N ASN B 500 18.25 70.19 -15.61
CA ASN B 500 18.82 70.85 -16.80
C ASN B 500 18.89 72.35 -16.59
N PHE B 501 17.90 72.96 -15.97
CA PHE B 501 17.86 74.42 -15.72
C PHE B 501 18.98 74.83 -14.77
N LEU B 502 19.22 74.01 -13.75
CA LEU B 502 20.19 74.29 -12.67
C LEU B 502 21.60 74.24 -13.26
N GLN B 503 21.89 73.21 -14.06
CA GLN B 503 23.23 72.96 -14.64
C GLN B 503 23.57 74.04 -15.68
N THR B 504 22.60 74.64 -16.35
CA THR B 504 22.84 75.57 -17.47
C THR B 504 22.83 77.02 -17.02
N LYS B 505 21.93 77.39 -16.12
CA LYS B 505 21.68 78.81 -15.77
C LYS B 505 22.54 79.23 -14.57
N TYR B 506 23.14 78.29 -13.84
CA TYR B 506 23.94 78.55 -12.63
C TYR B 506 25.15 77.60 -12.58
N VAL B 507 26.16 77.96 -11.79
CA VAL B 507 27.51 77.32 -11.77
C VAL B 507 27.80 76.82 -10.35
N GLY B 508 28.61 75.76 -10.25
CA GLY B 508 28.99 75.11 -8.97
C GLY B 508 27.82 74.41 -8.33
N GLN B 509 26.98 73.76 -9.15
CA GLN B 509 25.77 73.00 -8.70
C GLN B 509 25.94 71.51 -9.00
N LYS B 510 27.11 71.09 -9.51
CA LYS B 510 27.39 69.68 -9.89
C LYS B 510 27.47 68.80 -8.65
N ARG B 511 27.94 69.36 -7.53
CA ARG B 511 28.00 68.71 -6.20
C ARG B 511 26.61 68.27 -5.75
N PHE B 512 25.58 69.08 -6.05
CA PHE B 512 24.21 68.96 -5.49
C PHE B 512 23.26 68.26 -6.47
N SER B 513 23.78 67.61 -7.50
CA SER B 513 22.96 67.02 -8.60
C SER B 513 22.32 65.72 -8.15
N LEU B 514 21.15 65.43 -8.70
CA LEU B 514 20.30 64.26 -8.41
C LEU B 514 20.34 63.31 -9.60
N GLU B 515 21.18 63.59 -10.59
CA GLU B 515 21.27 62.81 -11.85
C GLU B 515 21.78 61.43 -11.48
N GLY B 516 21.00 60.41 -11.79
CA GLY B 516 21.25 59.01 -11.41
C GLY B 516 20.19 58.51 -10.47
N ALA B 517 19.53 59.41 -9.73
CA ALA B 517 18.59 59.12 -8.63
C ALA B 517 17.34 59.96 -8.78
N GLU B 518 16.75 60.01 -9.97
CA GLU B 518 15.57 60.85 -10.25
C GLU B 518 14.29 60.18 -9.78
N ALA B 519 14.33 58.89 -9.47
CA ALA B 519 13.18 58.11 -9.00
C ALA B 519 12.83 58.47 -7.55
N LEU B 520 13.71 59.17 -6.84
CA LEU B 520 13.44 59.70 -5.49
C LEU B 520 12.19 60.55 -5.52
N ILE B 521 11.96 61.33 -6.57
CA ILE B 521 10.85 62.31 -6.62
C ILE B 521 9.53 61.58 -6.68
N PRO B 522 9.27 60.63 -7.60
CA PRO B 522 8.09 59.82 -7.49
C PRO B 522 7.93 58.90 -6.27
N LEU B 523 8.98 58.55 -5.52
CA LEU B 523 8.88 57.71 -4.29
C LEU B 523 8.33 58.55 -3.16
N MET B 524 8.90 59.73 -2.95
CA MET B 524 8.47 60.68 -1.90
C MET B 524 7.03 61.11 -2.14
N ASP B 525 6.63 61.29 -3.40
CA ASP B 525 5.26 61.72 -3.76
C ASP B 525 4.27 60.62 -3.41
N SER B 526 4.64 59.36 -3.60
CA SER B 526 3.77 58.18 -3.37
C SER B 526 3.43 58.10 -1.88
N ALA B 527 4.43 58.27 -1.02
CA ALA B 527 4.31 58.18 0.44
C ALA B 527 3.45 59.32 0.98
N ILE B 528 3.68 60.55 0.53
CA ILE B 528 2.94 61.75 0.99
C ILE B 528 1.49 61.63 0.57
N ASP B 529 1.21 61.06 -0.60
CA ASP B 529 -0.17 60.92 -1.12
C ASP B 529 -0.91 59.85 -0.33
N THR B 530 -0.25 58.76 0.01
CA THR B 530 -0.81 57.65 0.82
C THR B 530 -1.19 58.15 2.20
N ALA B 531 -0.38 59.04 2.78
CA ALA B 531 -0.61 59.64 4.11
C ALA B 531 -1.83 60.55 4.10
N ALA B 532 -2.05 61.28 3.00
CA ALA B 532 -3.20 62.18 2.81
C ALA B 532 -4.49 61.38 2.74
N GLY B 533 -4.45 60.17 2.19
CA GLY B 533 -5.63 59.31 2.07
C GLY B 533 -5.98 58.66 3.38
N GLN B 534 -4.99 58.49 4.26
CA GLN B 534 -5.18 57.92 5.62
C GLN B 534 -5.84 58.95 6.52
N GLY B 535 -5.73 60.23 6.21
CA GLY B 535 -6.43 61.30 6.93
C GLY B 535 -5.54 62.03 7.92
N LEU B 536 -4.22 62.00 7.73
CA LEU B 536 -3.24 62.53 8.70
C LEU B 536 -2.99 64.01 8.44
N ASP B 537 -2.24 64.69 9.31
CA ASP B 537 -2.23 66.17 9.43
C ASP B 537 -1.00 66.80 8.79
N GLU B 538 0.20 66.24 8.94
CA GLU B 538 1.45 66.84 8.44
C GLU B 538 2.50 65.78 8.15
N VAL B 539 3.45 66.07 7.26
CA VAL B 539 4.69 65.29 6.99
C VAL B 539 5.88 66.21 7.19
N VAL B 540 6.84 65.84 8.05
CA VAL B 540 8.09 66.59 8.35
C VAL B 540 9.24 65.85 7.69
N ILE B 541 10.04 66.53 6.87
CA ILE B 541 11.17 65.97 6.07
C ILE B 541 12.48 66.47 6.65
N GLY B 542 13.46 65.59 6.82
CA GLY B 542 14.86 65.92 7.08
C GLY B 542 15.77 65.21 6.10
N MET B 543 16.78 65.90 5.58
CA MET B 543 17.63 65.37 4.48
C MET B 543 18.93 66.15 4.36
N PRO B 544 19.97 65.60 3.69
CA PRO B 544 21.14 66.36 3.27
C PRO B 544 21.05 67.12 1.94
N HIS B 545 22.16 67.71 1.51
CA HIS B 545 22.32 68.61 0.33
C HIS B 545 21.77 68.00 -0.96
N ARG B 546 22.12 66.76 -1.28
CA ARG B 546 21.88 66.15 -2.61
C ARG B 546 20.40 66.13 -2.91
N GLY B 547 19.96 66.93 -3.88
CA GLY B 547 18.59 66.92 -4.40
C GLY B 547 17.68 67.89 -3.67
N ARG B 548 18.21 68.80 -2.89
CA ARG B 548 17.40 69.59 -1.96
C ARG B 548 16.54 70.58 -2.73
N LEU B 549 17.10 71.29 -3.70
CA LEU B 549 16.34 72.32 -4.46
C LEU B 549 15.30 71.65 -5.33
N ASN B 550 15.53 70.42 -5.77
CA ASN B 550 14.57 69.62 -6.55
C ASN B 550 13.36 69.30 -5.68
N VAL B 551 13.58 68.95 -4.42
CA VAL B 551 12.52 68.61 -3.43
C VAL B 551 11.74 69.87 -3.08
N LEU B 552 12.38 71.03 -3.06
CA LEU B 552 11.71 72.31 -2.75
C LEU B 552 10.72 72.67 -3.84
N PHE B 553 10.99 72.33 -5.09
CA PHE B 553 10.19 72.75 -6.27
C PHE B 553 9.11 71.73 -6.61
N ASN B 554 9.38 70.45 -6.43
CA ASN B 554 8.51 69.35 -6.94
C ASN B 554 7.74 68.65 -5.82
N ILE B 555 8.10 68.83 -4.55
CA ILE B 555 7.43 68.13 -3.41
C ILE B 555 6.85 69.12 -2.41
N VAL B 556 7.52 70.22 -2.08
CA VAL B 556 7.01 71.22 -1.11
C VAL B 556 6.12 72.18 -1.88
N GLY B 557 6.53 72.59 -3.07
CA GLY B 557 5.71 73.35 -4.02
C GLY B 557 6.00 74.82 -4.00
N LYS B 558 7.23 75.23 -3.73
CA LYS B 558 7.61 76.66 -3.72
C LYS B 558 7.71 77.14 -5.16
N PRO B 559 7.41 78.42 -5.46
CA PRO B 559 7.68 78.99 -6.78
C PRO B 559 9.17 79.18 -7.11
N LEU B 560 9.51 79.27 -8.39
CA LEU B 560 10.91 79.41 -8.87
C LEU B 560 11.46 80.74 -8.38
N ALA B 561 10.65 81.79 -8.41
CA ALA B 561 11.01 83.16 -7.96
C ALA B 561 11.50 83.12 -6.51
N SER B 562 10.81 82.37 -5.65
CA SER B 562 11.12 82.27 -4.20
C SER B 562 12.46 81.57 -3.98
N ILE B 563 12.76 80.52 -4.76
CA ILE B 563 13.99 79.69 -4.60
C ILE B 563 15.20 80.55 -4.95
N PHE B 564 15.17 81.19 -6.12
CA PHE B 564 16.31 81.96 -6.69
C PHE B 564 16.09 83.47 -6.49
N ASN B 565 16.74 84.04 -5.48
CA ASN B 565 16.81 85.50 -5.21
C ASN B 565 18.22 85.87 -4.73
N GLY B 580 24.20 85.40 7.68
CA GLY B 580 23.20 84.73 6.82
C GLY B 580 23.64 83.34 6.40
N ASP B 581 22.93 82.72 5.45
CA ASP B 581 23.23 81.36 4.93
C ASP B 581 22.58 81.18 3.54
N VAL B 582 22.83 80.02 2.93
CA VAL B 582 22.42 79.66 1.54
C VAL B 582 21.00 79.05 1.56
N LYS B 583 20.48 78.76 0.37
CA LYS B 583 19.16 78.09 0.13
C LYS B 583 19.22 76.64 0.62
N TYR B 584 20.40 76.02 0.55
CA TYR B 584 20.66 74.57 0.81
C TYR B 584 20.56 74.22 2.30
N HIS B 585 20.33 75.19 3.18
CA HIS B 585 20.26 74.96 4.66
C HIS B 585 19.01 75.56 5.31
N LEU B 586 18.23 76.42 4.64
CA LEU B 586 17.03 77.05 5.27
C LEU B 586 15.83 76.10 5.19
N GLY B 587 14.78 76.35 5.97
CA GLY B 587 13.55 75.55 6.03
C GLY B 587 12.39 76.18 5.28
N SER B 588 11.35 75.40 4.95
CA SER B 588 10.17 75.85 4.16
C SER B 588 8.91 75.06 4.51
N GLU B 589 7.74 75.57 4.13
CA GLU B 589 6.40 74.98 4.35
C GLU B 589 5.58 75.03 3.06
N GLY B 590 4.63 74.11 2.89
CA GLY B 590 3.72 74.06 1.73
C GLY B 590 2.59 73.07 1.90
N GLN B 591 1.68 72.98 0.93
CA GLN B 591 0.47 72.12 0.93
C GLN B 591 0.54 71.09 -0.20
N HIS B 592 0.03 69.88 0.00
CA HIS B 592 -0.06 68.80 -1.00
C HIS B 592 -1.50 68.36 -1.15
N LEU B 593 -2.12 68.68 -2.28
CA LEU B 593 -3.46 68.20 -2.68
C LEU B 593 -3.29 66.85 -3.35
N GLN B 594 -4.35 66.10 -3.46
CA GLN B 594 -4.37 64.68 -3.91
C GLN B 594 -5.14 64.63 -5.23
N MET B 595 -4.48 64.21 -6.31
CA MET B 595 -4.96 64.24 -7.72
C MET B 595 -6.26 63.46 -7.87
N PHE B 596 -6.28 62.21 -7.40
CA PHE B 596 -7.41 61.25 -7.54
C PHE B 596 -8.01 60.96 -6.16
N GLY B 597 -8.40 62.00 -5.44
CA GLY B 597 -9.01 61.88 -4.10
C GLY B 597 -9.48 63.21 -3.60
N ASP B 598 -9.81 63.33 -2.31
CA ASP B 598 -10.25 64.60 -1.68
C ASP B 598 -9.39 64.93 -0.46
N GLY B 599 -8.15 64.43 -0.39
CA GLY B 599 -7.26 64.64 0.76
C GLY B 599 -6.29 65.79 0.55
N GLU B 600 -5.97 66.52 1.62
CA GLU B 600 -4.93 67.55 1.70
C GLU B 600 -3.98 67.19 2.84
N ILE B 601 -2.74 67.68 2.83
CA ILE B 601 -1.76 67.48 3.93
C ILE B 601 -0.69 68.56 3.88
N LYS B 602 -0.25 69.07 5.03
CA LYS B 602 0.88 70.03 5.15
C LYS B 602 2.20 69.30 4.92
N VAL B 603 3.19 69.98 4.35
CA VAL B 603 4.56 69.44 4.15
C VAL B 603 5.58 70.48 4.63
N SER B 604 6.49 70.10 5.52
CA SER B 604 7.53 70.96 6.13
C SER B 604 8.92 70.39 5.87
N LEU B 605 9.92 71.24 5.69
CA LEU B 605 11.34 70.87 5.52
C LEU B 605 12.16 71.58 6.60
N THR B 606 12.98 70.83 7.32
CA THR B 606 13.75 71.26 8.53
C THR B 606 15.08 71.87 8.12
N ALA B 607 15.62 72.80 8.90
CA ALA B 607 16.96 73.39 8.70
C ALA B 607 18.02 72.45 9.26
N ASN B 608 19.25 72.51 8.75
CA ASN B 608 20.34 71.60 9.18
C ASN B 608 21.70 72.14 8.80
N PRO B 609 22.77 71.75 9.51
CA PRO B 609 24.13 72.06 9.11
C PRO B 609 24.75 71.00 8.18
N SER B 610 26.00 71.23 7.77
CA SER B 610 26.74 70.35 6.84
C SER B 610 27.18 69.07 7.54
N HIS B 611 27.32 69.09 8.87
CA HIS B 611 27.62 67.91 9.72
C HIS B 611 26.57 66.85 9.46
N LEU B 612 26.95 65.73 8.87
CA LEU B 612 26.00 64.68 8.42
C LEU B 612 25.34 64.05 9.65
N GLU B 613 24.02 63.82 9.54
CA GLU B 613 23.18 62.98 10.42
C GLU B 613 22.82 63.71 11.73
N ALA B 614 23.20 64.97 11.91
CA ALA B 614 22.95 65.74 13.14
C ALA B 614 21.49 66.19 13.21
N VAL B 615 20.75 66.11 12.10
CA VAL B 615 19.31 66.49 12.00
C VAL B 615 18.43 65.36 12.53
N ASN B 616 18.95 64.15 12.69
CA ASN B 616 18.13 62.96 13.02
C ASN B 616 17.38 63.17 14.32
N PRO B 617 18.03 63.37 15.49
CA PRO B 617 17.29 63.63 16.71
C PRO B 617 16.46 64.91 16.76
N VAL B 618 16.86 65.96 16.03
CA VAL B 618 16.19 67.29 16.06
C VAL B 618 14.82 67.17 15.38
N MET B 619 14.77 66.45 14.28
CA MET B 619 13.57 66.21 13.46
C MET B 619 12.53 65.43 14.27
N GLU B 620 12.97 64.40 15.02
CA GLU B 620 12.09 63.52 15.83
C GLU B 620 11.40 64.34 16.92
N GLY B 621 12.14 65.20 17.58
CA GLY B 621 11.62 66.13 18.60
C GLY B 621 10.59 67.09 18.07
N ILE B 622 10.78 67.62 16.85
CA ILE B 622 9.80 68.54 16.19
C ILE B 622 8.49 67.78 16.01
N VAL B 623 8.53 66.52 15.63
CA VAL B 623 7.32 65.71 15.35
C VAL B 623 6.57 65.47 16.64
N ARG B 624 7.27 65.19 17.75
CA ARG B 624 6.62 64.88 19.05
C ARG B 624 5.93 66.11 19.59
N ALA B 625 6.51 67.29 19.43
CA ALA B 625 5.93 68.55 19.92
C ALA B 625 4.62 68.82 19.20
N LYS B 626 4.57 68.55 17.90
CA LYS B 626 3.39 68.81 17.04
C LYS B 626 2.28 67.83 17.38
N GLN B 627 2.63 66.57 17.66
CA GLN B 627 1.66 65.53 18.05
C GLN B 627 1.03 65.90 19.39
N ASP B 628 1.82 66.40 20.34
CA ASP B 628 1.36 66.76 21.69
C ASP B 628 0.37 67.91 21.64
N TYR B 629 0.54 68.85 20.72
CA TYR B 629 -0.32 70.05 20.58
C TYR B 629 -1.68 69.68 20.02
N LEU B 630 -1.78 68.65 19.20
CA LEU B 630 -3.06 68.23 18.60
C LEU B 630 -3.88 67.46 19.62
N ASP B 631 -3.24 66.63 20.45
CA ASP B 631 -3.85 65.99 21.64
C ASP B 631 -4.96 65.05 21.20
N LYS B 632 -4.61 63.94 20.57
CA LYS B 632 -5.55 62.93 20.03
C LYS B 632 -5.33 61.55 20.67
N GLY B 633 -4.43 61.42 21.63
CA GLY B 633 -4.22 60.16 22.38
C GLY B 633 -3.37 59.15 21.63
N VAL B 634 -3.34 57.91 22.14
CA VAL B 634 -2.51 56.77 21.65
C VAL B 634 -2.97 56.35 20.24
N ASP B 635 -4.28 56.39 19.98
CA ASP B 635 -4.90 56.05 18.68
C ASP B 635 -4.56 57.10 17.59
N GLY B 636 -4.03 58.27 17.98
CA GLY B 636 -3.63 59.34 17.07
C GLY B 636 -2.30 59.04 16.41
N LYS B 637 -1.30 59.89 16.64
CA LYS B 637 0.05 59.85 16.03
C LYS B 637 -0.06 60.18 14.55
N THR B 638 -0.44 61.43 14.25
CA THR B 638 -0.92 61.90 12.93
C THR B 638 0.03 62.94 12.33
N VAL B 639 1.31 62.91 12.68
CA VAL B 639 2.39 63.67 12.02
C VAL B 639 3.49 62.69 11.67
N VAL B 640 3.78 62.51 10.37
CA VAL B 640 4.65 61.42 9.83
C VAL B 640 6.06 61.95 9.65
N PRO B 641 7.10 61.36 10.28
CA PRO B 641 8.48 61.66 9.96
C PRO B 641 9.10 60.86 8.81
N LEU B 642 9.54 61.57 7.76
CA LEU B 642 10.22 61.04 6.54
C LEU B 642 11.67 61.53 6.55
N LEU B 643 12.65 60.63 6.62
CA LEU B 643 14.08 60.95 6.85
C LEU B 643 14.93 60.32 5.76
N LEU B 644 15.70 61.14 5.03
CA LEU B 644 16.58 60.73 3.91
C LEU B 644 18.02 60.67 4.39
N HIS B 645 18.76 59.61 4.04
CA HIS B 645 20.18 59.39 4.37
C HIS B 645 20.98 59.06 3.12
N GLY B 646 22.30 59.15 3.17
CA GLY B 646 23.26 58.57 2.23
C GLY B 646 23.89 57.32 2.79
N ASP B 647 24.39 56.42 1.95
CA ASP B 647 24.75 55.04 2.33
C ASP B 647 25.96 55.00 3.25
N ALA B 648 26.97 55.83 2.99
CA ALA B 648 28.22 55.86 3.76
C ALA B 648 27.96 56.40 5.15
N ALA B 649 27.19 57.47 5.26
CA ALA B 649 26.89 58.15 6.54
C ALA B 649 26.02 57.26 7.41
N PHE B 650 25.13 56.47 6.83
CA PHE B 650 24.16 55.64 7.55
C PHE B 650 24.86 54.51 8.28
N ALA B 651 25.87 53.89 7.67
CA ALA B 651 26.61 52.74 8.22
C ALA B 651 27.70 53.20 9.18
N GLY B 652 28.16 54.43 9.08
CA GLY B 652 29.42 54.86 9.71
C GLY B 652 29.22 55.63 10.98
N LEU B 653 28.32 56.61 10.99
CA LEU B 653 28.14 57.54 12.13
C LEU B 653 27.22 56.90 13.16
N GLY B 654 27.56 57.02 14.45
CA GLY B 654 26.88 56.34 15.56
C GLY B 654 25.60 57.00 16.01
N ILE B 655 25.36 58.25 15.63
CA ILE B 655 24.12 58.99 15.93
C ILE B 655 22.93 58.28 15.30
N VAL B 656 23.11 57.57 14.20
CA VAL B 656 22.00 56.92 13.46
C VAL B 656 21.37 55.86 14.35
N PRO B 657 22.08 54.80 14.79
CA PRO B 657 21.46 53.80 15.66
C PRO B 657 21.09 54.28 17.07
N GLU B 658 21.72 55.33 17.57
CA GLU B 658 21.44 55.95 18.89
C GLU B 658 20.04 56.54 18.88
N THR B 659 19.60 57.11 17.75
CA THR B 659 18.29 57.78 17.59
C THR B 659 17.20 56.75 17.35
N ILE B 660 17.48 55.65 16.65
CA ILE B 660 16.49 54.56 16.39
C ILE B 660 16.14 53.88 17.70
N ASN B 661 17.04 53.89 18.68
CA ASN B 661 16.85 53.24 20.01
C ASN B 661 15.82 53.99 20.85
N LEU B 662 15.47 55.23 20.51
CA LEU B 662 14.47 56.03 21.24
C LEU B 662 13.04 55.76 20.74
N ALA B 663 12.84 54.88 19.77
CA ALA B 663 11.60 54.77 18.99
C ALA B 663 10.42 54.29 19.83
N LYS B 664 10.63 53.36 20.75
CA LYS B 664 9.55 52.73 21.54
C LYS B 664 9.55 53.19 23.00
N LEU B 665 10.35 54.17 23.38
CA LEU B 665 10.42 54.64 24.78
C LEU B 665 9.30 55.63 25.04
N ARG B 666 9.02 55.93 26.31
CA ARG B 666 7.75 56.51 26.79
C ARG B 666 7.67 57.97 26.35
N GLY B 667 8.67 58.77 26.63
CA GLY B 667 8.61 60.20 26.28
C GLY B 667 8.95 60.52 24.82
N TYR B 668 9.38 59.54 24.03
CA TYR B 668 10.05 59.76 22.74
C TYR B 668 9.31 59.11 21.55
N ASP B 669 8.24 58.35 21.76
CA ASP B 669 7.58 57.56 20.69
C ASP B 669 6.73 58.47 19.83
N VAL B 670 6.84 58.35 18.49
CA VAL B 670 6.13 59.20 17.50
C VAL B 670 5.38 58.34 16.48
N GLY B 671 5.25 57.05 16.68
CA GLY B 671 4.42 56.18 15.85
C GLY B 671 5.14 55.55 14.68
N GLY B 672 6.47 55.61 14.62
CA GLY B 672 7.27 55.04 13.52
C GLY B 672 7.91 56.13 12.69
N THR B 673 9.00 55.80 12.01
CA THR B 673 9.75 56.68 11.08
C THR B 673 9.98 55.93 9.77
N ILE B 674 9.64 56.54 8.62
CA ILE B 674 9.94 56.03 7.26
C ILE B 674 11.34 56.54 6.90
N HIS B 675 12.29 55.63 6.69
CA HIS B 675 13.70 55.89 6.36
C HIS B 675 13.95 55.55 4.88
N ILE B 676 14.58 56.45 4.11
CA ILE B 676 15.01 56.23 2.71
C ILE B 676 16.53 56.39 2.64
N VAL B 677 17.27 55.33 2.32
CA VAL B 677 18.73 55.35 2.10
C VAL B 677 19.00 55.35 0.60
N VAL B 678 19.61 56.40 0.08
CA VAL B 678 19.99 56.58 -1.35
C VAL B 678 21.37 55.98 -1.54
N ASN B 679 21.43 54.81 -2.15
CA ASN B 679 22.59 53.91 -2.22
C ASN B 679 23.18 54.03 -3.62
N ASN B 680 24.09 54.98 -3.82
CA ASN B 680 24.72 55.27 -5.13
C ASN B 680 26.11 54.65 -5.18
N GLN B 681 26.40 53.74 -4.25
CA GLN B 681 27.52 52.77 -4.33
C GLN B 681 28.87 53.50 -4.28
N ILE B 682 28.94 54.67 -3.62
CA ILE B 682 30.16 55.51 -3.50
C ILE B 682 29.94 56.59 -2.43
N GLY B 683 31.00 56.92 -1.67
CA GLY B 683 31.00 58.00 -0.66
C GLY B 683 31.36 59.33 -1.30
N PHE B 684 32.67 59.64 -1.36
CA PHE B 684 33.25 60.82 -2.04
C PHE B 684 34.27 60.31 -3.07
N THR B 685 35.37 59.71 -2.61
CA THR B 685 36.36 58.94 -3.42
C THR B 685 36.52 57.54 -2.80
N THR B 686 35.53 57.09 -2.02
CA THR B 686 35.58 55.87 -1.17
C THR B 686 34.44 54.92 -1.59
N THR B 687 34.73 53.61 -1.64
CA THR B 687 33.80 52.54 -2.09
C THR B 687 33.28 51.77 -0.88
N PRO B 688 32.14 51.05 -1.00
CA PRO B 688 31.55 50.31 0.13
C PRO B 688 32.45 49.32 0.88
N ASP B 689 33.45 48.75 0.19
CA ASP B 689 34.44 47.80 0.77
C ASP B 689 35.18 48.45 1.93
N SER B 690 35.48 49.75 1.83
CA SER B 690 36.27 50.52 2.81
C SER B 690 35.37 51.44 3.65
N SER B 691 34.07 51.18 3.70
CA SER B 691 33.06 52.03 4.36
C SER B 691 32.32 51.27 5.46
N ARG B 692 32.07 49.97 5.31
CA ARG B 692 31.29 49.20 6.30
C ARG B 692 31.73 47.74 6.37
N SER B 693 31.43 47.10 7.49
CA SER B 693 31.68 45.68 7.80
C SER B 693 30.37 44.88 7.78
N MET B 694 29.24 45.51 7.42
CA MET B 694 27.93 44.85 7.21
C MET B 694 27.78 44.54 5.72
N HIS B 695 26.93 43.59 5.35
CA HIS B 695 26.71 43.16 3.94
C HIS B 695 25.93 44.22 3.21
N TYR B 696 24.81 44.68 3.76
CA TYR B 696 24.02 45.85 3.28
C TYR B 696 24.17 47.00 4.27
N ALA B 697 23.93 48.22 3.82
CA ALA B 697 24.02 49.45 4.64
C ALA B 697 22.86 49.53 5.62
N THR B 698 21.75 48.85 5.33
CA THR B 698 20.48 48.92 6.08
C THR B 698 20.35 47.74 7.04
N ASP B 699 21.46 47.23 7.58
CA ASP B 699 21.46 45.98 8.39
C ASP B 699 21.21 46.30 9.87
N TYR B 700 21.17 47.57 10.25
CA TYR B 700 20.77 48.00 11.62
C TYR B 700 19.31 47.65 11.86
N ALA B 701 18.51 47.50 10.81
CA ALA B 701 17.08 47.12 10.88
C ALA B 701 16.90 45.78 11.57
N LYS B 702 17.83 44.85 11.41
CA LYS B 702 17.73 43.48 11.98
C LYS B 702 18.03 43.50 13.48
N ALA B 703 18.61 44.56 14.00
CA ALA B 703 18.87 44.75 15.45
C ALA B 703 17.60 45.19 16.15
N PHE B 704 16.73 45.93 15.46
CA PHE B 704 15.54 46.58 16.03
C PHE B 704 14.25 45.87 15.61
N GLY B 705 14.33 44.86 14.78
CA GLY B 705 13.18 43.99 14.45
C GLY B 705 12.23 44.59 13.45
N CYS B 706 12.73 45.29 12.42
CA CYS B 706 11.93 46.07 11.44
C CYS B 706 12.15 45.56 10.02
N PRO B 707 11.18 45.70 9.11
CA PRO B 707 11.33 45.26 7.72
C PRO B 707 12.17 46.13 6.79
N VAL B 708 12.81 45.54 5.77
CA VAL B 708 13.64 46.25 4.77
C VAL B 708 13.20 45.87 3.36
N PHE B 709 13.01 46.86 2.49
CA PHE B 709 12.66 46.71 1.05
C PHE B 709 13.77 47.30 0.20
N HIS B 710 14.44 46.49 -0.63
CA HIS B 710 15.48 46.91 -1.60
C HIS B 710 14.84 47.04 -2.96
N VAL B 711 14.94 48.18 -3.64
CA VAL B 711 14.22 48.44 -4.92
C VAL B 711 15.17 49.06 -5.93
N ASN B 712 15.02 48.67 -7.20
CA ASN B 712 15.82 49.08 -8.37
C ASN B 712 15.34 50.45 -8.82
N GLY B 713 16.24 51.41 -8.95
CA GLY B 713 15.91 52.81 -9.24
C GLY B 713 15.70 53.08 -10.70
N ASP B 714 15.64 52.07 -11.55
CA ASP B 714 15.37 52.19 -12.99
C ASP B 714 14.06 51.48 -13.33
N ASP B 715 13.20 51.18 -12.35
CA ASP B 715 11.84 50.63 -12.56
C ASP B 715 10.83 51.47 -11.79
N PRO B 716 10.35 52.60 -12.34
CA PRO B 716 9.52 53.51 -11.58
C PRO B 716 8.18 53.00 -11.05
N GLU B 717 7.58 51.99 -11.64
CA GLU B 717 6.29 51.43 -11.16
C GLU B 717 6.52 50.66 -9.86
N ALA B 718 7.65 49.98 -9.72
CA ALA B 718 8.04 49.23 -8.51
C ALA B 718 8.37 50.19 -7.38
N VAL B 719 8.93 51.35 -7.68
CA VAL B 719 9.32 52.37 -6.68
C VAL B 719 8.04 52.95 -6.08
N VAL B 720 7.00 53.22 -6.86
CA VAL B 720 5.75 53.85 -6.33
C VAL B 720 5.00 52.84 -5.47
N TRP B 721 5.15 51.54 -5.72
CA TRP B 721 4.46 50.49 -4.93
C TRP B 721 5.09 50.38 -3.55
N VAL B 722 6.41 50.41 -3.46
CA VAL B 722 7.17 50.26 -2.19
C VAL B 722 6.86 51.44 -1.28
N GLY B 723 6.73 52.64 -1.84
CA GLY B 723 6.33 53.84 -1.08
C GLY B 723 4.99 53.67 -0.41
N GLN B 724 4.03 53.09 -1.12
CA GLN B 724 2.65 52.89 -0.64
C GLN B 724 2.63 51.84 0.47
N LEU B 725 3.34 50.73 0.27
CA LEU B 725 3.36 49.56 1.18
C LEU B 725 4.00 49.93 2.51
N ALA B 726 5.02 50.79 2.49
CA ALA B 726 5.77 51.22 3.67
C ALA B 726 4.90 52.13 4.53
N THR B 727 4.14 53.04 3.91
CA THR B 727 3.26 53.99 4.61
C THR B 727 2.07 53.25 5.21
N GLU B 728 1.61 52.17 4.59
CA GLU B 728 0.50 51.33 5.12
C GLU B 728 0.99 50.50 6.31
N TYR B 729 2.23 50.04 6.30
CA TYR B 729 2.82 49.23 7.39
C TYR B 729 2.99 50.08 8.64
N ARG B 730 3.34 51.35 8.50
CA ARG B 730 3.54 52.29 9.64
C ARG B 730 2.22 52.54 10.35
N ARG B 731 1.12 52.67 9.62
CA ARG B 731 -0.19 53.04 10.20
C ARG B 731 -0.79 51.86 10.94
N ARG B 732 -0.47 50.63 10.54
CA ARG B 732 -1.09 49.40 11.08
C ARG B 732 -0.35 48.95 12.33
N PHE B 733 0.99 49.05 12.37
CA PHE B 733 1.85 48.42 13.38
C PHE B 733 2.65 49.44 14.20
N GLY B 734 2.79 50.67 13.75
CA GLY B 734 3.42 51.74 14.53
C GLY B 734 4.89 51.49 14.79
N LYS B 735 5.62 50.98 13.81
CA LYS B 735 7.07 50.70 13.91
C LYS B 735 7.81 51.37 12.73
N ASP B 736 9.14 51.36 12.79
CA ASP B 736 10.03 51.92 11.76
C ASP B 736 10.09 50.98 10.57
N VAL B 737 10.37 51.54 9.39
CA VAL B 737 10.42 50.84 8.07
C VAL B 737 11.53 51.48 7.25
N PHE B 738 12.31 50.67 6.53
CA PHE B 738 13.56 51.04 5.85
C PHE B 738 13.48 50.70 4.37
N ILE B 739 13.69 51.68 3.47
CA ILE B 739 13.72 51.52 1.99
C ILE B 739 15.13 51.81 1.49
N ASP B 740 15.74 50.88 0.75
CA ASP B 740 17.07 51.02 0.08
C ASP B 740 16.84 51.23 -1.41
N LEU B 741 17.13 52.42 -1.93
CA LEU B 741 16.95 52.80 -3.35
C LEU B 741 18.30 52.71 -4.03
N VAL B 742 18.50 51.69 -4.87
CA VAL B 742 19.79 51.38 -5.53
C VAL B 742 19.82 52.14 -6.85
N CYS B 743 20.73 53.10 -6.96
CA CYS B 743 20.89 54.02 -8.10
C CYS B 743 22.39 54.21 -8.34
N TYR B 744 22.81 55.28 -9.03
CA TYR B 744 24.24 55.63 -9.21
C TYR B 744 24.42 57.14 -9.22
N ARG B 745 25.67 57.61 -9.22
CA ARG B 745 26.08 59.03 -9.23
C ARG B 745 26.76 59.31 -10.56
N LEU B 746 26.14 60.10 -11.43
CA LEU B 746 26.55 60.32 -12.84
C LEU B 746 27.85 61.12 -12.89
N ARG B 747 27.90 62.24 -12.19
CA ARG B 747 29.06 63.18 -12.16
C ARG B 747 29.90 62.91 -10.91
N GLY B 748 31.00 63.65 -10.75
CA GLY B 748 31.83 63.66 -9.52
C GLY B 748 31.21 64.56 -8.45
N HIS B 749 31.75 64.50 -7.23
CA HIS B 749 31.27 65.28 -6.06
C HIS B 749 31.75 66.74 -6.17
N ASN B 750 32.98 66.96 -6.65
CA ASN B 750 33.54 68.31 -6.91
C ASN B 750 33.00 68.85 -8.24
N GLU B 751 33.10 70.16 -8.45
CA GLU B 751 32.65 70.87 -9.69
C GLU B 751 33.54 70.44 -10.86
N ALA B 752 34.86 70.49 -10.67
CA ALA B 752 35.89 70.07 -11.65
C ALA B 752 36.79 68.99 -11.03
N ASP B 753 36.31 67.75 -11.01
CA ASP B 753 37.03 66.55 -10.50
C ASP B 753 36.58 65.30 -11.27
N ASP B 754 37.54 64.46 -11.70
CA ASP B 754 37.30 63.24 -12.51
C ASP B 754 37.12 62.05 -11.57
N PRO B 755 35.94 61.37 -11.58
CA PRO B 755 35.74 60.20 -10.72
C PRO B 755 36.40 58.92 -11.24
N SER B 756 36.84 58.90 -12.50
CA SER B 756 37.58 57.78 -13.16
C SER B 756 39.03 57.73 -12.64
N MET B 757 39.54 58.83 -12.08
CA MET B 757 40.88 58.95 -11.46
C MET B 757 41.08 57.85 -10.41
N THR B 758 40.06 57.58 -9.59
CA THR B 758 40.09 56.61 -8.45
C THR B 758 39.28 55.34 -8.77
N GLN B 759 38.07 55.48 -9.34
CA GLN B 759 37.15 54.35 -9.69
C GLN B 759 36.97 54.30 -11.21
N PRO B 760 37.98 53.80 -11.98
CA PRO B 760 37.87 53.74 -13.44
C PRO B 760 36.91 52.67 -13.99
N LYS B 761 36.85 51.50 -13.35
CA LYS B 761 36.03 50.34 -13.80
C LYS B 761 34.54 50.62 -13.63
N MET B 762 34.14 51.26 -12.53
CA MET B 762 32.72 51.59 -12.23
C MET B 762 32.21 52.64 -13.24
N TYR B 763 33.04 53.60 -13.61
CA TYR B 763 32.64 54.76 -14.45
C TYR B 763 32.82 54.45 -15.95
N GLU B 764 33.22 53.22 -16.29
CA GLU B 764 33.08 52.65 -17.66
C GLU B 764 31.60 52.30 -17.89
N LEU B 765 30.95 51.70 -16.89
CA LEU B 765 29.53 51.29 -16.94
C LEU B 765 28.60 52.51 -16.91
N ILE B 766 28.97 53.58 -16.22
CA ILE B 766 28.09 54.75 -15.95
C ILE B 766 28.02 55.66 -17.18
N THR B 767 29.17 55.99 -17.78
CA THR B 767 29.29 57.04 -18.83
C THR B 767 28.59 56.57 -20.11
N GLY B 768 27.68 57.40 -20.64
CA GLY B 768 26.96 57.17 -21.90
C GLY B 768 25.84 56.16 -21.77
N ARG B 769 24.99 56.32 -20.75
CA ARG B 769 23.74 55.52 -20.53
C ARG B 769 22.54 56.33 -21.00
N GLU B 770 21.39 55.68 -21.13
CA GLU B 770 20.06 56.34 -21.26
C GLU B 770 19.53 56.65 -19.87
N THR B 771 18.81 57.76 -19.73
CA THR B 771 18.18 58.26 -18.49
C THR B 771 16.97 57.39 -18.15
N VAL B 772 16.48 57.45 -16.92
CA VAL B 772 15.31 56.65 -16.44
C VAL B 772 14.04 57.15 -17.12
N ARG B 773 13.94 58.43 -17.42
CA ARG B 773 12.82 59.05 -18.16
C ARG B 773 12.75 58.48 -19.56
N ALA B 774 13.87 58.42 -20.26
CA ALA B 774 13.98 57.93 -21.64
C ALA B 774 13.58 56.48 -21.70
N GLN B 775 14.06 55.67 -20.77
CA GLN B 775 13.80 54.23 -20.74
C GLN B 775 12.32 53.96 -20.52
N TYR B 776 11.67 54.73 -19.66
CA TYR B 776 10.26 54.50 -19.28
C TYR B 776 9.37 54.95 -20.43
N THR B 777 9.71 56.00 -21.14
CA THR B 777 8.92 56.48 -22.30
C THR B 777 8.93 55.43 -23.38
N GLU B 778 10.07 54.79 -23.61
CA GLU B 778 10.27 53.76 -24.66
C GLU B 778 9.48 52.52 -24.31
N ASP B 779 9.31 52.21 -23.03
CA ASP B 779 8.59 51.02 -22.54
C ASP B 779 7.08 51.20 -22.69
N LEU B 780 6.55 52.40 -22.45
CA LEU B 780 5.11 52.70 -22.58
C LEU B 780 4.73 52.72 -24.05
N LEU B 781 5.49 53.38 -24.92
CA LEU B 781 5.19 53.45 -26.38
C LEU B 781 5.46 52.14 -27.07
N GLY B 782 5.87 51.08 -26.38
CA GLY B 782 6.11 49.77 -27.01
C GLY B 782 5.33 48.66 -26.37
N ARG B 783 4.26 48.94 -25.62
CA ARG B 783 3.30 47.95 -25.11
C ARG B 783 1.96 48.16 -25.80
N GLY B 784 1.83 49.14 -26.70
CA GLY B 784 0.71 49.29 -27.63
C GLY B 784 -0.64 49.53 -26.96
N ASP B 785 -0.62 49.94 -25.68
CA ASP B 785 -1.83 50.35 -24.93
C ASP B 785 -2.34 51.69 -25.48
N LEU B 786 -1.41 52.60 -25.80
CA LEU B 786 -1.68 54.04 -26.10
C LEU B 786 -2.19 54.18 -27.53
N SER B 787 -3.14 55.10 -27.75
CA SER B 787 -3.72 55.45 -29.07
C SER B 787 -2.79 56.44 -29.78
N ASN B 788 -3.20 56.91 -30.96
CA ASN B 788 -2.40 57.86 -31.79
C ASN B 788 -2.39 59.24 -31.12
N GLU B 789 -3.55 59.71 -30.66
CA GLU B 789 -3.71 61.01 -29.97
C GLU B 789 -2.98 60.99 -28.61
N ASP B 790 -3.06 59.86 -27.90
CA ASP B 790 -2.44 59.64 -26.56
C ASP B 790 -0.92 59.64 -26.68
N ALA B 791 -0.39 59.05 -27.75
CA ALA B 791 1.05 58.88 -27.98
C ALA B 791 1.72 60.22 -28.26
N GLU B 792 1.08 61.10 -29.03
CA GLU B 792 1.59 62.46 -29.36
C GLU B 792 1.75 63.28 -28.08
N ALA B 793 0.85 63.11 -27.12
CA ALA B 793 0.78 63.87 -25.86
C ALA B 793 1.99 63.56 -24.99
N VAL B 794 2.42 62.30 -24.95
CA VAL B 794 3.56 61.85 -24.11
C VAL B 794 4.83 62.60 -24.56
N VAL B 795 4.98 62.84 -25.85
CA VAL B 795 6.17 63.51 -26.45
C VAL B 795 6.15 64.99 -26.09
N ARG B 796 4.99 65.62 -26.14
CA ARG B 796 4.79 67.08 -26.02
C ARG B 796 4.92 67.53 -24.57
N ASP B 797 4.75 66.61 -23.61
CA ASP B 797 4.77 66.93 -22.16
C ASP B 797 6.16 67.40 -21.74
N PHE B 798 7.22 66.76 -22.24
CA PHE B 798 8.62 67.09 -21.87
C PHE B 798 8.99 68.47 -22.41
N HIS B 799 8.48 68.87 -23.56
CA HIS B 799 8.73 70.20 -24.14
C HIS B 799 7.99 71.27 -23.34
N ASP B 800 6.79 70.96 -22.85
CA ASP B 800 5.98 71.90 -22.03
C ASP B 800 6.71 72.22 -20.74
N GLN B 801 7.16 71.21 -20.00
CA GLN B 801 7.81 71.38 -18.68
C GLN B 801 9.06 72.24 -18.84
N MET B 802 9.81 72.04 -19.92
CA MET B 802 11.06 72.77 -20.24
C MET B 802 10.74 74.24 -20.52
N GLU B 803 9.78 74.52 -21.39
CA GLU B 803 9.40 75.91 -21.74
C GLU B 803 8.97 76.68 -20.50
N SER B 804 8.28 76.02 -19.57
CA SER B 804 7.73 76.63 -18.33
C SER B 804 8.86 77.11 -17.42
N VAL B 805 9.88 76.28 -17.21
CA VAL B 805 10.99 76.53 -16.26
C VAL B 805 11.89 77.63 -16.82
N PHE B 806 12.04 77.73 -18.14
CA PHE B 806 13.01 78.64 -18.81
C PHE B 806 12.34 79.92 -19.29
N ASN B 807 11.11 80.23 -18.87
CA ASN B 807 10.42 81.49 -19.24
C ASN B 807 11.15 82.66 -18.57
N GLY B 832 10.43 95.92 32.98
CA GLY B 832 9.65 96.18 34.23
C GLY B 832 8.61 95.10 34.48
N LEU B 833 9.02 93.82 34.35
CA LEU B 833 8.15 92.64 34.53
C LEU B 833 8.37 92.08 35.95
N GLU B 834 7.29 91.88 36.70
CA GLU B 834 7.33 91.40 38.11
C GLU B 834 7.04 89.92 38.15
N THR B 835 7.80 89.14 38.90
CA THR B 835 7.84 87.66 38.86
C THR B 835 7.39 87.01 40.17
N ASN B 836 6.94 87.79 41.16
CA ASN B 836 6.47 87.23 42.45
C ASN B 836 5.13 86.56 42.28
N ILE B 837 4.79 85.64 43.18
CA ILE B 837 3.44 85.03 43.28
C ILE B 837 2.79 85.47 44.59
N SER B 838 1.51 85.12 44.79
CA SER B 838 0.70 85.52 45.97
C SER B 838 0.87 84.51 47.10
N ARG B 839 0.63 84.93 48.34
CA ARG B 839 0.64 84.08 49.55
C ARG B 839 -0.25 82.86 49.32
N GLU B 840 -1.38 83.06 48.67
CA GLU B 840 -2.43 82.03 48.49
C GLU B 840 -1.95 81.00 47.49
N GLU B 841 -1.28 81.42 46.43
CA GLU B 841 -0.75 80.53 45.38
C GLU B 841 0.33 79.63 45.97
N LEU B 842 1.15 80.16 46.89
CA LEU B 842 2.29 79.45 47.51
C LEU B 842 1.78 78.35 48.44
N LEU B 843 0.76 78.64 49.25
CA LEU B 843 0.19 77.66 50.20
C LEU B 843 -0.43 76.50 49.43
N GLU B 844 -1.06 76.78 48.30
CA GLU B 844 -1.77 75.76 47.50
C GLU B 844 -0.74 74.79 46.92
N LEU B 845 0.42 75.28 46.50
CA LEU B 845 1.50 74.45 45.89
C LEU B 845 2.05 73.52 46.95
N GLY B 846 2.24 74.02 48.16
CA GLY B 846 2.69 73.23 49.31
C GLY B 846 1.74 72.11 49.62
N GLN B 847 0.44 72.35 49.51
CA GLN B 847 -0.61 71.42 49.96
C GLN B 847 -0.81 70.30 48.96
N ALA B 848 -0.10 70.30 47.85
CA ALA B 848 -0.25 69.28 46.80
C ALA B 848 0.38 67.99 47.24
N PHE B 849 1.42 68.07 48.07
CA PHE B 849 2.18 66.92 48.58
C PHE B 849 1.43 66.25 49.74
N ALA B 850 0.34 66.84 50.23
CA ALA B 850 -0.56 66.25 51.23
C ALA B 850 -1.77 65.56 50.59
N ASN B 851 -2.24 66.03 49.44
CA ASN B 851 -3.46 65.50 48.78
C ASN B 851 -3.10 64.25 48.01
N THR B 852 -2.81 63.19 48.75
CA THR B 852 -2.41 61.86 48.25
C THR B 852 -3.68 61.16 47.79
N PRO B 853 -3.69 60.35 46.71
CA PRO B 853 -4.87 59.59 46.36
C PRO B 853 -5.22 58.45 47.33
N GLU B 854 -6.47 57.97 47.29
CA GLU B 854 -7.02 57.01 48.27
C GLU B 854 -6.21 55.71 48.25
N GLY B 855 -5.68 55.33 49.41
CA GLY B 855 -4.83 54.14 49.56
C GLY B 855 -3.57 54.24 48.75
N PHE B 856 -2.85 55.35 48.90
CA PHE B 856 -1.45 55.55 48.47
C PHE B 856 -0.67 55.93 49.71
N ASN B 857 0.47 55.28 49.93
CA ASN B 857 1.42 55.64 50.99
C ASN B 857 2.78 55.88 50.36
N TYR B 858 3.56 56.80 50.92
CA TYR B 858 4.92 57.14 50.48
C TYR B 858 5.89 56.14 51.09
N HIS B 859 6.97 55.80 50.39
CA HIS B 859 8.12 55.01 50.90
C HIS B 859 8.72 55.76 52.05
N PRO B 860 9.12 55.10 53.15
CA PRO B 860 9.49 55.81 54.36
C PRO B 860 10.76 56.67 54.37
N ARG B 861 11.55 56.67 53.31
CA ARG B 861 12.70 57.60 53.15
C ARG B 861 12.27 58.83 52.36
N VAL B 862 11.12 58.76 51.66
CA VAL B 862 10.51 59.86 50.85
C VAL B 862 9.47 60.60 51.69
N ALA B 863 8.91 59.97 52.72
CA ALA B 863 7.84 60.53 53.56
C ALA B 863 8.27 61.81 54.24
N PRO B 864 9.42 61.89 54.92
CA PRO B 864 9.80 63.13 55.59
C PRO B 864 10.15 64.32 54.68
N VAL B 865 10.51 64.08 53.42
CA VAL B 865 10.76 65.14 52.40
C VAL B 865 9.42 65.81 52.09
N ALA B 866 8.39 65.00 51.87
CA ALA B 866 7.03 65.46 51.56
C ALA B 866 6.47 66.27 52.71
N LYS B 867 6.75 65.89 53.93
CA LYS B 867 6.19 66.56 55.12
C LYS B 867 6.82 67.93 55.26
N LYS B 868 8.08 68.10 54.86
CA LYS B 868 8.81 69.38 55.05
C LYS B 868 8.37 70.39 53.98
N ARG B 869 8.06 69.91 52.78
CA ARG B 869 7.52 70.72 51.67
C ARG B 869 6.22 71.39 52.11
N VAL B 870 5.40 70.72 52.91
CA VAL B 870 4.08 71.24 53.35
C VAL B 870 4.25 72.25 54.47
N SER B 871 5.29 72.17 55.29
CA SER B 871 5.50 73.05 56.45
C SER B 871 6.30 74.29 56.09
N SER B 872 7.17 74.18 55.09
CA SER B 872 8.23 75.17 54.74
C SER B 872 7.61 76.43 54.22
N VAL B 873 6.46 76.33 53.56
CA VAL B 873 5.77 77.45 52.86
C VAL B 873 5.11 78.37 53.88
N THR B 874 5.19 78.08 55.16
CA THR B 874 4.74 78.96 56.26
C THR B 874 5.89 79.26 57.22
N GLU B 875 6.79 78.31 57.49
CA GLU B 875 7.80 78.37 58.57
C GLU B 875 9.11 78.91 58.04
N GLY B 876 9.60 78.37 56.93
CA GLY B 876 10.86 78.79 56.31
C GLY B 876 11.67 77.60 55.86
N GLY B 877 12.91 77.85 55.44
CA GLY B 877 13.88 76.81 55.14
C GLY B 877 13.56 76.09 53.87
N ILE B 878 13.49 76.80 52.74
CA ILE B 878 13.17 76.21 51.42
C ILE B 878 14.50 75.92 50.74
N ASP B 879 14.69 74.69 50.26
CA ASP B 879 15.96 74.22 49.68
C ASP B 879 15.91 74.37 48.17
N TRP B 880 17.04 74.13 47.51
CA TRP B 880 17.25 74.35 46.07
C TRP B 880 16.17 73.63 45.28
N ALA B 881 16.01 72.33 45.48
CA ALA B 881 15.13 71.50 44.64
C ALA B 881 13.70 71.98 44.73
N TRP B 882 13.26 72.39 45.91
CA TRP B 882 11.87 72.83 46.17
C TRP B 882 11.64 74.19 45.54
N GLY B 883 12.66 75.03 45.44
CA GLY B 883 12.62 76.30 44.71
C GLY B 883 12.43 76.10 43.22
N GLU B 884 13.08 75.10 42.64
CA GLU B 884 12.99 74.79 41.20
C GLU B 884 11.59 74.30 40.87
N LEU B 885 11.03 73.40 41.67
CA LEU B 885 9.70 72.80 41.41
C LEU B 885 8.60 73.84 41.63
N LEU B 886 8.78 74.76 42.57
CA LEU B 886 7.80 75.84 42.82
C LEU B 886 7.70 76.74 41.60
N ALA B 887 8.78 76.88 40.83
CA ALA B 887 8.82 77.68 39.59
C ALA B 887 8.08 76.96 38.48
N PHE B 888 8.43 75.71 38.20
CA PHE B 888 7.80 74.94 37.10
C PHE B 888 6.33 74.71 37.40
N GLY B 889 5.96 74.60 38.66
CA GLY B 889 4.57 74.37 39.07
C GLY B 889 3.73 75.59 38.84
N SER B 890 4.20 76.74 39.27
CA SER B 890 3.48 78.02 39.10
C SER B 890 3.17 78.25 37.63
N LEU B 891 4.09 77.92 36.73
CA LEU B 891 3.95 78.17 35.28
C LEU B 891 2.96 77.19 34.68
N ALA B 892 2.87 75.96 35.17
CA ALA B 892 1.91 74.97 34.67
C ALA B 892 0.49 75.35 35.09
N ASN B 893 0.33 76.01 36.22
CA ASN B 893 -0.99 76.45 36.71
C ASN B 893 -1.56 77.52 35.79
N SER B 894 -0.75 78.45 35.33
CA SER B 894 -1.17 79.55 34.42
C SER B 894 -1.69 79.00 33.10
N GLY B 895 -1.19 77.86 32.66
CA GLY B 895 -1.78 77.09 31.55
C GLY B 895 -0.77 76.60 30.55
N ARG B 896 0.49 76.46 30.92
CA ARG B 896 1.59 76.14 29.98
C ARG B 896 1.91 74.67 30.03
N LEU B 897 2.58 74.16 28.99
CA LEU B 897 3.10 72.78 28.91
C LEU B 897 4.56 72.83 29.30
N VAL B 898 4.91 72.24 30.45
CA VAL B 898 6.27 72.19 31.03
C VAL B 898 6.78 70.77 30.88
N ARG B 899 7.96 70.58 30.28
CA ARG B 899 8.61 69.27 30.03
C ARG B 899 10.03 69.29 30.59
N LEU B 900 10.39 68.29 31.41
CA LEU B 900 11.72 68.09 32.01
C LEU B 900 12.22 66.70 31.67
N ALA B 901 13.42 66.55 31.10
CA ALA B 901 13.97 65.27 30.64
C ALA B 901 15.47 65.17 30.91
N GLY B 902 15.96 63.98 31.23
CA GLY B 902 17.38 63.70 31.50
C GLY B 902 17.57 62.41 32.26
N GLU B 903 18.81 61.97 32.45
CA GLU B 903 19.16 60.70 33.13
C GLU B 903 18.79 60.80 34.61
N ASP B 904 17.81 59.99 35.04
CA ASP B 904 17.42 59.80 36.45
C ASP B 904 16.82 61.10 36.99
N SER B 905 15.97 61.74 36.18
CA SER B 905 15.48 63.13 36.41
C SER B 905 14.22 63.14 37.26
N ARG B 906 13.46 62.05 37.32
CA ARG B 906 12.25 61.94 38.17
C ARG B 906 12.64 61.92 39.64
N ARG B 907 13.59 61.07 40.03
CA ARG B 907 14.10 60.98 41.41
C ARG B 907 15.09 62.11 41.66
N GLY B 908 16.00 62.34 40.71
CA GLY B 908 17.18 63.20 40.86
C GLY B 908 18.43 62.37 41.03
N THR B 909 19.57 62.86 40.53
CA THR B 909 20.90 62.20 40.60
C THR B 909 21.37 62.19 42.04
N PHE B 910 21.16 63.27 42.76
CA PHE B 910 21.61 63.47 44.14
C PHE B 910 20.45 63.24 45.10
N THR B 911 19.41 62.52 44.65
CA THR B 911 18.24 62.09 45.44
C THR B 911 17.59 63.31 46.08
N GLN B 912 17.30 64.33 45.28
CA GLN B 912 16.92 65.67 45.79
C GLN B 912 15.55 66.10 45.29
N ARG B 913 14.98 65.52 44.23
CA ARG B 913 13.83 66.11 43.50
C ARG B 913 12.53 65.47 43.93
N HIS B 914 12.34 64.18 43.71
CA HIS B 914 11.12 63.44 44.05
C HIS B 914 9.91 64.17 43.48
N ALA B 915 9.76 64.12 42.16
CA ALA B 915 8.68 64.78 41.41
C ALA B 915 7.62 63.77 41.02
N VAL B 916 7.99 62.52 40.84
CA VAL B 916 7.06 61.37 40.82
C VAL B 916 7.44 60.46 41.98
N ALA B 917 6.49 60.05 42.80
CA ALA B 917 6.66 59.14 43.93
C ALA B 917 6.05 57.79 43.60
N ILE B 918 6.59 56.70 44.14
CA ILE B 918 6.12 55.30 43.90
C ILE B 918 5.78 54.65 45.23
N ASP B 919 4.65 53.94 45.30
CA ASP B 919 4.17 53.21 46.50
C ASP B 919 4.85 51.85 46.56
N PRO B 920 5.62 51.53 47.62
CA PRO B 920 6.34 50.28 47.67
C PRO B 920 5.47 49.02 47.64
N ALA B 921 4.24 49.11 48.15
CA ALA B 921 3.30 47.98 48.21
C ALA B 921 2.77 47.66 46.82
N THR B 922 2.29 48.65 46.07
CA THR B 922 1.46 48.43 44.86
C THR B 922 2.18 48.80 43.56
N ALA B 923 3.26 49.57 43.62
CA ALA B 923 4.00 50.12 42.45
C ALA B 923 3.08 51.04 41.63
N GLU B 924 2.35 51.94 42.31
CA GLU B 924 1.47 52.96 41.70
C GLU B 924 2.20 54.31 41.76
N GLU B 925 2.08 55.11 40.70
CA GLU B 925 2.80 56.39 40.52
C GLU B 925 1.90 57.56 40.89
N PHE B 926 2.47 58.62 41.46
CA PHE B 926 1.78 59.88 41.79
C PHE B 926 2.66 61.07 41.40
N ASN B 927 2.06 62.07 40.74
CA ASN B 927 2.71 63.29 40.23
C ASN B 927 1.96 64.49 40.76
N PRO B 928 2.22 64.94 42.00
CA PRO B 928 1.41 65.95 42.62
C PRO B 928 1.15 67.23 41.84
N LEU B 929 2.18 67.81 41.23
CA LEU B 929 2.09 69.12 40.57
C LEU B 929 1.33 69.00 39.25
N HIS B 930 1.33 67.85 38.58
CA HIS B 930 0.53 67.63 37.35
C HIS B 930 -0.94 67.64 37.67
N GLU B 931 -1.30 67.07 38.83
CA GLU B 931 -2.71 66.95 39.26
C GLU B 931 -3.25 68.31 39.65
N LEU B 932 -2.46 69.14 40.31
CA LEU B 932 -2.93 70.49 40.71
C LEU B 932 -3.16 71.33 39.46
N ALA B 933 -2.34 71.16 38.44
CA ALA B 933 -2.42 71.97 37.21
C ALA B 933 -3.70 71.64 36.47
N GLN B 934 -4.08 70.37 36.42
CA GLN B 934 -5.26 69.89 35.68
C GLN B 934 -6.54 70.15 36.48
N SER B 935 -6.48 70.68 37.68
CA SER B 935 -7.66 71.01 38.50
C SER B 935 -7.97 72.50 38.46
N LYS B 936 -7.12 73.32 37.86
CA LYS B 936 -7.25 74.80 37.85
C LYS B 936 -8.00 75.25 36.60
N GLY B 937 -8.16 74.37 35.61
CA GLY B 937 -9.00 74.64 34.43
C GLY B 937 -8.38 75.66 33.52
N ASN B 938 -7.11 75.48 33.17
CA ASN B 938 -6.44 76.17 32.04
C ASN B 938 -5.63 75.17 31.22
N ASN B 939 -5.90 73.89 31.35
CA ASN B 939 -5.26 72.77 30.62
C ASN B 939 -3.74 72.91 30.64
N GLY B 940 -3.15 73.00 31.83
CA GLY B 940 -1.70 73.01 32.04
C GLY B 940 -1.21 71.62 32.31
N LYS B 941 0.05 71.34 32.04
CA LYS B 941 0.66 70.01 32.21
C LYS B 941 2.08 70.14 32.75
N PHE B 942 2.49 69.25 33.65
CA PHE B 942 3.88 69.03 34.11
C PHE B 942 4.26 67.59 33.79
N LEU B 943 5.09 67.39 32.77
CA LEU B 943 5.52 66.07 32.22
C LEU B 943 6.99 65.86 32.52
N VAL B 944 7.37 64.76 33.19
CA VAL B 944 8.76 64.46 33.63
C VAL B 944 9.13 63.06 33.16
N TYR B 945 10.23 62.91 32.43
CA TYR B 945 10.66 61.65 31.77
C TYR B 945 12.12 61.35 32.09
N ASN B 946 12.46 60.08 32.25
CA ASN B 946 13.82 59.52 32.38
C ASN B 946 14.35 59.13 31.00
N SER B 947 15.46 59.72 30.56
CA SER B 947 16.08 59.47 29.24
C SER B 947 16.78 58.13 29.24
N ALA B 948 17.27 57.71 28.08
CA ALA B 948 18.28 56.65 27.92
C ALA B 948 19.65 57.27 28.14
N LEU B 949 20.68 56.44 28.20
CA LEU B 949 22.06 56.86 28.51
C LEU B 949 22.66 57.42 27.22
N THR B 950 22.33 58.67 26.90
CA THR B 950 22.77 59.40 25.68
C THR B 950 22.84 60.89 25.99
N GLU B 951 23.76 61.60 25.35
CA GLU B 951 23.93 63.06 25.48
C GLU B 951 23.63 63.73 24.13
N TYR B 952 24.15 63.19 23.04
CA TYR B 952 23.96 63.70 21.66
C TYR B 952 22.47 63.61 21.32
N ALA B 953 21.90 62.41 21.34
CA ALA B 953 20.50 62.16 20.97
C ALA B 953 19.56 62.84 21.96
N GLY B 954 19.92 62.87 23.24
CA GLY B 954 19.09 63.45 24.30
C GLY B 954 18.90 64.93 24.14
N MET B 955 19.97 65.70 24.07
CA MET B 955 19.91 67.17 23.99
C MET B 955 19.35 67.59 22.64
N GLY B 956 19.64 66.84 21.59
CA GLY B 956 19.12 67.11 20.25
C GLY B 956 17.62 67.08 20.24
N PHE B 957 17.02 66.12 20.93
CA PHE B 957 15.56 65.88 20.98
C PHE B 957 14.87 67.04 21.67
N GLU B 958 15.49 67.65 22.67
CA GLU B 958 14.87 68.75 23.44
C GLU B 958 15.00 70.07 22.69
N TYR B 959 16.02 70.26 21.87
CA TYR B 959 16.15 71.43 20.98
C TYR B 959 15.04 71.38 19.94
N GLY B 960 14.76 70.19 19.43
CA GLY B 960 13.69 69.97 18.44
C GLY B 960 12.33 70.34 18.99
N TYR B 961 12.10 70.01 20.26
CA TYR B 961 10.80 70.24 20.94
C TYR B 961 10.56 71.73 21.06
N SER B 962 11.59 72.51 21.34
CA SER B 962 11.51 73.97 21.48
C SER B 962 11.15 74.63 20.16
N VAL B 963 11.61 74.09 19.04
CA VAL B 963 11.38 74.65 17.68
C VAL B 963 9.97 74.31 17.24
N GLY B 964 9.47 73.14 17.57
CA GLY B 964 8.14 72.66 17.14
C GLY B 964 7.00 73.09 18.04
N ASN B 965 7.27 73.79 19.15
CA ASN B 965 6.24 74.46 19.98
C ASN B 965 6.87 75.64 20.69
N GLU B 966 6.75 76.83 20.13
CA GLU B 966 7.34 78.07 20.66
C GLU B 966 6.82 78.38 22.06
N ASP B 967 5.61 77.91 22.41
CA ASP B 967 4.89 78.31 23.65
C ASP B 967 5.14 77.33 24.79
N SER B 968 5.93 76.27 24.60
CA SER B 968 6.28 75.28 25.64
C SER B 968 7.48 75.77 26.44
N ILE B 969 7.61 75.32 27.69
CA ILE B 969 8.82 75.50 28.55
C ILE B 969 9.52 74.16 28.63
N VAL B 970 10.71 74.02 28.04
CA VAL B 970 11.49 72.75 27.95
C VAL B 970 12.84 72.91 28.65
N ALA B 971 13.28 71.88 29.38
CA ALA B 971 14.57 71.84 30.10
C ALA B 971 15.21 70.47 29.98
N TRP B 972 16.48 70.40 29.58
CA TRP B 972 17.33 69.18 29.56
C TRP B 972 18.33 69.26 30.68
N GLU B 973 18.48 68.17 31.44
CA GLU B 973 19.42 68.05 32.57
C GLU B 973 20.47 67.00 32.25
N ALA B 974 21.71 67.24 32.69
CA ALA B 974 22.86 66.32 32.57
C ALA B 974 23.15 65.72 33.93
N GLN B 975 23.64 64.49 33.98
CA GLN B 975 23.95 63.79 35.25
C GLN B 975 25.01 64.59 35.97
N PHE B 976 26.10 64.89 35.26
CA PHE B 976 27.14 65.88 35.63
C PHE B 976 27.43 66.73 34.40
N GLY B 977 27.76 68.00 34.59
CA GLY B 977 28.03 68.94 33.49
C GLY B 977 29.25 68.56 32.68
N ASP B 978 30.11 67.71 33.22
CA ASP B 978 31.35 67.22 32.59
C ASP B 978 31.04 66.33 31.39
N PHE B 979 29.84 65.76 31.29
CA PHE B 979 29.48 64.80 30.23
C PHE B 979 28.77 65.49 29.07
N ALA B 980 28.61 66.80 29.09
CA ALA B 980 27.95 67.58 28.03
C ALA B 980 28.85 67.76 26.81
N ASN B 981 30.13 67.40 26.89
CA ASN B 981 31.07 67.47 25.74
C ASN B 981 30.75 66.37 24.73
N GLY B 982 29.93 65.40 25.07
CA GLY B 982 29.45 64.37 24.13
C GLY B 982 28.25 64.83 23.34
N ALA B 983 27.82 66.08 23.50
CA ALA B 983 26.79 66.73 22.68
C ALA B 983 27.30 68.06 22.17
N GLN B 984 28.58 68.12 21.79
CA GLN B 984 29.23 69.38 21.37
C GLN B 984 28.72 69.79 19.99
N THR B 985 28.44 68.84 19.11
CA THR B 985 27.89 69.10 17.76
C THR B 985 26.61 69.90 17.91
N ILE B 986 25.73 69.54 18.84
CA ILE B 986 24.41 70.18 19.03
C ILE B 986 24.59 71.55 19.68
N ILE B 987 25.59 71.75 20.51
CA ILE B 987 25.83 73.07 21.17
C ILE B 987 26.36 74.05 20.12
N ASP B 988 27.31 73.61 19.29
CA ASP B 988 28.06 74.45 18.33
C ASP B 988 27.20 74.82 17.13
N GLU B 989 26.41 73.89 16.62
CA GLU B 989 25.77 73.97 15.27
C GLU B 989 24.31 74.37 15.35
N TYR B 990 23.65 74.26 16.51
CA TYR B 990 22.19 74.55 16.68
C TYR B 990 21.92 75.56 17.80
N VAL B 991 22.38 75.32 19.01
CA VAL B 991 21.94 76.07 20.22
C VAL B 991 22.58 77.44 20.24
N SER B 992 23.84 77.56 19.89
CA SER B 992 24.63 78.81 20.02
C SER B 992 24.55 79.66 18.75
N SER B 993 24.21 79.07 17.60
CA SER B 993 24.44 79.63 16.26
C SER B 993 23.19 79.66 15.37
N GLY B 994 22.09 79.04 15.75
CA GLY B 994 20.92 78.85 14.88
C GLY B 994 20.26 80.14 14.44
N GLU B 995 20.14 81.13 15.32
CA GLU B 995 19.48 82.42 15.03
C GLU B 995 20.30 83.20 14.03
N ALA B 996 21.62 83.27 14.20
CA ALA B 996 22.53 84.00 13.30
C ALA B 996 22.54 83.39 11.91
N LYS B 997 22.52 82.07 11.81
CA LYS B 997 22.61 81.35 10.53
C LYS B 997 21.29 81.44 9.78
N TRP B 998 20.21 80.94 10.36
CA TRP B 998 18.93 80.65 9.67
C TRP B 998 17.77 81.48 10.18
N GLY B 999 17.90 82.25 11.23
CA GLY B 999 16.79 83.02 11.82
C GLY B 999 15.81 82.15 12.57
N GLN B 1000 16.26 81.02 13.11
CA GLN B 1000 15.45 80.03 13.86
C GLN B 1000 15.73 80.25 15.35
N THR B 1001 14.70 80.55 16.14
CA THR B 1001 14.81 80.94 17.56
C THR B 1001 14.43 79.76 18.45
N SER B 1002 15.05 79.67 19.63
CA SER B 1002 14.78 78.65 20.67
C SER B 1002 14.89 79.27 22.06
N LYS B 1003 14.15 78.70 23.01
CA LYS B 1003 14.09 79.10 24.43
C LYS B 1003 14.42 77.89 25.32
N LEU B 1004 15.34 77.02 24.91
CA LEU B 1004 15.72 75.80 25.64
C LEU B 1004 16.47 76.19 26.89
N ILE B 1005 16.26 75.45 28.00
CA ILE B 1005 16.98 75.62 29.29
C ILE B 1005 17.91 74.43 29.45
N LEU B 1006 19.21 74.66 29.58
CA LEU B 1006 20.22 73.64 29.93
C LEU B 1006 20.55 73.76 31.42
N LEU B 1007 20.36 72.69 32.19
CA LEU B 1007 20.66 72.57 33.64
C LEU B 1007 21.88 71.67 33.80
N LEU B 1008 23.05 72.24 34.10
CA LEU B 1008 24.37 71.56 34.09
C LEU B 1008 25.00 71.64 35.48
N PRO B 1009 25.08 70.55 36.28
CA PRO B 1009 25.77 70.57 37.57
C PRO B 1009 27.26 70.89 37.57
N HIS B 1010 27.75 71.58 38.59
CA HIS B 1010 29.09 72.21 38.61
C HIS B 1010 29.54 72.45 40.04
N GLY B 1011 30.77 72.06 40.39
CA GLY B 1011 31.40 72.45 41.65
C GLY B 1011 32.63 71.65 41.95
N TYR B 1012 33.60 72.28 42.62
CA TYR B 1012 34.90 71.70 43.01
C TYR B 1012 34.78 71.21 44.45
N GLU B 1013 34.43 69.94 44.63
CA GLU B 1013 34.09 69.32 45.93
C GLU B 1013 34.99 68.11 46.24
N GLY B 1014 35.92 67.76 45.38
CA GLY B 1014 36.96 66.77 45.65
C GLY B 1014 36.62 65.39 45.13
N GLN B 1015 35.97 65.29 43.98
CA GLN B 1015 35.41 64.03 43.47
C GLN B 1015 35.99 63.69 42.10
N GLY B 1016 37.06 64.36 41.67
CA GLY B 1016 37.92 63.95 40.54
C GLY B 1016 37.69 64.79 39.29
N PRO B 1017 38.51 64.59 38.23
CA PRO B 1017 38.40 65.38 37.01
C PRO B 1017 37.18 65.22 36.08
N ASP B 1018 36.39 64.16 36.21
CA ASP B 1018 35.19 63.94 35.36
C ASP B 1018 33.92 64.17 36.17
N HIS B 1019 34.01 64.81 37.33
CA HIS B 1019 32.88 65.12 38.22
C HIS B 1019 33.12 66.45 38.91
N SER B 1020 33.63 67.48 38.24
CA SER B 1020 33.94 68.78 38.86
C SER B 1020 33.56 70.00 38.01
N SER B 1021 33.82 70.02 36.71
CA SER B 1021 33.65 71.23 35.85
C SER B 1021 32.70 70.95 34.70
N ALA B 1022 31.78 71.88 34.44
CA ALA B 1022 30.87 71.90 33.28
C ALA B 1022 31.44 72.78 32.16
N ARG B 1023 32.63 73.35 32.36
CA ARG B 1023 33.43 74.10 31.36
C ARG B 1023 32.74 75.42 31.03
N ILE B 1024 32.71 76.33 32.01
CA ILE B 1024 32.15 77.70 31.90
C ILE B 1024 32.88 78.45 30.79
N GLU B 1025 34.21 78.39 30.78
CA GLU B 1025 35.09 79.09 29.82
C GLU B 1025 34.64 78.81 28.39
N ARG B 1026 34.20 77.61 28.10
CA ARG B 1026 33.86 77.18 26.72
C ARG B 1026 32.55 77.81 26.30
N PHE B 1027 31.59 77.95 27.21
CA PHE B 1027 30.26 78.55 26.92
C PHE B 1027 30.41 80.06 26.74
N LEU B 1028 31.27 80.72 27.51
CA LEU B 1028 31.43 82.18 27.41
C LEU B 1028 32.20 82.54 26.13
N GLN B 1029 32.96 81.61 25.57
CA GLN B 1029 33.70 81.79 24.28
C GLN B 1029 32.70 81.88 23.12
N LEU B 1030 31.56 81.19 23.22
CA LEU B 1030 30.55 81.10 22.15
C LEU B 1030 29.55 82.25 22.18
N CYS B 1031 29.62 83.17 23.14
CA CYS B 1031 28.61 84.24 23.32
C CYS B 1031 29.05 85.52 22.61
N ALA B 1032 28.13 86.19 21.92
CA ALA B 1032 28.35 87.47 21.24
C ALA B 1032 27.01 88.13 20.92
N GLU B 1033 26.85 89.41 21.29
CA GLU B 1033 25.68 90.25 20.98
C GLU B 1033 24.41 89.59 21.52
N GLY B 1034 24.47 89.11 22.76
CA GLY B 1034 23.34 88.54 23.49
C GLY B 1034 22.77 87.30 22.82
N SER B 1035 23.61 86.38 22.39
CA SER B 1035 23.19 85.16 21.67
C SER B 1035 22.50 84.20 22.62
N MET B 1036 23.05 84.01 23.82
CA MET B 1036 22.40 83.24 24.92
C MET B 1036 22.79 83.80 26.28
N THR B 1037 21.93 83.57 27.29
CA THR B 1037 22.07 84.00 28.71
C THR B 1037 22.74 82.90 29.52
N VAL B 1038 23.75 83.25 30.33
CA VAL B 1038 24.56 82.32 31.17
C VAL B 1038 24.56 82.82 32.61
N ALA B 1039 24.19 81.98 33.58
CA ALA B 1039 24.01 82.34 35.01
C ALA B 1039 24.43 81.21 35.95
N GLN B 1040 24.76 81.59 37.20
CA GLN B 1040 25.16 80.71 38.32
C GLN B 1040 24.59 81.30 39.61
N PRO B 1041 23.33 80.99 40.00
CA PRO B 1041 22.72 81.58 41.18
C PRO B 1041 23.18 80.95 42.51
N SER B 1042 23.07 81.70 43.60
CA SER B 1042 23.61 81.36 44.94
C SER B 1042 22.51 80.96 45.93
N THR B 1043 21.25 81.22 45.61
CA THR B 1043 20.09 81.20 46.56
C THR B 1043 18.91 80.57 45.86
N PRO B 1044 18.13 79.66 46.49
CA PRO B 1044 16.97 79.06 45.85
C PRO B 1044 15.90 80.01 45.28
N ALA B 1045 15.65 81.12 45.95
CA ALA B 1045 14.68 82.13 45.53
C ALA B 1045 15.14 82.83 44.26
N ASN B 1046 16.44 83.02 44.08
CA ASN B 1046 16.96 83.73 42.90
C ASN B 1046 16.85 82.81 41.70
N HIS B 1047 17.01 81.51 41.86
CA HIS B 1047 16.83 80.51 40.80
C HIS B 1047 15.39 80.53 40.34
N PHE B 1048 14.46 80.71 41.27
CA PHE B 1048 13.00 80.76 41.03
C PHE B 1048 12.69 81.95 40.14
N HIS B 1049 13.24 83.09 40.49
CA HIS B 1049 12.95 84.37 39.79
C HIS B 1049 13.58 84.37 38.39
N LEU B 1050 14.70 83.68 38.18
CA LEU B 1050 15.39 83.60 36.87
C LEU B 1050 14.54 82.77 35.92
N LEU B 1051 14.05 81.62 36.36
CA LEU B 1051 13.28 80.69 35.51
C LEU B 1051 11.97 81.35 35.07
N ARG B 1052 11.35 82.15 35.95
CA ARG B 1052 10.06 82.80 35.66
C ARG B 1052 10.25 84.00 34.76
N ARG B 1053 11.37 84.71 34.87
CA ARG B 1053 11.67 85.84 33.96
C ARG B 1053 11.84 85.35 32.55
N HIS B 1054 12.50 84.22 32.35
CA HIS B 1054 12.78 83.63 31.04
C HIS B 1054 11.49 83.21 30.37
N ALA B 1055 10.55 82.66 31.11
CA ALA B 1055 9.30 82.09 30.56
C ALA B 1055 8.26 83.16 30.27
N LEU B 1056 8.35 84.35 30.87
CA LEU B 1056 7.36 85.43 30.70
C LEU B 1056 7.93 86.60 29.89
N SER B 1057 9.14 86.52 29.36
CA SER B 1057 9.74 87.60 28.52
C SER B 1057 9.42 87.35 27.05
N ASP B 1058 9.73 88.34 26.22
CA ASP B 1058 9.56 88.31 24.75
C ASP B 1058 10.88 87.97 24.06
N LEU B 1059 12.00 87.96 24.80
CA LEU B 1059 13.34 87.62 24.25
C LEU B 1059 13.43 86.11 24.06
N LYS B 1060 13.66 85.66 22.84
CA LYS B 1060 13.58 84.24 22.42
C LYS B 1060 14.98 83.68 22.20
N ARG B 1061 15.76 83.50 23.27
CA ARG B 1061 17.15 82.99 23.24
C ARG B 1061 17.33 81.95 24.32
N PRO B 1062 18.27 80.99 24.20
CA PRO B 1062 18.50 79.99 25.25
C PRO B 1062 19.03 80.49 26.60
N LEU B 1063 18.94 79.63 27.62
CA LEU B 1063 19.40 79.88 29.01
C LEU B 1063 20.23 78.70 29.49
N VAL B 1064 21.47 78.95 29.91
CA VAL B 1064 22.42 77.95 30.47
C VAL B 1064 22.62 78.29 31.95
N ILE B 1065 22.17 77.42 32.86
CA ILE B 1065 22.29 77.58 34.33
C ILE B 1065 23.26 76.52 34.85
N PHE B 1066 24.26 76.95 35.63
CA PHE B 1066 25.23 76.09 36.35
C PHE B 1066 24.70 75.85 37.76
N THR B 1067 24.26 74.62 38.05
CA THR B 1067 23.45 74.23 39.23
C THR B 1067 24.33 73.54 40.26
N PRO B 1068 24.01 73.60 41.57
CA PRO B 1068 24.89 73.06 42.61
C PRO B 1068 24.73 71.57 42.96
N LYS B 1069 25.65 71.03 43.78
CA LYS B 1069 25.69 69.61 44.23
C LYS B 1069 25.67 69.52 45.76
N SER B 1070 26.68 70.04 46.44
CA SER B 1070 26.76 70.04 47.91
C SER B 1070 25.85 71.11 48.50
N MET B 1071 25.74 72.25 47.85
CA MET B 1071 24.92 73.41 48.30
C MET B 1071 23.44 73.06 48.31
N LEU B 1072 23.03 71.96 47.66
CA LEU B 1072 21.65 71.44 47.68
C LEU B 1072 21.15 71.24 49.11
N ARG B 1073 22.04 70.95 50.07
CA ARG B 1073 21.67 70.60 51.46
C ARG B 1073 22.37 71.50 52.48
N ASN B 1074 22.89 72.65 52.09
CA ASN B 1074 23.53 73.62 53.01
C ASN B 1074 22.44 74.49 53.61
N LYS B 1075 22.44 74.65 54.93
CA LYS B 1075 21.34 75.32 55.66
C LYS B 1075 21.54 76.83 55.67
N ALA B 1076 22.71 77.33 55.30
CA ALA B 1076 22.94 78.78 55.18
C ALA B 1076 22.43 79.31 53.84
N ALA B 1077 22.09 78.42 52.91
CA ALA B 1077 21.65 78.76 51.54
C ALA B 1077 20.12 78.85 51.47
N ALA B 1078 19.38 78.27 52.41
CA ALA B 1078 17.91 78.16 52.36
C ALA B 1078 17.26 79.54 52.38
N SER B 1079 16.02 79.62 51.87
CA SER B 1079 15.26 80.88 51.61
C SER B 1079 13.96 80.92 52.41
N ALA B 1080 13.51 82.13 52.78
CA ALA B 1080 12.25 82.41 53.50
C ALA B 1080 11.13 82.61 52.51
N PRO B 1081 9.84 82.49 52.92
CA PRO B 1081 8.72 82.69 52.02
C PRO B 1081 8.51 84.09 51.46
N GLU B 1082 8.95 85.12 52.18
CA GLU B 1082 8.85 86.53 51.75
C GLU B 1082 9.71 86.75 50.51
N ASP B 1083 10.71 85.90 50.27
CA ASP B 1083 11.64 86.00 49.12
C ASP B 1083 10.96 85.53 47.84
N PHE B 1084 9.85 84.81 47.92
CA PHE B 1084 9.04 84.37 46.76
C PHE B 1084 7.77 85.19 46.59
N THR B 1085 7.46 86.11 47.50
CA THR B 1085 6.13 86.78 47.61
C THR B 1085 6.26 88.30 47.73
N GLU B 1086 7.26 88.85 48.40
CA GLU B 1086 7.43 90.31 48.58
C GLU B 1086 8.54 90.86 47.67
N VAL B 1087 9.60 90.09 47.41
CA VAL B 1087 10.68 90.45 46.44
C VAL B 1087 10.14 90.23 45.03
N THR B 1088 10.28 91.23 44.15
CA THR B 1088 9.55 91.35 42.87
C THR B 1088 10.36 90.82 41.68
N LYS B 1089 11.67 91.07 41.64
CA LYS B 1089 12.55 90.83 40.47
C LYS B 1089 13.67 89.86 40.80
N PHE B 1090 14.36 89.37 39.76
CA PHE B 1090 15.65 88.62 39.83
C PHE B 1090 16.79 89.60 39.99
N GLN B 1091 17.77 89.24 40.81
CA GLN B 1091 18.95 90.07 41.10
C GLN B 1091 20.14 89.52 40.33
N SER B 1092 20.90 90.39 39.67
CA SER B 1092 22.09 90.06 38.87
C SER B 1092 23.36 90.21 39.70
N VAL B 1093 23.38 91.17 40.61
CA VAL B 1093 24.44 91.38 41.63
C VAL B 1093 23.76 91.41 42.98
N ILE B 1094 24.36 90.76 44.00
CA ILE B 1094 23.89 90.76 45.42
C ILE B 1094 25.02 91.34 46.26
N ASN B 1095 24.80 92.46 46.89
CA ASN B 1095 25.79 93.18 47.71
C ASN B 1095 25.92 92.46 49.05
N ASP B 1096 26.90 92.83 49.88
CA ASP B 1096 27.24 92.10 51.13
C ASP B 1096 26.18 92.39 52.18
N PRO B 1097 25.50 91.36 52.75
CA PRO B 1097 24.56 91.57 53.84
C PRO B 1097 25.16 92.03 55.17
N ASN B 1098 26.42 91.71 55.43
CA ASN B 1098 27.07 91.82 56.76
C ASN B 1098 28.15 92.90 56.71
N VAL B 1099 27.76 94.16 56.52
CA VAL B 1099 28.68 95.33 56.59
C VAL B 1099 28.10 96.34 57.56
N ALA B 1100 28.81 96.58 58.68
CA ALA B 1100 28.41 97.55 59.71
C ALA B 1100 28.58 98.97 59.17
N ASP B 1101 29.80 99.32 58.76
CA ASP B 1101 30.17 100.67 58.28
C ASP B 1101 30.87 100.54 56.93
N ALA B 1102 30.32 101.18 55.89
CA ALA B 1102 30.82 101.10 54.51
C ALA B 1102 32.08 101.95 54.35
N ALA B 1103 32.29 102.94 55.22
CA ALA B 1103 33.45 103.86 55.18
C ALA B 1103 34.72 103.15 55.62
N LYS B 1104 34.62 102.03 56.33
CA LYS B 1104 35.77 101.26 56.86
C LYS B 1104 36.29 100.23 55.85
N VAL B 1105 35.58 99.99 54.74
CA VAL B 1105 35.94 98.92 53.76
C VAL B 1105 37.12 99.41 52.92
N LYS B 1106 38.13 98.55 52.72
CA LYS B 1106 39.38 98.83 51.97
C LYS B 1106 39.61 97.82 50.84
N LYS B 1107 39.16 96.58 50.98
CA LYS B 1107 39.19 95.51 49.95
C LYS B 1107 37.76 95.19 49.52
N VAL B 1108 37.55 94.79 48.27
CA VAL B 1108 36.26 94.29 47.72
C VAL B 1108 36.54 93.01 46.95
N MET B 1109 35.94 91.90 47.32
CA MET B 1109 36.09 90.59 46.65
C MET B 1109 34.88 90.33 45.76
N LEU B 1110 35.08 89.99 44.49
CA LEU B 1110 34.02 89.52 43.56
C LEU B 1110 34.08 88.00 43.46
N VAL B 1111 32.95 87.33 43.44
CA VAL B 1111 32.83 85.85 43.53
C VAL B 1111 31.55 85.41 42.82
N SER B 1112 31.47 84.16 42.38
CA SER B 1112 30.26 83.57 41.77
C SER B 1112 30.12 82.10 42.12
N GLY B 1113 29.08 81.74 42.87
CA GLY B 1113 28.67 80.34 43.13
C GLY B 1113 28.84 79.95 44.58
N LYS B 1114 29.19 78.69 44.84
CA LYS B 1114 29.22 78.07 46.18
C LYS B 1114 30.36 78.60 47.03
N LEU B 1115 31.41 79.16 46.45
CA LEU B 1115 32.60 79.58 47.20
C LEU B 1115 32.26 80.78 48.08
N TYR B 1116 31.15 81.46 47.85
CA TYR B 1116 30.71 82.60 48.68
C TYR B 1116 30.66 82.18 50.14
N TYR B 1117 30.00 81.06 50.38
CA TYR B 1117 29.62 80.58 51.73
C TYR B 1117 30.88 80.28 52.53
N GLU B 1118 31.94 79.79 51.89
CA GLU B 1118 33.26 79.52 52.55
C GLU B 1118 33.90 80.84 52.94
N LEU B 1119 33.94 81.80 52.02
CA LEU B 1119 34.60 83.11 52.24
C LEU B 1119 33.88 83.88 53.34
N ALA B 1120 32.56 83.77 53.40
CA ALA B 1120 31.69 84.49 54.36
C ALA B 1120 31.91 83.96 55.77
N LYS B 1121 32.07 82.64 55.90
CA LYS B 1121 32.36 81.92 57.17
C LYS B 1121 33.64 82.49 57.78
N ARG B 1122 34.67 82.66 56.98
CA ARG B 1122 36.02 83.08 57.42
C ARG B 1122 36.00 84.54 57.86
N LYS B 1123 35.20 85.37 57.20
CA LYS B 1123 35.07 86.82 57.51
C LYS B 1123 34.50 86.99 58.91
N GLU B 1124 33.54 86.14 59.28
CA GLU B 1124 32.84 86.19 60.59
C GLU B 1124 33.79 85.70 61.68
N LYS B 1125 34.51 84.60 61.43
CA LYS B 1125 35.44 83.98 62.41
C LYS B 1125 36.55 84.94 62.79
N ASP B 1126 37.08 85.70 61.83
CA ASP B 1126 38.28 86.55 62.03
C ASP B 1126 37.89 88.00 62.30
N GLY B 1127 36.62 88.37 62.15
CA GLY B 1127 36.14 89.72 62.48
C GLY B 1127 36.72 90.78 61.58
N ARG B 1128 36.66 90.56 60.26
CA ARG B 1128 37.23 91.47 59.25
C ARG B 1128 36.13 92.45 58.80
N ASP B 1129 36.22 93.69 59.29
CA ASP B 1129 35.26 94.79 58.98
C ASP B 1129 35.85 95.69 57.89
N ASP B 1130 36.95 95.27 57.26
CA ASP B 1130 37.65 96.01 56.19
C ASP B 1130 37.42 95.34 54.84
N ILE B 1131 36.75 94.18 54.80
CA ILE B 1131 36.47 93.39 53.57
C ILE B 1131 34.96 93.42 53.31
N ALA B 1132 34.55 93.45 52.04
CA ALA B 1132 33.16 93.32 51.55
C ALA B 1132 33.09 92.32 50.39
N ILE B 1133 32.23 91.32 50.44
CA ILE B 1133 32.12 90.22 49.45
C ILE B 1133 30.86 90.42 48.61
N VAL B 1134 31.01 90.56 47.29
CA VAL B 1134 29.93 90.90 46.30
C VAL B 1134 29.81 89.77 45.29
N ARG B 1135 28.60 89.32 45.01
CA ARG B 1135 28.29 88.11 44.22
C ARG B 1135 27.78 88.50 42.84
N ILE B 1136 28.24 87.80 41.80
CA ILE B 1136 27.80 87.99 40.39
C ILE B 1136 26.98 86.77 40.02
N GLU B 1137 25.67 86.92 39.88
CA GLU B 1137 24.68 85.84 39.68
C GLU B 1137 24.50 85.58 38.19
N MET B 1138 24.53 86.62 37.36
CA MET B 1138 24.48 86.54 35.90
C MET B 1138 25.84 86.87 35.32
N LEU B 1139 26.36 86.00 34.44
CA LEU B 1139 27.73 86.08 33.87
C LEU B 1139 27.69 86.77 32.51
N HIS B 1140 26.86 86.30 31.58
CA HIS B 1140 26.63 86.93 30.26
C HIS B 1140 25.15 87.18 30.05
N PRO B 1141 24.68 88.40 29.70
CA PRO B 1141 25.49 89.61 29.60
C PRO B 1141 26.12 90.09 30.90
N ILE B 1142 27.17 90.90 30.81
CA ILE B 1142 27.91 91.42 31.99
C ILE B 1142 27.08 92.54 32.59
N PRO B 1143 26.61 92.41 33.84
CA PRO B 1143 25.90 93.49 34.50
C PRO B 1143 26.82 94.59 35.01
N PHE B 1144 27.30 95.43 34.12
CA PHE B 1144 28.38 96.40 34.42
C PHE B 1144 27.83 97.60 35.19
N ASN B 1145 26.58 97.97 35.01
CA ASN B 1145 25.97 99.14 35.70
C ASN B 1145 25.80 98.81 37.17
N ARG B 1146 25.33 97.61 37.48
CA ARG B 1146 25.09 97.14 38.87
C ARG B 1146 26.42 96.95 39.59
N ILE B 1147 27.46 96.45 38.90
CA ILE B 1147 28.82 96.25 39.50
C ILE B 1147 29.41 97.63 39.81
N SER B 1148 29.16 98.62 38.97
CA SER B 1148 29.66 99.99 39.16
C SER B 1148 29.00 100.63 40.38
N GLU B 1149 27.68 100.47 40.52
CA GLU B 1149 26.88 101.01 41.65
C GLU B 1149 27.40 100.43 42.97
N ALA B 1150 27.69 99.14 42.99
CA ALA B 1150 28.19 98.40 44.18
C ALA B 1150 29.52 98.97 44.63
N LEU B 1151 30.45 99.16 43.70
CA LEU B 1151 31.82 99.64 44.01
C LEU B 1151 31.79 101.11 44.42
N ALA B 1152 30.82 101.88 43.92
CA ALA B 1152 30.63 103.30 44.26
C ALA B 1152 30.23 103.45 45.73
N GLY B 1153 29.54 102.46 46.28
CA GLY B 1153 29.05 102.45 47.67
C GLY B 1153 30.15 102.28 48.69
N TYR B 1154 31.36 101.91 48.26
CA TYR B 1154 32.56 101.74 49.12
C TYR B 1154 33.63 102.73 48.68
N PRO B 1155 33.54 104.01 49.04
CA PRO B 1155 34.44 105.05 48.51
C PRO B 1155 35.91 105.08 48.94
N ASN B 1156 36.32 104.27 49.91
CA ASN B 1156 37.73 104.19 50.37
C ASN B 1156 38.31 102.81 50.01
N ALA B 1157 37.85 102.20 48.93
CA ALA B 1157 38.34 100.89 48.44
C ALA B 1157 39.62 101.12 47.64
N GLU B 1158 40.71 100.47 48.06
CA GLU B 1158 42.05 100.59 47.44
C GLU B 1158 42.25 99.50 46.39
N GLU B 1159 41.74 98.29 46.63
CA GLU B 1159 41.97 97.12 45.73
C GLU B 1159 40.69 96.32 45.51
N VAL B 1160 40.64 95.57 44.42
CA VAL B 1160 39.53 94.68 43.99
C VAL B 1160 40.11 93.33 43.59
N LEU B 1161 39.71 92.25 44.27
CA LEU B 1161 40.16 90.86 43.99
C LEU B 1161 39.06 90.10 43.28
N PHE B 1162 39.38 89.27 42.30
CA PHE B 1162 38.46 88.33 41.63
C PHE B 1162 38.84 86.94 42.09
N VAL B 1163 37.94 86.23 42.76
CA VAL B 1163 38.24 84.96 43.48
C VAL B 1163 37.41 83.83 42.86
N GLN B 1164 38.04 82.78 42.35
CA GLN B 1164 37.34 81.62 41.78
C GLN B 1164 38.01 80.32 42.20
N ASP B 1165 37.27 79.21 42.21
CA ASP B 1165 37.79 77.87 42.55
C ASP B 1165 38.53 77.25 41.37
N GLU B 1166 38.15 77.57 40.14
CA GLU B 1166 38.65 76.87 38.93
C GLU B 1166 40.09 77.30 38.66
N PRO B 1167 40.89 76.50 37.93
CA PRO B 1167 42.21 76.91 37.48
C PRO B 1167 42.23 78.20 36.65
N ALA B 1168 43.38 78.84 36.50
CA ALA B 1168 43.50 80.21 35.97
C ALA B 1168 43.21 80.31 34.48
N ASN B 1169 43.19 79.19 33.76
CA ASN B 1169 42.88 79.13 32.31
C ASN B 1169 41.46 78.61 32.12
N GLN B 1170 40.70 78.42 33.19
CA GLN B 1170 39.32 77.90 33.17
C GLN B 1170 38.46 78.84 34.03
N GLY B 1171 37.14 78.61 34.06
CA GLY B 1171 36.19 79.41 34.85
C GLY B 1171 35.88 80.73 34.18
N PRO B 1172 35.22 81.69 34.86
CA PRO B 1172 34.97 83.00 34.29
C PRO B 1172 36.05 84.09 34.25
N TRP B 1173 37.28 83.83 34.70
CA TRP B 1173 38.32 84.88 34.79
C TRP B 1173 38.79 85.32 33.41
N PRO B 1174 39.09 84.41 32.46
CA PRO B 1174 39.56 84.82 31.14
C PRO B 1174 38.65 85.84 30.45
N PHE B 1175 37.33 85.64 30.54
CA PHE B 1175 36.28 86.49 29.92
C PHE B 1175 36.24 87.84 30.61
N TYR B 1176 36.37 87.87 31.93
CA TYR B 1176 36.15 89.08 32.75
C TYR B 1176 37.38 89.98 32.73
N GLN B 1177 38.60 89.44 32.59
CA GLN B 1177 39.84 90.25 32.59
C GLN B 1177 39.95 91.00 31.27
N GLU B 1178 39.34 90.48 30.20
CA GLU B 1178 39.33 91.09 28.85
C GLU B 1178 38.34 92.23 28.80
N HIS B 1179 37.11 92.02 29.27
CA HIS B 1179 35.92 92.85 28.96
C HIS B 1179 35.57 93.85 30.06
N LEU B 1180 35.84 93.57 31.32
CA LEU B 1180 35.29 94.39 32.44
C LEU B 1180 36.04 95.71 32.55
N PRO B 1181 37.38 95.78 32.43
CA PRO B 1181 38.08 97.05 32.55
C PRO B 1181 37.66 98.15 31.56
N GLU B 1182 37.32 97.78 30.33
CA GLU B 1182 36.89 98.75 29.28
C GLU B 1182 35.45 99.23 29.56
N LEU B 1183 34.64 98.46 30.28
CA LEU B 1183 33.22 98.80 30.61
C LEU B 1183 33.13 99.63 31.90
N ILE B 1184 34.11 99.54 32.79
CA ILE B 1184 34.19 100.36 34.04
C ILE B 1184 35.58 100.98 34.11
N PRO B 1185 35.83 102.10 33.40
CA PRO B 1185 37.14 102.74 33.38
C PRO B 1185 37.79 103.14 34.72
N ASN B 1186 37.02 103.64 35.67
CA ASN B 1186 37.53 104.20 36.94
C ASN B 1186 37.91 103.11 37.94
N MET B 1187 37.54 101.84 37.69
CA MET B 1187 37.82 100.68 38.58
C MET B 1187 39.33 100.53 38.77
N PRO B 1188 39.82 100.15 39.98
CA PRO B 1188 41.21 99.76 40.16
C PRO B 1188 41.59 98.48 39.39
N LYS B 1189 42.87 98.20 39.25
CA LYS B 1189 43.37 97.00 38.51
C LYS B 1189 43.00 95.76 39.32
N MET B 1190 42.34 94.79 38.69
CA MET B 1190 41.90 93.55 39.35
C MET B 1190 43.11 92.67 39.63
N ARG B 1191 43.02 91.80 40.63
CA ARG B 1191 44.08 90.85 41.07
C ARG B 1191 43.44 89.47 41.27
N ARG B 1192 43.85 88.49 40.48
CA ARG B 1192 43.29 87.13 40.48
C ARG B 1192 43.70 86.42 41.75
N VAL B 1193 42.82 85.57 42.27
CA VAL B 1193 43.10 84.56 43.32
C VAL B 1193 42.37 83.30 42.92
N SER B 1194 43.08 82.28 42.46
CA SER B 1194 42.53 81.01 41.95
C SER B 1194 43.51 79.88 42.11
N ARG B 1195 43.13 78.68 41.71
CA ARG B 1195 44.04 77.54 41.53
C ARG B 1195 44.96 77.80 40.33
N ARG B 1196 46.12 77.15 40.30
CA ARG B 1196 47.16 77.23 39.25
C ARG B 1196 46.59 76.71 37.93
N ALA B 1197 47.09 77.22 36.79
CA ALA B 1197 46.69 76.81 35.42
C ALA B 1197 47.12 75.37 35.16
N GLN B 1198 46.27 74.55 34.56
CA GLN B 1198 46.60 73.14 34.28
C GLN B 1198 45.79 72.58 33.13
N SER B 1199 46.22 71.44 32.62
CA SER B 1199 45.76 70.79 31.37
C SER B 1199 44.55 69.91 31.64
N SER B 1200 44.42 69.37 32.84
CA SER B 1200 43.21 68.67 33.33
C SER B 1200 42.32 69.67 34.07
N THR B 1201 41.18 69.20 34.54
CA THR B 1201 40.14 69.99 35.25
C THR B 1201 40.48 70.10 36.73
N ALA B 1202 40.77 68.97 37.37
CA ALA B 1202 40.97 68.86 38.83
C ALA B 1202 41.79 67.64 39.19
N THR B 1203 42.40 67.62 40.37
CA THR B 1203 43.17 66.49 40.96
C THR B 1203 42.26 65.30 41.19
N GLY B 1204 42.86 64.13 41.39
CA GLY B 1204 42.15 62.88 41.69
C GLY B 1204 42.48 62.33 43.06
N VAL B 1205 43.31 63.04 43.82
CA VAL B 1205 43.68 62.75 45.22
C VAL B 1205 42.94 63.71 46.13
N ALA B 1206 42.17 63.20 47.09
CA ALA B 1206 41.25 63.99 47.94
C ALA B 1206 42.01 64.81 48.98
N LYS B 1207 43.16 64.36 49.43
CA LYS B 1207 43.95 65.12 50.43
C LYS B 1207 44.57 66.34 49.76
N VAL B 1208 44.89 66.26 48.47
CA VAL B 1208 45.50 67.38 47.70
C VAL B 1208 44.45 68.47 47.50
N HIS B 1209 43.20 68.08 47.25
CA HIS B 1209 42.04 69.00 47.09
C HIS B 1209 41.88 69.84 48.34
N GLN B 1210 41.97 69.24 49.51
CA GLN B 1210 41.72 69.93 50.79
C GLN B 1210 42.84 70.91 51.07
N LEU B 1211 44.06 70.60 50.65
CA LEU B 1211 45.25 71.46 50.89
C LEU B 1211 45.18 72.67 49.98
N GLU B 1212 44.79 72.48 48.72
CA GLU B 1212 44.60 73.54 47.70
C GLU B 1212 43.57 74.57 48.18
N GLU B 1213 42.45 74.09 48.72
CA GLU B 1213 41.31 74.96 49.15
C GLU B 1213 41.76 75.83 50.30
N LYS B 1214 42.53 75.30 51.24
CA LYS B 1214 43.06 76.05 52.41
C LYS B 1214 43.97 77.16 51.91
N GLN B 1215 44.82 76.87 50.94
CA GLN B 1215 45.84 77.79 50.38
C GLN B 1215 45.16 78.95 49.67
N LEU B 1216 44.03 78.68 49.00
CA LEU B 1216 43.23 79.64 48.19
C LEU B 1216 42.64 80.70 49.09
N ILE B 1217 42.03 80.28 50.20
CA ILE B 1217 41.29 81.18 51.12
C ILE B 1217 42.30 81.98 51.95
N ASP B 1218 43.45 81.40 52.28
CA ASP B 1218 44.52 82.11 53.02
C ASP B 1218 45.08 83.23 52.16
N GLU B 1219 45.24 82.99 50.86
CA GLU B 1219 45.80 83.97 49.89
C GLU B 1219 44.88 85.17 49.78
N ALA B 1220 43.56 84.95 49.82
CA ALA B 1220 42.50 85.96 49.69
C ALA B 1220 42.55 86.95 50.85
N PHE B 1221 42.76 86.47 52.06
CA PHE B 1221 42.69 87.26 53.31
C PHE B 1221 44.08 87.77 53.71
N GLU B 1222 45.15 87.28 53.09
CA GLU B 1222 46.55 87.69 53.38
C GLU B 1222 46.66 89.20 53.21
N ALA B 1223 47.26 89.89 54.19
CA ALA B 1223 47.51 91.34 54.17
C ALA B 1223 48.73 91.66 53.31
N PRO C 104 -22.11 26.14 59.45
CA PRO C 104 -21.70 25.04 60.34
C PRO C 104 -22.67 24.82 61.51
N GLY C 105 -22.66 23.61 62.07
CA GLY C 105 -23.39 23.22 63.29
C GLY C 105 -24.38 22.11 63.03
N GLN C 106 -25.41 22.02 63.88
CA GLN C 106 -26.46 20.97 63.89
C GLN C 106 -27.81 21.62 63.60
N THR C 107 -28.61 21.04 62.72
CA THR C 107 -29.95 21.52 62.34
C THR C 107 -30.91 20.36 62.22
N PRO C 108 -32.06 20.36 62.93
CA PRO C 108 -33.09 19.36 62.74
C PRO C 108 -33.58 19.21 61.30
N ILE C 109 -33.87 17.96 60.88
CA ILE C 109 -34.40 17.63 59.54
C ILE C 109 -35.91 17.77 59.63
N ARG C 110 -36.52 18.45 58.65
CA ARG C 110 -37.96 18.81 58.67
C ARG C 110 -38.54 18.66 57.25
N GLY C 111 -39.81 18.29 57.17
CA GLY C 111 -40.60 18.35 55.93
C GLY C 111 -40.43 17.09 55.09
N ILE C 112 -40.29 17.27 53.77
CA ILE C 112 -40.14 16.17 52.77
C ILE C 112 -38.81 15.44 53.02
N PHE C 113 -37.80 16.15 53.52
CA PHE C 113 -36.45 15.59 53.78
C PHE C 113 -36.52 14.64 54.98
N LYS C 114 -37.42 14.89 55.94
CA LYS C 114 -37.63 14.00 57.10
C LYS C 114 -38.29 12.71 56.65
N SER C 115 -39.22 12.78 55.69
CA SER C 115 -39.95 11.62 55.12
C SER C 115 -38.99 10.71 54.36
N ILE C 116 -38.09 11.28 53.55
CA ILE C 116 -37.06 10.54 52.78
C ILE C 116 -36.18 9.77 53.76
N ALA C 117 -35.74 10.42 54.84
CA ALA C 117 -34.85 9.83 55.87
C ALA C 117 -35.52 8.64 56.54
N LYS C 118 -36.82 8.71 56.85
CA LYS C 118 -37.54 7.63 57.56
C LYS C 118 -37.71 6.42 56.65
N ASN C 119 -37.94 6.63 55.36
CA ASN C 119 -38.17 5.53 54.39
C ASN C 119 -36.87 4.77 54.14
N MET C 120 -35.73 5.46 54.15
CA MET C 120 -34.40 4.84 53.95
C MET C 120 -34.01 4.00 55.18
N ASP C 121 -34.51 4.35 56.37
CA ASP C 121 -34.31 3.54 57.60
C ASP C 121 -35.12 2.25 57.51
N ILE C 122 -36.34 2.29 56.95
CA ILE C 122 -37.23 1.11 56.81
C ILE C 122 -36.65 0.17 55.76
N SER C 123 -35.94 0.68 54.77
CA SER C 123 -35.36 -0.09 53.64
C SER C 123 -34.32 -1.09 54.14
N LEU C 124 -33.76 -0.89 55.32
CA LEU C 124 -32.72 -1.76 55.91
C LEU C 124 -33.24 -3.16 56.17
N GLU C 125 -34.56 -3.38 56.17
CA GLU C 125 -35.16 -4.71 56.47
C GLU C 125 -35.44 -5.50 55.19
N ILE C 126 -34.88 -5.11 54.03
CA ILE C 126 -35.02 -5.85 52.74
C ILE C 126 -33.65 -6.40 52.35
N PRO C 127 -33.46 -7.73 52.22
CA PRO C 127 -32.22 -8.30 51.69
C PRO C 127 -32.13 -8.32 50.17
N THR C 128 -31.18 -7.59 49.59
CA THR C 128 -31.11 -7.28 48.15
C THR C 128 -29.85 -7.88 47.51
N ALA C 129 -29.90 -8.09 46.20
CA ALA C 129 -28.77 -8.48 45.33
C ALA C 129 -28.92 -7.77 43.98
N THR C 130 -27.83 -7.49 43.29
CA THR C 130 -27.84 -6.75 41.99
C THR C 130 -27.14 -7.56 40.90
N SER C 131 -27.65 -7.47 39.67
CA SER C 131 -27.09 -8.00 38.40
C SER C 131 -26.77 -6.84 37.47
N VAL C 132 -25.71 -6.94 36.67
CA VAL C 132 -25.19 -5.88 35.77
C VAL C 132 -24.97 -6.49 34.39
N ARG C 133 -25.41 -5.84 33.32
CA ARG C 133 -25.24 -6.29 31.91
C ARG C 133 -25.04 -5.11 30.98
N ASP C 134 -24.11 -5.22 30.04
CA ASP C 134 -23.76 -4.19 29.02
C ASP C 134 -24.29 -4.63 27.66
N MET C 135 -24.89 -3.71 26.91
CA MET C 135 -25.71 -4.00 25.69
C MET C 135 -25.28 -3.07 24.56
N PRO C 136 -25.18 -3.53 23.30
CA PRO C 136 -24.95 -2.65 22.16
C PRO C 136 -26.03 -1.59 21.96
N ALA C 137 -25.66 -0.38 21.53
CA ALA C 137 -26.57 0.79 21.47
C ALA C 137 -26.68 1.39 20.06
N ARG C 138 -25.93 0.91 19.05
CA ARG C 138 -25.81 1.55 17.71
C ARG C 138 -27.19 1.63 17.04
N LEU C 139 -27.95 0.55 17.06
CA LEU C 139 -29.23 0.43 16.33
C LEU C 139 -30.27 1.34 16.98
N MET C 140 -30.16 1.65 18.27
CA MET C 140 -31.04 2.65 18.93
C MET C 140 -30.78 4.02 18.33
N PHE C 141 -29.53 4.42 18.25
CA PHE C 141 -29.11 5.73 17.70
C PHE C 141 -29.66 5.90 16.29
N GLU C 142 -29.57 4.88 15.45
CA GLU C 142 -29.96 4.95 14.02
C GLU C 142 -31.48 5.02 13.91
N ASN C 143 -32.20 4.11 14.55
CA ASN C 143 -33.67 3.99 14.38
C ASN C 143 -34.39 5.12 15.11
N ARG C 144 -33.81 5.73 16.13
CA ARG C 144 -34.40 6.89 16.83
C ARG C 144 -34.35 8.09 15.90
N ALA C 145 -33.28 8.23 15.12
CA ALA C 145 -33.09 9.35 14.16
C ALA C 145 -34.16 9.28 13.07
N MET C 146 -34.54 8.08 12.63
CA MET C 146 -35.56 7.89 11.59
C MET C 146 -36.94 8.30 12.11
N VAL C 147 -37.27 8.04 13.37
CA VAL C 147 -38.60 8.41 13.96
C VAL C 147 -38.66 9.92 14.13
N ASN C 148 -37.59 10.55 14.55
CA ASN C 148 -37.58 12.01 14.83
C ASN C 148 -37.56 12.79 13.52
N ASP C 149 -37.09 12.20 12.42
CA ASP C 149 -37.11 12.78 11.06
C ASP C 149 -38.56 12.84 10.56
N GLN C 150 -39.34 11.79 10.80
CA GLN C 150 -40.77 11.69 10.44
C GLN C 150 -41.59 12.69 11.24
N LEU C 151 -41.28 12.89 12.52
CA LEU C 151 -42.08 13.76 13.41
C LEU C 151 -41.86 15.24 13.06
N LYS C 152 -40.69 15.64 12.59
CA LYS C 152 -40.44 17.07 12.25
C LYS C 152 -41.11 17.42 10.91
N ARG C 153 -41.49 16.42 10.10
CA ARG C 153 -42.32 16.62 8.88
C ARG C 153 -43.76 16.93 9.29
N THR C 154 -44.27 16.29 10.34
CA THR C 154 -45.69 16.38 10.79
C THR C 154 -45.82 17.32 12.01
N ARG C 155 -44.81 18.15 12.29
CA ARG C 155 -44.74 19.06 13.46
C ARG C 155 -45.24 18.33 14.73
N GLY C 156 -44.75 17.11 14.94
CA GLY C 156 -44.79 16.41 16.25
C GLY C 156 -43.62 16.85 17.10
N GLY C 157 -43.30 16.09 18.16
CA GLY C 157 -42.19 16.37 19.07
C GLY C 157 -40.95 15.55 18.73
N LYS C 158 -40.17 15.23 19.75
CA LYS C 158 -39.08 14.21 19.72
C LYS C 158 -39.49 13.05 20.62
N ILE C 159 -38.90 11.88 20.41
CA ILE C 159 -38.84 10.79 21.43
C ILE C 159 -37.41 10.71 21.95
N SER C 160 -37.27 10.28 23.20
CA SER C 160 -36.00 10.16 23.97
C SER C 160 -35.58 8.69 24.07
N PHE C 161 -34.38 8.43 24.59
CA PHE C 161 -33.85 7.08 24.85
C PHE C 161 -34.59 6.45 26.03
N THR C 162 -35.02 7.26 26.99
CA THR C 162 -35.76 6.82 28.20
C THR C 162 -37.15 6.29 27.81
N HIS C 163 -37.78 6.85 26.77
CA HIS C 163 -39.07 6.38 26.22
C HIS C 163 -38.92 4.96 25.67
N ILE C 164 -37.88 4.72 24.88
CA ILE C 164 -37.65 3.43 24.16
C ILE C 164 -37.30 2.35 25.18
N ILE C 165 -36.36 2.63 26.10
CA ILE C 165 -35.88 1.65 27.12
C ILE C 165 -37.02 1.37 28.08
N GLY C 166 -37.82 2.38 28.42
CA GLY C 166 -39.00 2.25 29.28
C GLY C 166 -40.01 1.28 28.71
N TYR C 167 -40.28 1.34 27.41
CA TYR C 167 -41.27 0.49 26.72
C TYR C 167 -40.76 -0.94 26.65
N ALA C 168 -39.47 -1.12 26.39
CA ALA C 168 -38.78 -2.43 26.36
C ALA C 168 -38.85 -3.11 27.74
N MET C 169 -38.76 -2.32 28.80
CA MET C 169 -38.85 -2.79 30.21
C MET C 169 -40.23 -3.38 30.47
N VAL C 170 -41.30 -2.75 29.97
CA VAL C 170 -42.71 -3.22 30.16
C VAL C 170 -42.86 -4.57 29.45
N LYS C 171 -42.34 -4.70 28.24
CA LYS C 171 -42.44 -5.94 27.43
C LYS C 171 -41.70 -7.08 28.14
N ALA C 172 -40.60 -6.78 28.82
CA ALA C 172 -39.75 -7.76 29.53
C ALA C 172 -40.47 -8.28 30.79
N VAL C 173 -41.18 -7.41 31.51
CA VAL C 173 -41.91 -7.77 32.76
C VAL C 173 -43.10 -8.66 32.40
N MET C 174 -43.68 -8.48 31.22
CA MET C 174 -44.79 -9.34 30.73
C MET C 174 -44.25 -10.73 30.37
N ALA C 175 -43.01 -10.84 29.90
CA ALA C 175 -42.35 -12.12 29.54
C ALA C 175 -41.88 -12.86 30.79
N HIS C 176 -41.62 -12.13 31.88
CA HIS C 176 -41.08 -12.66 33.17
C HIS C 176 -41.87 -12.03 34.31
N PRO C 177 -43.11 -12.48 34.60
CA PRO C 177 -43.98 -11.82 35.55
C PRO C 177 -43.59 -11.88 37.04
N ASP C 178 -42.65 -12.76 37.41
CA ASP C 178 -42.11 -12.87 38.79
C ASP C 178 -41.47 -11.55 39.23
N MET C 179 -40.97 -10.76 38.27
CA MET C 179 -40.28 -9.48 38.53
C MET C 179 -41.26 -8.41 39.04
N ASN C 180 -42.57 -8.65 39.04
CA ASN C 180 -43.59 -7.67 39.48
C ASN C 180 -44.15 -8.01 40.86
N ASN C 181 -43.62 -9.01 41.55
CA ASN C 181 -44.13 -9.50 42.86
C ASN C 181 -43.37 -8.83 44.01
N SER C 182 -43.92 -8.88 45.22
CA SER C 182 -43.34 -8.30 46.46
C SER C 182 -43.60 -9.20 47.67
N TYR C 183 -43.06 -8.84 48.84
CA TYR C 183 -43.12 -9.60 50.12
C TYR C 183 -43.81 -8.75 51.18
N ASP C 184 -44.59 -9.35 52.07
CA ASP C 184 -45.18 -8.68 53.26
C ASP C 184 -45.46 -9.73 54.33
N VAL C 185 -45.52 -9.31 55.60
CA VAL C 185 -45.95 -10.17 56.75
C VAL C 185 -47.35 -9.74 57.15
N ILE C 186 -48.34 -10.62 56.92
CA ILE C 186 -49.80 -10.35 57.06
C ILE C 186 -50.38 -11.35 58.05
N ASP C 187 -50.84 -10.87 59.20
CA ASP C 187 -51.35 -11.70 60.31
C ASP C 187 -50.23 -12.60 60.80
N GLY C 188 -49.01 -12.09 60.83
CA GLY C 188 -47.84 -12.80 61.33
C GLY C 188 -47.33 -13.92 60.46
N LYS C 189 -47.81 -14.10 59.24
CA LYS C 189 -47.27 -15.14 58.33
C LYS C 189 -46.60 -14.49 57.13
N PRO C 190 -45.46 -14.99 56.63
CA PRO C 190 -44.93 -14.62 55.32
C PRO C 190 -45.85 -14.80 54.11
N THR C 191 -45.84 -13.85 53.19
CA THR C 191 -46.84 -13.75 52.09
C THR C 191 -46.19 -13.25 50.80
N LEU C 192 -46.62 -13.78 49.65
CA LEU C 192 -46.26 -13.30 48.30
C LEU C 192 -47.44 -12.51 47.76
N ILE C 193 -47.19 -11.29 47.31
CA ILE C 193 -48.22 -10.36 46.77
C ILE C 193 -48.06 -10.27 45.26
N VAL C 194 -49.09 -10.68 44.50
CA VAL C 194 -49.15 -10.64 43.02
C VAL C 194 -50.13 -9.55 42.62
N PRO C 195 -49.68 -8.38 42.12
CA PRO C 195 -50.59 -7.32 41.71
C PRO C 195 -51.46 -7.63 40.48
N GLU C 196 -52.41 -6.74 40.20
CA GLU C 196 -53.35 -6.82 39.05
C GLU C 196 -52.75 -6.14 37.84
N HIS C 197 -51.99 -5.06 38.03
CA HIS C 197 -51.42 -4.22 36.95
C HIS C 197 -49.90 -4.05 37.09
N ILE C 198 -49.23 -3.69 36.00
CA ILE C 198 -47.85 -3.15 35.97
C ILE C 198 -47.95 -1.63 36.01
N ASN C 199 -47.63 -1.01 37.15
CA ASN C 199 -47.61 0.45 37.36
C ASN C 199 -46.16 0.92 37.47
N LEU C 200 -45.66 1.65 36.48
CA LEU C 200 -44.22 1.97 36.32
C LEU C 200 -43.95 3.35 36.92
N GLY C 201 -43.04 3.43 37.89
CA GLY C 201 -42.66 4.67 38.58
C GLY C 201 -41.49 5.35 37.90
N LEU C 202 -41.62 6.64 37.60
CA LEU C 202 -40.55 7.50 37.04
C LEU C 202 -39.97 8.35 38.18
N ALA C 203 -38.65 8.56 38.16
CA ALA C 203 -37.93 9.44 39.09
C ALA C 203 -37.97 10.87 38.54
N ILE C 204 -38.95 11.67 39.01
CA ILE C 204 -39.15 13.11 38.63
C ILE C 204 -38.59 13.98 39.76
N ASP C 205 -37.63 14.87 39.44
CA ASP C 205 -37.01 15.83 40.39
C ASP C 205 -37.69 17.19 40.23
N LEU C 206 -38.40 17.66 41.26
CA LEU C 206 -39.10 18.98 41.29
C LEU C 206 -38.48 19.85 42.40
N PRO C 207 -37.92 21.04 42.08
CA PRO C 207 -37.48 21.98 43.10
C PRO C 207 -38.61 22.51 44.00
N GLN C 208 -38.31 22.75 45.28
CA GLN C 208 -39.26 23.28 46.30
C GLN C 208 -39.25 24.81 46.25
N LYS C 209 -40.09 25.46 47.08
CA LYS C 209 -40.23 26.93 47.19
C LYS C 209 -38.92 27.56 47.69
N ASP C 210 -38.24 26.90 48.64
CA ASP C 210 -36.96 27.36 49.25
C ASP C 210 -35.85 27.38 48.18
N GLY C 211 -35.74 26.32 47.37
CA GLY C 211 -34.73 26.15 46.32
C GLY C 211 -34.12 24.75 46.29
N SER C 212 -34.11 24.05 47.43
CA SER C 212 -33.55 22.69 47.61
C SER C 212 -34.31 21.68 46.76
N ARG C 213 -33.59 20.84 46.01
CA ARG C 213 -34.16 19.76 45.13
C ARG C 213 -34.63 18.60 46.02
N ALA C 214 -35.74 17.96 45.64
CA ALA C 214 -36.36 16.80 46.34
C ALA C 214 -37.04 15.88 45.32
N LEU C 215 -36.46 14.70 45.09
CA LEU C 215 -36.97 13.67 44.15
C LEU C 215 -38.20 13.00 44.77
N VAL C 216 -39.23 12.74 43.95
CA VAL C 216 -40.45 11.94 44.31
C VAL C 216 -40.86 11.11 43.09
N VAL C 217 -41.42 9.92 43.31
CA VAL C 217 -41.74 8.94 42.23
C VAL C 217 -43.25 8.97 41.94
N ALA C 218 -43.60 9.34 40.70
CA ALA C 218 -44.97 9.32 40.13
C ALA C 218 -45.12 8.08 39.24
N ALA C 219 -46.35 7.62 39.02
CA ALA C 219 -46.67 6.32 38.41
C ALA C 219 -47.47 6.46 37.12
N ILE C 220 -47.03 5.80 36.05
CA ILE C 220 -47.81 5.53 34.81
C ILE C 220 -48.57 4.23 35.06
N LYS C 221 -49.90 4.27 35.13
CA LYS C 221 -50.75 3.14 35.61
C LYS C 221 -51.30 2.33 34.43
N GLU C 222 -51.47 1.03 34.63
CA GLU C 222 -52.08 0.05 33.70
C GLU C 222 -51.32 0.05 32.37
N THR C 223 -50.04 -0.31 32.42
CA THR C 223 -49.07 -0.19 31.30
C THR C 223 -49.11 -1.44 30.44
N GLU C 224 -49.69 -2.53 30.94
CA GLU C 224 -49.72 -3.84 30.24
C GLU C 224 -50.82 -3.88 29.17
N LYS C 225 -51.57 -2.79 28.99
CA LYS C 225 -52.70 -2.66 28.04
C LYS C 225 -52.41 -1.57 27.00
N MET C 226 -51.15 -1.16 26.83
CA MET C 226 -50.77 0.02 26.00
C MET C 226 -49.88 -0.43 24.83
N ASN C 227 -50.03 0.21 23.68
CA ASN C 227 -49.06 0.20 22.55
C ASN C 227 -48.11 1.39 22.73
N PHE C 228 -47.15 1.58 21.84
CA PHE C 228 -46.07 2.56 22.02
C PHE C 228 -46.63 3.98 22.01
N SER C 229 -47.62 4.24 21.16
CA SER C 229 -48.26 5.57 20.99
C SER C 229 -48.97 5.96 22.29
N GLU C 230 -49.74 5.02 22.84
CA GLU C 230 -50.49 5.18 24.11
C GLU C 230 -49.50 5.40 25.25
N PHE C 231 -48.39 4.64 25.28
CA PHE C 231 -47.34 4.71 26.32
C PHE C 231 -46.69 6.08 26.31
N LEU C 232 -46.39 6.62 25.14
CA LEU C 232 -45.68 7.92 24.96
C LEU C 232 -46.56 9.05 25.48
N ALA C 233 -47.87 8.97 25.22
CA ALA C 233 -48.88 9.96 25.65
C ALA C 233 -48.96 9.98 27.18
N ALA C 234 -49.10 8.82 27.81
CA ALA C 234 -49.22 8.63 29.27
C ALA C 234 -47.99 9.19 29.98
N TYR C 235 -46.80 8.94 29.44
CA TYR C 235 -45.49 9.39 29.97
C TYR C 235 -45.48 10.91 30.01
N GLU C 236 -45.77 11.54 28.87
CA GLU C 236 -45.65 13.01 28.68
C GLU C 236 -46.74 13.74 29.48
N ASP C 237 -47.84 13.07 29.82
CA ASP C 237 -48.88 13.61 30.74
C ASP C 237 -48.28 13.86 32.12
N ILE C 238 -47.60 12.87 32.70
CA ILE C 238 -47.01 12.94 34.07
C ILE C 238 -45.96 14.04 34.10
N VAL C 239 -45.12 14.13 33.08
CA VAL C 239 -43.99 15.10 33.02
C VAL C 239 -44.56 16.52 32.88
N ALA C 240 -45.64 16.68 32.11
CA ALA C 240 -46.32 17.97 31.86
C ALA C 240 -46.90 18.50 33.18
N ARG C 241 -47.73 17.70 33.84
CA ARG C 241 -48.47 18.09 35.07
C ARG C 241 -47.49 18.41 36.21
N SER C 242 -46.36 17.72 36.27
CA SER C 242 -45.31 17.93 37.30
C SER C 242 -44.72 19.32 37.17
N ARG C 243 -44.53 19.80 35.93
CA ARG C 243 -43.86 21.09 35.64
C ARG C 243 -44.79 22.27 35.93
N LYS C 244 -46.10 22.04 36.06
CA LYS C 244 -47.11 23.09 36.36
C LYS C 244 -47.88 22.76 37.64
N GLY C 245 -47.36 21.88 38.49
CA GLY C 245 -47.86 21.59 39.86
C GLY C 245 -49.32 21.19 39.86
N LYS C 246 -49.66 20.08 39.22
CA LYS C 246 -51.06 19.57 39.15
C LYS C 246 -51.08 18.04 39.29
N LEU C 247 -50.17 17.48 40.10
CA LEU C 247 -50.21 16.04 40.49
C LEU C 247 -51.02 15.92 41.78
N THR C 248 -51.80 14.85 41.90
CA THR C 248 -52.70 14.56 43.04
C THR C 248 -52.10 13.44 43.88
N MET C 249 -52.78 13.07 44.97
CA MET C 249 -52.32 12.03 45.92
C MET C 249 -52.33 10.66 45.23
N ASP C 250 -53.27 10.43 44.31
CA ASP C 250 -53.46 9.12 43.65
C ASP C 250 -52.30 8.85 42.68
N ASP C 251 -51.65 9.89 42.18
CA ASP C 251 -50.51 9.79 41.22
C ASP C 251 -49.29 9.16 41.91
N TYR C 252 -49.16 9.30 43.23
CA TYR C 252 -48.00 8.82 44.01
C TYR C 252 -48.25 7.47 44.67
N GLN C 253 -49.39 6.82 44.47
CA GLN C 253 -49.76 5.55 45.15
C GLN C 253 -49.84 4.41 44.14
N GLY C 254 -49.34 3.23 44.51
CA GLY C 254 -49.62 1.95 43.81
C GLY C 254 -48.51 1.50 42.87
N VAL C 255 -47.26 1.97 43.05
CA VAL C 255 -46.12 1.62 42.15
C VAL C 255 -45.73 0.17 42.38
N THR C 256 -45.52 -0.60 41.32
CA THR C 256 -45.12 -2.03 41.36
C THR C 256 -43.65 -2.20 41.01
N VAL C 257 -43.14 -1.45 40.02
CA VAL C 257 -41.73 -1.52 39.54
C VAL C 257 -41.28 -0.11 39.17
N SER C 258 -39.98 0.20 39.26
CA SER C 258 -39.40 1.57 39.13
C SER C 258 -38.24 1.60 38.14
N LEU C 259 -37.97 2.78 37.57
CA LEU C 259 -36.90 3.08 36.59
C LEU C 259 -36.16 4.35 37.01
N THR C 260 -34.82 4.32 37.04
CA THR C 260 -33.95 5.47 37.37
C THR C 260 -32.90 5.63 36.26
N ASN C 261 -32.39 6.85 36.06
CA ASN C 261 -31.44 7.19 34.99
C ASN C 261 -30.26 7.99 35.54
N PRO C 262 -29.27 7.33 36.18
CA PRO C 262 -27.98 7.95 36.48
C PRO C 262 -27.13 8.39 35.28
N GLY C 263 -27.38 7.82 34.10
CA GLY C 263 -26.60 8.08 32.87
C GLY C 263 -26.73 9.50 32.37
N GLY C 264 -27.81 10.20 32.72
CA GLY C 264 -28.01 11.63 32.40
C GLY C 264 -26.78 12.46 32.66
N ILE C 265 -26.25 12.41 33.89
CA ILE C 265 -25.06 13.17 34.34
C ILE C 265 -23.81 12.57 33.69
N GLY C 266 -23.76 11.26 33.48
CA GLY C 266 -22.63 10.56 32.85
C GLY C 266 -22.04 9.43 33.69
N THR C 267 -22.73 8.99 34.74
CA THR C 267 -22.34 7.84 35.59
C THR C 267 -22.41 6.57 34.74
N ARG C 268 -21.50 5.62 34.94
CA ARG C 268 -21.39 4.41 34.09
C ARG C 268 -22.38 3.36 34.59
N HIS C 269 -22.46 3.13 35.90
CA HIS C 269 -23.55 2.36 36.55
C HIS C 269 -23.63 2.66 38.04
N SER C 270 -24.71 2.26 38.69
CA SER C 270 -25.00 2.46 40.13
C SER C 270 -25.52 1.18 40.77
N VAL C 271 -25.45 1.10 42.10
CA VAL C 271 -26.10 0.06 42.94
C VAL C 271 -27.10 0.77 43.84
N PRO C 272 -28.34 1.02 43.39
CA PRO C 272 -29.32 1.79 44.17
C PRO C 272 -30.07 0.99 45.23
N ARG C 273 -30.80 1.70 46.10
CA ARG C 273 -31.62 1.12 47.19
C ARG C 273 -33.05 0.85 46.71
N LEU C 274 -33.69 -0.16 47.30
CA LEU C 274 -35.05 -0.64 46.98
C LEU C 274 -35.96 -0.25 48.13
N THR C 275 -37.02 0.51 47.84
CA THR C 275 -38.05 0.97 48.81
C THR C 275 -39.06 -0.15 49.05
N LYS C 276 -39.63 -0.19 50.26
CA LYS C 276 -40.60 -1.22 50.72
C LYS C 276 -41.86 -1.12 49.89
N GLY C 277 -42.42 -2.27 49.49
CA GLY C 277 -43.63 -2.37 48.67
C GLY C 277 -43.37 -2.96 47.31
N GLN C 278 -42.15 -2.84 46.79
CA GLN C 278 -41.77 -3.26 45.41
C GLN C 278 -40.81 -4.45 45.48
N GLY C 279 -40.55 -5.05 44.32
CA GLY C 279 -39.69 -6.24 44.17
C GLY C 279 -38.41 -5.96 43.41
N THR C 280 -38.41 -5.04 42.44
CA THR C 280 -37.20 -4.67 41.67
C THR C 280 -37.18 -3.18 41.35
N ILE C 281 -35.97 -2.64 41.13
CA ILE C 281 -35.67 -1.29 40.59
C ILE C 281 -34.63 -1.46 39.48
N ILE C 282 -34.85 -0.86 38.30
CA ILE C 282 -33.96 -0.94 37.11
C ILE C 282 -33.26 0.41 36.93
N GLY C 283 -31.95 0.41 36.66
CA GLY C 283 -31.13 1.61 36.46
C GLY C 283 -30.47 1.61 35.10
N VAL C 284 -30.43 2.77 34.43
CA VAL C 284 -29.89 2.98 33.06
C VAL C 284 -28.68 3.92 33.15
N GLY C 285 -27.50 3.46 32.73
CA GLY C 285 -26.23 4.19 32.79
C GLY C 285 -25.94 4.96 31.51
N SER C 286 -24.70 5.41 31.33
CA SER C 286 -24.28 6.36 30.28
C SER C 286 -24.21 5.66 28.92
N MET C 287 -24.49 6.39 27.84
CA MET C 287 -24.42 5.90 26.45
C MET C 287 -23.26 6.57 25.71
N ASP C 288 -22.07 6.52 26.28
CA ASP C 288 -20.82 7.05 25.69
C ASP C 288 -19.94 5.89 25.23
N TYR C 289 -18.82 6.20 24.60
CA TYR C 289 -17.72 5.23 24.33
C TYR C 289 -17.07 4.95 25.66
N PRO C 290 -16.43 3.77 25.86
CA PRO C 290 -15.55 3.56 27.01
C PRO C 290 -14.41 4.59 27.10
N ALA C 291 -13.85 4.77 28.29
CA ALA C 291 -12.85 5.81 28.60
C ALA C 291 -11.55 5.57 27.84
N GLU C 292 -11.24 4.32 27.46
CA GLU C 292 -10.01 3.94 26.72
C GLU C 292 -10.08 4.39 25.25
N PHE C 293 -11.24 4.82 24.74
CA PHE C 293 -11.45 5.27 23.35
C PHE C 293 -11.79 6.75 23.27
N GLN C 294 -11.80 7.50 24.38
CA GLN C 294 -12.34 8.89 24.41
C GLN C 294 -11.35 9.91 23.83
N GLY C 295 -10.16 9.50 23.38
CA GLY C 295 -9.17 10.38 22.75
C GLY C 295 -8.76 9.91 21.37
N ALA C 296 -9.50 8.97 20.77
CA ALA C 296 -9.21 8.39 19.44
C ALA C 296 -9.91 9.21 18.36
N SER C 297 -9.42 9.10 17.13
CA SER C 297 -9.96 9.75 15.92
C SER C 297 -11.28 9.09 15.53
N GLU C 298 -12.18 9.85 14.90
CA GLU C 298 -13.46 9.33 14.34
C GLU C 298 -13.14 8.39 13.18
N ASP C 299 -12.05 8.66 12.45
CA ASP C 299 -11.61 7.88 11.27
C ASP C 299 -11.18 6.47 11.71
N ARG C 300 -10.35 6.37 12.73
CA ARG C 300 -9.78 5.08 13.21
C ARG C 300 -10.88 4.22 13.84
N LEU C 301 -11.81 4.83 14.58
CA LEU C 301 -12.95 4.12 15.22
C LEU C 301 -13.87 3.57 14.14
N ALA C 302 -14.14 4.35 13.09
CA ALA C 302 -14.99 3.98 11.93
C ALA C 302 -14.39 2.79 11.18
N GLU C 303 -13.06 2.75 11.03
CA GLU C 303 -12.33 1.67 10.34
C GLU C 303 -12.54 0.35 11.08
N LEU C 304 -12.37 0.34 12.40
CA LEU C 304 -12.39 -0.87 13.25
C LEU C 304 -13.82 -1.41 13.38
N GLY C 305 -14.78 -0.53 13.61
CA GLY C 305 -16.20 -0.88 13.79
C GLY C 305 -16.61 -0.88 15.24
N VAL C 306 -16.23 0.16 15.98
CA VAL C 306 -16.45 0.30 17.46
C VAL C 306 -17.76 1.05 17.66
N GLY C 307 -18.67 0.47 18.41
CA GLY C 307 -19.99 1.06 18.72
C GLY C 307 -20.05 1.57 20.14
N LYS C 308 -21.11 2.30 20.47
CA LYS C 308 -21.42 2.78 21.83
C LYS C 308 -22.24 1.72 22.54
N LEU C 309 -22.19 1.70 23.88
CA LEU C 309 -22.88 0.70 24.73
C LEU C 309 -23.70 1.41 25.81
N VAL C 310 -24.70 0.72 26.35
CA VAL C 310 -25.46 1.13 27.57
C VAL C 310 -25.41 -0.01 28.58
N THR C 311 -25.18 0.30 29.86
CA THR C 311 -25.14 -0.67 30.98
C THR C 311 -26.45 -0.55 31.76
N ILE C 312 -27.13 -1.67 32.02
CA ILE C 312 -28.42 -1.75 32.74
C ILE C 312 -28.27 -2.66 33.95
N THR C 313 -28.81 -2.25 35.10
CA THR C 313 -28.73 -2.95 36.40
C THR C 313 -30.12 -3.37 36.86
N SER C 314 -30.19 -4.41 37.67
CA SER C 314 -31.41 -4.93 38.33
C SER C 314 -31.10 -5.20 39.80
N THR C 315 -31.78 -4.51 40.73
CA THR C 315 -31.68 -4.70 42.20
C THR C 315 -33.00 -5.25 42.72
N TYR C 316 -33.01 -6.44 43.32
CA TYR C 316 -34.22 -7.23 43.61
C TYR C 316 -34.22 -7.75 45.04
N ASP C 317 -35.41 -8.03 45.59
CA ASP C 317 -35.64 -8.67 46.91
C ASP C 317 -35.48 -10.17 46.77
N HIS C 318 -34.53 -10.76 47.51
CA HIS C 318 -34.07 -12.16 47.34
C HIS C 318 -35.02 -13.14 48.04
N ARG C 319 -35.92 -12.64 48.88
CA ARG C 319 -36.93 -13.47 49.55
C ARG C 319 -37.99 -13.95 48.57
N VAL C 320 -38.19 -13.27 47.43
CA VAL C 320 -39.27 -13.58 46.45
C VAL C 320 -38.75 -13.73 45.02
N ILE C 321 -37.62 -13.12 44.64
CA ILE C 321 -37.04 -13.22 43.27
C ILE C 321 -35.67 -13.86 43.40
N GLN C 322 -35.40 -14.89 42.59
CA GLN C 322 -34.10 -15.61 42.56
C GLN C 322 -33.26 -15.05 41.42
N GLY C 323 -31.96 -15.34 41.44
CA GLY C 323 -30.94 -14.71 40.57
C GLY C 323 -31.11 -15.09 39.11
N ALA C 324 -31.49 -16.33 38.84
CA ALA C 324 -31.72 -16.88 37.48
C ALA C 324 -32.83 -16.10 36.77
N VAL C 325 -33.86 -15.69 37.49
CA VAL C 325 -35.00 -14.90 36.94
C VAL C 325 -34.50 -13.52 36.55
N SER C 326 -33.68 -12.88 37.39
CA SER C 326 -33.14 -11.51 37.18
C SER C 326 -32.22 -11.48 35.96
N GLY C 327 -31.44 -12.53 35.75
CA GLY C 327 -30.55 -12.66 34.60
C GLY C 327 -31.32 -12.85 33.30
N GLU C 328 -32.36 -13.69 33.33
CA GLU C 328 -33.25 -13.93 32.16
C GLU C 328 -33.97 -12.65 31.76
N PHE C 329 -34.34 -11.83 32.74
CA PHE C 329 -35.02 -10.52 32.52
C PHE C 329 -34.10 -9.60 31.73
N LEU C 330 -32.83 -9.49 32.11
CA LEU C 330 -31.86 -8.58 31.45
C LEU C 330 -31.50 -9.12 30.06
N ARG C 331 -31.52 -10.44 29.85
CA ARG C 331 -31.24 -11.06 28.53
C ARG C 331 -32.35 -10.72 27.55
N THR C 332 -33.62 -10.71 27.98
CA THR C 332 -34.80 -10.37 27.16
C THR C 332 -34.72 -8.91 26.73
N MET C 333 -34.31 -8.00 27.61
CA MET C 333 -34.19 -6.55 27.29
C MET C 333 -33.12 -6.35 26.23
N SER C 334 -32.00 -7.05 26.32
CA SER C 334 -30.88 -7.01 25.35
C SER C 334 -31.39 -7.43 23.97
N ARG C 335 -32.10 -8.55 23.88
CA ARG C 335 -32.63 -9.13 22.62
C ARG C 335 -33.62 -8.15 21.97
N LEU C 336 -34.52 -7.56 22.75
CA LEU C 336 -35.59 -6.68 22.24
C LEU C 336 -34.99 -5.46 21.54
N LEU C 337 -33.92 -4.89 22.07
CA LEU C 337 -33.35 -3.62 21.56
C LEU C 337 -32.55 -3.85 20.27
N THR C 338 -32.45 -5.09 19.79
CA THR C 338 -31.76 -5.48 18.54
C THR C 338 -32.71 -6.27 17.64
N ASP C 339 -33.98 -6.43 18.00
CA ASP C 339 -34.94 -7.37 17.37
C ASP C 339 -35.73 -6.66 16.28
N ASP C 340 -35.99 -7.36 15.18
CA ASP C 340 -36.72 -6.85 13.99
C ASP C 340 -38.17 -6.54 14.37
N SER C 341 -38.84 -7.46 15.04
CA SER C 341 -40.28 -7.37 15.40
C SER C 341 -40.54 -6.17 16.32
N PHE C 342 -39.61 -5.88 17.22
CA PHE C 342 -39.73 -4.78 18.21
C PHE C 342 -39.78 -3.45 17.47
N TRP C 343 -38.85 -3.22 16.56
CA TRP C 343 -38.71 -1.94 15.83
C TRP C 343 -39.80 -1.79 14.76
N ASP C 344 -40.33 -2.90 14.25
CA ASP C 344 -41.48 -2.92 13.32
C ASP C 344 -42.71 -2.36 14.03
N GLU C 345 -42.94 -2.76 15.28
CA GLU C 345 -44.11 -2.37 16.10
C GLU C 345 -44.07 -0.87 16.39
N ILE C 346 -42.90 -0.29 16.66
CA ILE C 346 -42.74 1.14 17.03
C ILE C 346 -42.99 2.00 15.80
N PHE C 347 -42.39 1.63 14.67
CA PHE C 347 -42.50 2.34 13.36
C PHE C 347 -43.96 2.35 12.91
N ASP C 348 -44.66 1.23 13.06
CA ASP C 348 -46.09 1.08 12.71
C ASP C 348 -46.93 2.10 13.48
N ALA C 349 -46.67 2.27 14.76
CA ALA C 349 -47.43 3.15 15.67
C ALA C 349 -47.21 4.61 15.33
N MET C 350 -46.00 4.99 14.96
CA MET C 350 -45.61 6.41 14.75
C MET C 350 -45.76 6.80 13.28
N ASN C 351 -46.11 5.87 12.40
CA ASN C 351 -46.42 6.09 10.96
C ASN C 351 -45.15 6.52 10.23
N VAL C 352 -44.11 5.70 10.28
CA VAL C 352 -42.82 5.90 9.57
C VAL C 352 -42.88 5.03 8.33
N PRO C 353 -42.77 5.60 7.10
CA PRO C 353 -42.98 4.85 5.88
C PRO C 353 -41.88 3.87 5.46
N TYR C 354 -40.67 4.03 5.97
CA TYR C 354 -39.48 3.22 5.59
C TYR C 354 -39.39 1.97 6.46
N THR C 355 -38.60 1.01 6.01
CA THR C 355 -38.24 -0.21 6.77
C THR C 355 -37.16 0.18 7.78
N PRO C 356 -37.15 -0.37 9.02
CA PRO C 356 -36.11 -0.04 9.98
C PRO C 356 -34.75 -0.61 9.59
N MET C 357 -33.68 0.02 10.07
CA MET C 357 -32.30 -0.49 9.94
C MET C 357 -32.21 -1.77 10.74
N ARG C 358 -31.54 -2.79 10.23
CA ARG C 358 -31.43 -4.11 10.86
C ARG C 358 -30.05 -4.29 11.46
N TRP C 359 -29.90 -5.24 12.38
CA TRP C 359 -28.65 -5.57 13.11
C TRP C 359 -27.88 -6.60 12.31
N ALA C 360 -26.59 -6.36 12.11
CA ALA C 360 -25.70 -7.23 11.31
C ALA C 360 -24.26 -6.99 11.72
N GLN C 361 -23.36 -7.92 11.42
CA GLN C 361 -21.90 -7.76 11.59
C GLN C 361 -21.33 -7.04 10.39
N ASP C 362 -20.28 -6.25 10.60
CA ASP C 362 -19.49 -5.59 9.55
C ASP C 362 -18.89 -6.66 8.66
N VAL C 363 -18.96 -6.46 7.33
CA VAL C 363 -18.46 -7.39 6.28
C VAL C 363 -17.15 -6.85 5.73
N PRO C 364 -16.18 -7.69 5.29
CA PRO C 364 -14.93 -7.22 4.71
C PRO C 364 -15.04 -6.71 3.26
N ASN C 365 -14.16 -5.76 2.88
CA ASN C 365 -14.13 -5.13 1.53
C ASN C 365 -13.34 -6.03 0.58
N THR C 366 -13.94 -7.16 0.21
CA THR C 366 -13.37 -8.21 -0.67
C THR C 366 -14.37 -8.51 -1.78
N GLY C 367 -13.89 -9.11 -2.87
CA GLY C 367 -14.69 -9.43 -4.06
C GLY C 367 -15.06 -8.16 -4.78
N VAL C 368 -16.37 -7.91 -4.97
CA VAL C 368 -16.90 -6.65 -5.54
C VAL C 368 -16.66 -5.54 -4.51
N ASP C 369 -15.90 -4.51 -4.89
CA ASP C 369 -15.52 -3.38 -4.03
C ASP C 369 -16.79 -2.69 -3.54
N LYS C 370 -16.70 -2.02 -2.40
CA LYS C 370 -17.84 -1.34 -1.77
C LYS C 370 -18.24 -0.12 -2.57
N ASN C 371 -17.33 0.52 -3.30
CA ASN C 371 -17.68 1.67 -4.16
C ASN C 371 -18.62 1.24 -5.27
N THR C 372 -18.39 0.07 -5.86
CA THR C 372 -19.27 -0.50 -6.92
C THR C 372 -20.64 -0.73 -6.34
N ARG C 373 -20.73 -1.16 -5.08
CA ARG C 373 -22.02 -1.49 -4.43
C ARG C 373 -22.81 -0.21 -4.18
N VAL C 374 -22.17 0.90 -3.87
CA VAL C 374 -22.85 2.21 -3.61
C VAL C 374 -23.37 2.77 -4.92
N MET C 375 -22.73 2.48 -6.04
CA MET C 375 -23.17 2.98 -7.37
C MET C 375 -24.37 2.19 -7.84
N GLN C 376 -24.44 0.91 -7.48
CA GLN C 376 -25.60 0.05 -7.82
C GLN C 376 -26.83 0.44 -6.99
N LEU C 377 -26.65 1.00 -5.80
CA LEU C 377 -27.74 1.49 -4.94
C LEU C 377 -28.32 2.77 -5.55
N ILE C 378 -27.50 3.63 -6.12
CA ILE C 378 -27.96 4.90 -6.75
C ILE C 378 -28.80 4.56 -7.99
N GLU C 379 -28.44 3.53 -8.74
CA GLU C 379 -29.18 3.12 -9.95
C GLU C 379 -30.53 2.53 -9.55
N ALA C 380 -30.58 1.76 -8.47
CA ALA C 380 -31.81 1.10 -7.98
C ALA C 380 -32.87 2.13 -7.64
N TYR C 381 -32.51 3.22 -6.95
CA TYR C 381 -33.46 4.25 -6.49
C TYR C 381 -33.94 5.08 -7.67
N ARG C 382 -33.08 5.35 -8.63
CA ARG C 382 -33.41 6.11 -9.85
C ARG C 382 -34.33 5.31 -10.77
N SER C 383 -34.38 3.99 -10.64
CA SER C 383 -35.17 3.09 -11.51
C SER C 383 -36.45 2.63 -10.83
N ARG C 384 -36.38 2.23 -9.56
CA ARG C 384 -37.44 1.46 -8.88
C ARG C 384 -37.92 2.17 -7.61
N GLY C 385 -37.46 3.38 -7.33
CA GLY C 385 -37.77 4.08 -6.07
C GLY C 385 -39.20 4.54 -5.96
N HIS C 386 -39.90 4.67 -7.07
CA HIS C 386 -41.33 5.06 -7.15
C HIS C 386 -42.22 4.01 -6.51
N LEU C 387 -41.73 2.79 -6.30
CA LEU C 387 -42.53 1.69 -5.75
C LEU C 387 -42.75 1.86 -4.25
N ILE C 388 -42.02 2.73 -3.56
CA ILE C 388 -42.19 2.95 -2.09
C ILE C 388 -42.41 4.42 -1.78
N ALA C 389 -43.04 5.19 -2.65
CA ALA C 389 -43.17 6.66 -2.50
C ALA C 389 -44.53 7.01 -1.92
N ASP C 390 -44.61 8.13 -1.20
CA ASP C 390 -45.77 8.58 -0.42
C ASP C 390 -46.74 9.26 -1.35
N THR C 391 -47.43 8.48 -2.17
CA THR C 391 -48.23 8.92 -3.31
C THR C 391 -49.72 8.74 -3.02
N ASN C 392 -50.09 7.83 -2.12
CA ASN C 392 -51.50 7.50 -1.81
C ASN C 392 -51.94 8.29 -0.59
N PRO C 393 -52.95 9.19 -0.69
CA PRO C 393 -53.43 9.90 0.48
C PRO C 393 -54.23 9.07 1.48
N LEU C 394 -54.66 7.86 1.11
CA LEU C 394 -55.23 6.84 2.02
C LEU C 394 -54.13 5.83 2.37
N SER C 395 -54.25 5.20 3.53
CA SER C 395 -53.43 4.03 3.95
C SER C 395 -54.10 2.74 3.42
N TRP C 396 -54.16 2.60 2.09
CA TRP C 396 -54.95 1.58 1.36
C TRP C 396 -54.03 0.78 0.44
N VAL C 397 -54.13 -0.55 0.50
CA VAL C 397 -53.58 -1.50 -0.50
C VAL C 397 -54.72 -2.41 -0.97
N GLN C 398 -55.01 -2.41 -2.28
CA GLN C 398 -56.05 -3.24 -2.91
C GLN C 398 -55.67 -4.71 -2.71
N PRO C 399 -56.47 -5.52 -1.97
CA PRO C 399 -56.10 -6.90 -1.67
C PRO C 399 -56.05 -7.86 -2.87
N GLY C 400 -56.79 -7.58 -3.94
CA GLY C 400 -56.83 -8.42 -5.15
C GLY C 400 -55.52 -8.42 -5.92
N MET C 401 -54.92 -7.24 -6.10
CA MET C 401 -53.73 -7.00 -6.97
C MET C 401 -52.48 -7.62 -6.33
N PRO C 402 -51.51 -8.13 -7.13
CA PRO C 402 -50.24 -8.63 -6.61
C PRO C 402 -49.24 -7.49 -6.32
N VAL C 403 -48.49 -7.62 -5.21
CA VAL C 403 -47.50 -6.61 -4.72
C VAL C 403 -46.16 -6.88 -5.42
N PRO C 404 -45.57 -5.89 -6.13
CA PRO C 404 -44.23 -6.06 -6.71
C PRO C 404 -43.14 -6.21 -5.64
N ASP C 405 -42.08 -6.94 -5.98
CA ASP C 405 -40.84 -7.09 -5.18
C ASP C 405 -40.12 -5.74 -5.15
N HIS C 406 -39.73 -5.27 -3.96
CA HIS C 406 -38.89 -4.05 -3.78
C HIS C 406 -37.85 -4.28 -2.69
N ARG C 407 -37.15 -5.42 -2.76
CA ARG C 407 -35.99 -5.75 -1.91
C ARG C 407 -34.77 -4.98 -2.42
N ASP C 408 -34.78 -4.55 -3.68
CA ASP C 408 -33.63 -3.86 -4.34
C ASP C 408 -33.33 -2.51 -3.69
N LEU C 409 -34.21 -1.98 -2.83
CA LEU C 409 -34.06 -0.67 -2.20
C LEU C 409 -33.59 -0.80 -0.75
N ASP C 410 -33.28 -2.00 -0.26
CA ASP C 410 -32.74 -2.24 1.10
C ASP C 410 -31.23 -2.37 0.98
N ILE C 411 -30.46 -1.83 1.94
CA ILE C 411 -28.98 -1.79 1.84
C ILE C 411 -28.41 -3.19 2.05
N GLU C 412 -29.16 -4.12 2.63
CA GLU C 412 -28.76 -5.52 2.87
C GLU C 412 -28.62 -6.25 1.55
N THR C 413 -29.44 -5.93 0.57
CA THR C 413 -29.46 -6.56 -0.77
C THR C 413 -28.19 -6.25 -1.54
N HIS C 414 -27.49 -5.17 -1.21
CA HIS C 414 -26.25 -4.71 -1.88
C HIS C 414 -25.03 -4.92 -1.00
N ASN C 415 -25.11 -5.79 0.01
CA ASN C 415 -23.98 -6.15 0.91
C ASN C 415 -23.39 -4.91 1.54
N LEU C 416 -24.23 -4.10 2.19
CA LEU C 416 -23.83 -2.93 2.99
C LEU C 416 -24.59 -2.98 4.31
N THR C 417 -23.98 -2.50 5.39
CA THR C 417 -24.50 -2.58 6.77
C THR C 417 -24.47 -1.21 7.42
N ILE C 418 -25.04 -1.10 8.61
CA ILE C 418 -25.06 0.12 9.45
C ILE C 418 -23.65 0.60 9.70
N TRP C 419 -22.66 -0.26 9.63
CA TRP C 419 -21.25 0.07 9.94
C TRP C 419 -20.60 0.85 8.80
N ASP C 420 -21.29 1.07 7.70
CA ASP C 420 -20.78 1.77 6.49
C ASP C 420 -21.36 3.16 6.37
N LEU C 421 -22.25 3.57 7.28
CA LEU C 421 -23.04 4.82 7.13
C LEU C 421 -22.14 6.03 7.21
N ASP C 422 -21.07 6.02 8.01
CA ASP C 422 -20.20 7.21 8.22
C ASP C 422 -18.86 7.06 7.52
N ARG C 423 -18.70 6.07 6.64
CA ARG C 423 -17.53 5.91 5.76
C ARG C 423 -17.77 6.65 4.45
N THR C 424 -16.71 7.12 3.79
CA THR C 424 -16.76 8.00 2.59
C THR C 424 -16.45 7.16 1.35
N PHE C 425 -17.10 7.46 0.23
CA PHE C 425 -17.09 6.70 -1.04
C PHE C 425 -17.03 7.63 -2.24
N ASN C 426 -16.51 7.15 -3.37
CA ASN C 426 -16.48 7.87 -4.67
C ASN C 426 -17.80 7.66 -5.38
N VAL C 427 -18.46 8.74 -5.78
CA VAL C 427 -19.87 8.74 -6.27
C VAL C 427 -19.99 9.29 -7.69
N GLY C 428 -18.94 9.86 -8.26
CA GLY C 428 -18.88 10.22 -9.68
C GLY C 428 -19.86 11.30 -10.05
N GLY C 429 -19.81 12.42 -9.33
CA GLY C 429 -20.56 13.64 -9.68
C GLY C 429 -22.01 13.62 -9.25
N PHE C 430 -22.41 12.67 -8.41
CA PHE C 430 -23.77 12.64 -7.83
C PHE C 430 -23.87 13.79 -6.83
N GLY C 431 -24.93 14.60 -6.95
CA GLY C 431 -25.14 15.80 -6.13
C GLY C 431 -24.04 16.83 -6.32
N GLY C 432 -23.42 16.86 -7.49
CA GLY C 432 -22.28 17.73 -7.82
C GLY C 432 -21.15 17.57 -6.84
N LYS C 433 -20.77 16.33 -6.51
CA LYS C 433 -19.63 16.04 -5.62
C LYS C 433 -18.92 14.78 -6.10
N GLU C 434 -17.63 14.66 -5.78
CA GLU C 434 -16.77 13.51 -6.15
C GLU C 434 -16.81 12.46 -5.05
N THR C 435 -16.83 12.88 -3.79
CA THR C 435 -16.90 12.00 -2.61
C THR C 435 -18.08 12.40 -1.72
N MET C 436 -18.56 11.48 -0.89
CA MET C 436 -19.78 11.61 -0.07
C MET C 436 -19.83 10.43 0.89
N THR C 437 -20.54 10.53 2.01
CA THR C 437 -20.81 9.43 2.96
C THR C 437 -22.09 8.72 2.58
N LEU C 438 -22.26 7.47 2.99
CA LEU C 438 -23.46 6.66 2.67
C LEU C 438 -24.68 7.29 3.30
N ARG C 439 -24.54 7.91 4.46
CA ARG C 439 -25.64 8.59 5.17
C ARG C 439 -26.16 9.70 4.28
N GLU C 440 -25.27 10.53 3.72
CA GLU C 440 -25.65 11.66 2.86
C GLU C 440 -26.27 11.14 1.57
N VAL C 441 -25.75 10.06 1.01
CA VAL C 441 -26.24 9.48 -0.28
C VAL C 441 -27.68 9.03 -0.10
N LEU C 442 -28.00 8.38 1.02
CA LEU C 442 -29.34 7.83 1.29
C LEU C 442 -30.32 8.96 1.50
N SER C 443 -29.93 10.02 2.19
CA SER C 443 -30.75 11.21 2.45
C SER C 443 -31.22 11.78 1.13
N ARG C 444 -30.29 12.06 0.22
CA ARG C 444 -30.57 12.72 -1.07
C ARG C 444 -31.47 11.84 -1.92
N LEU C 445 -31.21 10.54 -1.99
CA LEU C 445 -32.01 9.62 -2.83
C LEU C 445 -33.44 9.57 -2.33
N ARG C 446 -33.65 9.66 -1.03
CA ARG C 446 -34.99 9.57 -0.41
C ARG C 446 -35.76 10.86 -0.61
N ALA C 447 -35.08 11.99 -0.59
CA ALA C 447 -35.69 13.32 -0.80
C ALA C 447 -36.14 13.49 -2.23
N ALA C 448 -35.48 12.85 -3.18
CA ALA C 448 -35.68 13.03 -4.62
C ALA C 448 -36.71 12.05 -5.17
N TYR C 449 -36.79 10.84 -4.65
CA TYR C 449 -37.51 9.73 -5.33
C TYR C 449 -38.53 9.05 -4.43
N THR C 450 -38.77 9.47 -3.18
CA THR C 450 -39.61 8.70 -2.23
C THR C 450 -40.60 9.54 -1.43
N LEU C 451 -40.76 10.85 -1.68
CA LEU C 451 -41.72 11.71 -0.95
C LEU C 451 -42.99 11.81 -1.77
N LYS C 452 -43.47 12.99 -2.16
CA LYS C 452 -44.83 13.18 -2.72
C LYS C 452 -44.85 13.11 -4.24
N VAL C 453 -43.71 12.91 -4.90
CA VAL C 453 -43.62 12.78 -6.38
C VAL C 453 -42.80 11.55 -6.73
N GLY C 454 -43.37 10.60 -7.45
CA GLY C 454 -42.70 9.39 -7.96
C GLY C 454 -42.54 9.45 -9.46
N SER C 455 -41.32 9.23 -9.97
CA SER C 455 -40.92 9.45 -11.38
C SER C 455 -40.51 8.13 -12.02
N GLU C 456 -40.88 7.93 -13.28
CA GLU C 456 -40.40 6.84 -14.16
C GLU C 456 -39.81 7.48 -15.41
N TYR C 457 -38.48 7.43 -15.58
CA TYR C 457 -37.76 8.09 -16.70
C TYR C 457 -36.57 7.29 -17.25
N THR C 458 -36.13 6.19 -16.65
CA THR C 458 -34.82 5.55 -17.00
C THR C 458 -34.96 4.64 -18.21
N HIS C 459 -36.18 4.35 -18.64
CA HIS C 459 -36.49 3.57 -19.86
C HIS C 459 -36.28 4.39 -21.13
N ILE C 460 -36.18 5.71 -21.04
CA ILE C 460 -35.95 6.60 -22.21
C ILE C 460 -34.58 6.28 -22.78
N LEU C 461 -34.44 6.29 -24.12
CA LEU C 461 -33.25 5.82 -24.86
C LEU C 461 -32.26 6.96 -25.11
N ASP C 462 -32.73 8.18 -25.36
CA ASP C 462 -31.85 9.35 -25.63
C ASP C 462 -31.19 9.78 -24.33
N ARG C 463 -29.89 10.03 -24.36
CA ARG C 463 -29.06 10.33 -23.16
C ARG C 463 -29.30 11.78 -22.73
N ASP C 464 -29.48 12.68 -23.68
CA ASP C 464 -29.65 14.13 -23.41
C ASP C 464 -30.98 14.38 -22.71
N GLU C 465 -32.05 13.70 -23.08
CA GLU C 465 -33.39 13.94 -22.50
C GLU C 465 -33.53 13.17 -21.18
N ARG C 466 -32.73 12.15 -20.94
CA ARG C 466 -32.69 11.41 -19.65
C ARG C 466 -31.94 12.26 -18.62
N THR C 467 -30.92 13.00 -19.04
CA THR C 467 -30.07 13.84 -18.16
C THR C 467 -30.82 15.10 -17.75
N TRP C 468 -31.65 15.65 -18.62
CA TRP C 468 -32.45 16.88 -18.37
C TRP C 468 -33.43 16.61 -17.23
N LEU C 469 -34.11 15.47 -17.25
CA LEU C 469 -35.10 15.08 -16.21
C LEU C 469 -34.39 14.78 -14.90
N GLN C 470 -33.27 14.09 -14.96
CA GLN C 470 -32.47 13.67 -13.79
C GLN C 470 -32.02 14.89 -13.00
N ASP C 471 -31.56 15.92 -13.68
CA ASP C 471 -30.99 17.12 -13.05
C ASP C 471 -32.09 17.91 -12.35
N ARG C 472 -33.27 17.97 -12.94
CA ARG C 472 -34.41 18.76 -12.40
C ARG C 472 -35.02 18.04 -11.21
N LEU C 473 -35.15 16.72 -11.26
CA LEU C 473 -35.75 15.93 -10.16
C LEU C 473 -34.83 15.90 -8.95
N GLU C 474 -33.52 15.92 -9.14
CA GLU C 474 -32.55 15.80 -8.02
C GLU C 474 -32.20 17.16 -7.44
N ALA C 475 -32.56 18.26 -8.10
CA ALA C 475 -32.45 19.63 -7.57
C ALA C 475 -33.60 19.92 -6.63
N GLY C 476 -34.77 19.34 -6.91
CA GLY C 476 -35.94 19.40 -6.02
C GLY C 476 -36.89 20.51 -6.42
N MET C 477 -38.08 20.50 -5.82
CA MET C 477 -39.13 21.54 -5.97
C MET C 477 -38.60 22.83 -5.37
N PRO C 478 -38.58 23.97 -6.10
CA PRO C 478 -38.19 25.24 -5.51
C PRO C 478 -39.16 25.71 -4.42
N LYS C 479 -38.66 26.41 -3.40
CA LYS C 479 -39.47 26.91 -2.27
C LYS C 479 -40.33 28.04 -2.80
N PRO C 480 -41.68 27.93 -2.79
CA PRO C 480 -42.52 28.99 -3.31
C PRO C 480 -42.63 30.18 -2.37
N THR C 481 -42.85 31.37 -2.94
CA THR C 481 -43.00 32.66 -2.22
C THR C 481 -44.33 32.69 -1.50
N GLN C 482 -44.53 33.67 -0.63
CA GLN C 482 -45.80 33.83 0.12
C GLN C 482 -46.92 34.19 -0.83
N ALA C 483 -46.69 35.09 -1.78
CA ALA C 483 -47.69 35.49 -2.78
C ALA C 483 -48.15 34.28 -3.56
N GLU C 484 -47.23 33.45 -4.02
CA GLU C 484 -47.54 32.21 -4.77
C GLU C 484 -48.42 31.31 -3.91
N GLN C 485 -48.06 31.15 -2.65
CA GLN C 485 -48.78 30.27 -1.70
C GLN C 485 -50.21 30.72 -1.54
N LYS C 486 -50.46 32.01 -1.42
CA LYS C 486 -51.82 32.53 -1.21
C LYS C 486 -52.66 32.39 -2.47
N TYR C 487 -52.06 32.42 -3.65
CA TYR C 487 -52.77 32.24 -4.93
C TYR C 487 -53.25 30.80 -5.05
N ILE C 488 -52.49 29.81 -4.56
CA ILE C 488 -52.90 28.38 -4.57
C ILE C 488 -54.07 28.18 -3.63
N LEU C 489 -54.11 28.90 -2.50
CA LEU C 489 -55.18 28.77 -1.49
C LEU C 489 -56.47 29.38 -2.03
N GLN C 490 -56.39 30.42 -2.83
CA GLN C 490 -57.58 31.10 -3.39
C GLN C 490 -58.24 30.21 -4.42
N LYS C 491 -57.49 29.43 -5.19
CA LYS C 491 -58.05 28.52 -6.23
C LYS C 491 -58.75 27.35 -5.55
N LEU C 492 -58.19 26.80 -4.46
CA LEU C 492 -58.83 25.71 -3.69
C LEU C 492 -60.10 26.22 -3.05
N ASN C 493 -60.14 27.45 -2.58
CA ASN C 493 -61.35 28.04 -1.96
C ASN C 493 -62.47 28.12 -2.97
N ALA C 494 -62.17 28.53 -4.20
CA ALA C 494 -63.14 28.69 -5.29
C ALA C 494 -63.71 27.35 -5.68
N ALA C 495 -62.85 26.37 -5.89
CA ALA C 495 -63.22 24.98 -6.23
C ALA C 495 -64.23 24.43 -5.23
N GLU C 496 -63.96 24.54 -3.93
CA GLU C 496 -64.82 23.97 -2.87
C GLU C 496 -66.09 24.78 -2.74
N ALA C 497 -66.06 26.07 -2.96
CA ALA C 497 -67.25 26.94 -2.88
C ALA C 497 -68.26 26.55 -3.93
N PHE C 498 -67.82 26.20 -5.12
CA PHE C 498 -68.68 25.88 -6.29
C PHE C 498 -69.30 24.51 -6.08
N GLU C 499 -68.56 23.56 -5.54
CA GLU C 499 -69.07 22.21 -5.22
C GLU C 499 -70.24 22.32 -4.26
N ASN C 500 -70.14 23.19 -3.26
CA ASN C 500 -71.19 23.39 -2.24
C ASN C 500 -72.43 24.00 -2.86
N PHE C 501 -72.30 24.92 -3.79
CA PHE C 501 -73.43 25.60 -4.47
C PHE C 501 -74.22 24.59 -5.30
N LEU C 502 -73.50 23.70 -5.97
CA LEU C 502 -74.08 22.72 -6.92
C LEU C 502 -74.90 21.70 -6.11
N GLN C 503 -74.35 21.19 -5.01
CA GLN C 503 -74.97 20.14 -4.17
C GLN C 503 -76.20 20.68 -3.46
N THR C 504 -76.28 21.98 -3.17
CA THR C 504 -77.36 22.55 -2.34
C THR C 504 -78.48 23.13 -3.21
N LYS C 505 -78.16 23.79 -4.31
CA LYS C 505 -79.13 24.57 -5.10
C LYS C 505 -79.75 23.72 -6.21
N TYR C 506 -79.16 22.56 -6.52
CA TYR C 506 -79.62 21.66 -7.62
C TYR C 506 -79.48 20.20 -7.18
N VAL C 507 -80.20 19.31 -7.87
CA VAL C 507 -80.39 17.88 -7.48
C VAL C 507 -79.91 16.97 -8.62
N GLY C 508 -79.46 15.76 -8.27
CA GLY C 508 -78.93 14.76 -9.21
C GLY C 508 -77.59 15.20 -9.80
N GLN C 509 -76.73 15.82 -8.98
CA GLN C 509 -75.39 16.31 -9.37
C GLN C 509 -74.30 15.55 -8.62
N LYS C 510 -74.66 14.53 -7.83
CA LYS C 510 -73.73 13.72 -6.99
C LYS C 510 -72.82 12.88 -7.90
N ARG C 511 -73.37 12.43 -9.04
CA ARG C 511 -72.65 11.67 -10.09
C ARG C 511 -71.45 12.47 -10.61
N PHE C 512 -71.61 13.80 -10.74
CA PHE C 512 -70.68 14.71 -11.45
C PHE C 512 -69.75 15.45 -10.48
N SER C 513 -69.66 15.01 -9.23
CA SER C 513 -68.93 15.72 -8.15
C SER C 513 -67.42 15.49 -8.30
N LEU C 514 -66.64 16.48 -7.89
CA LEU C 514 -65.17 16.54 -7.95
C LEU C 514 -64.61 16.38 -6.54
N GLU C 515 -65.46 16.12 -5.55
CA GLU C 515 -65.07 16.04 -4.13
C GLU C 515 -64.14 14.85 -3.99
N GLY C 516 -62.94 15.09 -3.51
CA GLY C 516 -61.85 14.09 -3.42
C GLY C 516 -60.71 14.45 -4.32
N ALA C 517 -60.98 15.21 -5.39
CA ALA C 517 -60.04 15.52 -6.48
C ALA C 517 -60.07 17.00 -6.82
N GLU C 518 -60.00 17.86 -5.80
CA GLU C 518 -60.11 19.32 -5.97
C GLU C 518 -58.78 19.90 -6.41
N ALA C 519 -57.69 19.16 -6.33
CA ALA C 519 -56.35 19.60 -6.73
C ALA C 519 -56.22 19.64 -8.26
N LEU C 520 -57.15 19.04 -8.98
CA LEU C 520 -57.23 19.11 -10.45
C LEU C 520 -57.24 20.57 -10.89
N ILE C 521 -57.94 21.45 -10.16
CA ILE C 521 -58.16 22.85 -10.58
C ILE C 521 -56.85 23.60 -10.53
N PRO C 522 -56.07 23.62 -9.43
CA PRO C 522 -54.73 24.19 -9.49
C PRO C 522 -53.70 23.51 -10.39
N LEU C 523 -53.86 22.26 -10.82
CA LEU C 523 -52.92 21.56 -11.74
C LEU C 523 -53.13 22.10 -13.16
N MET C 524 -54.38 22.14 -13.60
CA MET C 524 -54.75 22.63 -14.94
C MET C 524 -54.37 24.10 -15.08
N ASP C 525 -54.51 24.89 -14.01
CA ASP C 525 -54.17 26.33 -14.01
C ASP C 525 -52.66 26.51 -14.18
N SER C 526 -51.86 25.66 -13.57
CA SER C 526 -50.39 25.72 -13.59
C SER C 526 -49.89 25.54 -15.02
N ALA C 527 -50.43 24.54 -15.71
CA ALA C 527 -50.05 24.16 -17.09
C ALA C 527 -50.43 25.27 -18.07
N ILE C 528 -51.64 25.81 -17.97
CA ILE C 528 -52.16 26.86 -18.89
C ILE C 528 -51.33 28.12 -18.69
N ASP C 529 -50.91 28.42 -17.47
CA ASP C 529 -50.14 29.63 -17.15
C ASP C 529 -48.73 29.50 -17.70
N THR C 530 -48.12 28.33 -17.60
CA THR C 530 -46.77 28.03 -18.12
C THR C 530 -46.75 28.16 -19.64
N ALA C 531 -47.83 27.76 -20.31
CA ALA C 531 -47.98 27.85 -21.78
C ALA C 531 -48.08 29.29 -22.22
N ALA C 532 -48.73 30.15 -21.45
CA ALA C 532 -48.88 31.59 -21.73
C ALA C 532 -47.54 32.28 -21.63
N GLY C 533 -46.66 31.84 -20.75
CA GLY C 533 -45.32 32.42 -20.58
C GLY C 533 -44.38 32.01 -21.66
N GLN C 534 -44.63 30.86 -22.29
CA GLN C 534 -43.83 30.34 -23.43
C GLN C 534 -44.18 31.10 -24.69
N GLY C 535 -45.35 31.73 -24.76
CA GLY C 535 -45.74 32.61 -25.87
C GLY C 535 -46.66 31.94 -26.86
N LEU C 536 -47.38 30.89 -26.48
CA LEU C 536 -48.18 30.04 -27.38
C LEU C 536 -49.58 30.63 -27.54
N ASP C 537 -50.40 30.09 -28.44
CA ASP C 537 -51.61 30.74 -28.98
C ASP C 537 -52.91 30.23 -28.36
N GLU C 538 -53.06 28.93 -28.14
CA GLU C 538 -54.32 28.33 -27.64
C GLU C 538 -54.06 27.03 -26.88
N VAL C 539 -54.97 26.66 -25.97
CA VAL C 539 -55.03 25.34 -25.29
C VAL C 539 -56.41 24.74 -25.56
N VAL C 540 -56.48 23.53 -26.11
CA VAL C 540 -57.72 22.77 -26.41
C VAL C 540 -57.85 21.64 -25.39
N ILE C 541 -58.98 21.57 -24.68
CA ILE C 541 -59.25 20.60 -23.57
C ILE C 541 -60.28 19.59 -24.05
N GLY C 542 -60.05 18.31 -23.79
CA GLY C 542 -61.04 17.22 -23.91
C GLY C 542 -61.10 16.43 -22.63
N MET C 543 -62.31 16.07 -22.17
CA MET C 543 -62.52 15.44 -20.85
C MET C 543 -63.88 14.79 -20.75
N PRO C 544 -64.10 13.86 -19.79
CA PRO C 544 -65.43 13.39 -19.43
C PRO C 544 -66.23 14.21 -18.41
N HIS C 545 -67.39 13.71 -18.00
CA HIS C 545 -68.41 14.37 -17.13
C HIS C 545 -67.82 14.91 -15.82
N ARG C 546 -67.04 14.12 -15.10
CA ARG C 546 -66.63 14.41 -13.71
C ARG C 546 -65.85 15.71 -13.66
N GLY C 547 -66.43 16.74 -13.06
CA GLY C 547 -65.78 18.03 -12.79
C GLY C 547 -65.96 19.03 -13.90
N ARG C 548 -66.87 18.80 -14.83
CA ARG C 548 -66.93 19.57 -16.07
C ARG C 548 -67.41 20.99 -15.78
N LEU C 549 -68.46 21.16 -14.99
CA LEU C 549 -69.01 22.50 -14.70
C LEU C 549 -68.04 23.30 -13.85
N ASN C 550 -67.23 22.64 -13.04
CA ASN C 550 -66.18 23.29 -12.21
C ASN C 550 -65.11 23.86 -13.14
N VAL C 551 -64.74 23.14 -14.18
CA VAL C 551 -63.72 23.56 -15.19
C VAL C 551 -64.28 24.71 -16.02
N LEU C 552 -65.58 24.73 -16.28
CA LEU C 552 -66.23 25.81 -17.06
C LEU C 552 -66.17 27.13 -16.30
N PHE C 553 -66.24 27.11 -14.97
CA PHE C 553 -66.35 28.31 -14.12
C PHE C 553 -64.98 28.82 -13.67
N ASN C 554 -64.02 27.93 -13.43
CA ASN C 554 -62.74 28.26 -12.77
C ASN C 554 -61.57 28.24 -13.74
N ILE C 555 -61.69 27.65 -14.93
CA ILE C 555 -60.57 27.51 -15.91
C ILE C 555 -60.90 28.17 -17.23
N VAL C 556 -62.11 28.04 -17.74
CA VAL C 556 -62.49 28.67 -19.04
C VAL C 556 -62.93 30.10 -18.75
N GLY C 557 -63.69 30.31 -17.69
CA GLY C 557 -64.03 31.64 -17.16
C GLY C 557 -65.40 32.11 -17.56
N LYS C 558 -66.36 31.21 -17.74
CA LYS C 558 -67.74 31.58 -18.10
C LYS C 558 -68.42 32.15 -16.88
N PRO C 559 -69.37 33.11 -17.01
CA PRO C 559 -70.20 33.55 -15.89
C PRO C 559 -71.21 32.51 -15.40
N LEU C 560 -71.67 32.66 -14.15
CA LEU C 560 -72.63 31.71 -13.53
C LEU C 560 -73.95 31.75 -14.29
N ALA C 561 -74.38 32.94 -14.71
CA ALA C 561 -75.62 33.18 -15.47
C ALA C 561 -75.62 32.34 -16.75
N SER C 562 -74.50 32.27 -17.44
CA SER C 562 -74.34 31.54 -18.73
C SER C 562 -74.47 30.04 -18.51
N ILE C 563 -73.88 29.52 -17.42
CA ILE C 563 -73.84 28.04 -17.13
C ILE C 563 -75.26 27.58 -16.85
N PHE C 564 -75.97 28.25 -15.95
CA PHE C 564 -77.31 27.85 -15.46
C PHE C 564 -78.39 28.70 -16.12
N ASN C 565 -79.06 28.15 -17.13
CA ASN C 565 -80.25 28.73 -17.80
C ASN C 565 -81.24 27.60 -18.14
N GLY C 580 -82.03 18.76 -28.72
CA GLY C 580 -81.09 19.52 -27.87
C GLY C 580 -80.25 18.60 -27.00
N ASP C 581 -79.52 19.17 -26.04
CA ASP C 581 -78.65 18.42 -25.09
C ASP C 581 -78.37 19.27 -23.84
N VAL C 582 -77.65 18.68 -22.87
CA VAL C 582 -77.37 19.26 -21.53
C VAL C 582 -76.11 20.13 -21.59
N LYS C 583 -75.77 20.79 -20.47
CA LYS C 583 -74.54 21.61 -20.27
C LYS C 583 -73.30 20.72 -20.30
N TYR C 584 -73.44 19.47 -19.85
CA TYR C 584 -72.34 18.48 -19.62
C TYR C 584 -71.75 17.94 -20.94
N HIS C 585 -72.29 18.35 -22.10
CA HIS C 585 -71.81 17.86 -23.42
C HIS C 585 -71.53 18.98 -24.43
N LEU C 586 -71.92 20.24 -24.18
CA LEU C 586 -71.69 21.35 -25.15
C LEU C 586 -70.28 21.90 -24.99
N GLY C 587 -69.78 22.66 -25.97
CA GLY C 587 -68.44 23.26 -26.00
C GLY C 587 -68.46 24.75 -25.67
N SER C 588 -67.30 25.33 -25.30
CA SER C 588 -67.17 26.75 -24.87
C SER C 588 -65.78 27.31 -25.17
N GLU C 589 -65.64 28.63 -25.14
CA GLU C 589 -64.38 29.39 -25.40
C GLU C 589 -64.19 30.46 -24.33
N GLY C 590 -62.95 30.87 -24.06
CA GLY C 590 -62.61 31.92 -23.09
C GLY C 590 -61.14 32.32 -23.15
N GLN C 591 -60.75 33.33 -22.37
CA GLN C 591 -59.38 33.91 -22.29
C GLN C 591 -58.77 33.69 -20.93
N HIS C 592 -57.45 33.47 -20.84
CA HIS C 592 -56.68 33.31 -19.59
C HIS C 592 -55.55 34.33 -19.55
N LEU C 593 -55.68 35.34 -18.69
CA LEU C 593 -54.62 36.33 -18.38
C LEU C 593 -53.72 35.73 -17.32
N GLN C 594 -52.53 36.28 -17.17
CA GLN C 594 -51.43 35.75 -16.34
C GLN C 594 -51.18 36.74 -15.20
N MET C 595 -51.38 36.32 -13.95
CA MET C 595 -51.36 37.14 -12.72
C MET C 595 -50.04 37.88 -12.57
N PHE C 596 -48.93 37.16 -12.63
CA PHE C 596 -47.55 37.67 -12.40
C PHE C 596 -46.76 37.63 -13.70
N GLY C 597 -47.28 38.22 -14.77
CA GLY C 597 -46.64 38.27 -16.09
C GLY C 597 -47.40 39.15 -17.03
N ASP C 598 -47.11 39.10 -18.33
CA ASP C 598 -47.81 39.89 -19.36
C ASP C 598 -48.35 38.99 -20.47
N GLY C 599 -48.60 37.71 -20.20
CA GLY C 599 -49.06 36.72 -21.19
C GLY C 599 -50.57 36.55 -21.18
N GLU C 600 -51.16 36.32 -22.35
CA GLU C 600 -52.57 35.93 -22.56
C GLU C 600 -52.59 34.63 -23.36
N ILE C 601 -53.67 33.85 -23.30
CA ILE C 601 -53.85 32.62 -24.11
C ILE C 601 -55.33 32.28 -24.21
N LYS C 602 -55.80 31.82 -25.36
CA LYS C 602 -57.18 31.32 -25.58
C LYS C 602 -57.32 29.95 -24.94
N VAL C 603 -58.52 29.62 -24.44
CA VAL C 603 -58.86 28.28 -23.87
C VAL C 603 -60.18 27.81 -24.46
N SER C 604 -60.22 26.61 -25.04
CA SER C 604 -61.39 25.98 -25.70
C SER C 604 -61.71 24.64 -25.05
N LEU C 605 -62.99 24.28 -24.98
CA LEU C 605 -63.48 22.98 -24.48
C LEU C 605 -64.32 22.33 -25.58
N THR C 606 -64.04 21.08 -25.90
CA THR C 606 -64.60 20.30 -27.03
C THR C 606 -65.89 19.61 -26.61
N ALA C 607 -66.82 19.38 -27.54
CA ALA C 607 -68.06 18.62 -27.31
C ALA C 607 -67.78 17.12 -27.38
N ASN C 608 -68.57 16.29 -26.72
CA ASN C 608 -68.34 14.84 -26.67
C ASN C 608 -69.59 14.08 -26.26
N PRO C 609 -69.73 12.80 -26.62
CA PRO C 609 -70.78 11.94 -26.11
C PRO C 609 -70.41 11.20 -24.83
N SER C 610 -71.32 10.39 -24.31
CA SER C 610 -71.16 9.64 -23.05
C SER C 610 -70.22 8.45 -23.25
N HIS C 611 -70.09 7.95 -24.48
CA HIS C 611 -69.15 6.88 -24.89
C HIS C 611 -67.75 7.32 -24.50
N LEU C 612 -67.12 6.65 -23.54
CA LEU C 612 -65.82 7.04 -22.97
C LEU C 612 -64.74 6.94 -24.04
N GLU C 613 -63.87 7.93 -24.10
CA GLU C 613 -62.57 7.97 -24.81
C GLU C 613 -62.75 8.23 -26.31
N ALA C 614 -63.97 8.46 -26.79
CA ALA C 614 -64.26 8.68 -28.23
C ALA C 614 -63.84 10.08 -28.67
N VAL C 615 -63.55 10.98 -27.73
CA VAL C 615 -63.10 12.37 -27.98
C VAL C 615 -61.61 12.41 -28.29
N ASN C 616 -60.86 11.34 -28.00
CA ASN C 616 -59.38 11.34 -28.09
C ASN C 616 -58.94 11.69 -29.50
N PRO C 617 -59.26 10.91 -30.55
CA PRO C 617 -58.88 11.27 -31.90
C PRO C 617 -59.49 12.57 -32.45
N VAL C 618 -60.68 12.96 -32.01
CA VAL C 618 -61.40 14.15 -32.56
C VAL C 618 -60.68 15.40 -32.10
N MET C 619 -60.24 15.43 -30.85
CA MET C 619 -59.53 16.55 -30.21
C MET C 619 -58.19 16.78 -30.91
N GLU C 620 -57.45 15.72 -31.24
CA GLU C 620 -56.11 15.76 -31.88
C GLU C 620 -56.23 16.42 -33.26
N GLY C 621 -57.24 16.04 -34.02
CA GLY C 621 -57.56 16.59 -35.34
C GLY C 621 -57.88 18.07 -35.29
N ILE C 622 -58.62 18.53 -34.28
CA ILE C 622 -58.95 19.98 -34.09
C ILE C 622 -57.66 20.75 -33.91
N VAL C 623 -56.70 20.21 -33.17
CA VAL C 623 -55.43 20.91 -32.86
C VAL C 623 -54.60 21.03 -34.12
N ARG C 624 -54.57 19.99 -34.97
CA ARG C 624 -53.74 19.98 -36.21
C ARG C 624 -54.30 20.99 -37.20
N ALA C 625 -55.61 21.13 -37.30
CA ALA C 625 -56.25 22.08 -38.23
C ALA C 625 -55.89 23.50 -37.84
N LYS C 626 -55.86 23.80 -36.54
CA LYS C 626 -55.57 25.15 -36.02
C LYS C 626 -54.10 25.48 -36.21
N GLN C 627 -53.22 24.51 -36.05
CA GLN C 627 -51.76 24.70 -36.27
C GLN C 627 -51.50 24.99 -37.74
N ASP C 628 -52.19 24.30 -38.65
CA ASP C 628 -52.01 24.46 -40.11
C ASP C 628 -52.44 25.85 -40.56
N TYR C 629 -53.45 26.43 -39.95
CA TYR C 629 -54.00 27.77 -40.31
C TYR C 629 -53.04 28.87 -39.90
N LEU C 630 -52.29 28.70 -38.83
CA LEU C 630 -51.34 29.72 -38.35
C LEU C 630 -50.09 29.72 -39.21
N ASP C 631 -49.61 28.56 -39.64
CA ASP C 631 -48.56 28.40 -40.68
C ASP C 631 -47.26 28.99 -40.17
N LYS C 632 -46.63 28.34 -39.19
CA LYS C 632 -45.39 28.79 -38.54
C LYS C 632 -44.25 27.78 -38.71
N GLY C 633 -44.46 26.67 -39.42
CA GLY C 633 -43.41 25.69 -39.72
C GLY C 633 -43.18 24.71 -38.57
N VAL C 634 -42.09 23.95 -38.68
CA VAL C 634 -41.69 22.85 -37.74
C VAL C 634 -41.32 23.44 -36.37
N ASP C 635 -40.69 24.62 -36.34
CA ASP C 635 -40.29 25.35 -35.11
C ASP C 635 -41.51 25.89 -34.36
N GLY C 636 -42.69 25.91 -34.98
CA GLY C 636 -43.96 26.36 -34.38
C GLY C 636 -44.54 25.32 -33.45
N LYS C 637 -45.74 24.82 -33.76
CA LYS C 637 -46.54 23.87 -32.95
C LYS C 637 -46.99 24.57 -31.67
N THR C 638 -47.87 25.56 -31.82
CA THR C 638 -48.21 26.58 -30.80
C THR C 638 -49.68 26.48 -30.39
N VAL C 639 -50.29 25.30 -30.50
CA VAL C 639 -51.62 24.98 -29.93
C VAL C 639 -51.46 23.70 -29.12
N VAL C 640 -51.69 23.75 -27.80
CA VAL C 640 -51.36 22.66 -26.84
C VAL C 640 -52.59 21.81 -26.59
N PRO C 641 -52.56 20.49 -26.85
CA PRO C 641 -53.61 19.59 -26.40
C PRO C 641 -53.49 19.03 -24.98
N LEU C 642 -54.48 19.32 -24.13
CA LEU C 642 -54.61 18.87 -22.72
C LEU C 642 -55.79 17.91 -22.63
N LEU C 643 -55.55 16.64 -22.27
CA LEU C 643 -56.55 15.55 -22.35
C LEU C 643 -56.68 14.86 -20.99
N LEU C 644 -57.88 14.83 -20.43
CA LEU C 644 -58.21 14.25 -19.10
C LEU C 644 -58.86 12.89 -19.29
N HIS C 645 -58.44 11.87 -18.53
CA HIS C 645 -58.98 10.50 -18.55
C HIS C 645 -59.34 10.05 -17.14
N GLY C 646 -60.13 8.98 -17.01
CA GLY C 646 -60.32 8.19 -15.78
C GLY C 646 -59.53 6.91 -15.84
N ASP C 647 -59.20 6.31 -14.70
CA ASP C 647 -58.19 5.24 -14.58
C ASP C 647 -58.67 3.95 -15.24
N ALA C 648 -59.94 3.59 -15.08
CA ALA C 648 -60.52 2.35 -15.59
C ALA C 648 -60.60 2.41 -17.12
N ALA C 649 -61.04 3.53 -17.66
CA ALA C 649 -61.23 3.73 -19.11
C ALA C 649 -59.88 3.76 -19.82
N PHE C 650 -58.85 4.29 -19.19
CA PHE C 650 -57.51 4.47 -19.78
C PHE C 650 -56.85 3.13 -20.02
N ALA C 651 -56.99 2.19 -19.08
CA ALA C 651 -56.34 0.86 -19.15
C ALA C 651 -57.14 -0.11 -20.00
N GLY C 652 -58.42 0.13 -20.21
CA GLY C 652 -59.36 -0.89 -20.72
C GLY C 652 -59.67 -0.72 -22.18
N LEU C 653 -60.00 0.48 -22.62
CA LEU C 653 -60.49 0.74 -24.00
C LEU C 653 -59.28 0.89 -24.93
N GLY C 654 -59.35 0.28 -26.12
CA GLY C 654 -58.24 0.19 -27.07
C GLY C 654 -58.02 1.44 -27.90
N ILE C 655 -58.99 2.34 -27.95
CA ILE C 655 -58.88 3.63 -28.67
C ILE C 655 -57.75 4.47 -28.06
N VAL C 656 -57.45 4.30 -26.77
CA VAL C 656 -56.43 5.12 -26.07
C VAL C 656 -55.07 4.87 -26.70
N PRO C 657 -54.50 3.64 -26.68
CA PRO C 657 -53.19 3.41 -27.31
C PRO C 657 -53.16 3.52 -28.85
N GLU C 658 -54.29 3.37 -29.52
CA GLU C 658 -54.42 3.50 -30.98
C GLU C 658 -54.16 4.95 -31.38
N THR C 659 -54.58 5.92 -30.56
CA THR C 659 -54.44 7.37 -30.83
C THR C 659 -53.05 7.85 -30.47
N ILE C 660 -52.41 7.29 -29.44
CA ILE C 660 -51.02 7.67 -29.03
C ILE C 660 -50.05 7.24 -30.13
N ASN C 661 -50.38 6.21 -30.91
CA ASN C 661 -49.52 5.67 -31.99
C ASN C 661 -49.46 6.62 -33.18
N LEU C 662 -50.34 7.61 -33.28
CA LEU C 662 -50.33 8.61 -34.37
C LEU C 662 -49.43 9.80 -34.06
N ALA C 663 -48.77 9.83 -32.91
CA ALA C 663 -48.12 11.04 -32.35
C ALA C 663 -46.95 11.52 -33.20
N LYS C 664 -46.14 10.62 -33.76
CA LYS C 664 -44.91 10.97 -34.48
C LYS C 664 -45.05 10.78 -35.99
N LEU C 665 -46.23 10.47 -36.51
CA LEU C 665 -46.42 10.23 -37.95
C LEU C 665 -46.58 11.55 -38.68
N ARG C 666 -46.47 11.55 -40.00
CA ARG C 666 -46.19 12.73 -40.84
C ARG C 666 -47.41 13.63 -40.86
N GLY C 667 -48.58 13.12 -41.20
CA GLY C 667 -49.78 13.97 -41.30
C GLY C 667 -50.47 14.26 -39.98
N TYR C 668 -50.02 13.69 -38.87
CA TYR C 668 -50.77 13.61 -37.60
C TYR C 668 -50.04 14.27 -36.43
N ASP C 669 -48.79 14.71 -36.56
CA ASP C 669 -47.96 15.19 -35.44
C ASP C 669 -48.40 16.59 -35.02
N VAL C 670 -48.57 16.83 -33.72
CA VAL C 670 -49.05 18.11 -33.15
C VAL C 670 -48.11 18.63 -32.06
N GLY C 671 -46.94 18.03 -31.88
CA GLY C 671 -45.91 18.56 -30.98
C GLY C 671 -45.98 18.00 -29.57
N GLY C 672 -46.75 16.95 -29.32
CA GLY C 672 -46.91 16.34 -27.99
C GLY C 672 -48.29 16.58 -27.43
N THR C 673 -48.71 15.73 -26.50
CA THR C 673 -50.00 15.82 -25.77
C THR C 673 -49.73 15.65 -24.27
N ILE C 674 -50.23 16.56 -23.44
CA ILE C 674 -50.20 16.47 -21.96
C ILE C 674 -51.43 15.68 -21.53
N HIS C 675 -51.23 14.51 -20.91
CA HIS C 675 -52.27 13.57 -20.44
C HIS C 675 -52.37 13.64 -18.91
N ILE C 676 -53.57 13.79 -18.35
CA ILE C 676 -53.85 13.74 -16.89
C ILE C 676 -54.82 12.59 -16.62
N VAL C 677 -54.39 11.57 -15.89
CA VAL C 677 -55.23 10.42 -15.45
C VAL C 677 -55.63 10.65 -13.99
N VAL C 678 -56.92 10.80 -13.71
CA VAL C 678 -57.50 10.99 -12.36
C VAL C 678 -57.79 9.62 -11.77
N ASN C 679 -56.95 9.19 -10.85
CA ASN C 679 -56.85 7.82 -10.32
C ASN C 679 -57.51 7.80 -8.95
N ASN C 680 -58.81 7.56 -8.90
CA ASN C 680 -59.61 7.58 -7.65
C ASN C 680 -59.86 6.14 -7.19
N GLN C 681 -59.11 5.19 -7.74
CA GLN C 681 -58.93 3.82 -7.19
C GLN C 681 -60.26 3.04 -7.23
N ILE C 682 -61.14 3.36 -8.19
CA ILE C 682 -62.49 2.72 -8.36
C ILE C 682 -63.08 3.10 -9.72
N GLY C 683 -63.79 2.17 -10.36
CA GLY C 683 -64.52 2.40 -11.63
C GLY C 683 -65.92 2.93 -11.38
N PHE C 684 -66.89 2.01 -11.19
CA PHE C 684 -68.30 2.30 -10.81
C PHE C 684 -68.60 1.53 -9.52
N THR C 685 -68.62 0.19 -9.60
CA THR C 685 -68.66 -0.75 -8.45
C THR C 685 -67.49 -1.74 -8.57
N THR C 686 -66.45 -1.39 -9.35
CA THR C 686 -65.33 -2.26 -9.77
C THR C 686 -64.02 -1.66 -9.28
N THR C 687 -63.10 -2.51 -8.79
CA THR C 687 -61.79 -2.13 -8.20
C THR C 687 -60.67 -2.44 -9.19
N PRO C 688 -59.47 -1.81 -9.06
CA PRO C 688 -58.37 -2.01 -10.00
C PRO C 688 -57.90 -3.45 -10.26
N ASP C 689 -58.09 -4.35 -9.28
CA ASP C 689 -57.75 -5.79 -9.37
C ASP C 689 -58.50 -6.43 -10.54
N SER C 690 -59.73 -6.01 -10.78
CA SER C 690 -60.65 -6.59 -11.81
C SER C 690 -60.78 -5.66 -13.02
N SER C 691 -59.85 -4.72 -13.20
CA SER C 691 -59.89 -3.68 -14.24
C SER C 691 -58.67 -3.75 -15.17
N ARG C 692 -57.50 -4.13 -14.69
CA ARG C 692 -56.28 -4.14 -15.51
C ARG C 692 -55.31 -5.23 -15.06
N SER C 693 -54.44 -5.64 -15.98
CA SER C 693 -53.33 -6.61 -15.81
C SER C 693 -51.97 -5.90 -15.77
N MET C 694 -51.95 -4.57 -15.81
CA MET C 694 -50.73 -3.74 -15.63
C MET C 694 -50.65 -3.32 -14.17
N HIS C 695 -49.46 -2.98 -13.67
CA HIS C 695 -49.22 -2.58 -12.26
C HIS C 695 -49.80 -1.19 -12.00
N TYR C 696 -49.48 -0.22 -12.85
CA TYR C 696 -50.09 1.13 -12.88
C TYR C 696 -50.95 1.27 -14.12
N ALA C 697 -51.90 2.19 -14.10
CA ALA C 697 -52.83 2.47 -15.22
C ALA C 697 -52.10 3.17 -16.36
N THR C 698 -50.99 3.84 -16.07
CA THR C 698 -50.23 4.71 -17.00
C THR C 698 -49.04 3.95 -17.58
N ASP C 699 -49.12 2.64 -17.75
CA ASP C 699 -47.96 1.79 -18.14
C ASP C 699 -47.84 1.71 -19.67
N TYR C 700 -48.81 2.25 -20.42
CA TYR C 700 -48.71 2.38 -21.90
C TYR C 700 -47.59 3.35 -22.25
N ALA C 701 -47.22 4.25 -21.35
CA ALA C 701 -46.13 5.21 -21.54
C ALA C 701 -44.80 4.52 -21.82
N LYS C 702 -44.57 3.35 -21.24
CA LYS C 702 -43.29 2.60 -21.39
C LYS C 702 -43.21 1.93 -22.75
N ALA C 703 -44.32 1.79 -23.47
CA ALA C 703 -44.38 1.25 -24.84
C ALA C 703 -43.94 2.30 -25.84
N PHE C 704 -44.20 3.57 -25.56
CA PHE C 704 -43.99 4.71 -26.48
C PHE C 704 -42.78 5.55 -26.09
N GLY C 705 -42.11 5.25 -24.98
CA GLY C 705 -40.84 5.87 -24.61
C GLY C 705 -40.99 7.25 -24.00
N CYS C 706 -41.99 7.46 -23.16
CA CYS C 706 -42.38 8.79 -22.60
C CYS C 706 -42.30 8.79 -21.08
N PRO C 707 -42.05 9.93 -20.42
CA PRO C 707 -41.99 9.99 -18.96
C PRO C 707 -43.33 10.01 -18.20
N VAL C 708 -43.34 9.49 -16.96
CA VAL C 708 -44.55 9.44 -16.10
C VAL C 708 -44.22 10.05 -14.73
N PHE C 709 -45.08 10.95 -14.24
CA PHE C 709 -45.00 11.58 -12.90
C PHE C 709 -46.24 11.19 -12.09
N HIS C 710 -46.07 10.50 -10.97
CA HIS C 710 -47.13 10.13 -10.00
C HIS C 710 -47.13 11.13 -8.86
N VAL C 711 -48.23 11.80 -8.54
CA VAL C 711 -48.27 12.89 -7.53
C VAL C 711 -49.46 12.71 -6.61
N ASN C 712 -49.27 13.02 -5.33
CA ASN C 712 -50.25 12.90 -4.21
C ASN C 712 -51.19 14.09 -4.27
N GLY C 713 -52.48 13.84 -4.29
CA GLY C 713 -53.50 14.87 -4.49
C GLY C 713 -53.86 15.61 -3.23
N ASP C 714 -53.12 15.42 -2.15
CA ASP C 714 -53.32 16.14 -0.87
C ASP C 714 -52.10 16.99 -0.55
N ASP C 715 -51.22 17.26 -1.53
CA ASP C 715 -50.06 18.18 -1.39
C ASP C 715 -50.08 19.18 -2.52
N PRO C 716 -50.83 20.29 -2.42
CA PRO C 716 -51.01 21.18 -3.54
C PRO C 716 -49.76 21.89 -4.11
N GLU C 717 -48.71 22.07 -3.34
CA GLU C 717 -47.47 22.71 -3.85
C GLU C 717 -46.75 21.77 -4.81
N ALA C 718 -46.78 20.48 -4.54
CA ALA C 718 -46.18 19.43 -5.39
C ALA C 718 -46.95 19.28 -6.69
N VAL C 719 -48.26 19.48 -6.66
CA VAL C 719 -49.14 19.35 -7.84
C VAL C 719 -48.83 20.49 -8.79
N VAL C 720 -48.62 21.72 -8.31
CA VAL C 720 -48.37 22.90 -9.19
C VAL C 720 -47.00 22.78 -9.82
N TRP C 721 -46.05 22.11 -9.19
CA TRP C 721 -44.68 21.93 -9.73
C TRP C 721 -44.70 20.95 -10.89
N VAL C 722 -45.42 19.85 -10.78
CA VAL C 722 -45.48 18.77 -11.80
C VAL C 722 -46.15 19.33 -13.05
N GLY C 723 -47.15 20.17 -12.90
CA GLY C 723 -47.81 20.86 -14.03
C GLY C 723 -46.84 21.68 -14.83
N GLN C 724 -45.96 22.41 -14.16
CA GLN C 724 -44.96 23.30 -14.78
C GLN C 724 -43.90 22.49 -15.51
N LEU C 725 -43.41 21.43 -14.88
CA LEU C 725 -42.31 20.58 -15.38
C LEU C 725 -42.74 19.83 -16.64
N ALA C 726 -43.99 19.41 -16.70
CA ALA C 726 -44.57 18.65 -17.83
C ALA C 726 -44.70 19.56 -19.04
N THR C 727 -45.14 20.79 -18.85
CA THR C 727 -45.34 21.79 -19.94
C THR C 727 -43.99 22.22 -20.49
N GLU C 728 -42.95 22.27 -19.66
CA GLU C 728 -41.57 22.61 -20.10
C GLU C 728 -40.96 21.48 -20.89
N TYR C 729 -41.24 20.22 -20.54
CA TYR C 729 -40.72 19.02 -21.23
C TYR C 729 -41.31 18.92 -22.62
N ARG C 730 -42.57 19.29 -22.81
CA ARG C 730 -43.26 19.24 -24.12
C ARG C 730 -42.63 20.23 -25.08
N ARG C 731 -42.26 21.42 -24.62
CA ARG C 731 -41.77 22.50 -25.49
C ARG C 731 -40.35 22.21 -25.94
N ARG C 732 -39.57 21.49 -25.14
CA ARG C 732 -38.13 21.24 -25.39
C ARG C 732 -37.96 20.04 -26.32
N PHE C 733 -38.76 18.99 -26.16
CA PHE C 733 -38.54 17.66 -26.79
C PHE C 733 -39.67 17.25 -27.72
N GLY C 734 -40.84 17.86 -27.64
CA GLY C 734 -41.93 17.62 -28.59
C GLY C 734 -42.48 16.23 -28.52
N LYS C 735 -42.61 15.66 -27.33
CA LYS C 735 -43.15 14.30 -27.10
C LYS C 735 -44.29 14.36 -26.07
N ASP C 736 -44.99 13.24 -25.90
CA ASP C 736 -46.12 13.08 -24.96
C ASP C 736 -45.57 12.94 -23.54
N VAL C 737 -46.38 13.33 -22.55
CA VAL C 737 -46.04 13.35 -21.10
C VAL C 737 -47.30 12.97 -20.33
N PHE C 738 -47.17 12.16 -19.28
CA PHE C 738 -48.27 11.51 -18.54
C PHE C 738 -48.19 11.85 -17.06
N ILE C 739 -49.25 12.42 -16.48
CA ILE C 739 -49.38 12.75 -15.02
C ILE C 739 -50.48 11.87 -14.42
N ASP C 740 -50.16 11.14 -13.35
CA ASP C 740 -51.10 10.31 -12.54
C ASP C 740 -51.39 11.04 -11.24
N LEU C 741 -52.62 11.53 -11.05
CA LEU C 741 -53.07 12.27 -9.86
C LEU C 741 -53.84 11.31 -8.97
N VAL C 742 -53.25 10.91 -7.85
CA VAL C 742 -53.79 9.90 -6.91
C VAL C 742 -54.66 10.62 -5.90
N CYS C 743 -55.96 10.37 -5.93
CA CYS C 743 -57.00 11.00 -5.11
C CYS C 743 -58.02 9.93 -4.69
N TYR C 744 -59.23 10.30 -4.29
CA TYR C 744 -60.33 9.35 -4.00
C TYR C 744 -61.68 9.93 -4.41
N ARG C 745 -62.73 9.11 -4.35
CA ARG C 745 -64.12 9.48 -4.68
C ARG C 745 -64.95 9.44 -3.40
N LEU C 746 -65.40 10.60 -2.92
CA LEU C 746 -66.04 10.78 -1.59
C LEU C 746 -67.41 10.11 -1.58
N ARG C 747 -68.25 10.40 -2.56
CA ARG C 747 -69.64 9.89 -2.67
C ARG C 747 -69.67 8.70 -3.64
N GLY C 748 -70.85 8.10 -3.83
CA GLY C 748 -71.11 7.06 -4.86
C GLY C 748 -71.33 7.68 -6.22
N HIS C 749 -71.37 6.86 -7.27
CA HIS C 749 -71.56 7.28 -8.68
C HIS C 749 -73.03 7.61 -8.93
N ASN C 750 -73.97 6.86 -8.34
CA ASN C 750 -75.43 7.12 -8.42
C ASN C 750 -75.80 8.21 -7.41
N GLU C 751 -76.96 8.84 -7.59
CA GLU C 751 -77.50 9.91 -6.71
C GLU C 751 -77.84 9.33 -5.33
N ALA C 752 -78.57 8.20 -5.30
CA ALA C 752 -78.94 7.45 -4.09
C ALA C 752 -78.44 6.00 -4.20
N ASP C 753 -77.15 5.79 -3.94
CA ASP C 753 -76.48 4.46 -3.95
C ASP C 753 -75.33 4.46 -2.93
N ASP C 754 -75.23 3.40 -2.12
CA ASP C 754 -74.23 3.24 -1.03
C ASP C 754 -73.00 2.54 -1.58
N PRO C 755 -71.80 3.18 -1.57
CA PRO C 755 -70.58 2.54 -2.06
C PRO C 755 -69.97 1.51 -1.08
N SER C 756 -70.40 1.52 0.19
CA SER C 756 -69.99 0.56 1.25
C SER C 756 -70.65 -0.81 1.03
N MET C 757 -71.75 -0.86 0.25
CA MET C 757 -72.46 -2.10 -0.15
C MET C 757 -71.49 -3.10 -0.78
N THR C 758 -70.57 -2.64 -1.63
CA THR C 758 -69.60 -3.47 -2.42
C THR C 758 -68.18 -3.31 -1.86
N GLN C 759 -67.73 -2.08 -1.57
CA GLN C 759 -66.36 -1.76 -1.05
C GLN C 759 -66.47 -1.20 0.36
N PRO C 760 -66.73 -2.03 1.40
CA PRO C 760 -66.87 -1.54 2.77
C PRO C 760 -65.56 -1.11 3.45
N LYS C 761 -64.46 -1.81 3.19
CA LYS C 761 -63.13 -1.57 3.82
C LYS C 761 -62.52 -0.26 3.34
N MET C 762 -62.65 0.07 2.04
CA MET C 762 -62.11 1.31 1.43
C MET C 762 -62.85 2.53 1.99
N TYR C 763 -64.17 2.42 2.18
CA TYR C 763 -65.05 3.56 2.57
C TYR C 763 -65.13 3.69 4.10
N GLU C 764 -64.40 2.87 4.85
CA GLU C 764 -64.08 3.13 6.29
C GLU C 764 -63.04 4.24 6.37
N LEU C 765 -62.01 4.19 5.50
CA LEU C 765 -60.91 5.18 5.43
C LEU C 765 -61.40 6.53 4.90
N ILE C 766 -62.38 6.54 3.99
CA ILE C 766 -62.82 7.76 3.23
C ILE C 766 -63.73 8.60 4.12
N THR C 767 -64.73 8.00 4.77
CA THR C 767 -65.83 8.71 5.47
C THR C 767 -65.28 9.45 6.70
N GLY C 768 -65.57 10.76 6.80
CA GLY C 768 -65.20 11.62 7.94
C GLY C 768 -63.73 12.00 7.93
N ARG C 769 -63.22 12.49 6.79
CA ARG C 769 -61.86 13.05 6.62
C ARG C 769 -61.94 14.57 6.64
N GLU C 770 -60.80 15.25 6.74
CA GLU C 770 -60.66 16.70 6.47
C GLU C 770 -60.39 16.87 4.98
N THR C 771 -60.89 17.96 4.39
CA THR C 771 -60.75 18.35 2.97
C THR C 771 -59.32 18.84 2.72
N VAL C 772 -58.90 18.90 1.46
CA VAL C 772 -57.53 19.35 1.05
C VAL C 772 -57.37 20.83 1.33
N ARG C 773 -58.42 21.61 1.22
CA ARG C 773 -58.45 23.05 1.55
C ARG C 773 -58.17 23.26 3.02
N ALA C 774 -58.85 22.52 3.89
CA ALA C 774 -58.72 22.59 5.35
C ALA C 774 -57.32 22.25 5.76
N GLN C 775 -56.76 21.19 5.21
CA GLN C 775 -55.42 20.70 5.57
C GLN C 775 -54.37 21.72 5.19
N TYR C 776 -54.50 22.37 4.04
CA TYR C 776 -53.50 23.32 3.53
C TYR C 776 -53.57 24.61 4.32
N THR C 777 -54.75 25.06 4.74
CA THR C 777 -54.91 26.27 5.56
C THR C 777 -54.23 26.09 6.88
N GLU C 778 -54.35 24.91 7.48
CA GLU C 778 -53.79 24.57 8.81
C GLU C 778 -52.27 24.53 8.71
N ASP C 779 -51.72 24.13 7.58
CA ASP C 779 -50.26 24.02 7.35
C ASP C 779 -49.63 25.41 7.19
N LEU C 780 -50.30 26.33 6.51
CA LEU C 780 -49.78 27.70 6.31
C LEU C 780 -49.84 28.47 7.62
N LEU C 781 -50.95 28.41 8.37
CA LEU C 781 -51.10 29.13 9.66
C LEU C 781 -50.26 28.49 10.76
N GLY C 782 -49.50 27.43 10.50
CA GLY C 782 -48.64 26.81 11.51
C GLY C 782 -47.19 26.73 11.11
N ARG C 783 -46.74 27.53 10.14
CA ARG C 783 -45.30 27.68 9.81
C ARG C 783 -44.85 29.09 10.18
N GLY C 784 -45.73 29.93 10.72
CA GLY C 784 -45.39 31.21 11.38
C GLY C 784 -44.76 32.23 10.44
N ASP C 785 -44.90 32.04 9.13
CA ASP C 785 -44.46 33.01 8.09
C ASP C 785 -45.39 34.23 8.14
N LEU C 786 -46.70 34.00 8.32
CA LEU C 786 -47.77 35.00 8.13
C LEU C 786 -47.86 35.91 9.36
N SER C 787 -48.14 37.20 9.14
CA SER C 787 -48.33 38.24 10.18
C SER C 787 -49.77 38.16 10.72
N ASN C 788 -50.14 39.06 11.62
CA ASN C 788 -51.48 39.11 12.24
C ASN C 788 -52.53 39.55 11.20
N GLU C 789 -52.21 40.61 10.44
CA GLU C 789 -53.08 41.16 9.37
C GLU C 789 -53.22 40.14 8.24
N ASP C 790 -52.14 39.46 7.87
CA ASP C 790 -52.06 38.45 6.79
C ASP C 790 -52.90 37.22 7.15
N ALA C 791 -52.87 36.81 8.41
CA ALA C 791 -53.56 35.62 8.92
C ALA C 791 -55.07 35.79 8.90
N GLU C 792 -55.57 36.97 9.25
CA GLU C 792 -57.03 37.30 9.24
C GLU C 792 -57.59 37.19 7.83
N ALA C 793 -56.80 37.56 6.82
CA ALA C 793 -57.18 37.61 5.40
C ALA C 793 -57.43 36.20 4.87
N VAL C 794 -56.62 35.24 5.27
CA VAL C 794 -56.73 33.82 4.82
C VAL C 794 -58.10 33.26 5.21
N VAL C 795 -58.59 33.64 6.40
CA VAL C 795 -59.89 33.17 6.95
C VAL C 795 -61.04 33.79 6.16
N ARG C 796 -60.94 35.06 5.84
CA ARG C 796 -62.01 35.89 5.25
C ARG C 796 -62.20 35.56 3.78
N ASP C 797 -61.20 34.98 3.12
CA ASP C 797 -61.23 34.68 1.67
C ASP C 797 -62.30 33.63 1.37
N PHE C 798 -62.44 32.61 2.20
CA PHE C 798 -63.41 31.50 1.98
C PHE C 798 -64.83 32.02 2.14
N HIS C 799 -65.07 32.98 3.02
CA HIS C 799 -66.40 33.59 3.22
C HIS C 799 -66.75 34.47 2.02
N ASP C 800 -65.76 35.17 1.45
CA ASP C 800 -65.97 36.05 0.27
C ASP C 800 -66.42 35.21 -0.92
N GLN C 801 -65.70 34.14 -1.24
CA GLN C 801 -65.98 33.28 -2.43
C GLN C 801 -67.39 32.73 -2.32
N MET C 802 -67.81 32.33 -1.12
CA MET C 802 -69.15 31.75 -0.84
C MET C 802 -70.21 32.80 -1.06
N GLU C 803 -70.08 33.99 -0.48
CA GLU C 803 -71.08 35.07 -0.62
C GLU C 803 -71.27 35.42 -2.09
N SER C 804 -70.21 35.41 -2.89
CA SER C 804 -70.21 35.79 -4.32
C SER C 804 -71.06 34.82 -5.12
N VAL C 805 -70.90 33.52 -4.90
CA VAL C 805 -71.56 32.44 -5.70
C VAL C 805 -73.04 32.39 -5.36
N PHE C 806 -73.42 32.71 -4.12
CA PHE C 806 -74.80 32.55 -3.60
C PHE C 806 -75.58 33.87 -3.63
N ASN C 807 -75.09 34.89 -4.32
CA ASN C 807 -75.82 36.18 -4.45
C ASN C 807 -77.08 35.95 -5.32
N GLY C 832 -79.10 27.66 -57.90
CA GLY C 832 -78.68 28.07 -59.26
C GLY C 832 -77.19 28.33 -59.35
N LEU C 833 -76.38 27.42 -58.79
CA LEU C 833 -74.91 27.51 -58.75
C LEU C 833 -74.34 26.65 -59.89
N GLU C 834 -73.45 27.23 -60.71
CA GLU C 834 -72.85 26.56 -61.88
C GLU C 834 -71.45 26.08 -61.53
N THR C 835 -71.10 24.84 -61.88
CA THR C 835 -69.91 24.11 -61.40
C THR C 835 -68.91 23.79 -62.52
N ASN C 836 -69.14 24.24 -63.74
CA ASN C 836 -68.22 23.97 -64.87
C ASN C 836 -66.97 24.80 -64.74
N ILE C 837 -65.88 24.38 -65.37
CA ILE C 837 -64.62 25.16 -65.49
C ILE C 837 -64.40 25.53 -66.96
N SER C 838 -63.41 26.36 -67.26
CA SER C 838 -63.09 26.87 -68.61
C SER C 838 -62.17 25.92 -69.35
N ARG C 839 -62.19 25.95 -70.69
CA ARG C 839 -61.29 25.16 -71.57
C ARG C 839 -59.86 25.37 -71.14
N GLU C 840 -59.51 26.60 -70.77
CA GLU C 840 -58.12 27.02 -70.48
C GLU C 840 -57.69 26.43 -69.15
N GLU C 841 -58.58 26.39 -68.16
CA GLU C 841 -58.30 25.83 -66.82
C GLU C 841 -58.04 24.33 -66.94
N LEU C 842 -58.78 23.65 -67.82
CA LEU C 842 -58.71 22.18 -68.01
C LEU C 842 -57.38 21.79 -68.63
N LEU C 843 -56.92 22.53 -69.65
CA LEU C 843 -55.65 22.25 -70.35
C LEU C 843 -54.50 22.43 -69.39
N GLU C 844 -54.56 23.42 -68.52
CA GLU C 844 -53.47 23.75 -67.57
C GLU C 844 -53.32 22.62 -66.58
N LEU C 845 -54.42 22.01 -66.13
CA LEU C 845 -54.42 20.90 -65.14
C LEU C 845 -53.77 19.68 -65.77
N GLY C 846 -54.10 19.41 -67.02
CA GLY C 846 -53.49 18.32 -67.81
C GLY C 846 -52.00 18.48 -67.92
N GLN C 847 -51.52 19.70 -68.10
CA GLN C 847 -50.11 19.99 -68.42
C GLN C 847 -49.24 19.91 -67.17
N ALA C 848 -49.80 19.65 -66.01
CA ALA C 848 -49.08 19.59 -64.74
C ALA C 848 -48.27 18.32 -64.68
N PHE C 849 -48.75 17.26 -65.31
CA PHE C 849 -48.12 15.92 -65.31
C PHE C 849 -46.97 15.88 -66.32
N ALA C 850 -46.78 16.92 -67.13
CA ALA C 850 -45.64 17.09 -68.05
C ALA C 850 -44.53 17.94 -67.43
N ASN C 851 -44.85 18.90 -66.56
CA ASN C 851 -43.87 19.84 -65.99
C ASN C 851 -43.14 19.17 -64.84
N THR C 852 -42.32 18.20 -65.17
CA THR C 852 -41.52 17.37 -64.24
C THR C 852 -40.33 18.20 -63.80
N PRO C 853 -39.85 18.14 -62.55
CA PRO C 853 -38.65 18.86 -62.17
C PRO C 853 -37.35 18.31 -62.79
N GLU C 854 -36.30 19.12 -62.81
CA GLU C 854 -35.01 18.83 -63.49
C GLU C 854 -34.40 17.54 -62.94
N GLY C 855 -34.16 16.58 -63.81
CA GLY C 855 -33.61 15.27 -63.46
C GLY C 855 -34.53 14.50 -62.56
N PHE C 856 -35.81 14.40 -62.95
CA PHE C 856 -36.83 13.47 -62.40
C PHE C 856 -37.34 12.66 -63.56
N ASN C 857 -37.38 11.34 -63.40
CA ASN C 857 -38.01 10.40 -64.36
C ASN C 857 -39.05 9.58 -63.61
N TYR C 858 -40.13 9.22 -64.29
CA TYR C 858 -41.22 8.39 -63.75
C TYR C 858 -40.83 6.93 -63.86
N HIS C 859 -41.25 6.08 -62.93
CA HIS C 859 -41.14 4.61 -62.97
C HIS C 859 -41.90 4.13 -64.18
N PRO C 860 -41.39 3.15 -64.95
CA PRO C 860 -41.97 2.83 -66.24
C PRO C 860 -43.36 2.20 -66.30
N ARG C 861 -43.98 1.86 -65.18
CA ARG C 861 -45.38 1.41 -65.12
C ARG C 861 -46.30 2.60 -64.81
N VAL C 862 -45.74 3.72 -64.32
CA VAL C 862 -46.45 4.99 -63.99
C VAL C 862 -46.35 5.96 -65.15
N ALA C 863 -45.36 5.81 -66.02
CA ALA C 863 -45.11 6.72 -67.15
C ALA C 863 -46.28 6.77 -68.11
N PRO C 864 -46.85 5.66 -68.60
CA PRO C 864 -47.96 5.75 -69.52
C PRO C 864 -49.29 6.29 -68.97
N VAL C 865 -49.50 6.26 -67.65
CA VAL C 865 -50.67 6.87 -66.96
C VAL C 865 -50.55 8.38 -67.09
N ALA C 866 -49.37 8.92 -66.83
CA ALA C 866 -49.06 10.35 -66.89
C ALA C 866 -49.24 10.85 -68.31
N LYS C 867 -48.87 10.07 -69.30
CA LYS C 867 -48.93 10.50 -70.70
C LYS C 867 -50.38 10.60 -71.15
N LYS C 868 -51.27 9.77 -70.60
CA LYS C 868 -52.68 9.72 -71.03
C LYS C 868 -53.44 10.88 -70.41
N ARG C 869 -53.08 11.26 -69.19
CA ARG C 869 -53.65 12.43 -68.48
C ARG C 869 -53.43 13.69 -69.30
N VAL C 870 -52.30 13.81 -69.98
CA VAL C 870 -51.95 15.02 -70.77
C VAL C 870 -52.69 15.03 -72.10
N SER C 871 -53.06 13.89 -72.67
CA SER C 871 -53.70 13.80 -74.00
C SER C 871 -55.21 13.84 -73.88
N SER C 872 -55.76 13.36 -72.77
CA SER C 872 -57.19 13.07 -72.56
C SER C 872 -58.01 14.35 -72.53
N VAL C 873 -57.39 15.45 -72.08
CA VAL C 873 -58.07 16.75 -71.87
C VAL C 873 -58.29 17.45 -73.20
N THR C 874 -57.88 16.85 -74.31
CA THR C 874 -58.19 17.33 -75.67
C THR C 874 -58.90 16.26 -76.49
N GLU C 875 -58.55 14.97 -76.31
CA GLU C 875 -58.97 13.86 -77.18
C GLU C 875 -60.23 13.20 -76.62
N GLY C 876 -60.21 12.85 -75.35
CA GLY C 876 -61.34 12.20 -74.67
C GLY C 876 -60.89 11.07 -73.78
N GLY C 877 -61.82 10.31 -73.25
CA GLY C 877 -61.54 9.09 -72.50
C GLY C 877 -60.98 9.38 -71.14
N ILE C 878 -61.71 10.12 -70.31
CA ILE C 878 -61.28 10.48 -68.94
C ILE C 878 -61.87 9.45 -67.99
N ASP C 879 -61.04 8.83 -67.16
CA ASP C 879 -61.43 7.73 -66.26
C ASP C 879 -61.78 8.30 -64.89
N TRP C 880 -62.29 7.44 -64.01
CA TRP C 880 -62.83 7.81 -62.69
C TRP C 880 -61.78 8.58 -61.91
N ALA C 881 -60.60 8.03 -61.73
CA ALA C 881 -59.57 8.59 -60.85
C ALA C 881 -59.18 9.99 -61.31
N TRP C 882 -59.09 10.20 -62.62
CA TRP C 882 -58.64 11.48 -63.21
C TRP C 882 -59.76 12.51 -63.05
N GLY C 883 -61.02 12.10 -63.05
CA GLY C 883 -62.16 12.96 -62.74
C GLY C 883 -62.14 13.46 -61.32
N GLU C 884 -61.77 12.61 -60.36
CA GLU C 884 -61.70 12.97 -58.94
C GLU C 884 -60.60 13.99 -58.72
N LEU C 885 -59.42 13.79 -59.29
CA LEU C 885 -58.25 14.67 -59.07
C LEU C 885 -58.47 16.00 -59.78
N LEU C 886 -59.17 16.03 -60.91
CA LEU C 886 -59.49 17.27 -61.63
C LEU C 886 -60.37 18.16 -60.76
N ALA C 887 -61.20 17.57 -59.91
CA ALA C 887 -62.09 18.29 -58.97
C ALA C 887 -61.27 18.87 -57.83
N PHE C 888 -60.50 18.07 -57.14
CA PHE C 888 -59.69 18.54 -55.99
C PHE C 888 -58.66 19.56 -56.45
N GLY C 889 -58.15 19.43 -57.66
CA GLY C 889 -57.14 20.35 -58.21
C GLY C 889 -57.73 21.70 -58.49
N SER C 890 -58.86 21.74 -59.16
CA SER C 890 -59.56 22.99 -59.49
C SER C 890 -59.82 23.80 -58.22
N LEU C 891 -60.19 23.14 -57.14
CA LEU C 891 -60.56 23.81 -55.87
C LEU C 891 -59.32 24.34 -55.17
N ALA C 892 -58.19 23.67 -55.28
CA ALA C 892 -56.92 24.14 -54.68
C ALA C 892 -56.41 25.36 -55.41
N ASN C 893 -56.68 25.48 -56.71
CA ASN C 893 -56.24 26.64 -57.51
C ASN C 893 -56.96 27.90 -57.05
N SER C 894 -58.26 27.81 -56.76
CA SER C 894 -59.09 28.95 -56.30
C SER C 894 -58.56 29.50 -54.98
N GLY C 895 -57.96 28.67 -54.15
CA GLY C 895 -57.20 29.12 -52.97
C GLY C 895 -57.52 28.34 -51.72
N ARG C 896 -58.02 27.13 -51.82
CA ARG C 896 -58.51 26.34 -50.65
C ARG C 896 -57.46 25.35 -50.21
N LEU C 897 -57.57 24.87 -48.98
CA LEU C 897 -56.74 23.80 -48.41
C LEU C 897 -57.50 22.49 -48.55
N VAL C 898 -57.00 21.59 -49.40
CA VAL C 898 -57.61 20.27 -49.71
C VAL C 898 -56.74 19.20 -49.07
N ARG C 899 -57.32 18.32 -48.25
CA ARG C 899 -56.64 17.23 -47.51
C ARG C 899 -57.32 15.90 -47.82
N LEU C 900 -56.56 14.88 -48.22
CA LEU C 900 -57.02 13.50 -48.51
C LEU C 900 -56.18 12.53 -47.69
N ALA C 901 -56.81 11.64 -46.92
CA ALA C 901 -56.12 10.68 -46.02
C ALA C 901 -56.81 9.34 -46.00
N GLY C 902 -56.05 8.25 -45.88
CA GLY C 902 -56.53 6.87 -45.80
C GLY C 902 -55.44 5.87 -46.10
N GLU C 903 -55.72 4.58 -45.95
CA GLU C 903 -54.76 3.47 -46.17
C GLU C 903 -54.39 3.39 -47.65
N ASP C 904 -53.13 3.67 -47.97
CA ASP C 904 -52.52 3.49 -49.31
C ASP C 904 -53.17 4.46 -50.29
N SER C 905 -53.38 5.71 -49.87
CA SER C 905 -54.22 6.71 -50.57
C SER C 905 -53.41 7.51 -51.59
N ARG C 906 -52.09 7.59 -51.44
CA ARG C 906 -51.20 8.28 -52.39
C ARG C 906 -51.16 7.52 -53.72
N ARG C 907 -50.90 6.21 -53.68
CA ARG C 907 -50.87 5.33 -54.87
C ARG C 907 -52.30 4.98 -55.27
N GLY C 908 -53.15 4.63 -54.30
CA GLY C 908 -54.47 4.03 -54.50
C GLY C 908 -54.44 2.55 -54.20
N THR C 909 -55.54 1.99 -53.69
CA THR C 909 -55.70 0.56 -53.34
C THR C 909 -55.71 -0.26 -54.62
N PHE C 910 -56.37 0.23 -55.66
CA PHE C 910 -56.55 -0.47 -56.93
C PHE C 910 -55.57 0.10 -57.96
N THR C 911 -54.49 0.74 -57.49
CA THR C 911 -53.37 1.26 -58.30
C THR C 911 -53.92 2.20 -59.37
N GLN C 912 -54.73 3.17 -58.97
CA GLN C 912 -55.55 3.98 -59.90
C GLN C 912 -55.24 5.47 -59.79
N ARG C 913 -54.63 5.96 -58.70
CA ARG C 913 -54.62 7.41 -58.38
C ARG C 913 -53.31 8.06 -58.82
N HIS C 914 -52.19 7.65 -58.26
CA HIS C 914 -50.85 8.20 -58.56
C HIS C 914 -50.90 9.71 -58.44
N ALA C 915 -50.99 10.21 -57.21
CA ALA C 915 -51.09 11.63 -56.87
C ALA C 915 -49.74 12.15 -56.39
N VAL C 916 -48.93 11.29 -55.77
CA VAL C 916 -47.49 11.52 -55.57
C VAL C 916 -46.76 10.42 -56.33
N ALA C 917 -45.76 10.77 -57.13
CA ALA C 917 -44.92 9.84 -57.90
C ALA C 917 -43.53 9.80 -57.29
N ILE C 918 -42.83 8.66 -57.38
CA ILE C 918 -41.47 8.45 -56.81
C ILE C 918 -40.52 8.03 -57.92
N ASP C 919 -39.32 8.60 -57.96
CA ASP C 919 -38.26 8.28 -58.96
C ASP C 919 -37.49 7.06 -58.51
N PRO C 920 -37.46 5.95 -59.28
CA PRO C 920 -36.81 4.74 -58.83
C PRO C 920 -35.32 4.87 -58.57
N ALA C 921 -34.63 5.77 -59.26
CA ALA C 921 -33.19 5.99 -59.14
C ALA C 921 -32.86 6.67 -57.83
N THR C 922 -33.55 7.77 -57.49
CA THR C 922 -33.13 8.71 -56.43
C THR C 922 -34.03 8.68 -55.20
N ALA C 923 -35.25 8.14 -55.30
CA ALA C 923 -36.29 8.14 -54.26
C ALA C 923 -36.69 9.58 -53.90
N GLU C 924 -36.92 10.41 -54.91
CA GLU C 924 -37.39 11.82 -54.80
C GLU C 924 -38.88 11.85 -55.14
N GLU C 925 -39.66 12.65 -54.41
CA GLU C 925 -41.14 12.72 -54.50
C GLU C 925 -41.55 13.92 -55.35
N PHE C 926 -42.64 13.79 -56.10
CA PHE C 926 -43.25 14.86 -56.91
C PHE C 926 -44.77 14.83 -56.74
N ASN C 927 -45.38 15.99 -56.51
CA ASN C 927 -46.83 16.19 -56.30
C ASN C 927 -47.31 17.24 -57.29
N PRO C 928 -47.62 16.88 -58.54
CA PRO C 928 -47.91 17.86 -59.56
C PRO C 928 -48.96 18.91 -59.23
N LEU C 929 -50.09 18.52 -58.67
CA LEU C 929 -51.23 19.43 -58.46
C LEU C 929 -50.95 20.38 -57.31
N HIS C 930 -50.11 20.03 -56.34
CA HIS C 930 -49.70 20.94 -55.24
C HIS C 930 -48.84 22.07 -55.80
N GLU C 931 -48.00 21.75 -56.77
CA GLU C 931 -47.06 22.72 -57.36
C GLU C 931 -47.82 23.70 -58.23
N LEU C 932 -48.83 23.27 -58.96
CA LEU C 932 -49.63 24.18 -59.82
C LEU C 932 -50.39 25.15 -58.92
N ALA C 933 -50.87 24.69 -57.78
CA ALA C 933 -51.70 25.50 -56.87
C ALA C 933 -50.86 26.63 -56.29
N GLN C 934 -49.62 26.33 -55.93
CA GLN C 934 -48.70 27.30 -55.30
C GLN C 934 -48.08 28.25 -56.32
N SER C 935 -48.36 28.09 -57.60
CA SER C 935 -47.87 28.99 -58.67
C SER C 935 -48.93 29.98 -59.10
N LYS C 936 -50.16 29.85 -58.64
CA LYS C 936 -51.31 30.68 -59.08
C LYS C 936 -51.49 31.88 -58.16
N GLY C 937 -50.84 31.88 -57.00
CA GLY C 937 -50.79 33.03 -56.10
C GLY C 937 -52.12 33.29 -55.44
N ASN C 938 -52.72 32.26 -54.86
CA ASN C 938 -53.83 32.38 -53.89
C ASN C 938 -53.59 31.47 -52.70
N ASN C 939 -52.37 31.04 -52.47
CA ASN C 939 -51.94 30.18 -51.35
C ASN C 939 -52.86 28.99 -51.18
N GLY C 940 -53.04 28.20 -52.24
CA GLY C 940 -53.79 26.93 -52.21
C GLY C 940 -52.87 25.79 -51.97
N LYS C 941 -53.37 24.69 -51.43
CA LYS C 941 -52.58 23.49 -51.09
C LYS C 941 -53.37 22.24 -51.41
N PHE C 942 -52.71 21.20 -51.93
CA PHE C 942 -53.19 19.81 -52.06
C PHE C 942 -52.27 18.90 -51.27
N LEU C 943 -52.72 18.42 -50.12
CA LEU C 943 -51.96 17.59 -49.15
C LEU C 943 -52.53 16.17 -49.14
N VAL C 944 -51.72 15.14 -49.37
CA VAL C 944 -52.15 13.72 -49.45
C VAL C 944 -51.28 12.88 -48.53
N TYR C 945 -51.87 12.12 -47.62
CA TYR C 945 -51.18 11.35 -46.56
C TYR C 945 -51.66 9.91 -46.53
N ASN C 946 -50.75 8.98 -46.24
CA ASN C 946 -51.01 7.54 -45.97
C ASN C 946 -51.21 7.32 -44.47
N SER C 947 -52.37 6.82 -44.06
CA SER C 947 -52.72 6.57 -42.64
C SER C 947 -51.99 5.34 -42.12
N ALA C 948 -52.11 5.08 -40.83
CA ALA C 948 -51.81 3.78 -40.22
C ALA C 948 -53.02 2.88 -40.38
N LEU C 949 -52.88 1.62 -40.02
CA LEU C 949 -53.92 0.60 -40.21
C LEU C 949 -54.92 0.75 -39.06
N THR C 950 -55.82 1.71 -39.18
CA THR C 950 -56.86 2.07 -38.19
C THR C 950 -58.08 2.64 -38.90
N GLU C 951 -59.27 2.41 -38.36
CA GLU C 951 -60.54 2.93 -38.89
C GLU C 951 -61.15 3.90 -37.87
N TYR C 952 -61.16 3.54 -36.59
CA TYR C 952 -61.71 4.34 -35.48
C TYR C 952 -60.89 5.63 -35.38
N ALA C 953 -59.60 5.52 -35.13
CA ALA C 953 -58.69 6.67 -34.94
C ALA C 953 -58.58 7.47 -36.23
N GLY C 954 -58.59 6.81 -37.37
CA GLY C 954 -58.44 7.46 -38.68
C GLY C 954 -59.58 8.38 -39.02
N MET C 955 -60.81 7.88 -38.99
CA MET C 955 -62.01 8.67 -39.37
C MET C 955 -62.27 9.73 -38.32
N GLY C 956 -61.98 9.44 -37.05
CA GLY C 956 -62.14 10.40 -35.95
C GLY C 956 -61.30 11.63 -36.18
N PHE C 957 -60.08 11.45 -36.65
CA PHE C 957 -59.09 12.53 -36.86
C PHE C 957 -59.55 13.46 -37.98
N GLU C 958 -60.23 12.94 -38.99
CA GLU C 958 -60.67 13.75 -40.15
C GLU C 958 -61.96 14.50 -39.81
N TYR C 959 -62.80 13.98 -38.91
CA TYR C 959 -63.99 14.71 -38.41
C TYR C 959 -63.51 15.91 -37.60
N GLY C 960 -62.46 15.73 -36.82
CA GLY C 960 -61.87 16.80 -35.99
C GLY C 960 -61.34 17.92 -36.84
N TYR C 961 -60.74 17.60 -37.97
CA TYR C 961 -60.11 18.56 -38.90
C TYR C 961 -61.19 19.45 -39.49
N SER C 962 -62.34 18.89 -39.81
CA SER C 962 -63.48 19.62 -40.40
C SER C 962 -64.05 20.62 -39.41
N VAL C 963 -64.04 20.30 -38.12
CA VAL C 963 -64.61 21.16 -37.05
C VAL C 963 -63.64 22.30 -36.76
N GLY C 964 -62.34 22.05 -36.80
CA GLY C 964 -61.30 23.04 -36.48
C GLY C 964 -60.89 23.93 -37.64
N ASN C 965 -61.43 23.71 -38.85
CA ASN C 965 -61.29 24.65 -39.98
C ASN C 965 -62.48 24.48 -40.91
N GLU C 966 -63.49 25.32 -40.75
CA GLU C 966 -64.76 25.28 -41.52
C GLU C 966 -64.49 25.44 -43.02
N ASP C 967 -63.40 26.10 -43.41
CA ASP C 967 -63.14 26.52 -44.80
C ASP C 967 -62.26 25.51 -45.55
N SER C 968 -61.86 24.41 -44.92
CA SER C 968 -61.06 23.34 -45.55
C SER C 968 -61.97 22.34 -46.24
N ILE C 969 -61.47 21.66 -47.28
CA ILE C 969 -62.12 20.50 -47.94
C ILE C 969 -61.38 19.24 -47.51
N VAL C 970 -62.01 18.36 -46.71
CA VAL C 970 -61.40 17.14 -46.13
C VAL C 970 -62.14 15.90 -46.60
N ALA C 971 -61.42 14.82 -46.92
CA ALA C 971 -61.96 13.53 -47.37
C ALA C 971 -61.18 12.37 -46.74
N TRP C 972 -61.89 11.41 -46.13
CA TRP C 972 -61.35 10.13 -45.62
C TRP C 972 -61.77 9.00 -46.53
N GLU C 973 -60.83 8.14 -46.90
CA GLU C 973 -61.05 6.97 -47.79
C GLU C 973 -60.80 5.69 -47.00
N ALA C 974 -61.60 4.66 -47.27
CA ALA C 974 -61.49 3.31 -46.70
C ALA C 974 -60.92 2.37 -47.76
N GLN C 975 -60.16 1.35 -47.35
CA GLN C 975 -59.54 0.39 -48.28
C GLN C 975 -60.66 -0.32 -49.02
N PHE C 976 -61.61 -0.86 -48.27
CA PHE C 976 -62.94 -1.35 -48.75
C PHE C 976 -63.99 -0.81 -47.79
N GLY C 977 -65.19 -0.53 -48.29
CA GLY C 977 -66.28 0.02 -47.49
C GLY C 977 -66.77 -0.93 -46.41
N ASP C 978 -66.45 -2.21 -46.54
CA ASP C 978 -66.82 -3.29 -45.58
C ASP C 978 -66.12 -3.10 -44.24
N PHE C 979 -65.01 -2.37 -44.18
CA PHE C 979 -64.19 -2.21 -42.96
C PHE C 979 -64.56 -0.95 -42.19
N ALA C 980 -65.57 -0.20 -42.62
CA ALA C 980 -66.02 1.04 -41.97
C ALA C 980 -66.86 0.74 -40.72
N ASN C 981 -67.25 -0.51 -40.49
CA ASN C 981 -68.00 -0.92 -39.27
C ASN C 981 -67.09 -0.88 -38.04
N GLY C 982 -65.78 -0.77 -38.21
CA GLY C 982 -64.83 -0.59 -37.11
C GLY C 982 -64.69 0.85 -36.68
N ALA C 983 -65.46 1.76 -37.28
CA ALA C 983 -65.57 3.17 -36.87
C ALA C 983 -67.03 3.53 -36.68
N GLN C 984 -67.84 2.62 -36.15
CA GLN C 984 -69.31 2.81 -36.02
C GLN C 984 -69.59 3.83 -34.93
N THR C 985 -68.80 3.87 -33.87
CA THR C 985 -68.95 4.85 -32.77
C THR C 985 -68.89 6.26 -33.35
N ILE C 986 -67.95 6.53 -34.26
CA ILE C 986 -67.74 7.88 -34.85
C ILE C 986 -68.86 8.18 -35.83
N ILE C 987 -69.43 7.21 -36.52
CA ILE C 987 -70.54 7.46 -37.48
C ILE C 987 -71.80 7.80 -36.69
N ASP C 988 -72.09 7.05 -35.64
CA ASP C 988 -73.36 7.12 -34.87
C ASP C 988 -73.39 8.37 -33.98
N GLU C 989 -72.27 8.72 -33.35
CA GLU C 989 -72.23 9.68 -32.22
C GLU C 989 -71.75 11.06 -32.65
N TYR C 990 -71.11 11.22 -33.82
CA TYR C 990 -70.53 12.49 -34.30
C TYR C 990 -71.03 12.89 -35.68
N VAL C 991 -70.88 12.02 -36.69
CA VAL C 991 -71.05 12.39 -38.12
C VAL C 991 -72.52 12.52 -38.45
N SER C 992 -73.38 11.64 -37.95
CA SER C 992 -74.80 11.56 -38.31
C SER C 992 -75.66 12.41 -37.39
N SER C 993 -75.18 12.75 -36.19
CA SER C 993 -76.00 13.22 -35.05
C SER C 993 -75.50 14.52 -34.42
N GLY C 994 -74.32 15.03 -34.78
CA GLY C 994 -73.67 16.16 -34.10
C GLY C 994 -74.46 17.45 -34.17
N GLU C 995 -75.06 17.77 -35.32
CA GLU C 995 -75.82 19.01 -35.53
C GLU C 995 -77.08 19.01 -34.68
N ALA C 996 -77.81 17.91 -34.64
CA ALA C 996 -79.06 17.78 -33.87
C ALA C 996 -78.80 17.90 -32.38
N LYS C 997 -77.71 17.30 -31.90
CA LYS C 997 -77.38 17.25 -30.46
C LYS C 997 -76.85 18.60 -30.00
N TRP C 998 -75.77 19.09 -30.59
CA TRP C 998 -74.95 20.20 -30.05
C TRP C 998 -74.93 21.42 -30.96
N GLY C 999 -75.46 21.36 -32.17
CA GLY C 999 -75.39 22.48 -33.13
C GLY C 999 -74.02 22.65 -33.74
N GLN C 1000 -73.24 21.58 -33.84
CA GLN C 1000 -71.87 21.53 -34.39
C GLN C 1000 -71.94 20.98 -35.80
N THR C 1001 -71.51 21.75 -36.80
CA THR C 1001 -71.65 21.42 -38.23
C THR C 1001 -70.33 20.91 -38.79
N SER C 1002 -70.39 19.99 -39.76
CA SER C 1002 -69.24 19.41 -40.48
C SER C 1002 -69.58 19.22 -41.96
N LYS C 1003 -68.55 19.26 -42.81
CA LYS C 1003 -68.62 19.09 -44.27
C LYS C 1003 -67.65 17.98 -44.70
N LEU C 1004 -67.49 16.93 -43.90
CA LEU C 1004 -66.57 15.81 -44.16
C LEU C 1004 -67.09 15.00 -45.34
N ILE C 1005 -66.20 14.50 -46.19
CA ILE C 1005 -66.51 13.60 -47.34
C ILE C 1005 -66.01 12.22 -46.98
N LEU C 1006 -66.88 11.21 -46.97
CA LEU C 1006 -66.53 9.78 -46.82
C LEU C 1006 -66.56 9.14 -48.20
N LEU C 1007 -65.45 8.55 -48.64
CA LEU C 1007 -65.27 7.81 -49.92
C LEU C 1007 -65.16 6.32 -49.61
N LEU C 1008 -66.21 5.54 -49.86
CA LEU C 1008 -66.36 4.12 -49.44
C LEU C 1008 -66.55 3.23 -50.66
N PRO C 1009 -65.57 2.40 -51.07
CA PRO C 1009 -65.73 1.47 -52.18
C PRO C 1009 -66.81 0.39 -52.03
N HIS C 1010 -67.48 0.02 -53.12
CA HIS C 1010 -68.71 -0.79 -53.10
C HIS C 1010 -68.92 -1.47 -54.43
N GLY C 1011 -69.20 -2.77 -54.45
CA GLY C 1011 -69.66 -3.47 -55.66
C GLY C 1011 -69.62 -4.96 -55.50
N TYR C 1012 -70.55 -5.66 -56.16
CA TYR C 1012 -70.70 -7.12 -56.14
C TYR C 1012 -70.01 -7.69 -57.37
N GLU C 1013 -68.74 -8.05 -57.23
CA GLU C 1013 -67.83 -8.47 -58.32
C GLU C 1013 -67.27 -9.88 -58.10
N GLY C 1014 -67.63 -10.56 -57.02
CA GLY C 1014 -67.33 -11.99 -56.80
C GLY C 1014 -66.09 -12.20 -55.98
N GLN C 1015 -65.85 -11.38 -54.98
CA GLN C 1015 -64.59 -11.38 -54.22
C GLN C 1015 -64.85 -11.62 -52.73
N GLY C 1016 -66.06 -12.05 -52.35
CA GLY C 1016 -66.38 -12.62 -51.02
C GLY C 1016 -67.15 -11.67 -50.13
N PRO C 1017 -67.59 -12.12 -48.94
CA PRO C 1017 -68.38 -11.30 -48.04
C PRO C 1017 -67.74 -10.10 -47.33
N ASP C 1018 -66.42 -9.98 -47.26
CA ASP C 1018 -65.73 -8.85 -46.59
C ASP C 1018 -65.10 -7.93 -47.63
N HIS C 1019 -65.49 -8.06 -48.90
CA HIS C 1019 -64.98 -7.23 -50.02
C HIS C 1019 -66.09 -6.98 -51.03
N SER C 1020 -67.33 -6.71 -50.61
CA SER C 1020 -68.47 -6.52 -51.53
C SER C 1020 -69.41 -5.37 -51.16
N SER C 1021 -69.78 -5.18 -49.88
CA SER C 1021 -70.82 -4.22 -49.46
C SER C 1021 -70.27 -3.21 -48.45
N ALA C 1022 -70.58 -1.93 -48.64
CA ALA C 1022 -70.30 -0.82 -47.71
C ALA C 1022 -71.53 -0.54 -46.82
N ARG C 1023 -72.60 -1.32 -46.97
CA ARG C 1023 -73.82 -1.31 -46.13
C ARG C 1023 -74.59 -0.02 -46.33
N ILE C 1024 -75.16 0.15 -47.52
CA ILE C 1024 -76.01 1.31 -47.91
C ILE C 1024 -77.21 1.39 -46.97
N GLU C 1025 -77.87 0.27 -46.73
CA GLU C 1025 -79.10 0.17 -45.88
C GLU C 1025 -78.85 0.82 -44.52
N ARG C 1026 -77.66 0.69 -43.97
CA ARG C 1026 -77.36 1.18 -42.61
C ARG C 1026 -77.24 2.69 -42.61
N PHE C 1027 -76.68 3.29 -43.66
CA PHE C 1027 -76.51 4.74 -43.79
C PHE C 1027 -77.86 5.41 -44.05
N LEU C 1028 -78.74 4.79 -44.82
CA LEU C 1028 -80.05 5.39 -45.13
C LEU C 1028 -80.97 5.31 -43.90
N GLN C 1029 -80.73 4.41 -42.97
CA GLN C 1029 -81.47 4.26 -41.70
C GLN C 1029 -81.20 5.47 -40.80
N LEU C 1030 -80.00 6.05 -40.88
CA LEU C 1030 -79.54 7.16 -40.01
C LEU C 1030 -79.93 8.53 -40.55
N CYS C 1031 -80.58 8.63 -41.71
CA CYS C 1031 -80.90 9.92 -42.37
C CYS C 1031 -82.31 10.39 -42.00
N ALA C 1032 -82.47 11.67 -41.70
CA ALA C 1032 -83.77 12.32 -41.40
C ALA C 1032 -83.65 13.83 -41.52
N GLU C 1033 -84.54 14.46 -42.27
CA GLU C 1033 -84.65 15.94 -42.41
C GLU C 1033 -83.33 16.50 -42.94
N GLY C 1034 -82.77 15.85 -43.95
CA GLY C 1034 -81.55 16.30 -44.66
C GLY C 1034 -80.35 16.36 -43.75
N SER C 1035 -80.11 15.35 -42.94
CA SER C 1035 -78.99 15.32 -41.96
C SER C 1035 -77.66 15.14 -42.69
N MET C 1036 -77.61 14.24 -43.68
CA MET C 1036 -76.45 14.09 -44.59
C MET C 1036 -76.90 13.64 -45.97
N THR C 1037 -76.08 13.94 -46.99
CA THR C 1037 -76.27 13.61 -48.43
C THR C 1037 -75.59 12.29 -48.76
N VAL C 1038 -76.30 11.38 -49.45
CA VAL C 1038 -75.83 10.02 -49.83
C VAL C 1038 -76.00 9.83 -51.35
N ALA C 1039 -74.94 9.44 -52.07
CA ALA C 1039 -74.91 9.33 -53.54
C ALA C 1039 -74.06 8.17 -54.04
N GLN C 1040 -74.34 7.71 -55.26
CA GLN C 1040 -73.64 6.62 -55.99
C GLN C 1040 -73.60 7.00 -57.47
N PRO C 1041 -72.60 7.77 -57.95
CA PRO C 1041 -72.57 8.20 -59.34
C PRO C 1041 -72.07 7.15 -60.33
N SER C 1042 -72.45 7.27 -61.60
CA SER C 1042 -72.24 6.27 -62.66
C SER C 1042 -71.16 6.69 -63.66
N THR C 1043 -70.73 7.96 -63.65
CA THR C 1043 -69.94 8.62 -64.72
C THR C 1043 -68.89 9.49 -64.07
N PRO C 1044 -67.62 9.51 -64.52
CA PRO C 1044 -66.61 10.37 -63.93
C PRO C 1044 -66.89 11.88 -63.86
N ALA C 1045 -67.57 12.43 -64.85
CA ALA C 1045 -67.95 13.84 -64.92
C ALA C 1045 -68.97 14.18 -63.85
N ASN C 1046 -69.87 13.25 -63.53
CA ASN C 1046 -70.94 13.50 -62.54
C ASN C 1046 -70.31 13.51 -61.16
N HIS C 1047 -69.31 12.69 -60.90
CA HIS C 1047 -68.56 12.68 -59.63
C HIS C 1047 -67.86 14.01 -59.44
N PHE C 1048 -67.35 14.59 -60.52
CA PHE C 1048 -66.65 15.90 -60.56
C PHE C 1048 -67.60 16.98 -60.12
N HIS C 1049 -68.79 16.98 -60.69
CA HIS C 1049 -69.81 18.03 -60.46
C HIS C 1049 -70.38 17.93 -59.05
N LEU C 1050 -70.44 16.74 -58.46
CA LEU C 1050 -70.97 16.52 -57.09
C LEU C 1050 -69.98 17.10 -56.10
N LEU C 1051 -68.70 16.81 -56.25
CA LEU C 1051 -67.67 17.26 -55.29
C LEU C 1051 -67.57 18.78 -55.30
N ARG C 1052 -67.74 19.42 -56.46
CA ARG C 1052 -67.63 20.89 -56.59
C ARG C 1052 -68.88 21.57 -56.06
N ARG C 1053 -70.05 20.96 -56.19
CA ARG C 1053 -71.29 21.52 -55.63
C ARG C 1053 -71.21 21.57 -54.12
N HIS C 1054 -70.68 20.54 -53.50
CA HIS C 1054 -70.55 20.41 -52.04
C HIS C 1054 -69.63 21.47 -51.51
N ALA C 1055 -68.53 21.76 -52.19
CA ALA C 1055 -67.48 22.68 -51.72
C ALA C 1055 -67.86 24.14 -51.92
N LEU C 1056 -68.78 24.46 -52.82
CA LEU C 1056 -69.17 25.84 -53.15
C LEU C 1056 -70.58 26.18 -52.64
N SER C 1057 -71.26 25.30 -51.92
CA SER C 1057 -72.60 25.56 -51.34
C SER C 1057 -72.47 26.14 -49.94
N ASP C 1058 -73.59 26.62 -49.40
CA ASP C 1058 -73.73 27.18 -48.04
C ASP C 1058 -74.25 26.12 -47.08
N LEU C 1059 -74.73 24.97 -47.58
CA LEU C 1059 -75.28 23.87 -46.75
C LEU C 1059 -74.10 23.13 -46.12
N LYS C 1060 -74.06 23.08 -44.79
CA LYS C 1060 -72.92 22.58 -43.99
C LYS C 1060 -73.24 21.23 -43.38
N ARG C 1061 -73.33 20.17 -44.21
CA ARG C 1061 -73.68 18.80 -43.79
C ARG C 1061 -72.74 17.82 -44.48
N PRO C 1062 -72.47 16.63 -43.92
CA PRO C 1062 -71.61 15.65 -44.57
C PRO C 1062 -72.08 15.05 -45.91
N LEU C 1063 -71.15 14.41 -46.63
CA LEU C 1063 -71.38 13.73 -47.94
C LEU C 1063 -70.78 12.34 -47.90
N VAL C 1064 -71.59 11.31 -48.17
CA VAL C 1064 -71.18 9.87 -48.24
C VAL C 1064 -71.33 9.45 -49.70
N ILE C 1065 -70.21 9.13 -50.37
CA ILE C 1065 -70.16 8.67 -51.79
C ILE C 1065 -69.73 7.21 -51.81
N PHE C 1066 -70.49 6.36 -52.50
CA PHE C 1066 -70.19 4.94 -52.76
C PHE C 1066 -69.48 4.84 -54.10
N THR C 1067 -68.18 4.52 -54.08
CA THR C 1067 -67.22 4.65 -55.20
C THR C 1067 -66.96 3.29 -55.83
N PRO C 1068 -66.62 3.18 -57.13
CA PRO C 1068 -66.47 1.90 -57.81
C PRO C 1068 -65.11 1.21 -57.72
N LYS C 1069 -65.01 -0.05 -58.18
CA LYS C 1069 -63.79 -0.90 -58.17
C LYS C 1069 -63.45 -1.37 -59.59
N SER C 1070 -64.31 -2.16 -60.21
CA SER C 1070 -64.12 -2.67 -61.59
C SER C 1070 -64.41 -1.57 -62.61
N MET C 1071 -65.41 -0.73 -62.35
CA MET C 1071 -65.85 0.36 -63.25
C MET C 1071 -64.75 1.41 -63.40
N LEU C 1072 -63.72 1.41 -62.54
CA LEU C 1072 -62.54 2.30 -62.62
C LEU C 1072 -61.87 2.19 -63.99
N ARG C 1073 -61.95 1.04 -64.66
CA ARG C 1073 -61.24 0.76 -65.93
C ARG C 1073 -62.19 0.31 -67.04
N ASN C 1074 -63.48 0.56 -66.93
CA ASN C 1074 -64.48 0.22 -67.97
C ASN C 1074 -64.51 1.36 -68.97
N LYS C 1075 -64.43 1.05 -70.26
CA LYS C 1075 -64.27 2.05 -71.34
C LYS C 1075 -65.61 2.62 -71.75
N ALA C 1076 -66.72 2.01 -71.36
CA ALA C 1076 -68.07 2.54 -71.64
C ALA C 1076 -68.44 3.62 -70.62
N ALA C 1077 -67.68 3.75 -69.54
CA ALA C 1077 -67.94 4.69 -68.43
C ALA C 1077 -67.21 6.00 -68.63
N ALA C 1078 -66.16 6.05 -69.46
CA ALA C 1078 -65.29 7.24 -69.63
C ALA C 1078 -66.07 8.43 -70.15
N SER C 1079 -65.55 9.65 -69.92
CA SER C 1079 -66.22 10.96 -70.16
C SER C 1079 -65.42 11.82 -71.14
N ALA C 1080 -66.11 12.66 -71.91
CA ALA C 1080 -65.54 13.62 -72.89
C ALA C 1080 -65.26 14.94 -72.20
N PRO C 1081 -64.40 15.81 -72.76
CA PRO C 1081 -64.10 17.10 -72.17
C PRO C 1081 -65.25 18.11 -72.09
N GLU C 1082 -66.21 18.04 -72.99
CA GLU C 1082 -67.39 18.93 -73.02
C GLU C 1082 -68.24 18.69 -71.79
N ASP C 1083 -68.12 17.53 -71.14
CA ASP C 1083 -68.90 17.15 -69.94
C ASP C 1083 -68.37 17.86 -68.70
N PHE C 1084 -67.15 18.40 -68.75
CA PHE C 1084 -66.54 19.20 -67.66
C PHE C 1084 -66.55 20.70 -67.95
N THR C 1085 -66.99 21.14 -69.13
CA THR C 1085 -66.81 22.51 -69.65
C THR C 1085 -68.11 23.11 -70.19
N GLU C 1086 -68.99 22.35 -70.82
CA GLU C 1086 -70.26 22.87 -71.38
C GLU C 1086 -71.46 22.49 -70.51
N VAL C 1087 -71.45 21.32 -69.87
CA VAL C 1087 -72.50 20.88 -68.89
C VAL C 1087 -72.26 21.64 -67.59
N THR C 1088 -73.30 22.25 -67.02
CA THR C 1088 -73.21 23.30 -65.97
C THR C 1088 -73.40 22.72 -64.57
N LYS C 1089 -74.33 21.77 -64.39
CA LYS C 1089 -74.80 21.29 -63.07
C LYS C 1089 -74.55 19.79 -62.90
N PHE C 1090 -74.70 19.29 -61.68
CA PHE C 1090 -74.76 17.85 -61.31
C PHE C 1090 -76.16 17.34 -61.58
N GLN C 1091 -76.26 16.11 -62.07
CA GLN C 1091 -77.53 15.44 -62.41
C GLN C 1091 -77.85 14.42 -61.32
N SER C 1092 -79.09 14.41 -60.84
CA SER C 1092 -79.59 13.51 -59.78
C SER C 1092 -80.27 12.29 -60.39
N VAL C 1093 -80.92 12.45 -61.54
CA VAL C 1093 -81.50 11.38 -62.38
C VAL C 1093 -80.92 11.55 -63.78
N ILE C 1094 -80.54 10.45 -64.45
CA ILE C 1094 -80.06 10.41 -65.86
C ILE C 1094 -81.00 9.51 -66.63
N ASN C 1095 -81.71 10.06 -67.60
CA ASN C 1095 -82.71 9.34 -68.41
C ASN C 1095 -81.96 8.50 -69.43
N ASP C 1096 -82.66 7.62 -70.17
CA ASP C 1096 -82.04 6.62 -71.07
C ASP C 1096 -81.53 7.33 -72.33
N PRO C 1097 -80.24 7.22 -72.67
CA PRO C 1097 -79.71 7.78 -73.91
C PRO C 1097 -80.20 7.12 -75.21
N ASN C 1098 -80.58 5.84 -75.15
CA ASN C 1098 -80.82 4.98 -76.33
C ASN C 1098 -82.30 4.64 -76.41
N VAL C 1099 -83.15 5.61 -76.67
CA VAL C 1099 -84.61 5.40 -76.92
C VAL C 1099 -84.98 6.06 -78.24
N ALA C 1100 -85.37 5.27 -79.23
CA ALA C 1100 -85.79 5.73 -80.57
C ALA C 1100 -87.14 6.44 -80.45
N ASP C 1101 -88.15 5.73 -79.97
CA ASP C 1101 -89.55 6.23 -79.85
C ASP C 1101 -90.04 5.98 -78.43
N ALA C 1102 -90.44 7.05 -77.73
CA ALA C 1102 -90.87 7.02 -76.32
C ALA C 1102 -92.28 6.43 -76.21
N ALA C 1103 -93.06 6.49 -77.28
CA ALA C 1103 -94.45 5.99 -77.33
C ALA C 1103 -94.49 4.46 -77.33
N LYS C 1104 -93.40 3.79 -77.68
CA LYS C 1104 -93.30 2.32 -77.77
C LYS C 1104 -92.89 1.70 -76.43
N VAL C 1105 -92.49 2.49 -75.43
CA VAL C 1105 -91.97 1.96 -74.14
C VAL C 1105 -93.14 1.47 -73.29
N LYS C 1106 -93.00 0.28 -72.69
CA LYS C 1106 -94.03 -0.40 -71.86
C LYS C 1106 -93.52 -0.74 -70.47
N LYS C 1107 -92.22 -1.01 -70.30
CA LYS C 1107 -91.53 -1.24 -69.00
C LYS C 1107 -90.56 -0.10 -68.74
N VAL C 1108 -90.33 0.26 -67.48
CA VAL C 1108 -89.30 1.24 -67.03
C VAL C 1108 -88.53 0.63 -65.88
N MET C 1109 -87.22 0.47 -66.00
CA MET C 1109 -86.33 -0.09 -64.95
C MET C 1109 -85.61 1.04 -64.25
N LEU C 1110 -85.63 1.09 -62.92
CA LEU C 1110 -84.83 2.01 -62.08
C LEU C 1110 -83.63 1.27 -61.53
N VAL C 1111 -82.46 1.88 -61.50
CA VAL C 1111 -81.16 1.23 -61.16
C VAL C 1111 -80.23 2.27 -60.56
N SER C 1112 -79.24 1.87 -59.79
CA SER C 1112 -78.20 2.77 -59.24
C SER C 1112 -76.85 2.08 -59.16
N GLY C 1113 -75.87 2.53 -59.93
CA GLY C 1113 -74.45 2.13 -59.83
C GLY C 1113 -73.98 1.37 -61.06
N LYS C 1114 -73.09 0.40 -60.86
CA LYS C 1114 -72.36 -0.31 -61.94
C LYS C 1114 -73.28 -1.24 -62.71
N LEU C 1115 -74.40 -1.66 -62.15
CA LEU C 1115 -75.27 -2.67 -62.80
C LEU C 1115 -75.94 -2.08 -64.03
N TYR C 1116 -75.92 -0.76 -64.20
CA TYR C 1116 -76.49 -0.09 -65.39
C TYR C 1116 -75.87 -0.68 -66.64
N TYR C 1117 -74.55 -0.75 -66.65
CA TYR C 1117 -73.73 -1.07 -67.83
C TYR C 1117 -74.03 -2.50 -68.30
N GLU C 1118 -74.30 -3.42 -67.37
CA GLU C 1118 -74.68 -4.81 -67.70
C GLU C 1118 -76.06 -4.83 -68.35
N LEU C 1119 -77.03 -4.13 -67.77
CA LEU C 1119 -78.43 -4.09 -68.25
C LEU C 1119 -78.49 -3.46 -69.63
N ALA C 1120 -77.67 -2.44 -69.88
CA ALA C 1120 -77.63 -1.66 -71.14
C ALA C 1120 -77.07 -2.51 -72.27
N LYS C 1121 -76.06 -3.32 -71.97
CA LYS C 1121 -75.42 -4.28 -72.90
C LYS C 1121 -76.47 -5.24 -73.45
N ARG C 1122 -77.31 -5.77 -72.57
CA ARG C 1122 -78.32 -6.81 -72.90
C ARG C 1122 -79.44 -6.21 -73.73
N LYS C 1123 -79.79 -4.95 -73.50
CA LYS C 1123 -80.86 -4.24 -74.23
C LYS C 1123 -80.47 -4.11 -75.68
N GLU C 1124 -79.19 -3.83 -75.95
CA GLU C 1124 -78.64 -3.62 -77.31
C GLU C 1124 -78.58 -4.96 -78.04
N LYS C 1125 -78.11 -6.01 -77.37
CA LYS C 1125 -77.92 -7.37 -77.94
C LYS C 1125 -79.27 -7.93 -78.41
N ASP C 1126 -80.34 -7.71 -77.65
CA ASP C 1126 -81.65 -8.35 -77.88
C ASP C 1126 -82.59 -7.42 -78.64
N GLY C 1127 -82.24 -6.15 -78.80
CA GLY C 1127 -83.02 -5.18 -79.59
C GLY C 1127 -84.37 -4.90 -78.96
N ARG C 1128 -84.37 -4.57 -77.67
CA ARG C 1128 -85.60 -4.29 -76.89
C ARG C 1128 -85.89 -2.80 -76.95
N ASP C 1129 -86.88 -2.40 -77.74
CA ASP C 1129 -87.32 -1.01 -77.94
C ASP C 1129 -88.57 -0.74 -77.09
N ASP C 1130 -88.92 -1.67 -76.20
CA ASP C 1130 -90.09 -1.57 -75.29
C ASP C 1130 -89.62 -1.30 -73.85
N ILE C 1131 -88.32 -1.29 -73.58
CA ILE C 1131 -87.72 -1.07 -72.24
C ILE C 1131 -86.97 0.26 -72.26
N ALA C 1132 -86.97 0.99 -71.13
CA ALA C 1132 -86.19 2.21 -70.86
C ALA C 1132 -85.52 2.11 -69.48
N ILE C 1133 -84.22 2.32 -69.39
CA ILE C 1133 -83.41 2.18 -68.14
C ILE C 1133 -83.04 3.56 -67.61
N VAL C 1134 -83.44 3.91 -66.39
CA VAL C 1134 -83.30 5.24 -65.73
C VAL C 1134 -82.46 5.09 -64.47
N ARG C 1135 -81.48 5.96 -64.28
CA ARG C 1135 -80.45 5.87 -63.22
C ARG C 1135 -80.74 6.87 -62.13
N ILE C 1136 -80.58 6.48 -60.86
CA ILE C 1136 -80.72 7.34 -59.66
C ILE C 1136 -79.33 7.53 -59.10
N GLU C 1137 -78.78 8.74 -59.22
CA GLU C 1137 -77.38 9.09 -58.88
C GLU C 1137 -77.31 9.56 -57.43
N MET C 1138 -78.33 10.27 -56.95
CA MET C 1138 -78.47 10.71 -55.55
C MET C 1138 -79.58 9.92 -54.88
N LEU C 1139 -79.30 9.34 -53.71
CA LEU C 1139 -80.19 8.42 -52.98
C LEU C 1139 -80.96 9.18 -51.91
N HIS C 1140 -80.28 9.91 -51.03
CA HIS C 1140 -80.90 10.80 -50.02
C HIS C 1140 -80.34 12.20 -50.14
N PRO C 1141 -81.15 13.28 -50.24
CA PRO C 1141 -82.60 13.22 -50.37
C PRO C 1141 -83.13 12.55 -51.63
N ILE C 1142 -84.39 12.10 -51.61
CA ILE C 1142 -85.01 11.40 -52.76
C ILE C 1142 -85.38 12.44 -53.79
N PRO C 1143 -84.81 12.40 -55.01
CA PRO C 1143 -85.21 13.32 -56.06
C PRO C 1143 -86.53 12.94 -56.72
N PHE C 1144 -87.63 13.22 -56.05
CA PHE C 1144 -88.96 12.71 -56.45
C PHE C 1144 -89.53 13.50 -57.61
N ASN C 1145 -89.18 14.77 -57.76
CA ASN C 1145 -89.69 15.62 -58.86
C ASN C 1145 -89.09 15.18 -60.18
N ARG C 1146 -87.79 14.89 -60.19
CA ARG C 1146 -87.05 14.45 -61.39
C ARG C 1146 -87.48 13.05 -61.79
N ILE C 1147 -87.76 12.15 -60.83
CA ILE C 1147 -88.24 10.76 -61.11
C ILE C 1147 -89.63 10.86 -61.71
N SER C 1148 -90.46 11.79 -61.26
CA SER C 1148 -91.84 11.98 -61.76
C SER C 1148 -91.80 12.47 -63.20
N GLU C 1149 -90.93 13.44 -63.51
CA GLU C 1149 -90.75 14.03 -64.87
C GLU C 1149 -90.35 12.94 -65.85
N ALA C 1150 -89.43 12.06 -65.45
CA ALA C 1150 -88.90 10.95 -66.25
C ALA C 1150 -90.02 9.99 -66.63
N LEU C 1151 -90.83 9.58 -65.67
CA LEU C 1151 -91.92 8.60 -65.87
C LEU C 1151 -93.04 9.22 -66.69
N ALA C 1152 -93.23 10.53 -66.61
CA ALA C 1152 -94.25 11.27 -67.38
C ALA C 1152 -93.92 11.23 -68.88
N GLY C 1153 -92.63 11.16 -69.21
CA GLY C 1153 -92.13 11.15 -70.60
C GLY C 1153 -92.43 9.84 -71.32
N TYR C 1154 -92.84 8.79 -70.61
CA TYR C 1154 -93.21 7.48 -71.17
C TYR C 1154 -94.67 7.19 -70.86
N PRO C 1155 -95.64 7.78 -71.61
CA PRO C 1155 -97.05 7.69 -71.26
C PRO C 1155 -97.81 6.37 -71.44
N ASN C 1156 -97.20 5.35 -72.04
CA ASN C 1156 -97.83 4.02 -72.20
C ASN C 1156 -97.06 2.97 -71.36
N ALA C 1157 -96.48 3.39 -70.24
CA ALA C 1157 -95.75 2.49 -69.31
C ALA C 1157 -96.75 1.77 -68.41
N GLU C 1158 -96.75 0.44 -68.44
CA GLU C 1158 -97.68 -0.42 -67.69
C GLU C 1158 -97.05 -0.80 -66.34
N GLU C 1159 -95.74 -1.04 -66.29
CA GLU C 1159 -95.05 -1.52 -65.06
C GLU C 1159 -93.73 -0.80 -64.84
N VAL C 1160 -93.27 -0.78 -63.58
CA VAL C 1160 -92.01 -0.16 -63.09
C VAL C 1160 -91.26 -1.18 -62.23
N LEU C 1161 -90.05 -1.56 -62.60
CA LEU C 1161 -89.20 -2.52 -61.86
C LEU C 1161 -88.09 -1.77 -61.16
N PHE C 1162 -87.74 -2.15 -59.94
CA PHE C 1162 -86.58 -1.64 -59.17
C PHE C 1162 -85.56 -2.76 -59.14
N VAL C 1163 -84.38 -2.56 -59.71
CA VAL C 1163 -83.37 -3.63 -59.96
C VAL C 1163 -82.10 -3.31 -59.18
N GLN C 1164 -81.65 -4.18 -58.28
CA GLN C 1164 -80.41 -4.00 -57.51
C GLN C 1164 -79.64 -5.30 -57.41
N ASP C 1165 -78.33 -5.23 -57.21
CA ASP C 1165 -77.44 -6.40 -57.06
C ASP C 1165 -77.52 -6.97 -55.65
N GLU C 1166 -77.79 -6.13 -54.64
CA GLU C 1166 -77.68 -6.53 -53.22
C GLU C 1166 -78.85 -7.43 -52.86
N PRO C 1167 -78.75 -8.27 -51.80
CA PRO C 1167 -79.87 -9.02 -51.28
C PRO C 1167 -81.08 -8.16 -50.88
N ALA C 1168 -82.26 -8.76 -50.74
CA ALA C 1168 -83.55 -8.04 -50.63
C ALA C 1168 -83.70 -7.32 -49.29
N ASN C 1169 -82.90 -7.63 -48.28
CA ASN C 1169 -82.91 -6.98 -46.96
C ASN C 1169 -81.76 -6.00 -46.86
N GLN C 1170 -81.01 -5.79 -47.94
CA GLN C 1170 -79.84 -4.89 -47.99
C GLN C 1170 -80.00 -3.97 -49.21
N GLY C 1171 -79.11 -3.01 -49.39
CA GLY C 1171 -79.12 -2.08 -50.53
C GLY C 1171 -80.14 -0.98 -50.33
N PRO C 1172 -80.47 -0.18 -51.36
CA PRO C 1172 -81.52 0.84 -51.27
C PRO C 1172 -83.00 0.47 -51.37
N TRP C 1173 -83.38 -0.80 -51.52
CA TRP C 1173 -84.80 -1.18 -51.75
C TRP C 1173 -85.64 -0.94 -50.50
N PRO C 1174 -85.21 -1.35 -49.28
CA PRO C 1174 -86.02 -1.14 -48.10
C PRO C 1174 -86.48 0.30 -47.89
N PHE C 1175 -85.58 1.26 -48.14
CA PHE C 1175 -85.82 2.72 -47.98
C PHE C 1175 -86.79 3.21 -49.03
N TYR C 1176 -86.67 2.73 -50.26
CA TYR C 1176 -87.42 3.26 -51.43
C TYR C 1176 -88.83 2.68 -51.47
N GLN C 1177 -89.05 1.46 -50.98
CA GLN C 1177 -90.40 0.83 -51.02
C GLN C 1177 -91.30 1.48 -49.99
N GLU C 1178 -90.72 2.05 -48.93
CA GLU C 1178 -91.44 2.75 -47.84
C GLU C 1178 -91.85 4.14 -48.30
N HIS C 1179 -90.93 4.90 -48.87
CA HIS C 1179 -91.03 6.38 -49.01
C HIS C 1179 -91.48 6.83 -50.40
N LEU C 1180 -91.18 6.10 -51.47
CA LEU C 1180 -91.37 6.62 -52.85
C LEU C 1180 -92.85 6.60 -53.23
N PRO C 1181 -93.65 5.57 -52.91
CA PRO C 1181 -95.06 5.57 -53.28
C PRO C 1181 -95.91 6.73 -52.74
N GLU C 1182 -95.63 7.20 -51.53
CA GLU C 1182 -96.35 8.34 -50.91
C GLU C 1182 -95.92 9.66 -51.55
N LEU C 1183 -94.73 9.75 -52.14
CA LEU C 1183 -94.20 10.99 -52.78
C LEU C 1183 -94.61 11.08 -54.25
N ILE C 1184 -94.93 9.96 -54.91
CA ILE C 1184 -95.44 9.92 -56.31
C ILE C 1184 -96.69 9.06 -56.32
N PRO C 1185 -97.88 9.60 -55.95
CA PRO C 1185 -99.10 8.82 -55.89
C PRO C 1185 -99.57 8.07 -57.15
N ASN C 1186 -99.42 8.67 -58.33
CA ASN C 1186 -99.97 8.14 -59.60
C ASN C 1186 -99.10 7.00 -60.16
N MET C 1187 -97.89 6.78 -59.61
CA MET C 1187 -96.94 5.73 -60.05
C MET C 1187 -97.60 4.36 -59.95
N PRO C 1188 -97.35 3.41 -60.90
CA PRO C 1188 -97.75 2.02 -60.71
C PRO C 1188 -97.03 1.33 -59.55
N LYS C 1189 -97.51 0.16 -59.12
CA LYS C 1189 -96.91 -0.61 -58.01
C LYS C 1189 -95.55 -1.14 -58.45
N MET C 1190 -94.50 -0.87 -57.68
CA MET C 1190 -93.13 -1.30 -58.01
C MET C 1190 -93.02 -2.81 -57.81
N ARG C 1191 -92.07 -3.44 -58.51
CA ARG C 1191 -91.79 -4.89 -58.48
C ARG C 1191 -90.28 -5.09 -58.36
N ARG C 1192 -89.82 -5.67 -57.26
CA ARG C 1192 -88.39 -5.86 -56.95
C ARG C 1192 -87.81 -6.92 -57.87
N VAL C 1193 -86.56 -6.75 -58.26
CA VAL C 1193 -85.70 -7.78 -58.90
C VAL C 1193 -84.33 -7.67 -58.26
N SER C 1194 -83.96 -8.62 -57.41
CA SER C 1194 -82.70 -8.61 -56.65
C SER C 1194 -82.27 -10.03 -56.31
N ARG C 1195 -81.14 -10.16 -55.62
CA ARG C 1195 -80.72 -11.42 -54.98
C ARG C 1195 -81.63 -11.69 -53.78
N ARG C 1196 -81.72 -12.95 -53.37
CA ARG C 1196 -82.51 -13.47 -52.22
C ARG C 1196 -82.01 -12.86 -50.92
N ALA C 1197 -82.88 -12.70 -49.93
CA ALA C 1197 -82.55 -12.16 -48.59
C ALA C 1197 -81.64 -13.13 -47.84
N GLN C 1198 -80.60 -12.64 -47.17
CA GLN C 1198 -79.68 -13.53 -46.44
C GLN C 1198 -78.96 -12.78 -45.31
N SER C 1199 -78.32 -13.54 -44.43
CA SER C 1199 -77.75 -13.09 -43.15
C SER C 1199 -76.32 -12.60 -43.32
N SER C 1200 -75.61 -13.10 -44.33
CA SER C 1200 -74.30 -12.58 -44.77
C SER C 1200 -74.52 -11.59 -45.91
N THR C 1201 -73.44 -11.01 -46.41
CA THR C 1201 -73.42 -9.98 -47.46
C THR C 1201 -73.44 -10.65 -48.84
N ALA C 1202 -72.56 -11.63 -49.07
CA ALA C 1202 -72.34 -12.27 -50.37
C ALA C 1202 -71.71 -13.65 -50.20
N THR C 1203 -71.85 -14.51 -51.21
CA THR C 1203 -71.24 -15.87 -51.30
C THR C 1203 -69.72 -15.77 -51.32
N GLY C 1204 -69.05 -16.87 -51.06
CA GLY C 1204 -67.58 -16.98 -51.08
C GLY C 1204 -67.09 -17.92 -52.16
N VAL C 1205 -68.00 -18.48 -52.95
CA VAL C 1205 -67.71 -19.35 -54.13
C VAL C 1205 -67.96 -18.53 -55.38
N ALA C 1206 -66.96 -18.42 -56.25
CA ALA C 1206 -66.96 -17.53 -57.43
C ALA C 1206 -67.88 -18.06 -58.53
N LYS C 1207 -68.06 -19.37 -58.65
CA LYS C 1207 -68.95 -19.95 -59.68
C LYS C 1207 -70.40 -19.68 -59.32
N VAL C 1208 -70.72 -19.60 -58.03
CA VAL C 1208 -72.11 -19.33 -57.54
C VAL C 1208 -72.47 -17.89 -57.84
N HIS C 1209 -71.51 -16.96 -57.70
CA HIS C 1209 -71.67 -15.52 -58.01
C HIS C 1209 -72.07 -15.34 -59.46
N GLN C 1210 -71.43 -16.05 -60.36
CA GLN C 1210 -71.64 -15.90 -61.82
C GLN C 1210 -73.02 -16.43 -62.19
N LEU C 1211 -73.49 -17.46 -61.51
CA LEU C 1211 -74.78 -18.10 -61.79
C LEU C 1211 -75.92 -17.20 -61.30
N GLU C 1212 -75.75 -16.59 -60.13
CA GLU C 1212 -76.70 -15.62 -59.52
C GLU C 1212 -76.91 -14.42 -60.44
N GLU C 1213 -75.83 -13.88 -61.00
CA GLU C 1213 -75.85 -12.66 -61.83
C GLU C 1213 -76.62 -12.95 -63.12
N LYS C 1214 -76.43 -14.12 -63.71
CA LYS C 1214 -77.15 -14.52 -64.94
C LYS C 1214 -78.64 -14.59 -64.65
N GLN C 1215 -79.02 -15.15 -63.52
CA GLN C 1215 -80.42 -15.39 -63.09
C GLN C 1215 -81.13 -14.06 -62.88
N LEU C 1216 -80.41 -13.05 -62.35
CA LEU C 1216 -80.90 -11.70 -62.00
C LEU C 1216 -81.30 -10.95 -63.28
N ILE C 1217 -80.44 -10.99 -64.29
CA ILE C 1217 -80.64 -10.22 -65.55
C ILE C 1217 -81.70 -10.91 -66.39
N ASP C 1218 -81.79 -12.23 -66.34
CA ASP C 1218 -82.83 -12.99 -67.09
C ASP C 1218 -84.20 -12.66 -66.51
N GLU C 1219 -84.31 -12.52 -65.19
CA GLU C 1219 -85.57 -12.23 -64.47
C GLU C 1219 -86.09 -10.85 -64.87
N ALA C 1220 -85.19 -9.90 -65.06
CA ALA C 1220 -85.48 -8.49 -65.41
C ALA C 1220 -86.13 -8.39 -66.78
N PHE C 1221 -85.64 -9.16 -67.75
CA PHE C 1221 -86.04 -9.09 -69.17
C PHE C 1221 -87.16 -10.10 -69.47
N GLU C 1222 -87.43 -11.05 -68.57
CA GLU C 1222 -88.48 -12.09 -68.73
C GLU C 1222 -89.81 -11.41 -69.01
N ALA C 1223 -90.54 -11.87 -70.03
CA ALA C 1223 -91.87 -11.37 -70.43
C ALA C 1223 -92.94 -11.98 -69.52
N PRO D 104 35.01 -26.05 -52.98
CA PRO D 104 35.93 -24.92 -53.19
C PRO D 104 36.29 -24.69 -54.67
N GLY D 105 36.71 -23.46 -54.99
CA GLY D 105 37.21 -23.06 -56.32
C GLY D 105 36.36 -21.99 -56.96
N GLN D 106 36.43 -21.89 -58.29
CA GLN D 106 35.79 -20.86 -59.14
C GLN D 106 34.75 -21.52 -60.04
N THR D 107 33.56 -20.94 -60.14
CA THR D 107 32.46 -21.45 -61.00
C THR D 107 31.78 -20.28 -61.70
N PRO D 108 31.68 -20.28 -63.04
CA PRO D 108 30.88 -19.30 -63.76
C PRO D 108 29.42 -19.19 -63.30
N ILE D 109 28.90 -17.96 -63.28
CA ILE D 109 27.49 -17.66 -62.90
C ILE D 109 26.67 -17.82 -64.17
N ARG D 110 25.54 -18.53 -64.07
CA ARG D 110 24.68 -18.90 -65.22
C ARG D 110 23.21 -18.76 -64.84
N GLY D 111 22.37 -18.41 -65.82
CA GLY D 111 20.90 -18.48 -65.71
C GLY D 111 20.31 -17.24 -65.08
N ILE D 112 19.35 -17.42 -64.18
CA ILE D 112 18.63 -16.31 -63.48
C ILE D 112 19.60 -15.57 -62.57
N PHE D 113 20.62 -16.25 -62.05
CA PHE D 113 21.63 -15.68 -61.14
C PHE D 113 22.54 -14.72 -61.90
N LYS D 114 22.77 -14.97 -63.20
CA LYS D 114 23.57 -14.08 -64.07
C LYS D 114 22.78 -12.81 -64.35
N SER D 115 21.47 -12.90 -64.51
CA SER D 115 20.56 -11.75 -64.77
C SER D 115 20.51 -10.83 -63.56
N ILE D 116 20.42 -11.40 -62.35
CA ILE D 116 20.40 -10.63 -61.06
C ILE D 116 21.71 -9.85 -60.95
N ALA D 117 22.85 -10.49 -61.24
CA ALA D 117 24.19 -9.89 -61.15
C ALA D 117 24.32 -8.70 -62.09
N LYS D 118 23.79 -8.79 -63.30
CA LYS D 118 23.92 -7.72 -64.32
C LYS D 118 23.08 -6.51 -63.93
N ASN D 119 21.91 -6.72 -63.34
CA ASN D 119 20.98 -5.64 -62.96
C ASN D 119 21.54 -4.86 -61.77
N MET D 120 22.24 -5.54 -60.85
CA MET D 120 22.86 -4.89 -59.66
C MET D 120 24.07 -4.05 -60.09
N ASP D 121 24.73 -4.39 -61.20
CA ASP D 121 25.84 -3.58 -61.77
C ASP D 121 25.27 -2.30 -62.37
N ILE D 122 24.10 -2.36 -63.02
CA ILE D 122 23.44 -1.19 -63.67
C ILE D 122 22.93 -0.25 -62.59
N SER D 123 22.55 -0.76 -61.41
CA SER D 123 21.97 0.02 -60.29
C SER D 123 22.98 1.04 -59.75
N LEU D 124 24.27 0.84 -60.00
CA LEU D 124 25.36 1.72 -59.51
C LEU D 124 25.24 3.13 -60.09
N GLU D 125 24.46 3.33 -61.16
CA GLU D 125 24.33 4.65 -61.82
C GLU D 125 23.10 5.43 -61.31
N ILE D 126 22.52 5.04 -60.17
CA ILE D 126 21.39 5.78 -59.52
C ILE D 126 21.88 6.34 -58.19
N PRO D 127 21.88 7.67 -57.97
CA PRO D 127 22.19 8.25 -56.67
C PRO D 127 21.01 8.27 -55.69
N THR D 128 21.13 7.55 -54.58
CA THR D 128 20.02 7.23 -53.66
C THR D 128 20.24 7.83 -52.28
N ALA D 129 19.17 8.04 -51.53
CA ALA D 129 19.13 8.44 -50.11
C ALA D 129 17.97 7.72 -49.42
N THR D 130 18.07 7.44 -48.12
CA THR D 130 17.04 6.70 -47.35
C THR D 130 16.57 7.51 -46.14
N SER D 131 15.28 7.41 -45.82
CA SER D 131 14.59 7.94 -44.62
C SER D 131 14.05 6.78 -43.79
N VAL D 132 14.04 6.89 -42.46
CA VAL D 132 13.62 5.82 -41.51
C VAL D 132 12.64 6.43 -40.52
N ARG D 133 11.52 5.77 -40.24
CA ARG D 133 10.49 6.21 -39.26
C ARG D 133 9.88 5.00 -38.54
N ASP D 134 9.66 5.12 -37.24
CA ASP D 134 9.06 4.09 -36.35
C ASP D 134 7.65 4.52 -35.96
N MET D 135 6.70 3.59 -35.99
CA MET D 135 5.24 3.85 -35.92
C MET D 135 4.60 2.92 -34.90
N PRO D 136 3.63 3.36 -34.07
CA PRO D 136 2.86 2.47 -33.22
C PRO D 136 2.09 1.39 -33.98
N ALA D 137 1.98 0.18 -33.43
CA ALA D 137 1.40 -0.99 -34.12
C ALA D 137 0.20 -1.61 -33.38
N ARG D 138 -0.17 -1.14 -32.19
CA ARG D 138 -1.18 -1.78 -31.29
C ARG D 138 -2.53 -1.89 -31.98
N LEU D 139 -2.98 -0.82 -32.62
CA LEU D 139 -4.32 -0.72 -33.23
C LEU D 139 -4.41 -1.64 -34.45
N MET D 140 -3.31 -1.94 -35.12
CA MET D 140 -3.28 -2.95 -36.21
C MET D 140 -3.60 -4.31 -35.63
N PHE D 141 -2.90 -4.71 -34.57
CA PHE D 141 -3.07 -6.02 -33.91
C PHE D 141 -4.54 -6.20 -33.52
N GLU D 142 -5.17 -5.18 -32.95
CA GLU D 142 -6.56 -5.26 -32.42
C GLU D 142 -7.55 -5.36 -33.56
N ASN D 143 -7.48 -4.46 -34.52
CA ASN D 143 -8.49 -4.36 -35.60
C ASN D 143 -8.33 -5.49 -36.61
N ARG D 144 -7.15 -6.08 -36.75
CA ARG D 144 -6.93 -7.25 -37.63
C ARG D 144 -7.64 -8.46 -37.02
N ALA D 145 -7.62 -8.59 -35.70
CA ALA D 145 -8.26 -9.70 -34.97
C ALA D 145 -9.77 -9.67 -35.17
N MET D 146 -10.37 -8.47 -35.22
CA MET D 146 -11.82 -8.30 -35.42
C MET D 146 -12.22 -8.73 -36.83
N VAL D 147 -11.41 -8.46 -37.86
CA VAL D 147 -11.73 -8.85 -39.26
C VAL D 147 -11.61 -10.36 -39.41
N ASN D 148 -10.62 -10.97 -38.79
CA ASN D 148 -10.37 -12.42 -38.94
C ASN D 148 -11.40 -13.22 -38.14
N ASP D 149 -12.00 -12.61 -37.12
CA ASP D 149 -13.11 -13.22 -36.32
C ASP D 149 -14.37 -13.30 -37.18
N GLN D 150 -14.65 -12.25 -37.96
CA GLN D 150 -15.81 -12.17 -38.90
C GLN D 150 -15.64 -13.18 -40.02
N LEU D 151 -14.43 -13.38 -40.54
CA LEU D 151 -14.18 -14.24 -41.71
C LEU D 151 -14.30 -15.72 -41.31
N LYS D 152 -13.98 -16.12 -40.08
CA LYS D 152 -14.09 -17.54 -39.67
C LYS D 152 -15.56 -17.91 -39.41
N ARG D 153 -16.44 -16.93 -39.24
CA ARG D 153 -17.91 -17.14 -39.17
C ARG D 153 -18.44 -17.47 -40.58
N THR D 154 -17.91 -16.83 -41.62
CA THR D 154 -18.39 -16.93 -43.02
C THR D 154 -17.48 -17.87 -43.85
N ARG D 155 -16.65 -18.70 -43.19
CA ARG D 155 -15.67 -19.61 -43.82
C ARG D 155 -14.93 -18.89 -44.97
N GLY D 156 -14.48 -17.67 -44.71
CA GLY D 156 -13.47 -16.97 -45.53
C GLY D 156 -12.07 -17.37 -45.09
N GLY D 157 -11.05 -16.60 -45.48
CA GLY D 157 -9.65 -16.86 -45.11
C GLY D 157 -9.21 -15.99 -43.94
N LYS D 158 -7.91 -15.63 -43.93
CA LYS D 158 -7.31 -14.59 -43.05
C LYS D 158 -6.84 -13.44 -43.92
N ILE D 159 -6.67 -12.26 -43.31
CA ILE D 159 -5.84 -11.15 -43.87
C ILE D 159 -4.56 -11.05 -43.04
N SER D 160 -3.46 -10.59 -43.66
CA SER D 160 -2.09 -10.46 -43.10
C SER D 160 -1.79 -8.98 -42.84
N PHE D 161 -0.67 -8.71 -42.17
CA PHE D 161 -0.15 -7.34 -41.91
C PHE D 161 0.35 -6.71 -43.22
N THR D 162 0.87 -7.53 -44.13
CA THR D 162 1.40 -7.09 -45.44
C THR D 162 0.25 -6.58 -46.33
N HIS D 163 -0.95 -7.15 -46.21
CA HIS D 163 -2.17 -6.69 -46.93
C HIS D 163 -2.53 -5.27 -46.48
N ILE D 164 -2.55 -5.03 -45.18
CA ILE D 164 -3.00 -3.75 -44.58
C ILE D 164 -1.98 -2.65 -44.90
N ILE D 165 -0.69 -2.92 -44.70
CA ILE D 165 0.41 -1.93 -44.91
C ILE D 165 0.50 -1.64 -46.42
N GLY D 166 0.30 -2.66 -47.24
CA GLY D 166 0.29 -2.54 -48.71
C GLY D 166 -0.78 -1.59 -49.19
N TYR D 167 -1.98 -1.66 -48.62
CA TYR D 167 -3.14 -0.82 -49.01
C TYR D 167 -2.91 0.61 -48.56
N ALA D 168 -2.34 0.81 -47.38
CA ALA D 168 -1.97 2.13 -46.81
C ALA D 168 -0.94 2.81 -47.69
N MET D 169 -0.01 2.03 -48.24
CA MET D 169 1.06 2.51 -49.16
C MET D 169 0.44 3.10 -50.43
N VAL D 170 -0.59 2.45 -50.99
CA VAL D 170 -1.29 2.90 -52.22
C VAL D 170 -1.97 4.25 -51.94
N LYS D 171 -2.63 4.36 -50.80
CA LYS D 171 -3.35 5.60 -50.39
C LYS D 171 -2.37 6.75 -50.23
N ALA D 172 -1.15 6.48 -49.74
CA ALA D 172 -0.09 7.47 -49.50
C ALA D 172 0.48 8.00 -50.82
N VAL D 173 0.65 7.13 -51.81
CA VAL D 173 1.22 7.48 -53.15
C VAL D 173 0.21 8.36 -53.90
N MET D 174 -1.09 8.16 -53.66
CA MET D 174 -2.16 9.01 -54.25
C MET D 174 -2.15 10.40 -53.62
N ALA D 175 -1.78 10.52 -52.35
CA ALA D 175 -1.69 11.80 -51.61
C ALA D 175 -0.42 12.55 -51.98
N HIS D 176 0.63 11.84 -52.42
CA HIS D 176 1.97 12.38 -52.76
C HIS D 176 2.43 11.76 -54.07
N PRO D 177 1.91 12.20 -55.24
CA PRO D 177 2.17 11.53 -56.51
C PRO D 177 3.59 11.60 -57.07
N ASP D 178 4.44 12.49 -56.55
CA ASP D 178 5.87 12.62 -56.93
C ASP D 178 6.61 11.32 -56.68
N MET D 179 6.17 10.52 -55.71
CA MET D 179 6.80 9.25 -55.29
C MET D 179 6.64 8.18 -56.38
N ASN D 180 5.86 8.40 -57.43
CA ASN D 180 5.61 7.40 -58.51
C ASN D 180 6.38 7.74 -59.79
N ASN D 181 7.24 8.77 -59.77
CA ASN D 181 7.99 9.26 -60.96
C ASN D 181 9.37 8.61 -61.04
N SER D 182 10.02 8.66 -62.20
CA SER D 182 11.36 8.08 -62.48
C SER D 182 12.17 8.99 -63.41
N TYR D 183 13.43 8.64 -63.69
CA TYR D 183 14.41 9.39 -64.50
C TYR D 183 14.85 8.54 -65.69
N ASP D 184 15.10 9.16 -66.84
CA ASP D 184 15.73 8.49 -68.02
C ASP D 184 16.39 9.55 -68.90
N VAL D 185 17.38 9.13 -69.71
CA VAL D 185 18.04 9.99 -70.73
C VAL D 185 17.52 9.57 -72.10
N ILE D 186 16.74 10.43 -72.76
CA ILE D 186 16.00 10.15 -74.01
C ILE D 186 16.44 11.15 -75.07
N ASP D 187 17.09 10.68 -76.13
CA ASP D 187 17.67 11.52 -77.21
C ASP D 187 18.72 12.42 -76.60
N GLY D 188 19.47 11.92 -75.63
CA GLY D 188 20.57 12.64 -74.98
C GLY D 188 20.15 13.77 -74.06
N LYS D 189 18.89 13.94 -73.72
CA LYS D 189 18.47 14.97 -72.75
C LYS D 189 17.91 14.31 -71.50
N PRO D 190 18.18 14.81 -70.28
CA PRO D 190 17.44 14.45 -69.08
C PRO D 190 15.92 14.60 -69.11
N THR D 191 15.20 13.65 -68.54
CA THR D 191 13.73 13.53 -68.68
C THR D 191 13.08 13.03 -67.39
N LEU D 192 11.91 13.55 -67.05
CA LEU D 192 11.04 13.07 -65.94
C LEU D 192 9.91 12.27 -66.56
N ILE D 193 9.70 11.03 -66.09
CA ILE D 193 8.66 10.10 -66.60
C ILE D 193 7.55 10.00 -65.56
N VAL D 194 6.33 10.39 -65.93
CA VAL D 194 5.10 10.34 -65.10
C VAL D 194 4.20 9.24 -65.63
N PRO D 195 4.09 8.07 -64.97
CA PRO D 195 3.23 7.00 -65.46
C PRO D 195 1.73 7.29 -65.41
N GLU D 196 0.94 6.39 -66.01
CA GLU D 196 -0.55 6.45 -66.07
C GLU D 196 -1.15 5.77 -64.86
N HIS D 197 -0.54 4.70 -64.36
CA HIS D 197 -1.05 3.85 -63.26
C HIS D 197 -0.03 3.70 -62.13
N ILE D 198 -0.50 3.34 -60.93
CA ILE D 198 0.31 2.81 -59.80
C ILE D 198 0.30 1.29 -59.90
N ASN D 199 1.42 0.70 -60.32
CA ASN D 199 1.62 -0.77 -60.43
C ASN D 199 2.58 -1.22 -59.33
N LEU D 200 2.08 -1.95 -58.32
CA LEU D 200 2.82 -2.27 -57.08
C LEU D 200 3.47 -3.62 -57.21
N GLY D 201 4.80 -3.70 -57.05
CA GLY D 201 5.59 -4.92 -57.15
C GLY D 201 5.76 -5.59 -55.80
N LEU D 202 5.46 -6.88 -55.72
CA LEU D 202 5.66 -7.73 -54.52
C LEU D 202 6.92 -8.57 -54.72
N ALA D 203 7.69 -8.76 -53.65
CA ALA D 203 8.88 -9.63 -53.61
C ALA D 203 8.43 -11.07 -53.32
N ILE D 204 8.23 -11.88 -54.36
CA ILE D 204 7.83 -13.32 -54.29
C ILE D 204 9.08 -14.18 -54.50
N ASP D 205 9.40 -15.05 -53.53
CA ASP D 205 10.54 -16.01 -53.59
C ASP D 205 10.03 -17.38 -54.02
N LEU D 206 10.44 -17.86 -55.21
CA LEU D 206 10.07 -19.19 -55.77
C LEU D 206 11.33 -20.03 -55.93
N PRO D 207 11.43 -21.22 -55.28
CA PRO D 207 12.52 -22.15 -55.53
C PRO D 207 12.57 -22.69 -56.98
N GLN D 208 13.78 -22.92 -57.50
CA GLN D 208 14.04 -23.46 -58.86
C GLN D 208 14.02 -24.99 -58.82
N LYS D 209 14.18 -25.64 -59.97
CA LYS D 209 14.20 -27.13 -60.14
C LYS D 209 15.40 -27.73 -59.40
N ASP D 210 16.55 -27.05 -59.43
CA ASP D 210 17.81 -27.48 -58.76
C ASP D 210 17.62 -27.50 -57.24
N GLY D 211 17.04 -26.44 -56.67
CA GLY D 211 16.81 -26.27 -55.22
C GLY D 211 17.12 -24.87 -54.74
N SER D 212 18.03 -24.16 -55.42
CA SER D 212 18.50 -22.78 -55.09
C SER D 212 17.34 -21.78 -55.20
N ARG D 213 17.16 -20.94 -54.16
CA ARG D 213 16.11 -19.88 -54.10
C ARG D 213 16.52 -18.72 -55.01
N ALA D 214 15.54 -18.09 -55.67
CA ALA D 214 15.73 -16.94 -56.60
C ALA D 214 14.49 -16.03 -56.54
N LEU D 215 14.64 -14.85 -55.97
CA LEU D 215 13.56 -13.83 -55.82
C LEU D 215 13.32 -13.17 -57.19
N VAL D 216 12.05 -12.93 -57.53
CA VAL D 216 11.60 -12.15 -58.73
C VAL D 216 10.37 -11.33 -58.33
N VAL D 217 10.20 -10.15 -58.92
CA VAL D 217 9.13 -9.17 -58.55
C VAL D 217 8.00 -9.21 -59.58
N ALA D 218 6.80 -9.60 -59.14
CA ALA D 218 5.53 -9.59 -59.89
C ALA D 218 4.71 -8.37 -59.50
N ALA D 219 3.80 -7.92 -60.35
CA ALA D 219 3.10 -6.62 -60.25
C ALA D 219 1.59 -6.79 -60.13
N ILE D 220 0.98 -6.12 -59.16
CA ILE D 220 -0.49 -5.86 -59.04
C ILE D 220 -0.75 -4.57 -59.81
N LYS D 221 -1.49 -4.63 -60.92
CA LYS D 221 -1.62 -3.50 -61.89
C LYS D 221 -2.91 -2.71 -61.64
N GLU D 222 -2.86 -1.40 -61.90
CA GLU D 222 -3.99 -0.44 -61.83
C GLU D 222 -4.60 -0.45 -60.43
N THR D 223 -3.81 -0.07 -59.43
CA THR D 223 -4.13 -0.21 -57.99
C THR D 223 -4.86 1.05 -57.51
N GLU D 224 -4.82 2.14 -58.29
CA GLU D 224 -5.42 3.45 -57.90
C GLU D 224 -6.94 3.46 -58.14
N LYS D 225 -7.51 2.36 -58.63
CA LYS D 225 -8.95 2.21 -58.97
C LYS D 225 -9.58 1.11 -58.12
N MET D 226 -8.96 0.71 -57.01
CA MET D 226 -9.39 -0.46 -56.20
C MET D 226 -9.80 -0.02 -54.79
N ASN D 227 -10.81 -0.66 -54.21
CA ASN D 227 -11.13 -0.64 -52.76
C ASN D 227 -10.41 -1.82 -52.10
N PHE D 228 -10.55 -2.01 -50.80
CA PHE D 228 -9.74 -2.97 -50.02
C PHE D 228 -10.07 -4.40 -50.47
N SER D 229 -11.34 -4.67 -50.76
CA SER D 229 -11.85 -6.02 -51.16
C SER D 229 -11.24 -6.41 -52.51
N GLU D 230 -11.27 -5.47 -53.46
CA GLU D 230 -10.69 -5.61 -54.82
C GLU D 230 -9.18 -5.83 -54.71
N PHE D 231 -8.50 -5.06 -53.84
CA PHE D 231 -7.03 -5.11 -53.61
C PHE D 231 -6.64 -6.48 -53.08
N LEU D 232 -7.39 -7.01 -52.13
CA LEU D 232 -7.10 -8.30 -51.46
C LEU D 232 -7.20 -9.45 -52.47
N ALA D 233 -8.18 -9.39 -53.36
CA ALA D 233 -8.43 -10.38 -54.42
C ALA D 233 -7.25 -10.40 -55.41
N ALA D 234 -6.85 -9.23 -55.90
CA ALA D 234 -5.74 -9.03 -56.86
C ALA D 234 -4.44 -9.58 -56.30
N TYR D 235 -4.17 -9.31 -55.02
CA TYR D 235 -2.95 -9.74 -54.29
C TYR D 235 -2.90 -11.26 -54.29
N GLU D 236 -3.97 -11.90 -53.84
CA GLU D 236 -4.04 -13.38 -53.63
C GLU D 236 -4.04 -14.11 -54.97
N ASP D 237 -4.43 -13.45 -56.07
CA ASP D 237 -4.31 -13.99 -57.44
C ASP D 237 -2.83 -14.23 -57.78
N ILE D 238 -1.97 -13.23 -57.58
CA ILE D 238 -0.52 -13.28 -57.92
C ILE D 238 0.15 -14.37 -57.08
N VAL D 239 -0.17 -14.46 -55.80
CA VAL D 239 0.45 -15.42 -54.85
C VAL D 239 0.03 -16.84 -55.23
N ALA D 240 -1.23 -17.02 -55.63
CA ALA D 240 -1.81 -18.32 -56.02
C ALA D 240 -1.10 -18.85 -57.26
N ARG D 241 -1.07 -18.05 -58.33
CA ARG D 241 -0.51 -18.45 -59.65
C ARG D 241 0.97 -18.74 -59.54
N SER D 242 1.70 -18.04 -58.66
CA SER D 242 3.16 -18.23 -58.45
C SER D 242 3.42 -19.62 -57.87
N ARG D 243 2.54 -20.09 -56.98
CA ARG D 243 2.73 -21.38 -56.26
C ARG D 243 2.43 -22.57 -57.18
N LYS D 244 1.74 -22.35 -58.32
CA LYS D 244 1.40 -23.43 -59.29
C LYS D 244 1.96 -23.09 -60.69
N GLY D 245 2.95 -22.20 -60.77
CA GLY D 245 3.74 -21.91 -61.98
C GLY D 245 2.87 -21.52 -63.16
N LYS D 246 2.12 -20.42 -63.06
CA LYS D 246 1.23 -19.93 -64.14
C LYS D 246 1.31 -18.40 -64.26
N LEU D 247 2.48 -17.82 -64.01
CA LEU D 247 2.77 -16.38 -64.27
C LEU D 247 3.32 -16.26 -65.69
N THR D 248 2.95 -15.19 -66.39
CA THR D 248 3.33 -14.92 -67.79
C THR D 248 4.35 -13.78 -67.82
N MET D 249 4.81 -13.41 -69.02
CA MET D 249 5.83 -12.37 -69.22
C MET D 249 5.26 -11.01 -68.83
N ASP D 250 3.96 -10.79 -69.05
CA ASP D 250 3.29 -9.48 -68.80
C ASP D 250 3.21 -9.20 -67.31
N ASP D 251 3.21 -10.24 -66.47
CA ASP D 251 3.12 -10.13 -64.99
C ASP D 251 4.39 -9.48 -64.42
N TYR D 252 5.52 -9.60 -65.10
CA TYR D 252 6.85 -9.12 -64.63
C TYR D 252 7.21 -7.76 -65.24
N GLN D 253 6.35 -7.13 -66.04
CA GLN D 253 6.68 -5.86 -66.74
C GLN D 253 5.80 -4.72 -66.22
N GLY D 254 6.36 -3.53 -66.05
CA GLY D 254 5.63 -2.27 -65.86
C GLY D 254 5.52 -1.80 -64.42
N VAL D 255 6.41 -2.25 -63.52
CA VAL D 255 6.37 -1.89 -62.07
C VAL D 255 6.77 -0.43 -61.91
N THR D 256 6.02 0.33 -61.11
CA THR D 256 6.27 1.77 -60.82
C THR D 256 6.87 1.95 -59.43
N VAL D 257 6.39 1.20 -58.43
CA VAL D 257 6.85 1.28 -57.02
C VAL D 257 6.84 -0.12 -56.42
N SER D 258 7.68 -0.41 -55.42
CA SER D 258 7.94 -1.77 -54.88
C SER D 258 7.84 -1.80 -53.35
N LEU D 259 7.56 -2.98 -52.80
CA LEU D 259 7.42 -3.27 -51.35
C LEU D 259 8.21 -4.54 -51.00
N THR D 260 9.04 -4.50 -49.96
CA THR D 260 9.84 -5.63 -49.44
C THR D 260 9.58 -5.78 -47.94
N ASN D 261 9.74 -7.00 -47.40
CA ASN D 261 9.44 -7.34 -45.99
C ASN D 261 10.59 -8.12 -45.38
N PRO D 262 11.70 -7.44 -44.96
CA PRO D 262 12.71 -8.05 -44.11
C PRO D 262 12.25 -8.49 -42.71
N GLY D 263 11.16 -7.93 -42.20
CA GLY D 263 10.64 -8.18 -40.85
C GLY D 263 10.16 -9.60 -40.64
N GLY D 264 9.82 -10.33 -41.70
CA GLY D 264 9.44 -11.75 -41.67
C GLY D 264 10.40 -12.56 -40.83
N ILE D 265 11.69 -12.50 -41.14
CA ILE D 265 12.77 -13.26 -40.43
C ILE D 265 12.99 -12.64 -39.05
N GLY D 266 12.85 -11.32 -38.90
CA GLY D 266 13.00 -10.60 -37.62
C GLY D 266 14.01 -9.47 -37.66
N THR D 267 14.45 -9.03 -38.84
CA THR D 267 15.35 -7.87 -39.04
C THR D 267 14.61 -6.61 -38.60
N ARG D 268 15.30 -5.65 -37.99
CA ARG D 268 14.66 -4.44 -37.41
C ARG D 268 14.47 -3.39 -38.51
N HIS D 269 15.47 -3.16 -39.35
CA HIS D 269 15.33 -2.40 -40.62
C HIS D 269 16.50 -2.69 -41.56
N SER D 270 16.36 -2.30 -42.82
CA SER D 270 17.35 -2.51 -43.91
C SER D 270 17.53 -1.22 -44.73
N VAL D 271 18.64 -1.14 -45.47
CA VAL D 271 18.92 -0.09 -46.50
C VAL D 271 19.05 -0.82 -47.83
N PRO D 272 17.93 -1.08 -48.55
CA PRO D 272 17.97 -1.85 -49.79
C PRO D 272 18.37 -1.07 -51.04
N ARG D 273 18.65 -1.78 -52.13
CA ARG D 273 19.03 -1.20 -53.45
C ARG D 273 17.79 -0.94 -54.31
N LEU D 274 17.88 0.06 -55.18
CA LEU D 274 16.82 0.53 -56.09
C LEU D 274 17.20 0.14 -57.51
N THR D 275 16.34 -0.63 -58.18
CA THR D 275 16.51 -1.10 -59.57
C THR D 275 16.10 0.01 -60.54
N LYS D 276 16.72 0.05 -61.71
CA LYS D 276 16.51 1.07 -62.76
C LYS D 276 15.08 0.95 -63.29
N GLY D 277 14.42 2.09 -63.50
CA GLY D 277 13.04 2.17 -63.99
C GLY D 277 12.08 2.76 -62.97
N GLN D 278 12.39 2.64 -61.68
CA GLN D 278 11.52 3.06 -60.55
C GLN D 278 12.12 4.26 -59.84
N GLY D 279 11.35 4.87 -58.93
CA GLY D 279 11.72 6.06 -58.16
C GLY D 279 11.88 5.79 -56.68
N THR D 280 11.11 4.87 -56.09
CA THR D 280 11.22 4.51 -54.66
C THR D 280 10.99 3.01 -54.45
N ILE D 281 11.54 2.49 -53.35
CA ILE D 281 11.30 1.14 -52.77
C ILE D 281 11.03 1.32 -51.27
N ILE D 282 9.96 0.71 -50.76
CA ILE D 282 9.53 0.77 -49.32
C ILE D 282 9.82 -0.56 -48.66
N GLY D 283 10.39 -0.54 -47.44
CA GLY D 283 10.74 -1.73 -46.66
C GLY D 283 10.04 -1.74 -45.32
N VAL D 284 9.54 -2.91 -44.88
CA VAL D 284 8.76 -3.12 -43.62
C VAL D 284 9.57 -4.05 -42.71
N GLY D 285 9.93 -3.57 -41.51
CA GLY D 285 10.75 -4.30 -40.52
C GLY D 285 9.90 -5.06 -39.53
N SER D 286 10.49 -5.50 -38.42
CA SER D 286 9.91 -6.45 -37.45
C SER D 286 8.85 -5.75 -36.58
N MET D 287 7.83 -6.50 -36.17
CA MET D 287 6.74 -6.01 -35.29
C MET D 287 6.86 -6.69 -33.92
N ASP D 288 8.03 -6.62 -33.29
CA ASP D 288 8.30 -7.14 -31.94
C ASP D 288 8.43 -5.96 -30.97
N TYR D 289 8.60 -6.27 -29.68
CA TYR D 289 9.02 -5.30 -28.65
C TYR D 289 10.48 -4.98 -28.92
N PRO D 290 10.99 -3.79 -28.53
CA PRO D 290 12.43 -3.55 -28.50
C PRO D 290 13.20 -4.56 -27.64
N ALA D 291 14.50 -4.72 -27.90
CA ALA D 291 15.36 -5.76 -27.28
C ALA D 291 15.53 -5.50 -25.78
N GLU D 292 15.39 -4.26 -25.32
CA GLU D 292 15.51 -3.87 -23.89
C GLU D 292 14.31 -4.33 -23.08
N PHE D 293 13.21 -4.78 -23.69
CA PHE D 293 11.98 -5.24 -23.03
C PHE D 293 11.73 -6.73 -23.25
N GLN D 294 12.62 -7.47 -23.91
CA GLN D 294 12.35 -8.86 -24.36
C GLN D 294 12.50 -9.88 -23.22
N GLY D 295 12.85 -9.45 -22.01
CA GLY D 295 12.96 -10.33 -20.83
C GLY D 295 12.10 -9.86 -19.67
N ALA D 296 11.16 -8.94 -19.90
CA ALA D 296 10.25 -8.38 -18.88
C ALA D 296 8.99 -9.23 -18.79
N SER D 297 8.29 -9.11 -17.67
CA SER D 297 7.00 -9.79 -17.38
C SER D 297 5.89 -9.16 -18.22
N GLU D 298 4.87 -9.94 -18.57
CA GLU D 298 3.66 -9.46 -19.26
C GLU D 298 2.89 -8.52 -18.34
N ASP D 299 2.94 -8.77 -17.03
CA ASP D 299 2.23 -7.99 -15.98
C ASP D 299 2.80 -6.57 -15.91
N ARG D 300 4.12 -6.45 -15.85
CA ARG D 300 4.82 -5.14 -15.68
C ARG D 300 4.67 -4.30 -16.94
N LEU D 301 4.72 -4.92 -18.12
CA LEU D 301 4.57 -4.22 -19.43
C LEU D 301 3.14 -3.69 -19.54
N ALA D 302 2.16 -4.49 -19.13
CA ALA D 302 0.70 -4.15 -19.14
C ALA D 302 0.43 -2.96 -18.22
N GLU D 303 1.09 -2.91 -17.07
CA GLU D 303 0.94 -1.81 -16.07
C GLU D 303 1.37 -0.49 -16.68
N LEU D 304 2.54 -0.46 -17.32
CA LEU D 304 3.19 0.77 -17.83
C LEU D 304 2.46 1.28 -19.06
N GLY D 305 2.09 0.38 -19.99
CA GLY D 305 1.38 0.72 -21.23
C GLY D 305 2.31 0.74 -22.42
N VAL D 306 3.15 -0.28 -22.55
CA VAL D 306 4.21 -0.40 -23.59
C VAL D 306 3.61 -1.16 -24.77
N GLY D 307 3.67 -0.58 -25.95
CA GLY D 307 3.17 -1.19 -27.19
C GLY D 307 4.27 -1.72 -28.07
N LYS D 308 3.89 -2.47 -29.10
CA LYS D 308 4.78 -2.95 -30.17
C LYS D 308 4.84 -1.88 -31.26
N LEU D 309 5.94 -1.83 -32.01
CA LEU D 309 6.20 -0.83 -33.07
C LEU D 309 6.59 -1.53 -34.36
N VAL D 310 6.44 -0.85 -35.48
CA VAL D 310 6.96 -1.27 -36.82
C VAL D 310 7.79 -0.10 -37.39
N THR D 311 8.96 -0.40 -37.95
CA THR D 311 9.87 0.57 -38.60
C THR D 311 9.73 0.44 -40.12
N ILE D 312 9.52 1.56 -40.81
CA ILE D 312 9.32 1.63 -42.29
C ILE D 312 10.39 2.55 -42.88
N THR D 313 10.97 2.14 -44.01
CA THR D 313 12.06 2.84 -44.72
C THR D 313 11.59 3.25 -46.12
N SER D 314 12.19 4.31 -46.66
CA SER D 314 11.99 4.83 -48.04
C SER D 314 13.35 5.10 -48.67
N THR D 315 13.69 4.41 -49.76
CA THR D 315 14.94 4.61 -50.54
C THR D 315 14.55 5.14 -51.92
N TYR D 316 15.03 6.33 -52.30
CA TYR D 316 14.53 7.12 -53.45
C TYR D 316 15.67 7.66 -54.31
N ASP D 317 15.39 7.92 -55.59
CA ASP D 317 16.31 8.56 -56.57
C ASP D 317 16.27 10.07 -56.36
N HIS D 318 17.42 10.66 -56.05
CA HIS D 318 17.54 12.07 -55.58
C HIS D 318 17.53 13.03 -56.76
N ARG D 319 17.68 12.54 -57.99
CA ARG D 319 17.60 13.35 -59.21
C ARG D 319 16.17 13.81 -59.47
N VAL D 320 15.15 13.13 -58.95
CA VAL D 320 13.71 13.42 -59.23
C VAL D 320 12.88 13.57 -57.96
N ILE D 321 13.25 12.97 -56.83
CA ILE D 321 12.49 13.06 -55.55
C ILE D 321 13.40 13.73 -54.52
N GLN D 322 12.90 14.75 -53.83
CA GLN D 322 13.64 15.48 -52.77
C GLN D 322 13.23 14.93 -51.41
N GLY D 323 14.02 15.23 -50.38
CA GLY D 323 13.92 14.61 -49.05
C GLY D 323 12.65 14.97 -48.32
N ALA D 324 12.20 16.22 -48.46
CA ALA D 324 10.95 16.74 -47.85
C ALA D 324 9.73 15.95 -48.31
N VAL D 325 9.71 15.53 -49.56
CA VAL D 325 8.59 14.73 -50.14
C VAL D 325 8.59 13.35 -49.49
N SER D 326 9.77 12.73 -49.34
CA SER D 326 9.95 11.36 -48.77
C SER D 326 9.51 11.33 -47.31
N GLY D 327 9.79 12.40 -46.56
CA GLY D 327 9.39 12.54 -45.15
C GLY D 327 7.90 12.70 -45.00
N GLU D 328 7.28 13.52 -45.86
CA GLU D 328 5.82 13.75 -45.89
C GLU D 328 5.09 12.45 -46.22
N PHE D 329 5.66 11.63 -47.09
CA PHE D 329 5.08 10.33 -47.49
C PHE D 329 5.01 9.40 -46.29
N LEU D 330 6.08 9.31 -45.48
CA LEU D 330 6.13 8.41 -44.30
C LEU D 330 5.23 8.94 -43.19
N ARG D 331 5.03 10.26 -43.10
CA ARG D 331 4.14 10.88 -42.09
C ARG D 331 2.68 10.52 -42.39
N THR D 332 2.29 10.50 -43.67
CA THR D 332 0.92 10.14 -44.11
C THR D 332 0.64 8.67 -43.81
N MET D 333 1.61 7.78 -43.99
CA MET D 333 1.44 6.33 -43.70
C MET D 333 1.21 6.12 -42.21
N SER D 334 1.96 6.84 -41.36
CA SER D 334 1.84 6.81 -39.89
C SER D 334 0.43 7.20 -39.48
N ARG D 335 -0.09 8.32 -40.00
CA ARG D 335 -1.43 8.88 -39.68
C ARG D 335 -2.52 7.89 -40.08
N LEU D 336 -2.42 7.30 -41.27
CA LEU D 336 -3.46 6.40 -41.83
C LEU D 336 -3.65 5.17 -40.93
N LEU D 337 -2.57 4.62 -40.37
CA LEU D 337 -2.63 3.35 -39.60
C LEU D 337 -3.20 3.58 -38.20
N THR D 338 -3.54 4.82 -37.85
CA THR D 338 -4.14 5.21 -36.55
C THR D 338 -5.45 5.98 -36.78
N ASP D 339 -5.90 6.13 -38.02
CA ASP D 339 -7.00 7.05 -38.43
C ASP D 339 -8.34 6.31 -38.41
N ASP D 340 -9.39 7.00 -37.96
CA ASP D 340 -10.78 6.47 -37.84
C ASP D 340 -11.33 6.15 -39.23
N SER D 341 -11.20 7.08 -40.18
CA SER D 341 -11.76 6.96 -41.55
C SER D 341 -11.16 5.78 -42.29
N PHE D 342 -9.88 5.49 -42.09
CA PHE D 342 -9.13 4.40 -42.76
C PHE D 342 -9.74 3.06 -42.36
N TRP D 343 -9.91 2.84 -41.06
CA TRP D 343 -10.41 1.55 -40.52
C TRP D 343 -11.91 1.38 -40.75
N ASP D 344 -12.65 2.48 -40.88
CA ASP D 344 -14.08 2.48 -41.26
C ASP D 344 -14.23 1.91 -42.67
N GLU D 345 -13.36 2.32 -43.59
CA GLU D 345 -13.40 1.91 -45.02
C GLU D 345 -13.11 0.42 -45.16
N ILE D 346 -12.20 -0.13 -44.36
CA ILE D 346 -11.79 -1.57 -44.46
C ILE D 346 -12.92 -2.44 -43.92
N PHE D 347 -13.48 -2.07 -42.76
CA PHE D 347 -14.58 -2.80 -42.08
C PHE D 347 -15.81 -2.83 -42.98
N ASP D 348 -16.13 -1.71 -43.64
CA ASP D 348 -17.26 -1.59 -44.59
C ASP D 348 -17.12 -2.62 -45.71
N ALA D 349 -15.93 -2.77 -46.26
CA ALA D 349 -15.64 -3.64 -47.41
C ALA D 349 -15.75 -5.11 -47.03
N MET D 350 -15.34 -5.48 -45.83
CA MET D 350 -15.25 -6.90 -45.39
C MET D 350 -16.52 -7.31 -44.64
N ASN D 351 -17.46 -6.37 -44.40
CA ASN D 351 -18.79 -6.63 -43.80
C ASN D 351 -18.62 -7.05 -42.35
N VAL D 352 -17.96 -6.21 -41.55
CA VAL D 352 -17.78 -6.40 -40.09
C VAL D 352 -18.82 -5.53 -39.41
N PRO D 353 -19.74 -6.11 -38.59
CA PRO D 353 -20.87 -5.37 -38.04
C PRO D 353 -20.57 -4.38 -36.91
N TYR D 354 -19.44 -4.52 -36.24
CA TYR D 354 -19.04 -3.72 -35.06
C TYR D 354 -18.31 -2.46 -35.50
N THR D 355 -18.20 -1.49 -34.60
CA THR D 355 -17.39 -0.26 -34.76
C THR D 355 -15.94 -0.62 -34.50
N PRO D 356 -14.94 -0.08 -35.23
CA PRO D 356 -13.55 -0.39 -34.96
C PRO D 356 -13.04 0.18 -33.64
N MET D 357 -12.02 -0.44 -33.08
CA MET D 357 -11.29 0.09 -31.90
C MET D 357 -10.60 1.38 -32.32
N ARG D 358 -10.61 2.40 -31.48
CA ARG D 358 -10.07 3.74 -31.77
C ARG D 358 -8.76 3.92 -31.02
N TRP D 359 -7.95 4.88 -31.46
CA TRP D 359 -6.63 5.24 -30.89
C TRP D 359 -6.84 6.28 -29.80
N ALA D 360 -6.24 6.06 -28.64
CA ALA D 360 -6.33 6.94 -27.46
C ALA D 360 -5.14 6.70 -26.57
N GLN D 361 -4.85 7.63 -25.66
CA GLN D 361 -3.84 7.48 -24.60
C GLN D 361 -4.45 6.73 -23.42
N ASP D 362 -3.63 5.96 -22.72
CA ASP D 362 -4.00 5.29 -21.46
C ASP D 362 -4.38 6.36 -20.44
N VAL D 363 -5.47 6.14 -19.71
CA VAL D 363 -6.03 7.06 -18.68
C VAL D 363 -5.69 6.50 -17.31
N PRO D 364 -5.47 7.36 -16.27
CA PRO D 364 -5.18 6.88 -14.92
C PRO D 364 -6.39 6.35 -14.14
N ASN D 365 -6.16 5.41 -13.21
CA ASN D 365 -7.21 4.74 -12.40
C ASN D 365 -7.53 5.63 -11.19
N THR D 366 -8.18 6.76 -11.44
CA THR D 366 -8.58 7.81 -10.46
C THR D 366 -10.07 8.09 -10.62
N GLY D 367 -10.68 8.69 -9.60
CA GLY D 367 -12.12 8.99 -9.58
C GLY D 367 -12.91 7.71 -9.44
N VAL D 368 -13.81 7.44 -10.37
CA VAL D 368 -14.57 6.16 -10.46
C VAL D 368 -13.58 5.08 -10.87
N ASP D 369 -13.43 4.06 -10.04
CA ASP D 369 -12.50 2.93 -10.24
C ASP D 369 -12.84 2.22 -11.55
N LYS D 370 -11.87 1.57 -12.15
CA LYS D 370 -12.03 0.89 -13.45
C LYS D 370 -12.90 -0.35 -13.28
N ASN D 371 -12.93 -0.99 -12.13
CA ASN D 371 -13.81 -2.15 -11.88
C ASN D 371 -15.27 -1.72 -11.98
N THR D 372 -15.63 -0.57 -11.44
CA THR D 372 -16.99 -0.01 -11.52
C THR D 372 -17.35 0.20 -12.98
N ARG D 373 -16.41 0.65 -13.80
CA ARG D 373 -16.64 0.97 -15.22
C ARG D 373 -16.90 -0.32 -16.00
N VAL D 374 -16.26 -1.43 -15.66
CA VAL D 374 -16.44 -2.73 -16.36
C VAL D 374 -17.80 -3.31 -16.00
N MET D 375 -18.32 -3.02 -14.81
CA MET D 375 -19.64 -3.53 -14.38
C MET D 375 -20.73 -2.76 -15.06
N GLN D 376 -20.52 -1.48 -15.34
CA GLN D 376 -21.48 -0.63 -16.07
C GLN D 376 -21.55 -1.03 -17.54
N LEU D 377 -20.48 -1.57 -18.11
CA LEU D 377 -20.45 -2.08 -19.50
C LEU D 377 -21.26 -3.36 -19.60
N ILE D 378 -21.22 -4.22 -18.59
CA ILE D 378 -21.99 -5.50 -18.58
C ILE D 378 -23.48 -5.18 -18.52
N GLU D 379 -23.88 -4.15 -17.78
CA GLU D 379 -25.30 -3.74 -17.65
C GLU D 379 -25.79 -3.17 -18.97
N ALA D 380 -24.97 -2.40 -19.67
CA ALA D 380 -25.31 -1.75 -20.93
C ALA D 380 -25.66 -2.78 -22.00
N TYR D 381 -24.88 -3.86 -22.10
CA TYR D 381 -25.07 -4.91 -23.14
C TYR D 381 -26.31 -5.74 -22.82
N ARG D 382 -26.55 -6.02 -21.55
CA ARG D 382 -27.72 -6.78 -21.08
C ARG D 382 -29.00 -6.00 -21.28
N SER D 383 -28.95 -4.68 -21.39
CA SER D 383 -30.14 -3.79 -21.51
C SER D 383 -30.37 -3.35 -22.94
N ARG D 384 -29.31 -2.93 -23.65
CA ARG D 384 -29.41 -2.18 -24.91
C ARG D 384 -28.67 -2.88 -26.05
N GLY D 385 -28.16 -4.08 -25.86
CA GLY D 385 -27.32 -4.77 -26.85
C GLY D 385 -28.09 -5.24 -28.06
N HIS D 386 -29.39 -5.39 -27.95
CA HIS D 386 -30.31 -5.79 -29.04
C HIS D 386 -30.35 -4.75 -30.14
N LEU D 387 -29.91 -3.53 -29.88
CA LEU D 387 -29.97 -2.43 -30.86
C LEU D 387 -28.90 -2.59 -31.93
N ILE D 388 -27.89 -3.45 -31.76
CA ILE D 388 -26.82 -3.67 -32.76
C ILE D 388 -26.69 -5.14 -33.12
N ALA D 389 -27.75 -5.93 -33.10
CA ALA D 389 -27.69 -7.39 -33.29
C ALA D 389 -28.04 -7.76 -34.73
N ASP D 390 -27.50 -8.88 -35.20
CA ASP D 390 -27.57 -9.33 -36.61
C ASP D 390 -28.90 -10.03 -36.82
N THR D 391 -29.96 -9.24 -36.88
CA THR D 391 -31.36 -9.72 -36.84
C THR D 391 -32.01 -9.55 -38.21
N ASN D 392 -31.52 -8.63 -39.05
CA ASN D 392 -32.13 -8.32 -40.37
C ASN D 392 -31.41 -9.10 -41.45
N PRO D 393 -32.08 -10.01 -42.19
CA PRO D 393 -31.44 -10.72 -43.28
C PRO D 393 -31.11 -9.89 -44.52
N LEU D 394 -31.68 -8.69 -44.64
CA LEU D 394 -31.30 -7.67 -45.65
C LEU D 394 -30.37 -6.66 -44.98
N SER D 395 -29.51 -6.01 -45.78
CA SER D 395 -28.70 -4.83 -45.37
C SER D 395 -29.54 -3.56 -45.61
N TRP D 396 -30.64 -3.43 -44.85
CA TRP D 396 -31.71 -2.41 -45.05
C TRP D 396 -31.92 -1.61 -43.77
N VAL D 397 -31.94 -0.28 -43.90
CA VAL D 397 -32.41 0.66 -42.85
C VAL D 397 -33.48 1.56 -43.49
N GLN D 398 -34.70 1.55 -42.95
CA GLN D 398 -35.85 2.38 -43.40
C GLN D 398 -35.47 3.85 -43.23
N PRO D 399 -35.35 4.65 -44.32
CA PRO D 399 -34.91 6.04 -44.22
C PRO D 399 -35.85 6.99 -43.46
N GLY D 400 -37.16 6.70 -43.40
CA GLY D 400 -38.16 7.53 -42.72
C GLY D 400 -37.98 7.53 -41.21
N MET D 401 -37.76 6.36 -40.61
CA MET D 401 -37.74 6.14 -39.13
C MET D 401 -36.48 6.76 -38.52
N PRO D 402 -36.55 7.29 -37.28
CA PRO D 402 -35.37 7.79 -36.56
C PRO D 402 -34.52 6.67 -35.94
N VAL D 403 -33.19 6.81 -36.00
CA VAL D 403 -32.19 5.82 -35.50
C VAL D 403 -31.96 6.09 -34.02
N PRO D 404 -32.16 5.11 -33.10
CA PRO D 404 -31.82 5.29 -31.70
C PRO D 404 -30.31 5.46 -31.46
N ASP D 405 -29.97 6.21 -30.40
CA ASP D 405 -28.58 6.38 -29.90
C ASP D 405 -28.11 5.04 -29.32
N HIS D 406 -26.92 4.57 -29.72
CA HIS D 406 -26.26 3.37 -29.15
C HIS D 406 -24.77 3.62 -28.96
N ARG D 407 -24.43 4.77 -28.35
CA ARG D 407 -23.05 5.12 -27.93
C ARG D 407 -22.72 4.37 -26.64
N ASP D 408 -23.73 3.91 -25.89
CA ASP D 408 -23.57 3.22 -24.58
C ASP D 408 -22.84 1.90 -24.73
N LEU D 409 -22.68 1.37 -25.95
CA LEU D 409 -22.06 0.06 -26.21
C LEU D 409 -20.62 0.20 -26.68
N ASP D 410 -20.06 1.42 -26.74
CA ASP D 410 -18.64 1.67 -27.10
C ASP D 410 -17.83 1.82 -25.82
N ILE D 411 -16.62 1.29 -25.78
CA ILE D 411 -15.80 1.28 -24.53
C ILE D 411 -15.31 2.69 -24.20
N GLU D 412 -15.32 3.61 -25.16
CA GLU D 412 -14.90 5.02 -24.98
C GLU D 412 -15.89 5.74 -24.08
N THR D 413 -17.17 5.39 -24.15
CA THR D 413 -18.26 6.02 -23.37
C THR D 413 -18.10 5.71 -21.88
N HIS D 414 -17.40 4.64 -21.52
CA HIS D 414 -17.20 4.19 -20.13
C HIS D 414 -15.76 4.41 -19.68
N ASN D 415 -15.02 5.31 -20.34
CA ASN D 415 -13.63 5.68 -19.98
C ASN D 415 -12.75 4.45 -19.88
N LEU D 416 -12.72 3.65 -20.94
CA LEU D 416 -11.83 2.47 -21.08
C LEU D 416 -11.22 2.54 -22.47
N THR D 417 -10.00 2.07 -22.64
CA THR D 417 -9.18 2.17 -23.87
C THR D 417 -8.63 0.80 -24.22
N ILE D 418 -8.01 0.71 -25.40
CA ILE D 418 -7.33 -0.50 -25.91
C ILE D 418 -6.28 -0.98 -24.92
N TRP D 419 -5.76 -0.10 -24.07
CA TRP D 419 -4.67 -0.42 -23.12
C TRP D 419 -5.19 -1.21 -21.93
N ASP D 420 -6.49 -1.45 -21.83
CA ASP D 420 -7.15 -2.16 -20.71
C ASP D 420 -7.55 -3.57 -21.10
N LEU D 421 -7.33 -3.99 -22.35
CA LEU D 421 -7.92 -5.23 -22.89
C LEU D 421 -7.30 -6.45 -22.23
N ASP D 422 -6.03 -6.42 -21.85
CA ASP D 422 -5.33 -7.60 -21.27
C ASP D 422 -5.09 -7.43 -19.78
N ARG D 423 -5.71 -6.45 -19.13
CA ARG D 423 -5.72 -6.28 -17.65
C ARG D 423 -6.90 -7.04 -17.07
N THR D 424 -6.79 -7.52 -15.83
CA THR D 424 -7.77 -8.40 -15.15
C THR D 424 -8.60 -7.58 -14.16
N PHE D 425 -9.89 -7.90 -14.01
CA PHE D 425 -10.90 -7.14 -13.25
C PHE D 425 -11.81 -8.08 -12.49
N ASN D 426 -12.42 -7.61 -11.41
CA ASN D 426 -13.43 -8.35 -10.60
C ASN D 426 -14.79 -8.17 -11.25
N VAL D 427 -15.50 -9.25 -11.53
CA VAL D 427 -16.73 -9.25 -12.37
C VAL D 427 -17.93 -9.82 -11.62
N GLY D 428 -17.76 -10.39 -10.44
CA GLY D 428 -18.86 -10.75 -9.54
C GLY D 428 -19.73 -11.84 -10.11
N GLY D 429 -19.11 -12.95 -10.50
CA GLY D 429 -19.82 -14.19 -10.87
C GLY D 429 -20.34 -14.17 -12.29
N PHE D 430 -19.92 -13.23 -13.12
CA PHE D 430 -20.25 -13.20 -14.56
C PHE D 430 -19.51 -14.36 -15.23
N GLY D 431 -20.22 -15.18 -16.00
CA GLY D 431 -19.68 -16.38 -16.66
C GLY D 431 -19.17 -17.40 -15.67
N GLY D 432 -19.74 -17.43 -14.47
CA GLY D 432 -19.32 -18.28 -13.36
C GLY D 432 -17.85 -18.10 -13.04
N LYS D 433 -17.38 -16.86 -12.93
CA LYS D 433 -15.99 -16.54 -12.55
C LYS D 433 -15.96 -15.28 -11.69
N GLU D 434 -14.94 -15.15 -10.85
CA GLU D 434 -14.73 -14.01 -9.94
C GLU D 434 -13.88 -12.95 -10.63
N THR D 435 -12.88 -13.35 -11.40
CA THR D 435 -11.98 -12.46 -12.17
C THR D 435 -11.97 -12.86 -13.64
N MET D 436 -11.59 -11.94 -14.52
CA MET D 436 -11.66 -12.07 -15.99
C MET D 436 -10.94 -10.88 -16.61
N THR D 437 -10.47 -10.99 -17.84
CA THR D 437 -9.88 -9.87 -18.62
C THR D 437 -10.96 -9.19 -19.43
N LEU D 438 -10.76 -7.93 -19.83
CA LEU D 438 -11.74 -7.14 -20.59
C LEU D 438 -11.95 -7.77 -21.94
N ARG D 439 -10.92 -8.39 -22.53
CA ARG D 439 -11.02 -9.06 -23.82
C ARG D 439 -12.02 -10.20 -23.70
N GLU D 440 -11.92 -11.02 -22.65
CA GLU D 440 -12.83 -12.16 -22.45
C GLU D 440 -14.24 -11.66 -22.17
N VAL D 441 -14.40 -10.58 -21.42
CA VAL D 441 -15.73 -10.02 -21.04
C VAL D 441 -16.45 -9.59 -22.30
N LEU D 442 -15.75 -8.94 -23.22
CA LEU D 442 -16.35 -8.39 -24.46
C LEU D 442 -16.76 -9.53 -25.36
N SER D 443 -15.95 -10.57 -25.46
CA SER D 443 -16.23 -11.76 -26.29
C SER D 443 -17.56 -12.36 -25.87
N ARG D 444 -17.72 -12.64 -24.59
CA ARG D 444 -18.91 -13.30 -24.04
C ARG D 444 -20.14 -12.44 -24.24
N LEU D 445 -20.06 -11.14 -24.00
CA LEU D 445 -21.22 -10.23 -24.13
C LEU D 445 -21.68 -10.19 -25.58
N ARG D 446 -20.77 -10.29 -26.53
CA ARG D 446 -21.08 -10.18 -27.97
C ARG D 446 -21.68 -11.48 -28.47
N ALA D 447 -21.24 -12.61 -27.94
CA ALA D 447 -21.75 -13.95 -28.30
C ALA D 447 -23.16 -14.13 -27.80
N ALA D 448 -23.54 -13.50 -26.69
CA ALA D 448 -24.82 -13.69 -26.00
C ALA D 448 -25.88 -12.74 -26.49
N TYR D 449 -25.54 -11.51 -26.88
CA TYR D 449 -26.52 -10.44 -27.04
C TYR D 449 -26.42 -9.75 -28.40
N THR D 450 -25.57 -10.16 -29.34
CA THR D 450 -25.32 -9.39 -30.59
C THR D 450 -25.26 -10.23 -31.86
N LEU D 451 -25.54 -11.54 -31.83
CA LEU D 451 -25.54 -12.42 -33.02
C LEU D 451 -26.95 -12.53 -33.56
N LYS D 452 -27.54 -13.71 -33.69
CA LYS D 452 -28.80 -13.93 -34.45
C LYS D 452 -30.03 -13.87 -33.57
N VAL D 453 -29.89 -13.66 -32.26
CA VAL D 453 -31.02 -13.55 -31.30
C VAL D 453 -30.80 -12.31 -30.44
N GLY D 454 -31.74 -11.36 -30.48
CA GLY D 454 -31.76 -10.15 -29.63
C GLY D 454 -32.86 -10.22 -28.61
N SER D 455 -32.53 -9.99 -27.33
CA SER D 455 -33.41 -10.21 -26.16
C SER D 455 -33.69 -8.90 -25.44
N GLU D 456 -34.93 -8.70 -24.99
CA GLU D 456 -35.36 -7.62 -24.08
C GLU D 456 -35.99 -8.26 -22.86
N TYR D 457 -35.34 -8.20 -21.69
CA TYR D 457 -35.79 -8.85 -20.44
C TYR D 457 -35.53 -8.04 -19.17
N THR D 458 -34.79 -6.94 -19.18
CA THR D 458 -34.29 -6.29 -17.94
C THR D 458 -35.35 -5.38 -17.33
N HIS D 459 -36.43 -5.11 -18.04
CA HIS D 459 -37.59 -4.33 -17.55
C HIS D 459 -38.48 -5.15 -16.61
N ILE D 460 -38.34 -6.47 -16.59
CA ILE D 460 -39.13 -7.37 -15.70
C ILE D 460 -38.75 -7.04 -14.25
N LEU D 461 -39.74 -7.06 -13.35
CA LEU D 461 -39.62 -6.58 -11.96
C LEU D 461 -39.23 -7.70 -11.00
N ASP D 462 -39.69 -8.93 -11.22
CA ASP D 462 -39.37 -10.10 -10.35
C ASP D 462 -37.93 -10.51 -10.60
N ARG D 463 -37.17 -10.74 -9.53
CA ARG D 463 -35.72 -11.03 -9.59
C ARG D 463 -35.51 -12.47 -10.03
N ASP D 464 -36.36 -13.40 -9.61
CA ASP D 464 -36.23 -14.84 -9.90
C ASP D 464 -36.46 -15.10 -11.38
N GLU D 465 -37.42 -14.42 -12.01
CA GLU D 465 -37.75 -14.67 -13.43
C GLU D 465 -36.78 -13.91 -14.35
N ARG D 466 -36.12 -12.87 -13.86
CA ARG D 466 -35.07 -12.14 -14.59
C ARG D 466 -33.80 -12.97 -14.62
N THR D 467 -33.50 -13.70 -13.55
CA THR D 467 -32.29 -14.53 -13.39
C THR D 467 -32.40 -15.79 -14.23
N TRP D 468 -33.59 -16.36 -14.36
CA TRP D 468 -33.85 -17.58 -15.15
C TRP D 468 -33.53 -17.33 -16.62
N LEU D 469 -33.95 -16.20 -17.16
CA LEU D 469 -33.74 -15.81 -18.57
C LEU D 469 -32.27 -15.49 -18.79
N GLN D 470 -31.64 -14.80 -17.86
CA GLN D 470 -30.24 -14.36 -17.93
C GLN D 470 -29.32 -15.56 -18.04
N ASP D 471 -29.58 -16.60 -17.25
CA ASP D 471 -28.72 -17.80 -17.17
C ASP D 471 -28.82 -18.58 -18.46
N ARG D 472 -30.00 -18.66 -19.06
CA ARG D 472 -30.24 -19.46 -20.29
C ARG D 472 -29.65 -18.74 -21.49
N LEU D 473 -29.79 -17.43 -21.58
CA LEU D 473 -29.28 -16.63 -22.72
C LEU D 473 -27.75 -16.59 -22.71
N GLU D 474 -27.12 -16.60 -21.55
CA GLU D 474 -25.64 -16.47 -21.45
C GLU D 474 -24.96 -17.83 -21.50
N ALA D 475 -25.70 -18.92 -21.39
CA ALA D 475 -25.19 -20.29 -21.61
C ALA D 475 -25.13 -20.59 -23.10
N GLY D 476 -26.06 -20.03 -23.87
CA GLY D 476 -26.06 -20.10 -25.33
C GLY D 476 -26.92 -21.21 -25.86
N MET D 477 -27.17 -21.22 -27.16
CA MET D 477 -27.90 -22.27 -27.90
C MET D 477 -27.10 -23.55 -27.84
N PRO D 478 -27.66 -24.69 -27.39
CA PRO D 478 -26.96 -25.97 -27.43
C PRO D 478 -26.65 -26.43 -28.85
N LYS D 479 -25.53 -27.12 -29.06
CA LYS D 479 -25.11 -27.61 -30.39
C LYS D 479 -26.03 -28.76 -30.76
N PRO D 480 -26.84 -28.66 -31.84
CA PRO D 480 -27.75 -29.73 -32.20
C PRO D 480 -27.04 -30.92 -32.85
N THR D 481 -27.62 -32.12 -32.68
CA THR D 481 -27.12 -33.40 -33.22
C THR D 481 -27.34 -33.44 -34.71
N GLN D 482 -26.76 -34.42 -35.39
CA GLN D 482 -26.92 -34.58 -36.85
C GLN D 482 -28.35 -34.96 -37.18
N ALA D 483 -28.96 -35.86 -36.43
CA ALA D 483 -30.35 -36.28 -36.62
C ALA D 483 -31.27 -35.08 -36.54
N GLU D 484 -31.09 -34.24 -35.52
CA GLU D 484 -31.89 -33.01 -35.32
C GLU D 484 -31.75 -32.12 -36.54
N GLN D 485 -30.52 -31.93 -37.02
CA GLN D 485 -30.20 -31.05 -38.17
C GLN D 485 -30.92 -31.52 -39.41
N LYS D 486 -30.97 -32.82 -39.66
CA LYS D 486 -31.61 -33.35 -40.88
C LYS D 486 -33.12 -33.23 -40.80
N TYR D 487 -33.70 -33.26 -39.61
CA TYR D 487 -35.16 -33.09 -39.41
C TYR D 487 -35.56 -31.65 -39.72
N ILE D 488 -34.72 -30.66 -39.42
CA ILE D 488 -34.98 -29.22 -39.75
C ILE D 488 -34.93 -29.03 -41.26
N LEU D 489 -34.05 -29.75 -41.96
CA LEU D 489 -33.89 -29.63 -43.43
C LEU D 489 -35.08 -30.25 -44.13
N GLN D 490 -35.65 -31.30 -43.58
CA GLN D 490 -36.81 -31.99 -44.19
C GLN D 490 -38.05 -31.11 -44.09
N LYS D 491 -38.22 -30.32 -43.03
CA LYS D 491 -39.39 -29.42 -42.88
C LYS D 491 -39.27 -28.26 -43.85
N LEU D 492 -38.08 -27.70 -44.05
CA LEU D 492 -37.86 -26.61 -45.03
C LEU D 492 -38.11 -27.13 -46.44
N ASN D 493 -37.74 -28.37 -46.74
CA ASN D 493 -37.95 -28.96 -48.08
C ASN D 493 -39.45 -29.05 -48.36
N ALA D 494 -40.24 -29.47 -47.38
CA ALA D 494 -41.70 -29.65 -47.51
C ALA D 494 -42.37 -28.31 -47.72
N ALA D 495 -42.02 -27.32 -46.92
CA ALA D 495 -42.53 -25.94 -47.02
C ALA D 495 -42.35 -25.40 -48.42
N GLU D 496 -41.14 -25.50 -48.99
CA GLU D 496 -40.81 -24.92 -50.31
C GLU D 496 -41.47 -25.75 -51.42
N ALA D 497 -41.62 -27.04 -51.25
CA ALA D 497 -42.25 -27.93 -52.24
C ALA D 497 -43.70 -27.56 -52.43
N PHE D 498 -44.40 -27.20 -51.35
CA PHE D 498 -45.84 -26.90 -51.35
C PHE D 498 -46.07 -25.54 -51.98
N GLU D 499 -45.19 -24.56 -51.71
CA GLU D 499 -45.27 -23.22 -52.32
C GLU D 499 -45.20 -23.35 -53.83
N ASN D 500 -44.33 -24.21 -54.35
CA ASN D 500 -44.14 -24.42 -55.80
C ASN D 500 -45.38 -25.04 -56.42
N PHE D 501 -46.04 -25.97 -55.74
CA PHE D 501 -47.25 -26.66 -56.24
C PHE D 501 -48.39 -25.65 -56.37
N LEU D 502 -48.51 -24.76 -55.41
CA LEU D 502 -49.62 -23.79 -55.31
C LEU D 502 -49.48 -22.78 -56.45
N GLN D 503 -48.27 -22.26 -56.67
CA GLN D 503 -47.98 -21.21 -57.68
C GLN D 503 -48.14 -21.76 -59.08
N THR D 504 -47.95 -23.06 -59.32
CA THR D 504 -47.93 -23.64 -60.68
C THR D 504 -49.29 -24.23 -61.05
N LYS D 505 -49.97 -24.89 -60.13
CA LYS D 505 -51.18 -25.69 -60.43
C LYS D 505 -52.45 -24.85 -60.26
N TYR D 506 -52.35 -23.68 -59.62
CA TYR D 506 -53.51 -22.79 -59.33
C TYR D 506 -53.08 -21.32 -59.48
N VAL D 507 -54.08 -20.44 -59.64
CA VAL D 507 -53.89 -19.01 -60.05
C VAL D 507 -54.52 -18.10 -58.98
N GLY D 508 -53.98 -16.89 -58.83
CA GLY D 508 -54.43 -15.89 -57.85
C GLY D 508 -54.09 -16.32 -56.42
N GLN D 509 -52.92 -16.93 -56.23
CA GLN D 509 -52.42 -17.42 -54.92
C GLN D 509 -51.17 -16.63 -54.50
N LYS D 510 -50.76 -15.61 -55.27
CA LYS D 510 -49.54 -14.80 -55.03
C LYS D 510 -49.74 -13.95 -53.76
N ARG D 511 -50.97 -13.50 -53.52
CA ARG D 511 -51.39 -12.75 -52.32
C ARG D 511 -51.08 -13.55 -51.04
N PHE D 512 -51.26 -14.86 -51.09
CA PHE D 512 -51.27 -15.77 -49.92
C PHE D 512 -49.92 -16.49 -49.75
N SER D 513 -48.87 -16.05 -50.44
CA SER D 513 -47.56 -16.74 -50.48
C SER D 513 -46.79 -16.51 -49.19
N LEU D 514 -45.98 -17.48 -48.81
CA LEU D 514 -45.15 -17.52 -47.59
C LEU D 514 -43.68 -17.36 -47.98
N GLU D 515 -43.41 -17.11 -49.26
CA GLU D 515 -42.04 -17.02 -49.80
C GLU D 515 -41.37 -15.81 -49.16
N GLY D 516 -40.27 -16.04 -48.47
CA GLY D 516 -39.55 -15.04 -47.67
C GLY D 516 -39.59 -15.38 -46.20
N ALA D 517 -40.59 -16.16 -45.78
CA ALA D 517 -40.91 -16.45 -44.37
C ALA D 517 -41.19 -17.94 -44.19
N GLU D 518 -40.32 -18.80 -44.73
CA GLU D 518 -40.51 -20.26 -44.71
C GLU D 518 -40.06 -20.84 -43.38
N ALA D 519 -39.34 -20.08 -42.56
CA ALA D 519 -38.86 -20.51 -41.24
C ALA D 519 -40.00 -20.55 -40.22
N LEU D 520 -41.14 -19.96 -40.53
CA LEU D 520 -42.37 -20.05 -39.71
C LEU D 520 -42.72 -21.50 -39.47
N ILE D 521 -42.54 -22.38 -40.44
CA ILE D 521 -43.00 -23.79 -40.36
C ILE D 521 -42.16 -24.53 -39.34
N PRO D 522 -40.82 -24.54 -39.38
CA PRO D 522 -40.06 -25.09 -38.29
C PRO D 522 -40.16 -24.40 -36.91
N LEU D 523 -40.62 -23.15 -36.78
CA LEU D 523 -40.79 -22.47 -35.48
C LEU D 523 -42.04 -23.00 -34.79
N MET D 524 -43.14 -23.05 -35.52
CA MET D 524 -44.43 -23.56 -35.01
C MET D 524 -44.30 -25.02 -34.63
N ASP D 525 -43.53 -25.80 -35.36
CA ASP D 525 -43.32 -27.24 -35.10
C ASP D 525 -42.54 -27.42 -33.79
N SER D 526 -41.58 -26.55 -33.52
CA SER D 526 -40.71 -26.60 -32.32
C SER D 526 -41.56 -26.42 -31.08
N ALA D 527 -42.44 -25.44 -31.09
CA ALA D 527 -43.32 -25.05 -29.97
C ALA D 527 -44.32 -26.16 -29.67
N ILE D 528 -44.97 -26.72 -30.70
CA ILE D 528 -46.00 -27.78 -30.55
C ILE D 528 -45.33 -29.03 -30.01
N ASP D 529 -44.10 -29.32 -30.41
CA ASP D 529 -43.37 -30.53 -29.98
C ASP D 529 -42.96 -30.39 -28.51
N THR D 530 -42.53 -29.20 -28.10
CA THR D 530 -42.13 -28.89 -26.70
C THR D 530 -43.34 -29.04 -25.78
N ALA D 531 -44.53 -28.65 -26.24
CA ALA D 531 -45.79 -28.74 -25.48
C ALA D 531 -46.19 -30.19 -25.28
N ALA D 532 -45.96 -31.04 -26.27
CA ALA D 532 -46.26 -32.48 -26.21
C ALA D 532 -45.36 -33.18 -25.19
N GLY D 533 -44.14 -32.71 -25.02
CA GLY D 533 -43.20 -33.28 -24.05
C GLY D 533 -43.51 -32.86 -22.65
N GLN D 534 -44.16 -31.72 -22.48
CA GLN D 534 -44.60 -31.20 -21.16
C GLN D 534 -45.82 -31.98 -20.67
N GLY D 535 -46.56 -32.61 -21.56
CA GLY D 535 -47.67 -33.51 -21.20
C GLY D 535 -49.03 -32.85 -21.34
N LEU D 536 -49.16 -31.80 -22.17
CA LEU D 536 -50.37 -30.97 -22.27
C LEU D 536 -51.33 -31.57 -23.29
N ASP D 537 -52.54 -31.05 -23.41
CA ASP D 537 -53.71 -31.72 -24.03
C ASP D 537 -53.99 -31.20 -25.46
N GLU D 538 -53.93 -29.91 -25.71
CA GLU D 538 -54.29 -29.32 -27.03
C GLU D 538 -53.53 -28.02 -27.29
N VAL D 539 -53.35 -27.65 -28.55
CA VAL D 539 -52.86 -26.33 -29.02
C VAL D 539 -53.90 -25.74 -29.97
N VAL D 540 -54.40 -24.53 -29.69
CA VAL D 540 -55.39 -23.78 -30.52
C VAL D 540 -54.65 -22.66 -31.24
N ILE D 541 -54.76 -22.58 -32.56
CA ILE D 541 -54.05 -21.61 -33.45
C ILE D 541 -55.07 -20.62 -34.00
N GLY D 542 -54.73 -19.34 -33.98
CA GLY D 542 -55.43 -18.27 -34.71
C GLY D 542 -54.46 -17.46 -35.54
N MET D 543 -54.81 -17.12 -36.78
CA MET D 543 -53.89 -16.49 -37.73
C MET D 543 -54.62 -15.84 -38.89
N PRO D 544 -53.99 -14.91 -39.64
CA PRO D 544 -54.50 -14.45 -40.93
C PRO D 544 -54.17 -15.28 -42.17
N HIS D 545 -54.54 -14.78 -43.35
CA HIS D 545 -54.45 -15.44 -44.68
C HIS D 545 -53.05 -15.96 -45.00
N ARG D 546 -52.01 -15.18 -44.80
CA ARG D 546 -50.65 -15.46 -45.32
C ARG D 546 -50.13 -16.75 -44.72
N GLY D 547 -49.99 -17.79 -45.53
CA GLY D 547 -49.37 -19.06 -45.16
C GLY D 547 -50.36 -20.06 -44.64
N ARG D 548 -51.65 -19.85 -44.82
CA ARG D 548 -52.67 -20.63 -44.11
C ARG D 548 -52.71 -22.04 -44.65
N LEU D 549 -52.71 -22.23 -45.98
CA LEU D 549 -52.81 -23.57 -46.59
C LEU D 549 -51.53 -24.36 -46.31
N ASN D 550 -50.40 -23.69 -46.15
CA ASN D 550 -49.11 -24.32 -45.81
C ASN D 550 -49.20 -24.88 -44.39
N VAL D 551 -49.82 -24.16 -43.47
CA VAL D 551 -50.01 -24.58 -42.05
C VAL D 551 -51.00 -25.73 -42.00
N LEU D 552 -51.98 -25.78 -42.88
CA LEU D 552 -52.99 -26.86 -42.92
C LEU D 552 -52.33 -28.17 -43.32
N PHE D 553 -51.32 -28.15 -44.18
CA PHE D 553 -50.68 -29.36 -44.77
C PHE D 553 -49.50 -29.84 -43.94
N ASN D 554 -48.74 -28.94 -43.34
CA ASN D 554 -47.45 -29.25 -42.70
C ASN D 554 -47.51 -29.23 -41.18
N ILE D 555 -48.54 -28.64 -40.57
CA ILE D 555 -48.65 -28.50 -39.08
C ILE D 555 -49.91 -29.18 -38.55
N VAL D 556 -51.05 -29.07 -39.21
CA VAL D 556 -52.31 -29.71 -38.74
C VAL D 556 -52.34 -31.14 -39.25
N GLY D 557 -51.94 -31.35 -40.50
CA GLY D 557 -51.70 -32.67 -41.08
C GLY D 557 -52.83 -33.15 -41.94
N LYS D 558 -53.57 -32.27 -42.61
CA LYS D 558 -54.68 -32.65 -43.49
C LYS D 558 -54.11 -33.23 -44.76
N PRO D 559 -54.78 -34.19 -45.43
CA PRO D 559 -54.38 -34.63 -46.77
C PRO D 559 -54.60 -33.61 -47.88
N LEU D 560 -53.90 -33.76 -48.99
CA LEU D 560 -53.97 -32.81 -50.15
C LEU D 560 -55.37 -32.86 -50.74
N ALA D 561 -55.95 -34.05 -50.83
CA ALA D 561 -57.31 -34.30 -51.37
C ALA D 561 -58.33 -33.46 -50.59
N SER D 562 -58.21 -33.39 -49.28
CA SER D 562 -59.14 -32.67 -48.39
C SER D 562 -59.06 -31.16 -48.62
N ILE D 563 -57.84 -30.63 -48.81
CA ILE D 563 -57.59 -29.16 -48.96
C ILE D 563 -58.23 -28.70 -50.26
N PHE D 564 -57.93 -29.38 -51.38
CA PHE D 564 -58.34 -28.99 -52.74
C PHE D 564 -59.51 -29.85 -53.21
N ASN D 565 -60.73 -29.30 -53.14
CA ASN D 565 -61.98 -29.89 -53.69
C ASN D 565 -62.85 -28.77 -54.27
N GLY D 580 -71.86 -20.00 -48.63
CA GLY D 580 -70.60 -20.75 -48.38
C GLY D 580 -69.41 -19.82 -48.24
N ASP D 581 -68.20 -20.38 -48.23
CA ASP D 581 -66.93 -19.62 -48.09
C ASP D 581 -65.75 -20.46 -48.62
N VAL D 582 -64.55 -19.86 -48.62
CA VAL D 582 -63.30 -20.43 -49.19
C VAL D 582 -62.59 -21.30 -48.14
N LYS D 583 -61.48 -21.93 -48.54
CA LYS D 583 -60.58 -22.75 -47.68
C LYS D 583 -59.86 -21.85 -46.67
N TYR D 584 -59.60 -20.60 -47.05
CA TYR D 584 -58.77 -19.60 -46.32
C TYR D 584 -59.47 -19.08 -45.07
N HIS D 585 -60.71 -19.48 -44.79
CA HIS D 585 -61.49 -18.99 -43.62
C HIS D 585 -62.11 -20.12 -42.78
N LEU D 586 -62.14 -21.38 -43.24
CA LEU D 586 -62.77 -22.49 -42.46
C LEU D 586 -61.78 -23.03 -41.42
N GLY D 587 -62.26 -23.79 -40.43
CA GLY D 587 -61.47 -24.37 -39.34
C GLY D 587 -61.20 -25.86 -39.55
N SER D 588 -60.21 -26.44 -38.85
CA SER D 588 -59.78 -27.85 -38.98
C SER D 588 -59.18 -28.39 -37.69
N GLU D 589 -59.08 -29.72 -37.57
CA GLU D 589 -58.51 -30.46 -36.42
C GLU D 589 -57.53 -31.54 -36.90
N GLY D 590 -56.57 -31.92 -36.07
CA GLY D 590 -55.58 -32.98 -36.37
C GLY D 590 -54.75 -33.36 -35.17
N GLN D 591 -53.87 -34.35 -35.32
CA GLN D 591 -52.99 -34.92 -34.26
C GLN D 591 -51.53 -34.68 -34.59
N HIS D 592 -50.67 -34.45 -33.58
CA HIS D 592 -49.21 -34.28 -33.72
C HIS D 592 -48.49 -35.29 -32.84
N LEU D 593 -47.86 -36.29 -33.45
CA LEU D 593 -46.98 -37.26 -32.78
C LEU D 593 -45.60 -36.66 -32.70
N GLN D 594 -44.76 -37.20 -31.84
CA GLN D 594 -43.43 -36.65 -31.47
C GLN D 594 -42.37 -37.64 -31.95
N MET D 595 -41.50 -37.20 -32.86
CA MET D 595 -40.48 -38.02 -33.59
C MET D 595 -39.56 -38.75 -32.62
N PHE D 596 -38.96 -38.02 -31.68
CA PHE D 596 -37.95 -38.50 -30.72
C PHE D 596 -38.51 -38.47 -29.31
N GLY D 597 -39.66 -39.09 -29.09
CA GLY D 597 -40.33 -39.13 -27.77
C GLY D 597 -41.54 -40.03 -27.81
N ASP D 598 -42.39 -39.97 -26.80
CA ASP D 598 -43.64 -40.78 -26.74
C ASP D 598 -44.85 -39.88 -26.50
N GLY D 599 -44.80 -38.60 -26.87
CA GLY D 599 -45.88 -37.62 -26.65
C GLY D 599 -46.78 -37.47 -27.86
N GLU D 600 -48.07 -37.25 -27.64
CA GLU D 600 -49.09 -36.87 -28.64
C GLU D 600 -49.75 -35.58 -28.18
N ILE D 601 -50.36 -34.81 -29.09
CA ILE D 601 -51.14 -33.59 -28.74
C ILE D 601 -52.11 -33.26 -29.88
N LYS D 602 -53.32 -32.81 -29.55
CA LYS D 602 -54.32 -32.33 -30.54
C LYS D 602 -53.91 -30.96 -31.04
N VAL D 603 -54.23 -30.63 -32.30
CA VAL D 603 -53.99 -29.30 -32.92
C VAL D 603 -55.27 -28.84 -33.62
N SER D 604 -55.76 -27.64 -33.31
CA SER D 604 -57.00 -27.03 -33.86
C SER D 604 -56.68 -25.69 -34.50
N LEU D 605 -57.39 -25.34 -35.58
CA LEU D 605 -57.29 -24.04 -36.28
C LEU D 605 -58.68 -23.41 -36.30
N THR D 606 -58.78 -22.15 -35.89
CA THR D 606 -60.04 -21.38 -35.67
C THR D 606 -60.47 -20.71 -36.95
N ALA D 607 -61.77 -20.49 -37.14
CA ALA D 607 -62.34 -19.74 -38.28
C ALA D 607 -62.24 -18.25 -38.02
N ASN D 608 -62.20 -17.42 -39.06
CA ASN D 608 -62.04 -15.95 -38.90
C ASN D 608 -62.46 -15.22 -40.15
N PRO D 609 -62.86 -13.93 -40.05
CA PRO D 609 -63.09 -13.08 -41.21
C PRO D 609 -61.84 -12.34 -41.68
N SER D 610 -61.99 -11.53 -42.73
CA SER D 610 -60.89 -10.76 -43.37
C SER D 610 -60.50 -9.57 -42.50
N HIS D 611 -61.41 -9.09 -41.65
CA HIS D 611 -61.17 -8.01 -40.67
C HIS D 611 -60.02 -8.43 -39.77
N LEU D 612 -58.88 -7.74 -39.84
CA LEU D 612 -57.65 -8.12 -39.15
C LEU D 612 -57.85 -8.00 -37.64
N GLU D 613 -57.37 -9.00 -36.90
CA GLU D 613 -57.16 -9.02 -35.43
C GLU D 613 -58.46 -9.29 -34.68
N ALA D 614 -59.59 -9.54 -35.36
CA ALA D 614 -60.90 -9.78 -34.74
C ALA D 614 -60.98 -11.17 -34.13
N VAL D 615 -60.05 -12.06 -34.45
CA VAL D 615 -59.97 -13.46 -33.93
C VAL D 615 -59.32 -13.47 -32.56
N ASN D 616 -58.65 -12.40 -32.15
CA ASN D 616 -57.83 -12.39 -30.91
C ASN D 616 -58.68 -12.74 -29.71
N PRO D 617 -59.73 -11.97 -29.34
CA PRO D 617 -60.57 -12.33 -28.22
C PRO D 617 -61.37 -13.64 -28.36
N VAL D 618 -61.72 -14.04 -29.58
CA VAL D 618 -62.58 -15.23 -29.83
C VAL D 618 -61.78 -16.48 -29.52
N MET D 619 -60.51 -16.50 -29.91
CA MET D 619 -59.56 -17.61 -29.71
C MET D 619 -59.32 -17.83 -28.23
N GLU D 620 -59.15 -16.75 -27.45
CA GLU D 620 -58.86 -16.80 -25.99
C GLU D 620 -60.03 -17.45 -25.26
N GLY D 621 -61.25 -17.08 -25.61
CA GLY D 621 -62.49 -17.66 -25.06
C GLY D 621 -62.63 -19.13 -25.34
N ILE D 622 -62.25 -19.60 -26.54
CA ILE D 622 -62.29 -21.04 -26.91
C ILE D 622 -61.35 -21.80 -25.97
N VAL D 623 -60.19 -21.25 -25.66
CA VAL D 623 -59.18 -21.93 -24.82
C VAL D 623 -59.70 -22.05 -23.40
N ARG D 624 -60.36 -21.02 -22.88
CA ARG D 624 -60.85 -21.01 -21.47
C ARG D 624 -61.98 -22.03 -21.31
N ALA D 625 -62.84 -22.18 -22.31
CA ALA D 625 -63.96 -23.13 -22.26
C ALA D 625 -63.42 -24.55 -22.19
N LYS D 626 -62.37 -24.84 -22.94
CA LYS D 626 -61.75 -26.19 -23.03
C LYS D 626 -61.03 -26.51 -21.72
N GLN D 627 -60.38 -25.53 -21.12
CA GLN D 627 -59.68 -25.69 -19.83
C GLN D 627 -60.70 -26.00 -18.74
N ASP D 628 -61.84 -25.33 -18.74
CA ASP D 628 -62.90 -25.48 -17.72
C ASP D 628 -63.51 -26.87 -17.78
N TYR D 629 -63.62 -27.46 -18.96
CA TYR D 629 -64.22 -28.80 -19.17
C TYR D 629 -63.32 -29.91 -18.64
N LEU D 630 -62.01 -29.71 -18.69
CA LEU D 630 -61.05 -30.74 -18.22
C LEU D 630 -60.99 -30.73 -16.69
N ASP D 631 -61.06 -29.56 -16.07
CA ASP D 631 -61.26 -29.40 -14.61
C ASP D 631 -60.07 -29.98 -13.86
N LYS D 632 -58.91 -29.31 -13.96
CA LYS D 632 -57.63 -29.75 -13.35
C LYS D 632 -57.10 -28.72 -12.35
N GLY D 633 -57.81 -27.62 -12.10
CA GLY D 633 -57.43 -26.62 -11.09
C GLY D 633 -56.38 -25.64 -11.58
N VAL D 634 -55.82 -24.86 -10.65
CA VAL D 634 -54.84 -23.76 -10.88
C VAL D 634 -53.51 -24.34 -11.42
N ASP D 635 -53.11 -25.51 -10.92
CA ASP D 635 -51.88 -26.23 -11.33
C ASP D 635 -52.00 -26.79 -12.76
N GLY D 636 -53.20 -26.81 -13.34
CA GLY D 636 -53.47 -27.27 -14.71
C GLY D 636 -53.09 -26.23 -15.74
N LYS D 637 -54.06 -25.76 -16.51
CA LYS D 637 -53.90 -24.81 -17.64
C LYS D 637 -53.15 -25.50 -18.77
N THR D 638 -53.78 -26.51 -19.37
CA THR D 638 -53.16 -27.53 -20.26
C THR D 638 -53.72 -27.43 -21.68
N VAL D 639 -54.17 -26.26 -22.10
CA VAL D 639 -54.51 -25.95 -23.52
C VAL D 639 -53.79 -24.67 -23.89
N VAL D 640 -52.87 -24.71 -24.86
CA VAL D 640 -51.91 -23.62 -25.18
C VAL D 640 -52.45 -22.78 -26.31
N PRO D 641 -52.64 -21.45 -26.14
CA PRO D 641 -52.94 -20.57 -27.24
C PRO D 641 -51.73 -20.00 -28.01
N LEU D 642 -51.64 -20.29 -29.31
CA LEU D 642 -50.60 -19.83 -30.25
C LEU D 642 -51.25 -18.88 -31.26
N LEU D 643 -50.83 -17.61 -31.30
CA LEU D 643 -51.50 -16.53 -32.06
C LEU D 643 -50.50 -15.84 -32.98
N LEU D 644 -50.77 -15.82 -34.29
CA LEU D 644 -49.91 -15.23 -35.34
C LEU D 644 -50.48 -13.88 -35.76
N HIS D 645 -49.63 -12.86 -35.88
CA HIS D 645 -49.98 -11.48 -36.31
C HIS D 645 -49.07 -11.04 -37.46
N GLY D 646 -49.45 -9.98 -38.16
CA GLY D 646 -48.59 -9.18 -39.05
C GLY D 646 -48.18 -7.89 -38.40
N ASP D 647 -47.08 -7.29 -38.83
CA ASP D 647 -46.38 -6.19 -38.09
C ASP D 647 -47.22 -4.92 -38.09
N ALA D 648 -47.85 -4.57 -39.20
CA ALA D 648 -48.62 -3.33 -39.35
C ALA D 648 -49.87 -3.40 -38.50
N ALA D 649 -50.58 -4.53 -38.53
CA ALA D 649 -51.84 -4.75 -37.80
C ALA D 649 -51.59 -4.76 -36.30
N PHE D 650 -50.46 -5.27 -35.86
CA PHE D 650 -50.13 -5.44 -34.43
C PHE D 650 -49.93 -4.10 -33.77
N ALA D 651 -49.28 -3.15 -34.43
CA ALA D 651 -48.96 -1.81 -33.89
C ALA D 651 -50.14 -0.86 -34.03
N GLY D 652 -51.07 -1.12 -34.93
CA GLY D 652 -52.04 -0.12 -35.38
C GLY D 652 -53.39 -0.29 -34.75
N LEU D 653 -53.94 -1.50 -34.74
CA LEU D 653 -55.32 -1.77 -34.29
C LEU D 653 -55.34 -1.91 -32.78
N GLY D 654 -56.34 -1.32 -32.13
CA GLY D 654 -56.44 -1.21 -30.65
C GLY D 654 -56.96 -2.46 -29.98
N ILE D 655 -57.57 -3.38 -30.72
CA ILE D 655 -58.07 -4.68 -30.19
C ILE D 655 -56.90 -5.49 -29.66
N VAL D 656 -55.69 -5.31 -30.18
CA VAL D 656 -54.50 -6.12 -29.78
C VAL D 656 -54.19 -5.85 -28.32
N PRO D 657 -53.85 -4.63 -27.88
CA PRO D 657 -53.58 -4.38 -26.47
C PRO D 657 -54.78 -4.50 -25.52
N GLU D 658 -55.99 -4.36 -26.02
CA GLU D 658 -57.25 -4.51 -25.25
C GLU D 658 -57.40 -5.96 -24.78
N THR D 659 -56.97 -6.92 -25.60
CA THR D 659 -57.09 -8.37 -25.34
C THR D 659 -55.97 -8.83 -24.43
N ILE D 660 -54.77 -8.26 -24.53
CA ILE D 660 -53.60 -8.62 -23.67
C ILE D 660 -53.90 -8.19 -22.24
N ASN D 661 -54.73 -7.17 -22.03
CA ASN D 661 -55.09 -6.62 -20.71
C ASN D 661 -55.98 -7.58 -19.93
N LEU D 662 -56.58 -8.58 -20.57
CA LEU D 662 -57.45 -9.59 -19.91
C LEU D 662 -56.64 -10.77 -19.36
N ALA D 663 -55.33 -10.78 -19.52
CA ALA D 663 -54.47 -11.98 -19.34
C ALA D 663 -54.45 -12.45 -17.89
N LYS D 664 -54.43 -11.55 -16.91
CA LYS D 664 -54.25 -11.90 -15.48
C LYS D 664 -55.55 -11.71 -14.70
N LEU D 665 -56.67 -11.42 -15.33
CA LEU D 665 -57.95 -11.19 -14.62
C LEU D 665 -58.61 -12.51 -14.31
N ARG D 666 -59.60 -12.52 -13.42
CA ARG D 666 -60.08 -13.71 -12.69
C ARG D 666 -60.84 -14.62 -13.65
N GLY D 667 -61.81 -14.11 -14.38
CA GLY D 667 -62.61 -14.97 -15.27
C GLY D 667 -61.96 -15.27 -16.62
N TYR D 668 -60.81 -14.67 -16.93
CA TYR D 668 -60.24 -14.60 -18.30
C TYR D 668 -58.86 -15.24 -18.41
N ASP D 669 -58.22 -15.68 -17.33
CA ASP D 669 -56.81 -16.14 -17.34
C ASP D 669 -56.74 -17.55 -17.92
N VAL D 670 -55.80 -17.79 -18.85
CA VAL D 670 -55.61 -19.08 -19.57
C VAL D 670 -54.18 -19.58 -19.46
N GLY D 671 -53.34 -18.97 -18.63
CA GLY D 671 -51.99 -19.48 -18.35
C GLY D 671 -50.92 -18.92 -19.25
N GLY D 672 -51.19 -17.88 -20.03
CA GLY D 672 -50.22 -17.27 -20.95
C GLY D 672 -50.59 -17.51 -22.39
N THR D 673 -50.12 -16.66 -23.29
CA THR D 673 -50.30 -16.75 -24.77
C THR D 673 -48.94 -16.57 -25.44
N ILE D 674 -48.57 -17.48 -26.33
CA ILE D 674 -47.36 -17.38 -27.21
C ILE D 674 -47.77 -16.60 -28.44
N HIS D 675 -47.17 -15.43 -28.66
CA HIS D 675 -47.42 -14.49 -29.78
C HIS D 675 -46.27 -14.55 -30.77
N ILE D 676 -46.54 -14.70 -32.08
CA ILE D 676 -45.54 -14.65 -33.19
C ILE D 676 -45.91 -13.52 -34.12
N VAL D 677 -45.08 -12.48 -34.23
CA VAL D 677 -45.25 -11.35 -35.18
C VAL D 677 -44.32 -11.58 -36.37
N VAL D 678 -44.87 -11.74 -37.57
CA VAL D 678 -44.14 -11.93 -38.84
C VAL D 678 -43.85 -10.55 -39.42
N ASN D 679 -42.61 -10.12 -39.31
CA ASN D 679 -42.14 -8.74 -39.56
C ASN D 679 -41.43 -8.73 -40.91
N ASN D 680 -42.18 -8.50 -41.98
CA ASN D 680 -41.66 -8.52 -43.37
C ASN D 680 -41.45 -7.08 -43.84
N GLN D 681 -41.47 -6.12 -42.92
CA GLN D 681 -40.93 -4.75 -43.12
C GLN D 681 -41.76 -3.98 -44.16
N ILE D 682 -43.05 -4.31 -44.29
CA ILE D 682 -44.00 -3.69 -45.28
C ILE D 682 -45.44 -4.09 -44.93
N GLY D 683 -46.40 -3.16 -45.11
CA GLY D 683 -47.84 -3.40 -44.93
C GLY D 683 -48.47 -3.94 -46.21
N PHE D 684 -48.92 -3.04 -47.10
CA PHE D 684 -49.45 -3.34 -48.46
C PHE D 684 -48.60 -2.56 -49.47
N THR D 685 -48.69 -1.22 -49.45
CA THR D 685 -47.81 -0.26 -50.17
C THR D 685 -47.21 0.74 -49.16
N THR D 686 -47.21 0.37 -47.87
CA THR D 686 -46.89 1.26 -46.72
C THR D 686 -45.70 0.67 -45.95
N THR D 687 -44.77 1.53 -45.52
CA THR D 687 -43.50 1.16 -44.82
C THR D 687 -43.62 1.48 -43.33
N PRO D 688 -42.80 0.86 -42.45
CA PRO D 688 -42.89 1.07 -41.00
C PRO D 688 -42.84 2.52 -40.48
N ASP D 689 -42.17 3.41 -41.22
CA ASP D 689 -42.06 4.86 -40.90
C ASP D 689 -43.45 5.49 -40.80
N SER D 690 -44.38 5.06 -41.65
CA SER D 690 -45.75 5.62 -41.76
C SER D 690 -46.79 4.67 -41.14
N SER D 691 -46.36 3.75 -40.29
CA SER D 691 -47.21 2.71 -39.68
C SER D 691 -47.23 2.79 -38.16
N ARG D 692 -46.14 3.18 -37.50
CA ARG D 692 -46.06 3.21 -36.04
C ARG D 692 -45.14 4.30 -35.54
N SER D 693 -45.35 4.71 -34.29
CA SER D 693 -44.56 5.70 -33.51
C SER D 693 -43.71 5.01 -32.44
N MET D 694 -43.71 3.67 -32.39
CA MET D 694 -42.82 2.85 -31.52
C MET D 694 -41.60 2.45 -32.33
N HIS D 695 -40.49 2.12 -31.68
CA HIS D 695 -39.20 1.73 -32.32
C HIS D 695 -39.35 0.34 -32.93
N TYR D 696 -39.82 -0.63 -32.17
CA TYR D 696 -40.19 -1.99 -32.64
C TYR D 696 -41.71 -2.14 -32.58
N ALA D 697 -42.25 -3.07 -33.35
CA ALA D 697 -43.69 -3.37 -33.41
C ALA D 697 -44.17 -4.07 -32.15
N THR D 698 -43.25 -4.73 -31.43
CA THR D 698 -43.54 -5.59 -30.26
C THR D 698 -43.29 -4.83 -28.96
N ASP D 699 -43.49 -3.51 -28.93
CA ASP D 699 -43.12 -2.66 -27.77
C ASP D 699 -44.27 -2.59 -26.77
N TYR D 700 -45.44 -3.14 -27.07
CA TYR D 700 -46.56 -3.28 -26.12
C TYR D 700 -46.18 -4.24 -25.00
N ALA D 701 -45.22 -5.13 -25.24
CA ALA D 701 -44.71 -6.09 -24.25
C ALA D 701 -44.15 -5.37 -23.02
N LYS D 702 -43.55 -4.20 -23.18
CA LYS D 702 -42.91 -3.45 -22.08
C LYS D 702 -43.97 -2.77 -21.20
N ALA D 703 -45.21 -2.65 -21.67
CA ALA D 703 -46.34 -2.12 -20.89
C ALA D 703 -46.86 -3.17 -19.93
N PHE D 704 -46.78 -4.44 -20.31
CA PHE D 704 -47.39 -5.58 -19.58
C PHE D 704 -46.33 -6.41 -18.84
N GLY D 705 -45.05 -6.09 -18.97
CA GLY D 705 -43.98 -6.70 -18.17
C GLY D 705 -43.57 -8.08 -18.64
N CYS D 706 -43.50 -8.30 -19.96
CA CYS D 706 -43.27 -9.63 -20.59
C CYS D 706 -42.01 -9.61 -21.44
N PRO D 707 -41.31 -10.76 -21.64
CA PRO D 707 -40.11 -10.82 -22.46
C PRO D 707 -40.31 -10.83 -23.99
N VAL D 708 -39.34 -10.31 -24.74
CA VAL D 708 -39.36 -10.27 -26.24
C VAL D 708 -38.08 -10.86 -26.79
N PHE D 709 -38.18 -11.76 -27.77
CA PHE D 709 -37.06 -12.39 -28.51
C PHE D 709 -37.16 -12.01 -29.99
N HIS D 710 -36.17 -11.32 -30.52
CA HIS D 710 -36.04 -10.95 -31.96
C HIS D 710 -35.10 -11.93 -32.63
N VAL D 711 -35.52 -12.62 -33.70
CA VAL D 711 -34.72 -13.71 -34.33
C VAL D 711 -34.70 -13.53 -35.84
N ASN D 712 -33.54 -13.83 -36.45
CA ASN D 712 -33.25 -13.72 -37.90
C ASN D 712 -33.84 -14.91 -38.61
N GLY D 713 -34.64 -14.69 -39.63
CA GLY D 713 -35.40 -15.72 -40.32
C GLY D 713 -34.60 -16.47 -41.36
N ASP D 714 -33.29 -16.25 -41.43
CA ASP D 714 -32.38 -16.96 -42.35
C ASP D 714 -31.38 -17.80 -41.55
N ASP D 715 -31.63 -18.06 -40.26
CA ASP D 715 -30.81 -18.98 -39.41
C ASP D 715 -31.72 -19.99 -38.74
N PRO D 716 -32.09 -21.10 -39.41
CA PRO D 716 -33.08 -22.00 -38.87
C PRO D 716 -32.79 -22.69 -37.54
N GLU D 717 -31.54 -22.87 -37.15
CA GLU D 717 -31.20 -23.50 -35.86
C GLU D 717 -31.54 -22.56 -34.71
N ALA D 718 -31.35 -21.26 -34.89
CA ALA D 718 -31.69 -20.22 -33.90
C ALA D 718 -33.18 -20.08 -33.75
N VAL D 719 -33.94 -20.29 -34.82
CA VAL D 719 -35.42 -20.17 -34.81
C VAL D 719 -35.99 -21.33 -33.98
N VAL D 720 -35.46 -22.54 -34.11
CA VAL D 720 -36.02 -23.72 -33.37
C VAL D 720 -35.69 -23.60 -31.89
N TRP D 721 -34.62 -22.90 -31.52
CA TRP D 721 -34.23 -22.73 -30.10
C TRP D 721 -35.19 -21.75 -29.42
N VAL D 722 -35.53 -20.66 -30.08
CA VAL D 722 -36.40 -19.58 -29.52
C VAL D 722 -37.80 -20.16 -29.30
N GLY D 723 -38.27 -21.02 -30.18
CA GLY D 723 -39.57 -21.70 -30.02
C GLY D 723 -39.61 -22.54 -28.76
N GLN D 724 -38.54 -23.24 -28.45
CA GLN D 724 -38.42 -24.14 -27.28
C GLN D 724 -38.39 -23.31 -26.01
N LEU D 725 -37.60 -22.24 -25.99
CA LEU D 725 -37.35 -21.39 -24.81
C LEU D 725 -38.62 -20.65 -24.41
N ALA D 726 -39.42 -20.24 -25.37
CA ALA D 726 -40.67 -19.49 -25.16
C ALA D 726 -41.72 -20.41 -24.53
N THR D 727 -41.82 -21.64 -24.99
CA THR D 727 -42.80 -22.65 -24.50
C THR D 727 -42.41 -23.07 -23.08
N GLU D 728 -41.13 -23.10 -22.75
CA GLU D 728 -40.64 -23.44 -21.38
C GLU D 728 -40.92 -22.30 -20.43
N TYR D 729 -40.83 -21.05 -20.87
CA TYR D 729 -41.07 -19.83 -20.04
C TYR D 729 -42.55 -19.75 -19.67
N ARG D 730 -43.45 -20.14 -20.57
CA ARG D 730 -44.91 -20.11 -20.34
C ARG D 730 -45.29 -21.09 -19.26
N ARG D 731 -44.69 -22.28 -19.23
CA ARG D 731 -45.08 -23.36 -18.31
C ARG D 731 -44.59 -23.06 -16.90
N ARG D 732 -43.50 -22.32 -16.75
CA ARG D 732 -42.83 -22.06 -15.45
C ARG D 732 -43.48 -20.86 -14.77
N PHE D 733 -43.84 -19.81 -15.51
CA PHE D 733 -44.22 -18.49 -14.97
C PHE D 733 -45.66 -18.11 -15.31
N GLY D 734 -46.28 -18.72 -16.30
CA GLY D 734 -47.70 -18.50 -16.60
C GLY D 734 -47.99 -17.10 -17.09
N LYS D 735 -47.12 -16.53 -17.91
CA LYS D 735 -47.27 -15.18 -18.49
C LYS D 735 -47.14 -15.24 -20.02
N ASP D 736 -47.43 -14.13 -20.68
CA ASP D 736 -47.36 -13.98 -22.16
C ASP D 736 -45.89 -13.81 -22.58
N VAL D 737 -45.58 -14.20 -23.81
CA VAL D 737 -44.22 -14.21 -24.40
C VAL D 737 -44.38 -13.84 -25.88
N PHE D 738 -43.46 -13.02 -26.41
CA PHE D 738 -43.54 -12.38 -27.74
C PHE D 738 -42.30 -12.71 -28.56
N ILE D 739 -42.47 -13.28 -29.76
CA ILE D 739 -41.38 -13.61 -30.73
C ILE D 739 -41.56 -12.74 -31.97
N ASP D 740 -40.53 -12.00 -32.37
CA ASP D 740 -40.45 -11.17 -33.61
C ASP D 740 -39.57 -11.91 -34.62
N LEU D 741 -40.16 -12.40 -35.71
CA LEU D 741 -39.46 -13.16 -36.78
C LEU D 741 -39.23 -12.20 -37.94
N VAL D 742 -37.98 -11.78 -38.13
CA VAL D 742 -37.56 -10.77 -39.14
C VAL D 742 -37.27 -11.49 -40.44
N CYS D 743 -38.08 -11.25 -41.46
CA CYS D 743 -38.02 -11.90 -42.78
C CYS D 743 -38.31 -10.84 -43.85
N TYR D 744 -38.72 -11.22 -45.06
CA TYR D 744 -39.15 -10.27 -46.12
C TYR D 744 -40.28 -10.88 -46.95
N ARG D 745 -40.87 -10.07 -47.84
CA ARG D 745 -41.99 -10.45 -48.75
C ARG D 745 -41.45 -10.41 -50.18
N LEU D 746 -41.32 -11.57 -50.83
CA LEU D 746 -40.64 -11.75 -52.13
C LEU D 746 -41.45 -11.09 -53.25
N ARG D 747 -42.74 -11.40 -53.32
CA ARG D 747 -43.67 -10.90 -54.38
C ARG D 747 -44.46 -9.71 -53.82
N GLY D 748 -45.33 -9.13 -54.65
CA GLY D 748 -46.32 -8.10 -54.25
C GLY D 748 -47.54 -8.72 -53.61
N HIS D 749 -48.41 -7.90 -53.02
CA HIS D 749 -49.65 -8.34 -52.32
C HIS D 749 -50.73 -8.69 -53.35
N ASN D 750 -50.82 -7.93 -54.45
CA ASN D 750 -51.76 -8.20 -55.58
C ASN D 750 -51.16 -9.30 -56.48
N GLU D 751 -52.00 -9.93 -57.30
CA GLU D 751 -51.62 -11.01 -58.26
C GLU D 751 -50.71 -10.41 -59.35
N ALA D 752 -51.14 -9.28 -59.95
CA ALA D 752 -50.41 -8.52 -60.98
C ALA D 752 -50.21 -7.08 -60.50
N ASP D 753 -49.21 -6.86 -59.64
CA ASP D 753 -48.83 -5.53 -59.10
C ASP D 753 -47.32 -5.51 -58.80
N ASP D 754 -46.63 -4.44 -59.20
CA ASP D 754 -45.15 -4.28 -59.06
C ASP D 754 -44.87 -3.56 -57.75
N PRO D 755 -44.13 -4.19 -56.78
CA PRO D 755 -43.79 -3.54 -55.52
C PRO D 755 -42.66 -2.51 -55.63
N SER D 756 -41.90 -2.51 -56.72
CA SER D 756 -40.82 -1.55 -57.04
C SER D 756 -41.40 -0.19 -57.44
N MET D 757 -42.68 -0.15 -57.86
CA MET D 757 -43.44 1.08 -58.20
C MET D 757 -43.37 2.09 -57.05
N THR D 758 -43.50 1.62 -55.79
CA THR D 758 -43.56 2.46 -54.56
C THR D 758 -42.26 2.33 -53.74
N GLN D 759 -41.75 1.10 -53.55
CA GLN D 759 -40.51 0.80 -52.77
C GLN D 759 -39.43 0.24 -53.69
N PRO D 760 -38.77 1.07 -54.53
CA PRO D 760 -37.75 0.60 -55.47
C PRO D 760 -36.41 0.17 -54.82
N LYS D 761 -35.97 0.89 -53.78
CA LYS D 761 -34.67 0.66 -53.10
C LYS D 761 -34.68 -0.65 -52.32
N MET D 762 -35.80 -0.98 -51.64
CA MET D 762 -35.94 -2.22 -50.83
C MET D 762 -35.94 -3.44 -51.76
N TYR D 763 -36.56 -3.35 -52.93
CA TYR D 763 -36.77 -4.49 -53.86
C TYR D 763 -35.60 -4.63 -54.84
N GLU D 764 -34.56 -3.79 -54.70
CA GLU D 764 -33.23 -4.04 -55.31
C GLU D 764 -32.52 -5.14 -54.52
N LEU D 765 -32.60 -5.09 -53.18
CA LEU D 765 -31.98 -6.07 -52.25
C LEU D 765 -32.70 -7.42 -52.32
N ILE D 766 -34.02 -7.44 -52.55
CA ILE D 766 -34.87 -8.66 -52.45
C ILE D 766 -34.71 -9.52 -53.70
N THR D 767 -34.78 -8.92 -54.90
CA THR D 767 -34.88 -9.64 -56.19
C THR D 767 -33.55 -10.37 -56.48
N GLY D 768 -33.63 -11.67 -56.77
CA GLY D 768 -32.49 -12.52 -57.16
C GLY D 768 -31.61 -12.90 -55.97
N ARG D 769 -32.22 -13.38 -54.88
CA ARG D 769 -31.54 -13.93 -53.68
C ARG D 769 -31.57 -15.47 -53.75
N GLU D 770 -30.78 -16.12 -52.90
CA GLU D 770 -30.91 -17.57 -52.62
C GLU D 770 -31.94 -17.76 -51.51
N THR D 771 -32.69 -18.85 -51.56
CA THR D 771 -33.74 -19.25 -50.59
C THR D 771 -33.09 -19.71 -49.29
N VAL D 772 -33.84 -19.80 -48.19
CA VAL D 772 -33.35 -20.22 -46.85
C VAL D 772 -33.01 -21.71 -46.88
N ARG D 773 -33.73 -22.50 -47.66
CA ARG D 773 -33.46 -23.93 -47.88
C ARG D 773 -32.11 -24.13 -48.53
N ALA D 774 -31.83 -23.38 -49.59
CA ALA D 774 -30.59 -23.46 -50.38
C ALA D 774 -29.42 -23.09 -49.50
N GLN D 775 -29.54 -22.03 -48.73
CA GLN D 775 -28.45 -21.52 -47.88
C GLN D 775 -28.12 -22.54 -46.81
N TYR D 776 -29.10 -23.19 -46.22
CA TYR D 776 -28.90 -24.13 -45.10
C TYR D 776 -28.29 -25.42 -45.63
N THR D 777 -28.66 -25.87 -46.82
CA THR D 777 -28.09 -27.09 -47.44
C THR D 777 -26.62 -26.88 -47.69
N GLU D 778 -26.23 -25.69 -48.15
CA GLU D 778 -24.83 -25.33 -48.49
C GLU D 778 -24.00 -25.28 -47.22
N ASP D 779 -24.59 -24.89 -46.10
CA ASP D 779 -23.90 -24.76 -44.80
C ASP D 779 -23.63 -26.13 -44.20
N LEU D 780 -24.56 -27.08 -44.31
CA LEU D 780 -24.39 -28.45 -43.78
C LEU D 780 -23.36 -29.20 -44.61
N LEU D 781 -23.42 -29.14 -45.94
CA LEU D 781 -22.47 -29.86 -46.82
C LEU D 781 -21.10 -29.19 -46.82
N GLY D 782 -20.87 -28.14 -46.05
CA GLY D 782 -19.55 -27.49 -45.98
C GLY D 782 -19.02 -27.38 -44.57
N ARG D 783 -19.50 -28.18 -43.63
CA ARG D 783 -18.91 -28.34 -42.28
C ARG D 783 -18.34 -29.74 -42.14
N GLY D 784 -18.44 -30.59 -43.17
CA GLY D 784 -17.70 -31.86 -43.30
C GLY D 784 -18.05 -32.88 -42.23
N ASP D 785 -19.19 -32.71 -41.54
CA ASP D 785 -19.74 -33.68 -40.57
C ASP D 785 -20.25 -34.91 -41.34
N LEU D 786 -20.89 -34.69 -42.49
CA LEU D 786 -21.68 -35.71 -43.23
C LEU D 786 -20.74 -36.61 -44.03
N SER D 787 -21.06 -37.90 -44.11
CA SER D 787 -20.35 -38.94 -44.89
C SER D 787 -20.77 -38.87 -46.36
N ASN D 788 -20.27 -39.78 -47.20
CA ASN D 788 -20.58 -39.83 -48.65
C ASN D 788 -22.02 -40.30 -48.84
N GLU D 789 -22.43 -41.35 -48.13
CA GLU D 789 -23.80 -41.92 -48.19
C GLU D 789 -24.81 -40.91 -47.63
N ASP D 790 -24.45 -40.23 -46.55
CA ASP D 790 -25.29 -39.22 -45.84
C ASP D 790 -25.52 -37.99 -46.74
N ALA D 791 -24.50 -37.58 -47.47
CA ALA D 791 -24.51 -36.38 -48.33
C ALA D 791 -25.44 -36.58 -49.53
N GLU D 792 -25.44 -37.77 -50.14
CA GLU D 792 -26.31 -38.11 -51.29
C GLU D 792 -27.79 -38.00 -50.89
N ALA D 793 -28.11 -38.38 -49.65
CA ALA D 793 -29.48 -38.44 -49.11
C ALA D 793 -30.07 -37.04 -49.00
N VAL D 794 -29.27 -36.06 -48.59
CA VAL D 794 -29.71 -34.65 -48.41
C VAL D 794 -30.22 -34.11 -49.75
N VAL D 795 -29.58 -34.48 -50.85
CA VAL D 795 -29.92 -34.02 -52.23
C VAL D 795 -31.23 -34.64 -52.68
N ARG D 796 -31.42 -35.92 -52.40
CA ARG D 796 -32.51 -36.77 -52.90
C ARG D 796 -33.81 -36.46 -52.17
N ASP D 797 -33.75 -35.87 -50.97
CA ASP D 797 -34.93 -35.58 -50.12
C ASP D 797 -35.83 -34.55 -50.81
N PHE D 798 -35.25 -33.52 -51.42
CA PHE D 798 -36.02 -32.43 -52.07
C PHE D 798 -36.75 -32.96 -53.30
N HIS D 799 -36.17 -33.91 -54.02
CA HIS D 799 -36.81 -34.53 -55.19
C HIS D 799 -37.96 -35.42 -54.75
N ASP D 800 -37.82 -36.11 -53.62
CA ASP D 800 -38.87 -37.01 -53.06
C ASP D 800 -40.11 -36.18 -52.71
N GLN D 801 -39.94 -35.09 -51.95
CA GLN D 801 -41.07 -34.26 -51.47
C GLN D 801 -41.84 -33.71 -52.67
N MET D 802 -41.13 -33.30 -53.72
CA MET D 802 -41.71 -32.74 -54.97
C MET D 802 -42.53 -33.81 -55.68
N GLU D 803 -41.96 -34.99 -55.91
CA GLU D 803 -42.67 -36.08 -56.62
C GLU D 803 -43.96 -36.44 -55.89
N SER D 804 -43.95 -36.42 -54.56
CA SER D 804 -45.09 -36.81 -53.69
C SER D 804 -46.26 -35.85 -53.90
N VAL D 805 -46.00 -34.54 -53.90
CA VAL D 805 -47.04 -33.47 -53.96
C VAL D 805 -47.66 -33.44 -55.35
N PHE D 806 -46.89 -33.76 -56.40
CA PHE D 806 -47.30 -33.60 -57.82
C PHE D 806 -47.79 -34.94 -58.41
N ASN D 807 -48.04 -35.97 -57.60
CA ASN D 807 -48.57 -37.26 -58.09
C ASN D 807 -50.02 -37.04 -58.58
N GLY D 832 -93.33 -29.08 -28.71
CA GLY D 832 -94.17 -29.47 -27.55
C GLY D 832 -93.34 -29.72 -26.30
N LEU D 833 -92.42 -28.81 -26.00
CA LEU D 833 -91.50 -28.88 -24.83
C LEU D 833 -92.07 -28.02 -23.71
N GLU D 834 -92.21 -28.58 -22.50
CA GLU D 834 -92.79 -27.91 -21.31
C GLU D 834 -91.68 -27.41 -20.41
N THR D 835 -91.76 -26.17 -19.94
CA THR D 835 -90.66 -25.43 -19.27
C THR D 835 -90.97 -25.10 -17.81
N ASN D 836 -92.09 -25.55 -17.25
CA ASN D 836 -92.43 -25.29 -15.84
C ASN D 836 -91.57 -26.11 -14.92
N ILE D 837 -91.42 -25.68 -13.66
CA ILE D 837 -90.76 -26.46 -12.58
C ILE D 837 -91.80 -26.83 -11.53
N SER D 838 -91.44 -27.64 -10.54
CA SER D 838 -92.33 -28.16 -9.48
C SER D 838 -92.38 -27.19 -8.30
N ARG D 839 -93.45 -27.23 -7.52
CA ARG D 839 -93.62 -26.45 -6.26
C ARG D 839 -92.42 -26.64 -5.37
N GLU D 840 -91.90 -27.87 -5.32
CA GLU D 840 -90.83 -28.27 -4.38
C GLU D 840 -89.52 -27.67 -4.83
N GLU D 841 -89.27 -27.64 -6.14
CA GLU D 841 -88.04 -27.07 -6.73
C GLU D 841 -87.98 -25.57 -6.45
N LEU D 842 -89.13 -24.89 -6.51
CA LEU D 842 -89.26 -23.42 -6.36
C LEU D 842 -88.96 -23.03 -4.91
N LEU D 843 -89.49 -23.77 -3.94
CA LEU D 843 -89.30 -23.48 -2.50
C LEU D 843 -87.82 -23.64 -2.15
N GLU D 844 -87.16 -24.63 -2.72
CA GLU D 844 -85.75 -24.94 -2.42
C GLU D 844 -84.86 -23.79 -2.90
N LEU D 845 -85.18 -23.20 -4.06
CA LEU D 845 -84.41 -22.09 -4.66
C LEU D 845 -84.53 -20.86 -3.77
N GLY D 846 -85.72 -20.60 -3.28
CA GLY D 846 -85.99 -19.51 -2.33
C GLY D 846 -85.19 -19.64 -1.06
N GLN D 847 -85.03 -20.86 -0.57
CA GLN D 847 -84.43 -21.14 0.75
C GLN D 847 -82.93 -21.05 0.70
N ALA D 848 -82.34 -20.78 -0.45
CA ALA D 848 -80.88 -20.71 -0.62
C ALA D 848 -80.36 -19.43 -0.02
N PHE D 849 -81.17 -18.38 -0.04
CA PHE D 849 -80.82 -17.04 0.47
C PHE D 849 -80.94 -16.98 1.98
N ALA D 850 -81.47 -18.02 2.63
CA ALA D 850 -81.53 -18.18 4.10
C ALA D 850 -80.36 -19.02 4.62
N ASN D 851 -79.84 -19.97 3.85
CA ASN D 851 -78.78 -20.91 4.29
C ASN D 851 -77.44 -20.22 4.18
N THR D 852 -77.22 -19.25 5.03
CA THR D 852 -76.00 -18.42 5.11
C THR D 852 -74.93 -19.24 5.81
N PRO D 853 -73.64 -19.17 5.45
CA PRO D 853 -72.62 -19.87 6.20
C PRO D 853 -72.35 -19.30 7.61
N GLU D 854 -71.73 -20.11 8.48
CA GLU D 854 -71.57 -19.80 9.93
C GLU D 854 -70.78 -18.50 10.10
N GLY D 855 -71.36 -17.54 10.79
CA GLY D 855 -70.76 -16.23 11.02
C GLY D 855 -70.55 -15.47 9.74
N PHE D 856 -71.60 -15.38 8.92
CA PHE D 856 -71.76 -14.46 7.77
C PHE D 856 -73.00 -13.64 8.03
N ASN D 857 -72.91 -12.32 7.90
CA ASN D 857 -74.06 -11.41 7.95
C ASN D 857 -74.09 -10.60 6.66
N TYR D 858 -75.27 -10.24 6.20
CA TYR D 858 -75.51 -9.43 5.00
C TYR D 858 -75.38 -7.95 5.38
N HIS D 859 -74.89 -7.11 4.48
CA HIS D 859 -74.88 -5.63 4.59
C HIS D 859 -76.30 -5.17 4.72
N PRO D 860 -76.63 -4.19 5.59
CA PRO D 860 -78.02 -3.89 5.88
C PRO D 860 -78.90 -3.26 4.81
N ARG D 861 -78.37 -2.93 3.64
CA ARG D 861 -79.16 -2.49 2.47
C ARG D 861 -79.45 -3.68 1.56
N VAL D 862 -78.72 -4.79 1.72
CA VAL D 862 -78.86 -6.06 0.96
C VAL D 862 -79.73 -7.04 1.73
N ALA D 863 -79.84 -6.89 3.05
CA ALA D 863 -80.59 -7.79 3.94
C ALA D 863 -82.04 -7.87 3.57
N PRO D 864 -82.79 -6.76 3.39
CA PRO D 864 -84.19 -6.87 3.06
C PRO D 864 -84.54 -7.43 1.67
N VAL D 865 -83.61 -7.39 0.72
CA VAL D 865 -83.75 -8.01 -0.63
C VAL D 865 -83.78 -9.52 -0.45
N ALA D 866 -82.84 -10.05 0.34
CA ALA D 866 -82.69 -11.48 0.63
C ALA D 866 -83.93 -12.00 1.33
N LYS D 867 -84.51 -11.21 2.23
CA LYS D 867 -85.65 -11.65 3.03
C LYS D 867 -86.88 -11.76 2.14
N LYS D 868 -87.00 -10.94 1.10
CA LYS D 868 -88.19 -10.92 0.22
C LYS D 868 -88.13 -12.09 -0.76
N ARG D 869 -86.93 -12.46 -1.20
CA ARG D 869 -86.70 -13.62 -2.07
C ARG D 869 -87.20 -14.89 -1.39
N VAL D 870 -87.07 -15.00 -0.07
CA VAL D 870 -87.47 -16.21 0.69
C VAL D 870 -88.98 -16.24 0.89
N SER D 871 -89.67 -15.11 0.94
CA SER D 871 -91.12 -15.02 1.22
C SER D 871 -91.93 -15.09 -0.06
N SER D 872 -91.38 -14.61 -1.17
CA SER D 872 -92.08 -14.33 -2.44
C SER D 872 -92.54 -15.62 -3.10
N VAL D 873 -91.80 -16.70 -2.88
CA VAL D 873 -92.02 -18.02 -3.54
C VAL D 873 -93.21 -18.72 -2.92
N THR D 874 -93.86 -18.13 -1.92
CA THR D 874 -95.14 -18.61 -1.34
C THR D 874 -96.22 -17.53 -1.43
N GLU D 875 -95.88 -16.26 -1.27
CA GLU D 875 -96.83 -15.13 -1.09
C GLU D 875 -97.14 -14.49 -2.43
N GLY D 876 -96.12 -14.14 -3.19
CA GLY D 876 -96.27 -13.49 -4.51
C GLY D 876 -95.29 -12.37 -4.69
N GLY D 877 -95.43 -11.62 -5.76
CA GLY D 877 -94.68 -10.38 -6.00
C GLY D 877 -93.26 -10.67 -6.36
N ILE D 878 -93.02 -11.40 -7.44
CA ILE D 878 -91.66 -11.75 -7.90
C ILE D 878 -91.26 -10.72 -8.95
N ASP D 879 -90.11 -10.09 -8.79
CA ASP D 879 -89.63 -8.99 -9.66
C ASP D 879 -88.74 -9.55 -10.76
N TRP D 880 -88.36 -8.70 -11.70
CA TRP D 880 -87.62 -9.06 -12.93
C TRP D 880 -86.36 -9.82 -12.54
N ALA D 881 -85.51 -9.26 -11.71
CA ALA D 881 -84.18 -9.81 -11.41
C ALA D 881 -84.31 -11.20 -10.82
N TRP D 882 -85.29 -11.42 -9.96
CA TRP D 882 -85.49 -12.69 -9.24
C TRP D 882 -86.02 -13.74 -10.21
N GLY D 883 -86.78 -13.34 -11.22
CA GLY D 883 -87.21 -14.21 -12.33
C GLY D 883 -86.05 -14.70 -13.16
N GLU D 884 -85.08 -13.85 -13.44
CA GLU D 884 -83.88 -14.20 -14.24
C GLU D 884 -83.03 -15.20 -13.48
N LEU D 885 -82.79 -14.99 -12.19
CA LEU D 885 -81.91 -15.86 -11.38
C LEU D 885 -82.59 -17.19 -11.13
N LEU D 886 -83.92 -17.23 -11.01
CA LEU D 886 -84.67 -18.49 -10.83
C LEU D 886 -84.49 -19.38 -12.07
N ALA D 887 -84.32 -18.79 -13.24
CA ALA D 887 -84.09 -19.52 -14.50
C ALA D 887 -82.68 -20.09 -14.53
N PHE D 888 -81.67 -19.27 -14.33
CA PHE D 888 -80.26 -19.73 -14.38
C PHE D 888 -79.99 -20.74 -13.26
N GLY D 889 -80.67 -20.61 -12.13
CA GLY D 889 -80.49 -21.51 -11.00
C GLY D 889 -81.05 -22.87 -11.30
N SER D 890 -82.27 -22.93 -11.79
CA SER D 890 -82.94 -24.20 -12.14
C SER D 890 -82.07 -25.00 -13.12
N LEU D 891 -81.43 -24.34 -14.07
CA LEU D 891 -80.63 -25.01 -15.12
C LEU D 891 -79.33 -25.51 -14.55
N ALA D 892 -78.74 -24.83 -13.57
CA ALA D 892 -77.50 -25.29 -12.93
C ALA D 892 -77.77 -26.50 -12.06
N ASN D 893 -78.95 -26.63 -11.50
CA ASN D 893 -79.32 -27.79 -10.66
C ASN D 893 -79.38 -29.05 -11.51
N SER D 894 -79.92 -28.98 -12.72
CA SER D 894 -80.04 -30.12 -13.65
C SER D 894 -78.67 -30.66 -14.02
N GLY D 895 -77.65 -29.83 -14.04
CA GLY D 895 -76.26 -30.26 -14.13
C GLY D 895 -75.45 -29.49 -15.14
N ARG D 896 -75.83 -28.27 -15.50
CA ARG D 896 -75.21 -27.49 -16.58
C ARG D 896 -74.22 -26.48 -16.01
N LEU D 897 -73.31 -25.99 -16.84
CA LEU D 897 -72.37 -24.91 -16.52
C LEU D 897 -72.95 -23.62 -17.05
N VAL D 898 -73.34 -22.72 -16.15
CA VAL D 898 -73.96 -21.40 -16.46
C VAL D 898 -72.94 -20.33 -16.16
N ARG D 899 -72.65 -19.45 -17.11
CA ARG D 899 -71.66 -18.34 -17.02
C ARG D 899 -72.33 -17.02 -17.39
N LEU D 900 -72.21 -15.99 -16.54
CA LEU D 900 -72.72 -14.62 -16.74
C LEU D 900 -71.59 -13.63 -16.58
N ALA D 901 -71.35 -12.74 -17.54
CA ALA D 901 -70.23 -11.79 -17.54
C ALA D 901 -70.64 -10.44 -18.12
N GLY D 902 -70.10 -9.35 -17.58
CA GLY D 902 -70.34 -7.96 -18.02
C GLY D 902 -69.93 -6.96 -16.97
N GLU D 903 -70.00 -5.67 -17.30
CA GLU D 903 -69.59 -4.56 -16.40
C GLU D 903 -70.56 -4.48 -15.22
N ASP D 904 -70.07 -4.75 -14.02
CA ASP D 904 -70.77 -4.57 -12.72
C ASP D 904 -71.94 -5.55 -12.67
N SER D 905 -71.71 -6.80 -13.07
CA SER D 905 -72.77 -7.81 -13.31
C SER D 905 -73.08 -8.61 -12.05
N ARG D 906 -72.17 -8.67 -11.09
CA ARG D 906 -72.40 -9.36 -9.80
C ARG D 906 -73.44 -8.61 -8.96
N ARG D 907 -73.26 -7.30 -8.80
CA ARG D 907 -74.21 -6.42 -8.06
C ARG D 907 -75.39 -6.10 -8.97
N GLY D 908 -75.12 -5.74 -10.22
CA GLY D 908 -76.09 -5.15 -11.16
C GLY D 908 -75.84 -3.66 -11.33
N THR D 909 -76.10 -3.12 -12.52
CA THR D 909 -75.94 -1.69 -12.86
C THR D 909 -76.97 -0.87 -12.10
N PHE D 910 -78.18 -1.36 -12.01
CA PHE D 910 -79.32 -0.68 -11.39
C PHE D 910 -79.55 -1.25 -9.99
N THR D 911 -78.53 -1.88 -9.41
CA THR D 911 -78.50 -2.40 -8.02
C THR D 911 -79.67 -3.35 -7.80
N GLN D 912 -79.83 -4.32 -8.70
CA GLN D 912 -81.05 -5.14 -8.78
C GLN D 912 -80.76 -6.63 -8.60
N ARG D 913 -79.53 -7.12 -8.76
CA ARG D 913 -79.26 -8.55 -8.93
C ARG D 913 -78.82 -9.19 -7.62
N HIS D 914 -77.69 -8.77 -7.06
CA HIS D 914 -77.12 -9.31 -5.81
C HIS D 914 -77.04 -10.82 -5.92
N ALA D 915 -76.10 -11.30 -6.73
CA ALA D 915 -75.88 -12.73 -6.99
C ALA D 915 -74.68 -13.23 -6.20
N VAL D 916 -73.72 -12.36 -5.93
CA VAL D 916 -72.68 -12.58 -4.90
C VAL D 916 -72.87 -11.47 -3.87
N ALA D 917 -72.91 -11.82 -2.58
CA ALA D 917 -73.02 -10.89 -1.44
C ALA D 917 -71.70 -10.83 -0.70
N ILE D 918 -71.37 -9.70 -0.09
CA ILE D 918 -70.10 -9.46 0.66
C ILE D 918 -70.43 -9.02 2.09
N ASP D 919 -69.73 -9.59 3.08
CA ASP D 919 -69.89 -9.26 4.52
C ASP D 919 -69.08 -8.03 4.85
N PRO D 920 -69.70 -6.93 5.33
CA PRO D 920 -68.97 -5.71 5.58
C PRO D 920 -67.85 -5.81 6.62
N ALA D 921 -68.00 -6.71 7.59
CA ALA D 921 -67.03 -6.91 8.68
C ALA D 921 -65.78 -7.59 8.15
N THR D 922 -65.91 -8.68 7.40
CA THR D 922 -64.79 -9.62 7.12
C THR D 922 -64.35 -9.59 5.65
N ALA D 923 -65.17 -9.07 4.74
CA ALA D 923 -64.95 -9.08 3.28
C ALA D 923 -64.90 -10.52 2.75
N GLU D 924 -65.85 -11.35 3.18
CA GLU D 924 -66.02 -12.76 2.74
C GLU D 924 -67.18 -12.81 1.75
N GLU D 925 -67.04 -13.61 0.69
CA GLU D 925 -68.00 -13.71 -0.43
C GLU D 925 -68.91 -14.91 -0.25
N PHE D 926 -70.17 -14.80 -0.67
CA PHE D 926 -71.18 -15.88 -0.68
C PHE D 926 -71.95 -15.86 -1.99
N ASN D 927 -72.12 -17.03 -2.61
CA ASN D 927 -72.82 -17.25 -3.91
C ASN D 927 -73.89 -18.30 -3.69
N PRO D 928 -75.07 -17.95 -3.19
CA PRO D 928 -76.05 -18.93 -2.80
C PRO D 928 -76.41 -20.00 -3.82
N LEU D 929 -76.65 -19.62 -5.08
CA LEU D 929 -77.15 -20.54 -6.12
C LEU D 929 -76.04 -21.48 -6.58
N HIS D 930 -74.78 -21.11 -6.49
CA HIS D 930 -73.64 -22.02 -6.81
C HIS D 930 -73.56 -23.13 -5.79
N GLU D 931 -73.84 -22.82 -4.53
CA GLU D 931 -73.74 -23.79 -3.42
C GLU D 931 -74.88 -24.77 -3.50
N LEU D 932 -76.08 -24.35 -3.87
CA LEU D 932 -77.22 -25.27 -3.99
C LEU D 932 -76.97 -26.24 -5.12
N ALA D 933 -76.33 -25.80 -6.21
CA ALA D 933 -76.10 -26.61 -7.41
C ALA D 933 -75.12 -27.72 -7.08
N GLN D 934 -74.09 -27.41 -6.30
CA GLN D 934 -73.02 -28.37 -5.95
C GLN D 934 -73.47 -29.31 -4.84
N SER D 935 -74.66 -29.17 -4.29
CA SER D 935 -75.20 -30.06 -3.23
C SER D 935 -76.19 -31.06 -3.82
N LYS D 936 -76.56 -30.95 -5.09
CA LYS D 936 -77.60 -31.78 -5.73
C LYS D 936 -76.96 -32.99 -6.42
N GLY D 937 -75.65 -32.97 -6.59
CA GLY D 937 -74.89 -34.13 -7.09
C GLY D 937 -75.16 -34.39 -8.55
N ASN D 938 -75.06 -33.37 -9.38
CA ASN D 938 -74.96 -33.50 -10.85
C ASN D 938 -73.86 -32.57 -11.38
N ASN D 939 -72.95 -32.13 -10.53
CA ASN D 939 -71.79 -31.26 -10.86
C ASN D 939 -72.22 -30.08 -11.72
N GLY D 940 -73.18 -29.30 -11.23
CA GLY D 940 -73.61 -28.05 -11.87
C GLY D 940 -72.88 -26.89 -11.28
N LYS D 941 -72.76 -25.78 -12.01
CA LYS D 941 -72.03 -24.58 -11.59
C LYS D 941 -72.76 -23.32 -12.05
N PHE D 942 -72.79 -22.29 -11.21
CA PHE D 942 -73.20 -20.91 -11.52
C PHE D 942 -72.02 -19.98 -11.26
N LEU D 943 -71.38 -19.50 -12.33
CA LEU D 943 -70.15 -18.66 -12.30
C LEU D 943 -70.50 -17.25 -12.77
N VAL D 944 -70.21 -16.22 -11.99
CA VAL D 944 -70.56 -14.80 -12.28
C VAL D 944 -69.31 -13.94 -12.13
N TYR D 945 -68.94 -13.17 -13.16
CA TYR D 945 -67.69 -12.39 -13.24
C TYR D 945 -67.97 -10.95 -13.66
N ASN D 946 -67.21 -10.01 -13.12
CA ASN D 946 -67.17 -8.58 -13.50
C ASN D 946 -66.09 -8.35 -14.55
N SER D 947 -66.45 -7.86 -15.73
CA SER D 947 -65.52 -7.61 -16.87
C SER D 947 -64.70 -6.38 -16.60
N ALA D 948 -63.72 -6.11 -17.46
CA ALA D 948 -63.06 -4.80 -17.60
C ALA D 948 -63.93 -3.92 -18.49
N LEU D 949 -63.57 -2.66 -18.59
CA LEU D 949 -64.36 -1.64 -19.33
C LEU D 949 -64.03 -1.80 -20.82
N THR D 950 -64.67 -2.78 -21.46
CA THR D 950 -64.49 -3.13 -22.88
C THR D 950 -65.79 -3.72 -23.42
N GLU D 951 -66.06 -3.50 -24.70
CA GLU D 951 -67.24 -4.05 -25.40
C GLU D 951 -66.79 -5.01 -26.50
N TYR D 952 -65.77 -4.64 -27.28
CA TYR D 952 -65.21 -5.45 -28.38
C TYR D 952 -64.62 -6.73 -27.78
N ALA D 953 -63.65 -6.60 -26.90
CA ALA D 953 -62.93 -7.74 -26.27
C ALA D 953 -63.89 -8.54 -25.40
N GLY D 954 -64.83 -7.89 -24.73
CA GLY D 954 -65.78 -8.55 -23.82
C GLY D 954 -66.72 -9.48 -24.53
N MET D 955 -67.44 -9.00 -25.53
CA MET D 955 -68.45 -9.79 -26.26
C MET D 955 -67.76 -10.85 -27.09
N GLY D 956 -66.58 -10.55 -27.62
CA GLY D 956 -65.78 -11.51 -28.41
C GLY D 956 -65.45 -12.73 -27.59
N PHE D 957 -65.09 -12.54 -26.33
CA PHE D 957 -64.66 -13.62 -25.41
C PHE D 957 -65.82 -14.55 -25.10
N GLU D 958 -67.04 -14.05 -25.04
CA GLU D 958 -68.23 -14.87 -24.70
C GLU D 958 -68.71 -15.63 -25.92
N TYR D 959 -68.51 -15.12 -27.13
CA TYR D 959 -68.81 -15.86 -28.37
C TYR D 959 -67.87 -17.05 -28.48
N GLY D 960 -66.61 -16.85 -28.12
CA GLY D 960 -65.60 -17.90 -28.12
C GLY D 960 -65.94 -19.03 -27.19
N TYR D 961 -66.49 -18.70 -26.03
CA TYR D 961 -66.84 -19.66 -24.97
C TYR D 961 -67.96 -20.56 -25.47
N SER D 962 -68.90 -20.02 -26.20
CA SER D 962 -70.05 -20.77 -26.76
C SER D 962 -69.58 -21.77 -27.80
N VAL D 963 -68.55 -21.44 -28.56
CA VAL D 963 -68.03 -22.31 -29.67
C VAL D 963 -67.20 -23.43 -29.06
N GLY D 964 -66.47 -23.17 -27.98
CA GLY D 964 -65.57 -24.14 -27.35
C GLY D 964 -66.25 -25.03 -26.32
N ASN D 965 -67.53 -24.83 -26.03
CA ASN D 965 -68.36 -25.77 -25.23
C ASN D 965 -69.81 -25.62 -25.62
N GLU D 966 -70.28 -26.47 -26.53
CA GLU D 966 -71.66 -26.44 -27.07
C GLU D 966 -72.69 -26.62 -25.96
N ASP D 967 -72.34 -27.26 -24.85
CA ASP D 967 -73.29 -27.69 -23.79
C ASP D 967 -73.37 -26.67 -22.66
N SER D 968 -72.65 -25.57 -22.71
CA SER D 968 -72.68 -24.49 -21.69
C SER D 968 -73.80 -23.50 -22.02
N ILE D 969 -74.32 -22.82 -21.00
CA ILE D 969 -75.26 -21.67 -21.13
C ILE D 969 -74.47 -20.41 -20.81
N VAL D 970 -74.23 -19.53 -21.80
CA VAL D 970 -73.41 -18.29 -21.67
C VAL D 970 -74.25 -17.07 -21.98
N ALA D 971 -74.07 -15.98 -21.21
CA ALA D 971 -74.78 -14.69 -21.39
C ALA D 971 -73.82 -13.53 -21.15
N TRP D 972 -73.77 -12.57 -22.08
CA TRP D 972 -73.05 -11.28 -21.97
C TRP D 972 -74.03 -10.16 -21.76
N GLU D 973 -73.78 -9.28 -20.79
CA GLU D 973 -74.62 -8.13 -20.45
C GLU D 973 -73.86 -6.84 -20.74
N ALA D 974 -74.56 -5.81 -21.21
CA ALA D 974 -74.05 -4.46 -21.47
C ALA D 974 -74.57 -3.52 -20.39
N GLN D 975 -73.80 -2.49 -20.03
CA GLN D 975 -74.19 -1.53 -18.98
C GLN D 975 -75.45 -0.83 -19.44
N PHE D 976 -75.43 -0.31 -20.65
CA PHE D 976 -76.60 0.16 -21.42
C PHE D 976 -76.47 -0.37 -22.83
N GLY D 977 -77.57 -0.66 -23.50
CA GLY D 977 -77.60 -1.23 -24.85
C GLY D 977 -77.03 -0.28 -25.89
N ASP D 978 -76.95 1.00 -25.56
CA ASP D 978 -76.42 2.08 -26.44
C ASP D 978 -74.93 1.91 -26.68
N PHE D 979 -74.20 1.18 -25.83
CA PHE D 979 -72.74 1.04 -25.91
C PHE D 979 -72.33 -0.22 -26.66
N ALA D 980 -73.28 -0.98 -27.21
CA ALA D 980 -73.01 -2.22 -27.96
C ALA D 980 -72.53 -1.92 -29.38
N ASN D 981 -72.58 -0.67 -29.84
CA ASN D 981 -72.06 -0.27 -31.16
C ASN D 981 -70.53 -0.29 -31.18
N GLY D 982 -69.88 -0.39 -30.03
CA GLY D 982 -68.43 -0.55 -29.93
C GLY D 982 -68.00 -1.99 -30.06
N ALA D 983 -68.92 -2.91 -30.31
CA ALA D 983 -68.65 -4.31 -30.64
C ALA D 983 -69.38 -4.70 -31.92
N GLN D 984 -69.45 -3.80 -32.90
CA GLN D 984 -70.21 -4.00 -34.14
C GLN D 984 -69.51 -5.02 -35.02
N THR D 985 -68.17 -5.03 -35.02
CA THR D 985 -67.37 -6.02 -35.79
C THR D 985 -67.79 -7.43 -35.39
N ILE D 986 -67.96 -7.69 -34.09
CA ILE D 986 -68.29 -9.04 -33.56
C ILE D 986 -69.74 -9.37 -33.87
N ILE D 987 -70.65 -8.40 -33.92
CA ILE D 987 -72.08 -8.66 -34.23
C ILE D 987 -72.20 -9.02 -35.71
N ASP D 988 -71.54 -8.26 -36.57
CA ASP D 988 -71.67 -8.35 -38.05
C ASP D 988 -70.97 -9.60 -38.60
N GLU D 989 -69.80 -9.93 -38.09
CA GLU D 989 -68.85 -10.87 -38.72
C GLU D 989 -68.89 -12.26 -38.07
N TYR D 990 -69.45 -12.41 -36.86
CA TYR D 990 -69.47 -13.69 -36.10
C TYR D 990 -70.89 -14.08 -35.67
N VAL D 991 -71.60 -13.23 -34.95
CA VAL D 991 -72.86 -13.60 -34.23
C VAL D 991 -73.99 -13.75 -35.22
N SER D 992 -74.11 -12.87 -36.20
CA SER D 992 -75.26 -12.81 -37.13
C SER D 992 -75.02 -13.67 -38.36
N SER D 993 -73.76 -13.98 -38.70
CA SER D 993 -73.36 -14.47 -40.03
C SER D 993 -72.52 -15.76 -39.99
N GLY D 994 -72.11 -16.25 -38.83
CA GLY D 994 -71.17 -17.38 -38.73
C GLY D 994 -71.69 -18.68 -39.30
N GLU D 995 -72.95 -19.00 -39.10
CA GLU D 995 -73.57 -20.26 -39.56
C GLU D 995 -73.65 -20.27 -41.08
N ALA D 996 -74.07 -19.17 -41.69
CA ALA D 996 -74.20 -19.05 -43.16
C ALA D 996 -72.84 -19.15 -43.84
N LYS D 997 -71.81 -18.56 -43.27
CA LYS D 997 -70.46 -18.48 -43.86
C LYS D 997 -69.77 -19.83 -43.72
N TRP D 998 -69.58 -20.31 -42.49
CA TRP D 998 -68.65 -21.41 -42.16
C TRP D 998 -69.35 -22.64 -41.58
N GLY D 999 -70.64 -22.59 -41.28
CA GLY D 999 -71.35 -23.71 -40.64
C GLY D 999 -71.01 -23.86 -39.18
N GLN D 1000 -70.64 -22.79 -38.51
CA GLN D 1000 -70.27 -22.74 -37.07
C GLN D 1000 -71.44 -22.18 -36.30
N THR D 1001 -71.97 -22.95 -35.34
CA THR D 1001 -73.21 -22.63 -34.60
C THR D 1001 -72.86 -22.11 -33.21
N SER D 1002 -73.69 -21.20 -32.68
CA SER D 1002 -73.58 -20.62 -31.32
C SER D 1002 -74.95 -20.44 -30.71
N LYS D 1003 -75.02 -20.48 -29.38
CA LYS D 1003 -76.23 -20.31 -28.55
C LYS D 1003 -76.00 -19.20 -27.53
N LEU D 1004 -75.29 -18.14 -27.89
CA LEU D 1004 -74.95 -17.01 -27.00
C LEU D 1004 -76.21 -16.21 -26.71
N ILE D 1005 -76.37 -15.70 -25.49
CA ILE D 1005 -77.48 -14.81 -25.06
C ILE D 1005 -76.89 -13.42 -24.87
N LEU D 1006 -77.42 -12.42 -25.59
CA LEU D 1006 -77.11 -10.98 -25.40
C LEU D 1006 -78.24 -10.35 -24.60
N LEU D 1007 -77.93 -9.75 -23.44
CA LEU D 1007 -78.86 -9.02 -22.54
C LEU D 1007 -78.55 -7.52 -22.65
N LEU D 1008 -79.40 -6.75 -23.35
CA LEU D 1008 -79.17 -5.34 -23.73
C LEU D 1008 -80.26 -4.46 -23.15
N PRO D 1009 -80.01 -3.62 -22.11
CA PRO D 1009 -81.01 -2.69 -21.59
C PRO D 1009 -81.54 -1.63 -22.54
N HIS D 1010 -82.81 -1.27 -22.43
CA HIS D 1010 -83.55 -0.48 -23.44
C HIS D 1010 -84.76 0.20 -22.80
N GLY D 1011 -84.94 1.50 -23.02
CA GLY D 1011 -86.19 2.19 -22.67
C GLY D 1011 -86.06 3.68 -22.73
N TYR D 1012 -87.14 4.37 -23.08
CA TYR D 1012 -87.24 5.84 -23.23
C TYR D 1012 -87.81 6.39 -21.94
N GLU D 1013 -86.93 6.78 -21.01
CA GLU D 1013 -87.27 7.19 -19.63
C GLU D 1013 -86.78 8.61 -19.32
N GLY D 1014 -86.13 9.30 -20.26
CA GLY D 1014 -85.80 10.72 -20.16
C GLY D 1014 -84.39 10.97 -19.67
N GLN D 1015 -83.44 10.15 -20.07
CA GLN D 1015 -82.07 10.16 -19.52
C GLN D 1015 -81.05 10.41 -20.63
N GLY D 1016 -81.47 10.83 -21.82
CA GLY D 1016 -80.59 11.39 -22.86
C GLY D 1016 -80.34 10.44 -24.02
N PRO D 1017 -79.66 10.89 -25.09
CA PRO D 1017 -79.40 10.06 -26.26
C PRO D 1017 -78.44 8.87 -26.17
N ASP D 1018 -77.59 8.78 -25.15
CA ASP D 1018 -76.64 7.65 -25.00
C ASP D 1018 -77.07 6.73 -23.87
N HIS D 1019 -78.33 6.84 -23.41
CA HIS D 1019 -78.91 6.02 -22.33
C HIS D 1019 -80.38 5.75 -22.62
N SER D 1020 -80.79 5.48 -23.85
CA SER D 1020 -82.21 5.27 -24.21
C SER D 1020 -82.46 4.12 -25.19
N SER D 1021 -81.66 3.93 -26.24
CA SER D 1021 -81.93 2.94 -27.32
C SER D 1021 -80.79 1.96 -27.49
N ALA D 1022 -81.12 0.68 -27.61
CA ALA D 1022 -80.18 -0.42 -27.94
C ALA D 1022 -80.21 -0.71 -29.45
N ARG D 1023 -80.99 0.05 -30.22
CA ARG D 1023 -81.04 0.04 -31.71
C ARG D 1023 -81.65 -1.27 -32.20
N ILE D 1024 -82.94 -1.45 -31.95
CA ILE D 1024 -83.76 -2.62 -32.37
C ILE D 1024 -83.72 -2.72 -33.89
N GLU D 1025 -83.94 -1.60 -34.58
CA GLU D 1025 -83.99 -1.51 -36.07
C GLU D 1025 -82.76 -2.15 -36.68
N ARG D 1026 -81.60 -2.00 -36.07
CA ARG D 1026 -80.32 -2.47 -36.64
C ARG D 1026 -80.24 -3.99 -36.53
N PHE D 1027 -80.74 -4.58 -35.45
CA PHE D 1027 -80.72 -6.04 -35.23
C PHE D 1027 -81.73 -6.71 -36.15
N LEU D 1028 -82.88 -6.11 -36.39
CA LEU D 1028 -83.91 -6.73 -37.26
C LEU D 1028 -83.50 -6.65 -38.73
N GLN D 1029 -82.61 -5.73 -39.09
CA GLN D 1029 -82.03 -5.60 -40.46
C GLN D 1029 -81.14 -6.79 -40.78
N LEU D 1030 -80.48 -7.36 -39.77
CA LEU D 1030 -79.49 -8.46 -39.92
C LEU D 1030 -80.16 -9.84 -39.90
N CYS D 1031 -81.46 -9.95 -39.73
CA CYS D 1031 -82.17 -11.25 -39.57
C CYS D 1031 -82.72 -11.73 -40.91
N ALA D 1032 -82.56 -13.01 -41.22
CA ALA D 1032 -83.10 -13.67 -42.42
C ALA D 1032 -83.11 -15.18 -42.25
N GLU D 1033 -84.24 -15.83 -42.51
CA GLU D 1033 -84.41 -17.30 -42.51
C GLU D 1033 -84.03 -17.86 -41.13
N GLY D 1034 -84.51 -17.21 -40.08
CA GLY D 1034 -84.34 -17.65 -38.68
C GLY D 1034 -82.89 -17.69 -38.26
N SER D 1035 -82.10 -16.67 -38.56
CA SER D 1035 -80.65 -16.64 -38.26
C SER D 1035 -80.43 -16.44 -36.76
N MET D 1036 -81.20 -15.55 -36.13
CA MET D 1036 -81.24 -15.38 -34.65
C MET D 1036 -82.62 -14.95 -34.18
N THR D 1037 -82.94 -15.25 -32.92
CA THR D 1037 -84.21 -14.93 -32.21
C THR D 1037 -84.08 -13.60 -31.47
N VAL D 1038 -85.07 -12.70 -31.62
CA VAL D 1038 -85.09 -11.33 -31.02
C VAL D 1038 -86.41 -11.16 -30.26
N ALA D 1039 -86.36 -10.76 -28.98
CA ALA D 1039 -87.53 -10.66 -28.07
C ALA D 1039 -87.41 -9.51 -27.09
N GLN D 1040 -88.58 -9.05 -26.59
CA GLN D 1040 -88.75 -7.96 -25.60
C GLN D 1040 -89.90 -8.34 -24.69
N PRO D 1041 -89.69 -9.10 -23.58
CA PRO D 1041 -90.77 -9.55 -22.73
C PRO D 1041 -91.27 -8.49 -21.74
N SER D 1042 -92.51 -8.63 -21.28
CA SER D 1042 -93.25 -7.62 -20.47
C SER D 1042 -93.39 -8.04 -19.02
N THR D 1043 -93.12 -9.30 -18.67
CA THR D 1043 -93.49 -9.94 -17.39
C THR D 1043 -92.34 -10.81 -16.94
N PRO D 1044 -91.93 -10.82 -15.65
CA PRO D 1044 -90.84 -11.67 -15.19
C PRO D 1044 -90.94 -13.18 -15.46
N ALA D 1045 -92.14 -13.73 -15.40
CA ALA D 1045 -92.41 -15.16 -15.65
C ALA D 1045 -92.17 -15.49 -17.11
N ASN D 1046 -92.45 -14.57 -18.03
CA ASN D 1046 -92.30 -14.83 -19.47
C ASN D 1046 -90.82 -14.83 -19.81
N HIS D 1047 -90.02 -14.01 -19.16
CA HIS D 1047 -88.55 -13.97 -19.32
C HIS D 1047 -87.96 -15.30 -18.87
N PHE D 1048 -88.52 -15.87 -17.81
CA PHE D 1048 -88.11 -17.17 -17.22
C PHE D 1048 -88.33 -18.27 -18.24
N HIS D 1049 -89.50 -18.28 -18.85
CA HIS D 1049 -89.91 -19.35 -19.79
C HIS D 1049 -89.12 -19.24 -21.09
N LEU D 1050 -88.70 -18.04 -21.51
CA LEU D 1050 -87.93 -17.83 -22.76
C LEU D 1050 -86.53 -18.40 -22.55
N LEU D 1051 -85.88 -18.09 -21.44
CA LEU D 1051 -84.49 -18.52 -21.18
C LEU D 1051 -84.43 -20.04 -21.10
N ARG D 1052 -85.45 -20.69 -20.54
CA ARG D 1052 -85.48 -22.15 -20.36
C ARG D 1052 -85.79 -22.85 -21.67
N ARG D 1053 -86.61 -22.25 -22.52
CA ARG D 1053 -86.90 -22.82 -23.86
C ARG D 1053 -85.64 -22.87 -24.70
N HIS D 1054 -84.84 -21.82 -24.65
CA HIS D 1054 -83.59 -21.68 -25.43
C HIS D 1054 -82.60 -22.73 -25.00
N ALA D 1055 -82.49 -23.02 -23.71
CA ALA D 1055 -81.46 -23.92 -23.15
C ALA D 1055 -81.84 -25.38 -23.32
N LEU D 1056 -83.11 -25.71 -23.52
CA LEU D 1056 -83.58 -27.11 -23.63
C LEU D 1056 -84.03 -27.46 -25.04
N SER D 1057 -83.86 -26.58 -26.04
CA SER D 1057 -84.21 -26.86 -27.45
C SER D 1057 -83.00 -27.42 -28.18
N ASP D 1058 -83.24 -27.91 -29.41
CA ASP D 1058 -82.22 -28.47 -30.33
C ASP D 1058 -81.79 -27.41 -31.33
N LEU D 1059 -82.49 -26.28 -31.41
CA LEU D 1059 -82.16 -25.17 -32.36
C LEU D 1059 -80.96 -24.41 -31.81
N LYS D 1060 -79.88 -24.35 -32.57
CA LYS D 1060 -78.55 -23.84 -32.13
C LYS D 1060 -78.28 -22.49 -32.77
N ARG D 1061 -79.00 -21.45 -32.35
CA ARG D 1061 -78.89 -20.07 -32.88
C ARG D 1061 -78.88 -19.09 -31.73
N PRO D 1062 -78.28 -17.88 -31.85
CA PRO D 1062 -78.30 -16.90 -30.78
C PRO D 1062 -79.66 -16.31 -30.36
N LEU D 1063 -79.68 -15.67 -29.19
CA LEU D 1063 -80.87 -15.00 -28.58
C LEU D 1063 -80.50 -13.59 -28.13
N VAL D 1064 -81.20 -12.58 -28.62
CA VAL D 1064 -81.04 -11.15 -28.27
C VAL D 1064 -82.29 -10.72 -27.52
N ILE D 1065 -82.17 -10.39 -26.22
CA ILE D 1065 -83.27 -9.94 -25.32
C ILE D 1065 -83.04 -8.47 -24.99
N PHE D 1066 -84.07 -7.64 -25.18
CA PHE D 1066 -84.11 -6.21 -24.79
C PHE D 1066 -84.75 -6.11 -23.41
N THR D 1067 -83.96 -5.79 -22.39
CA THR D 1067 -84.28 -5.90 -20.95
C THR D 1067 -84.63 -4.54 -20.37
N PRO D 1068 -85.48 -4.45 -19.32
CA PRO D 1068 -85.95 -3.17 -18.80
C PRO D 1068 -85.06 -2.47 -17.76
N LYS D 1069 -85.39 -1.21 -17.43
CA LYS D 1069 -84.66 -0.34 -16.46
C LYS D 1069 -85.59 0.13 -15.34
N SER D 1070 -86.62 0.91 -15.66
CA SER D 1070 -87.61 1.41 -14.68
C SER D 1070 -88.59 0.30 -14.29
N MET D 1071 -88.97 -0.55 -15.24
CA MET D 1071 -89.95 -1.65 -15.04
C MET D 1071 -89.40 -2.69 -14.07
N LEU D 1072 -88.09 -2.67 -13.77
CA LEU D 1072 -87.44 -3.54 -12.77
C LEU D 1072 -88.13 -3.44 -11.42
N ARG D 1073 -88.73 -2.29 -11.08
CA ARG D 1073 -89.32 -2.02 -9.75
C ARG D 1073 -90.78 -1.58 -9.85
N ASN D 1074 -91.46 -1.84 -10.95
CA ASN D 1074 -92.90 -1.52 -11.12
C ASN D 1074 -93.71 -2.67 -10.53
N LYS D 1075 -94.69 -2.36 -9.70
CA LYS D 1075 -95.44 -3.38 -8.92
C LYS D 1075 -96.59 -3.94 -9.73
N ALA D 1076 -96.94 -3.36 -10.87
CA ALA D 1076 -97.97 -3.90 -11.77
C ALA D 1076 -97.36 -4.98 -12.67
N ALA D 1077 -96.04 -5.09 -12.72
CA ALA D 1077 -95.30 -6.02 -13.59
C ALA D 1077 -95.01 -7.34 -12.87
N ALA D 1078 -95.05 -7.38 -11.53
CA ALA D 1078 -94.64 -8.55 -10.73
C ALA D 1078 -95.53 -9.76 -11.02
N SER D 1079 -95.01 -10.97 -10.75
CA SER D 1079 -95.60 -12.28 -11.13
C SER D 1079 -95.89 -13.14 -9.90
N ALA D 1080 -96.91 -13.99 -9.99
CA ALA D 1080 -97.35 -14.95 -8.94
C ALA D 1080 -96.61 -16.26 -9.12
N PRO D 1081 -96.54 -17.13 -8.08
CA PRO D 1081 -95.86 -18.42 -8.20
C PRO D 1081 -96.48 -19.45 -9.16
N GLU D 1082 -97.78 -19.38 -9.38
CA GLU D 1082 -98.50 -20.28 -10.31
C GLU D 1082 -98.02 -20.04 -11.74
N ASP D 1083 -97.45 -18.87 -12.03
CA ASP D 1083 -96.96 -18.51 -13.38
C ASP D 1083 -95.63 -19.21 -13.69
N PHE D 1084 -94.94 -19.74 -12.68
CA PHE D 1084 -93.70 -20.53 -12.84
C PHE D 1084 -93.92 -22.03 -12.68
N THR D 1085 -95.13 -22.46 -12.32
CA THR D 1085 -95.43 -23.84 -11.85
C THR D 1085 -96.63 -24.45 -12.56
N GLU D 1086 -97.67 -23.70 -12.89
CA GLU D 1086 -98.88 -24.24 -13.57
C GLU D 1086 -98.91 -23.85 -15.06
N VAL D 1087 -98.40 -22.69 -15.44
CA VAL D 1087 -98.25 -22.26 -16.87
C VAL D 1087 -97.05 -23.00 -17.45
N THR D 1088 -97.22 -23.63 -18.61
CA THR D 1088 -96.32 -24.67 -19.18
C THR D 1088 -95.32 -24.08 -20.18
N LYS D 1089 -95.74 -23.15 -21.03
CA LYS D 1089 -94.98 -22.65 -22.20
C LYS D 1089 -94.71 -21.16 -22.11
N PHE D 1090 -93.82 -20.66 -22.96
CA PHE D 1090 -93.56 -19.22 -23.24
C PHE D 1090 -94.62 -18.72 -24.21
N GLN D 1091 -95.10 -17.49 -24.00
CA GLN D 1091 -96.12 -16.85 -24.82
C GLN D 1091 -95.46 -15.83 -25.74
N SER D 1092 -95.81 -15.83 -27.01
CA SER D 1092 -95.27 -14.92 -28.05
C SER D 1092 -96.20 -13.72 -28.24
N VAL D 1093 -97.49 -13.90 -28.07
CA VAL D 1093 -98.52 -12.83 -28.03
C VAL D 1093 -99.30 -13.00 -26.74
N ILE D 1094 -99.62 -11.91 -26.04
CA ILE D 1094 -100.46 -11.87 -24.81
C ILE D 1094 -101.65 -10.98 -25.09
N ASN D 1095 -102.84 -11.54 -25.09
CA ASN D 1095 -104.10 -10.83 -25.40
C ASN D 1095 -104.48 -9.98 -24.19
N ASP D 1096 -105.50 -9.12 -24.31
CA ASP D 1096 -105.84 -8.11 -23.27
C ASP D 1096 -106.54 -8.82 -22.10
N PRO D 1097 -106.03 -8.70 -20.87
CA PRO D 1097 -106.71 -9.25 -19.70
C PRO D 1097 -108.03 -8.60 -19.31
N ASN D 1098 -108.23 -7.33 -19.66
CA ASN D 1098 -109.31 -6.47 -19.14
C ASN D 1098 -110.28 -6.13 -20.26
N VAL D 1099 -110.99 -7.13 -20.78
CA VAL D 1099 -112.07 -6.92 -21.79
C VAL D 1099 -113.34 -7.60 -21.29
N ALA D 1100 -114.38 -6.82 -21.02
CA ALA D 1100 -115.69 -7.33 -20.55
C ALA D 1100 -116.39 -8.05 -21.69
N ASP D 1101 -116.63 -7.34 -22.79
CA ASP D 1101 -117.36 -7.84 -23.97
C ASP D 1101 -116.53 -7.59 -25.23
N ALA D 1102 -116.20 -8.66 -25.96
CA ALA D 1102 -115.34 -8.62 -27.16
C ALA D 1102 -116.10 -8.05 -28.34
N ALA D 1103 -117.43 -8.11 -28.33
CA ALA D 1103 -118.31 -7.63 -29.41
C ALA D 1103 -118.35 -6.10 -29.45
N LYS D 1104 -117.97 -5.43 -28.36
CA LYS D 1104 -118.00 -3.95 -28.25
C LYS D 1104 -116.68 -3.32 -28.73
N VAL D 1105 -115.63 -4.10 -29.01
CA VAL D 1105 -114.29 -3.57 -29.38
C VAL D 1105 -114.33 -3.09 -30.82
N LYS D 1106 -113.78 -1.90 -31.09
CA LYS D 1106 -113.75 -1.23 -32.42
C LYS D 1106 -112.32 -0.87 -32.85
N LYS D 1107 -111.42 -0.58 -31.90
CA LYS D 1107 -109.97 -0.34 -32.13
C LYS D 1107 -109.17 -1.47 -31.50
N VAL D 1108 -108.01 -1.81 -32.08
CA VAL D 1108 -107.03 -2.78 -31.52
C VAL D 1108 -105.64 -2.15 -31.59
N MET D 1109 -104.96 -1.98 -30.48
CA MET D 1109 -103.60 -1.42 -30.40
C MET D 1109 -102.58 -2.54 -30.24
N LEU D 1110 -101.54 -2.58 -31.07
CA LEU D 1110 -100.38 -3.50 -30.93
C LEU D 1110 -99.22 -2.72 -30.31
N VAL D 1111 -98.49 -3.33 -29.38
CA VAL D 1111 -97.45 -2.67 -28.55
C VAL D 1111 -96.40 -3.70 -28.16
N SER D 1112 -95.20 -3.30 -27.81
CA SER D 1112 -94.12 -4.18 -27.31
C SER D 1112 -93.26 -3.46 -26.28
N GLY D 1113 -93.28 -3.92 -25.03
CA GLY D 1113 -92.34 -3.49 -23.97
C GLY D 1113 -93.05 -2.74 -22.86
N LYS D 1114 -92.37 -1.76 -22.27
CA LYS D 1114 -92.80 -1.03 -21.05
C LYS D 1114 -93.98 -0.12 -21.33
N LEU D 1115 -94.21 0.30 -22.56
CA LEU D 1115 -95.26 1.29 -22.87
C LEU D 1115 -96.64 0.69 -22.66
N TYR D 1116 -96.75 -0.63 -22.54
CA TYR D 1116 -98.05 -1.32 -22.28
C TYR D 1116 -98.67 -0.72 -21.04
N TYR D 1117 -97.89 -0.64 -19.97
CA TYR D 1117 -98.35 -0.31 -18.61
C TYR D 1117 -98.91 1.10 -18.59
N GLU D 1118 -98.34 2.03 -19.37
CA GLU D 1118 -98.85 3.42 -19.48
C GLU D 1118 -100.20 3.42 -20.19
N LEU D 1119 -100.30 2.72 -21.31
CA LEU D 1119 -101.52 2.66 -22.14
C LEU D 1119 -102.66 2.02 -21.35
N ALA D 1120 -102.36 1.00 -20.54
CA ALA D 1120 -103.33 0.22 -19.76
C ALA D 1120 -103.92 1.08 -18.64
N LYS D 1121 -103.08 1.90 -18.01
CA LYS D 1121 -103.45 2.86 -16.95
C LYS D 1121 -104.52 3.81 -17.46
N ARG D 1122 -104.33 4.34 -18.66
CA ARG D 1122 -105.20 5.36 -19.27
C ARG D 1122 -106.53 4.75 -19.66
N LYS D 1123 -106.55 3.50 -20.08
CA LYS D 1123 -107.78 2.78 -20.50
C LYS D 1123 -108.71 2.63 -19.30
N GLU D 1124 -108.15 2.36 -18.12
CA GLU D 1124 -108.89 2.15 -16.86
C GLU D 1124 -109.46 3.49 -16.37
N LYS D 1125 -108.63 4.54 -16.41
CA LYS D 1125 -109.00 5.91 -15.93
C LYS D 1125 -110.18 6.45 -16.73
N ASP D 1126 -110.22 6.23 -18.03
CA ASP D 1126 -111.20 6.85 -18.94
C ASP D 1126 -112.36 5.91 -19.24
N GLY D 1127 -112.27 4.65 -18.85
CA GLY D 1127 -113.37 3.67 -19.00
C GLY D 1127 -113.66 3.36 -20.46
N ARG D 1128 -112.62 3.04 -21.23
CA ARG D 1128 -112.74 2.76 -22.68
C ARG D 1128 -112.94 1.25 -22.86
N ASP D 1129 -114.17 0.85 -23.17
CA ASP D 1129 -114.57 -0.56 -23.40
C ASP D 1129 -114.63 -0.84 -24.90
N ASP D 1130 -114.15 0.09 -25.73
CA ASP D 1130 -114.12 -0.02 -27.21
C ASP D 1130 -112.69 -0.28 -27.70
N ILE D 1131 -111.69 -0.27 -26.81
CA ILE D 1131 -110.26 -0.48 -27.14
C ILE D 1131 -109.80 -1.80 -26.53
N ALA D 1132 -108.91 -2.52 -27.21
CA ALA D 1132 -108.20 -3.74 -26.73
C ALA D 1132 -106.72 -3.64 -27.03
N ILE D 1133 -105.84 -3.83 -26.05
CA ILE D 1133 -104.37 -3.67 -26.16
C ILE D 1133 -103.71 -5.05 -26.16
N VAL D 1134 -102.97 -5.39 -27.22
CA VAL D 1134 -102.35 -6.73 -27.49
C VAL D 1134 -100.84 -6.57 -27.59
N ARG D 1135 -100.09 -7.42 -26.92
CA ARG D 1135 -98.63 -7.30 -26.72
C ARG D 1135 -97.91 -8.31 -27.60
N ILE D 1136 -96.81 -7.92 -28.23
CA ILE D 1136 -95.93 -8.78 -29.06
C ILE D 1136 -94.63 -8.95 -28.29
N GLU D 1137 -94.39 -10.15 -27.78
CA GLU D 1137 -93.27 -10.48 -26.86
C GLU D 1137 -92.07 -10.93 -27.67
N MET D 1138 -92.30 -11.67 -28.76
CA MET D 1138 -91.25 -12.10 -29.71
C MET D 1138 -91.39 -11.31 -31.01
N LEU D 1139 -90.29 -10.72 -31.48
CA LEU D 1139 -90.26 -9.79 -32.64
C LEU D 1139 -89.85 -10.56 -33.89
N HIS D 1140 -88.72 -11.28 -33.88
CA HIS D 1140 -88.27 -12.17 -34.97
C HIS D 1140 -88.02 -13.57 -34.45
N PRO D 1141 -88.58 -14.65 -35.02
CA PRO D 1141 -89.56 -14.61 -36.10
C PRO D 1141 -90.90 -13.95 -35.78
N ILE D 1142 -91.63 -13.52 -36.79
CA ILE D 1142 -92.93 -12.82 -36.61
C ILE D 1142 -93.97 -13.87 -36.28
N PRO D 1143 -94.61 -13.83 -35.10
CA PRO D 1143 -95.68 -14.75 -34.78
C PRO D 1143 -97.00 -14.40 -35.44
N PHE D 1144 -97.12 -14.68 -36.73
CA PHE D 1144 -98.24 -14.18 -37.56
C PHE D 1144 -99.51 -14.99 -37.31
N ASN D 1145 -99.41 -16.26 -36.93
CA ASN D 1145 -100.59 -17.12 -36.69
C ASN D 1145 -101.28 -16.68 -35.42
N ARG D 1146 -100.51 -16.37 -34.38
CA ARG D 1146 -101.04 -15.94 -33.06
C ARG D 1146 -101.63 -14.54 -33.18
N ILE D 1147 -101.04 -13.64 -33.97
CA ILE D 1147 -101.56 -12.26 -34.20
C ILE D 1147 -102.88 -12.36 -34.95
N SER D 1148 -103.00 -13.30 -35.88
CA SER D 1148 -104.22 -13.51 -36.68
C SER D 1148 -105.35 -14.00 -35.78
N GLU D 1149 -105.06 -14.96 -34.90
CA GLU D 1149 -106.04 -15.56 -33.94
C GLU D 1149 -106.59 -14.47 -33.03
N ALA D 1150 -105.72 -13.59 -32.53
CA ALA D 1150 -106.05 -12.48 -31.63
C ALA D 1150 -107.05 -11.53 -32.30
N LEU D 1151 -106.77 -11.12 -33.53
CA LEU D 1151 -107.59 -10.15 -34.28
C LEU D 1151 -108.91 -10.78 -34.68
N ALA D 1152 -108.96 -12.09 -34.88
CA ALA D 1152 -110.18 -12.85 -35.23
C ALA D 1152 -111.16 -12.81 -34.07
N GLY D 1153 -110.66 -12.74 -32.83
CA GLY D 1153 -111.46 -12.73 -31.61
C GLY D 1153 -112.23 -11.45 -31.41
N TYR D 1154 -111.93 -10.40 -32.17
CA TYR D 1154 -112.62 -9.08 -32.14
C TYR D 1154 -113.26 -8.81 -33.49
N PRO D 1155 -114.42 -9.41 -33.81
CA PRO D 1155 -114.99 -9.35 -35.15
C PRO D 1155 -115.60 -8.03 -35.65
N ASN D 1156 -115.73 -7.00 -34.81
CA ASN D 1156 -116.25 -5.67 -35.21
C ASN D 1156 -115.14 -4.63 -35.11
N ALA D 1157 -113.88 -5.02 -35.32
CA ALA D 1157 -112.71 -4.12 -35.30
C ALA D 1157 -112.60 -3.42 -36.64
N GLU D 1158 -112.64 -2.09 -36.63
CA GLU D 1158 -112.60 -1.22 -37.84
C GLU D 1158 -111.15 -0.83 -38.15
N GLU D 1159 -110.32 -0.58 -37.14
CA GLU D 1159 -108.93 -0.09 -37.33
C GLU D 1159 -107.95 -0.80 -36.40
N VAL D 1160 -106.67 -0.80 -36.78
CA VAL D 1160 -105.51 -1.40 -36.06
C VAL D 1160 -104.39 -0.37 -35.99
N LEU D 1161 -103.97 0.04 -34.79
CA LEU D 1161 -102.87 1.01 -34.58
C LEU D 1161 -101.63 0.26 -34.10
N PHE D 1162 -100.45 0.66 -34.55
CA PHE D 1162 -99.14 0.17 -34.08
C PHE D 1162 -98.51 1.29 -33.30
N VAL D 1163 -98.25 1.10 -32.01
CA VAL D 1163 -97.85 2.19 -31.07
C VAL D 1163 -96.46 1.88 -30.51
N GLN D 1164 -95.49 2.77 -30.69
CA GLN D 1164 -94.12 2.59 -30.16
C GLN D 1164 -93.60 3.91 -29.60
N ASP D 1165 -92.65 3.85 -28.67
CA ASP D 1165 -92.00 5.03 -28.07
C ASP D 1165 -90.94 5.59 -28.98
N GLU D 1166 -90.28 4.78 -29.80
CA GLU D 1166 -89.08 5.18 -30.57
C GLU D 1166 -89.50 6.07 -31.72
N PRO D 1167 -88.60 6.90 -32.28
CA PRO D 1167 -88.86 7.66 -33.50
C PRO D 1167 -89.26 6.79 -34.70
N ALA D 1168 -89.88 7.37 -35.73
CA ALA D 1168 -90.55 6.64 -36.83
C ALA D 1168 -89.57 5.92 -37.74
N ASN D 1169 -88.29 6.24 -37.71
CA ASN D 1169 -87.22 5.60 -38.51
C ASN D 1169 -86.43 4.62 -37.64
N GLN D 1170 -86.85 4.42 -36.39
CA GLN D 1170 -86.19 3.54 -35.42
C GLN D 1170 -87.24 2.61 -34.82
N GLY D 1171 -86.84 1.65 -33.98
CA GLY D 1171 -87.75 0.72 -33.30
C GLY D 1171 -88.20 -0.39 -34.24
N PRO D 1172 -89.21 -1.20 -33.87
CA PRO D 1172 -89.75 -2.22 -34.76
C PRO D 1172 -90.73 -1.87 -35.89
N TRP D 1173 -91.08 -0.61 -36.11
CA TRP D 1173 -92.11 -0.24 -37.11
C TRP D 1173 -91.63 -0.48 -38.52
N PRO D 1174 -90.40 -0.06 -38.92
CA PRO D 1174 -89.93 -0.27 -40.28
C PRO D 1174 -90.03 -1.72 -40.77
N PHE D 1175 -89.68 -2.67 -39.90
CA PHE D 1175 -89.68 -4.13 -40.17
C PHE D 1175 -91.10 -4.63 -40.32
N TYR D 1176 -92.02 -4.16 -39.48
CA TYR D 1176 -93.40 -4.70 -39.38
C TYR D 1176 -94.28 -4.13 -40.48
N GLN D 1177 -94.04 -2.91 -40.96
CA GLN D 1177 -94.88 -2.29 -42.01
C GLN D 1177 -94.58 -2.95 -43.36
N GLU D 1178 -93.38 -3.51 -43.53
CA GLU D 1178 -92.94 -4.21 -44.75
C GLU D 1178 -93.54 -5.61 -44.81
N HIS D 1179 -93.44 -6.37 -43.72
CA HIS D 1179 -93.60 -7.85 -43.69
C HIS D 1179 -94.97 -8.30 -43.23
N LEU D 1180 -95.65 -7.58 -42.35
CA LEU D 1180 -96.87 -8.09 -41.68
C LEU D 1180 -98.06 -8.10 -42.62
N PRO D 1181 -98.30 -7.08 -43.46
CA PRO D 1181 -99.44 -7.10 -44.37
C PRO D 1181 -99.51 -8.26 -45.36
N GLU D 1182 -98.36 -8.72 -45.87
CA GLU D 1182 -98.29 -9.86 -46.81
C GLU D 1182 -98.54 -11.18 -46.08
N LEU D 1183 -98.28 -11.27 -44.77
CA LEU D 1183 -98.46 -12.50 -43.96
C LEU D 1183 -99.88 -12.60 -43.40
N ILE D 1184 -100.61 -11.50 -43.26
CA ILE D 1184 -102.04 -11.47 -42.83
C ILE D 1184 -102.82 -10.62 -43.83
N PRO D 1185 -103.22 -11.18 -44.99
CA PRO D 1185 -103.94 -10.41 -46.01
C PRO D 1185 -105.23 -9.69 -45.62
N ASN D 1186 -106.06 -10.29 -44.78
CA ASN D 1186 -107.42 -9.77 -44.45
C ASN D 1186 -107.35 -8.63 -43.43
N MET D 1187 -106.18 -8.39 -42.81
CA MET D 1187 -105.98 -7.33 -41.78
C MET D 1187 -106.31 -5.96 -42.37
N PRO D 1188 -106.92 -5.02 -41.62
CA PRO D 1188 -107.03 -3.62 -42.05
C PRO D 1188 -105.67 -2.93 -42.18
N LYS D 1189 -105.64 -1.76 -42.83
CA LYS D 1189 -104.40 -0.98 -43.03
C LYS D 1189 -103.95 -0.43 -41.67
N MET D 1190 -102.70 -0.69 -41.30
CA MET D 1190 -102.13 -0.24 -40.01
C MET D 1190 -101.92 1.27 -40.05
N ARG D 1191 -101.93 1.91 -38.88
CA ARG D 1191 -101.74 3.37 -38.69
C ARG D 1191 -100.74 3.59 -37.55
N ARG D 1192 -99.59 4.17 -37.85
CA ARG D 1192 -98.49 4.39 -36.89
C ARG D 1192 -98.88 5.44 -35.89
N VAL D 1193 -98.44 5.28 -34.65
CA VAL D 1193 -98.44 6.32 -33.57
C VAL D 1193 -97.12 6.23 -32.87
N SER D 1194 -96.22 7.18 -33.09
CA SER D 1194 -94.85 7.19 -32.53
C SER D 1194 -94.34 8.62 -32.40
N ARG D 1195 -93.12 8.76 -31.91
CA ARG D 1195 -92.35 10.03 -31.97
C ARG D 1195 -91.94 10.29 -33.41
N ARG D 1196 -91.69 11.55 -33.74
CA ARG D 1196 -91.26 12.07 -35.07
C ARG D 1196 -89.90 11.48 -35.44
N ALA D 1197 -89.63 11.30 -36.74
CA ALA D 1197 -88.35 10.77 -37.28
C ALA D 1197 -87.22 11.75 -37.00
N GLN D 1198 -86.05 11.28 -36.57
CA GLN D 1198 -84.92 12.17 -36.27
C GLN D 1198 -83.59 11.45 -36.38
N SER D 1199 -82.51 12.22 -36.40
CA SER D 1199 -81.13 11.79 -36.71
C SER D 1199 -80.42 11.30 -35.46
N SER D 1200 -80.80 11.82 -34.29
CA SER D 1200 -80.36 11.30 -32.97
C SER D 1200 -81.39 10.30 -32.46
N THR D 1201 -81.13 9.74 -31.29
CA THR D 1201 -81.96 8.70 -30.63
C THR D 1201 -83.08 9.36 -29.84
N ALA D 1202 -82.74 10.34 -29.00
CA ALA D 1202 -83.67 11.00 -28.05
C ALA D 1202 -83.16 12.37 -27.64
N THR D 1203 -84.06 13.22 -27.14
CA THR D 1203 -83.78 14.58 -26.60
C THR D 1203 -82.88 14.49 -25.39
N GLY D 1204 -82.28 15.61 -25.00
CA GLY D 1204 -81.42 15.73 -23.81
C GLY D 1204 -82.00 16.67 -22.78
N VAL D 1205 -83.19 17.23 -23.03
CA VAL D 1205 -83.95 18.09 -22.11
C VAL D 1205 -85.10 17.27 -21.55
N ALA D 1206 -85.21 17.16 -20.22
CA ALA D 1206 -86.15 16.28 -19.52
C ALA D 1206 -87.57 16.79 -19.60
N LYS D 1207 -87.79 18.10 -19.69
CA LYS D 1207 -89.15 18.66 -19.78
C LYS D 1207 -89.73 18.37 -21.16
N VAL D 1208 -88.89 18.30 -22.19
CA VAL D 1208 -89.32 18.02 -23.59
C VAL D 1208 -89.76 16.57 -23.69
N HIS D 1209 -89.07 15.65 -23.00
CA HIS D 1209 -89.40 14.21 -22.93
C HIS D 1209 -90.80 14.03 -22.38
N GLN D 1210 -91.14 14.74 -21.32
CA GLN D 1210 -92.44 14.57 -20.63
C GLN D 1210 -93.56 15.09 -21.50
N LEU D 1211 -93.30 16.11 -22.31
CA LEU D 1211 -94.32 16.74 -23.19
C LEU D 1211 -94.60 15.83 -24.37
N GLU D 1212 -93.55 15.23 -24.93
CA GLU D 1212 -93.62 14.25 -26.06
C GLU D 1212 -94.47 13.05 -25.66
N GLU D 1213 -94.25 12.51 -24.46
CA GLU D 1213 -94.93 11.28 -23.97
C GLU D 1213 -96.42 11.56 -23.82
N LYS D 1214 -96.80 12.72 -23.32
CA LYS D 1214 -98.21 13.12 -23.16
C LYS D 1214 -98.88 13.17 -24.53
N GLN D 1215 -98.21 13.74 -25.51
CA GLN D 1215 -98.71 13.97 -26.89
C GLN D 1215 -98.95 12.62 -27.58
N LEU D 1216 -98.09 11.64 -27.32
CA LEU D 1216 -98.09 10.27 -27.90
C LEU D 1216 -99.33 9.52 -27.46
N ILE D 1217 -99.64 9.55 -26.18
CA ILE D 1217 -100.75 8.78 -25.56
C ILE D 1217 -102.07 9.45 -25.91
N ASP D 1218 -102.10 10.78 -26.02
CA ASP D 1218 -103.31 11.53 -26.42
C ASP D 1218 -103.68 11.18 -27.85
N GLU D 1219 -102.69 11.04 -28.73
CA GLU D 1219 -102.87 10.75 -30.17
C GLU D 1219 -103.49 9.37 -30.33
N ALA D 1220 -103.09 8.41 -29.49
CA ALA D 1220 -103.53 7.00 -29.50
C ALA D 1220 -105.01 6.89 -29.20
N PHE D 1221 -105.50 7.66 -28.24
CA PHE D 1221 -106.88 7.58 -27.71
C PHE D 1221 -107.80 8.58 -28.42
N GLU D 1222 -107.25 9.52 -29.19
CA GLU D 1222 -108.02 10.56 -29.94
C GLU D 1222 -109.03 9.85 -30.84
N ALA D 1223 -110.29 10.29 -30.81
CA ALA D 1223 -111.39 9.76 -31.64
C ALA D 1223 -111.31 10.36 -33.05
N PRO E 104 -53.78 -13.16 40.62
CA PRO E 104 -53.63 -12.03 41.55
C PRO E 104 -54.04 -12.36 42.99
N GLY E 105 -53.52 -11.59 43.95
CA GLY E 105 -53.87 -11.64 45.38
C GLY E 105 -52.69 -12.00 46.25
N GLN E 106 -52.99 -12.52 47.44
CA GLN E 106 -52.02 -12.86 48.52
C GLN E 106 -52.02 -14.37 48.75
N THR E 107 -50.86 -14.99 48.85
CA THR E 107 -50.70 -16.44 49.08
C THR E 107 -49.58 -16.68 50.08
N PRO E 108 -49.82 -17.42 51.19
CA PRO E 108 -48.74 -17.84 52.08
C PRO E 108 -47.61 -18.60 51.41
N ILE E 109 -46.37 -18.34 51.87
CA ILE E 109 -45.14 -19.02 51.37
C ILE E 109 -45.00 -20.30 52.18
N ARG E 110 -44.75 -21.42 51.51
CA ARG E 110 -44.72 -22.77 52.11
C ARG E 110 -43.57 -23.59 51.52
N GLY E 111 -42.99 -24.49 52.32
CA GLY E 111 -42.05 -25.51 51.86
C GLY E 111 -40.63 -25.01 51.79
N ILE E 112 -39.92 -25.37 50.72
CA ILE E 112 -38.49 -25.01 50.48
C ILE E 112 -38.38 -23.49 50.29
N PHE E 113 -39.42 -22.85 49.75
CA PHE E 113 -39.47 -21.40 49.47
C PHE E 113 -39.55 -20.63 50.79
N LYS E 114 -40.18 -21.21 51.81
CA LYS E 114 -40.26 -20.60 53.16
C LYS E 114 -38.88 -20.64 53.83
N SER E 115 -38.13 -21.73 53.62
CA SER E 115 -36.77 -21.92 54.18
C SER E 115 -35.79 -20.91 53.58
N ILE E 116 -35.86 -20.70 52.26
CA ILE E 116 -35.01 -19.71 51.53
C ILE E 116 -35.27 -18.32 52.10
N ALA E 117 -36.54 -17.96 52.29
CA ALA E 117 -36.97 -16.65 52.81
C ALA E 117 -36.41 -16.41 54.22
N LYS E 118 -36.41 -17.41 55.08
CA LYS E 118 -35.94 -17.26 56.48
C LYS E 118 -34.43 -17.07 56.53
N ASN E 119 -33.69 -17.74 55.66
CA ASN E 119 -32.21 -17.68 55.64
C ASN E 119 -31.75 -16.31 55.12
N MET E 120 -32.48 -15.72 54.19
CA MET E 120 -32.16 -14.38 53.62
C MET E 120 -32.45 -13.29 54.66
N ASP E 121 -33.37 -13.51 55.59
CA ASP E 121 -33.63 -12.59 56.72
C ASP E 121 -32.48 -12.64 57.71
N ILE E 122 -31.91 -13.81 57.97
CA ILE E 122 -30.77 -14.01 58.91
C ILE E 122 -29.51 -13.39 58.33
N SER E 123 -29.38 -13.35 57.00
CA SER E 123 -28.18 -12.83 56.28
C SER E 123 -27.99 -11.35 56.53
N LEU E 124 -29.03 -10.63 56.96
CA LEU E 124 -28.99 -9.17 57.21
C LEU E 124 -28.04 -8.83 58.36
N GLU E 125 -27.62 -9.80 59.18
CA GLU E 125 -26.73 -9.54 60.34
C GLU E 125 -25.25 -9.77 59.98
N ILE E 126 -24.89 -9.85 58.70
CA ILE E 126 -23.48 -9.98 58.23
C ILE E 126 -23.09 -8.71 57.48
N PRO E 127 -22.08 -7.93 57.93
CA PRO E 127 -21.58 -6.80 57.16
C PRO E 127 -20.57 -7.17 56.07
N THR E 128 -20.91 -6.92 54.80
CA THR E 128 -20.19 -7.45 53.62
C THR E 128 -19.60 -6.31 52.78
N ALA E 129 -18.57 -6.64 52.01
CA ALA E 129 -17.93 -5.79 50.98
C ALA E 129 -17.54 -6.66 49.79
N THR E 130 -17.49 -6.12 48.57
CA THR E 130 -17.18 -6.87 47.33
C THR E 130 -16.02 -6.22 46.58
N SER E 131 -15.17 -7.05 45.97
CA SER E 131 -14.06 -6.70 45.05
C SER E 131 -14.36 -7.29 43.67
N VAL E 132 -13.96 -6.61 42.59
CA VAL E 132 -14.24 -6.99 41.18
C VAL E 132 -12.93 -6.92 40.40
N ARG E 133 -12.61 -7.93 39.58
CA ARG E 133 -11.39 -7.98 38.73
C ARG E 133 -11.70 -8.68 37.42
N ASP E 134 -11.18 -8.15 36.30
CA ASP E 134 -11.32 -8.69 34.92
C ASP E 134 -10.00 -9.30 34.48
N MET E 135 -10.05 -10.48 33.85
CA MET E 135 -8.89 -11.36 33.58
C MET E 135 -8.91 -11.80 32.12
N PRO E 136 -7.77 -11.88 31.41
CA PRO E 136 -7.71 -12.46 30.07
C PRO E 136 -8.14 -13.94 30.03
N ALA E 137 -8.81 -14.37 28.97
CA ALA E 137 -9.44 -15.70 28.86
C ALA E 137 -8.93 -16.53 27.66
N ARG E 138 -8.07 -15.98 26.78
CA ARG E 138 -7.67 -16.61 25.49
C ARG E 138 -7.02 -17.97 25.73
N LEU E 139 -6.09 -18.05 26.67
CA LEU E 139 -5.28 -19.26 26.92
C LEU E 139 -6.16 -20.36 27.51
N MET E 140 -7.26 -20.05 28.18
CA MET E 140 -8.24 -21.05 28.65
C MET E 140 -8.89 -21.70 27.44
N PHE E 141 -9.38 -20.89 26.51
CA PHE E 141 -10.07 -21.36 25.28
C PHE E 141 -9.15 -22.32 24.52
N GLU E 142 -7.87 -21.99 24.38
CA GLU E 142 -6.90 -22.78 23.57
C GLU E 142 -6.59 -24.09 24.27
N ASN E 143 -6.20 -24.04 25.54
CA ASN E 143 -5.71 -25.23 26.28
C ASN E 143 -6.86 -26.17 26.62
N ARG E 144 -8.09 -25.67 26.73
CA ARG E 144 -9.28 -26.53 26.96
C ARG E 144 -9.56 -27.36 25.72
N ALA E 145 -9.35 -26.78 24.54
CA ALA E 145 -9.56 -27.46 23.24
C ALA E 145 -8.59 -28.63 23.09
N MET E 146 -7.36 -28.48 23.56
CA MET E 146 -6.33 -29.53 23.49
C MET E 146 -6.70 -30.70 24.40
N VAL E 147 -7.27 -30.47 25.58
CA VAL E 147 -7.66 -31.56 26.52
C VAL E 147 -8.86 -32.31 25.95
N ASN E 148 -9.82 -31.62 25.35
CA ASN E 148 -11.05 -32.23 24.84
C ASN E 148 -10.77 -33.00 23.55
N ASP E 149 -9.70 -32.65 22.83
CA ASP E 149 -9.23 -33.37 21.62
C ASP E 149 -8.66 -34.73 22.03
N GLN E 150 -7.90 -34.78 23.12
CA GLN E 150 -7.30 -36.01 23.70
C GLN E 150 -8.39 -36.94 24.21
N LEU E 151 -9.44 -36.40 24.82
CA LEU E 151 -10.51 -37.22 25.46
C LEU E 151 -11.39 -37.87 24.39
N LYS E 152 -11.61 -37.25 23.23
CA LYS E 152 -12.46 -37.85 22.17
C LYS E 152 -11.71 -38.96 21.45
N ARG E 153 -10.38 -39.03 21.57
CA ARG E 153 -9.56 -40.16 21.08
C ARG E 153 -9.76 -41.38 21.99
N THR E 154 -9.89 -41.17 23.30
CA THR E 154 -9.98 -42.24 24.34
C THR E 154 -11.44 -42.44 24.79
N ARG E 155 -12.42 -41.95 24.03
CA ARG E 155 -13.87 -42.01 24.35
C ARG E 155 -14.10 -41.66 25.82
N GLY E 156 -13.46 -40.59 26.31
CA GLY E 156 -13.81 -39.91 27.56
C GLY E 156 -14.92 -38.89 27.32
N GLY E 157 -15.12 -37.96 28.26
CA GLY E 157 -16.13 -36.91 28.14
C GLY E 157 -15.53 -35.59 27.68
N LYS E 158 -16.11 -34.47 28.13
CA LYS E 158 -15.57 -33.10 28.00
C LYS E 158 -15.23 -32.59 29.40
N ILE E 159 -14.37 -31.58 29.49
CA ILE E 159 -14.24 -30.69 30.68
C ILE E 159 -14.81 -29.32 30.31
N SER E 160 -15.34 -28.61 31.31
CA SER E 160 -16.01 -27.28 31.20
C SER E 160 -15.10 -26.19 31.76
N PHE E 161 -15.48 -24.92 31.58
CA PHE E 161 -14.77 -23.74 32.12
C PHE E 161 -14.95 -23.69 33.64
N THR E 162 -16.08 -24.16 34.15
CA THR E 162 -16.41 -24.18 35.59
C THR E 162 -15.50 -25.16 36.33
N HIS E 163 -15.09 -26.26 35.68
CA HIS E 163 -14.13 -27.25 36.23
C HIS E 163 -12.76 -26.59 36.45
N ILE E 164 -12.28 -25.86 35.46
CA ILE E 164 -10.92 -25.25 35.44
C ILE E 164 -10.87 -24.12 36.47
N ILE E 165 -11.86 -23.22 36.47
CA ILE E 165 -11.92 -22.04 37.37
C ILE E 165 -12.11 -22.54 38.81
N GLY E 166 -12.91 -23.58 38.99
CA GLY E 166 -13.15 -24.23 40.29
C GLY E 166 -11.87 -24.75 40.91
N TYR E 167 -11.00 -25.38 40.10
CA TYR E 167 -9.74 -25.99 40.58
C TYR E 167 -8.75 -24.87 40.93
N ALA E 168 -8.71 -23.80 40.14
CA ALA E 168 -7.87 -22.61 40.37
C ALA E 168 -8.26 -21.93 41.69
N MET E 169 -9.56 -21.91 42.00
CA MET E 169 -10.13 -21.34 43.24
C MET E 169 -9.59 -22.10 44.46
N VAL E 170 -9.51 -23.43 44.39
CA VAL E 170 -9.01 -24.29 45.50
C VAL E 170 -7.53 -23.97 45.74
N LYS E 171 -6.74 -23.84 44.69
CA LYS E 171 -5.29 -23.54 44.78
C LYS E 171 -5.08 -22.17 45.40
N ALA E 172 -5.96 -21.21 45.13
CA ALA E 172 -5.88 -19.82 45.64
C ALA E 172 -6.19 -19.78 47.14
N VAL E 173 -7.16 -20.57 47.61
CA VAL E 173 -7.57 -20.61 49.04
C VAL E 173 -6.45 -21.25 49.86
N MET E 174 -5.68 -22.17 49.28
CA MET E 174 -4.52 -22.80 49.94
C MET E 174 -3.38 -21.79 50.07
N ALA E 175 -3.24 -20.86 49.14
CA ALA E 175 -2.21 -19.80 49.14
C ALA E 175 -2.58 -18.68 50.10
N HIS E 176 -3.87 -18.49 50.37
CA HIS E 176 -4.45 -17.41 51.21
C HIS E 176 -5.51 -18.01 52.13
N PRO E 177 -5.12 -18.73 53.21
CA PRO E 177 -6.06 -19.48 54.03
C PRO E 177 -7.07 -18.68 54.87
N ASP E 178 -6.87 -17.38 55.04
CA ASP E 178 -7.79 -16.47 55.76
C ASP E 178 -9.16 -16.47 55.09
N MET E 179 -9.21 -16.74 53.77
CA MET E 179 -10.46 -16.73 52.97
C MET E 179 -11.37 -17.89 53.34
N ASN E 180 -10.93 -18.85 54.17
CA ASN E 180 -11.74 -20.04 54.55
C ASN E 180 -12.29 -19.92 55.98
N ASN E 181 -12.11 -18.78 56.65
CA ASN E 181 -12.52 -18.56 58.06
C ASN E 181 -13.90 -17.93 58.12
N SER E 182 -14.56 -17.99 59.29
CA SER E 182 -15.92 -17.44 59.56
C SER E 182 -16.00 -16.84 60.96
N TYR E 183 -17.15 -16.24 61.31
CA TYR E 183 -17.43 -15.54 62.59
C TYR E 183 -18.61 -16.21 63.28
N ASP E 184 -18.60 -16.28 64.61
CA ASP E 184 -19.75 -16.73 65.44
C ASP E 184 -19.64 -16.13 66.84
N VAL E 185 -20.76 -16.02 67.54
CA VAL E 185 -20.81 -15.59 68.97
C VAL E 185 -21.09 -16.82 69.81
N ILE E 186 -20.12 -17.27 70.62
CA ILE E 186 -20.12 -18.54 71.37
C ILE E 186 -19.94 -18.23 72.84
N ASP E 187 -20.95 -18.49 73.66
CA ASP E 187 -20.97 -18.17 75.10
C ASP E 187 -20.87 -16.66 75.27
N GLY E 188 -21.50 -15.92 74.37
CA GLY E 188 -21.54 -14.45 74.42
C GLY E 188 -20.24 -13.75 74.09
N LYS E 189 -19.22 -14.42 73.59
CA LYS E 189 -17.98 -13.74 73.16
C LYS E 189 -17.79 -13.88 71.66
N PRO E 190 -17.32 -12.84 70.94
CA PRO E 190 -16.84 -12.99 69.56
C PRO E 190 -15.73 -14.01 69.31
N THR E 191 -15.82 -14.75 68.21
CA THR E 191 -14.97 -15.94 67.95
C THR E 191 -14.61 -16.04 66.47
N LEU E 192 -13.38 -16.46 66.16
CA LEU E 192 -12.91 -16.80 64.80
C LEU E 192 -12.88 -18.32 64.68
N ILE E 193 -13.53 -18.86 63.65
CA ILE E 193 -13.64 -20.32 63.40
C ILE E 193 -12.75 -20.69 62.22
N VAL E 194 -11.75 -21.55 62.45
CA VAL E 194 -10.80 -22.06 61.43
C VAL E 194 -11.13 -23.52 61.16
N PRO E 195 -11.75 -23.87 60.01
CA PRO E 195 -12.08 -25.27 59.72
C PRO E 195 -10.87 -26.19 59.48
N GLU E 196 -11.14 -27.49 59.39
CA GLU E 196 -10.14 -28.56 59.14
C GLU E 196 -9.95 -28.77 57.64
N HIS E 197 -11.02 -28.63 56.85
CA HIS E 197 -11.02 -28.90 55.39
C HIS E 197 -11.54 -27.69 54.59
N ILE E 198 -11.22 -27.65 53.30
CA ILE E 198 -11.86 -26.79 52.28
C ILE E 198 -12.97 -27.61 51.62
N ASN E 199 -14.23 -27.31 51.94
CA ASN E 199 -15.44 -27.97 51.39
C ASN E 199 -16.15 -26.97 50.45
N LEU E 200 -16.11 -27.22 49.14
CA LEU E 200 -16.54 -26.25 48.10
C LEU E 200 -17.98 -26.54 47.72
N GLY E 201 -18.86 -25.54 47.85
CA GLY E 201 -20.29 -25.63 47.53
C GLY E 201 -20.57 -25.20 46.11
N LEU E 202 -21.28 -26.04 45.35
CA LEU E 202 -21.76 -25.76 43.98
C LEU E 202 -23.24 -25.37 44.04
N ALA E 203 -23.63 -24.39 43.22
CA ALA E 203 -25.03 -23.96 43.04
C ALA E 203 -25.71 -24.86 42.00
N ILE E 204 -26.40 -25.92 42.47
CA ILE E 204 -27.15 -26.90 41.63
C ILE E 204 -28.64 -26.53 41.68
N ASP E 205 -29.26 -26.29 40.53
CA ASP E 205 -30.71 -25.96 40.38
C ASP E 205 -31.46 -27.24 39.98
N LEU E 206 -32.34 -27.74 40.85
CA LEU E 206 -33.19 -28.95 40.62
C LEU E 206 -34.66 -28.54 40.64
N PRO E 207 -35.43 -28.76 39.54
CA PRO E 207 -36.88 -28.58 39.56
C PRO E 207 -37.61 -29.49 40.55
N GLN E 208 -38.70 -28.99 41.15
CA GLN E 208 -39.57 -29.72 42.12
C GLN E 208 -40.65 -30.50 41.35
N LYS E 209 -41.49 -31.26 42.07
CA LYS E 209 -42.60 -32.07 41.52
C LYS E 209 -43.65 -31.16 40.86
N ASP E 210 -43.93 -30.00 41.47
CA ASP E 210 -44.91 -29.00 40.98
C ASP E 210 -44.46 -28.43 39.63
N GLY E 211 -43.18 -28.04 39.52
CA GLY E 211 -42.58 -27.44 38.32
C GLY E 211 -41.66 -26.26 38.65
N SER E 212 -41.91 -25.58 39.78
CA SER E 212 -41.15 -24.38 40.24
C SER E 212 -39.69 -24.76 40.55
N ARG E 213 -38.74 -23.97 40.03
CA ARG E 213 -37.27 -24.16 40.24
C ARG E 213 -36.91 -23.71 41.67
N ALA E 214 -35.97 -24.41 42.30
CA ALA E 214 -35.47 -24.13 43.67
C ALA E 214 -33.99 -24.55 43.78
N LEU E 215 -33.10 -23.55 43.87
CA LEU E 215 -31.63 -23.75 43.99
C LEU E 215 -31.30 -24.24 45.41
N VAL E 216 -30.37 -25.19 45.53
CA VAL E 216 -29.79 -25.69 46.81
C VAL E 216 -28.30 -25.98 46.59
N VAL E 217 -27.47 -25.79 47.61
CA VAL E 217 -25.99 -25.89 47.52
C VAL E 217 -25.51 -27.22 48.11
N ALA E 218 -24.90 -28.07 47.28
CA ALA E 218 -24.23 -29.34 47.63
C ALA E 218 -22.72 -29.12 47.69
N ALA E 219 -21.99 -29.97 48.42
CA ALA E 219 -20.58 -29.76 48.80
C ALA E 219 -19.68 -30.87 48.27
N ILE E 220 -18.58 -30.52 47.61
CA ILE E 220 -17.42 -31.39 47.31
C ILE E 220 -16.48 -31.30 48.51
N LYS E 221 -16.29 -32.39 49.26
CA LYS E 221 -15.62 -32.37 50.58
C LYS E 221 -14.16 -32.77 50.46
N GLU E 222 -13.29 -32.21 51.30
CA GLU E 222 -11.85 -32.51 51.46
C GLU E 222 -11.13 -32.28 50.13
N THR E 223 -11.16 -31.04 49.65
CA THR E 223 -10.70 -30.65 48.28
C THR E 223 -9.21 -30.31 48.32
N GLU E 224 -8.64 -30.10 49.50
CA GLU E 224 -7.21 -29.69 49.66
C GLU E 224 -6.27 -30.89 49.53
N LYS E 225 -6.79 -32.10 49.30
CA LYS E 225 -6.03 -33.36 49.18
C LYS E 225 -6.20 -33.97 47.78
N MET E 226 -6.64 -33.19 46.79
CA MET E 226 -7.02 -33.70 45.45
C MET E 226 -6.12 -33.11 44.38
N ASN E 227 -5.79 -33.90 43.34
CA ASN E 227 -5.23 -33.43 42.05
C ASN E 227 -6.40 -33.20 41.10
N PHE E 228 -6.14 -32.77 39.86
CA PHE E 228 -7.21 -32.31 38.93
C PHE E 228 -8.11 -33.48 38.56
N SER E 229 -7.55 -34.67 38.38
CA SER E 229 -8.27 -35.90 37.97
C SER E 229 -9.26 -36.30 39.07
N GLU E 230 -8.79 -36.30 40.32
CA GLU E 230 -9.58 -36.60 41.53
C GLU E 230 -10.69 -35.56 41.68
N PHE E 231 -10.39 -34.28 41.46
CA PHE E 231 -11.33 -33.13 41.58
C PHE E 231 -12.46 -33.29 40.56
N LEU E 232 -12.13 -33.66 39.33
CA LEU E 232 -13.10 -33.77 38.21
C LEU E 232 -14.09 -34.90 38.50
N ALA E 233 -13.60 -36.01 39.07
CA ALA E 233 -14.40 -37.19 39.44
C ALA E 233 -15.41 -36.81 40.53
N ALA E 234 -14.94 -36.18 41.59
CA ALA E 234 -15.74 -35.73 42.76
C ALA E 234 -16.86 -34.79 42.32
N TYR E 235 -16.55 -33.86 41.42
CA TYR E 235 -17.50 -32.86 40.87
C TYR E 235 -18.63 -33.58 40.17
N GLU E 236 -18.29 -34.47 39.23
CA GLU E 236 -19.25 -35.16 38.34
C GLU E 236 -20.09 -36.17 39.13
N ASP E 237 -19.61 -36.63 40.28
CA ASP E 237 -20.39 -37.47 41.22
C ASP E 237 -21.61 -36.70 41.72
N ILE E 238 -21.40 -35.48 42.23
CA ILE E 238 -22.46 -34.62 42.83
C ILE E 238 -23.50 -34.29 41.75
N VAL E 239 -23.06 -33.95 40.54
CA VAL E 239 -23.95 -33.53 39.43
C VAL E 239 -24.78 -34.73 38.97
N ALA E 240 -24.18 -35.92 38.93
CA ALA E 240 -24.83 -37.18 38.52
C ALA E 240 -25.95 -37.54 39.49
N ARG E 241 -25.65 -37.62 40.78
CA ARG E 241 -26.59 -38.04 41.83
C ARG E 241 -27.76 -37.06 41.95
N SER E 242 -27.52 -35.77 41.71
CA SER E 242 -28.56 -34.72 41.76
C SER E 242 -29.60 -34.95 40.66
N ARG E 243 -29.17 -35.40 39.49
CA ARG E 243 -30.05 -35.57 38.31
C ARG E 243 -30.92 -36.83 38.45
N LYS E 244 -30.58 -37.75 39.36
CA LYS E 244 -31.36 -39.00 39.60
C LYS E 244 -31.80 -39.09 41.07
N GLY E 245 -31.83 -37.97 41.79
CA GLY E 245 -32.40 -37.83 43.14
C GLY E 245 -31.84 -38.83 44.13
N LYS E 246 -30.53 -38.76 44.40
CA LYS E 246 -29.84 -39.67 45.35
C LYS E 246 -28.81 -38.90 46.18
N LEU E 247 -29.11 -37.64 46.52
CA LEU E 247 -28.32 -36.84 47.49
C LEU E 247 -28.92 -37.06 48.88
N THR E 248 -28.07 -37.12 49.90
CA THR E 248 -28.44 -37.38 51.31
C THR E 248 -28.29 -36.07 52.11
N MET E 249 -28.60 -36.11 53.40
CA MET E 249 -28.56 -34.96 54.31
C MET E 249 -27.12 -34.51 54.49
N ASP E 250 -26.16 -35.43 54.48
CA ASP E 250 -24.73 -35.14 54.74
C ASP E 250 -24.12 -34.34 53.58
N ASP E 251 -24.69 -34.47 52.38
CA ASP E 251 -24.20 -33.77 51.15
C ASP E 251 -24.44 -32.27 51.26
N TYR E 252 -25.44 -31.83 52.05
CA TYR E 252 -25.84 -30.41 52.19
C TYR E 252 -25.23 -29.75 53.43
N GLN E 253 -24.40 -30.43 54.21
CA GLN E 253 -23.86 -29.89 55.48
C GLN E 253 -22.34 -29.70 55.37
N GLY E 254 -21.81 -28.61 55.93
CA GLY E 254 -20.39 -28.41 56.20
C GLY E 254 -19.66 -27.56 55.18
N VAL E 255 -20.35 -26.73 54.40
CA VAL E 255 -19.74 -25.89 53.33
C VAL E 255 -18.91 -24.78 53.98
N THR E 256 -17.68 -24.55 53.49
CA THR E 256 -16.76 -23.51 53.99
C THR E 256 -16.70 -22.32 53.02
N VAL E 257 -16.69 -22.57 51.72
CA VAL E 257 -16.60 -21.53 50.65
C VAL E 257 -17.48 -21.97 49.48
N SER E 258 -18.01 -21.03 48.69
CA SER E 258 -19.03 -21.27 47.63
C SER E 258 -18.65 -20.63 46.30
N LEU E 259 -19.18 -21.17 45.20
CA LEU E 259 -18.96 -20.73 43.80
C LEU E 259 -20.30 -20.64 43.08
N THR E 260 -20.57 -19.52 42.40
CA THR E 260 -21.81 -19.27 41.60
C THR E 260 -21.41 -18.83 40.19
N ASN E 261 -22.26 -19.07 39.20
CA ASN E 261 -21.99 -18.77 37.77
C ASN E 261 -23.17 -18.05 37.13
N PRO E 262 -23.31 -16.72 37.37
CA PRO E 262 -24.21 -15.88 36.57
C PRO E 262 -23.92 -15.77 35.07
N GLY E 263 -22.67 -16.04 34.66
CA GLY E 263 -22.20 -15.89 33.27
C GLY E 263 -22.89 -16.85 32.31
N GLY E 264 -23.42 -17.97 32.80
CA GLY E 264 -24.19 -18.94 32.01
C GLY E 264 -25.23 -18.26 31.13
N ILE E 265 -26.10 -17.44 31.71
CA ILE E 265 -27.19 -16.71 31.01
C ILE E 265 -26.57 -15.59 30.17
N GLY E 266 -25.49 -14.96 30.64
CA GLY E 266 -24.78 -13.88 29.92
C GLY E 266 -24.63 -12.60 30.72
N THR E 267 -24.87 -12.62 32.03
CA THR E 267 -24.67 -11.48 32.96
C THR E 267 -23.18 -11.17 33.02
N ARG E 268 -22.79 -9.90 33.11
CA ARG E 268 -21.38 -9.46 33.05
C ARG E 268 -20.75 -9.60 34.43
N HIS E 269 -21.43 -9.15 35.49
CA HIS E 269 -21.08 -9.48 36.90
C HIS E 269 -22.27 -9.24 37.82
N SER E 270 -22.18 -9.74 39.05
CA SER E 270 -23.23 -9.66 40.10
C SER E 270 -22.62 -9.25 41.45
N VAL E 271 -23.45 -8.76 42.37
CA VAL E 271 -23.12 -8.54 43.80
C VAL E 271 -24.02 -9.43 44.62
N PRO E 272 -23.66 -10.71 44.85
CA PRO E 272 -24.52 -11.66 45.55
C PRO E 272 -24.50 -11.56 47.08
N ARG E 273 -25.44 -12.24 47.74
CA ARG E 273 -25.57 -12.30 49.22
C ARG E 273 -24.78 -13.48 49.78
N LEU E 274 -24.31 -13.32 51.02
CA LEU E 274 -23.47 -14.29 51.77
C LEU E 274 -24.32 -14.89 52.88
N THR E 275 -24.47 -16.21 52.89
CA THR E 275 -25.25 -16.99 53.89
C THR E 275 -24.40 -17.19 55.15
N LYS E 276 -25.05 -17.28 56.30
CA LYS E 276 -24.41 -17.42 57.64
C LYS E 276 -23.68 -18.76 57.70
N GLY E 277 -22.47 -18.76 58.27
CA GLY E 277 -21.62 -19.95 58.41
C GLY E 277 -20.34 -19.85 57.60
N GLN E 278 -20.33 -19.06 56.52
CA GLN E 278 -19.20 -18.96 55.57
C GLN E 278 -18.57 -17.57 55.66
N GLY E 279 -17.43 -17.39 55.00
CA GLY E 279 -16.63 -16.15 55.00
C GLY E 279 -16.58 -15.47 53.66
N THR E 280 -16.61 -16.21 52.55
CA THR E 280 -16.61 -15.64 51.18
C THR E 280 -17.50 -16.45 50.24
N ILE E 281 -17.97 -15.80 49.18
CA ILE E 281 -18.66 -16.38 47.98
C ILE E 281 -18.02 -15.76 46.74
N ILE E 282 -17.64 -16.60 45.77
CA ILE E 282 -16.97 -16.20 44.48
C ILE E 282 -17.97 -16.35 43.34
N GLY E 283 -18.05 -15.35 42.46
CA GLY E 283 -18.96 -15.34 41.30
C GLY E 283 -18.20 -15.21 39.99
N VAL E 284 -18.61 -15.94 38.96
CA VAL E 284 -17.96 -16.01 37.61
C VAL E 284 -18.95 -15.46 36.58
N GLY E 285 -18.58 -14.39 35.87
CA GLY E 285 -19.40 -13.69 34.87
C GLY E 285 -19.18 -14.22 33.46
N SER E 286 -19.64 -13.48 32.46
CA SER E 286 -19.72 -13.92 31.04
C SER E 286 -18.33 -13.93 30.40
N MET E 287 -18.10 -14.84 29.46
CA MET E 287 -16.84 -14.97 28.69
C MET E 287 -17.08 -14.56 27.23
N ASP E 288 -17.65 -13.39 27.01
CA ASP E 288 -17.91 -12.82 25.66
C ASP E 288 -16.92 -11.67 25.43
N TYR E 289 -16.96 -11.09 24.23
CA TYR E 289 -16.31 -9.80 23.92
C TYR E 289 -17.09 -8.72 24.63
N PRO E 290 -16.49 -7.56 24.97
CA PRO E 290 -17.26 -6.40 25.39
C PRO E 290 -18.30 -5.94 24.36
N ALA E 291 -19.33 -5.22 24.80
CA ALA E 291 -20.48 -4.82 23.98
C ALA E 291 -20.07 -3.86 22.86
N GLU E 292 -18.97 -3.11 23.04
CA GLU E 292 -18.45 -2.15 22.03
C GLU E 292 -17.80 -2.85 20.84
N PHE E 293 -17.56 -4.17 20.91
CA PHE E 293 -16.92 -4.97 19.84
C PHE E 293 -17.88 -6.02 19.26
N GLN E 294 -19.15 -6.05 19.68
CA GLN E 294 -20.08 -7.16 19.33
C GLN E 294 -20.64 -7.03 17.91
N GLY E 295 -20.29 -5.99 17.16
CA GLY E 295 -20.70 -5.81 15.75
C GLY E 295 -19.54 -5.66 14.80
N ALA E 296 -18.32 -5.97 15.23
CA ALA E 296 -17.08 -5.85 14.43
C ALA E 296 -16.83 -7.15 13.67
N SER E 297 -16.04 -7.06 12.60
CA SER E 297 -15.61 -8.20 11.75
C SER E 297 -14.62 -9.07 12.51
N GLU E 298 -14.59 -10.36 12.20
CA GLU E 298 -13.60 -11.32 12.75
C GLU E 298 -12.21 -10.95 12.22
N ASP E 299 -12.14 -10.42 11.01
CA ASP E 299 -10.87 -10.04 10.32
C ASP E 299 -10.21 -8.87 11.06
N ARG E 300 -10.98 -7.83 11.37
CA ARG E 300 -10.46 -6.58 12.01
C ARG E 300 -10.03 -6.87 13.44
N LEU E 301 -10.77 -7.70 14.16
CA LEU E 301 -10.46 -8.08 15.57
C LEU E 301 -9.17 -8.90 15.59
N ALA E 302 -9.00 -9.82 14.65
CA ALA E 302 -7.81 -10.68 14.48
C ALA E 302 -6.57 -9.84 14.19
N GLU E 303 -6.70 -8.78 13.39
CA GLU E 303 -5.59 -7.87 13.03
C GLU E 303 -5.06 -7.18 14.28
N LEU E 304 -5.95 -6.64 15.11
CA LEU E 304 -5.62 -5.78 16.27
C LEU E 304 -5.05 -6.65 17.40
N GLY E 305 -5.66 -7.80 17.67
CA GLY E 305 -5.23 -8.73 18.73
C GLY E 305 -6.11 -8.63 19.96
N VAL E 306 -7.43 -8.59 19.77
CA VAL E 306 -8.44 -8.39 20.83
C VAL E 306 -8.87 -9.76 21.32
N GLY E 307 -8.76 -10.00 22.63
CA GLY E 307 -9.14 -11.27 23.27
C GLY E 307 -10.44 -11.15 24.02
N LYS E 308 -10.98 -12.29 24.47
CA LYS E 308 -12.16 -12.38 25.35
C LYS E 308 -11.68 -12.31 26.80
N LEU E 309 -12.55 -11.85 27.70
CA LEU E 309 -12.24 -11.68 29.14
C LEU E 309 -13.30 -12.37 29.99
N VAL E 310 -12.96 -12.67 31.24
CA VAL E 310 -13.91 -13.13 32.30
C VAL E 310 -13.74 -12.22 33.52
N THR E 311 -14.84 -11.80 34.13
CA THR E 311 -14.90 -10.96 35.35
C THR E 311 -15.24 -11.84 36.54
N ILE E 312 -14.45 -11.76 37.62
CA ILE E 312 -14.61 -12.57 38.86
C ILE E 312 -14.78 -11.63 40.05
N THR E 313 -15.72 -11.94 40.94
CA THR E 313 -16.09 -11.15 42.13
C THR E 313 -15.81 -11.94 43.40
N SER E 314 -15.57 -11.24 44.51
CA SER E 314 -15.37 -11.77 45.87
C SER E 314 -16.22 -10.95 46.85
N THR E 315 -17.19 -11.57 47.53
CA THR E 315 -18.04 -10.95 48.57
C THR E 315 -17.72 -11.61 49.91
N TYR E 316 -17.25 -10.84 50.90
CA TYR E 316 -16.62 -11.36 52.14
C TYR E 316 -17.19 -10.67 53.38
N ASP E 317 -17.10 -11.35 54.53
CA ASP E 317 -17.48 -10.83 55.87
C ASP E 317 -16.32 -10.00 56.42
N HIS E 318 -16.57 -8.71 56.69
CA HIS E 318 -15.54 -7.70 57.00
C HIS E 318 -15.09 -7.78 58.46
N ARG E 319 -15.83 -8.51 59.29
CA ARG E 319 -15.47 -8.73 60.70
C ARG E 319 -14.25 -9.66 60.82
N VAL E 320 -13.96 -10.49 59.81
CA VAL E 320 -12.88 -11.51 59.86
C VAL E 320 -11.93 -11.44 58.66
N ILE E 321 -12.35 -10.93 57.50
CA ILE E 321 -11.50 -10.81 56.29
C ILE E 321 -11.37 -9.33 55.94
N GLN E 322 -10.16 -8.85 55.73
CA GLN E 322 -9.87 -7.45 55.35
C GLN E 322 -9.69 -7.38 53.84
N GLY E 323 -9.75 -6.17 53.28
CA GLY E 323 -9.83 -5.91 51.83
C GLY E 323 -8.58 -6.29 51.10
N ALA E 324 -7.41 -6.07 51.72
CA ALA E 324 -6.08 -6.39 51.16
C ALA E 324 -5.95 -7.90 50.89
N VAL E 325 -6.51 -8.73 51.75
CA VAL E 325 -6.50 -10.21 51.61
C VAL E 325 -7.35 -10.60 50.40
N SER E 326 -8.54 -10.00 50.25
CA SER E 326 -9.49 -10.29 49.15
C SER E 326 -8.90 -9.92 47.80
N GLY E 327 -8.15 -8.82 47.73
CA GLY E 327 -7.47 -8.37 46.51
C GLY E 327 -6.33 -9.30 46.12
N GLU E 328 -5.53 -9.73 47.10
CA GLU E 328 -4.41 -10.68 46.89
C GLU E 328 -4.94 -12.02 46.39
N PHE E 329 -6.11 -12.44 46.87
CA PHE E 329 -6.77 -13.70 46.47
C PHE E 329 -7.10 -13.64 44.98
N LEU E 330 -7.68 -12.55 44.50
CA LEU E 330 -8.10 -12.39 43.08
C LEU E 330 -6.87 -12.26 42.19
N ARG E 331 -5.78 -11.68 42.69
CA ARG E 331 -4.51 -11.54 41.93
C ARG E 331 -3.88 -12.92 41.68
N THR E 332 -3.93 -13.81 42.66
CA THR E 332 -3.39 -15.19 42.56
C THR E 332 -4.20 -15.98 41.53
N MET E 333 -5.53 -15.83 41.49
CA MET E 333 -6.39 -16.54 40.51
C MET E 333 -6.04 -16.09 39.10
N SER E 334 -5.82 -14.80 38.89
CA SER E 334 -5.44 -14.20 37.59
C SER E 334 -4.12 -14.82 37.10
N ARG E 335 -3.10 -14.88 37.97
CA ARG E 335 -1.76 -15.41 37.65
C ARG E 335 -1.84 -16.88 37.28
N LEU E 336 -2.60 -17.68 38.02
CA LEU E 336 -2.69 -19.15 37.83
C LEU E 336 -3.24 -19.47 36.44
N LEU E 337 -4.22 -18.72 35.96
CA LEU E 337 -4.92 -19.03 34.69
C LEU E 337 -4.07 -18.66 33.48
N THR E 338 -2.87 -18.11 33.68
CA THR E 338 -1.90 -17.72 32.63
C THR E 338 -0.54 -18.39 32.89
N ASP E 339 -0.41 -19.23 33.91
CA ASP E 339 0.87 -19.75 34.44
C ASP E 339 1.23 -21.07 33.77
N ASP E 340 2.51 -21.27 33.47
CA ASP E 340 3.06 -22.48 32.80
C ASP E 340 2.88 -23.69 33.70
N SER E 341 3.25 -23.59 34.97
CA SER E 341 3.23 -24.71 35.96
C SER E 341 1.81 -25.23 36.17
N PHE E 342 0.81 -24.35 36.15
CA PHE E 342 -0.62 -24.69 36.38
C PHE E 342 -1.08 -25.61 35.26
N TRP E 343 -0.84 -25.23 34.02
CA TRP E 343 -1.33 -25.98 32.83
C TRP E 343 -0.51 -27.25 32.61
N ASP E 344 0.74 -27.29 33.06
CA ASP E 344 1.59 -28.51 33.05
C ASP E 344 0.95 -29.57 33.95
N GLU E 345 0.48 -29.19 35.12
CA GLU E 345 -0.11 -30.09 36.14
C GLU E 345 -1.41 -30.70 35.60
N ILE E 346 -2.23 -29.95 34.88
CA ILE E 346 -3.55 -30.42 34.37
C ILE E 346 -3.32 -31.42 33.24
N PHE E 347 -2.43 -31.08 32.31
CA PHE E 347 -2.07 -31.91 31.13
C PHE E 347 -1.49 -33.25 31.60
N ASP E 348 -0.64 -33.23 32.62
CA ASP E 348 -0.01 -34.43 33.22
C ASP E 348 -1.10 -35.38 33.71
N ALA E 349 -2.12 -34.86 34.39
CA ALA E 349 -3.20 -35.64 35.02
C ALA E 349 -4.10 -36.29 33.97
N MET E 350 -4.36 -35.60 32.87
CA MET E 350 -5.34 -36.04 31.85
C MET E 350 -4.64 -36.80 30.72
N ASN E 351 -3.31 -36.89 30.74
CA ASN E 351 -2.47 -37.69 29.81
C ASN E 351 -2.56 -37.09 28.41
N VAL E 352 -2.19 -35.82 28.28
CA VAL E 352 -2.12 -35.09 26.99
C VAL E 352 -0.66 -35.07 26.59
N PRO E 353 -0.29 -35.64 25.41
CA PRO E 353 1.11 -35.82 25.03
C PRO E 353 1.88 -34.57 24.61
N TYR E 354 1.19 -33.50 24.23
CA TYR E 354 1.79 -32.25 23.70
C TYR E 354 2.11 -31.29 24.85
N THR E 355 2.94 -30.30 24.57
CA THR E 355 3.26 -29.17 25.47
C THR E 355 2.11 -28.18 25.41
N PRO E 356 1.69 -27.54 26.51
CA PRO E 356 0.62 -26.56 26.46
C PRO E 356 0.99 -25.28 25.72
N MET E 357 0.01 -24.58 25.18
CA MET E 357 0.18 -23.23 24.59
C MET E 357 0.56 -22.29 25.71
N ARG E 358 1.50 -21.39 25.48
CA ARG E 358 2.04 -20.46 26.49
C ARG E 358 1.50 -19.06 26.25
N TRP E 359 1.55 -18.21 27.26
CA TRP E 359 1.07 -16.81 27.24
C TRP E 359 2.19 -15.91 26.75
N ALA E 360 1.90 -15.04 25.80
CA ALA E 360 2.87 -14.10 25.19
C ALA E 360 2.13 -12.93 24.58
N GLN E 361 2.83 -11.84 24.32
CA GLN E 361 2.30 -10.67 23.58
C GLN E 361 2.43 -10.93 22.09
N ASP E 362 1.50 -10.40 21.30
CA ASP E 362 1.55 -10.40 19.82
C ASP E 362 2.81 -9.66 19.38
N VAL E 363 3.54 -10.21 18.41
CA VAL E 363 4.81 -9.66 17.85
C VAL E 363 4.50 -9.04 16.50
N PRO E 364 5.21 -7.96 16.07
CA PRO E 364 4.99 -7.34 14.77
C PRO E 364 5.58 -8.11 13.58
N ASN E 365 4.98 -7.98 12.39
CA ASN E 365 5.38 -8.69 11.15
C ASN E 365 6.51 -7.89 10.47
N THR E 366 7.69 -7.92 11.09
CA THR E 366 8.92 -7.21 10.66
C THR E 366 10.06 -8.21 10.57
N GLY E 367 11.13 -7.85 9.86
CA GLY E 367 12.29 -8.72 9.64
C GLY E 367 11.92 -9.87 8.75
N VAL E 368 12.11 -11.11 9.21
CA VAL E 368 11.67 -12.34 8.50
C VAL E 368 10.15 -12.37 8.55
N ASP E 369 9.50 -12.38 7.40
CA ASP E 369 8.03 -12.38 7.23
C ASP E 369 7.45 -13.60 7.94
N LYS E 370 6.20 -13.51 8.36
CA LYS E 370 5.52 -14.59 9.10
C LYS E 370 5.25 -15.77 8.17
N ASN E 371 5.07 -15.56 6.87
CA ASN E 371 4.86 -16.68 5.92
C ASN E 371 6.10 -17.55 5.86
N THR E 372 7.29 -16.98 5.88
CA THR E 372 8.57 -17.71 5.90
C THR E 372 8.64 -18.55 7.16
N ARG E 373 8.15 -18.03 8.29
CA ARG E 373 8.21 -18.73 9.59
C ARG E 373 7.28 -19.93 9.58
N VAL E 374 6.14 -19.87 8.91
CA VAL E 374 5.16 -20.99 8.84
C VAL E 374 5.72 -22.09 7.95
N MET E 375 6.52 -21.76 6.95
CA MET E 375 7.13 -22.76 6.04
C MET E 375 8.25 -23.47 6.75
N GLN E 376 8.97 -22.81 7.64
CA GLN E 376 10.05 -23.42 8.45
C GLN E 376 9.46 -24.38 9.49
N LEU E 377 8.24 -24.15 9.96
CA LEU E 377 7.54 -25.04 10.91
C LEU E 377 7.13 -26.32 10.20
N ILE E 378 6.70 -26.25 8.94
CA ILE E 378 6.30 -27.44 8.14
C ILE E 378 7.51 -28.32 7.91
N GLU E 379 8.69 -27.73 7.68
CA GLU E 379 9.94 -28.50 7.44
C GLU E 379 10.37 -29.19 8.72
N ALA E 380 10.24 -28.53 9.87
CA ALA E 380 10.63 -29.07 11.18
C ALA E 380 9.87 -30.34 11.50
N TYR E 381 8.57 -30.38 11.26
CA TYR E 381 7.70 -31.53 11.60
C TYR E 381 7.97 -32.69 10.65
N ARG E 382 8.23 -32.40 9.39
CA ARG E 382 8.55 -33.40 8.35
C ARG E 382 9.91 -34.03 8.60
N SER E 383 10.81 -33.38 9.34
CA SER E 383 12.19 -33.84 9.60
C SER E 383 12.33 -34.46 10.98
N ARG E 384 11.78 -33.83 12.00
CA ARG E 384 12.10 -34.12 13.42
C ARG E 384 10.85 -34.48 14.22
N GLY E 385 9.69 -34.63 13.60
CA GLY E 385 8.42 -34.85 14.30
C GLY E 385 8.31 -36.21 14.94
N HIS E 386 9.08 -37.18 14.47
CA HIS E 386 9.13 -38.56 14.99
C HIS E 386 9.66 -38.58 16.42
N LEU E 387 10.32 -37.52 16.89
CA LEU E 387 10.92 -37.47 18.23
C LEU E 387 9.86 -37.29 19.30
N ILE E 388 8.61 -36.93 18.97
CA ILE E 388 7.53 -36.74 19.97
C ILE E 388 6.30 -37.55 19.60
N ALA E 389 6.44 -38.71 18.97
CA ALA E 389 5.30 -39.49 18.45
C ALA E 389 4.93 -40.61 19.41
N ASP E 390 3.66 -41.01 19.41
CA ASP E 390 3.06 -41.97 20.38
C ASP E 390 3.38 -43.37 19.92
N THR E 391 4.62 -43.77 20.11
CA THR E 391 5.21 -45.00 19.53
C THR E 391 5.44 -46.03 20.62
N ASN E 392 5.59 -45.62 21.88
CA ASN E 392 5.91 -46.53 23.01
C ASN E 392 4.63 -46.92 23.72
N PRO E 393 4.24 -48.21 23.76
CA PRO E 393 3.06 -48.62 24.50
C PRO E 393 3.16 -48.56 26.02
N LEU E 394 4.38 -48.43 26.56
CA LEU E 394 4.63 -48.12 27.99
C LEU E 394 4.91 -46.63 28.12
N SER E 395 4.63 -46.06 29.30
CA SER E 395 5.04 -44.70 29.71
C SER E 395 6.45 -44.76 30.32
N TRP E 396 7.43 -45.13 29.49
CA TRP E 396 8.82 -45.48 29.91
C TRP E 396 9.83 -44.61 29.15
N VAL E 397 10.77 -44.02 29.89
CA VAL E 397 12.01 -43.38 29.35
C VAL E 397 13.20 -44.00 30.07
N GLN E 398 14.11 -44.63 29.32
CA GLN E 398 15.35 -45.25 29.84
C GLN E 398 16.20 -44.15 30.48
N PRO E 399 16.46 -44.19 31.81
CA PRO E 399 17.20 -43.12 32.48
C PRO E 399 18.68 -42.95 32.08
N GLY E 400 19.32 -44.01 31.59
CA GLY E 400 20.74 -43.98 31.19
C GLY E 400 20.97 -43.13 29.94
N MET E 401 20.11 -43.28 28.93
CA MET E 401 20.27 -42.67 27.57
C MET E 401 20.04 -41.16 27.64
N PRO E 402 20.76 -40.36 26.80
CA PRO E 402 20.51 -38.92 26.71
C PRO E 402 19.29 -38.58 25.84
N VAL E 403 18.50 -37.57 26.26
CA VAL E 403 17.25 -37.12 25.58
C VAL E 403 17.63 -36.10 24.51
N PRO E 404 17.27 -36.31 23.21
CA PRO E 404 17.49 -35.31 22.18
C PRO E 404 16.68 -34.02 22.40
N ASP E 405 17.23 -32.90 21.95
CA ASP E 405 16.56 -31.57 21.90
C ASP E 405 15.42 -31.64 20.89
N HIS E 406 14.22 -31.21 21.28
CA HIS E 406 13.04 -31.06 20.37
C HIS E 406 12.28 -29.77 20.68
N ARG E 407 13.02 -28.67 20.79
CA ARG E 407 12.46 -27.30 20.91
C ARG E 407 12.00 -26.82 19.53
N ASP E 408 12.51 -27.42 18.45
CA ASP E 408 12.22 -27.03 17.05
C ASP E 408 10.75 -27.25 16.70
N LEU E 409 9.98 -27.97 17.51
CA LEU E 409 8.58 -28.31 17.25
C LEU E 409 7.63 -27.43 18.05
N ASP E 410 8.11 -26.44 18.80
CA ASP E 410 7.29 -25.47 19.55
C ASP E 410 7.15 -24.20 18.73
N ILE E 411 5.99 -23.57 18.72
CA ILE E 411 5.72 -22.39 17.84
C ILE E 411 6.50 -21.17 18.34
N GLU E 412 6.95 -21.16 19.60
CA GLU E 412 7.72 -20.06 20.21
C GLU E 412 9.10 -19.99 19.57
N THR E 413 9.67 -21.11 19.16
CA THR E 413 11.01 -21.22 18.55
C THR E 413 11.03 -20.56 17.17
N HIS E 414 9.89 -20.42 16.52
CA HIS E 414 9.75 -19.84 15.17
C HIS E 414 9.07 -18.47 15.22
N ASN E 415 9.07 -17.80 16.38
CA ASN E 415 8.52 -16.44 16.57
C ASN E 415 7.08 -16.38 16.10
N LEU E 416 6.23 -17.26 16.62
CA LEU E 416 4.78 -17.27 16.39
C LEU E 416 4.10 -17.47 17.74
N THR E 417 2.92 -16.89 17.93
CA THR E 417 2.18 -16.86 19.21
C THR E 417 0.75 -17.31 18.98
N ILE E 418 0.01 -17.46 20.07
CA ILE E 418 -1.43 -17.82 20.09
C ILE E 418 -2.22 -16.85 19.25
N TRP E 419 -1.75 -15.63 19.07
CA TRP E 419 -2.47 -14.55 18.35
C TRP E 419 -2.43 -14.75 16.85
N ASP E 420 -1.72 -15.77 16.35
CA ASP E 420 -1.54 -16.06 14.91
C ASP E 420 -2.37 -17.25 14.49
N LEU E 421 -3.09 -17.90 15.40
CA LEU E 421 -3.73 -19.22 15.13
C LEU E 421 -4.85 -19.06 14.12
N ASP E 422 -5.59 -17.96 14.11
CA ASP E 422 -6.76 -17.77 13.22
C ASP E 422 -6.47 -16.80 12.08
N ARG E 423 -5.20 -16.45 11.85
CA ARG E 423 -4.74 -15.67 10.68
C ARG E 423 -4.38 -16.63 9.55
N THR E 424 -4.50 -16.20 8.30
CA THR E 424 -4.34 -17.04 7.08
C THR E 424 -2.98 -16.74 6.45
N PHE E 425 -2.33 -17.76 5.88
CA PHE E 425 -0.95 -17.74 5.36
C PHE E 425 -0.85 -18.51 4.05
N ASN E 426 0.14 -18.19 3.23
CA ASN E 426 0.45 -18.91 1.96
C ASN E 426 1.33 -20.10 2.28
N VAL E 427 0.94 -21.30 1.84
CA VAL E 427 1.55 -22.58 2.27
C VAL E 427 2.11 -23.38 1.09
N GLY E 428 1.85 -22.97 -0.14
CA GLY E 428 2.53 -23.52 -1.34
C GLY E 428 2.17 -24.97 -1.57
N GLY E 429 0.89 -25.27 -1.63
CA GLY E 429 0.38 -26.58 -2.06
C GLY E 429 0.39 -27.63 -0.97
N PHE E 430 0.60 -27.24 0.29
CA PHE E 430 0.53 -28.15 1.45
C PHE E 430 -0.95 -28.52 1.63
N GLY E 431 -1.24 -29.82 1.73
CA GLY E 431 -2.61 -30.34 1.85
C GLY E 431 -3.46 -30.02 0.64
N GLY E 432 -2.82 -29.87 -0.52
CA GLY E 432 -3.47 -29.46 -1.78
C GLY E 432 -4.24 -28.17 -1.64
N LYS E 433 -3.63 -27.15 -1.03
CA LYS E 433 -4.22 -25.80 -0.88
C LYS E 433 -3.13 -24.74 -1.01
N GLU E 434 -3.51 -23.54 -1.42
CA GLU E 434 -2.62 -22.38 -1.60
C GLU E 434 -2.57 -21.56 -0.32
N THR E 435 -3.70 -21.42 0.37
CA THR E 435 -3.82 -20.69 1.65
C THR E 435 -4.45 -21.59 2.72
N MET E 436 -4.23 -21.26 3.98
CA MET E 436 -4.62 -22.08 5.15
C MET E 436 -4.38 -21.27 6.41
N THR E 437 -5.05 -21.56 7.52
CA THR E 437 -4.82 -20.94 8.84
C THR E 437 -3.79 -21.75 9.61
N LEU E 438 -3.11 -21.16 10.59
CA LEU E 438 -2.07 -21.82 11.39
C LEU E 438 -2.70 -22.95 12.20
N ARG E 439 -3.93 -22.79 12.63
CA ARG E 439 -4.66 -23.82 13.39
C ARG E 439 -4.79 -25.06 12.52
N GLU E 440 -5.21 -24.91 11.27
CA GLU E 440 -5.39 -26.04 10.34
C GLU E 440 -4.04 -26.66 10.02
N VAL E 441 -2.99 -25.87 9.87
CA VAL E 441 -1.63 -26.37 9.51
C VAL E 441 -1.13 -27.27 10.63
N LEU E 442 -1.33 -26.87 11.87
CA LEU E 442 -0.83 -27.61 13.06
C LEU E 442 -1.59 -28.93 13.19
N SER E 443 -2.90 -28.92 12.95
CA SER E 443 -3.76 -30.11 13.01
C SER E 443 -3.22 -31.17 12.08
N ARG E 444 -3.02 -30.80 10.82
CA ARG E 444 -2.59 -31.75 9.76
C ARG E 444 -1.20 -32.30 10.07
N LEU E 445 -0.27 -31.47 10.50
CA LEU E 445 1.11 -31.90 10.78
C LEU E 445 1.11 -32.91 11.92
N ARG E 446 0.23 -32.75 12.90
CA ARG E 446 0.17 -33.61 14.10
C ARG E 446 -0.49 -34.94 13.76
N ALA E 447 -1.46 -34.94 12.87
CA ALA E 447 -2.17 -36.15 12.42
C ALA E 447 -1.27 -37.03 11.59
N ALA E 448 -0.32 -36.45 10.87
CA ALA E 448 0.55 -37.13 9.90
C ALA E 448 1.82 -37.65 10.53
N TYR E 449 2.38 -36.98 11.52
CA TYR E 449 3.77 -37.22 11.96
C TYR E 449 3.89 -37.43 13.46
N THR E 450 2.82 -37.48 14.26
CA THR E 450 2.92 -37.51 15.74
C THR E 450 1.98 -38.49 16.43
N LEU E 451 1.23 -39.34 15.72
CA LEU E 451 0.32 -40.35 16.32
C LEU E 451 1.05 -41.68 16.39
N LYS E 452 0.54 -42.77 15.82
CA LYS E 452 1.03 -44.15 16.08
C LYS E 452 2.09 -44.58 15.07
N VAL E 453 2.45 -43.75 14.09
CA VAL E 453 3.49 -44.05 13.07
C VAL E 453 4.44 -42.87 12.97
N GLY E 454 5.74 -43.08 13.24
CA GLY E 454 6.81 -42.08 13.10
C GLY E 454 7.72 -42.42 11.95
N SER E 455 7.96 -41.47 11.04
CA SER E 455 8.66 -41.66 9.75
C SER E 455 9.94 -40.85 9.71
N GLU E 456 11.00 -41.42 9.13
CA GLU E 456 12.27 -40.76 8.79
C GLU E 456 12.51 -40.95 7.29
N TYR E 457 12.39 -39.89 6.48
CA TYR E 457 12.50 -39.96 5.00
C TYR E 457 13.20 -38.76 4.37
N THR E 458 13.51 -37.68 5.07
CA THR E 458 13.94 -36.40 4.43
C THR E 458 15.43 -36.41 4.10
N HIS E 459 16.17 -37.39 4.59
CA HIS E 459 17.60 -37.61 4.29
C HIS E 459 17.80 -38.22 2.91
N ILE E 460 16.76 -38.78 2.28
CA ILE E 460 16.84 -39.37 0.92
C ILE E 460 17.16 -38.25 -0.06
N LEU E 461 18.00 -38.53 -1.07
CA LEU E 461 18.59 -37.54 -2.00
C LEU E 461 17.73 -37.38 -3.26
N ASP E 462 17.11 -38.43 -3.76
CA ASP E 462 16.26 -38.38 -4.97
C ASP E 462 14.96 -37.67 -4.63
N ARG E 463 14.53 -36.72 -5.48
CA ARG E 463 13.36 -35.86 -5.24
C ARG E 463 12.08 -36.64 -5.50
N ASP E 464 12.08 -37.52 -6.50
CA ASP E 464 10.88 -38.29 -6.90
C ASP E 464 10.51 -39.30 -5.82
N GLU E 465 11.47 -39.94 -5.18
CA GLU E 465 11.18 -40.98 -4.17
C GLU E 465 10.89 -40.33 -2.81
N ARG E 466 11.32 -39.10 -2.58
CA ARG E 466 10.99 -38.32 -1.37
C ARG E 466 9.55 -37.84 -1.46
N THR E 467 9.09 -37.48 -2.64
CA THR E 467 7.73 -36.95 -2.89
C THR E 467 6.70 -38.07 -2.82
N TRP E 468 7.04 -39.27 -3.24
CA TRP E 468 6.14 -40.46 -3.21
C TRP E 468 5.79 -40.80 -1.78
N LEU E 469 6.76 -40.79 -0.87
CA LEU E 469 6.56 -41.10 0.56
C LEU E 469 5.77 -39.99 1.24
N GLN E 470 6.09 -38.74 0.92
CA GLN E 470 5.46 -37.54 1.50
C GLN E 470 3.97 -37.54 1.22
N ASP E 471 3.57 -37.88 0.01
CA ASP E 471 2.16 -37.83 -0.44
C ASP E 471 1.37 -38.91 0.26
N ARG E 472 1.94 -40.09 0.47
CA ARG E 472 1.25 -41.24 1.08
C ARG E 472 1.12 -41.03 2.58
N LEU E 473 2.13 -40.50 3.25
CA LEU E 473 2.10 -40.28 4.71
C LEU E 473 1.14 -39.15 5.07
N GLU E 474 0.98 -38.15 4.22
CA GLU E 474 0.14 -36.97 4.53
C GLU E 474 -1.30 -37.18 4.08
N ALA E 475 -1.59 -38.22 3.31
CA ALA E 475 -2.95 -38.64 2.96
C ALA E 475 -3.55 -39.46 4.10
N GLY E 476 -2.71 -40.21 4.81
CA GLY E 476 -3.09 -40.94 6.02
C GLY E 476 -3.46 -42.38 5.73
N MET E 477 -3.60 -43.18 6.79
CA MET E 477 -4.05 -44.59 6.75
C MET E 477 -5.48 -44.61 6.26
N PRO E 478 -5.82 -45.38 5.21
CA PRO E 478 -7.22 -45.53 4.80
C PRO E 478 -8.08 -46.22 5.85
N LYS E 479 -9.36 -45.87 5.96
CA LYS E 479 -10.30 -46.45 6.93
C LYS E 479 -10.59 -47.86 6.49
N PRO E 480 -10.25 -48.91 7.27
CA PRO E 480 -10.50 -50.29 6.86
C PRO E 480 -11.97 -50.68 7.00
N THR E 481 -12.40 -51.62 6.16
CA THR E 481 -13.78 -52.16 6.13
C THR E 481 -14.01 -53.07 7.33
N GLN E 482 -15.25 -53.46 7.58
CA GLN E 482 -15.61 -54.35 8.70
C GLN E 482 -15.01 -55.72 8.47
N ALA E 483 -15.10 -56.26 7.26
CA ALA E 483 -14.52 -57.57 6.90
C ALA E 483 -13.03 -57.57 7.20
N GLU E 484 -12.31 -56.55 6.78
CA GLU E 484 -10.87 -56.40 7.01
C GLU E 484 -10.59 -56.43 8.51
N GLN E 485 -11.37 -55.68 9.28
CA GLN E 485 -11.22 -55.55 10.75
C GLN E 485 -11.37 -56.91 11.41
N LYS E 486 -12.33 -57.72 11.00
CA LYS E 486 -12.56 -59.02 11.64
C LYS E 486 -11.47 -60.00 11.29
N TYR E 487 -10.83 -59.87 10.13
CA TYR E 487 -9.72 -60.75 9.70
C TYR E 487 -8.49 -60.46 10.57
N ILE E 488 -8.26 -59.22 10.98
CA ILE E 488 -7.13 -58.83 11.87
C ILE E 488 -7.37 -59.43 13.25
N LEU E 489 -8.62 -59.48 13.71
CA LEU E 489 -8.97 -60.00 15.04
C LEU E 489 -8.80 -61.50 15.08
N GLN E 490 -9.05 -62.19 13.98
CA GLN E 490 -8.93 -63.66 13.92
C GLN E 490 -7.47 -64.07 13.98
N LYS E 491 -6.55 -63.29 13.41
CA LYS E 491 -5.10 -63.60 13.43
C LYS E 491 -4.55 -63.40 14.84
N LEU E 492 -4.98 -62.35 15.55
CA LEU E 492 -4.57 -62.10 16.95
C LEU E 492 -5.10 -63.21 17.85
N ASN E 493 -6.30 -63.71 17.60
CA ASN E 493 -6.89 -64.81 18.40
C ASN E 493 -6.05 -66.06 18.26
N ALA E 494 -5.61 -66.38 17.05
CA ALA E 494 -4.82 -67.58 16.75
C ALA E 494 -3.45 -67.49 17.42
N ALA E 495 -2.79 -66.36 17.29
CA ALA E 495 -1.48 -66.07 17.91
C ALA E 495 -1.53 -66.34 19.40
N GLU E 496 -2.52 -65.79 20.11
CA GLU E 496 -2.62 -65.90 21.58
C GLU E 496 -3.05 -67.30 21.98
N ALA E 497 -3.84 -67.98 21.19
CA ALA E 497 -4.29 -69.35 21.47
C ALA E 497 -3.11 -70.31 21.47
N PHE E 498 -2.17 -70.12 20.57
CA PHE E 498 -0.99 -71.00 20.39
C PHE E 498 0.00 -70.78 21.51
N GLU E 499 0.18 -69.52 21.95
CA GLU E 499 1.06 -69.19 23.09
C GLU E 499 0.58 -69.92 24.33
N ASN E 500 -0.73 -69.98 24.55
CA ASN E 500 -1.34 -70.64 25.73
C ASN E 500 -1.11 -72.14 25.68
N PHE E 501 -1.20 -72.75 24.52
CA PHE E 501 -1.01 -74.22 24.34
C PHE E 501 0.43 -74.60 24.68
N LEU E 502 1.37 -73.77 24.25
CA LEU E 502 2.82 -74.03 24.37
C LEU E 502 3.19 -73.96 25.85
N GLN E 503 2.72 -72.94 26.56
CA GLN E 503 3.06 -72.67 27.98
C GLN E 503 2.45 -73.74 28.89
N THR E 504 1.34 -74.36 28.51
CA THR E 504 0.60 -75.29 29.40
C THR E 504 0.97 -76.74 29.12
N LYS E 505 1.16 -77.13 27.87
CA LYS E 505 1.30 -78.55 27.47
C LYS E 505 2.77 -78.95 27.43
N TYR E 506 3.71 -77.99 27.46
CA TYR E 506 5.17 -78.24 27.38
C TYR E 506 5.91 -77.27 28.31
N VAL E 507 7.16 -77.62 28.64
CA VAL E 507 7.98 -76.96 29.71
C VAL E 507 9.29 -76.45 29.09
N GLY E 508 9.84 -75.38 29.66
CA GLY E 508 11.08 -74.72 29.19
C GLY E 508 10.88 -74.02 27.86
N GLN E 509 9.71 -73.39 27.67
CA GLN E 509 9.33 -72.65 26.44
C GLN E 509 9.18 -71.16 26.73
N LYS E 510 9.47 -70.72 27.97
CA LYS E 510 9.32 -69.31 28.43
C LYS E 510 10.35 -68.42 27.72
N ARG E 511 11.53 -68.98 27.44
CA ARG E 511 12.63 -68.33 26.67
C ARG E 511 12.14 -67.90 25.28
N PHE E 512 11.29 -68.71 24.66
CA PHE E 512 10.92 -68.62 23.23
C PHE E 512 9.56 -67.94 23.05
N SER E 513 9.03 -67.28 24.08
CA SER E 513 7.66 -66.71 24.09
C SER E 513 7.61 -65.42 23.27
N LEU E 514 6.47 -65.15 22.67
CA LEU E 514 6.18 -63.99 21.81
C LEU E 514 5.24 -63.04 22.55
N GLU E 515 4.96 -63.32 23.82
CA GLU E 515 4.00 -62.54 24.63
C GLU E 515 4.58 -61.15 24.82
N GLY E 516 3.85 -60.14 24.37
CA GLY E 516 4.29 -58.73 24.33
C GLY E 516 4.40 -58.24 22.92
N ALA E 517 4.60 -59.15 21.95
CA ALA E 517 4.91 -58.86 20.55
C ALA E 517 4.05 -59.73 19.62
N GLU E 518 2.75 -59.78 19.88
CA GLU E 518 1.82 -60.65 19.12
C GLU E 518 1.42 -59.98 17.82
N ALA E 519 1.68 -58.69 17.65
CA ALA E 519 1.35 -57.94 16.43
C ALA E 519 2.31 -58.30 15.29
N LEU E 520 3.41 -58.98 15.57
CA LEU E 520 4.34 -59.51 14.55
C LEU E 520 3.57 -60.38 13.56
N ILE E 521 2.60 -61.15 14.03
CA ILE E 521 1.90 -62.17 13.17
C ILE E 521 1.05 -61.45 12.15
N PRO E 522 0.15 -60.50 12.49
CA PRO E 522 -0.48 -59.70 11.46
C PRO E 522 0.39 -58.79 10.60
N LEU E 523 1.62 -58.42 10.98
CA LEU E 523 2.53 -57.58 10.16
C LEU E 523 3.12 -58.42 9.04
N MET E 524 3.63 -59.60 9.38
CA MET E 524 4.24 -60.55 8.42
C MET E 524 3.18 -60.99 7.42
N ASP E 525 1.94 -61.19 7.86
CA ASP E 525 0.82 -61.63 6.99
C ASP E 525 0.50 -60.54 5.97
N SER E 526 0.56 -59.28 6.37
CA SER E 526 0.21 -58.11 5.53
C SER E 526 1.19 -58.04 4.36
N ALA E 527 2.48 -58.18 4.65
CA ALA E 527 3.58 -58.09 3.67
C ALA E 527 3.51 -59.24 2.67
N ILE E 528 3.30 -60.47 3.14
CA ILE E 528 3.23 -61.68 2.27
C ILE E 528 2.02 -61.57 1.36
N ASP E 529 0.92 -61.02 1.84
CA ASP E 529 -0.32 -60.89 1.06
C ASP E 529 -0.16 -59.83 -0.02
N THR E 530 0.50 -58.73 0.29
CA THR E 530 0.79 -57.62 -0.66
C THR E 530 1.69 -58.12 -1.78
N ALA E 531 2.64 -59.01 -1.48
CA ALA E 531 3.58 -59.59 -2.46
C ALA E 531 2.84 -60.53 -3.42
N ALA E 532 1.84 -61.26 -2.93
CA ALA E 532 1.01 -62.17 -3.72
C ALA E 532 0.16 -61.39 -4.71
N GLY E 533 -0.26 -60.19 -4.35
CA GLY E 533 -1.07 -59.34 -5.24
C GLY E 533 -0.24 -58.68 -6.31
N GLN E 534 1.05 -58.49 -6.06
CA GLN E 534 2.01 -57.93 -7.03
C GLN E 534 2.36 -58.97 -8.08
N GLY E 535 2.18 -60.25 -7.80
CA GLY E 535 2.36 -61.33 -8.78
C GLY E 535 3.68 -62.03 -8.66
N LEU E 536 4.33 -61.99 -7.49
CA LEU E 536 5.71 -62.49 -7.28
C LEU E 536 5.66 -63.98 -6.92
N ASP E 537 6.82 -64.64 -6.84
CA ASP E 537 6.95 -66.12 -6.89
C ASP E 537 7.17 -66.74 -5.51
N GLU E 538 8.01 -66.15 -4.65
CA GLU E 538 8.37 -66.74 -3.34
C GLU E 538 8.75 -65.66 -2.33
N VAL E 539 8.61 -65.96 -1.04
CA VAL E 539 9.14 -65.15 0.11
C VAL E 539 10.02 -66.06 0.95
N VAL E 540 11.28 -65.68 1.19
CA VAL E 540 12.28 -66.41 2.02
C VAL E 540 12.45 -65.66 3.33
N ILE E 541 12.27 -66.33 4.46
CA ILE E 541 12.30 -65.74 5.84
C ILE E 541 13.55 -66.23 6.54
N GLY E 542 14.26 -65.33 7.21
CA GLY E 542 15.33 -65.64 8.19
C GLY E 542 15.08 -64.92 9.50
N MET E 543 15.27 -65.60 10.62
CA MET E 543 14.91 -65.07 11.96
C MET E 543 15.59 -65.83 13.07
N PRO E 544 15.67 -65.26 14.30
CA PRO E 544 16.05 -66.01 15.50
C PRO E 544 14.95 -66.77 16.24
N HIS E 545 15.27 -67.36 17.39
CA HIS E 545 14.43 -68.26 18.23
C HIS E 545 13.07 -67.67 18.55
N ARG E 546 13.01 -66.42 19.01
CA ARG E 546 11.79 -65.82 19.62
C ARG E 546 10.66 -65.82 18.61
N GLY E 547 9.63 -66.63 18.84
CA GLY E 547 8.40 -66.65 18.07
C GLY E 547 8.44 -67.62 16.91
N ARG E 548 9.40 -68.53 16.87
CA ARG E 548 9.66 -69.32 15.67
C ARG E 548 8.54 -70.32 15.45
N LEU E 549 8.11 -71.04 16.49
CA LEU E 549 7.07 -72.07 16.35
C LEU E 549 5.73 -71.42 16.02
N ASN E 550 5.51 -70.19 16.47
CA ASN E 550 4.29 -69.41 16.17
C ASN E 550 4.26 -69.10 14.68
N VAL E 551 5.40 -68.75 14.10
CA VAL E 551 5.55 -68.42 12.65
C VAL E 551 5.38 -69.68 11.82
N LEU E 552 5.79 -70.84 12.32
CA LEU E 552 5.65 -72.13 11.62
C LEU E 552 4.19 -72.50 11.49
N PHE E 553 3.34 -72.17 12.46
CA PHE E 553 1.93 -72.60 12.52
C PHE E 553 0.99 -71.60 11.86
N ASN E 554 1.28 -70.31 11.94
CA ASN E 554 0.35 -69.23 11.56
C ASN E 554 0.76 -68.55 10.26
N ILE E 555 2.00 -68.71 9.78
CA ILE E 555 2.51 -68.00 8.56
C ILE E 555 2.98 -68.99 7.50
N VAL E 556 3.65 -70.07 7.86
CA VAL E 556 4.12 -71.08 6.87
C VAL E 556 2.98 -72.06 6.62
N GLY E 557 2.29 -72.47 7.67
CA GLY E 557 1.05 -73.25 7.58
C GLY E 557 1.25 -74.72 7.82
N LYS E 558 2.21 -75.11 8.64
CA LYS E 558 2.47 -76.53 8.95
C LYS E 558 1.38 -77.01 9.90
N PRO E 559 0.97 -78.30 9.85
CA PRO E 559 0.08 -78.87 10.86
C PRO E 559 0.71 -79.03 12.25
N LEU E 560 -0.11 -79.13 13.29
CA LEU E 560 0.35 -79.26 14.70
C LEU E 560 1.09 -80.57 14.86
N ALA E 561 0.59 -81.63 14.23
CA ALA E 561 1.17 -82.99 14.26
C ALA E 561 2.63 -82.95 13.79
N SER E 562 2.91 -82.20 12.72
CA SER E 562 4.25 -82.09 12.10
C SER E 562 5.22 -81.38 13.04
N ILE E 563 4.77 -80.32 13.73
CA ILE E 563 5.62 -79.48 14.61
C ILE E 563 6.07 -80.32 15.80
N PHE E 564 5.13 -80.97 16.49
CA PHE E 564 5.37 -81.72 17.74
C PHE E 564 5.40 -83.23 17.46
N ASN E 565 6.61 -83.79 17.39
CA ASN E 565 6.87 -85.26 17.28
C ASN E 565 8.11 -85.60 18.13
N GLY E 580 21.64 -84.98 15.43
CA GLY E 580 20.35 -84.34 15.15
C GLY E 580 20.27 -82.94 15.75
N ASP E 581 19.07 -82.34 15.74
CA ASP E 581 18.81 -80.98 16.29
C ASP E 581 17.32 -80.81 16.60
N VAL E 582 16.96 -79.65 17.16
CA VAL E 582 15.59 -79.30 17.66
C VAL E 582 14.76 -78.73 16.51
N LYS E 583 13.48 -78.43 16.80
CA LYS E 583 12.50 -77.79 15.89
C LYS E 583 12.90 -76.33 15.63
N TYR E 584 13.54 -75.70 16.61
CA TYR E 584 13.90 -74.25 16.65
C TYR E 584 15.02 -73.89 15.68
N HIS E 585 15.61 -74.86 14.97
CA HIS E 585 16.73 -74.62 14.03
C HIS E 585 16.52 -75.24 12.63
N LEU E 586 15.53 -76.11 12.42
CA LEU E 586 15.31 -76.76 11.10
C LEU E 586 14.52 -75.82 10.17
N GLY E 587 14.52 -76.09 8.86
CA GLY E 587 13.83 -75.29 7.83
C GLY E 587 12.54 -75.95 7.37
N SER E 588 11.64 -75.18 6.72
CA SER E 588 10.30 -75.66 6.27
C SER E 588 9.81 -74.88 5.05
N GLU E 589 8.80 -75.42 4.35
CA GLU E 589 8.16 -74.83 3.14
C GLU E 589 6.64 -74.90 3.25
N GLY E 590 5.93 -74.00 2.58
CA GLY E 590 4.46 -73.96 2.56
C GLY E 590 3.90 -72.98 1.55
N GLN E 591 2.58 -72.92 1.39
CA GLN E 591 1.83 -72.07 0.42
C GLN E 591 0.97 -71.06 1.15
N HIS E 592 0.80 -69.86 0.61
CA HIS E 592 -0.06 -68.78 1.13
C HIS E 592 -1.05 -68.35 0.06
N LEU E 593 -2.32 -68.69 0.25
CA LEU E 593 -3.46 -68.24 -0.58
C LEU E 593 -3.91 -66.90 -0.04
N GLN E 594 -4.64 -66.14 -0.85
CA GLN E 594 -5.03 -64.74 -0.60
C GLN E 594 -6.55 -64.70 -0.43
N MET E 595 -7.02 -64.27 0.74
CA MET E 595 -8.43 -64.31 1.21
C MET E 595 -9.35 -63.56 0.25
N PHE E 596 -9.01 -62.31 -0.06
CA PHE E 596 -9.81 -61.37 -0.87
C PHE E 596 -9.08 -61.07 -2.19
N GLY E 597 -8.70 -62.11 -2.93
CA GLY E 597 -8.00 -61.99 -4.22
C GLY E 597 -7.87 -63.34 -4.88
N ASP E 598 -7.04 -63.45 -5.92
CA ASP E 598 -6.79 -64.72 -6.64
C ASP E 598 -5.29 -65.04 -6.69
N GLY E 599 -4.49 -64.53 -5.74
CA GLY E 599 -3.04 -64.71 -5.72
C GLY E 599 -2.60 -65.85 -4.82
N GLU E 600 -1.55 -66.57 -5.19
CA GLU E 600 -0.84 -67.58 -4.38
C GLU E 600 0.63 -67.20 -4.32
N ILE E 601 1.37 -67.68 -3.31
CA ILE E 601 2.84 -67.46 -3.20
C ILE E 601 3.44 -68.52 -2.30
N LYS E 602 4.64 -69.02 -2.64
CA LYS E 602 5.42 -69.96 -1.80
C LYS E 602 6.02 -69.21 -0.62
N VAL E 603 6.18 -69.88 0.53
CA VAL E 603 6.84 -69.32 1.75
C VAL E 603 7.84 -70.35 2.27
N SER E 604 9.09 -69.95 2.47
CA SER E 604 10.22 -70.79 2.94
C SER E 604 10.84 -70.20 4.20
N LEU E 605 11.31 -71.04 5.12
CA LEU E 605 12.02 -70.66 6.35
C LEU E 605 13.39 -71.34 6.36
N THR E 606 14.45 -70.58 6.58
CA THR E 606 15.88 -70.99 6.47
C THR E 606 16.36 -71.58 7.78
N ALA E 607 17.32 -72.50 7.76
CA ALA E 607 17.98 -73.07 8.95
C ALA E 607 19.05 -72.11 9.46
N ASN E 608 19.38 -72.16 10.74
CA ASN E 608 20.36 -71.23 11.35
C ASN E 608 20.88 -71.77 12.67
N PRO E 609 22.09 -71.35 13.10
CA PRO E 609 22.58 -71.64 14.43
C PRO E 609 22.21 -70.58 15.48
N SER E 610 22.63 -70.78 16.72
CA SER E 610 22.33 -69.91 17.87
C SER E 610 23.12 -68.61 17.78
N HIS E 611 24.27 -68.62 17.10
CA HIS E 611 25.11 -67.44 16.83
C HIS E 611 24.25 -66.40 16.13
N LEU E 612 23.99 -65.27 16.78
CA LEU E 612 23.07 -64.23 16.28
C LEU E 612 23.64 -63.60 15.01
N GLU E 613 22.77 -63.40 14.02
CA GLU E 613 22.94 -62.57 12.81
C GLU E 613 23.78 -63.29 11.74
N ALA E 614 24.18 -64.54 11.95
CA ALA E 614 25.01 -65.31 11.01
C ALA E 614 24.20 -65.79 9.81
N VAL E 615 22.87 -65.73 9.87
CA VAL E 615 21.93 -66.12 8.79
C VAL E 615 21.82 -65.01 7.76
N ASN E 616 22.25 -63.79 8.07
CA ASN E 616 22.00 -62.60 7.22
C ASN E 616 22.59 -62.82 5.82
N PRO E 617 23.91 -63.01 5.64
CA PRO E 617 24.46 -63.27 4.33
C PRO E 617 24.01 -64.57 3.64
N VAL E 618 23.67 -65.60 4.41
CA VAL E 618 23.32 -66.95 3.86
C VAL E 618 21.96 -66.85 3.18
N MET E 619 21.04 -66.14 3.81
CA MET E 619 19.65 -65.92 3.32
C MET E 619 19.68 -65.14 2.00
N GLU E 620 20.52 -64.12 1.89
CA GLU E 620 20.63 -63.23 0.70
C GLU E 620 21.08 -64.06 -0.50
N GLY E 621 22.07 -64.92 -0.31
CA GLY E 621 22.60 -65.84 -1.32
C GLY E 621 21.56 -66.82 -1.82
N ILE E 622 20.70 -67.35 -0.94
CA ILE E 622 19.61 -68.28 -1.32
C ILE E 622 18.66 -67.56 -2.26
N VAL E 623 18.37 -66.29 -2.00
CA VAL E 623 17.40 -65.50 -2.81
C VAL E 623 17.99 -65.26 -4.19
N ARG E 624 19.28 -64.96 -4.29
CA ARG E 624 19.93 -64.65 -5.59
C ARG E 624 19.97 -65.90 -6.46
N ALA E 625 20.20 -67.06 -5.90
CA ALA E 625 20.26 -68.33 -6.65
C ALA E 625 18.89 -68.63 -7.25
N LYS E 626 17.82 -68.37 -6.52
CA LYS E 626 16.43 -68.65 -6.95
C LYS E 626 16.02 -67.67 -8.03
N GLN E 627 16.44 -66.42 -7.94
CA GLN E 627 16.16 -65.38 -8.96
C GLN E 627 16.86 -65.76 -10.26
N ASP E 628 18.09 -66.23 -10.19
CA ASP E 628 18.91 -66.59 -11.38
C ASP E 628 18.29 -67.76 -12.12
N TYR E 629 17.66 -68.70 -11.44
CA TYR E 629 17.05 -69.91 -12.02
C TYR E 629 15.78 -69.56 -12.78
N LEU E 630 15.04 -68.53 -12.37
CA LEU E 630 13.79 -68.14 -13.04
C LEU E 630 14.10 -67.36 -14.31
N ASP E 631 15.14 -66.53 -14.30
CA ASP E 631 15.72 -65.89 -15.51
C ASP E 631 14.69 -64.97 -16.15
N LYS E 632 14.39 -63.85 -15.49
CA LYS E 632 13.38 -62.86 -15.93
C LYS E 632 14.00 -61.48 -16.18
N GLY E 633 15.31 -61.32 -16.03
CA GLY E 633 16.01 -60.06 -16.32
C GLY E 633 15.92 -59.04 -15.19
N VAL E 634 16.32 -57.81 -15.48
CA VAL E 634 16.43 -56.66 -14.53
C VAL E 634 15.02 -56.25 -14.05
N ASP E 635 14.02 -56.31 -14.94
CA ASP E 635 12.59 -55.98 -14.66
C ASP E 635 11.95 -57.03 -13.73
N GLY E 636 12.60 -58.19 -13.53
CA GLY E 636 12.12 -59.27 -12.64
C GLY E 636 12.38 -58.95 -11.19
N LYS E 637 13.19 -59.79 -10.53
CA LYS E 637 13.51 -59.73 -9.07
C LYS E 637 12.27 -60.08 -8.28
N THR E 638 11.81 -61.32 -8.39
CA THR E 638 10.47 -61.81 -7.98
C THR E 638 10.58 -62.84 -6.85
N VAL E 639 11.62 -62.78 -6.05
CA VAL E 639 11.75 -63.54 -4.77
C VAL E 639 12.12 -62.55 -3.68
N VAL E 640 11.27 -62.37 -2.67
CA VAL E 640 11.35 -61.28 -1.66
C VAL E 640 12.05 -61.79 -0.43
N PRO E 641 13.18 -61.19 0.01
CA PRO E 641 13.74 -61.47 1.32
C PRO E 641 13.18 -60.68 2.50
N LEU E 642 12.62 -61.38 3.49
CA LEU E 642 12.05 -60.85 4.76
C LEU E 642 12.93 -61.30 5.92
N LEU E 643 13.56 -60.38 6.64
CA LEU E 643 14.61 -60.68 7.65
C LEU E 643 14.23 -60.05 8.99
N LEU E 644 14.13 -60.85 10.05
CA LEU E 644 13.75 -60.45 11.42
C LEU E 644 15.00 -60.36 12.28
N HIS E 645 15.14 -59.29 13.07
CA HIS E 645 16.27 -59.05 14.01
C HIS E 645 15.73 -58.72 15.39
N GLY E 646 16.58 -58.79 16.42
CA GLY E 646 16.39 -58.19 17.75
C GLY E 646 17.20 -56.92 17.89
N ASP E 647 16.81 -56.02 18.80
CA ASP E 647 17.31 -54.63 18.84
C ASP E 647 18.78 -54.59 19.26
N ALA E 648 19.19 -55.40 20.23
CA ALA E 648 20.55 -55.41 20.78
C ALA E 648 21.51 -55.94 19.74
N ALA E 649 21.16 -57.02 19.07
CA ALA E 649 22.00 -57.70 18.06
C ALA E 649 22.18 -56.82 16.84
N PHE E 650 21.16 -56.06 16.47
CA PHE E 650 21.15 -55.23 15.24
C PHE E 650 22.14 -54.09 15.36
N ALA E 651 22.24 -53.46 16.54
CA ALA E 651 23.12 -52.30 16.79
C ALA E 651 24.55 -52.73 17.08
N GLY E 652 24.76 -53.95 17.52
CA GLY E 652 26.02 -54.36 18.15
C GLY E 652 26.93 -55.13 17.24
N LEU E 653 26.42 -56.12 16.52
CA LEU E 653 27.23 -57.04 15.69
C LEU E 653 27.50 -56.41 14.34
N GLY E 654 28.72 -56.51 13.84
CA GLY E 654 29.20 -55.84 12.63
C GLY E 654 28.79 -56.53 11.34
N ILE E 655 28.36 -57.78 11.40
CA ILE E 655 27.87 -58.54 10.22
C ILE E 655 26.64 -57.86 9.64
N VAL E 656 25.86 -57.14 10.44
CA VAL E 656 24.59 -56.51 9.99
C VAL E 656 24.92 -55.45 8.94
N PRO E 657 25.67 -54.38 9.22
CA PRO E 657 25.99 -53.39 8.20
C PRO E 657 26.91 -53.86 7.07
N GLU E 658 27.70 -54.91 7.29
CA GLU E 658 28.60 -55.51 6.28
C GLU E 658 27.76 -56.13 5.16
N THR E 659 26.59 -56.71 5.49
CA THR E 659 25.69 -57.41 4.55
C THR E 659 24.83 -56.39 3.81
N ILE E 660 24.43 -55.29 4.44
CA ILE E 660 23.61 -54.22 3.81
C ILE E 660 24.44 -53.53 2.73
N ASN E 661 25.76 -53.52 2.85
CA ASN E 661 26.70 -52.88 1.90
C ASN E 661 26.76 -53.63 0.58
N LEU E 662 26.30 -54.88 0.52
CA LEU E 662 26.29 -55.69 -0.72
C LEU E 662 25.03 -55.45 -1.56
N ALA E 663 24.12 -54.58 -1.13
CA ALA E 663 22.75 -54.48 -1.67
C ALA E 663 22.72 -54.01 -3.11
N LYS E 664 23.57 -53.07 -3.51
CA LYS E 664 23.54 -52.46 -4.85
C LYS E 664 24.71 -52.91 -5.72
N LEU E 665 25.51 -53.88 -5.31
CA LEU E 665 26.67 -54.35 -6.09
C LEU E 665 26.22 -55.35 -7.13
N ARG E 666 27.07 -55.65 -8.11
CA ARG E 666 26.71 -56.25 -9.40
C ARG E 666 26.32 -57.70 -9.20
N GLY E 667 27.14 -58.50 -8.56
CA GLY E 667 26.84 -59.93 -8.39
C GLY E 667 25.90 -60.25 -7.24
N TYR E 668 25.50 -59.26 -6.43
CA TYR E 668 24.87 -59.47 -5.12
C TYR E 668 23.48 -58.85 -5.01
N ASP E 669 22.99 -58.10 -5.99
CA ASP E 669 21.73 -57.32 -5.88
C ASP E 669 20.53 -58.24 -6.04
N VAL E 670 19.53 -58.13 -5.15
CA VAL E 670 18.33 -58.99 -5.10
C VAL E 670 17.05 -58.16 -5.11
N GLY E 671 17.12 -56.86 -5.33
CA GLY E 671 15.94 -56.00 -5.51
C GLY E 671 15.44 -55.37 -4.23
N GLY E 672 16.19 -55.42 -3.14
CA GLY E 672 15.79 -54.84 -1.84
C GLY E 672 15.52 -55.93 -0.82
N THR E 673 15.62 -55.58 0.46
CA THR E 673 15.34 -56.46 1.63
C THR E 673 14.42 -55.71 2.59
N ILE E 674 13.31 -56.34 2.99
CA ILE E 674 12.39 -55.83 4.05
C ILE E 674 12.93 -56.32 5.40
N HIS E 675 13.33 -55.39 6.27
CA HIS E 675 13.92 -55.63 7.62
C HIS E 675 12.88 -55.31 8.69
N ILE E 676 12.66 -56.20 9.66
CA ILE E 676 11.79 -55.98 10.85
C ILE E 676 12.64 -56.12 12.10
N VAL E 677 12.81 -55.05 12.87
CA VAL E 677 13.52 -55.04 14.18
C VAL E 677 12.48 -55.04 15.29
N VAL E 678 12.44 -56.09 16.11
CA VAL E 678 11.53 -56.28 17.27
C VAL E 678 12.20 -55.65 18.49
N ASN E 679 11.74 -54.49 18.88
CA ASN E 679 12.37 -53.56 19.85
C ASN E 679 11.61 -53.68 21.16
N ASN E 680 12.00 -54.62 22.01
CA ASN E 680 11.35 -54.91 23.31
C ASN E 680 12.13 -54.26 24.44
N GLN E 681 13.04 -53.35 24.12
CA GLN E 681 13.63 -52.37 25.05
C GLN E 681 14.50 -53.08 26.11
N ILE E 682 15.08 -54.24 25.77
CA ILE E 682 15.91 -55.07 26.69
C ILE E 682 16.65 -56.15 25.88
N GLY E 683 17.90 -56.45 26.26
CA GLY E 683 18.72 -57.53 25.67
C GLY E 683 18.45 -58.86 26.35
N PHE E 684 19.19 -59.15 27.42
CA PHE E 684 19.01 -60.33 28.32
C PHE E 684 18.79 -59.81 29.75
N THR E 685 19.81 -59.19 30.34
CA THR E 685 19.75 -58.42 31.61
C THR E 685 20.31 -57.00 31.37
N THR E 686 20.34 -56.56 30.11
CA THR E 686 21.04 -55.33 29.62
C THR E 686 20.01 -54.41 28.95
N THR E 687 20.11 -53.10 29.21
CA THR E 687 19.18 -52.05 28.73
C THR E 687 19.83 -51.27 27.59
N PRO E 688 19.05 -50.56 26.73
CA PRO E 688 19.59 -49.83 25.58
C PRO E 688 20.71 -48.83 25.84
N ASP E 689 20.75 -48.24 27.05
CA ASP E 689 21.80 -47.28 27.49
C ASP E 689 23.18 -47.91 27.39
N SER E 690 23.29 -49.21 27.70
CA SER E 690 24.57 -49.96 27.75
C SER E 690 24.71 -50.89 26.53
N SER E 691 23.96 -50.64 25.46
CA SER E 691 23.91 -51.51 24.26
C SER E 691 24.32 -50.75 23.00
N ARG E 692 24.04 -49.46 22.89
CA ARG E 692 24.34 -48.69 21.66
C ARG E 692 24.65 -47.24 21.96
N SER E 693 25.36 -46.59 21.04
CA SER E 693 25.74 -45.16 21.04
C SER E 693 24.92 -44.39 20.00
N MET E 694 23.98 -45.03 19.31
CA MET E 694 23.00 -44.40 18.38
C MET E 694 21.72 -44.10 19.16
N HIS E 695 20.90 -43.16 18.70
CA HIS E 695 19.64 -42.74 19.35
C HIS E 695 18.59 -43.83 19.19
N TYR E 696 18.37 -44.30 17.96
CA TYR E 696 17.53 -45.47 17.62
C TYR E 696 18.43 -46.61 17.16
N ALA E 697 17.94 -47.84 17.25
CA ALA E 697 18.66 -49.06 16.83
C ALA E 697 18.75 -49.14 15.33
N THR E 698 17.85 -48.49 14.61
CA THR E 698 17.68 -48.57 13.14
C THR E 698 18.37 -47.38 12.45
N ASP E 699 19.45 -46.86 13.01
CA ASP E 699 20.09 -45.61 12.51
C ASP E 699 21.12 -45.93 11.43
N TYR E 700 21.42 -47.19 11.17
CA TYR E 700 22.28 -47.62 10.04
C TYR E 700 21.58 -47.30 8.72
N ALA E 701 20.27 -47.17 8.71
CA ALA E 701 19.47 -46.80 7.53
C ALA E 701 19.88 -45.46 6.95
N LYS E 702 20.30 -44.52 7.79
CA LYS E 702 20.68 -43.15 7.36
C LYS E 702 22.05 -43.14 6.69
N ALA E 703 22.85 -44.20 6.86
CA ALA E 703 24.16 -44.38 6.20
C ALA E 703 23.96 -44.83 4.77
N PHE E 704 22.91 -45.59 4.49
CA PHE E 704 22.65 -46.26 3.19
C PHE E 704 21.54 -45.57 2.42
N GLY E 705 20.88 -44.55 2.97
CA GLY E 705 19.93 -43.70 2.24
C GLY E 705 18.56 -44.33 2.08
N CYS E 706 18.06 -45.02 3.11
CA CYS E 706 16.81 -45.82 3.07
C CYS E 706 15.80 -45.31 4.08
N PRO E 707 14.48 -45.48 3.85
CA PRO E 707 13.45 -45.03 4.80
C PRO E 707 13.21 -45.90 6.05
N VAL E 708 12.79 -45.30 7.16
CA VAL E 708 12.49 -46.00 8.44
C VAL E 708 11.09 -45.63 8.91
N PHE E 709 10.28 -46.63 9.29
CA PHE E 709 8.93 -46.49 9.88
C PHE E 709 8.93 -47.08 11.29
N HIS E 710 8.66 -46.27 12.31
CA HIS E 710 8.52 -46.67 13.72
C HIS E 710 7.03 -46.82 14.03
N VAL E 711 6.56 -47.96 14.53
CA VAL E 711 5.11 -48.23 14.73
C VAL E 711 4.88 -48.85 16.09
N ASN E 712 3.77 -48.46 16.73
CA ASN E 712 3.32 -48.88 18.08
C ASN E 712 2.69 -50.25 17.99
N GLY E 713 3.15 -51.19 18.79
CA GLY E 713 2.74 -52.59 18.71
C GLY E 713 1.45 -52.89 19.41
N ASP E 714 0.72 -51.87 19.87
CA ASP E 714 -0.59 -52.01 20.52
C ASP E 714 -1.67 -51.34 19.67
N ASP E 715 -1.41 -51.04 18.39
CA ASP E 715 -2.40 -50.50 17.42
C ASP E 715 -2.38 -51.35 16.17
N PRO E 716 -3.10 -52.50 16.12
CA PRO E 716 -2.97 -53.41 15.01
C PRO E 716 -3.35 -52.92 13.61
N GLU E 717 -4.21 -51.92 13.48
CA GLU E 717 -4.59 -51.37 12.15
C GLU E 717 -3.44 -50.60 11.56
N ALA E 718 -2.65 -49.90 12.37
CA ALA E 718 -1.46 -49.14 11.95
C ALA E 718 -0.34 -50.08 11.55
N VAL E 719 -0.24 -51.24 12.18
CA VAL E 719 0.81 -52.24 11.90
C VAL E 719 0.54 -52.83 10.51
N VAL E 720 -0.71 -53.13 10.16
CA VAL E 720 -1.02 -53.78 8.85
C VAL E 720 -0.81 -52.77 7.72
N TRP E 721 -0.93 -51.47 7.98
CA TRP E 721 -0.73 -50.43 6.95
C TRP E 721 0.75 -50.30 6.62
N VAL E 722 1.62 -50.31 7.62
CA VAL E 722 3.09 -50.13 7.46
C VAL E 722 3.64 -51.32 6.68
N GLY E 723 3.13 -52.51 6.92
CA GLY E 723 3.52 -53.72 6.16
C GLY E 723 3.24 -53.58 4.69
N GLN E 724 2.10 -53.01 4.33
CA GLN E 724 1.65 -52.82 2.94
C GLN E 724 2.52 -51.77 2.26
N LEU E 725 2.77 -50.66 2.93
CA LEU E 725 3.49 -49.48 2.39
C LEU E 725 4.94 -49.83 2.12
N ALA E 726 5.54 -50.67 2.95
CA ALA E 726 6.95 -51.09 2.83
C ALA E 726 7.13 -52.01 1.64
N THR E 727 6.19 -52.93 1.41
CA THR E 727 6.23 -53.89 0.29
C THR E 727 5.99 -53.17 -1.03
N GLU E 728 5.21 -52.10 -1.04
CA GLU E 728 4.96 -51.27 -2.25
C GLU E 728 6.19 -50.43 -2.57
N TYR E 729 6.92 -49.95 -1.58
CA TYR E 729 8.14 -49.12 -1.76
C TYR E 729 9.25 -49.97 -2.38
N ARG E 730 9.36 -51.24 -1.99
CA ARG E 730 10.40 -52.16 -2.51
C ARG E 730 10.19 -52.42 -3.99
N ARG E 731 8.95 -52.57 -4.43
CA ARG E 731 8.63 -52.96 -5.82
C ARG E 731 8.84 -51.79 -6.76
N ARG E 732 8.70 -50.55 -6.29
CA ARG E 732 8.74 -49.34 -7.11
C ARG E 732 10.18 -48.87 -7.27
N PHE E 733 11.01 -48.95 -6.22
CA PHE E 733 12.34 -48.30 -6.15
C PHE E 733 13.48 -49.30 -6.00
N GLY E 734 13.22 -50.54 -5.60
CA GLY E 734 14.23 -51.59 -5.55
C GLY E 734 15.32 -51.32 -4.54
N LYS E 735 14.97 -50.80 -3.37
CA LYS E 735 15.92 -50.51 -2.27
C LYS E 735 15.44 -51.16 -0.97
N ASP E 736 16.27 -51.13 0.05
CA ASP E 736 15.99 -51.70 1.40
C ASP E 736 15.06 -50.76 2.17
N VAL E 737 14.29 -51.33 3.09
CA VAL E 737 13.26 -50.63 3.90
C VAL E 737 13.28 -51.25 5.29
N PHE E 738 13.15 -50.44 6.34
CA PHE E 738 13.37 -50.79 7.76
C PHE E 738 12.11 -50.46 8.58
N ILE E 739 11.54 -51.44 9.28
CA ILE E 739 10.37 -51.28 10.20
C ILE E 739 10.83 -51.57 11.63
N ASP E 740 10.60 -50.63 12.55
CA ASP E 740 10.85 -50.74 14.02
C ASP E 740 9.52 -50.97 14.74
N LEU E 741 9.29 -52.16 15.28
CA LEU E 741 8.06 -52.54 16.00
C LEU E 741 8.33 -52.44 17.49
N VAL E 742 7.77 -51.42 18.14
CA VAL E 742 8.00 -51.09 19.57
C VAL E 742 6.98 -51.86 20.39
N CYS E 743 7.45 -52.81 21.19
CA CYS E 743 6.66 -53.73 22.02
C CYS E 743 7.36 -53.91 23.36
N TYR E 744 7.08 -54.96 24.12
CA TYR E 744 7.80 -55.30 25.38
C TYR E 744 7.93 -56.82 25.54
N ARG E 745 8.69 -57.26 26.54
CA ARG E 745 8.94 -58.68 26.88
C ARG E 745 8.28 -58.96 28.24
N LEU E 746 7.22 -59.76 28.26
CA LEU E 746 6.34 -59.98 29.44
C LEU E 746 7.09 -60.76 30.51
N ARG E 747 7.70 -61.89 30.14
CA ARG E 747 8.42 -62.80 31.06
C ARG E 747 9.93 -62.52 30.97
N GLY E 748 10.73 -63.24 31.76
CA GLY E 748 12.21 -63.23 31.69
C GLY E 748 12.71 -64.13 30.56
N HIS E 749 14.01 -64.06 30.26
CA HIS E 749 14.67 -64.84 29.17
C HIS E 749 14.88 -66.29 29.63
N ASN E 750 15.24 -66.50 30.90
CA ASN E 750 15.39 -67.85 31.52
C ASN E 750 14.01 -68.39 31.89
N GLU E 751 13.91 -69.71 32.10
CA GLU E 751 12.67 -70.43 32.49
C GLU E 751 12.25 -70.01 33.91
N ALA E 752 13.21 -70.03 34.86
CA ALA E 752 13.04 -69.61 36.26
C ALA E 752 14.07 -68.51 36.59
N ASP E 753 13.77 -67.27 36.19
CA ASP E 753 14.61 -66.06 36.45
C ASP E 753 13.69 -64.83 36.55
N ASP E 754 13.92 -63.98 37.56
CA ASP E 754 13.11 -62.77 37.86
C ASP E 754 13.73 -61.57 37.14
N PRO E 755 13.01 -60.90 36.19
CA PRO E 755 13.56 -59.74 35.51
C PRO E 755 13.53 -58.44 36.34
N SER E 756 12.78 -58.43 37.45
CA SER E 756 12.69 -57.31 38.43
C SER E 756 13.97 -57.23 39.28
N MET E 757 14.73 -58.32 39.36
CA MET E 757 16.04 -58.41 40.06
C MET E 757 16.99 -57.31 39.58
N THR E 758 17.02 -57.04 38.26
CA THR E 758 17.93 -56.07 37.59
C THR E 758 17.17 -54.81 37.13
N GLN E 759 15.99 -54.97 36.51
CA GLN E 759 15.16 -53.86 35.98
C GLN E 759 13.82 -53.81 36.75
N PRO E 760 13.81 -53.32 38.01
CA PRO E 760 12.57 -53.26 38.80
C PRO E 760 11.55 -52.21 38.36
N LYS E 761 12.00 -51.03 37.92
CA LYS E 761 11.14 -49.88 37.53
C LYS E 761 10.38 -50.18 36.24
N MET E 762 11.03 -50.83 35.26
CA MET E 762 10.42 -51.17 33.95
C MET E 762 9.32 -52.23 34.15
N TYR E 763 9.54 -53.20 35.05
CA TYR E 763 8.64 -54.36 35.24
C TYR E 763 7.56 -54.06 36.28
N GLU E 764 7.50 -52.82 36.80
CA GLU E 764 6.31 -52.27 37.50
C GLU E 764 5.23 -51.94 36.46
N LEU E 765 5.64 -51.34 35.34
CA LEU E 765 4.73 -50.95 34.23
C LEU E 765 4.21 -52.18 33.47
N ILE E 766 5.01 -53.24 33.36
CA ILE E 766 4.71 -54.42 32.49
C ILE E 766 3.70 -55.34 33.19
N THR E 767 3.91 -55.66 34.47
CA THR E 767 3.15 -56.71 35.19
C THR E 767 1.70 -56.27 35.41
N GLY E 768 0.75 -57.12 35.01
CA GLY E 768 -0.70 -56.91 35.18
C GLY E 768 -1.27 -55.90 34.21
N ARG E 769 -0.97 -56.06 32.91
CA ARG E 769 -1.55 -55.28 31.79
C ARG E 769 -2.64 -56.10 31.12
N GLU E 770 -3.44 -55.46 30.26
CA GLU E 770 -4.34 -56.15 29.29
C GLU E 770 -3.54 -56.46 28.03
N THR E 771 -3.85 -57.58 27.37
CA THR E 771 -3.23 -58.07 26.12
C THR E 771 -3.69 -57.22 24.95
N VAL E 772 -3.01 -57.28 23.81
CA VAL E 772 -3.33 -56.50 22.58
C VAL E 772 -4.63 -57.01 21.98
N ARG E 773 -4.91 -58.29 22.09
CA ARG E 773 -6.16 -58.93 21.65
C ARG E 773 -7.34 -58.37 22.42
N ALA E 774 -7.23 -58.30 23.74
CA ALA E 774 -8.28 -57.81 24.65
C ALA E 774 -8.58 -56.36 24.35
N GLN E 775 -7.56 -55.55 24.18
CA GLN E 775 -7.71 -54.10 23.94
C GLN E 775 -8.42 -53.87 22.63
N TYR E 776 -8.11 -54.63 21.59
CA TYR E 776 -8.66 -54.42 20.23
C TYR E 776 -10.11 -54.89 20.21
N THR E 777 -10.46 -55.94 20.92
CA THR E 777 -11.86 -56.44 20.99
C THR E 777 -12.73 -55.39 21.63
N GLU E 778 -12.24 -54.74 22.68
CA GLU E 778 -12.97 -53.71 23.47
C GLU E 778 -13.19 -52.48 22.61
N ASP E 779 -12.26 -52.17 21.71
CA ASP E 779 -12.33 -50.98 20.82
C ASP E 779 -13.35 -51.19 19.71
N LEU E 780 -13.45 -52.39 19.16
CA LEU E 780 -14.42 -52.71 18.08
C LEU E 780 -15.83 -52.74 18.66
N LEU E 781 -16.05 -53.40 19.80
CA LEU E 781 -17.39 -53.50 20.43
C LEU E 781 -17.81 -52.17 21.05
N GLY E 782 -17.03 -51.10 20.96
CA GLY E 782 -17.41 -49.80 21.51
C GLY E 782 -17.37 -48.69 20.49
N ARG E 783 -17.41 -48.99 19.19
CA ARG E 783 -17.60 -48.01 18.10
C ARG E 783 -18.96 -48.23 17.44
N GLY E 784 -19.73 -49.23 17.90
CA GLY E 784 -21.16 -49.39 17.57
C GLY E 784 -21.42 -49.66 16.10
N ASP E 785 -20.38 -50.06 15.34
CA ASP E 785 -20.50 -50.48 13.91
C ASP E 785 -21.24 -51.83 13.87
N LEU E 786 -20.92 -52.73 14.80
CA LEU E 786 -21.30 -54.17 14.78
C LEU E 786 -22.75 -54.32 15.24
N SER E 787 -23.48 -55.25 14.62
CA SER E 787 -24.88 -55.63 14.95
C SER E 787 -24.89 -56.60 16.14
N ASN E 788 -26.06 -57.10 16.52
CA ASN E 788 -26.23 -58.03 17.66
C ASN E 788 -25.66 -59.41 17.28
N GLU E 789 -25.99 -59.89 16.07
CA GLU E 789 -25.52 -61.20 15.54
C GLU E 789 -24.01 -61.15 15.32
N ASP E 790 -23.49 -60.02 14.81
CA ASP E 790 -22.06 -59.79 14.49
C ASP E 790 -21.24 -59.77 15.78
N ALA E 791 -21.77 -59.17 16.85
CA ALA E 791 -21.09 -58.98 18.14
C ALA E 791 -20.91 -60.32 18.85
N GLU E 792 -21.90 -61.22 18.80
CA GLU E 792 -21.84 -62.57 19.42
C GLU E 792 -20.71 -63.39 18.79
N ALA E 793 -20.49 -63.22 17.49
CA ALA E 793 -19.50 -63.97 16.68
C ALA E 793 -18.09 -63.64 17.13
N VAL E 794 -17.81 -62.38 17.43
CA VAL E 794 -16.46 -61.90 17.85
C VAL E 794 -16.05 -62.63 19.14
N VAL E 795 -17.00 -62.89 20.03
CA VAL E 795 -16.75 -63.55 21.34
C VAL E 795 -16.45 -65.02 21.12
N ARG E 796 -17.18 -65.66 20.23
CA ARG E 796 -17.18 -67.13 20.00
C ARG E 796 -15.94 -67.56 19.24
N ASP E 797 -15.29 -66.64 18.52
CA ASP E 797 -14.10 -66.95 17.67
C ASP E 797 -12.93 -67.39 18.54
N PHE E 798 -12.71 -66.75 19.69
CA PHE E 798 -11.57 -67.06 20.58
C PHE E 798 -11.76 -68.43 21.20
N HIS E 799 -12.98 -68.85 21.49
CA HIS E 799 -13.29 -70.18 22.05
C HIS E 799 -13.07 -71.25 20.99
N ASP E 800 -13.40 -70.96 19.73
CA ASP E 800 -13.22 -71.90 18.60
C ASP E 800 -11.73 -72.21 18.42
N GLN E 801 -10.89 -71.19 18.33
CA GLN E 801 -9.44 -71.34 18.05
C GLN E 801 -8.81 -72.18 19.16
N MET E 802 -9.23 -71.97 20.41
CA MET E 802 -8.73 -72.69 21.61
C MET E 802 -9.13 -74.16 21.52
N GLU E 803 -10.40 -74.47 21.28
CA GLU E 803 -10.89 -75.86 21.21
C GLU E 803 -10.13 -76.63 20.13
N SER E 804 -9.82 -75.97 19.01
CA SER E 804 -9.15 -76.59 17.84
C SER E 804 -7.74 -77.04 18.20
N VAL E 805 -6.97 -76.20 18.88
CA VAL E 805 -5.54 -76.43 19.21
C VAL E 805 -5.43 -77.52 20.26
N PHE E 806 -6.40 -77.64 21.17
CA PHE E 806 -6.34 -78.52 22.37
C PHE E 806 -7.12 -79.82 22.13
N ASN E 807 -7.51 -80.14 20.89
CA ASN E 807 -8.21 -81.41 20.58
C ASN E 807 -7.22 -82.57 20.77
N GLY E 832 33.77 -95.56 -10.65
CA GLY E 832 34.29 -95.81 -12.01
C GLY E 832 33.85 -94.75 -13.01
N LEU E 833 33.98 -93.48 -12.62
CA LEU E 833 33.60 -92.30 -13.43
C LEU E 833 34.85 -91.74 -14.11
N GLU E 834 34.80 -91.55 -15.43
CA GLU E 834 35.93 -91.06 -16.25
C GLU E 834 35.75 -89.58 -16.53
N THR E 835 36.82 -88.79 -16.37
CA THR E 835 36.78 -87.31 -16.32
C THR E 835 37.55 -86.66 -17.48
N ASN E 836 38.08 -87.44 -18.43
CA ASN E 836 38.83 -86.88 -19.58
C ASN E 836 37.88 -86.23 -20.56
N ILE E 837 38.38 -85.31 -21.38
CA ILE E 837 37.64 -84.70 -22.52
C ILE E 837 38.30 -85.15 -23.82
N SER E 838 37.69 -84.83 -24.96
CA SER E 838 38.14 -85.22 -26.33
C SER E 838 39.14 -84.21 -26.87
N ARG E 839 40.00 -84.64 -27.81
CA ARG E 839 40.96 -83.77 -28.52
C ARG E 839 40.23 -82.58 -29.10
N GLU E 840 39.03 -82.78 -29.62
CA GLU E 840 38.25 -81.78 -30.37
C GLU E 840 37.72 -80.74 -29.40
N GLU E 841 37.28 -81.16 -28.21
CA GLU E 841 36.75 -80.27 -27.17
C GLU E 841 37.86 -79.34 -26.67
N LEU E 842 39.09 -79.86 -26.56
CA LEU E 842 40.26 -79.13 -26.01
C LEU E 842 40.68 -78.04 -26.99
N LEU E 843 40.72 -78.33 -28.29
CA LEU E 843 41.13 -77.37 -29.33
C LEU E 843 40.13 -76.22 -29.37
N GLU E 844 38.85 -76.51 -29.20
CA GLU E 844 37.77 -75.51 -29.29
C GLU E 844 37.92 -74.52 -28.14
N LEU E 845 38.28 -74.99 -26.95
CA LEU E 845 38.43 -74.16 -25.74
C LEU E 845 39.60 -73.20 -25.93
N GLY E 846 40.69 -73.71 -26.50
CA GLY E 846 41.87 -72.91 -26.84
C GLY E 846 41.53 -71.79 -27.81
N GLN E 847 40.66 -72.05 -28.78
CA GLN E 847 40.37 -71.15 -29.90
C GLN E 847 39.43 -70.03 -29.46
N ALA E 848 38.98 -70.01 -28.22
CA ALA E 848 38.04 -69.02 -27.71
C ALA E 848 38.75 -67.72 -27.49
N PHE E 849 40.04 -67.77 -27.16
CA PHE E 849 40.88 -66.59 -26.87
C PHE E 849 41.34 -65.93 -28.16
N ALA E 850 41.08 -66.52 -29.32
CA ALA E 850 41.33 -65.94 -30.66
C ALA E 850 40.08 -65.28 -31.24
N ASN E 851 38.89 -65.76 -30.92
CA ASN E 851 37.61 -65.25 -31.50
C ASN E 851 37.20 -63.99 -30.77
N THR E 852 37.96 -62.94 -30.98
CA THR E 852 37.78 -61.60 -30.37
C THR E 852 36.65 -60.91 -31.11
N PRO E 853 35.78 -60.12 -30.46
CA PRO E 853 34.76 -59.37 -31.20
C PRO E 853 35.30 -58.24 -32.06
N GLU E 854 34.51 -57.77 -33.03
CA GLU E 854 34.92 -56.77 -34.07
C GLU E 854 35.36 -55.48 -33.39
N GLY E 855 36.59 -55.06 -33.66
CA GLY E 855 37.20 -53.86 -33.09
C GLY E 855 37.34 -53.97 -31.60
N PHE E 856 37.93 -55.08 -31.14
CA PHE E 856 38.45 -55.28 -29.76
C PHE E 856 39.91 -55.64 -29.90
N ASN E 857 40.77 -54.98 -29.14
CA ASN E 857 42.20 -55.32 -29.02
C ASN E 857 42.52 -55.54 -27.55
N TYR E 858 43.45 -56.44 -27.26
CA TYR E 858 43.91 -56.76 -25.90
C TYR E 858 44.97 -55.74 -25.49
N HIS E 859 45.05 -55.40 -24.21
CA HIS E 859 46.13 -54.59 -23.60
C HIS E 859 47.42 -55.32 -23.80
N PRO E 860 48.54 -54.66 -24.14
CA PRO E 860 49.73 -55.36 -24.56
C PRO E 860 50.52 -56.19 -23.55
N ARG E 861 50.14 -56.20 -22.29
CA ARG E 861 50.72 -57.11 -21.26
C ARG E 861 49.84 -58.35 -21.13
N VAL E 862 48.59 -58.30 -21.62
CA VAL E 862 47.59 -59.42 -21.62
C VAL E 862 47.63 -60.17 -22.95
N ALA E 863 48.13 -59.54 -24.01
CA ALA E 863 48.16 -60.10 -25.37
C ALA E 863 48.98 -61.37 -25.42
N PRO E 864 50.23 -61.43 -24.92
CA PRO E 864 50.99 -62.66 -25.00
C PRO E 864 50.51 -63.85 -24.16
N VAL E 865 49.71 -63.62 -23.13
CA VAL E 865 49.05 -64.67 -22.31
C VAL E 865 48.01 -65.36 -23.18
N ALA E 866 47.20 -64.59 -23.89
CA ALA E 866 46.14 -65.06 -24.80
C ALA E 866 46.76 -65.88 -25.92
N LYS E 867 47.89 -65.48 -26.43
CA LYS E 867 48.52 -66.15 -27.57
C LYS E 867 49.03 -67.51 -27.14
N LYS E 868 49.47 -67.67 -25.89
CA LYS E 868 50.06 -68.93 -25.41
C LYS E 868 48.97 -69.95 -25.11
N ARG E 869 47.81 -69.48 -24.65
CA ARG E 869 46.61 -70.31 -24.41
C ARG E 869 46.20 -70.99 -25.70
N VAL E 870 46.33 -70.33 -26.84
CA VAL E 870 45.90 -70.87 -28.16
C VAL E 870 46.92 -71.88 -28.68
N SER E 871 48.19 -71.78 -28.34
CA SER E 871 49.26 -72.66 -28.86
C SER E 871 49.46 -73.87 -27.99
N SER E 872 49.19 -73.76 -26.69
CA SER E 872 49.55 -74.73 -25.63
C SER E 872 48.77 -76.01 -25.79
N VAL E 873 47.56 -75.93 -26.33
CA VAL E 873 46.60 -77.06 -26.45
C VAL E 873 47.03 -77.98 -27.58
N THR E 874 48.09 -77.68 -28.29
CA THR E 874 48.72 -78.56 -29.30
C THR E 874 50.17 -78.85 -28.96
N GLU E 875 50.92 -77.88 -28.41
CA GLU E 875 52.39 -77.93 -28.26
C GLU E 875 52.76 -78.46 -26.88
N GLY E 876 52.17 -77.90 -25.83
CA GLY E 876 52.43 -78.30 -24.44
C GLY E 876 52.55 -77.12 -23.54
N GLY E 877 52.95 -77.35 -22.31
CA GLY E 877 53.28 -76.29 -21.35
C GLY E 877 52.05 -75.58 -20.85
N ILE E 878 51.14 -76.30 -20.23
CA ILE E 878 49.88 -75.72 -19.69
C ILE E 878 50.12 -75.42 -18.22
N ASP E 879 49.85 -74.19 -17.79
CA ASP E 879 50.14 -73.70 -16.43
C ASP E 879 48.90 -73.86 -15.56
N TRP E 880 49.05 -73.60 -14.26
CA TRP E 880 48.03 -73.84 -13.23
C TRP E 880 46.74 -73.13 -13.63
N ALA E 881 46.78 -71.84 -13.88
CA ALA E 881 45.58 -71.01 -14.10
C ALA E 881 44.79 -71.53 -15.28
N TRP E 882 45.48 -71.93 -16.35
CA TRP E 882 44.86 -72.38 -17.61
C TRP E 882 44.22 -73.75 -17.40
N GLY E 883 44.78 -74.58 -16.52
CA GLY E 883 44.18 -75.85 -16.11
C GLY E 883 42.88 -75.67 -15.36
N GLU E 884 42.79 -74.67 -14.50
CA GLU E 884 41.58 -74.37 -13.72
C GLU E 884 40.47 -73.90 -14.64
N LEU E 885 40.76 -73.01 -15.58
CA LEU E 885 39.74 -72.42 -16.48
C LEU E 885 39.29 -73.47 -17.48
N LEU E 886 40.15 -74.38 -17.90
CA LEU E 886 39.78 -75.48 -18.83
C LEU E 886 38.74 -76.38 -18.17
N ALA E 887 38.78 -76.51 -16.85
CA ALA E 887 37.82 -77.32 -16.07
C ALA E 887 36.48 -76.62 -16.00
N PHE E 888 36.45 -75.37 -15.55
CA PHE E 888 35.19 -74.61 -15.41
C PHE E 888 34.54 -74.40 -16.77
N GLY E 889 35.33 -74.29 -17.83
CA GLY E 889 34.83 -74.07 -19.19
C GLY E 889 34.15 -75.29 -19.71
N SER E 890 34.79 -76.45 -19.59
CA SER E 890 34.24 -77.73 -20.05
C SER E 890 32.87 -77.98 -19.41
N LEU E 891 32.71 -77.63 -18.14
CA LEU E 891 31.47 -77.89 -17.38
C LEU E 891 30.38 -76.94 -17.81
N ALA E 892 30.71 -75.71 -18.18
CA ALA E 892 29.71 -74.73 -18.68
C ALA E 892 29.20 -75.14 -20.05
N ASN E 893 30.02 -75.79 -20.86
CA ASN E 893 29.62 -76.25 -22.20
C ASN E 893 28.56 -77.32 -22.10
N SER E 894 28.69 -78.25 -21.16
CA SER E 894 27.72 -79.35 -20.93
C SER E 894 26.35 -78.82 -20.57
N GLY E 895 26.28 -77.67 -19.92
CA GLY E 895 25.03 -76.92 -19.73
C GLY E 895 24.83 -76.43 -18.32
N ARG E 896 25.88 -76.26 -17.53
CA ARG E 896 25.79 -75.94 -16.09
C ARG E 896 26.00 -74.45 -15.87
N LEU E 897 25.56 -73.95 -14.72
CA LEU E 897 25.80 -72.57 -14.27
C LEU E 897 26.99 -72.59 -13.33
N VAL E 898 28.10 -71.99 -13.76
CA VAL E 898 29.39 -71.92 -13.02
C VAL E 898 29.56 -70.48 -12.53
N ARG E 899 29.79 -70.29 -11.23
CA ARG E 899 29.96 -68.98 -10.56
C ARG E 899 31.26 -68.96 -9.77
N LEU E 900 32.11 -67.95 -9.97
CA LEU E 900 33.39 -67.73 -9.26
C LEU E 900 33.39 -66.33 -8.68
N ALA E 901 33.65 -66.17 -7.38
CA ALA E 901 33.61 -64.88 -6.66
C ALA E 901 34.73 -64.77 -5.63
N GLY E 902 35.28 -63.58 -5.46
CA GLY E 902 36.33 -63.26 -4.48
C GLY E 902 37.03 -61.96 -4.79
N GLU E 903 37.93 -61.51 -3.92
CA GLU E 903 38.67 -60.23 -4.06
C GLU E 903 39.63 -60.33 -5.25
N ASP E 904 39.38 -59.53 -6.27
CA ASP E 904 40.26 -59.34 -7.45
C ASP E 904 40.34 -60.64 -8.24
N SER E 905 39.21 -61.30 -8.43
CA SER E 905 39.11 -62.69 -8.95
C SER E 905 39.03 -62.72 -10.47
N ARG E 906 38.61 -61.63 -11.12
CA ARG E 906 38.55 -61.53 -12.60
C ARG E 906 39.97 -61.51 -13.17
N ARG E 907 40.84 -60.64 -12.66
CA ARG E 907 42.26 -60.53 -13.07
C ARG E 907 43.06 -61.64 -12.41
N GLY E 908 42.85 -61.87 -11.12
CA GLY E 908 43.69 -62.72 -10.26
C GLY E 908 44.55 -61.87 -9.36
N THR E 909 44.84 -62.35 -8.15
CA THR E 909 45.69 -61.67 -7.13
C THR E 909 47.14 -61.64 -7.62
N PHE E 910 47.59 -62.73 -8.21
CA PHE E 910 48.97 -62.91 -8.68
C PHE E 910 49.03 -62.69 -10.19
N THR E 911 48.04 -62.00 -10.74
CA THR E 911 47.97 -61.57 -12.16
C THR E 911 48.10 -62.79 -13.06
N GLN E 912 47.30 -63.83 -12.80
CA GLN E 912 47.49 -65.17 -13.40
C GLN E 912 46.28 -65.62 -14.20
N ARG E 913 45.08 -65.05 -14.01
CA ARG E 913 43.82 -65.66 -14.49
C ARG E 913 43.37 -65.04 -15.81
N HIS E 914 43.06 -63.75 -15.82
CA HIS E 914 42.60 -63.02 -17.02
C HIS E 914 41.43 -63.77 -17.64
N ALA E 915 40.28 -63.73 -16.97
CA ALA E 915 39.04 -64.40 -17.37
C ALA E 915 38.08 -63.42 -18.00
N VAL E 916 38.14 -62.16 -17.60
CA VAL E 916 37.54 -61.03 -18.34
C VAL E 916 38.68 -60.11 -18.74
N ALA E 917 38.76 -59.71 -19.99
CA ALA E 917 39.77 -58.78 -20.54
C ALA E 917 39.11 -57.45 -20.85
N ILE E 918 39.85 -56.34 -20.75
CA ILE E 918 39.36 -54.95 -20.98
C ILE E 918 40.21 -54.29 -22.06
N ASP E 919 39.57 -53.60 -23.02
CA ASP E 919 40.24 -52.88 -24.13
C ASP E 919 40.68 -51.51 -23.64
N PRO E 920 41.97 -51.17 -23.67
CA PRO E 920 42.44 -49.90 -23.13
C PRO E 920 41.87 -48.67 -23.81
N ALA E 921 41.53 -48.75 -25.10
CA ALA E 921 40.99 -47.65 -25.89
C ALA E 921 39.56 -47.34 -25.47
N THR E 922 38.69 -48.34 -25.39
CA THR E 922 37.22 -48.15 -25.34
C THR E 922 36.62 -48.51 -23.98
N ALA E 923 37.34 -49.27 -23.14
CA ALA E 923 36.85 -49.81 -21.84
C ALA E 923 35.66 -50.75 -22.07
N GLU E 924 35.77 -51.65 -23.05
CA GLU E 924 34.77 -52.69 -23.40
C GLU E 924 35.27 -54.02 -22.84
N GLU E 925 34.37 -54.84 -22.30
CA GLU E 925 34.67 -56.12 -21.61
C GLU E 925 34.45 -57.30 -22.54
N PHE E 926 35.26 -58.34 -22.41
CA PHE E 926 35.14 -59.61 -23.15
C PHE E 926 35.36 -60.79 -22.21
N ASN E 927 34.48 -61.80 -22.28
CA ASN E 927 34.49 -63.03 -21.45
C ASN E 927 34.48 -64.22 -22.36
N PRO E 928 35.62 -64.66 -22.90
CA PRO E 928 35.65 -65.68 -23.91
C PRO E 928 34.89 -66.96 -23.63
N LEU E 929 35.03 -67.53 -22.44
CA LEU E 929 34.46 -68.85 -22.10
C LEU E 929 32.95 -68.75 -21.93
N HIS E 930 32.40 -67.61 -21.53
CA HIS E 930 30.93 -67.41 -21.43
C HIS E 930 30.32 -67.43 -22.81
N GLU E 931 31.00 -66.86 -23.79
CA GLU E 931 30.50 -66.75 -25.18
C GLU E 931 30.52 -68.12 -25.83
N LEU E 932 31.53 -68.94 -25.59
CA LEU E 932 31.57 -70.30 -26.19
C LEU E 932 30.45 -71.14 -25.63
N ALA E 933 30.12 -70.96 -24.36
CA ALA E 933 29.10 -71.78 -23.66
C ALA E 933 27.73 -71.47 -24.25
N GLN E 934 27.47 -70.20 -24.53
CA GLN E 934 26.16 -69.75 -25.04
C GLN E 934 26.02 -70.02 -26.54
N SER E 935 27.03 -70.55 -27.21
CA SER E 935 26.98 -70.89 -28.65
C SER E 935 26.76 -72.39 -28.86
N LYS E 936 26.80 -73.19 -27.80
CA LYS E 936 26.73 -74.67 -27.89
C LYS E 936 25.29 -75.14 -27.73
N GLY E 937 24.39 -74.26 -27.27
CA GLY E 937 22.95 -74.54 -27.23
C GLY E 937 22.60 -75.55 -26.17
N ASN E 938 23.09 -75.37 -24.95
CA ASN E 938 22.59 -76.05 -23.74
C ASN E 938 22.41 -75.05 -22.61
N ASN E 939 22.33 -73.77 -22.91
CA ASN E 939 22.13 -72.66 -21.95
C ASN E 939 23.07 -72.78 -20.76
N GLY E 940 24.37 -72.84 -21.02
CA GLY E 940 25.43 -72.83 -19.99
C GLY E 940 25.91 -71.43 -19.78
N LYS E 941 26.45 -71.14 -18.60
CA LYS E 941 26.94 -69.81 -18.22
C LYS E 941 28.22 -69.92 -17.41
N PHE E 942 29.17 -69.02 -17.63
CA PHE E 942 30.38 -68.77 -16.80
C PHE E 942 30.32 -67.33 -16.32
N LEU E 943 30.01 -67.12 -15.04
CA LEU E 943 29.81 -65.81 -14.37
C LEU E 943 30.95 -65.57 -13.38
N VAL E 944 31.69 -64.46 -13.49
CA VAL E 944 32.87 -64.14 -12.64
C VAL E 944 32.69 -62.74 -12.08
N TYR E 945 32.77 -62.57 -10.76
CA TYR E 945 32.49 -61.32 -10.03
C TYR E 945 33.60 -60.98 -9.05
N ASN E 946 33.91 -59.71 -8.89
CA ASN E 946 34.83 -59.13 -7.88
C ASN E 946 34.04 -58.75 -6.63
N SER E 947 34.37 -59.32 -5.48
CA SER E 947 33.69 -59.07 -4.19
C SER E 947 34.09 -57.71 -3.63
N ALA E 948 33.46 -57.30 -2.55
CA ALA E 948 33.94 -56.23 -1.66
C ALA E 948 34.95 -56.82 -0.69
N LEU E 949 35.60 -55.97 0.08
CA LEU E 949 36.68 -56.38 1.01
C LEU E 949 36.01 -56.93 2.27
N THR E 950 35.57 -58.19 2.20
CA THR E 950 34.87 -58.92 3.29
C THR E 950 35.18 -60.40 3.17
N GLU E 951 35.23 -61.10 4.30
CA GLU E 951 35.45 -62.57 4.36
C GLU E 951 34.20 -63.24 4.94
N TYR E 952 33.62 -62.69 6.01
CA TYR E 952 32.42 -63.21 6.69
C TYR E 952 31.25 -63.15 5.70
N ALA E 953 30.90 -61.96 5.23
CA ALA E 953 29.76 -61.73 4.32
C ALA E 953 30.01 -62.41 2.99
N GLY E 954 31.24 -62.44 2.51
CA GLY E 954 31.60 -63.02 1.21
C GLY E 954 31.38 -64.51 1.15
N MET E 955 31.98 -65.25 2.07
CA MET E 955 31.89 -66.74 2.08
C MET E 955 30.48 -67.16 2.44
N GLY E 956 29.81 -66.42 3.30
CA GLY E 956 28.42 -66.69 3.69
C GLY E 956 27.51 -66.69 2.50
N PHE E 957 27.70 -65.73 1.60
CA PHE E 957 26.86 -65.53 0.40
C PHE E 957 27.02 -66.69 -0.57
N GLU E 958 28.19 -67.28 -0.66
CA GLU E 958 28.46 -68.39 -1.61
C GLU E 958 27.94 -69.71 -1.04
N TYR E 959 27.90 -69.89 0.28
CA TYR E 959 27.28 -71.07 0.92
C TYR E 959 25.78 -71.03 0.65
N GLY E 960 25.18 -69.85 0.72
CA GLY E 960 23.76 -69.65 0.46
C GLY E 960 23.39 -70.04 -0.95
N TYR E 961 24.25 -69.71 -1.91
CA TYR E 961 24.03 -69.94 -3.35
C TYR E 961 23.99 -71.44 -3.60
N SER E 962 24.84 -72.19 -2.93
CA SER E 962 24.93 -73.66 -3.08
C SER E 962 23.66 -74.34 -2.56
N VAL E 963 23.04 -73.79 -1.52
CA VAL E 963 21.83 -74.37 -0.88
C VAL E 963 20.62 -74.05 -1.75
N GLY E 964 20.57 -72.87 -2.37
CA GLY E 964 19.42 -72.43 -3.17
C GLY E 964 19.46 -72.87 -4.62
N ASN E 965 20.51 -73.55 -5.06
CA ASN E 965 20.57 -74.24 -6.38
C ASN E 965 21.54 -75.40 -6.29
N GLU E 966 21.03 -76.60 -6.04
CA GLU E 966 21.82 -77.84 -5.87
C GLU E 966 22.63 -78.14 -7.14
N ASP E 967 22.18 -77.69 -8.31
CA ASP E 967 22.75 -78.09 -9.62
C ASP E 967 23.79 -77.10 -10.13
N SER E 968 24.10 -76.04 -9.39
CA SER E 968 25.13 -75.04 -9.74
C SER E 968 26.50 -75.49 -9.26
N ILE E 969 27.56 -75.05 -9.91
CA ILE E 969 28.98 -75.21 -9.46
C ILE E 969 29.44 -73.85 -8.96
N VAL E 970 29.69 -73.69 -7.65
CA VAL E 970 30.06 -72.42 -6.98
C VAL E 970 31.44 -72.55 -6.33
N ALA E 971 32.27 -71.52 -6.42
CA ALA E 971 33.62 -71.45 -5.82
C ALA E 971 33.88 -70.06 -5.24
N TRP E 972 34.33 -69.99 -3.99
CA TRP E 972 34.81 -68.75 -3.31
C TRP E 972 36.32 -68.81 -3.17
N GLU E 973 37.00 -67.72 -3.52
CA GLU E 973 38.47 -67.58 -3.46
C GLU E 973 38.83 -66.51 -2.43
N ALA E 974 39.92 -66.73 -1.70
CA ALA E 974 40.50 -65.81 -0.72
C ALA E 974 41.76 -65.19 -1.31
N GLN E 975 42.08 -63.95 -0.94
CA GLN E 975 43.26 -63.24 -1.46
C GLN E 975 44.49 -64.01 -1.04
N PHE E 976 44.58 -64.31 0.25
CA PHE E 976 45.51 -65.29 0.87
C PHE E 976 44.72 -66.14 1.84
N GLY E 977 45.08 -67.40 2.01
CA GLY E 977 44.38 -68.34 2.89
C GLY E 977 44.46 -67.95 4.35
N ASP E 978 45.40 -67.08 4.71
CA ASP E 978 45.63 -66.58 6.07
C ASP E 978 44.48 -65.70 6.55
N PHE E 979 43.67 -65.14 5.63
CA PHE E 979 42.59 -64.19 5.97
C PHE E 979 41.25 -64.90 6.10
N ALA E 980 41.19 -66.22 5.98
CA ALA E 980 39.94 -67.00 6.09
C ALA E 980 39.52 -67.18 7.54
N ASN E 981 40.36 -66.81 8.52
CA ASN E 981 40.00 -66.86 9.96
C ASN E 981 38.98 -65.78 10.30
N GLY E 982 38.75 -64.82 9.43
CA GLY E 982 37.70 -63.80 9.60
C GLY E 982 36.34 -64.27 9.13
N ALA E 983 36.24 -65.53 8.70
CA ALA E 983 34.96 -66.20 8.37
C ALA E 983 34.89 -67.52 9.10
N GLN E 984 35.35 -67.58 10.34
CA GLN E 984 35.42 -68.82 11.14
C GLN E 984 34.02 -69.24 11.56
N THR E 985 33.13 -68.30 11.85
CA THR E 985 31.73 -68.58 12.23
C THR E 985 31.08 -69.40 11.12
N ILE E 986 31.30 -69.05 9.85
CA ILE E 986 30.66 -69.71 8.68
C ILE E 986 31.31 -71.07 8.45
N ILE E 987 32.58 -71.25 8.75
CA ILE E 987 33.27 -72.56 8.57
C ILE E 987 32.76 -73.53 9.62
N ASP E 988 32.66 -73.09 10.87
CA ASP E 988 32.36 -73.93 12.06
C ASP E 988 30.88 -74.32 12.08
N GLU E 989 29.98 -73.39 11.76
CA GLU E 989 28.53 -73.50 12.06
C GLU E 989 27.72 -73.92 10.84
N TYR E 990 28.24 -73.81 9.61
CA TYR E 990 27.51 -74.10 8.35
C TYR E 990 28.25 -75.12 7.48
N VAL E 991 29.50 -74.86 7.11
CA VAL E 991 30.21 -75.61 6.04
C VAL E 991 30.63 -76.98 6.54
N SER E 992 31.11 -77.09 7.77
CA SER E 992 31.70 -78.33 8.32
C SER E 992 30.64 -79.18 9.02
N SER E 993 29.51 -78.59 9.44
CA SER E 993 28.58 -79.17 10.43
C SER E 993 27.13 -79.21 9.97
N GLY E 994 26.76 -78.61 8.85
CA GLY E 994 25.36 -78.44 8.44
C GLY E 994 24.63 -79.74 8.18
N GLU E 995 25.28 -80.73 7.57
CA GLU E 995 24.67 -82.03 7.22
C GLU E 995 24.37 -82.82 8.49
N ALA E 996 25.29 -82.85 9.45
CA ALA E 996 25.14 -83.59 10.72
C ALA E 996 24.01 -82.98 11.55
N LYS E 997 23.91 -81.66 11.59
CA LYS E 997 22.93 -80.94 12.43
C LYS E 997 21.54 -81.05 11.83
N TRP E 998 21.35 -80.56 10.60
CA TRP E 998 20.02 -80.29 10.00
C TRP E 998 19.74 -81.15 8.77
N GLY E 999 20.68 -81.91 8.25
CA GLY E 999 20.49 -82.69 7.01
C GLY E 999 20.49 -81.83 5.78
N GLN E 1000 21.18 -80.69 5.79
CA GLN E 1000 21.28 -79.71 4.69
C GLN E 1000 22.63 -79.91 4.03
N THR E 1001 22.65 -80.23 2.72
CA THR E 1001 23.86 -80.61 1.96
C THR E 1001 24.32 -79.43 1.11
N SER E 1002 25.64 -79.32 0.90
CA SER E 1002 26.30 -78.30 0.06
C SER E 1002 27.47 -78.91 -0.69
N LYS E 1003 27.79 -78.34 -1.84
CA LYS E 1003 28.89 -78.74 -2.74
C LYS E 1003 29.79 -77.52 -3.03
N LEU E 1004 29.99 -76.65 -2.05
CA LEU E 1004 30.79 -75.41 -2.20
C LEU E 1004 32.26 -75.79 -2.34
N ILE E 1005 33.01 -75.05 -3.18
CA ILE E 1005 34.47 -75.20 -3.38
C ILE E 1005 35.14 -74.00 -2.73
N LEU E 1006 36.03 -74.21 -1.77
CA LEU E 1006 36.90 -73.17 -1.18
C LEU E 1006 38.29 -73.28 -1.82
N LEU E 1007 38.78 -72.21 -2.44
CA LEU E 1007 40.12 -72.08 -3.07
C LEU E 1007 40.97 -71.16 -2.20
N LEU E 1008 41.92 -71.71 -1.43
CA LEU E 1008 42.70 -71.01 -0.38
C LEU E 1008 44.18 -71.08 -0.71
N PRO E 1009 44.86 -69.98 -1.12
CA PRO E 1009 46.30 -69.99 -1.35
C PRO E 1009 47.20 -70.29 -0.16
N HIS E 1010 48.31 -70.96 -0.36
CA HIS E 1010 49.14 -71.57 0.70
C HIS E 1010 50.56 -71.80 0.20
N GLY E 1011 51.57 -71.39 0.97
CA GLY E 1011 52.97 -71.77 0.71
C GLY E 1011 53.94 -70.95 1.52
N TYR E 1012 55.06 -71.56 1.89
CA TYR E 1012 56.14 -70.96 2.69
C TYR E 1012 57.23 -70.47 1.73
N GLU E 1013 57.14 -69.21 1.31
CA GLU E 1013 57.97 -68.59 0.26
C GLU E 1013 58.73 -67.37 0.79
N GLY E 1014 58.59 -67.00 2.06
CA GLY E 1014 59.42 -65.99 2.72
C GLY E 1014 58.79 -64.62 2.74
N GLN E 1015 57.49 -64.54 2.91
CA GLN E 1015 56.71 -63.29 2.76
C GLN E 1015 55.98 -62.94 4.05
N GLY E 1016 56.28 -63.60 5.17
CA GLY E 1016 55.89 -63.19 6.53
C GLY E 1016 54.76 -64.03 7.11
N PRO E 1017 54.40 -63.82 8.39
CA PRO E 1017 53.37 -64.61 9.05
C PRO E 1017 51.90 -64.48 8.62
N ASP E 1018 51.51 -63.43 7.91
CA ASP E 1018 50.11 -63.24 7.46
C ASP E 1018 50.00 -63.49 5.96
N HIS E 1019 51.00 -64.12 5.34
CA HIS E 1019 51.03 -64.44 3.90
C HIS E 1019 51.74 -65.77 3.68
N SER E 1020 51.52 -66.78 4.51
CA SER E 1020 52.22 -68.08 4.39
C SER E 1020 51.34 -69.30 4.61
N SER E 1021 50.44 -69.33 5.60
CA SER E 1021 49.66 -70.53 5.99
C SER E 1021 48.16 -70.28 5.91
N ALA E 1022 47.42 -71.22 5.34
CA ALA E 1022 45.95 -71.27 5.31
C ALA E 1022 45.42 -72.16 6.44
N ARG E 1023 46.29 -72.69 7.29
CA ARG E 1023 45.97 -73.44 8.53
C ARG E 1023 45.33 -74.77 8.18
N ILE E 1024 46.10 -75.68 7.58
CA ILE E 1024 45.69 -77.06 7.21
C ILE E 1024 45.25 -77.79 8.47
N GLU E 1025 46.04 -77.72 9.54
CA GLU E 1025 45.81 -78.41 10.83
C GLU E 1025 44.40 -78.15 11.33
N ARG E 1026 43.87 -76.95 11.14
CA ARG E 1026 42.57 -76.53 11.68
C ARG E 1026 41.44 -77.18 10.90
N PHE E 1027 41.60 -77.33 9.58
CA PHE E 1027 40.58 -77.96 8.70
C PHE E 1027 40.55 -79.45 8.93
N LEU E 1028 41.68 -80.10 9.17
CA LEU E 1028 41.72 -81.56 9.38
C LEU E 1028 41.16 -81.93 10.75
N GLN E 1029 41.16 -80.99 11.70
CA GLN E 1029 40.57 -81.16 13.06
C GLN E 1029 39.05 -81.27 12.96
N LEU E 1030 38.43 -80.60 11.97
CA LEU E 1030 36.97 -80.52 11.81
C LEU E 1030 36.40 -81.68 11.00
N CYS E 1031 37.22 -82.60 10.49
CA CYS E 1031 36.78 -83.69 9.58
C CYS E 1031 36.50 -84.97 10.37
N ALA E 1032 35.39 -85.64 10.05
CA ALA E 1032 35.00 -86.94 10.66
C ALA E 1032 33.96 -87.61 9.78
N GLU E 1033 34.17 -88.89 9.44
CA GLU E 1033 33.21 -89.75 8.69
C GLU E 1033 32.89 -89.10 7.34
N GLY E 1034 33.91 -88.62 6.65
CA GLY E 1034 33.81 -88.05 5.29
C GLY E 1034 32.92 -86.82 5.24
N SER E 1035 33.06 -85.89 6.16
CA SER E 1035 32.22 -84.69 6.25
C SER E 1035 32.56 -83.72 5.12
N MET E 1036 33.85 -83.52 4.83
CA MET E 1036 34.32 -82.77 3.64
C MET E 1036 35.65 -83.32 3.15
N THR E 1037 35.94 -83.09 1.85
CA THR E 1037 37.16 -83.51 1.12
C THR E 1037 38.20 -82.40 1.15
N VAL E 1038 39.46 -82.73 1.49
CA VAL E 1038 40.60 -81.78 1.62
C VAL E 1038 41.77 -82.28 0.76
N ALA E 1039 42.31 -81.43 -0.12
CA ALA E 1039 43.36 -81.79 -1.11
C ALA E 1039 44.35 -80.65 -1.36
N GLN E 1040 45.54 -81.01 -1.84
CA GLN E 1040 46.67 -80.12 -2.20
C GLN E 1040 47.36 -80.71 -3.42
N PRO E 1041 46.92 -80.42 -4.67
CA PRO E 1041 47.50 -81.01 -5.86
C PRO E 1041 48.83 -80.37 -6.30
N SER E 1042 49.65 -81.11 -7.04
CA SER E 1042 51.03 -80.76 -7.41
C SER E 1042 51.16 -80.38 -8.88
N THR E 1043 50.15 -80.66 -9.71
CA THR E 1043 50.22 -80.64 -11.19
C THR E 1043 48.94 -80.03 -11.73
N PRO E 1044 48.96 -79.14 -12.73
CA PRO E 1044 47.74 -78.55 -13.28
C PRO E 1044 46.67 -79.51 -13.80
N ALA E 1045 47.06 -80.63 -14.40
CA ALA E 1045 46.15 -81.65 -14.92
C ALA E 1045 45.42 -82.35 -13.78
N ASN E 1046 46.06 -82.53 -12.63
CA ASN E 1046 45.44 -83.24 -11.49
C ASN E 1046 44.40 -82.32 -10.87
N HIS E 1047 44.62 -81.02 -10.84
CA HIS E 1047 43.64 -80.02 -10.36
C HIS E 1047 42.40 -80.06 -11.24
N PHE E 1048 42.60 -80.25 -12.54
CA PHE E 1048 41.53 -80.33 -13.57
C PHE E 1048 40.65 -81.52 -13.27
N HIS E 1049 41.27 -82.66 -13.02
CA HIS E 1049 40.56 -83.94 -12.82
C HIS E 1049 39.82 -83.94 -11.49
N LEU E 1050 40.31 -83.24 -10.47
CA LEU E 1050 39.67 -83.16 -9.14
C LEU E 1050 38.40 -82.34 -9.25
N LEU E 1051 38.45 -81.20 -9.91
CA LEU E 1051 37.28 -80.29 -10.03
C LEU E 1051 36.16 -80.98 -10.80
N ARG E 1052 36.50 -81.76 -11.81
CA ARG E 1052 35.50 -82.44 -12.67
C ARG E 1052 34.91 -83.64 -11.96
N ARG E 1053 35.67 -84.34 -11.13
CA ARG E 1053 35.15 -85.46 -10.33
C ARG E 1053 34.11 -84.98 -9.35
N HIS E 1054 34.34 -83.85 -8.73
CA HIS E 1054 33.44 -83.25 -7.72
C HIS E 1054 32.13 -82.86 -8.36
N ALA E 1055 32.15 -82.32 -9.57
CA ALA E 1055 30.96 -81.78 -10.24
C ALA E 1055 30.12 -82.87 -10.88
N LEU E 1056 30.66 -84.04 -11.15
CA LEU E 1056 29.95 -85.14 -11.83
C LEU E 1056 29.66 -86.31 -10.88
N SER E 1057 29.96 -86.22 -9.59
CA SER E 1057 29.67 -87.28 -8.60
C SER E 1057 28.30 -87.05 -7.97
N ASP E 1058 27.82 -88.04 -7.23
CA ASP E 1058 26.54 -88.02 -6.48
C ASP E 1058 26.79 -87.66 -5.01
N LEU E 1059 28.04 -87.63 -4.56
CA LEU E 1059 28.41 -87.28 -3.17
C LEU E 1059 28.30 -85.77 -2.99
N LYS E 1060 27.45 -85.32 -2.07
CA LYS E 1060 27.05 -83.90 -1.90
C LYS E 1060 27.70 -83.33 -0.66
N ARG E 1061 29.02 -83.12 -0.69
CA ARG E 1061 29.83 -82.60 0.45
C ARG E 1061 30.79 -81.55 -0.06
N PRO E 1062 31.24 -80.57 0.75
CA PRO E 1062 32.20 -79.57 0.30
C PRO E 1062 33.60 -80.05 -0.08
N LEU E 1063 34.36 -79.19 -0.77
CA LEU E 1063 35.75 -79.42 -1.23
C LEU E 1063 36.63 -78.23 -0.86
N VAL E 1064 37.70 -78.46 -0.12
CA VAL E 1064 38.71 -77.45 0.29
C VAL E 1064 40.01 -77.78 -0.44
N ILE E 1065 40.46 -76.90 -1.34
CA ILE E 1065 41.72 -77.06 -2.14
C ILE E 1065 42.70 -75.99 -1.69
N PHE E 1066 43.93 -76.39 -1.35
CA PHE E 1066 45.07 -75.51 -1.01
C PHE E 1066 45.88 -75.28 -2.28
N THR E 1067 45.83 -74.05 -2.82
CA THR E 1067 46.28 -73.66 -4.17
C THR E 1067 47.63 -72.96 -4.09
N PRO E 1068 48.49 -73.02 -5.12
CA PRO E 1068 49.84 -72.45 -5.05
C PRO E 1068 50.00 -70.97 -5.41
N LYS E 1069 51.19 -70.41 -5.17
CA LYS E 1069 51.56 -68.98 -5.43
C LYS E 1069 52.77 -68.88 -6.36
N SER E 1070 53.93 -69.38 -5.95
CA SER E 1070 55.16 -69.38 -6.77
C SER E 1070 55.10 -70.45 -7.85
N MET E 1071 54.51 -71.61 -7.53
CA MET E 1071 54.40 -72.78 -8.44
C MET E 1071 53.52 -72.45 -9.64
N LEU E 1072 52.75 -71.36 -9.59
CA LEU E 1072 51.92 -70.85 -10.71
C LEU E 1072 52.76 -70.65 -11.96
N ARG E 1073 54.05 -70.35 -11.84
CA ARG E 1073 54.95 -69.99 -12.97
C ARG E 1073 56.19 -70.87 -13.02
N ASN E 1074 56.20 -72.02 -12.35
CA ASN E 1074 57.33 -72.97 -12.38
C ASN E 1074 57.18 -73.86 -13.61
N LYS E 1075 58.23 -74.02 -14.39
CA LYS E 1075 58.17 -74.69 -15.71
C LYS E 1075 58.31 -76.20 -15.54
N ALA E 1076 58.72 -76.69 -14.38
CA ALA E 1076 58.78 -78.13 -14.10
C ALA E 1076 57.41 -78.67 -13.71
N ALA E 1077 56.45 -77.80 -13.43
CA ALA E 1077 55.10 -78.15 -12.97
C ALA E 1077 54.13 -78.27 -14.13
N ALA E 1078 54.43 -77.69 -15.30
CA ALA E 1078 53.50 -77.59 -16.45
C ALA E 1078 53.14 -78.98 -16.97
N SER E 1079 51.99 -79.09 -17.65
CA SER E 1079 51.34 -80.35 -18.10
C SER E 1079 51.20 -80.42 -19.62
N ALA E 1080 51.24 -81.63 -20.19
CA ALA E 1080 51.06 -81.92 -21.62
C ALA E 1080 49.61 -82.14 -21.93
N PRO E 1081 49.16 -82.03 -23.20
CA PRO E 1081 47.77 -82.26 -23.57
C PRO E 1081 47.22 -83.68 -23.37
N GLU E 1082 48.06 -84.69 -23.45
CA GLU E 1082 47.68 -86.10 -23.27
C GLU E 1082 47.22 -86.32 -21.82
N ASP E 1083 47.61 -85.45 -20.90
CA ASP E 1083 47.24 -85.55 -19.46
C ASP E 1083 45.81 -85.10 -19.23
N PHE E 1084 45.21 -84.39 -20.18
CA PHE E 1084 43.78 -83.97 -20.13
C PHE E 1084 42.89 -84.81 -21.05
N THR E 1085 43.43 -85.73 -21.83
CA THR E 1085 42.74 -86.40 -22.96
C THR E 1085 42.93 -87.92 -22.91
N GLU E 1086 44.08 -88.45 -22.51
CA GLU E 1086 44.33 -89.91 -22.47
C GLU E 1086 44.27 -90.45 -21.04
N VAL E 1087 44.69 -89.68 -20.03
CA VAL E 1087 44.58 -90.04 -18.59
C VAL E 1087 43.13 -89.82 -18.16
N THR E 1088 42.52 -90.82 -17.52
CA THR E 1088 41.05 -90.96 -17.33
C THR E 1088 40.59 -90.42 -15.98
N LYS E 1089 41.35 -90.64 -14.90
CA LYS E 1089 40.92 -90.40 -13.50
C LYS E 1089 41.86 -89.41 -12.81
N PHE E 1090 41.45 -88.92 -11.64
CA PHE E 1090 42.25 -88.15 -10.66
C PHE E 1090 43.08 -89.12 -9.84
N GLN E 1091 44.32 -88.75 -9.54
CA GLN E 1091 45.28 -89.55 -8.77
C GLN E 1091 45.38 -88.99 -7.36
N SER E 1092 45.31 -89.85 -6.35
CA SER E 1092 45.37 -89.50 -4.91
C SER E 1092 46.81 -89.64 -4.39
N VAL E 1093 47.56 -90.59 -4.91
CA VAL E 1093 49.01 -90.77 -4.67
C VAL E 1093 49.69 -90.80 -6.03
N ILE E 1094 50.85 -90.15 -6.17
CA ILE E 1094 51.71 -90.15 -7.39
C ILE E 1094 53.05 -90.70 -6.99
N ASN E 1095 53.45 -91.83 -7.54
CA ASN E 1095 54.71 -92.53 -7.23
C ASN E 1095 55.84 -91.80 -7.93
N ASP E 1096 57.11 -92.16 -7.65
CA ASP E 1096 58.29 -91.42 -8.13
C ASP E 1096 58.50 -91.72 -9.61
N PRO E 1097 58.55 -90.70 -10.50
CA PRO E 1097 58.86 -90.91 -11.90
C PRO E 1097 60.27 -91.37 -12.22
N ASN E 1098 61.24 -91.03 -11.36
CA ASN E 1098 62.70 -91.15 -11.64
C ASN E 1098 63.30 -92.22 -10.74
N VAL E 1099 62.93 -93.47 -10.92
CA VAL E 1099 63.55 -94.62 -10.22
C VAL E 1099 64.01 -95.65 -11.25
N ALA E 1100 65.32 -95.86 -11.35
CA ALA E 1100 65.94 -96.83 -12.28
C ALA E 1100 65.62 -98.25 -11.80
N ASP E 1101 66.03 -98.59 -10.58
CA ASP E 1101 65.88 -99.94 -9.98
C ASP E 1101 65.22 -99.80 -8.62
N ALA E 1102 64.07 -100.45 -8.43
CA ALA E 1102 63.26 -100.37 -7.21
C ALA E 1102 63.89 -101.20 -6.10
N ALA E 1103 64.72 -102.19 -6.44
CA ALA E 1103 65.39 -103.09 -5.48
C ALA E 1103 66.51 -102.36 -4.72
N LYS E 1104 67.00 -101.24 -5.25
CA LYS E 1104 68.11 -100.46 -4.65
C LYS E 1104 67.59 -99.42 -3.64
N VAL E 1105 66.28 -99.19 -3.55
CA VAL E 1105 65.70 -98.13 -2.68
C VAL E 1105 65.75 -98.59 -1.23
N LYS E 1106 66.18 -97.72 -0.31
CA LYS E 1106 66.34 -97.98 1.14
C LYS E 1106 65.56 -96.98 1.99
N LYS E 1107 65.38 -95.73 1.54
CA LYS E 1107 64.56 -94.68 2.17
C LYS E 1107 63.36 -94.38 1.29
N VAL E 1108 62.23 -93.98 1.87
CA VAL E 1108 61.01 -93.50 1.16
C VAL E 1108 60.53 -92.23 1.83
N MET E 1109 60.46 -91.12 1.12
CA MET E 1109 60.01 -89.80 1.64
C MET E 1109 58.57 -89.56 1.19
N LEU E 1110 57.67 -89.23 2.11
CA LEU E 1110 56.28 -88.78 1.82
C LEU E 1110 56.22 -87.26 1.92
N VAL E 1111 55.52 -86.60 1.01
CA VAL E 1111 55.50 -85.13 0.85
C VAL E 1111 54.16 -84.70 0.26
N SER E 1112 53.75 -83.46 0.45
CA SER E 1112 52.52 -82.89 -0.14
C SER E 1112 52.71 -81.42 -0.50
N GLY E 1113 52.68 -81.08 -1.79
CA GLY E 1113 52.62 -79.69 -2.28
C GLY E 1113 53.88 -79.29 -3.03
N LYS E 1114 54.27 -78.02 -2.90
CA LYS E 1114 55.35 -77.39 -3.69
C LYS E 1114 56.72 -77.90 -3.29
N LEU E 1115 56.89 -78.45 -2.10
CA LEU E 1115 58.22 -78.86 -1.59
C LEU E 1115 58.73 -80.05 -2.38
N TYR E 1116 57.88 -80.74 -3.13
CA TYR E 1116 58.30 -81.89 -3.97
C TYR E 1116 59.43 -81.46 -4.89
N TYR E 1117 59.21 -80.34 -5.57
CA TYR E 1117 60.06 -79.87 -6.69
C TYR E 1117 61.45 -79.54 -6.16
N GLU E 1118 61.57 -79.04 -4.93
CA GLU E 1118 62.88 -78.75 -4.28
C GLU E 1118 63.60 -80.06 -3.99
N LEU E 1119 62.91 -81.02 -3.40
CA LEU E 1119 63.48 -82.32 -2.99
C LEU E 1119 63.94 -83.10 -4.22
N ALA E 1120 63.20 -83.01 -5.33
CA ALA E 1120 63.45 -83.72 -6.59
C ALA E 1120 64.70 -83.18 -7.27
N LYS E 1121 64.89 -81.87 -7.21
CA LYS E 1121 66.07 -81.15 -7.75
C LYS E 1121 67.33 -81.69 -7.10
N ARG E 1122 67.32 -81.86 -5.79
CA ARG E 1122 68.48 -82.26 -4.97
C ARG E 1122 68.82 -83.71 -5.24
N LYS E 1123 67.83 -84.55 -5.49
CA LYS E 1123 68.01 -86.01 -5.75
C LYS E 1123 68.79 -86.18 -7.05
N GLU E 1124 68.50 -85.34 -8.05
CA GLU E 1124 69.13 -85.39 -9.39
C GLU E 1124 70.57 -84.89 -9.29
N LYS E 1125 70.80 -83.78 -8.58
CA LYS E 1125 72.12 -83.14 -8.41
C LYS E 1125 73.10 -84.10 -7.75
N ASP E 1126 72.66 -84.85 -6.76
CA ASP E 1126 73.55 -85.68 -5.90
C ASP E 1126 73.57 -87.13 -6.36
N GLY E 1127 72.68 -87.52 -7.28
CA GLY E 1127 72.66 -88.88 -7.86
C GLY E 1127 72.31 -89.93 -6.84
N ARG E 1128 71.22 -89.71 -6.10
CA ARG E 1128 70.76 -90.63 -5.03
C ARG E 1128 69.77 -91.62 -5.63
N ASP E 1129 70.20 -92.86 -5.84
CA ASP E 1129 69.41 -93.98 -6.40
C ASP E 1129 68.90 -94.87 -5.27
N ASP E 1130 69.07 -94.45 -4.02
CA ASP E 1130 68.64 -95.18 -2.80
C ASP E 1130 67.41 -94.51 -2.18
N ILE E 1131 66.96 -93.37 -2.71
CA ILE E 1131 65.79 -92.59 -2.20
C ILE E 1131 64.69 -92.64 -3.25
N ALA E 1132 63.42 -92.67 -2.82
CA ALA E 1132 62.20 -92.56 -3.64
C ALA E 1132 61.23 -91.56 -3.00
N ILE E 1133 60.74 -90.58 -3.73
CA ILE E 1133 59.87 -89.48 -3.23
C ILE E 1133 58.44 -89.71 -3.73
N VAL E 1134 57.47 -89.84 -2.82
CA VAL E 1134 56.03 -90.20 -3.09
C VAL E 1134 55.14 -89.08 -2.59
N ARG E 1135 54.19 -88.64 -3.40
CA ARG E 1135 53.36 -87.44 -3.18
C ARG E 1135 51.96 -87.85 -2.74
N ILE E 1136 51.39 -87.15 -1.76
CA ILE E 1136 49.99 -87.35 -1.27
C ILE E 1136 49.20 -86.13 -1.72
N GLU E 1137 48.30 -86.32 -2.68
CA GLU E 1137 47.53 -85.25 -3.36
C GLU E 1137 46.23 -85.00 -2.61
N MET E 1138 45.61 -86.05 -2.09
CA MET E 1138 44.39 -85.97 -1.25
C MET E 1138 44.75 -86.28 0.19
N LEU E 1139 44.34 -85.42 1.13
CA LEU E 1139 44.72 -85.48 2.56
C LEU E 1139 43.61 -86.18 3.35
N HIS E 1140 42.37 -85.72 3.24
CA HIS E 1140 41.18 -86.37 3.86
C HIS E 1140 40.13 -86.64 2.80
N PRO E 1141 39.58 -87.86 2.64
CA PRO E 1141 40.00 -89.07 3.36
C PRO E 1141 41.43 -89.53 3.10
N ILE E 1142 41.99 -90.34 4.00
CA ILE E 1142 43.38 -90.83 3.88
C ILE E 1142 43.37 -91.95 2.86
N PRO E 1143 44.10 -91.83 1.74
CA PRO E 1143 44.20 -92.91 0.79
C PRO E 1143 45.18 -94.00 1.22
N PHE E 1144 44.76 -94.84 2.14
CA PHE E 1144 45.66 -95.79 2.84
C PHE E 1144 45.97 -97.00 1.95
N ASN E 1145 45.07 -97.38 1.04
CA ASN E 1145 45.28 -98.55 0.15
C ASN E 1145 46.35 -98.22 -0.88
N ARG E 1146 46.30 -97.02 -1.44
CA ARG E 1146 47.26 -96.54 -2.46
C ARG E 1146 48.64 -96.33 -1.83
N ILE E 1147 48.71 -95.83 -0.59
CA ILE E 1147 49.99 -95.61 0.14
C ILE E 1147 50.61 -96.97 0.44
N SER E 1148 49.80 -97.97 0.74
CA SER E 1148 50.27 -99.34 1.04
C SER E 1148 50.85 -99.99 -0.21
N GLU E 1149 50.18 -99.84 -1.36
CA GLU E 1149 50.61 -100.38 -2.67
C GLU E 1149 51.96 -99.81 -3.05
N ALA E 1150 52.14 -98.50 -2.85
CA ALA E 1150 53.38 -97.75 -3.17
C ALA E 1150 54.55 -98.30 -2.36
N LEU E 1151 54.37 -98.48 -1.06
CA LEU E 1151 55.45 -98.94 -0.14
C LEU E 1151 55.77 -100.41 -0.41
N ALA E 1152 54.80 -101.19 -0.88
CA ALA E 1152 54.98 -102.62 -1.22
C ALA E 1152 55.92 -102.76 -2.41
N GLY E 1153 55.92 -101.77 -3.30
CA GLY E 1153 56.75 -101.77 -4.53
C GLY E 1153 58.23 -101.58 -4.25
N TYR E 1154 58.60 -101.18 -3.02
CA TYR E 1154 60.00 -101.00 -2.58
C TYR E 1154 60.31 -101.97 -1.45
N PRO E 1155 60.57 -103.27 -1.73
CA PRO E 1155 60.69 -104.28 -0.69
C PRO E 1155 61.91 -104.29 0.23
N ASN E 1156 62.93 -103.46 -0.02
CA ASN E 1156 64.13 -103.36 0.84
C ASN E 1156 64.18 -101.98 1.51
N ALA E 1157 63.02 -101.38 1.78
CA ALA E 1157 62.92 -100.06 2.44
C ALA E 1157 63.05 -100.27 3.95
N GLU E 1158 64.03 -99.62 4.57
CA GLU E 1158 64.35 -99.72 6.01
C GLU E 1158 63.61 -98.62 6.79
N GLU E 1159 63.48 -97.42 6.23
CA GLU E 1159 62.88 -96.26 6.95
C GLU E 1159 61.94 -95.47 6.04
N VAL E 1160 61.02 -94.73 6.66
CA VAL E 1160 59.99 -93.87 6.02
C VAL E 1160 60.01 -92.50 6.71
N LEU E 1161 60.29 -91.43 5.98
CA LEU E 1161 60.33 -90.04 6.49
C LEU E 1161 59.08 -89.30 6.01
N PHE E 1162 58.49 -88.47 6.86
CA PHE E 1162 57.38 -87.55 6.53
C PHE E 1162 57.96 -86.14 6.53
N VAL E 1163 57.95 -85.44 5.40
CA VAL E 1163 58.69 -84.17 5.20
C VAL E 1163 57.68 -83.06 4.91
N GLN E 1164 57.64 -81.99 5.70
CA GLN E 1164 56.74 -80.84 5.48
C GLN E 1164 57.48 -79.54 5.75
N ASP E 1165 57.03 -78.45 5.15
CA ASP E 1165 57.59 -77.09 5.33
C ASP E 1165 57.08 -76.47 6.63
N GLU E 1166 55.87 -76.81 7.07
CA GLU E 1166 55.20 -76.10 8.19
C GLU E 1166 55.86 -76.51 9.51
N PRO E 1167 55.74 -75.69 10.58
CA PRO E 1167 56.18 -76.08 11.91
C PRO E 1167 55.55 -77.39 12.43
N ALA E 1168 56.12 -78.02 13.44
CA ALA E 1168 55.79 -79.39 13.87
C ALA E 1168 54.42 -79.48 14.54
N ASN E 1169 53.83 -78.37 14.94
CA ASN E 1169 52.48 -78.32 15.56
C ASN E 1169 51.46 -77.83 14.54
N GLN E 1170 51.87 -77.64 13.29
CA GLN E 1170 51.01 -77.14 12.19
C GLN E 1170 51.18 -78.08 11.00
N GLY E 1171 50.42 -77.89 9.92
CA GLY E 1171 50.50 -78.69 8.69
C GLY E 1171 49.78 -80.02 8.86
N PRO E 1172 49.94 -80.98 7.94
CA PRO E 1172 49.36 -82.31 8.08
C PRO E 1172 50.00 -83.37 8.98
N TRP E 1173 51.08 -83.10 9.69
CA TRP E 1173 51.79 -84.14 10.49
C TRP E 1173 50.98 -84.58 11.69
N PRO E 1174 50.38 -83.67 12.49
CA PRO E 1174 49.62 -84.08 13.66
C PRO E 1174 48.53 -85.11 13.36
N PHE E 1175 47.81 -84.94 12.24
CA PHE E 1175 46.69 -85.79 11.79
C PHE E 1175 47.24 -87.14 11.35
N TYR E 1176 48.37 -87.17 10.66
CA TYR E 1176 48.90 -88.38 10.00
C TYR E 1176 49.64 -89.26 11.01
N GLN E 1177 50.24 -88.70 12.05
CA GLN E 1177 51.01 -89.50 13.05
C GLN E 1177 50.02 -90.25 13.94
N GLU E 1178 48.80 -89.75 14.08
CA GLU E 1178 47.72 -90.36 14.90
C GLU E 1178 47.10 -91.52 14.14
N HIS E 1179 46.73 -91.32 12.88
CA HIS E 1179 45.78 -92.17 12.12
C HIS E 1179 46.46 -93.17 11.19
N LEU E 1180 47.63 -92.87 10.64
CA LEU E 1180 48.21 -93.70 9.55
C LEU E 1180 48.76 -95.01 10.07
N PRO E 1181 49.47 -95.05 11.22
CA PRO E 1181 49.99 -96.32 11.73
C PRO E 1181 48.97 -97.42 11.99
N GLU E 1182 47.77 -97.08 12.46
CA GLU E 1182 46.69 -98.05 12.74
C GLU E 1182 46.06 -98.55 11.43
N LEU E 1183 46.14 -97.78 10.34
CA LEU E 1183 45.56 -98.14 9.01
C LEU E 1183 46.54 -98.96 8.18
N ILE E 1184 47.86 -98.86 8.42
CA ILE E 1184 48.91 -99.68 7.74
C ILE E 1184 49.80 -100.28 8.83
N PRO E 1185 49.39 -101.40 9.46
CA PRO E 1185 50.17 -102.01 10.54
C PRO E 1185 51.64 -102.39 10.27
N ASN E 1186 51.95 -102.90 9.09
CA ASN E 1186 53.28 -103.45 8.76
C ASN E 1186 54.30 -102.34 8.44
N MET E 1187 53.85 -101.09 8.28
CA MET E 1187 54.71 -99.92 7.96
C MET E 1187 55.78 -99.75 9.04
N PRO E 1188 57.03 -99.35 8.71
CA PRO E 1188 58.00 -98.94 9.72
C PRO E 1188 57.59 -97.66 10.46
N LYS E 1189 58.27 -97.36 11.58
CA LYS E 1189 57.96 -96.16 12.40
C LYS E 1189 58.36 -94.93 11.61
N MET E 1190 57.45 -93.96 11.45
CA MET E 1190 57.69 -92.72 10.69
C MET E 1190 58.63 -91.83 11.49
N ARG E 1191 59.36 -90.95 10.80
CA ARG E 1191 60.34 -89.99 11.36
C ARG E 1191 60.10 -88.63 10.73
N ARG E 1192 59.70 -87.64 11.52
CA ARG E 1192 59.34 -86.29 11.06
C ARG E 1192 60.60 -85.56 10.61
N VAL E 1193 60.48 -84.73 9.59
CA VAL E 1193 61.48 -83.71 9.18
C VAL E 1193 60.70 -82.45 8.83
N SER E 1194 60.75 -81.44 9.67
CA SER E 1194 59.99 -80.18 9.51
C SER E 1194 60.71 -79.02 10.20
N ARG E 1195 60.13 -77.84 10.12
CA ARG E 1195 60.53 -76.68 10.95
C ARG E 1195 60.12 -76.94 12.41
N ARG E 1196 60.78 -76.27 13.34
CA ARG E 1196 60.57 -76.32 14.81
C ARG E 1196 59.16 -75.82 15.15
N ALA E 1197 58.56 -76.33 16.22
CA ALA E 1197 57.23 -75.93 16.73
C ALA E 1197 57.26 -74.49 17.21
N GLN E 1198 56.25 -73.69 16.89
CA GLN E 1198 56.21 -72.27 17.31
C GLN E 1198 54.80 -71.72 17.35
N SER E 1199 54.63 -70.58 17.98
CA SER E 1199 53.34 -69.95 18.36
C SER E 1199 52.81 -69.08 17.22
N SER E 1200 53.70 -68.54 16.39
CA SER E 1200 53.35 -67.86 15.12
C SER E 1200 53.42 -68.87 13.98
N THR E 1201 53.11 -68.41 12.77
CA THR E 1201 53.06 -69.22 11.53
C THR E 1201 54.46 -69.31 10.92
N ALA E 1202 55.14 -68.18 10.75
CA ALA E 1202 56.42 -68.06 10.04
C ALA E 1202 57.18 -66.81 10.47
N THR E 1203 58.49 -66.79 10.25
CA THR E 1203 59.41 -65.64 10.50
C THR E 1203 59.03 -64.46 9.63
N GLY E 1204 59.53 -63.29 9.97
CA GLY E 1204 59.33 -62.04 9.22
C GLY E 1204 60.62 -61.48 8.64
N VAL E 1205 61.73 -62.18 8.85
CA VAL E 1205 63.08 -61.86 8.30
C VAL E 1205 63.36 -62.84 7.17
N ALA E 1206 63.65 -62.34 5.97
CA ALA E 1206 63.79 -63.13 4.74
C ALA E 1206 65.08 -63.94 4.73
N LYS E 1207 66.14 -63.46 5.37
CA LYS E 1207 67.43 -64.21 5.42
C LYS E 1207 67.28 -65.43 6.32
N VAL E 1208 66.44 -65.35 7.35
CA VAL E 1208 66.20 -66.46 8.31
C VAL E 1208 65.42 -67.57 7.60
N HIS E 1209 64.47 -67.20 6.75
CA HIS E 1209 63.66 -68.14 5.93
C HIS E 1209 64.57 -68.98 5.06
N GLN E 1210 65.56 -68.37 4.41
CA GLN E 1210 66.44 -69.05 3.44
C GLN E 1210 67.35 -70.01 4.19
N LEU E 1211 67.75 -69.68 5.41
CA LEU E 1211 68.66 -70.52 6.22
C LEU E 1211 67.91 -71.75 6.73
N GLU E 1212 66.66 -71.56 7.17
CA GLU E 1212 65.75 -72.64 7.64
C GLU E 1212 65.53 -73.67 6.54
N GLU E 1213 65.28 -73.22 5.31
CA GLU E 1213 64.95 -74.10 4.16
C GLU E 1213 66.16 -74.96 3.82
N LYS E 1214 67.36 -74.41 3.87
CA LYS E 1214 68.61 -75.14 3.60
C LYS E 1214 68.77 -76.25 4.64
N GLN E 1215 68.51 -75.95 5.90
CA GLN E 1215 68.68 -76.85 7.06
C GLN E 1215 67.72 -78.03 6.96
N LEU E 1216 66.51 -77.78 6.44
CA LEU E 1216 65.39 -78.75 6.30
C LEU E 1216 65.76 -79.82 5.29
N ILE E 1217 66.28 -79.40 4.13
CA ILE E 1217 66.59 -80.31 3.00
C ILE E 1217 67.87 -81.08 3.32
N ASP E 1218 68.81 -80.49 4.03
CA ASP E 1218 70.06 -81.18 4.45
C ASP E 1218 69.72 -82.30 5.42
N GLU E 1219 68.77 -82.06 6.33
CA GLU E 1219 68.35 -83.03 7.37
C GLU E 1219 67.72 -84.26 6.71
N ALA E 1220 66.97 -84.04 5.63
CA ALA E 1220 66.23 -85.08 4.88
C ALA E 1220 67.19 -86.06 4.23
N PHE E 1221 68.28 -85.56 3.66
CA PHE E 1221 69.25 -86.36 2.87
C PHE E 1221 70.41 -86.85 3.74
N GLU E 1222 70.56 -86.33 4.96
CA GLU E 1222 71.64 -86.72 5.90
C GLU E 1222 71.59 -88.23 6.11
N ALA E 1223 72.75 -88.90 6.01
CA ALA E 1223 72.91 -90.36 6.21
C ALA E 1223 72.97 -90.67 7.72
N PRO F 104 46.85 25.54 -43.14
CA PRO F 104 45.97 25.74 -44.29
C PRO F 104 46.69 25.53 -45.64
N GLY F 105 45.91 25.19 -46.68
CA GLY F 105 46.38 25.04 -48.07
C GLY F 105 46.16 23.64 -48.60
N GLN F 106 46.97 23.25 -49.59
CA GLN F 106 46.91 21.96 -50.31
C GLN F 106 48.19 21.18 -50.03
N THR F 107 48.08 19.88 -49.74
CA THR F 107 49.23 18.98 -49.50
C THR F 107 48.98 17.64 -50.18
N PRO F 108 49.89 17.16 -51.05
CA PRO F 108 49.80 15.81 -51.59
C PRO F 108 49.71 14.70 -50.54
N ILE F 109 48.91 13.67 -50.83
CA ILE F 109 48.72 12.48 -49.96
C ILE F 109 49.83 11.51 -50.30
N ARG F 110 50.51 10.96 -49.30
CA ARG F 110 51.71 10.11 -49.46
C ARG F 110 51.66 8.95 -48.47
N GLY F 111 52.22 7.80 -48.85
CA GLY F 111 52.49 6.67 -47.94
C GLY F 111 51.29 5.76 -47.79
N ILE F 112 51.03 5.33 -46.56
CA ILE F 112 49.91 4.40 -46.20
C ILE F 112 48.57 5.09 -46.47
N PHE F 113 48.52 6.41 -46.31
CA PHE F 113 47.30 7.24 -46.50
C PHE F 113 46.93 7.28 -47.99
N LYS F 114 47.91 7.20 -48.88
CA LYS F 114 47.68 7.17 -50.35
C LYS F 114 47.09 5.81 -50.73
N SER F 115 47.53 4.74 -50.08
CA SER F 115 47.05 3.35 -50.32
C SER F 115 45.59 3.22 -49.89
N ILE F 116 45.22 3.76 -48.73
CA ILE F 116 43.83 3.77 -48.20
C ILE F 116 42.92 4.48 -49.19
N ALA F 117 43.34 5.64 -49.70
CA ALA F 117 42.58 6.47 -50.64
C ALA F 117 42.31 5.71 -51.94
N LYS F 118 43.28 4.96 -52.46
CA LYS F 118 43.15 4.23 -53.74
C LYS F 118 42.18 3.07 -53.59
N ASN F 119 42.18 2.39 -52.45
CA ASN F 119 41.32 1.21 -52.21
C ASN F 119 39.87 1.64 -52.06
N MET F 120 39.61 2.81 -51.48
CA MET F 120 38.25 3.36 -51.30
C MET F 120 37.67 3.81 -52.65
N ASP F 121 38.51 4.19 -53.61
CA ASP F 121 38.08 4.51 -54.99
C ASP F 121 37.66 3.23 -55.71
N ILE F 122 38.37 2.12 -55.51
CA ILE F 122 38.07 0.81 -56.15
C ILE F 122 36.78 0.24 -55.59
N SER F 123 36.45 0.54 -54.33
CA SER F 123 35.26 0.03 -53.61
C SER F 123 33.97 0.50 -54.27
N LEU F 124 34.02 1.58 -55.05
CA LEU F 124 32.84 2.17 -55.72
C LEU F 124 32.23 1.21 -56.73
N GLU F 125 32.94 0.15 -57.14
CA GLU F 125 32.44 -0.80 -58.16
C GLU F 125 31.78 -2.02 -57.52
N ILE F 126 31.42 -1.98 -56.23
CA ILE F 126 30.68 -3.07 -55.51
C ILE F 126 29.30 -2.55 -55.14
N PRO F 127 28.19 -3.15 -55.62
CA PRO F 127 26.86 -2.79 -55.16
C PRO F 127 26.43 -3.46 -53.86
N THR F 128 26.19 -2.68 -52.80
CA THR F 128 26.03 -3.15 -51.42
C THR F 128 24.65 -2.85 -50.87
N ALA F 129 24.22 -3.62 -49.87
CA ALA F 129 23.00 -3.42 -49.06
C ALA F 129 23.30 -3.81 -47.61
N THR F 130 22.62 -3.21 -46.63
CA THR F 130 22.86 -3.45 -45.19
C THR F 130 21.57 -3.88 -44.49
N SER F 131 21.70 -4.79 -43.51
CA SER F 131 20.66 -5.26 -42.57
C SER F 131 21.07 -4.87 -41.14
N VAL F 132 20.12 -4.55 -40.27
CA VAL F 132 20.34 -4.07 -38.88
C VAL F 132 19.44 -4.88 -37.95
N ARG F 133 19.96 -5.38 -36.83
CA ARG F 133 19.21 -6.15 -35.82
C ARG F 133 19.72 -5.85 -34.41
N ASP F 134 18.82 -5.70 -33.44
CA ASP F 134 19.11 -5.41 -32.02
C ASP F 134 18.83 -6.66 -31.19
N MET F 135 19.72 -6.99 -30.25
CA MET F 135 19.77 -8.29 -29.53
C MET F 135 19.90 -8.05 -28.04
N PRO F 136 19.21 -8.81 -27.15
CA PRO F 136 19.44 -8.74 -25.72
C PRO F 136 20.87 -9.08 -25.29
N ALA F 137 21.41 -8.41 -24.28
CA ALA F 137 22.84 -8.50 -23.88
C ALA F 137 23.03 -8.95 -22.43
N ARG F 138 21.97 -9.14 -21.63
CA ARG F 138 22.05 -9.38 -20.16
C ARG F 138 22.85 -10.64 -19.85
N LEU F 139 22.57 -11.72 -20.57
CA LEU F 139 23.17 -13.04 -20.31
C LEU F 139 24.66 -13.04 -20.65
N MET F 140 25.11 -12.18 -21.57
CA MET F 140 26.54 -12.00 -21.87
C MET F 140 27.22 -11.41 -20.64
N PHE F 141 26.67 -10.33 -20.09
CA PHE F 141 27.23 -9.63 -18.92
C PHE F 141 27.39 -10.61 -17.76
N GLU F 142 26.39 -11.47 -17.52
CA GLU F 142 26.39 -12.39 -16.36
C GLU F 142 27.41 -13.50 -16.57
N ASN F 143 27.36 -14.18 -17.70
CA ASN F 143 28.20 -15.37 -17.96
C ASN F 143 29.66 -14.97 -18.19
N ARG F 144 29.93 -13.76 -18.65
CA ARG F 144 31.32 -13.27 -18.81
C ARG F 144 31.95 -13.07 -17.44
N ALA F 145 31.17 -12.60 -16.47
CA ALA F 145 31.62 -12.36 -15.08
C ALA F 145 32.03 -13.68 -14.42
N MET F 146 31.31 -14.76 -14.71
CA MET F 146 31.61 -16.10 -14.16
C MET F 146 32.94 -16.63 -14.71
N VAL F 147 33.24 -16.40 -15.98
CA VAL F 147 34.51 -16.89 -16.59
C VAL F 147 35.68 -16.09 -16.04
N ASN F 148 35.53 -14.79 -15.86
CA ASN F 148 36.63 -13.91 -15.39
C ASN F 148 36.88 -14.14 -13.90
N ASP F 149 35.89 -14.62 -13.16
CA ASP F 149 36.03 -14.99 -11.72
C ASP F 149 36.91 -16.24 -11.60
N GLN F 150 36.72 -17.22 -12.48
CA GLN F 150 37.50 -18.47 -12.55
C GLN F 150 38.94 -18.18 -12.94
N LEU F 151 39.17 -17.24 -13.85
CA LEU F 151 40.53 -16.95 -14.38
C LEU F 151 41.37 -16.22 -13.34
N LYS F 152 40.79 -15.39 -12.47
CA LYS F 152 41.57 -14.65 -11.45
C LYS F 152 41.97 -15.60 -10.30
N ARG F 153 41.31 -16.76 -10.17
CA ARG F 153 41.73 -17.84 -9.24
C ARG F 153 42.98 -18.52 -9.76
N THR F 154 43.09 -18.72 -11.07
CA THR F 154 44.18 -19.47 -11.75
C THR F 154 45.23 -18.51 -12.36
N ARG F 155 45.22 -17.24 -11.96
CA ARG F 155 46.10 -16.17 -12.51
C ARG F 155 46.19 -16.28 -14.04
N GLY F 156 45.04 -16.43 -14.70
CA GLY F 156 44.87 -16.19 -16.15
C GLY F 156 44.61 -14.72 -16.40
N GLY F 157 44.10 -14.37 -17.57
CA GLY F 157 43.77 -12.98 -17.95
C GLY F 157 42.29 -12.68 -17.78
N LYS F 158 41.76 -11.80 -18.64
CA LYS F 158 40.32 -11.55 -18.85
C LYS F 158 39.95 -12.00 -20.26
N ILE F 159 38.66 -12.27 -20.50
CA ILE F 159 38.08 -12.31 -21.86
C ILE F 159 37.20 -11.06 -22.03
N SER F 160 37.06 -10.58 -23.27
CA SER F 160 36.33 -9.37 -23.68
C SER F 160 35.02 -9.76 -24.38
N PHE F 161 34.16 -8.78 -24.66
CA PHE F 161 32.89 -8.96 -25.40
C PHE F 161 33.20 -9.25 -26.88
N THR F 162 34.28 -8.71 -27.41
CA THR F 162 34.73 -8.88 -28.81
C THR F 162 35.17 -10.33 -29.05
N HIS F 163 35.75 -10.99 -28.04
CA HIS F 163 36.12 -12.44 -28.09
C HIS F 163 34.89 -13.30 -28.27
N ILE F 164 33.84 -13.05 -27.48
CA ILE F 164 32.60 -13.87 -27.42
C ILE F 164 31.83 -13.67 -28.73
N ILE F 165 31.62 -12.43 -29.15
CA ILE F 165 30.83 -12.09 -30.38
C ILE F 165 31.59 -12.59 -31.60
N GLY F 166 32.92 -12.50 -31.58
CA GLY F 166 33.79 -13.01 -32.65
C GLY F 166 33.64 -14.49 -32.86
N TYR F 167 33.55 -15.27 -31.77
CA TYR F 167 33.44 -16.74 -31.83
C TYR F 167 32.05 -17.13 -32.32
N ALA F 168 31.02 -16.41 -31.90
CA ALA F 168 29.61 -16.59 -32.34
C ALA F 168 29.48 -16.34 -33.84
N MET F 169 30.23 -15.36 -34.36
CA MET F 169 30.28 -14.99 -35.79
C MET F 169 30.82 -16.16 -36.61
N VAL F 170 31.85 -16.85 -36.14
CA VAL F 170 32.48 -18.02 -36.83
C VAL F 170 31.46 -19.15 -36.91
N LYS F 171 30.74 -19.42 -35.82
CA LYS F 171 29.71 -20.48 -35.74
C LYS F 171 28.58 -20.20 -36.72
N ALA F 172 28.22 -18.93 -36.91
CA ALA F 172 27.12 -18.47 -37.78
C ALA F 172 27.50 -18.65 -39.25
N VAL F 173 28.76 -18.39 -39.62
CA VAL F 173 29.25 -18.49 -41.02
C VAL F 173 29.32 -19.98 -41.41
N MET F 174 29.56 -20.87 -40.45
CA MET F 174 29.55 -22.34 -40.69
C MET F 174 28.12 -22.83 -40.93
N ALA F 175 27.12 -22.21 -40.31
CA ALA F 175 25.69 -22.55 -40.46
C ALA F 175 25.14 -21.99 -41.76
N HIS F 176 25.73 -20.92 -42.28
CA HIS F 176 25.29 -20.18 -43.50
C HIS F 176 26.52 -19.89 -44.35
N PRO F 177 27.07 -20.88 -45.09
CA PRO F 177 28.34 -20.71 -45.79
C PRO F 177 28.37 -19.76 -46.99
N ASP F 178 27.21 -19.34 -47.51
CA ASP F 178 27.08 -18.35 -48.62
C ASP F 178 27.71 -17.02 -48.21
N MET F 179 27.74 -16.71 -46.92
CA MET F 179 28.27 -15.44 -46.37
C MET F 179 29.79 -15.36 -46.52
N ASN F 180 30.48 -16.43 -46.93
CA ASN F 180 31.97 -16.46 -47.06
C ASN F 180 32.40 -16.38 -48.53
N ASN F 181 31.48 -16.18 -49.48
CA ASN F 181 31.75 -16.16 -50.94
C ASN F 181 32.00 -14.73 -51.42
N SER F 182 32.60 -14.58 -52.60
CA SER F 182 32.94 -13.28 -53.24
C SER F 182 32.73 -13.35 -54.77
N TYR F 183 32.93 -12.22 -55.47
CA TYR F 183 32.71 -12.03 -56.92
C TYR F 183 34.03 -11.60 -57.57
N ASP F 184 34.29 -12.05 -58.80
CA ASP F 184 35.43 -11.56 -59.64
C ASP F 184 35.11 -11.79 -61.10
N VAL F 185 35.74 -11.03 -62.00
CA VAL F 185 35.66 -11.21 -63.48
C VAL F 185 36.97 -11.83 -63.94
N ILE F 186 36.93 -13.08 -64.39
CA ILE F 186 38.11 -13.95 -64.73
C ILE F 186 37.99 -14.37 -66.18
N ASP F 187 38.89 -13.91 -67.04
CA ASP F 187 38.88 -14.17 -68.50
C ASP F 187 37.61 -13.57 -69.08
N GLY F 188 37.19 -12.43 -68.56
CA GLY F 188 36.01 -11.70 -69.06
C GLY F 188 34.68 -12.32 -68.73
N LYS F 189 34.59 -13.35 -67.89
CA LYS F 189 33.28 -13.91 -67.49
C LYS F 189 33.06 -13.67 -66.00
N PRO F 190 31.82 -13.34 -65.54
CA PRO F 190 31.45 -13.40 -64.14
C PRO F 190 31.66 -14.73 -63.41
N THR F 191 32.13 -14.68 -62.17
CA THR F 191 32.61 -15.87 -61.43
C THR F 191 32.25 -15.77 -59.94
N LEU F 192 31.88 -16.88 -59.32
CA LEU F 192 31.66 -17.03 -57.86
C LEU F 192 32.87 -17.75 -57.28
N ILE F 193 33.49 -17.17 -56.25
CA ILE F 193 34.72 -17.70 -55.60
C ILE F 193 34.33 -18.25 -54.24
N VAL F 194 34.53 -19.56 -54.02
CA VAL F 194 34.26 -20.29 -52.75
C VAL F 194 35.59 -20.63 -52.11
N PRO F 195 36.03 -19.95 -51.04
CA PRO F 195 37.30 -20.28 -50.40
C PRO F 195 37.36 -21.64 -49.69
N GLU F 196 38.57 -22.01 -49.25
CA GLU F 196 38.87 -23.28 -48.53
C GLU F 196 38.68 -23.08 -47.02
N HIS F 197 39.01 -21.89 -46.51
CA HIS F 197 39.00 -21.57 -45.06
C HIS F 197 38.16 -20.32 -44.77
N ILE F 198 37.74 -20.17 -43.51
CA ILE F 198 37.20 -18.92 -42.91
C ILE F 198 38.38 -18.21 -42.25
N ASN F 199 38.87 -17.12 -42.85
CA ASN F 199 39.96 -16.26 -42.32
C ASN F 199 39.37 -14.93 -41.87
N LEU F 200 39.34 -14.68 -40.56
CA LEU F 200 38.60 -13.55 -39.94
C LEU F 200 39.54 -12.39 -39.74
N GLY F 201 39.23 -11.22 -40.31
CA GLY F 201 40.03 -10.00 -40.22
C GLY F 201 39.59 -9.13 -39.05
N LEU F 202 40.54 -8.72 -38.21
CA LEU F 202 40.33 -7.78 -37.09
C LEU F 202 40.81 -6.40 -37.50
N ALA F 203 40.10 -5.35 -37.10
CA ALA F 203 40.47 -3.93 -37.30
C ALA F 203 41.41 -3.50 -36.16
N ILE F 204 42.73 -3.58 -36.39
CA ILE F 204 43.81 -3.18 -35.44
C ILE F 204 44.33 -1.79 -35.85
N ASP F 205 44.26 -0.82 -34.93
CA ASP F 205 44.77 0.57 -35.13
C ASP F 205 46.15 0.70 -34.50
N LEU F 206 47.19 0.91 -35.33
CA LEU F 206 48.60 1.10 -34.88
C LEU F 206 49.08 2.51 -35.27
N PRO F 207 49.49 3.36 -34.30
CA PRO F 207 50.11 4.65 -34.62
C PRO F 207 51.44 4.51 -35.40
N GLN F 208 51.71 5.46 -36.29
CA GLN F 208 52.94 5.54 -37.12
C GLN F 208 54.03 6.30 -36.35
N LYS F 209 55.23 6.40 -36.93
CA LYS F 209 56.42 7.10 -36.34
C LYS F 209 56.13 8.61 -36.18
N ASP F 210 55.43 9.20 -37.15
CA ASP F 210 55.04 10.65 -37.15
C ASP F 210 54.10 10.95 -35.99
N GLY F 211 53.07 10.11 -35.78
CA GLY F 211 52.05 10.26 -34.74
C GLY F 211 50.64 9.97 -35.24
N SER F 212 50.39 10.17 -36.55
CA SER F 212 49.08 9.97 -37.22
C SER F 212 48.66 8.50 -37.16
N ARG F 213 47.42 8.24 -36.74
CA ARG F 213 46.81 6.88 -36.65
C ARG F 213 46.47 6.37 -38.06
N ALA F 214 46.66 5.07 -38.30
CA ALA F 214 46.39 4.38 -39.58
C ALA F 214 45.94 2.93 -39.31
N LEU F 215 44.66 2.65 -39.54
CA LEU F 215 44.04 1.31 -39.35
C LEU F 215 44.50 0.37 -40.48
N VAL F 216 44.80 -0.88 -40.14
CA VAL F 216 45.11 -2.00 -41.10
C VAL F 216 44.50 -3.29 -40.55
N VAL F 217 44.07 -4.19 -41.44
CA VAL F 217 43.33 -5.43 -41.08
C VAL F 217 44.26 -6.64 -41.15
N ALA F 218 44.48 -7.30 -40.02
CA ALA F 218 45.23 -8.57 -39.85
C ALA F 218 44.24 -9.72 -39.72
N ALA F 219 44.67 -10.95 -40.04
CA ALA F 219 43.79 -12.12 -40.21
C ALA F 219 44.13 -13.24 -39.22
N ILE F 220 43.13 -13.78 -38.53
CA ILE F 220 43.16 -15.07 -37.79
C ILE F 220 42.78 -16.15 -38.80
N LYS F 221 43.70 -17.05 -39.14
CA LYS F 221 43.56 -18.00 -40.28
C LYS F 221 43.07 -19.36 -39.78
N GLU F 222 42.27 -20.04 -40.62
CA GLU F 222 41.77 -21.43 -40.43
C GLU F 222 40.97 -21.52 -39.13
N THR F 223 39.88 -20.75 -39.05
CA THR F 223 39.09 -20.53 -37.81
C THR F 223 38.00 -21.60 -37.69
N GLU F 224 37.72 -22.33 -38.76
CA GLU F 224 36.63 -23.35 -38.80
C GLU F 224 37.08 -24.66 -38.16
N LYS F 225 38.32 -24.74 -37.66
CA LYS F 225 38.93 -25.95 -37.04
C LYS F 225 39.29 -25.67 -35.58
N MET F 226 38.73 -24.63 -34.96
CA MET F 226 39.13 -24.17 -33.61
C MET F 226 37.97 -24.30 -32.63
N ASN F 227 38.27 -24.64 -31.37
CA ASN F 227 37.36 -24.48 -30.20
C ASN F 227 37.65 -23.11 -29.56
N PHE F 228 36.95 -22.75 -28.49
CA PHE F 228 36.99 -21.37 -27.94
C PHE F 228 38.38 -21.08 -27.38
N SER F 229 39.03 -22.06 -26.76
CA SER F 229 40.36 -21.93 -26.13
C SER F 229 41.40 -21.65 -27.21
N GLU F 230 41.35 -22.41 -28.30
CA GLU F 230 42.24 -22.27 -29.48
C GLU F 230 42.02 -20.90 -30.13
N PHE F 231 40.76 -20.46 -30.25
CA PHE F 231 40.34 -19.18 -30.87
C PHE F 231 40.91 -18.01 -30.06
N LEU F 232 40.84 -18.09 -28.73
CA LEU F 232 41.27 -17.02 -27.81
C LEU F 232 42.78 -16.83 -27.90
N ALA F 233 43.52 -17.93 -28.03
CA ALA F 233 44.99 -17.95 -28.15
C ALA F 233 45.42 -17.27 -29.46
N ALA F 234 44.81 -17.67 -30.58
CA ALA F 234 45.07 -17.15 -31.94
C ALA F 234 44.84 -15.64 -31.99
N TYR F 235 43.76 -15.18 -31.38
CA TYR F 235 43.35 -13.75 -31.32
C TYR F 235 44.45 -12.95 -30.63
N GLU F 236 44.83 -13.38 -29.42
CA GLU F 236 45.78 -12.66 -28.54
C GLU F 236 47.20 -12.68 -29.12
N ASP F 237 47.50 -13.65 -29.98
CA ASP F 237 48.78 -13.70 -30.74
C ASP F 237 48.89 -12.47 -31.65
N ILE F 238 47.86 -12.21 -32.46
CA ILE F 238 47.82 -11.10 -33.46
C ILE F 238 47.94 -9.77 -32.72
N VAL F 239 47.22 -9.60 -31.61
CA VAL F 239 47.16 -8.33 -30.83
C VAL F 239 48.54 -8.09 -30.18
N ALA F 240 49.18 -9.15 -29.69
CA ALA F 240 50.50 -9.10 -29.03
C ALA F 240 51.56 -8.63 -30.02
N ARG F 241 51.68 -9.32 -31.16
CA ARG F 241 52.72 -9.06 -32.19
C ARG F 241 52.56 -7.66 -32.78
N SER F 242 51.33 -7.16 -32.90
CA SER F 242 51.04 -5.81 -33.44
C SER F 242 51.62 -4.74 -32.53
N ARG F 243 51.56 -4.96 -31.21
CA ARG F 243 51.97 -3.95 -30.19
C ARG F 243 53.50 -3.89 -30.10
N LYS F 244 54.23 -4.88 -30.62
CA LYS F 244 55.71 -4.92 -30.61
C LYS F 244 56.28 -5.04 -32.04
N GLY F 245 55.49 -4.70 -33.05
CA GLY F 245 55.91 -4.56 -34.45
C GLY F 245 56.58 -5.81 -34.99
N LYS F 246 55.87 -6.93 -35.04
CA LYS F 246 56.40 -8.22 -35.56
C LYS F 246 55.35 -8.94 -36.40
N LEU F 247 54.52 -8.20 -37.14
CA LEU F 247 53.60 -8.76 -38.16
C LEU F 247 54.34 -8.79 -39.50
N THR F 248 54.10 -9.82 -40.29
CA THR F 248 54.74 -10.07 -41.61
C THR F 248 53.72 -9.79 -42.72
N MET F 249 54.14 -9.95 -43.97
CA MET F 249 53.31 -9.69 -45.17
C MET F 249 52.18 -10.72 -45.23
N ASP F 250 52.43 -11.95 -44.79
CA ASP F 250 51.46 -13.07 -44.89
C ASP F 250 50.28 -12.84 -43.94
N ASP F 251 50.48 -12.08 -42.85
CA ASP F 251 49.45 -11.78 -41.84
C ASP F 251 48.35 -10.90 -42.43
N TYR F 252 48.66 -10.11 -43.45
CA TYR F 252 47.73 -9.12 -44.08
C TYR F 252 47.07 -9.67 -45.34
N GLN F 253 47.31 -10.92 -45.74
CA GLN F 253 46.78 -11.49 -47.00
C GLN F 253 45.81 -12.62 -46.71
N GLY F 254 44.71 -12.70 -47.47
CA GLY F 254 43.82 -13.87 -47.55
C GLY F 254 42.55 -13.75 -46.72
N VAL F 255 42.11 -12.55 -46.36
CA VAL F 255 40.91 -12.32 -45.50
C VAL F 255 39.66 -12.67 -46.30
N THR F 256 38.73 -13.42 -45.71
CA THR F 256 37.45 -13.83 -46.34
C THR F 256 36.28 -13.02 -45.78
N VAL F 257 36.26 -12.74 -44.47
CA VAL F 257 35.17 -11.99 -43.78
C VAL F 257 35.82 -11.14 -42.68
N SER F 258 35.20 -10.00 -42.32
CA SER F 258 35.78 -8.96 -41.43
C SER F 258 34.81 -8.57 -40.30
N LEU F 259 35.36 -8.05 -39.21
CA LEU F 259 34.66 -7.59 -37.99
C LEU F 259 35.19 -6.23 -37.57
N THR F 260 34.31 -5.26 -37.30
CA THR F 260 34.63 -3.89 -36.84
C THR F 260 33.82 -3.58 -35.59
N ASN F 261 34.31 -2.69 -34.73
CA ASN F 261 33.68 -2.34 -33.42
C ASN F 261 33.61 -0.83 -33.25
N PRO F 262 32.64 -0.14 -33.88
CA PRO F 262 32.31 1.24 -33.55
C PRO F 262 31.80 1.50 -32.11
N GLY F 263 31.28 0.47 -31.44
CA GLY F 263 30.68 0.58 -30.10
C GLY F 263 31.68 0.96 -29.02
N GLY F 264 32.98 0.72 -29.24
CA GLY F 264 34.05 1.13 -28.33
C GLY F 264 33.91 2.56 -27.88
N ILE F 265 33.80 3.50 -28.83
CA ILE F 265 33.67 4.97 -28.57
C ILE F 265 32.27 5.25 -28.02
N GLY F 266 31.25 4.52 -28.46
CA GLY F 266 29.86 4.67 -27.99
C GLY F 266 28.86 4.93 -29.11
N THR F 267 29.22 4.72 -30.37
CA THR F 267 28.33 4.82 -31.56
C THR F 267 27.28 3.73 -31.45
N ARG F 268 26.04 4.00 -31.86
CA ARG F 268 24.90 3.05 -31.70
C ARG F 268 24.91 2.05 -32.85
N HIS F 269 25.09 2.51 -34.09
CA HIS F 269 25.39 1.64 -35.25
C HIS F 269 25.99 2.46 -36.39
N SER F 270 26.56 1.77 -37.39
CA SER F 270 27.24 2.36 -38.57
C SER F 270 26.79 1.64 -39.85
N VAL F 271 26.98 2.28 -41.00
CA VAL F 271 26.84 1.68 -42.36
C VAL F 271 28.22 1.75 -43.00
N PRO F 272 29.12 0.77 -42.78
CA PRO F 272 30.48 0.81 -43.30
C PRO F 272 30.66 0.38 -44.76
N ARG F 273 31.84 0.64 -45.32
CA ARG F 273 32.20 0.26 -46.71
C ARG F 273 32.83 -1.13 -46.75
N LEU F 274 32.67 -1.81 -47.88
CA LEU F 274 33.13 -3.19 -48.16
C LEU F 274 34.29 -3.10 -49.16
N THR F 275 35.45 -3.62 -48.80
CA THR F 275 36.68 -3.67 -49.62
C THR F 275 36.59 -4.84 -50.59
N LYS F 276 37.21 -4.70 -51.76
CA LYS F 276 37.21 -5.69 -52.87
C LYS F 276 37.92 -6.96 -52.41
N GLY F 277 37.36 -8.12 -52.74
CA GLY F 277 37.90 -9.44 -52.37
C GLY F 277 36.99 -10.21 -51.44
N GLN F 278 36.16 -9.50 -50.66
CA GLN F 278 35.30 -10.10 -49.61
C GLN F 278 33.82 -9.99 -50.01
N GLY F 279 32.95 -10.64 -49.25
CA GLY F 279 31.50 -10.70 -49.49
C GLY F 279 30.69 -9.99 -48.42
N THR F 280 31.13 -9.99 -47.15
CA THR F 280 30.42 -9.30 -46.05
C THR F 280 31.42 -8.68 -45.06
N ILE F 281 30.96 -7.65 -44.36
CA ILE F 281 31.61 -7.02 -43.18
C ILE F 281 30.55 -6.87 -42.08
N ILE F 282 30.86 -7.29 -40.86
CA ILE F 282 29.96 -7.26 -39.66
C ILE F 282 30.43 -6.16 -38.71
N GLY F 283 29.52 -5.35 -38.19
CA GLY F 283 29.79 -4.23 -37.26
C GLY F 283 29.05 -4.41 -35.95
N VAL F 284 29.71 -4.12 -34.82
CA VAL F 284 29.19 -4.27 -33.44
C VAL F 284 29.11 -2.88 -32.79
N GLY F 285 27.91 -2.47 -32.39
CA GLY F 285 27.61 -1.14 -31.79
C GLY F 285 27.69 -1.17 -30.28
N SER F 286 27.16 -0.13 -29.64
CA SER F 286 27.34 0.14 -28.18
C SER F 286 26.47 -0.80 -27.35
N MET F 287 26.93 -1.15 -26.15
CA MET F 287 26.22 -2.01 -25.18
C MET F 287 25.78 -1.18 -23.98
N ASP F 288 25.09 -0.07 -24.22
CA ASP F 288 24.53 0.81 -23.17
C ASP F 288 23.02 0.63 -23.14
N TYR F 289 22.36 1.30 -22.18
CA TYR F 289 20.88 1.47 -22.17
C TYR F 289 20.55 2.43 -23.29
N PRO F 290 19.33 2.38 -23.87
CA PRO F 290 18.85 3.46 -24.73
C PRO F 290 18.87 4.84 -24.07
N ALA F 291 18.90 5.90 -24.87
CA ALA F 291 19.08 7.30 -24.42
C ALA F 291 17.87 7.75 -23.59
N GLU F 292 16.69 7.17 -23.80
CA GLU F 292 15.44 7.50 -23.07
C GLU F 292 15.48 6.99 -21.62
N PHE F 293 16.43 6.13 -21.25
CA PHE F 293 16.57 5.55 -19.89
C PHE F 293 17.85 6.00 -19.20
N GLN F 294 18.63 6.90 -19.80
CA GLN F 294 19.99 7.23 -19.28
C GLN F 294 19.95 8.19 -18.09
N GLY F 295 18.77 8.63 -17.64
CA GLY F 295 18.62 9.48 -16.45
C GLY F 295 17.68 8.89 -15.41
N ALA F 296 17.35 7.60 -15.52
CA ALA F 296 16.45 6.88 -14.60
C ALA F 296 17.26 6.28 -13.45
N SER F 297 16.58 5.99 -12.35
CA SER F 297 17.12 5.35 -11.12
C SER F 297 17.43 3.89 -11.41
N GLU F 298 18.43 3.34 -10.72
CA GLU F 298 18.77 1.89 -10.77
C GLU F 298 17.62 1.09 -10.16
N ASP F 299 16.94 1.65 -9.18
CA ASP F 299 15.82 1.00 -8.44
C ASP F 299 14.63 0.80 -9.38
N ARG F 300 14.25 1.83 -10.11
CA ARG F 300 13.04 1.81 -11.00
C ARG F 300 13.29 0.89 -12.19
N LEU F 301 14.50 0.88 -12.73
CA LEU F 301 14.88 0.01 -13.89
C LEU F 301 14.85 -1.45 -13.44
N ALA F 302 15.37 -1.74 -12.24
CA ALA F 302 15.39 -3.09 -11.62
C ALA F 302 13.97 -3.62 -11.41
N GLU F 303 13.04 -2.76 -11.01
CA GLU F 303 11.63 -3.12 -10.75
C GLU F 303 10.98 -3.60 -12.05
N LEU F 304 11.16 -2.84 -13.14
CA LEU F 304 10.48 -3.06 -14.44
C LEU F 304 11.07 -4.29 -15.13
N GLY F 305 12.39 -4.44 -15.14
CA GLY F 305 13.10 -5.55 -15.77
C GLY F 305 13.71 -5.15 -17.11
N VAL F 306 14.36 -3.99 -17.17
CA VAL F 306 14.93 -3.38 -18.39
C VAL F 306 16.37 -3.83 -18.51
N GLY F 307 16.72 -4.43 -19.65
CA GLY F 307 18.09 -4.92 -19.93
C GLY F 307 18.81 -4.03 -20.89
N LYS F 308 20.12 -4.28 -21.06
CA LYS F 308 20.98 -3.61 -22.05
C LYS F 308 20.90 -4.40 -23.35
N LEU F 309 21.16 -3.74 -24.49
CA LEU F 309 21.09 -4.34 -25.84
C LEU F 309 22.38 -4.06 -26.60
N VAL F 310 22.66 -4.86 -27.63
CA VAL F 310 23.72 -4.64 -28.64
C VAL F 310 23.10 -4.69 -30.03
N THR F 311 23.46 -3.77 -30.92
CA THR F 311 22.99 -3.68 -32.32
C THR F 311 24.11 -4.20 -33.23
N ILE F 312 23.79 -5.13 -34.13
CA ILE F 312 24.76 -5.76 -35.08
C ILE F 312 24.27 -5.52 -36.51
N THR F 313 25.19 -5.17 -37.41
CA THR F 313 24.92 -4.84 -38.83
C THR F 313 25.64 -5.83 -39.74
N SER F 314 25.11 -6.02 -40.95
CA SER F 314 25.68 -6.85 -42.03
C SER F 314 25.63 -6.07 -43.34
N THR F 315 26.78 -5.76 -43.95
CA THR F 315 26.91 -5.08 -45.26
C THR F 315 27.50 -6.06 -46.25
N TYR F 316 26.77 -6.39 -47.34
CA TYR F 316 27.08 -7.52 -48.25
C TYR F 316 27.03 -7.11 -49.71
N ASP F 317 27.73 -7.85 -50.57
CA ASP F 317 27.73 -7.71 -52.05
C ASP F 317 26.50 -8.41 -52.61
N HIS F 318 25.63 -7.69 -53.31
CA HIS F 318 24.28 -8.14 -53.72
C HIS F 318 24.36 -8.98 -54.99
N ARG F 319 25.50 -8.97 -55.68
CA ARG F 319 25.72 -9.81 -56.88
C ARG F 319 25.84 -11.29 -56.50
N VAL F 320 26.20 -11.62 -55.26
CA VAL F 320 26.47 -13.03 -54.82
C VAL F 320 25.70 -13.41 -53.55
N ILE F 321 25.30 -12.47 -52.69
CA ILE F 321 24.54 -12.75 -51.44
C ILE F 321 23.20 -12.03 -51.54
N GLN F 322 22.10 -12.74 -51.28
CA GLN F 322 20.73 -12.18 -51.30
C GLN F 322 20.32 -11.83 -49.86
N GLY F 323 19.26 -11.03 -49.73
CA GLY F 323 18.86 -10.41 -48.46
C GLY F 323 18.36 -11.40 -47.44
N ALA F 324 17.65 -12.43 -47.89
CA ALA F 324 17.10 -13.52 -47.05
C ALA F 324 18.23 -14.26 -46.32
N VAL F 325 19.36 -14.46 -46.98
CA VAL F 325 20.55 -15.14 -46.39
C VAL F 325 21.13 -14.27 -45.29
N SER F 326 21.24 -12.96 -45.51
CA SER F 326 21.83 -11.98 -44.56
C SER F 326 20.97 -11.88 -43.30
N GLY F 327 19.66 -11.95 -43.44
CA GLY F 327 18.70 -11.92 -42.31
C GLY F 327 18.79 -13.19 -41.49
N GLU F 328 18.87 -14.35 -42.14
CA GLU F 328 19.01 -15.67 -41.48
C GLU F 328 20.32 -15.73 -40.69
N PHE F 329 21.39 -15.12 -41.21
CA PHE F 329 22.71 -15.06 -40.56
C PHE F 329 22.60 -14.30 -39.24
N LEU F 330 21.93 -13.14 -39.23
CA LEU F 330 21.79 -12.30 -38.01
C LEU F 330 20.86 -12.98 -36.99
N ARG F 331 19.88 -13.76 -37.46
CA ARG F 331 18.94 -14.49 -36.57
C ARG F 331 19.69 -15.60 -35.81
N THR F 332 20.62 -16.28 -36.47
CA THR F 332 21.45 -17.36 -35.87
C THR F 332 22.37 -16.77 -34.81
N MET F 333 22.95 -15.59 -35.04
CA MET F 333 23.84 -14.92 -34.05
C MET F 333 23.05 -14.57 -32.79
N SER F 334 21.83 -14.07 -32.96
CA SER F 334 20.91 -13.71 -31.86
C SER F 334 20.63 -14.93 -31.00
N ARG F 335 20.26 -16.05 -31.62
CA ARG F 335 19.91 -17.33 -30.93
C ARG F 335 21.11 -17.86 -30.15
N LEU F 336 22.30 -17.84 -30.74
CA LEU F 336 23.53 -18.41 -30.13
C LEU F 336 23.85 -17.70 -28.82
N LEU F 337 23.68 -16.38 -28.75
CA LEU F 337 24.11 -15.58 -27.59
C LEU F 337 23.13 -15.73 -26.42
N THR F 338 22.06 -16.51 -26.58
CA THR F 338 21.04 -16.80 -25.55
C THR F 338 20.89 -18.32 -25.37
N ASP F 339 21.69 -19.15 -26.05
CA ASP F 339 21.51 -20.61 -26.18
C ASP F 339 22.28 -21.33 -25.09
N ASP F 340 21.70 -22.41 -24.54
CA ASP F 340 22.28 -23.24 -23.44
C ASP F 340 23.54 -23.94 -23.95
N SER F 341 23.47 -24.58 -25.11
CA SER F 341 24.56 -25.39 -25.70
C SER F 341 25.79 -24.54 -25.97
N PHE F 342 25.62 -23.29 -26.40
CA PHE F 342 26.70 -22.35 -26.74
C PHE F 342 27.52 -22.06 -25.50
N TRP F 343 26.88 -21.71 -24.40
CA TRP F 343 27.55 -21.31 -23.14
C TRP F 343 28.11 -22.53 -22.41
N ASP F 344 27.54 -23.72 -22.62
CA ASP F 344 28.09 -25.00 -22.11
C ASP F 344 29.46 -25.26 -22.73
N GLU F 345 29.59 -25.03 -24.03
CA GLU F 345 30.84 -25.28 -24.81
C GLU F 345 31.95 -24.35 -24.34
N ILE F 346 31.66 -23.10 -24.02
CA ILE F 346 32.68 -22.08 -23.62
C ILE F 346 33.17 -22.41 -22.22
N PHE F 347 32.26 -22.71 -21.30
CA PHE F 347 32.55 -23.05 -19.89
C PHE F 347 33.42 -24.30 -19.82
N ASP F 348 33.10 -25.31 -20.64
CA ASP F 348 33.86 -26.59 -20.74
C ASP F 348 35.31 -26.29 -21.10
N ALA F 349 35.55 -25.41 -22.05
CA ALA F 349 36.88 -25.09 -22.59
C ALA F 349 37.73 -24.34 -21.55
N MET F 350 37.12 -23.46 -20.78
CA MET F 350 37.85 -22.56 -19.84
C MET F 350 37.90 -23.17 -18.44
N ASN F 351 37.25 -24.32 -18.22
CA ASN F 351 37.29 -25.11 -16.96
C ASN F 351 36.62 -24.33 -15.84
N VAL F 352 35.35 -23.98 -16.05
CA VAL F 352 34.48 -23.28 -15.05
C VAL F 352 33.61 -24.36 -14.42
N PRO F 353 33.67 -24.58 -13.09
CA PRO F 353 32.99 -25.70 -12.46
C PRO F 353 31.48 -25.61 -12.31
N TYR F 354 30.91 -24.42 -12.39
CA TYR F 354 29.47 -24.14 -12.17
C TYR F 354 28.70 -24.30 -13.48
N THR F 355 27.38 -24.42 -13.38
CA THR F 355 26.44 -24.41 -14.51
C THR F 355 26.24 -22.97 -14.94
N PRO F 356 26.12 -22.64 -16.25
CA PRO F 356 25.90 -21.28 -16.67
C PRO F 356 24.51 -20.75 -16.31
N MET F 357 24.38 -19.44 -16.17
CA MET F 357 23.07 -18.77 -15.99
C MET F 357 22.28 -18.95 -17.28
N ARG F 358 20.99 -19.22 -17.17
CA ARG F 358 20.11 -19.52 -18.31
C ARG F 358 19.22 -18.32 -18.60
N TRP F 359 18.65 -18.26 -19.80
CA TRP F 359 17.75 -17.18 -20.28
C TRP F 359 16.33 -17.54 -19.92
N ALA F 360 15.60 -16.59 -19.34
CA ALA F 360 14.21 -16.76 -18.88
C ALA F 360 13.54 -15.41 -18.78
N GLN F 361 12.21 -15.38 -18.76
CA GLN F 361 11.41 -14.17 -18.50
C GLN F 361 11.30 -13.95 -17.00
N ASP F 362 11.22 -12.69 -16.59
CA ASP F 362 10.96 -12.29 -15.18
C ASP F 362 9.59 -12.83 -14.79
N VAL F 363 9.47 -13.41 -13.59
CA VAL F 363 8.24 -14.01 -13.03
C VAL F 363 7.66 -13.06 -12.00
N PRO F 364 6.32 -12.99 -11.81
CA PRO F 364 5.72 -12.13 -10.80
C PRO F 364 5.82 -12.64 -9.35
N ASN F 365 5.85 -11.71 -8.37
CA ASN F 365 5.99 -12.02 -6.93
C ASN F 365 4.61 -12.36 -6.36
N THR F 366 4.10 -13.53 -6.72
CA THR F 366 2.77 -14.06 -6.33
C THR F 366 2.96 -15.47 -5.76
N GLY F 367 1.97 -15.96 -5.03
CA GLY F 367 2.02 -17.28 -4.36
C GLY F 367 3.00 -17.24 -3.23
N VAL F 368 3.99 -18.14 -3.25
CA VAL F 368 5.12 -18.15 -2.29
C VAL F 368 5.99 -16.94 -2.59
N ASP F 369 6.15 -16.06 -1.61
CA ASP F 369 6.92 -14.79 -1.70
C ASP F 369 8.36 -15.12 -2.08
N LYS F 370 9.03 -14.17 -2.71
CA LYS F 370 10.42 -14.35 -3.19
C LYS F 370 11.38 -14.42 -2.02
N ASN F 371 11.08 -13.78 -0.89
CA ASN F 371 11.95 -13.86 0.31
C ASN F 371 11.99 -15.29 0.83
N THR F 372 10.88 -15.99 0.84
CA THR F 372 10.79 -17.41 1.25
C THR F 372 11.66 -18.25 0.33
N ARG F 373 11.69 -17.92 -0.96
CA ARG F 373 12.44 -18.70 -1.97
C ARG F 373 13.94 -18.51 -1.76
N VAL F 374 14.40 -17.34 -1.33
CA VAL F 374 15.84 -17.04 -1.09
C VAL F 374 16.29 -17.77 0.17
N MET F 375 15.41 -17.98 1.14
CA MET F 375 15.75 -18.68 2.40
C MET F 375 15.87 -20.16 2.13
N GLN F 376 15.08 -20.70 1.21
CA GLN F 376 15.13 -22.12 0.82
C GLN F 376 16.41 -22.41 0.04
N LEU F 377 16.96 -21.43 -0.68
CA LEU F 377 18.23 -21.58 -1.42
C LEU F 377 19.39 -21.63 -0.44
N ILE F 378 19.35 -20.88 0.66
CA ILE F 378 20.42 -20.87 1.70
C ILE F 378 20.45 -22.23 2.38
N GLU F 379 19.29 -22.85 2.62
CA GLU F 379 19.20 -24.17 3.28
C GLU F 379 19.76 -25.24 2.36
N ALA F 380 19.48 -25.16 1.06
CA ALA F 380 19.92 -26.13 0.05
C ALA F 380 21.43 -26.22 0.01
N TYR F 381 22.13 -25.09 0.02
CA TYR F 381 23.62 -25.03 -0.08
C TYR F 381 24.25 -25.53 1.20
N ARG F 382 23.67 -25.23 2.34
CA ARG F 382 24.15 -25.66 3.66
C ARG F 382 23.96 -27.16 3.85
N SER F 383 23.07 -27.80 3.10
CA SER F 383 22.74 -29.24 3.23
C SER F 383 23.42 -30.07 2.15
N ARG F 384 23.37 -29.62 0.90
CA ARG F 384 23.67 -30.45 -0.28
C ARG F 384 24.78 -29.84 -1.14
N GLY F 385 25.42 -28.76 -0.70
CA GLY F 385 26.41 -28.03 -1.51
C GLY F 385 27.70 -28.78 -1.72
N HIS F 386 28.00 -29.74 -0.86
CA HIS F 386 29.20 -30.61 -0.94
C HIS F 386 29.17 -31.48 -2.18
N LEU F 387 28.03 -31.65 -2.83
CA LEU F 387 27.89 -32.53 -4.00
C LEU F 387 28.49 -31.88 -5.23
N ILE F 388 28.80 -30.59 -5.24
CA ILE F 388 29.40 -29.90 -6.42
C ILE F 388 30.67 -29.16 -6.03
N ALA F 389 31.44 -29.63 -5.07
CA ALA F 389 32.61 -28.92 -4.54
C ALA F 389 33.90 -29.44 -5.16
N ASP F 390 34.92 -28.59 -5.25
CA ASP F 390 36.18 -28.84 -5.98
C ASP F 390 37.09 -29.65 -5.07
N THR F 391 36.78 -30.92 -4.92
CA THR F 391 37.38 -31.82 -3.91
C THR F 391 38.29 -32.84 -4.58
N ASN F 392 38.08 -33.15 -5.87
CA ASN F 392 38.83 -34.17 -6.61
C ASN F 392 39.98 -33.52 -7.36
N PRO F 393 41.25 -33.84 -7.08
CA PRO F 393 42.35 -33.28 -7.84
C PRO F 393 42.50 -33.79 -9.28
N LEU F 394 41.83 -34.88 -9.63
CA LEU F 394 41.68 -35.37 -11.02
C LEU F 394 40.31 -34.92 -11.54
N SER F 395 40.19 -34.77 -12.86
CA SER F 395 38.90 -34.59 -13.59
C SER F 395 38.31 -35.97 -13.90
N TRP F 396 37.95 -36.71 -12.84
CA TRP F 396 37.56 -38.15 -12.90
C TRP F 396 36.17 -38.34 -12.28
N VAL F 397 35.29 -39.05 -12.98
CA VAL F 397 34.00 -39.60 -12.46
C VAL F 397 34.00 -41.11 -12.76
N GLN F 398 33.89 -41.94 -11.72
CA GLN F 398 33.82 -43.42 -11.82
C GLN F 398 32.57 -43.78 -12.60
N PRO F 399 32.68 -44.41 -13.80
CA PRO F 399 31.51 -44.70 -14.63
C PRO F 399 30.51 -45.71 -14.06
N GLY F 400 30.96 -46.62 -13.18
CA GLY F 400 30.10 -47.65 -12.56
C GLY F 400 29.07 -47.07 -11.60
N MET F 401 29.48 -46.13 -10.75
CA MET F 401 28.67 -45.56 -9.64
C MET F 401 27.56 -44.66 -10.19
N PRO F 402 26.37 -44.61 -9.53
CA PRO F 402 25.30 -43.69 -9.92
C PRO F 402 25.54 -42.25 -9.42
N VAL F 403 25.20 -41.25 -10.25
CA VAL F 403 25.39 -39.80 -9.95
C VAL F 403 24.16 -39.30 -9.19
N PRO F 404 24.32 -38.71 -7.98
CA PRO F 404 23.19 -38.11 -7.28
C PRO F 404 22.61 -36.89 -8.00
N ASP F 405 21.32 -36.66 -7.82
CA ASP F 405 20.57 -35.46 -8.28
C ASP F 405 21.08 -34.24 -7.51
N HIS F 406 21.43 -33.16 -8.20
CA HIS F 406 21.80 -31.86 -7.58
C HIS F 406 21.19 -30.70 -8.38
N ARG F 407 19.90 -30.81 -8.69
CA ARG F 407 19.10 -29.73 -9.31
C ARG F 407 18.73 -28.70 -8.23
N ASP F 408 18.77 -29.09 -6.95
CA ASP F 408 18.37 -28.23 -5.81
C ASP F 408 19.30 -27.02 -5.65
N LEU F 409 20.44 -26.99 -6.34
CA LEU F 409 21.45 -25.91 -6.22
C LEU F 409 21.36 -24.94 -7.40
N ASP F 410 20.41 -25.10 -8.32
CA ASP F 410 20.17 -24.17 -9.45
C ASP F 410 19.06 -23.21 -9.08
N ILE F 411 19.18 -21.93 -9.45
CA ILE F 411 18.21 -20.89 -9.02
C ILE F 411 16.86 -21.09 -9.72
N GLU F 412 16.83 -21.83 -10.82
CA GLU F 412 15.60 -22.12 -11.61
C GLU F 412 14.69 -23.03 -10.79
N THR F 413 15.24 -23.93 -9.99
CA THR F 413 14.49 -24.89 -9.16
C THR F 413 13.70 -24.18 -8.06
N HIS F 414 14.10 -22.97 -7.68
CA HIS F 414 13.47 -22.17 -6.60
C HIS F 414 12.73 -20.97 -7.18
N ASN F 415 12.37 -20.99 -8.46
CA ASN F 415 11.58 -19.94 -9.15
C ASN F 415 12.23 -18.58 -8.96
N LEU F 416 13.50 -18.46 -9.32
CA LEU F 416 14.27 -17.21 -9.35
C LEU F 416 15.02 -17.15 -10.67
N THR F 417 15.22 -15.95 -11.21
CA THR F 417 15.81 -15.71 -12.54
C THR F 417 16.92 -14.69 -12.44
N ILE F 418 17.64 -14.47 -13.53
CA ILE F 418 18.73 -13.46 -13.68
C ILE F 418 18.20 -12.09 -13.33
N TRP F 419 16.91 -11.85 -13.45
CA TRP F 419 16.29 -10.51 -13.23
C TRP F 419 16.18 -10.19 -11.74
N ASP F 420 16.54 -11.11 -10.85
CA ASP F 420 16.44 -10.96 -9.38
C ASP F 420 17.80 -10.73 -8.75
N LEU F 421 18.88 -10.72 -9.54
CA LEU F 421 20.25 -10.74 -8.99
C LEU F 421 20.57 -9.43 -8.29
N ASP F 422 20.05 -8.30 -8.73
CA ASP F 422 20.38 -6.98 -8.15
C ASP F 422 19.23 -6.41 -7.32
N ARG F 423 18.21 -7.21 -7.00
CA ARG F 423 17.12 -6.86 -6.06
C ARG F 423 17.53 -7.30 -4.65
N THR F 424 17.02 -6.61 -3.62
CA THR F 424 17.40 -6.78 -2.20
C THR F 424 16.33 -7.56 -1.47
N PHE F 425 16.72 -8.41 -0.52
CA PHE F 425 15.87 -9.40 0.19
C PHE F 425 16.23 -9.47 1.67
N ASN F 426 15.30 -9.88 2.51
CA ASN F 426 15.51 -10.11 3.97
C ASN F 426 16.06 -11.51 4.17
N VAL F 427 17.18 -11.64 4.87
CA VAL F 427 17.98 -12.89 4.96
C VAL F 427 18.13 -13.37 6.40
N GLY F 428 17.74 -12.60 7.39
CA GLY F 428 17.62 -13.07 8.78
C GLY F 428 18.96 -13.39 9.38
N GLY F 429 19.90 -12.45 9.32
CA GLY F 429 21.18 -12.53 10.04
C GLY F 429 22.21 -13.38 9.33
N PHE F 430 21.99 -13.74 8.07
CA PHE F 430 23.00 -14.46 7.25
C PHE F 430 24.12 -13.48 6.94
N GLY F 431 25.37 -13.89 7.19
CA GLY F 431 26.56 -13.05 7.03
C GLY F 431 26.54 -11.83 7.93
N GLY F 432 25.88 -11.93 9.08
CA GLY F 432 25.68 -10.83 10.03
C GLY F 432 25.05 -9.62 9.37
N LYS F 433 23.99 -9.81 8.59
CA LYS F 433 23.23 -8.71 7.95
C LYS F 433 21.74 -9.06 7.92
N GLU F 434 20.89 -8.05 7.90
CA GLU F 434 19.41 -8.18 7.85
C GLU F 434 18.93 -8.21 6.41
N THR F 435 19.55 -7.42 5.53
CA THR F 435 19.22 -7.35 4.09
C THR F 435 20.48 -7.58 3.26
N MET F 436 20.31 -7.98 2.00
CA MET F 436 21.40 -8.40 1.09
C MET F 436 20.81 -8.58 -0.30
N THR F 437 21.60 -8.50 -1.36
CA THR F 437 21.19 -8.79 -2.76
C THR F 437 21.43 -10.25 -3.07
N LEU F 438 20.75 -10.82 -4.05
CA LEU F 438 20.86 -12.25 -4.43
C LEU F 438 22.25 -12.51 -4.96
N ARG F 439 22.88 -11.54 -5.60
CA ARG F 439 24.25 -11.65 -6.14
C ARG F 439 25.18 -11.88 -4.96
N GLU F 440 25.08 -11.10 -3.90
CA GLU F 440 25.94 -11.22 -2.72
C GLU F 440 25.68 -12.54 -2.01
N VAL F 441 24.44 -12.98 -1.93
CA VAL F 441 24.05 -14.23 -1.22
C VAL F 441 24.71 -15.41 -1.92
N LEU F 442 24.71 -15.43 -3.25
CA LEU F 442 25.25 -16.54 -4.05
C LEU F 442 26.75 -16.59 -3.91
N SER F 443 27.41 -15.43 -3.91
CA SER F 443 28.88 -15.31 -3.75
C SER F 443 29.30 -15.98 -2.45
N ARG F 444 28.68 -15.61 -1.35
CA ARG F 444 29.05 -16.09 -0.01
C ARG F 444 28.80 -17.59 0.09
N LEU F 445 27.69 -18.10 -0.40
CA LEU F 445 27.35 -19.53 -0.31
C LEU F 445 28.37 -20.35 -1.09
N ARG F 446 28.88 -19.83 -2.19
CA ARG F 446 29.82 -20.56 -3.06
C ARG F 446 31.21 -20.56 -2.47
N ALA F 447 31.59 -19.48 -1.79
CA ALA F 447 32.90 -19.34 -1.12
C ALA F 447 32.99 -20.27 0.07
N ALA F 448 31.88 -20.56 0.73
CA ALA F 448 31.81 -21.31 1.99
C ALA F 448 31.66 -22.79 1.76
N TYR F 449 30.96 -23.23 0.73
CA TYR F 449 30.48 -24.62 0.62
C TYR F 449 30.85 -25.28 -0.70
N THR F 450 31.60 -24.65 -1.61
CA THR F 450 31.81 -25.19 -2.98
C THR F 450 33.25 -25.10 -3.50
N LEU F 451 34.23 -24.67 -2.71
CA LEU F 451 35.66 -24.58 -3.10
C LEU F 451 36.37 -25.85 -2.66
N LYS F 452 37.44 -25.78 -1.87
CA LYS F 452 38.35 -26.93 -1.61
C LYS F 452 37.96 -27.70 -0.37
N VAL F 453 36.91 -27.31 0.36
CA VAL F 453 36.42 -28.00 1.58
C VAL F 453 34.92 -28.19 1.47
N GLY F 454 34.45 -29.44 1.50
CA GLY F 454 33.02 -29.81 1.51
C GLY F 454 32.61 -30.37 2.85
N SER F 455 31.55 -29.85 3.45
CA SER F 455 31.11 -30.12 4.84
C SER F 455 29.74 -30.79 4.86
N GLU F 456 29.55 -31.76 5.75
CA GLU F 456 28.26 -32.38 6.10
C GLU F 456 28.05 -32.22 7.59
N TYR F 457 27.11 -31.37 8.01
CA TYR F 457 26.85 -31.05 9.43
C TYR F 457 25.37 -30.87 9.80
N THR F 458 24.43 -30.81 8.86
CA THR F 458 23.04 -30.36 9.15
C THR F 458 22.19 -31.49 9.71
N HIS F 459 22.67 -32.72 9.67
CA HIS F 459 22.04 -33.91 10.26
C HIS F 459 22.19 -33.96 11.78
N ILE F 460 23.10 -33.19 12.35
CA ILE F 460 23.32 -33.12 13.82
C ILE F 460 22.07 -32.55 14.47
N LEU F 461 21.68 -33.08 15.63
CA LEU F 461 20.38 -32.82 16.30
C LEU F 461 20.50 -31.66 17.29
N ASP F 462 21.63 -31.50 17.97
CA ASP F 462 21.83 -30.41 18.96
C ASP F 462 22.01 -29.09 18.21
N ARG F 463 21.33 -28.04 18.65
CA ARG F 463 21.28 -26.72 17.98
C ARG F 463 22.57 -25.96 18.25
N ASP F 464 23.14 -26.09 19.44
CA ASP F 464 24.35 -25.35 19.86
C ASP F 464 25.56 -25.85 19.09
N GLU F 465 25.68 -27.15 18.83
CA GLU F 465 26.87 -27.72 18.14
C GLU F 465 26.71 -27.57 16.63
N ARG F 466 25.50 -27.39 16.11
CA ARG F 466 25.24 -27.12 14.69
C ARG F 466 25.60 -25.67 14.38
N THR F 467 25.37 -24.76 15.32
CA THR F 467 25.61 -23.31 15.16
C THR F 467 27.11 -23.01 15.25
N TRP F 468 27.85 -23.75 16.06
CA TRP F 468 29.31 -23.59 16.25
C TRP F 468 30.02 -23.88 14.94
N LEU F 469 29.64 -24.95 14.25
CA LEU F 469 30.26 -25.37 12.96
C LEU F 469 29.87 -24.39 11.86
N GLN F 470 28.61 -23.96 11.85
CA GLN F 470 28.07 -23.04 10.83
C GLN F 470 28.82 -21.72 10.84
N ASP F 471 29.12 -21.20 12.02
CA ASP F 471 29.75 -19.87 12.19
C ASP F 471 31.20 -19.94 11.72
N ARG F 472 31.89 -21.06 11.97
CA ARG F 472 33.31 -21.21 11.63
C ARG F 472 33.47 -21.44 10.14
N LEU F 473 32.60 -22.22 9.52
CA LEU F 473 32.67 -22.54 8.07
C LEU F 473 32.32 -21.31 7.24
N GLU F 474 31.43 -20.45 7.71
CA GLU F 474 30.96 -19.28 6.92
C GLU F 474 31.85 -18.07 7.16
N ALA F 475 32.74 -18.09 8.16
CA ALA F 475 33.76 -17.06 8.39
C ALA F 475 34.94 -17.30 7.46
N GLY F 476 35.24 -18.57 7.17
CA GLY F 476 36.25 -18.96 6.18
C GLY F 476 37.58 -19.27 6.83
N MET F 477 38.48 -19.85 6.06
CA MET F 477 39.88 -20.15 6.43
C MET F 477 40.61 -18.83 6.66
N PRO F 478 41.25 -18.60 7.82
CA PRO F 478 42.05 -17.40 8.02
C PRO F 478 43.26 -17.34 7.09
N LYS F 479 43.66 -16.13 6.67
CA LYS F 479 44.81 -15.93 5.76
C LYS F 479 46.07 -16.23 6.55
N PRO F 480 46.87 -17.25 6.18
CA PRO F 480 48.07 -17.58 6.93
C PRO F 480 49.22 -16.60 6.69
N THR F 481 50.09 -16.44 7.68
CA THR F 481 51.27 -15.55 7.66
C THR F 481 52.34 -16.16 6.76
N GLN F 482 53.38 -15.40 6.44
CA GLN F 482 54.48 -15.87 5.59
C GLN F 482 55.26 -16.95 6.32
N ALA F 483 55.54 -16.77 7.61
CA ALA F 483 56.26 -17.77 8.42
C ALA F 483 55.51 -19.09 8.39
N GLU F 484 54.21 -19.06 8.60
CA GLU F 484 53.34 -20.27 8.58
C GLU F 484 53.47 -20.95 7.23
N GLN F 485 53.40 -20.17 6.15
CA GLN F 485 53.46 -20.68 4.76
C GLN F 485 54.76 -21.41 4.52
N LYS F 486 55.88 -20.88 4.97
CA LYS F 486 57.19 -21.50 4.73
C LYS F 486 57.35 -22.77 5.55
N TYR F 487 56.71 -22.89 6.70
CA TYR F 487 56.76 -24.10 7.54
C TYR F 487 56.00 -25.23 6.86
N ILE F 488 54.91 -24.95 6.13
CA ILE F 488 54.14 -25.97 5.37
C ILE F 488 54.99 -26.46 4.20
N LEU F 489 55.78 -25.60 3.58
CA LEU F 489 56.63 -25.94 2.42
C LEU F 489 57.78 -26.82 2.87
N GLN F 490 58.30 -26.62 4.06
CA GLN F 490 59.44 -27.40 4.60
C GLN F 490 59.00 -28.83 4.90
N LYS F 491 57.76 -29.05 5.35
CA LYS F 491 57.24 -30.39 5.66
C LYS F 491 57.01 -31.17 4.36
N LEU F 492 56.49 -30.52 3.31
CA LEU F 492 56.30 -31.16 2.00
C LEU F 492 57.65 -31.52 1.40
N ASN F 493 58.67 -30.70 1.59
CA ASN F 493 60.03 -30.98 1.06
C ASN F 493 60.58 -32.23 1.70
N ALA F 494 60.41 -32.39 3.01
CA ALA F 494 60.92 -33.53 3.79
C ALA F 494 60.22 -34.81 3.36
N ALA F 495 58.91 -34.78 3.26
CA ALA F 495 58.08 -35.90 2.80
C ALA F 495 58.58 -36.43 1.48
N GLU F 496 58.77 -35.57 0.48
CA GLU F 496 59.16 -35.97 -0.89
C GLU F 496 60.61 -36.42 -0.92
N ALA F 497 61.47 -35.85 -0.10
CA ALA F 497 62.90 -36.22 -0.02
C ALA F 497 63.04 -37.65 0.46
N PHE F 498 62.23 -38.08 1.40
CA PHE F 498 62.29 -39.40 2.04
C PHE F 498 61.76 -40.46 1.08
N GLU F 499 60.71 -40.13 0.33
CA GLU F 499 60.15 -41.04 -0.70
C GLU F 499 61.22 -41.37 -1.72
N ASN F 500 62.01 -40.38 -2.13
CA ASN F 500 63.07 -40.55 -3.15
C ASN F 500 64.17 -41.44 -2.61
N PHE F 501 64.54 -41.32 -1.35
CA PHE F 501 65.61 -42.13 -0.71
C PHE F 501 65.20 -43.58 -0.66
N LEU F 502 63.94 -43.85 -0.36
CA LEU F 502 63.40 -45.20 -0.15
C LEU F 502 63.38 -45.92 -1.49
N GLN F 503 62.91 -45.26 -2.55
CA GLN F 503 62.76 -45.83 -3.91
C GLN F 503 64.11 -46.12 -4.53
N THR F 504 65.17 -45.38 -4.18
CA THR F 504 66.48 -45.48 -4.85
C THR F 504 67.42 -46.41 -4.09
N LYS F 505 67.43 -46.37 -2.77
CA LYS F 505 68.46 -47.05 -1.94
C LYS F 505 67.99 -48.46 -1.54
N TYR F 506 66.69 -48.77 -1.70
CA TYR F 506 66.09 -50.06 -1.31
C TYR F 506 65.05 -50.50 -2.35
N VAL F 507 64.72 -51.79 -2.35
CA VAL F 507 63.92 -52.47 -3.41
C VAL F 507 62.69 -53.13 -2.78
N GLY F 508 61.60 -53.24 -3.55
CA GLY F 508 60.31 -53.80 -3.09
C GLY F 508 59.63 -52.91 -2.09
N GLN F 509 59.70 -51.58 -2.29
CA GLN F 509 59.09 -50.55 -1.42
C GLN F 509 58.00 -49.79 -2.18
N LYS F 510 57.68 -50.19 -3.41
CA LYS F 510 56.68 -49.53 -4.29
C LYS F 510 55.28 -49.73 -3.72
N ARG F 511 55.04 -50.89 -3.09
CA ARG F 511 53.78 -51.25 -2.39
C ARG F 511 53.46 -50.23 -1.30
N PHE F 512 54.49 -49.73 -0.61
CA PHE F 512 54.39 -48.94 0.64
C PHE F 512 54.53 -47.44 0.38
N SER F 513 54.44 -47.00 -0.87
CA SER F 513 54.70 -45.60 -1.28
C SER F 513 53.53 -44.70 -0.91
N LEU F 514 53.83 -43.45 -0.62
CA LEU F 514 52.89 -42.39 -0.20
C LEU F 514 52.74 -41.38 -1.34
N GLU F 515 53.33 -41.66 -2.50
CA GLU F 515 53.34 -40.74 -3.66
C GLU F 515 51.91 -40.61 -4.14
N GLY F 516 51.39 -39.39 -4.15
CA GLY F 516 50.00 -39.08 -4.46
C GLY F 516 49.29 -38.50 -3.26
N ALA F 517 49.77 -38.82 -2.05
CA ALA F 517 49.13 -38.51 -0.76
C ALA F 517 50.14 -37.95 0.22
N GLU F 518 50.94 -36.97 -0.21
CA GLU F 518 52.03 -36.40 0.61
C GLU F 518 51.47 -35.36 1.57
N ALA F 519 50.24 -34.91 1.38
CA ALA F 519 49.59 -33.91 2.25
C ALA F 519 49.18 -34.53 3.58
N LEU F 520 49.19 -35.84 3.70
CA LEU F 520 48.96 -36.56 4.98
C LEU F 520 49.92 -36.04 6.04
N ILE F 521 51.17 -35.75 5.68
CA ILE F 521 52.23 -35.40 6.65
C ILE F 521 51.92 -34.05 7.26
N PRO F 522 51.68 -32.96 6.51
CA PRO F 522 51.20 -31.75 7.13
C PRO F 522 49.83 -31.77 7.81
N LEU F 523 48.93 -32.72 7.54
CA LEU F 523 47.61 -32.82 8.22
C LEU F 523 47.80 -33.38 9.62
N MET F 524 48.54 -34.47 9.74
CA MET F 524 48.84 -35.12 11.02
C MET F 524 49.62 -34.17 11.92
N ASP F 525 50.52 -33.37 11.36
CA ASP F 525 51.34 -32.41 12.13
C ASP F 525 50.45 -31.31 12.70
N SER F 526 49.44 -30.87 11.96
CA SER F 526 48.52 -29.78 12.34
C SER F 526 47.74 -30.20 13.57
N ALA F 527 47.21 -31.42 13.56
CA ALA F 527 46.38 -31.99 14.64
C ALA F 527 47.20 -32.17 15.91
N ILE F 528 48.40 -32.73 15.81
CA ILE F 528 49.29 -33.00 16.98
C ILE F 528 49.71 -31.68 17.59
N ASP F 529 49.92 -30.64 16.79
CA ASP F 529 50.36 -29.32 17.28
C ASP F 529 49.22 -28.63 18.00
N THR F 530 47.99 -28.74 17.49
CA THR F 530 46.77 -28.17 18.10
C THR F 530 46.52 -28.81 19.46
N ALA F 531 46.78 -30.11 19.59
CA ALA F 531 46.60 -30.87 20.85
C ALA F 531 47.60 -30.42 21.90
N ALA F 532 48.82 -30.10 21.50
CA ALA F 532 49.90 -29.61 22.38
C ALA F 532 49.54 -28.24 22.94
N GLY F 533 48.85 -27.41 22.17
CA GLY F 533 48.44 -26.08 22.62
C GLY F 533 47.26 -26.13 23.56
N GLN F 534 46.46 -27.18 23.48
CA GLN F 534 45.30 -27.41 24.38
C GLN F 534 45.79 -27.88 25.75
N GLY F 535 47.00 -28.44 25.83
CA GLY F 535 47.63 -28.81 27.10
C GLY F 535 47.52 -30.27 27.41
N LEU F 536 47.33 -31.13 26.42
CA LEU F 536 47.04 -32.57 26.59
C LEU F 536 48.34 -33.35 26.70
N ASP F 537 48.27 -34.65 27.01
CA ASP F 537 49.41 -35.45 27.52
C ASP F 537 50.04 -36.36 26.45
N GLU F 538 49.25 -37.02 25.61
CA GLU F 538 49.76 -37.98 24.61
C GLU F 538 48.83 -38.07 23.40
N VAL F 539 49.36 -38.49 22.24
CA VAL F 539 48.61 -38.88 21.01
C VAL F 539 49.02 -40.31 20.64
N VAL F 540 48.06 -41.23 20.53
CA VAL F 540 48.27 -42.64 20.13
C VAL F 540 47.77 -42.82 18.70
N ILE F 541 48.62 -43.33 17.80
CA ILE F 541 48.35 -43.49 16.34
C ILE F 541 48.19 -44.97 16.04
N GLY F 542 47.19 -45.33 15.25
CA GLY F 542 47.02 -46.65 14.62
C GLY F 542 46.78 -46.49 13.14
N MET F 543 47.43 -47.32 12.31
CA MET F 543 47.42 -47.16 10.84
C MET F 543 47.86 -48.43 10.13
N PRO F 544 47.55 -48.58 8.82
CA PRO F 544 48.17 -49.60 7.98
C PRO F 544 49.52 -49.28 7.34
N HIS F 545 50.02 -50.19 6.49
CA HIS F 545 51.35 -50.18 5.84
C HIS F 545 51.65 -48.86 5.11
N ARG F 546 50.74 -48.35 4.30
CA ARG F 546 51.00 -47.25 3.35
C ARG F 546 51.44 -46.00 4.11
N GLY F 547 52.71 -45.63 3.96
CA GLY F 547 53.27 -44.38 4.49
C GLY F 547 53.85 -44.53 5.87
N ARG F 548 54.06 -45.75 6.33
CA ARG F 548 54.39 -45.99 7.75
C ARG F 548 55.78 -45.48 8.07
N LEU F 549 56.77 -45.76 7.24
CA LEU F 549 58.17 -45.36 7.50
C LEU F 549 58.30 -43.85 7.39
N ASN F 550 57.48 -43.21 6.56
CA ASN F 550 57.44 -41.74 6.42
C ASN F 550 56.94 -41.12 7.72
N VAL F 551 55.93 -41.72 8.34
CA VAL F 551 55.34 -41.24 9.63
C VAL F 551 56.35 -41.46 10.76
N LEU F 552 57.15 -42.50 10.69
CA LEU F 552 58.17 -42.79 11.72
C LEU F 552 59.25 -41.72 11.71
N PHE F 553 59.60 -41.16 10.56
CA PHE F 553 60.73 -40.22 10.39
C PHE F 553 60.29 -38.77 10.56
N ASN F 554 59.09 -38.41 10.14
CA ASN F 554 58.64 -37.01 10.03
C ASN F 554 57.63 -36.63 11.10
N ILE F 555 57.01 -37.59 11.82
CA ILE F 555 55.96 -37.31 12.84
C ILE F 555 56.36 -37.85 14.20
N VAL F 556 56.94 -39.02 14.30
CA VAL F 556 57.34 -39.61 15.61
C VAL F 556 58.73 -39.06 15.95
N GLY F 557 59.62 -39.00 14.98
CA GLY F 557 60.91 -38.32 15.08
C GLY F 557 62.06 -39.28 15.33
N LYS F 558 62.00 -40.49 14.83
CA LYS F 558 63.08 -41.48 15.01
C LYS F 558 64.23 -41.11 14.10
N PRO F 559 65.51 -41.38 14.46
CA PRO F 559 66.63 -41.23 13.54
C PRO F 559 66.66 -42.25 12.40
N LEU F 560 67.36 -41.92 11.31
CA LEU F 560 67.43 -42.79 10.10
C LEU F 560 68.15 -44.08 10.45
N ALA F 561 69.19 -44.00 11.28
CA ALA F 561 69.99 -45.15 11.75
C ALA F 561 69.08 -46.17 12.44
N SER F 562 68.14 -45.71 13.26
CA SER F 562 67.21 -46.58 14.04
C SER F 562 66.26 -47.31 13.10
N ILE F 563 65.76 -46.64 12.07
CA ILE F 563 64.73 -47.20 11.12
C ILE F 563 65.38 -48.33 10.34
N PHE F 564 66.53 -48.08 9.73
CA PHE F 564 67.23 -49.01 8.81
C PHE F 564 68.40 -49.69 9.53
N ASN F 565 68.19 -50.94 9.98
CA ASN F 565 69.23 -51.83 10.55
C ASN F 565 68.98 -53.27 10.07
N GLY F 580 60.77 -63.32 14.66
CA GLY F 580 60.89 -61.85 14.52
C GLY F 580 59.88 -61.30 13.53
N ASP F 581 60.03 -60.01 13.16
CA ASP F 581 59.14 -59.32 12.19
C ASP F 581 59.85 -58.09 11.60
N VAL F 582 59.19 -57.41 10.67
CA VAL F 582 59.73 -56.27 9.87
C VAL F 582 59.51 -54.95 10.62
N LYS F 583 60.01 -53.85 10.06
CA LYS F 583 59.86 -52.46 10.56
C LYS F 583 58.40 -52.02 10.43
N TYR F 584 57.68 -52.54 9.42
CA TYR F 584 56.31 -52.14 9.01
C TYR F 584 55.24 -52.60 10.01
N HIS F 585 55.61 -53.34 11.06
CA HIS F 585 54.64 -53.87 12.06
C HIS F 585 55.04 -53.57 13.51
N LEU F 586 56.26 -53.11 13.82
CA LEU F 586 56.69 -52.83 15.22
C LEU F 586 56.20 -51.46 15.66
N GLY F 587 56.20 -51.19 16.97
CA GLY F 587 55.75 -49.91 17.58
C GLY F 587 56.91 -49.03 17.99
N SER F 588 56.65 -47.73 18.23
CA SER F 588 57.69 -46.72 18.58
C SER F 588 57.10 -45.58 19.41
N GLU F 589 57.97 -44.80 20.07
CA GLU F 589 57.63 -43.62 20.92
C GLU F 589 58.52 -42.43 20.57
N GLY F 590 58.06 -41.21 20.81
CA GLY F 590 58.82 -39.97 20.58
C GLY F 590 58.14 -38.74 21.15
N GLN F 591 58.78 -37.58 21.06
CA GLN F 591 58.31 -36.27 21.59
C GLN F 591 58.07 -35.28 20.46
N HIS F 592 57.08 -34.40 20.59
CA HIS F 592 56.73 -33.33 19.62
C HIS F 592 56.74 -31.99 20.33
N LEU F 593 57.74 -31.16 20.04
CA LEU F 593 57.83 -29.75 20.50
C LEU F 593 57.05 -28.90 19.52
N GLN F 594 56.70 -27.69 19.92
CA GLN F 594 55.79 -26.78 19.20
C GLN F 594 56.60 -25.56 18.77
N MET F 595 56.70 -25.33 17.46
CA MET F 595 57.57 -24.31 16.80
C MET F 595 57.28 -22.91 17.33
N PHE F 596 56.02 -22.50 17.30
CA PHE F 596 55.55 -21.14 17.64
C PHE F 596 54.69 -21.20 18.91
N GLY F 597 55.23 -21.79 19.99
CA GLY F 597 54.53 -21.93 21.28
C GLY F 597 55.45 -22.47 22.33
N ASP F 598 54.91 -22.91 23.47
CA ASP F 598 55.71 -23.51 24.57
C ASP F 598 55.16 -24.89 24.96
N GLY F 599 54.46 -25.58 24.05
CA GLY F 599 53.83 -26.88 24.33
C GLY F 599 54.69 -28.06 23.89
N GLU F 600 54.64 -29.15 24.64
CA GLU F 600 55.23 -30.47 24.31
C GLU F 600 54.13 -31.52 24.37
N ILE F 601 54.29 -32.66 23.70
CA ILE F 601 53.34 -33.79 23.77
C ILE F 601 54.05 -35.08 23.35
N LYS F 602 53.76 -36.20 24.01
CA LYS F 602 54.26 -37.56 23.64
C LYS F 602 53.51 -38.04 22.40
N VAL F 603 54.17 -38.84 21.55
CA VAL F 603 53.56 -39.48 20.35
C VAL F 603 53.96 -40.96 20.34
N SER F 604 52.99 -41.86 20.24
CA SER F 604 53.16 -43.33 20.24
C SER F 604 52.53 -43.94 18.98
N LEU F 605 53.14 -45.01 18.46
CA LEU F 605 52.64 -45.77 17.29
C LEU F 605 52.47 -47.23 17.72
N THR F 606 51.31 -47.82 17.46
CA THR F 606 50.85 -49.15 17.92
C THR F 606 51.30 -50.22 16.95
N ALA F 607 51.54 -51.45 17.41
CA ALA F 607 51.85 -52.62 16.57
C ALA F 607 50.57 -53.20 15.99
N ASN F 608 50.64 -53.88 14.86
CA ASN F 608 49.44 -54.43 14.17
C ASN F 608 49.83 -55.51 13.18
N PRO F 609 48.91 -56.44 12.85
CA PRO F 609 49.10 -57.39 11.77
C PRO F 609 48.61 -56.88 10.41
N SER F 610 48.75 -57.71 9.38
CA SER F 610 48.38 -57.38 7.97
C SER F 610 46.87 -57.39 7.81
N HIS F 611 46.15 -58.13 8.64
CA HIS F 611 44.67 -58.18 8.68
C HIS F 611 44.16 -56.76 8.88
N LEU F 612 43.48 -56.19 7.89
CA LEU F 612 43.05 -54.79 7.90
C LEU F 612 42.01 -54.57 9.00
N GLU F 613 42.15 -53.46 9.72
CA GLU F 613 41.16 -52.85 10.64
C GLU F 613 41.11 -53.57 12.00
N ALA F 614 41.97 -54.55 12.24
CA ALA F 614 42.00 -55.34 13.49
C ALA F 614 42.62 -54.54 14.64
N VAL F 615 43.31 -53.43 14.33
CA VAL F 615 43.96 -52.52 15.31
C VAL F 615 42.93 -51.58 15.92
N ASN F 616 41.74 -51.44 15.34
CA ASN F 616 40.76 -50.41 15.75
C ASN F 616 40.39 -50.59 17.21
N PRO F 617 39.80 -51.72 17.66
CA PRO F 617 39.50 -51.90 19.07
C PRO F 617 40.70 -51.94 20.02
N VAL F 618 41.86 -52.39 19.57
CA VAL F 618 43.07 -52.58 20.42
C VAL F 618 43.62 -51.21 20.79
N MET F 619 43.62 -50.29 19.85
CA MET F 619 44.11 -48.90 20.01
C MET F 619 43.23 -48.16 21.01
N GLU F 620 41.91 -48.32 20.94
CA GLU F 620 40.93 -47.63 21.82
C GLU F 620 41.16 -48.04 23.28
N GLY F 621 41.37 -49.33 23.51
CA GLY F 621 41.68 -49.89 24.82
C GLY F 621 42.96 -49.37 25.41
N ILE F 622 44.01 -49.18 24.60
CA ILE F 622 45.31 -48.61 25.06
C ILE F 622 45.05 -47.19 25.57
N VAL F 623 44.22 -46.42 24.89
CA VAL F 623 43.96 -45.00 25.26
C VAL F 623 43.21 -44.96 26.58
N ARG F 624 42.25 -45.85 26.80
CA ARG F 624 41.42 -45.84 28.04
C ARG F 624 42.28 -46.21 29.24
N ALA F 625 43.22 -47.13 29.09
CA ALA F 625 44.11 -47.57 30.19
C ALA F 625 44.99 -46.40 30.62
N LYS F 626 45.47 -45.61 29.67
CA LYS F 626 46.38 -44.47 29.93
C LYS F 626 45.61 -43.34 30.58
N GLN F 627 44.37 -43.10 30.19
CA GLN F 627 43.50 -42.07 30.79
C GLN F 627 43.21 -42.44 32.24
N ASP F 628 42.95 -43.71 32.53
CA ASP F 628 42.61 -44.20 33.89
C ASP F 628 43.78 -44.02 34.83
N TYR F 629 45.01 -44.16 34.35
CA TYR F 629 46.24 -44.05 35.18
C TYR F 629 46.51 -42.62 35.58
N LEU F 630 46.13 -41.65 34.76
CA LEU F 630 46.36 -40.22 35.04
C LEU F 630 45.34 -39.73 36.07
N ASP F 631 44.10 -40.18 35.98
CA ASP F 631 43.06 -39.99 37.02
C ASP F 631 42.75 -38.51 37.17
N LYS F 632 42.10 -37.93 36.17
CA LYS F 632 41.75 -36.49 36.11
C LYS F 632 40.24 -36.27 36.01
N GLY F 633 39.43 -37.32 36.05
CA GLY F 633 37.95 -37.22 36.07
C GLY F 633 37.35 -37.00 34.69
N VAL F 634 36.06 -36.65 34.66
CA VAL F 634 35.22 -36.47 33.45
C VAL F 634 35.71 -35.25 32.64
N ASP F 635 36.15 -34.19 33.32
CA ASP F 635 36.69 -32.95 32.73
C ASP F 635 38.06 -33.18 32.06
N GLY F 636 38.70 -34.33 32.32
CA GLY F 636 40.00 -34.71 31.74
C GLY F 636 39.85 -35.22 30.33
N LYS F 637 40.21 -36.48 30.09
CA LYS F 637 40.24 -37.16 28.77
C LYS F 637 41.33 -36.53 27.91
N THR F 638 42.58 -36.71 28.31
CA THR F 638 43.78 -35.97 27.85
C THR F 638 44.75 -36.89 27.11
N VAL F 639 44.28 -37.97 26.51
CA VAL F 639 45.06 -38.81 25.56
C VAL F 639 44.21 -38.96 24.30
N VAL F 640 44.70 -38.47 23.16
CA VAL F 640 43.92 -38.32 21.90
C VAL F 640 44.17 -39.52 21.00
N PRO F 641 43.13 -40.29 20.59
CA PRO F 641 43.28 -41.28 19.55
C PRO F 641 43.13 -40.80 18.10
N LEU F 642 44.18 -40.96 17.29
CA LEU F 642 44.26 -40.61 15.85
C LEU F 642 44.36 -41.91 15.04
N LEU F 643 43.38 -42.21 14.19
CA LEU F 643 43.23 -43.51 13.52
C LEU F 643 43.13 -43.31 12.00
N LEU F 644 44.03 -43.93 11.23
CA LEU F 644 44.13 -43.82 9.76
C LEU F 644 43.53 -45.07 9.13
N HIS F 645 42.71 -44.92 8.10
CA HIS F 645 42.05 -46.01 7.33
C HIS F 645 42.32 -45.83 5.84
N GLY F 646 42.09 -46.87 5.05
CA GLY F 646 41.92 -46.84 3.58
C GLY F 646 40.46 -46.94 3.20
N ASP F 647 40.07 -46.46 2.02
CA ASP F 647 38.67 -46.21 1.64
C ASP F 647 37.91 -47.53 1.49
N ALA F 648 38.51 -48.54 0.89
CA ALA F 648 37.87 -49.84 0.60
C ALA F 648 37.63 -50.58 1.90
N ALA F 649 38.60 -50.59 2.80
CA ALA F 649 38.53 -51.32 4.08
C ALA F 649 37.50 -50.67 5.01
N PHE F 650 37.35 -49.36 4.95
CA PHE F 650 36.47 -48.59 5.85
C PHE F 650 35.02 -48.89 5.55
N ALA F 651 34.65 -49.03 4.29
CA ALA F 651 33.25 -49.26 3.85
C ALA F 651 32.89 -50.74 3.94
N GLY F 652 33.86 -51.64 3.93
CA GLY F 652 33.62 -53.06 3.67
C GLY F 652 33.60 -53.91 4.91
N LEU F 653 34.59 -53.74 5.79
CA LEU F 653 34.77 -54.61 6.98
C LEU F 653 33.88 -54.12 8.11
N GLY F 654 33.22 -55.03 8.82
CA GLY F 654 32.20 -54.73 9.83
C GLY F 654 32.78 -54.34 11.18
N ILE F 655 34.05 -54.60 11.44
CA ILE F 655 34.73 -54.21 12.69
C ILE F 655 34.74 -52.68 12.82
N VAL F 656 34.71 -51.95 11.72
CA VAL F 656 34.79 -50.46 11.75
C VAL F 656 33.58 -49.90 12.46
N PRO F 657 32.33 -50.10 11.99
CA PRO F 657 31.17 -49.58 12.72
C PRO F 657 30.88 -50.23 14.08
N GLU F 658 31.35 -51.45 14.32
CA GLU F 658 31.20 -52.17 15.60
C GLU F 658 31.98 -51.44 16.69
N THR F 659 33.13 -50.86 16.35
CA THR F 659 34.04 -50.17 17.30
C THR F 659 33.54 -48.74 17.55
N ILE F 660 32.96 -48.08 16.56
CA ILE F 660 32.42 -46.69 16.71
C ILE F 660 31.22 -46.73 17.65
N ASN F 661 30.51 -47.86 17.75
CA ASN F 661 29.31 -48.03 18.60
C ASN F 661 29.68 -48.05 20.08
N LEU F 662 30.95 -48.24 20.44
CA LEU F 662 31.41 -48.26 21.84
C LEU F 662 31.74 -46.85 22.35
N ALA F 663 31.60 -45.81 21.53
CA ALA F 663 32.17 -44.47 21.77
C ALA F 663 31.56 -43.79 22.99
N LYS F 664 30.26 -43.93 23.22
CA LYS F 664 29.55 -43.20 24.29
C LYS F 664 29.15 -44.11 25.44
N LEU F 665 29.58 -45.36 25.48
CA LEU F 665 29.20 -46.32 26.55
C LEU F 665 30.10 -46.11 27.74
N ARG F 666 29.71 -46.66 28.90
CA ARG F 666 30.19 -46.26 30.23
C ARG F 666 31.64 -46.70 30.41
N GLY F 667 31.95 -47.96 30.18
CA GLY F 667 33.31 -48.45 30.41
C GLY F 667 34.29 -48.17 29.27
N TYR F 668 33.83 -47.61 28.15
CA TYR F 668 34.56 -47.58 26.86
C TYR F 668 34.82 -46.17 26.34
N ASP F 669 34.30 -45.11 26.96
CA ASP F 669 34.35 -43.73 26.40
C ASP F 669 35.75 -43.15 26.63
N VAL F 670 36.33 -42.53 25.61
CA VAL F 670 37.71 -41.96 25.61
C VAL F 670 37.70 -40.51 25.15
N GLY F 671 36.56 -39.87 24.98
CA GLY F 671 36.46 -38.43 24.69
C GLY F 671 36.43 -38.09 23.22
N GLY F 672 36.23 -39.06 22.34
CA GLY F 672 36.20 -38.86 20.88
C GLY F 672 37.40 -39.45 20.21
N THR F 673 37.28 -39.76 18.91
CA THR F 673 38.35 -40.29 18.03
C THR F 673 38.39 -39.46 16.75
N ILE F 674 39.57 -38.97 16.36
CA ILE F 674 39.81 -38.29 15.06
C ILE F 674 40.15 -39.36 14.05
N HIS F 675 39.32 -39.51 13.01
CA HIS F 675 39.43 -40.52 11.91
C HIS F 675 39.89 -39.83 10.64
N ILE F 676 40.92 -40.36 9.96
CA ILE F 676 41.40 -39.89 8.62
C ILE F 676 41.28 -41.04 7.64
N VAL F 677 40.43 -40.90 6.62
CA VAL F 677 40.26 -41.88 5.51
C VAL F 677 41.02 -41.36 4.29
N VAL F 678 42.04 -42.07 3.84
CA VAL F 678 42.87 -41.76 2.64
C VAL F 678 42.20 -42.38 1.43
N ASN F 679 41.55 -41.55 0.63
CA ASN F 679 40.62 -41.93 -0.45
C ASN F 679 41.35 -41.75 -1.77
N ASN F 680 42.05 -42.78 -2.22
CA ASN F 680 42.87 -42.76 -3.45
C ASN F 680 42.10 -43.43 -4.59
N GLN F 681 40.81 -43.65 -4.40
CA GLN F 681 39.83 -43.95 -5.49
C GLN F 681 40.13 -45.32 -6.11
N ILE F 682 40.72 -46.25 -5.35
CA ILE F 682 41.10 -47.62 -5.82
C ILE F 682 41.45 -48.49 -4.61
N GLY F 683 41.10 -49.79 -4.66
CA GLY F 683 41.45 -50.80 -3.65
C GLY F 683 42.80 -51.43 -3.94
N PHE F 684 42.82 -52.50 -4.74
CA PHE F 684 44.04 -53.18 -5.26
C PHE F 684 43.97 -53.18 -6.80
N THR F 685 43.01 -53.90 -7.36
CA THR F 685 42.61 -53.87 -8.80
C THR F 685 41.11 -53.58 -8.89
N THR F 686 40.52 -53.02 -7.84
CA THR F 686 39.05 -52.86 -7.63
C THR F 686 38.74 -51.37 -7.46
N THR F 687 37.64 -50.90 -8.07
CA THR F 687 37.19 -49.49 -8.10
C THR F 687 36.00 -49.30 -7.14
N PRO F 688 35.70 -48.06 -6.68
CA PRO F 688 34.62 -47.81 -5.73
C PRO F 688 33.22 -48.33 -6.09
N ASP F 689 32.92 -48.45 -7.40
CA ASP F 689 31.63 -48.98 -7.93
C ASP F 689 31.39 -50.41 -7.40
N SER F 690 32.45 -51.21 -7.28
CA SER F 690 32.40 -52.63 -6.88
C SER F 690 32.88 -52.83 -5.45
N SER F 691 32.90 -51.77 -4.64
CA SER F 691 33.44 -51.77 -3.26
C SER F 691 32.38 -51.38 -2.23
N ARG F 692 31.45 -50.49 -2.57
CA ARG F 692 30.45 -50.00 -1.60
C ARG F 692 29.14 -49.65 -2.27
N SER F 693 28.05 -49.65 -1.49
CA SER F 693 26.67 -49.27 -1.85
C SER F 693 26.30 -47.92 -1.23
N MET F 694 27.23 -47.23 -0.56
CA MET F 694 27.08 -45.86 -0.04
C MET F 694 27.66 -44.89 -1.08
N HIS F 695 27.24 -43.62 -1.07
CA HIS F 695 27.69 -42.58 -2.02
C HIS F 695 29.13 -42.18 -1.70
N TYR F 696 29.43 -41.86 -0.45
CA TYR F 696 30.80 -41.63 0.07
C TYR F 696 31.17 -42.78 1.01
N ALA F 697 32.46 -42.99 1.20
CA ALA F 697 33.01 -44.05 2.08
C ALA F 697 32.78 -43.71 3.55
N THR F 698 32.60 -42.42 3.87
CA THR F 698 32.51 -41.89 5.25
C THR F 698 31.05 -41.68 5.65
N ASP F 699 30.12 -42.49 5.14
CA ASP F 699 28.67 -42.26 5.35
C ASP F 699 28.19 -42.95 6.63
N TYR F 700 29.03 -43.73 7.31
CA TYR F 700 28.73 -44.29 8.65
C TYR F 700 28.61 -43.17 9.66
N ALA F 701 29.22 -42.03 9.42
CA ALA F 701 29.16 -40.83 10.28
C ALA F 701 27.72 -40.37 10.49
N LYS F 702 26.86 -40.51 9.50
CA LYS F 702 25.45 -40.03 9.55
C LYS F 702 24.60 -40.97 10.41
N ALA F 703 25.07 -42.18 10.69
CA ALA F 703 24.40 -43.15 11.59
C ALA F 703 24.64 -42.78 13.04
N PHE F 704 25.79 -42.18 13.35
CA PHE F 704 26.26 -41.90 14.73
C PHE F 704 26.16 -40.41 15.07
N GLY F 705 25.76 -39.57 14.13
CA GLY F 705 25.45 -38.15 14.40
C GLY F 705 26.67 -37.28 14.51
N CYS F 706 27.69 -37.48 13.67
CA CYS F 706 29.02 -36.83 13.74
C CYS F 706 29.31 -36.06 12.46
N PRO F 707 30.13 -34.98 12.50
CA PRO F 707 30.47 -34.21 11.31
C PRO F 707 31.53 -34.80 10.36
N VAL F 708 31.45 -34.49 9.06
CA VAL F 708 32.40 -34.97 8.03
C VAL F 708 32.93 -33.79 7.23
N PHE F 709 34.26 -33.71 7.03
CA PHE F 709 34.98 -32.70 6.22
C PHE F 709 35.69 -33.41 5.07
N HIS F 710 35.34 -33.10 3.82
CA HIS F 710 35.99 -33.60 2.60
C HIS F 710 36.96 -32.54 2.10
N VAL F 711 38.24 -32.85 1.90
CA VAL F 711 39.28 -31.85 1.55
C VAL F 711 40.15 -32.36 0.42
N ASN F 712 40.54 -31.46 -0.49
CA ASN F 712 41.35 -31.69 -1.70
C ASN F 712 42.80 -31.79 -1.30
N GLY F 713 43.47 -32.86 -1.70
CA GLY F 713 44.84 -33.17 -1.26
C GLY F 713 45.89 -32.45 -2.06
N ASP F 714 45.52 -31.51 -2.91
CA ASP F 714 46.45 -30.68 -3.70
C ASP F 714 46.33 -29.22 -3.29
N ASP F 715 45.73 -28.91 -2.14
CA ASP F 715 45.66 -27.54 -1.56
C ASP F 715 46.14 -27.58 -0.11
N PRO F 716 47.46 -27.52 0.15
CA PRO F 716 47.97 -27.74 1.49
C PRO F 716 47.53 -26.76 2.59
N GLU F 717 47.13 -25.54 2.28
CA GLU F 717 46.67 -24.57 3.29
C GLU F 717 45.30 -24.98 3.81
N ALA F 718 44.45 -25.52 2.96
CA ALA F 718 43.11 -26.02 3.33
C ALA F 718 43.21 -27.28 4.18
N VAL F 719 44.22 -28.10 3.95
CA VAL F 719 44.43 -29.37 4.69
C VAL F 719 44.84 -29.01 6.12
N VAL F 720 45.70 -28.02 6.34
CA VAL F 720 46.17 -27.67 7.70
C VAL F 720 45.05 -27.04 8.50
N TRP F 721 44.08 -26.39 7.86
CA TRP F 721 42.95 -25.75 8.54
C TRP F 721 41.98 -26.80 9.06
N VAL F 722 41.69 -27.83 8.28
CA VAL F 722 40.71 -28.90 8.61
C VAL F 722 41.27 -29.70 9.79
N GLY F 723 42.57 -29.92 9.84
CA GLY F 723 43.23 -30.59 10.97
C GLY F 723 43.01 -29.85 12.28
N GLN F 724 43.11 -28.53 12.24
CA GLN F 724 42.95 -27.64 13.42
C GLN F 724 41.51 -27.65 13.90
N LEU F 725 40.57 -27.53 12.98
CA LEU F 725 39.12 -27.40 13.24
C LEU F 725 38.58 -28.69 13.85
N ALA F 726 39.09 -29.84 13.42
CA ALA F 726 38.66 -31.16 13.89
C ALA F 726 39.11 -31.38 15.33
N THR F 727 40.34 -30.99 15.65
CA THR F 727 40.93 -31.15 17.00
C THR F 727 40.23 -30.20 17.98
N GLU F 728 39.78 -29.04 17.54
CA GLU F 728 39.03 -28.08 18.39
C GLU F 728 37.62 -28.59 18.65
N TYR F 729 36.99 -29.27 17.69
CA TYR F 729 35.62 -29.82 17.82
C TYR F 729 35.61 -30.95 18.83
N ARG F 730 36.67 -31.77 18.87
CA ARG F 730 36.78 -32.91 19.80
C ARG F 730 36.86 -32.42 21.24
N ARG F 731 37.58 -31.33 21.50
CA ARG F 731 37.84 -30.85 22.87
C ARG F 731 36.60 -30.18 23.43
N ARG F 732 35.74 -29.61 22.60
CA ARG F 732 34.57 -28.82 23.01
C ARG F 732 33.38 -29.74 23.26
N PHE F 733 33.18 -30.77 22.43
CA PHE F 733 31.94 -31.58 22.39
C PHE F 733 32.18 -33.05 22.73
N GLY F 734 33.40 -33.54 22.68
CA GLY F 734 33.73 -34.91 23.13
C GLY F 734 33.08 -35.98 22.28
N LYS F 735 33.04 -35.79 20.96
CA LYS F 735 32.48 -36.76 20.00
C LYS F 735 33.48 -37.06 18.90
N ASP F 736 33.19 -38.05 18.06
CA ASP F 736 34.03 -38.48 16.93
C ASP F 736 33.88 -37.49 15.77
N VAL F 737 34.92 -37.41 14.94
CA VAL F 737 35.04 -36.47 13.80
C VAL F 737 35.77 -37.20 12.68
N PHE F 738 35.35 -37.01 11.43
CA PHE F 738 35.77 -37.79 10.23
C PHE F 738 36.30 -36.84 9.16
N ILE F 739 37.53 -37.05 8.70
CA ILE F 739 38.19 -36.29 7.60
C ILE F 739 38.41 -37.23 6.41
N ASP F 740 37.93 -36.87 5.22
CA ASP F 740 38.13 -37.58 3.93
C ASP F 740 39.15 -36.80 3.09
N LEU F 741 40.34 -37.36 2.90
CA LEU F 741 41.45 -36.74 2.13
C LEU F 741 41.47 -37.35 0.75
N VAL F 742 41.05 -36.60 -0.26
CA VAL F 742 40.90 -37.05 -1.66
C VAL F 742 42.22 -36.83 -2.37
N CYS F 743 42.88 -37.90 -2.76
CA CYS F 743 44.21 -37.93 -3.39
C CYS F 743 44.20 -39.01 -4.48
N TYR F 744 45.35 -39.51 -4.92
CA TYR F 744 45.44 -40.63 -5.88
C TYR F 744 46.66 -41.52 -5.56
N ARG F 745 46.78 -42.65 -6.24
CA ARG F 745 47.87 -43.65 -6.10
C ARG F 745 48.69 -43.65 -7.38
N LEU F 746 49.93 -43.17 -7.34
CA LEU F 746 50.77 -42.90 -8.53
C LEU F 746 51.20 -44.21 -9.18
N ARG F 747 51.74 -45.14 -8.39
CA ARG F 747 52.25 -46.45 -8.86
C ARG F 747 51.18 -47.53 -8.61
N GLY F 748 51.48 -48.78 -9.00
CA GLY F 748 50.67 -49.97 -8.69
C GLY F 748 50.95 -50.47 -7.29
N HIS F 749 50.14 -51.42 -6.80
CA HIS F 749 50.25 -52.02 -5.45
C HIS F 749 51.40 -53.03 -5.40
N ASN F 750 51.59 -53.80 -6.48
CA ASN F 750 52.72 -54.77 -6.64
C ASN F 750 53.98 -53.99 -7.05
N GLU F 751 55.15 -54.61 -6.86
CA GLU F 751 56.48 -54.05 -7.21
C GLU F 751 56.60 -53.92 -8.74
N ALA F 752 56.27 -55.00 -9.46
CA ALA F 752 56.26 -55.07 -10.95
C ALA F 752 54.85 -55.50 -11.42
N ASP F 753 53.91 -54.54 -11.46
CA ASP F 753 52.51 -54.72 -11.93
C ASP F 753 52.00 -53.41 -12.54
N ASP F 754 51.35 -53.49 -13.70
CA ASP F 754 50.84 -52.34 -14.48
C ASP F 754 49.39 -52.06 -14.06
N PRO F 755 49.07 -50.87 -13.49
CA PRO F 755 47.69 -50.55 -13.11
C PRO F 755 46.79 -50.16 -14.28
N SER F 756 47.37 -49.86 -15.45
CA SER F 756 46.65 -49.55 -16.72
C SER F 756 46.04 -50.82 -17.33
N MET F 757 46.54 -52.00 -16.95
CA MET F 757 46.03 -53.33 -17.37
C MET F 757 44.53 -53.43 -17.09
N THR F 758 44.07 -52.95 -15.93
CA THR F 758 42.66 -53.03 -15.44
C THR F 758 41.96 -51.67 -15.51
N GLN F 759 42.62 -50.59 -15.06
CA GLN F 759 42.07 -49.19 -15.04
C GLN F 759 42.86 -48.31 -16.00
N PRO F 760 42.68 -48.44 -17.34
CA PRO F 760 43.44 -47.63 -18.30
C PRO F 760 43.05 -46.14 -18.37
N LYS F 761 41.76 -45.83 -18.23
CA LYS F 761 41.21 -44.45 -18.36
C LYS F 761 41.66 -43.58 -17.17
N MET F 762 41.67 -44.13 -15.96
CA MET F 762 42.07 -43.40 -14.72
C MET F 762 43.56 -43.06 -14.79
N TYR F 763 44.39 -43.96 -15.30
CA TYR F 763 45.88 -43.84 -15.28
C TYR F 763 46.38 -43.11 -16.53
N GLU F 764 45.48 -42.63 -17.40
CA GLU F 764 45.79 -41.59 -18.42
C GLU F 764 45.91 -40.23 -17.73
N LEU F 765 45.02 -39.94 -16.78
CA LEU F 765 44.99 -38.68 -16.00
C LEU F 765 46.17 -38.61 -15.01
N ILE F 766 46.59 -39.75 -14.46
CA ILE F 766 47.58 -39.80 -13.35
C ILE F 766 49.00 -39.61 -13.90
N THR F 767 49.37 -40.33 -14.96
CA THR F 767 50.77 -40.42 -15.46
C THR F 767 51.21 -39.06 -16.02
N GLY F 768 52.35 -38.56 -15.57
CA GLY F 768 52.99 -37.32 -16.04
C GLY F 768 52.31 -36.07 -15.51
N ARG F 769 52.06 -36.01 -14.20
CA ARG F 769 51.54 -34.82 -13.47
C ARG F 769 52.69 -34.10 -12.77
N GLU F 770 52.46 -32.89 -12.29
CA GLU F 770 53.34 -32.18 -11.34
C GLU F 770 52.96 -32.62 -9.92
N THR F 771 53.94 -32.70 -9.03
CA THR F 771 53.80 -33.07 -7.59
C THR F 771 53.15 -31.93 -6.83
N VAL F 772 52.64 -32.19 -5.63
CA VAL F 772 51.97 -31.18 -4.76
C VAL F 772 52.99 -30.18 -4.26
N ARG F 773 54.23 -30.58 -4.03
CA ARG F 773 55.35 -29.73 -3.63
C ARG F 773 55.65 -28.72 -4.72
N ALA F 774 55.75 -29.17 -5.97
CA ALA F 774 56.07 -28.35 -7.14
C ALA F 774 54.98 -27.31 -7.35
N GLN F 775 53.73 -27.71 -7.25
CA GLN F 775 52.58 -26.84 -7.48
C GLN F 775 52.55 -25.73 -6.44
N TYR F 776 52.84 -26.05 -5.19
CA TYR F 776 52.75 -25.08 -4.06
C TYR F 776 53.91 -24.11 -4.15
N THR F 777 55.09 -24.53 -4.56
CA THR F 777 56.26 -23.65 -4.72
C THR F 777 55.98 -22.61 -5.79
N GLU F 778 55.34 -23.02 -6.88
CA GLU F 778 55.02 -22.16 -8.04
C GLU F 778 53.98 -21.13 -7.63
N ASP F 779 53.07 -21.48 -6.73
CA ASP F 779 51.99 -20.59 -6.25
C ASP F 779 52.53 -19.51 -5.31
N LEU F 780 53.49 -19.85 -4.45
CA LEU F 780 54.10 -18.87 -3.51
C LEU F 780 54.97 -17.90 -4.28
N LEU F 781 55.82 -18.38 -5.20
CA LEU F 781 56.73 -17.50 -6.00
C LEU F 781 55.96 -16.71 -7.03
N GLY F 782 54.64 -16.81 -7.13
CA GLY F 782 53.86 -16.02 -8.08
C GLY F 782 52.76 -15.22 -7.45
N ARG F 783 52.82 -14.95 -6.16
CA ARG F 783 51.92 -14.00 -5.45
C ARG F 783 52.71 -12.78 -4.99
N GLY F 784 54.02 -12.75 -5.25
CA GLY F 784 54.87 -11.54 -5.14
C GLY F 784 54.98 -11.02 -3.71
N ASP F 785 54.63 -11.84 -2.71
CA ASP F 785 54.82 -11.53 -1.27
C ASP F 785 56.31 -11.57 -0.95
N LEU F 786 57.04 -12.53 -1.51
CA LEU F 786 58.43 -12.89 -1.11
C LEU F 786 59.42 -11.91 -1.74
N SER F 787 60.47 -11.57 -1.02
CA SER F 787 61.60 -10.69 -1.45
C SER F 787 62.59 -11.51 -2.27
N ASN F 788 63.70 -10.89 -2.69
CA ASN F 788 64.76 -11.54 -3.51
C ASN F 788 65.52 -12.55 -2.64
N GLU F 789 65.90 -12.15 -1.42
CA GLU F 789 66.63 -13.01 -0.44
C GLU F 789 65.73 -14.17 0.00
N ASP F 790 64.44 -13.89 0.24
CA ASP F 790 63.42 -14.87 0.69
C ASP F 790 63.17 -15.93 -0.39
N ALA F 791 63.15 -15.52 -1.65
CA ALA F 791 62.85 -16.37 -2.80
C ALA F 791 63.97 -17.39 -3.05
N GLU F 792 65.22 -16.99 -2.90
CA GLU F 792 66.41 -17.86 -3.05
C GLU F 792 66.37 -19.01 -2.04
N ALA F 793 65.89 -18.72 -0.82
CA ALA F 793 65.85 -19.65 0.32
C ALA F 793 64.89 -20.79 0.04
N VAL F 794 63.75 -20.49 -0.58
CA VAL F 794 62.69 -21.51 -0.89
C VAL F 794 63.29 -22.59 -1.80
N VAL F 795 64.16 -22.19 -2.73
CA VAL F 795 64.80 -23.10 -3.72
C VAL F 795 65.82 -24.00 -3.02
N ARG F 796 66.60 -23.44 -2.11
CA ARG F 796 67.75 -24.06 -1.46
C ARG F 796 67.32 -25.06 -0.40
N ASP F 797 66.09 -24.96 0.11
CA ASP F 797 65.56 -25.82 1.19
C ASP F 797 65.45 -27.26 0.70
N PHE F 798 64.99 -27.48 -0.53
CA PHE F 798 64.78 -28.84 -1.09
C PHE F 798 66.11 -29.52 -1.30
N HIS F 799 67.17 -28.79 -1.65
CA HIS F 799 68.52 -29.35 -1.82
C HIS F 799 69.11 -29.74 -0.46
N ASP F 800 68.84 -28.94 0.58
CA ASP F 800 69.32 -29.21 1.95
C ASP F 800 68.74 -30.53 2.45
N GLN F 801 67.43 -30.70 2.38
CA GLN F 801 66.73 -31.89 2.92
C GLN F 801 67.26 -33.14 2.24
N MET F 802 67.53 -33.08 0.93
CA MET F 802 68.05 -34.20 0.11
C MET F 802 69.46 -34.55 0.57
N GLU F 803 70.35 -33.58 0.67
CA GLU F 803 71.75 -33.83 1.08
C GLU F 803 71.80 -34.48 2.46
N SER F 804 70.90 -34.10 3.36
CA SER F 804 70.85 -34.60 4.76
C SER F 804 70.52 -36.07 4.79
N VAL F 805 69.53 -36.51 4.03
CA VAL F 805 69.00 -37.91 4.04
C VAL F 805 70.02 -38.84 3.39
N PHE F 806 70.79 -38.36 2.41
CA PHE F 806 71.69 -39.19 1.57
C PHE F 806 73.15 -39.10 2.05
N ASN F 807 73.41 -38.56 3.24
CA ASN F 807 74.78 -38.49 3.81
C ASN F 807 75.24 -39.92 4.15
N GLY F 832 58.57 -70.56 44.35
CA GLY F 832 58.28 -70.71 45.80
C GLY F 832 57.48 -69.53 46.33
N LEU F 833 56.42 -69.15 45.62
CA LEU F 833 55.53 -68.01 45.96
C LEU F 833 54.28 -68.58 46.65
N GLU F 834 53.93 -68.04 47.82
CA GLU F 834 52.77 -68.51 48.64
C GLU F 834 51.60 -67.58 48.43
N THR F 835 50.40 -68.12 48.22
CA THR F 835 49.21 -67.40 47.72
C THR F 835 48.07 -67.38 48.74
N ASN F 836 48.26 -67.90 49.95
CA ASN F 836 47.20 -67.91 50.99
C ASN F 836 47.02 -66.52 51.56
N ILE F 837 45.85 -66.25 52.14
CA ILE F 837 45.56 -65.01 52.91
C ILE F 837 45.35 -65.37 54.37
N SER F 838 45.24 -64.39 55.25
CA SER F 838 45.09 -64.54 56.73
C SER F 838 43.62 -64.71 57.11
N ARG F 839 43.35 -65.34 58.25
CA ARG F 839 42.00 -65.50 58.82
C ARG F 839 41.31 -64.15 58.90
N GLU F 840 42.06 -63.10 59.24
CA GLU F 840 41.52 -61.75 59.51
C GLU F 840 41.11 -61.11 58.20
N GLU F 841 41.90 -61.30 57.14
CA GLU F 841 41.62 -60.75 55.79
C GLU F 841 40.34 -61.37 55.24
N LEU F 842 40.13 -62.66 55.50
CA LEU F 842 38.98 -63.45 54.97
C LEU F 842 37.69 -62.98 55.63
N LEU F 843 37.69 -62.76 56.94
CA LEU F 843 36.49 -62.31 57.70
C LEU F 843 36.09 -60.93 57.22
N GLU F 844 37.04 -60.07 56.94
CA GLU F 844 36.78 -58.67 56.54
C GLU F 844 36.09 -58.66 55.18
N LEU F 845 36.48 -59.55 54.27
CA LEU F 845 35.91 -59.64 52.90
C LEU F 845 34.46 -60.08 53.00
N GLY F 846 34.18 -61.05 53.86
CA GLY F 846 32.83 -61.54 54.15
C GLY F 846 31.93 -60.44 54.66
N GLN F 847 32.47 -59.56 55.50
CA GLN F 847 31.68 -58.54 56.23
C GLN F 847 31.35 -57.37 55.33
N ALA F 848 31.79 -57.37 54.09
CA ALA F 848 31.56 -56.25 53.15
C ALA F 848 30.13 -56.28 52.67
N PHE F 849 29.53 -57.47 52.59
CA PHE F 849 28.16 -57.69 52.11
C PHE F 849 27.14 -57.37 53.22
N ALA F 850 27.58 -57.09 54.44
CA ALA F 850 26.75 -56.62 55.57
C ALA F 850 26.79 -55.10 55.71
N ASN F 851 27.88 -54.44 55.35
CA ASN F 851 28.06 -52.98 55.52
C ASN F 851 27.36 -52.26 54.40
N THR F 852 26.04 -52.31 54.40
CA THR F 852 25.14 -51.70 53.41
C THR F 852 25.06 -50.22 53.71
N PRO F 853 24.98 -49.31 52.73
CA PRO F 853 24.78 -47.89 53.03
C PRO F 853 23.40 -47.55 53.59
N GLU F 854 23.27 -46.38 54.25
CA GLU F 854 22.07 -45.96 55.01
C GLU F 854 20.86 -45.91 54.08
N GLY F 855 19.83 -46.67 54.42
CA GLY F 855 18.59 -46.77 53.63
C GLY F 855 18.85 -47.36 52.27
N PHE F 856 19.53 -48.51 52.24
CA PHE F 856 19.65 -49.42 51.08
C PHE F 856 19.14 -50.76 51.54
N ASN F 857 18.25 -51.37 50.77
CA ASN F 857 17.78 -52.75 50.99
C ASN F 857 18.04 -53.56 49.72
N TYR F 858 18.33 -54.84 49.88
CA TYR F 858 18.57 -55.78 48.78
C TYR F 858 17.22 -56.29 48.27
N HIS F 859 17.12 -56.58 46.97
CA HIS F 859 15.96 -57.27 46.33
C HIS F 859 15.83 -58.63 46.97
N PRO F 860 14.62 -59.11 47.28
CA PRO F 860 14.48 -60.31 48.10
C PRO F 860 14.90 -61.66 47.54
N ARG F 861 15.31 -61.74 46.28
CA ARG F 861 15.91 -62.96 45.69
C ARG F 861 17.45 -62.88 45.79
N VAL F 862 18.00 -61.68 46.02
CA VAL F 862 19.46 -61.39 46.18
C VAL F 862 19.83 -61.38 47.66
N ALA F 863 18.88 -61.16 48.55
CA ALA F 863 19.11 -61.05 50.00
C ALA F 863 19.70 -62.32 50.57
N PRO F 864 19.16 -63.52 50.33
CA PRO F 864 19.74 -64.72 50.91
C PRO F 864 21.13 -65.14 50.39
N VAL F 865 21.54 -64.68 49.21
CA VAL F 865 22.90 -64.89 48.64
C VAL F 865 23.89 -64.10 49.49
N ALA F 866 23.56 -62.84 49.78
CA ALA F 866 24.38 -61.92 50.59
C ALA F 866 24.55 -62.48 51.99
N LYS F 867 23.51 -63.07 52.54
CA LYS F 867 23.53 -63.56 53.94
C LYS F 867 24.46 -64.77 54.02
N LYS F 868 24.56 -65.58 52.97
CA LYS F 868 25.36 -66.82 53.00
C LYS F 868 26.83 -66.50 52.84
N ARG F 869 27.16 -65.46 52.06
CA ARG F 869 28.53 -64.95 51.88
C ARG F 869 29.10 -64.54 53.23
N VAL F 870 28.29 -63.98 54.14
CA VAL F 870 28.76 -63.50 55.45
C VAL F 870 28.95 -64.66 56.42
N SER F 871 28.23 -65.76 56.28
CA SER F 871 28.27 -66.91 57.22
C SER F 871 29.32 -67.93 56.80
N SER F 872 29.58 -68.03 55.50
CA SER F 872 30.36 -69.12 54.86
C SER F 872 31.82 -69.05 55.26
N VAL F 873 32.31 -67.84 55.54
CA VAL F 873 33.75 -67.57 55.82
C VAL F 873 34.09 -68.02 57.24
N THR F 874 33.13 -68.53 58.00
CA THR F 874 33.36 -69.17 59.31
C THR F 874 32.86 -70.62 59.32
N GLU F 875 31.76 -70.93 58.64
CA GLU F 875 31.03 -72.20 58.75
C GLU F 875 31.49 -73.18 57.67
N GLY F 876 31.53 -72.75 56.43
CA GLY F 876 31.97 -73.56 55.28
C GLY F 876 31.06 -73.37 54.10
N GLY F 877 31.25 -74.17 53.07
CA GLY F 877 30.37 -74.25 51.91
C GLY F 877 30.52 -73.05 51.03
N ILE F 878 31.72 -72.81 50.50
CA ILE F 878 32.01 -71.66 49.62
C ILE F 878 31.88 -72.15 48.19
N ASP F 879 31.09 -71.46 47.37
CA ASP F 879 30.75 -71.87 45.99
C ASP F 879 31.70 -71.18 45.02
N TRP F 880 31.63 -71.58 43.75
CA TRP F 880 32.55 -71.16 42.67
C TRP F 880 32.59 -69.64 42.62
N ALA F 881 31.47 -68.98 42.48
CA ALA F 881 31.39 -67.53 42.24
C ALA F 881 32.04 -66.77 43.38
N TRP F 882 31.83 -67.22 44.61
CA TRP F 882 32.32 -66.53 45.82
C TRP F 882 33.83 -66.73 45.93
N GLY F 883 34.36 -67.85 45.45
CA GLY F 883 35.81 -68.09 45.33
C GLY F 883 36.48 -67.14 44.36
N GLU F 884 35.84 -66.85 43.23
CA GLU F 884 36.39 -65.94 42.21
C GLU F 884 36.44 -64.53 42.75
N LEU F 885 35.38 -64.06 43.41
CA LEU F 885 35.30 -62.66 43.91
C LEU F 885 36.25 -62.49 45.09
N LEU F 886 36.47 -63.51 45.91
CA LEU F 886 37.41 -63.45 47.04
C LEU F 886 38.82 -63.23 46.52
N ALA F 887 39.14 -63.72 45.33
CA ALA F 887 40.45 -63.55 44.68
C ALA F 887 40.60 -62.11 44.18
N PHE F 888 39.67 -61.63 43.38
CA PHE F 888 39.74 -60.27 42.81
C PHE F 888 39.69 -59.23 43.92
N GLY F 889 38.99 -59.51 45.00
CA GLY F 889 38.87 -58.58 46.12
C GLY F 889 40.16 -58.45 46.87
N SER F 890 40.78 -59.56 47.21
CA SER F 890 42.07 -59.59 47.93
C SER F 890 43.11 -58.77 47.17
N LEU F 891 43.13 -58.85 45.85
CA LEU F 891 44.14 -58.18 45.01
C LEU F 891 43.86 -56.69 44.95
N ALA F 892 42.61 -56.26 44.98
CA ALA F 892 42.27 -54.83 44.98
C ALA F 892 42.64 -54.19 46.30
N ASN F 893 42.61 -54.94 47.40
CA ASN F 893 42.98 -54.42 48.73
C ASN F 893 44.46 -54.09 48.77
N SER F 894 45.31 -54.92 48.18
CA SER F 894 46.77 -54.73 48.15
C SER F 894 47.13 -53.44 47.41
N GLY F 895 46.33 -53.03 46.44
CA GLY F 895 46.41 -51.70 45.83
C GLY F 895 46.35 -51.72 44.33
N ARG F 896 45.78 -52.75 43.71
CA ARG F 896 45.80 -52.94 42.25
C ARG F 896 44.50 -52.47 41.64
N LEU F 897 44.50 -52.21 40.33
CA LEU F 897 43.31 -51.87 39.54
C LEU F 897 42.84 -53.14 38.87
N VAL F 898 41.67 -53.65 39.27
CA VAL F 898 41.05 -54.90 38.77
C VAL F 898 39.86 -54.51 37.92
N ARG F 899 39.79 -54.99 36.67
CA ARG F 899 38.73 -54.70 35.67
C ARG F 899 38.15 -56.01 35.15
N LEU F 900 36.83 -56.17 35.18
CA LEU F 900 36.06 -57.33 34.66
C LEU F 900 35.00 -56.84 33.70
N ALA F 901 34.95 -57.37 32.47
CA ALA F 901 34.03 -56.93 31.42
C ALA F 901 33.51 -58.10 30.59
N GLY F 902 32.26 -58.04 30.15
CA GLY F 902 31.60 -59.06 29.33
C GLY F 902 30.10 -58.91 29.35
N GLU F 903 29.39 -59.70 28.54
CA GLU F 903 27.90 -59.66 28.41
C GLU F 903 27.27 -60.15 29.72
N ASP F 904 26.58 -59.25 30.41
CA ASP F 904 25.74 -59.54 31.61
C ASP F 904 26.65 -59.99 32.75
N SER F 905 27.77 -59.30 32.93
CA SER F 905 28.88 -59.73 33.82
C SER F 905 28.69 -59.22 35.24
N ARG F 906 27.91 -58.16 35.45
CA ARG F 906 27.62 -57.63 36.80
C ARG F 906 26.73 -58.60 37.57
N ARG F 907 25.64 -59.06 36.97
CA ARG F 907 24.72 -60.06 37.57
C ARG F 907 25.30 -61.46 37.42
N GLY F 908 25.82 -61.78 36.23
CA GLY F 908 26.21 -63.14 35.82
C GLY F 908 25.19 -63.72 34.86
N THR F 909 25.63 -64.54 33.92
CA THR F 909 24.78 -65.22 32.90
C THR F 909 23.91 -66.25 33.60
N PHE F 910 24.45 -66.97 34.56
CA PHE F 910 23.78 -68.06 35.27
C PHE F 910 23.31 -67.55 36.63
N THR F 911 23.18 -66.23 36.79
CA THR F 911 22.63 -65.54 37.98
C THR F 911 23.43 -65.96 39.21
N GLN F 912 24.75 -65.88 39.14
CA GLN F 912 25.65 -66.50 40.14
C GLN F 912 26.55 -65.48 40.82
N ARG F 913 26.76 -64.28 40.27
CA ARG F 913 27.85 -63.38 40.70
C ARG F 913 27.36 -62.32 41.68
N HIS F 914 26.47 -61.45 41.26
CA HIS F 914 25.91 -60.35 42.09
C HIS F 914 27.05 -59.56 42.69
N ALA F 915 27.75 -58.80 41.86
CA ALA F 915 28.92 -57.98 42.23
C ALA F 915 28.52 -56.52 42.36
N VAL F 916 27.52 -56.08 41.62
CA VAL F 916 26.78 -54.83 41.88
C VAL F 916 25.34 -55.23 42.17
N ALA F 917 24.75 -54.71 43.25
CA ALA F 917 23.35 -54.93 43.65
C ALA F 917 22.56 -53.66 43.43
N ILE F 918 21.26 -53.77 43.13
CA ILE F 918 20.34 -52.63 42.85
C ILE F 918 19.16 -52.70 43.81
N ASP F 919 18.78 -51.55 44.40
CA ASP F 919 17.63 -51.42 45.34
C ASP F 919 16.35 -51.27 44.54
N PRO F 920 15.37 -52.18 44.68
CA PRO F 920 14.16 -52.11 43.87
C PRO F 920 13.33 -50.85 44.04
N ALA F 921 13.38 -50.24 45.22
CA ALA F 921 12.62 -49.02 45.56
C ALA F 921 13.20 -47.82 44.84
N THR F 922 14.50 -47.60 44.92
CA THR F 922 15.15 -46.31 44.57
C THR F 922 15.99 -46.39 43.30
N ALA F 923 16.38 -47.59 42.86
CA ALA F 923 17.31 -47.82 41.73
C ALA F 923 18.69 -47.23 42.02
N GLU F 924 19.21 -47.46 43.23
CA GLU F 924 20.55 -47.03 43.70
C GLU F 924 21.47 -48.25 43.65
N GLU F 925 22.72 -48.06 43.23
CA GLU F 925 23.72 -49.14 43.01
C GLU F 925 24.66 -49.23 44.20
N PHE F 926 25.11 -50.43 44.53
CA PHE F 926 26.11 -50.72 45.58
C PHE F 926 27.11 -51.75 45.08
N ASN F 927 28.41 -51.49 45.30
CA ASN F 927 29.55 -52.34 44.88
C ASN F 927 30.39 -52.63 46.10
N PRO F 928 30.05 -53.63 46.92
CA PRO F 928 30.71 -53.83 48.19
C PRO F 928 32.23 -53.90 48.17
N LEU F 929 32.83 -54.64 47.25
CA LEU F 929 34.28 -54.91 47.24
C LEU F 929 35.04 -53.67 46.79
N HIS F 930 34.45 -52.78 45.99
CA HIS F 930 35.10 -51.51 45.58
C HIS F 930 35.22 -50.59 46.78
N GLU F 931 34.21 -50.60 47.66
CA GLU F 931 34.16 -49.71 48.83
C GLU F 931 35.17 -50.18 49.86
N LEU F 932 35.35 -51.48 50.05
CA LEU F 932 36.33 -51.99 51.02
C LEU F 932 37.74 -51.63 50.56
N ALA F 933 37.99 -51.66 49.26
CA ALA F 933 39.33 -51.42 48.69
C ALA F 933 39.71 -49.97 48.92
N GLN F 934 38.77 -49.05 48.75
CA GLN F 934 39.01 -47.60 48.87
C GLN F 934 39.05 -47.16 50.34
N SER F 935 38.83 -48.04 51.29
CA SER F 935 38.91 -47.73 52.74
C SER F 935 40.22 -48.21 53.35
N LYS F 936 41.03 -48.95 52.61
CA LYS F 936 42.28 -49.56 53.12
C LYS F 936 43.47 -48.65 52.85
N GLY F 937 43.30 -47.63 52.01
CA GLY F 937 44.30 -46.58 51.80
C GLY F 937 45.52 -47.10 51.07
N ASN F 938 45.31 -47.78 49.95
CA ASN F 938 46.35 -48.07 48.94
C ASN F 938 45.81 -47.77 47.53
N ASN F 939 44.75 -47.00 47.42
CA ASN F 939 44.11 -46.59 46.16
C ASN F 939 43.89 -47.78 45.23
N GLY F 940 43.19 -48.81 45.71
CA GLY F 940 42.79 -49.98 44.92
C GLY F 940 41.41 -49.77 44.39
N LYS F 941 41.06 -50.44 43.31
CA LYS F 941 39.76 -50.32 42.63
C LYS F 941 39.29 -51.66 42.11
N PHE F 942 38.00 -51.95 42.20
CA PHE F 942 37.29 -53.07 41.55
C PHE F 942 36.21 -52.49 40.65
N LEU F 943 36.42 -52.51 39.33
CA LEU F 943 35.56 -51.92 38.28
C LEU F 943 34.92 -53.03 37.47
N VAL F 944 33.59 -53.09 37.36
CA VAL F 944 32.82 -54.17 36.67
C VAL F 944 31.85 -53.52 35.70
N TYR F 945 31.90 -53.90 34.42
CA TYR F 945 31.13 -53.28 33.31
C TYR F 945 30.42 -54.35 32.49
N ASN F 946 29.22 -54.03 32.01
CA ASN F 946 28.42 -54.82 31.05
C ASN F 946 28.74 -54.36 29.62
N SER F 947 29.23 -55.25 28.76
CA SER F 947 29.61 -54.94 27.36
C SER F 947 28.37 -54.80 26.50
N ALA F 948 28.55 -54.39 25.25
CA ALA F 948 27.57 -54.54 24.17
C ALA F 948 27.67 -55.94 23.61
N LEU F 949 26.76 -56.31 22.73
CA LEU F 949 26.66 -57.66 22.16
C LEU F 949 27.69 -57.77 21.04
N THR F 950 28.95 -57.99 21.40
CA THR F 950 30.11 -58.09 20.48
C THR F 950 31.16 -59.01 21.09
N GLU F 951 31.89 -59.73 20.25
CA GLU F 951 32.99 -60.63 20.66
C GLU F 951 34.31 -60.10 20.11
N TYR F 952 34.35 -59.68 18.85
CA TYR F 952 35.55 -59.14 18.17
C TYR F 952 35.96 -57.86 18.88
N ALA F 953 35.09 -56.86 18.91
CA ALA F 953 35.37 -55.53 19.50
C ALA F 953 35.57 -55.66 21.00
N GLY F 954 34.85 -56.54 21.66
CA GLY F 954 34.91 -56.74 23.11
C GLY F 954 36.24 -57.25 23.57
N MET F 955 36.70 -58.38 23.05
CA MET F 955 37.96 -59.03 23.46
C MET F 955 39.14 -58.17 23.01
N GLY F 956 39.03 -57.51 21.87
CA GLY F 956 40.08 -56.62 21.36
C GLY F 956 40.36 -55.51 22.32
N PHE F 957 39.33 -54.93 22.91
CA PHE F 957 39.41 -53.78 23.84
C PHE F 957 40.12 -54.18 25.12
N GLU F 958 39.95 -55.41 25.58
CA GLU F 958 40.57 -55.86 26.84
C GLU F 958 42.02 -56.24 26.62
N TYR F 959 42.41 -56.69 25.43
CA TYR F 959 43.83 -56.93 25.08
C TYR F 959 44.56 -55.61 25.08
N GLY F 960 43.93 -54.57 24.55
CA GLY F 960 44.50 -53.22 24.50
C GLY F 960 44.77 -52.68 25.87
N TYR F 961 43.88 -52.94 26.82
CA TYR F 961 43.95 -52.44 28.20
C TYR F 961 45.16 -53.05 28.89
N SER F 962 45.44 -54.32 28.63
CA SER F 962 46.57 -55.05 29.22
C SER F 962 47.89 -54.47 28.73
N VAL F 963 47.96 -54.02 27.49
CA VAL F 963 49.20 -53.49 26.86
C VAL F 963 49.45 -52.08 27.37
N GLY F 964 48.41 -51.29 27.58
CA GLY F 964 48.52 -49.89 28.01
C GLY F 964 48.62 -49.70 29.51
N ASN F 965 48.54 -50.76 30.31
CA ASN F 965 48.86 -50.73 31.77
C ASN F 965 49.30 -52.12 32.20
N GLU F 966 50.61 -52.35 32.23
CA GLU F 966 51.23 -53.65 32.58
C GLU F 966 50.82 -54.08 33.99
N ASP F 967 50.49 -53.14 34.88
CA ASP F 967 50.30 -53.41 36.33
C ASP F 967 48.83 -53.63 36.68
N SER F 968 47.92 -53.60 35.72
CA SER F 968 46.47 -53.87 35.93
C SER F 968 46.20 -55.35 35.83
N ILE F 969 45.13 -55.83 36.50
CA ILE F 969 44.58 -57.20 36.35
C ILE F 969 43.29 -57.09 35.56
N VAL F 970 43.25 -57.62 34.33
CA VAL F 970 42.10 -57.52 33.38
C VAL F 970 41.59 -58.90 33.03
N ALA F 971 40.27 -59.07 32.94
CA ALA F 971 39.59 -60.34 32.59
C ALA F 971 38.40 -60.08 31.68
N TRP F 972 38.30 -60.78 30.56
CA TRP F 972 37.15 -60.78 29.62
C TRP F 972 36.40 -62.10 29.77
N GLU F 973 35.08 -62.03 29.88
CA GLU F 973 34.18 -63.19 30.02
C GLU F 973 33.28 -63.28 28.80
N ALA F 974 32.99 -64.51 28.36
CA ALA F 974 32.08 -64.84 27.26
C ALA F 974 30.80 -65.41 27.84
N GLN F 975 29.66 -65.19 27.17
CA GLN F 975 28.34 -65.68 27.65
C GLN F 975 28.40 -67.19 27.69
N PHE F 976 28.80 -67.79 26.58
CA PHE F 976 29.22 -69.21 26.45
C PHE F 976 30.50 -69.25 25.65
N GLY F 977 31.38 -70.21 25.93
CA GLY F 977 32.69 -70.34 25.26
C GLY F 977 32.56 -70.65 23.80
N ASP F 978 31.40 -71.13 23.36
CA ASP F 978 31.10 -71.49 21.95
C ASP F 978 31.07 -70.25 21.07
N PHE F 979 30.89 -69.05 21.62
CA PHE F 979 30.75 -67.80 20.83
C PHE F 979 32.08 -67.06 20.69
N ALA F 980 33.17 -67.62 21.19
CA ALA F 980 34.51 -67.00 21.12
C ALA F 980 35.14 -67.17 19.73
N ASN F 981 34.53 -67.96 18.84
CA ASN F 981 35.01 -68.13 17.44
C ASN F 981 34.73 -66.87 16.63
N GLY F 982 33.91 -65.95 17.13
CA GLY F 982 33.66 -64.65 16.49
C GLY F 982 34.70 -63.62 16.86
N ALA F 983 35.73 -64.01 17.61
CA ALA F 983 36.91 -63.18 17.91
C ALA F 983 38.18 -63.97 17.60
N GLN F 984 38.18 -64.76 16.53
CA GLN F 984 39.30 -65.64 16.18
C GLN F 984 40.47 -64.82 15.67
N THR F 985 40.21 -63.73 14.96
CA THR F 985 41.27 -62.82 14.46
C THR F 985 42.12 -62.34 15.64
N ILE F 986 41.49 -61.96 16.76
CA ILE F 986 42.19 -61.41 17.95
C ILE F 986 42.92 -62.52 18.68
N ILE F 987 42.43 -63.76 18.67
CA ILE F 987 43.11 -64.89 19.35
C ILE F 987 44.37 -65.25 18.56
N ASP F 988 44.26 -65.33 17.24
CA ASP F 988 45.32 -65.84 16.33
C ASP F 988 46.44 -64.81 16.16
N GLU F 989 46.11 -63.53 16.04
CA GLU F 989 47.02 -62.48 15.55
C GLU F 989 47.61 -61.64 16.68
N TYR F 990 47.03 -61.66 17.90
CA TYR F 990 47.46 -60.82 19.04
C TYR F 990 47.75 -61.65 20.29
N VAL F 991 46.81 -62.45 20.77
CA VAL F 991 46.85 -63.08 22.12
C VAL F 991 47.84 -64.22 22.13
N SER F 992 47.88 -65.04 21.09
CA SER F 992 48.68 -66.28 21.03
C SER F 992 50.07 -66.03 20.46
N SER F 993 50.26 -64.95 19.71
CA SER F 993 51.41 -64.76 18.78
C SER F 993 52.15 -63.43 18.98
N GLY F 994 51.66 -62.51 19.79
CA GLY F 994 52.21 -61.15 19.90
C GLY F 994 53.64 -61.09 20.41
N GLU F 995 54.00 -61.91 21.38
CA GLU F 995 55.34 -61.93 22.00
C GLU F 995 56.36 -62.44 20.99
N ALA F 996 56.05 -63.50 20.26
CA ALA F 996 56.96 -64.10 19.26
C ALA F 996 57.21 -63.13 18.10
N LYS F 997 56.18 -62.42 17.66
CA LYS F 997 56.26 -61.53 16.48
C LYS F 997 56.99 -60.25 16.86
N TRP F 998 56.49 -59.50 17.83
CA TRP F 998 56.88 -58.10 18.10
C TRP F 998 57.53 -57.89 19.46
N GLY F 999 57.56 -58.89 20.34
CA GLY F 999 58.10 -58.73 21.70
C GLY F 999 57.19 -57.95 22.61
N GLN F 1000 55.88 -57.98 22.36
CA GLN F 1000 54.83 -57.26 23.12
C GLN F 1000 54.15 -58.28 24.03
N THR F 1001 54.19 -58.05 25.34
CA THR F 1001 53.72 -59.00 26.38
C THR F 1001 52.35 -58.56 26.90
N SER F 1002 51.51 -59.54 27.27
CA SER F 1002 50.17 -59.35 27.87
C SER F 1002 49.92 -60.38 28.96
N LYS F 1003 49.08 -60.02 29.93
CA LYS F 1003 48.66 -60.85 31.08
C LYS F 1003 47.14 -60.92 31.13
N LEU F 1004 46.46 -60.97 29.99
CA LEU F 1004 44.99 -61.00 29.89
C LEU F 1004 44.49 -62.33 30.39
N ILE F 1005 43.34 -62.35 31.08
CA ILE F 1005 42.64 -63.57 31.55
C ILE F 1005 41.39 -63.74 30.71
N LEU F 1006 41.24 -64.87 30.02
CA LEU F 1006 40.01 -65.27 29.30
C LEU F 1006 39.24 -66.28 30.16
N LEU F 1007 38.00 -65.98 30.50
CA LEU F 1007 37.06 -66.83 31.28
C LEU F 1007 35.99 -67.36 30.32
N LEU F 1008 36.06 -68.64 29.93
CA LEU F 1008 35.24 -69.25 28.86
C LEU F 1008 34.43 -70.41 29.43
N PRO F 1009 33.10 -70.32 29.61
CA PRO F 1009 32.28 -71.45 30.07
C PRO F 1009 32.25 -72.69 29.18
N HIS F 1010 32.17 -73.88 29.77
CA HIS F 1010 32.41 -75.17 29.10
C HIS F 1010 31.75 -76.29 29.86
N GLY F 1011 30.99 -77.16 29.20
CA GLY F 1011 30.50 -78.42 29.78
C GLY F 1011 29.44 -79.07 28.94
N TYR F 1012 29.40 -80.40 28.97
CA TYR F 1012 28.45 -81.25 28.21
C TYR F 1012 27.31 -81.61 29.14
N GLU F 1013 26.24 -80.81 29.13
CA GLU F 1013 25.11 -80.89 30.07
C GLU F 1013 23.77 -81.10 29.34
N GLY F 1014 23.76 -81.19 28.02
CA GLY F 1014 22.59 -81.59 27.22
C GLY F 1014 21.81 -80.43 26.69
N GLN F 1015 22.46 -79.34 26.30
CA GLN F 1015 21.81 -78.08 25.93
C GLN F 1015 22.16 -77.68 24.50
N GLY F 1016 22.73 -78.58 23.70
CA GLY F 1016 22.82 -78.45 22.24
C GLY F 1016 24.22 -78.11 21.76
N PRO F 1017 24.47 -78.09 20.42
CA PRO F 1017 25.79 -77.82 19.88
C PRO F 1017 26.39 -76.42 19.98
N ASP F 1018 25.62 -75.38 20.28
CA ASP F 1018 26.14 -74.00 20.40
C ASP F 1018 26.16 -73.56 21.87
N HIS F 1019 26.03 -74.51 22.80
CA HIS F 1019 26.04 -74.26 24.26
C HIS F 1019 26.71 -75.42 24.98
N SER F 1020 27.81 -75.97 24.47
CA SER F 1020 28.48 -77.14 25.09
C SER F 1020 30.01 -77.06 25.10
N SER F 1021 30.68 -76.62 24.04
CA SER F 1021 32.16 -76.68 23.90
C SER F 1021 32.75 -75.30 23.64
N ALA F 1022 33.82 -74.98 24.34
CA ALA F 1022 34.66 -73.77 24.13
C ALA F 1022 35.86 -74.08 23.23
N ARG F 1023 35.97 -75.32 22.76
CA ARG F 1023 36.97 -75.79 21.76
C ARG F 1023 38.37 -75.79 22.38
N ILE F 1024 38.59 -76.68 23.34
CA ILE F 1024 39.88 -76.90 24.04
C ILE F 1024 40.94 -77.27 23.01
N GLU F 1025 40.63 -78.21 22.11
CA GLU F 1025 41.55 -78.74 21.07
C GLU F 1025 42.18 -77.59 20.29
N ARG F 1026 41.44 -76.53 20.02
CA ARG F 1026 41.89 -75.41 19.16
C ARG F 1026 42.90 -74.56 19.91
N PHE F 1027 42.71 -74.37 21.21
CA PHE F 1027 43.63 -73.56 22.05
C PHE F 1027 44.92 -74.32 22.28
N LEU F 1028 44.89 -75.64 22.45
CA LEU F 1028 46.11 -76.43 22.70
C LEU F 1028 46.94 -76.54 21.41
N GLN F 1029 46.33 -76.39 20.24
CA GLN F 1029 47.01 -76.39 18.92
C GLN F 1029 47.90 -75.17 18.79
N LEU F 1030 47.52 -74.05 19.42
CA LEU F 1030 48.21 -72.74 19.30
C LEU F 1030 49.34 -72.59 20.32
N CYS F 1031 49.57 -73.54 21.20
CA CYS F 1031 50.55 -73.43 22.31
C CYS F 1031 51.90 -74.04 21.92
N ALA F 1032 52.99 -73.36 22.23
CA ALA F 1032 54.37 -73.83 21.98
C ALA F 1032 55.35 -73.03 22.82
N GLU F 1033 56.23 -73.72 23.56
CA GLU F 1033 57.33 -73.11 24.36
C GLU F 1033 56.75 -72.14 25.39
N GLY F 1034 55.67 -72.54 26.06
CA GLY F 1034 55.03 -71.78 27.14
C GLY F 1034 54.50 -70.45 26.68
N SER F 1035 53.81 -70.40 25.55
CA SER F 1035 53.28 -69.14 24.97
C SER F 1035 52.11 -68.62 25.79
N MET F 1036 51.20 -69.50 26.22
CA MET F 1036 50.11 -69.18 27.19
C MET F 1036 49.78 -70.40 28.05
N THR F 1037 49.22 -70.14 29.24
CA THR F 1037 48.79 -71.12 30.27
C THR F 1037 47.31 -71.47 30.07
N VAL F 1038 46.97 -72.76 30.07
CA VAL F 1038 45.59 -73.29 29.85
C VAL F 1038 45.22 -74.23 31.00
N ALA F 1039 44.08 -74.01 31.68
CA ALA F 1039 43.65 -74.74 32.89
C ALA F 1039 42.14 -74.94 32.95
N GLN F 1040 41.71 -75.96 33.71
CA GLN F 1040 40.30 -76.35 33.98
C GLN F 1040 40.21 -76.84 35.41
N PRO F 1041 40.00 -75.96 36.42
CA PRO F 1041 39.97 -76.38 37.81
C PRO F 1041 38.66 -77.03 38.25
N SER F 1042 38.71 -77.84 39.31
CA SER F 1042 37.60 -78.70 39.79
C SER F 1042 36.97 -78.19 41.08
N THR F 1043 37.61 -77.24 41.77
CA THR F 1043 37.31 -76.83 43.17
C THR F 1043 37.41 -75.34 43.28
N PRO F 1044 36.49 -74.62 43.96
CA PRO F 1044 36.57 -73.17 44.09
C PRO F 1044 37.87 -72.58 44.68
N ALA F 1045 38.47 -73.27 45.64
CA ALA F 1045 39.73 -72.85 46.28
C ALA F 1045 40.88 -72.92 45.29
N ASN F 1046 40.88 -73.87 44.38
CA ASN F 1046 41.99 -74.05 43.42
C ASN F 1046 41.89 -72.93 42.38
N HIS F 1047 40.70 -72.50 42.01
CA HIS F 1047 40.49 -71.37 41.09
C HIS F 1047 41.04 -70.10 41.72
N PHE F 1048 40.88 -69.95 43.03
CA PHE F 1048 41.34 -68.81 43.84
C PHE F 1048 42.86 -68.74 43.77
N HIS F 1049 43.50 -69.87 43.97
CA HIS F 1049 44.98 -69.96 44.06
C HIS F 1049 45.60 -69.75 42.68
N LEU F 1050 44.92 -70.12 41.59
CA LEU F 1050 45.43 -69.96 40.21
C LEU F 1050 45.42 -68.48 39.86
N LEU F 1051 44.34 -67.77 40.15
CA LEU F 1051 44.20 -66.35 39.79
C LEU F 1051 45.24 -65.52 40.53
N ARG F 1052 45.54 -65.87 41.78
CA ARG F 1052 46.49 -65.11 42.62
C ARG F 1052 47.93 -65.41 42.21
N ARG F 1053 48.22 -66.62 41.77
CA ARG F 1053 49.57 -66.97 41.27
C ARG F 1053 49.90 -66.17 40.04
N HIS F 1054 48.94 -66.01 39.14
CA HIS F 1054 49.10 -65.29 37.86
C HIS F 1054 49.39 -63.83 38.12
N ALA F 1055 48.71 -63.23 39.10
CA ALA F 1055 48.79 -61.78 39.36
C ALA F 1055 50.04 -61.40 40.15
N LEU F 1056 50.68 -62.33 40.86
CA LEU F 1056 51.85 -62.07 41.70
C LEU F 1056 53.12 -62.66 41.12
N SER F 1057 53.11 -63.25 39.92
CA SER F 1057 54.32 -63.82 39.27
C SER F 1057 54.97 -62.77 38.38
N ASP F 1058 56.17 -63.07 37.90
CA ASP F 1058 56.97 -62.24 36.97
C ASP F 1058 56.78 -62.70 35.53
N LEU F 1059 56.16 -63.86 35.31
CA LEU F 1059 55.90 -64.42 33.96
C LEU F 1059 54.75 -63.65 33.31
N LYS F 1060 54.99 -63.02 32.18
CA LYS F 1060 54.06 -62.06 31.53
C LYS F 1060 53.44 -62.69 30.29
N ARG F 1061 52.55 -63.67 30.47
CA ARG F 1061 51.88 -64.42 29.38
C ARG F 1061 50.41 -64.57 29.72
N PRO F 1062 49.50 -64.72 28.73
CA PRO F 1062 48.08 -64.90 29.02
C PRO F 1062 47.65 -66.16 29.76
N LEU F 1063 46.42 -66.18 30.27
CA LEU F 1063 45.78 -67.30 31.01
C LEU F 1063 44.39 -67.55 30.45
N VAL F 1064 44.13 -68.79 30.01
CA VAL F 1064 42.81 -69.25 29.49
C VAL F 1064 42.27 -70.26 30.49
N ILE F 1065 41.15 -69.94 31.16
CA ILE F 1065 40.46 -70.81 32.16
C ILE F 1065 39.12 -71.26 31.58
N PHE F 1066 38.85 -72.56 31.59
CA PHE F 1066 37.57 -73.19 31.20
C PHE F 1066 36.72 -73.36 32.45
N THR F 1067 35.65 -72.56 32.58
CA THR F 1067 34.85 -72.35 33.82
C THR F 1067 33.57 -73.15 33.75
N PRO F 1068 32.97 -73.58 34.89
CA PRO F 1068 31.80 -74.43 34.88
C PRO F 1068 30.42 -73.76 34.79
N LYS F 1069 29.35 -74.56 34.60
CA LYS F 1069 27.94 -74.09 34.47
C LYS F 1069 27.05 -74.76 35.52
N SER F 1070 26.90 -76.08 35.48
CA SER F 1070 26.09 -76.85 36.45
C SER F 1070 26.84 -76.99 37.78
N MET F 1071 28.16 -77.16 37.74
CA MET F 1071 29.03 -77.35 38.92
C MET F 1071 29.02 -76.10 39.80
N LEU F 1072 28.55 -74.96 39.29
CA LEU F 1072 28.40 -73.69 40.05
C LEU F 1072 27.57 -73.92 41.31
N ARG F 1073 26.63 -74.87 41.32
CA ARG F 1073 25.69 -75.09 42.43
C ARG F 1073 25.73 -76.53 42.95
N ASN F 1074 26.77 -77.29 42.66
CA ASN F 1074 26.94 -78.68 43.17
C ASN F 1074 27.56 -78.60 44.56
N LYS F 1075 26.98 -79.31 45.52
CA LYS F 1075 27.37 -79.19 46.95
C LYS F 1075 28.54 -80.09 47.27
N ALA F 1076 28.93 -81.01 46.39
CA ALA F 1076 30.13 -81.84 46.58
C ALA F 1076 31.38 -81.08 46.14
N ALA F 1077 31.22 -79.96 45.45
CA ALA F 1077 32.33 -79.16 44.90
C ALA F 1077 32.76 -78.06 45.87
N ALA F 1078 31.91 -77.67 46.84
CA ALA F 1078 32.15 -76.51 47.74
C ALA F 1078 33.39 -76.71 48.58
N SER F 1079 33.99 -75.62 49.07
CA SER F 1079 35.31 -75.56 49.75
C SER F 1079 35.18 -75.02 51.18
N ALA F 1080 36.07 -75.47 52.07
CA ALA F 1080 36.16 -75.04 53.49
C ALA F 1080 37.08 -73.83 53.59
N PRO F 1081 37.03 -73.04 54.69
CA PRO F 1081 37.89 -71.89 54.87
C PRO F 1081 39.39 -72.17 55.01
N GLU F 1082 39.76 -73.33 55.53
CA GLU F 1082 41.16 -73.75 55.71
C GLU F 1082 41.84 -73.90 54.35
N ASP F 1083 41.07 -74.09 53.28
CA ASP F 1083 41.58 -74.26 51.91
C ASP F 1083 42.02 -72.93 51.31
N PHE F 1084 41.61 -71.80 51.88
CA PHE F 1084 42.03 -70.44 51.48
C PHE F 1084 43.06 -69.83 52.43
N THR F 1085 43.39 -70.50 53.54
CA THR F 1085 44.14 -69.92 54.69
C THR F 1085 45.29 -70.80 55.12
N GLU F 1086 45.18 -72.12 55.10
CA GLU F 1086 46.26 -73.05 55.54
C GLU F 1086 46.97 -73.69 54.35
N VAL F 1087 46.27 -73.96 53.23
CA VAL F 1087 46.87 -74.47 51.97
C VAL F 1087 47.56 -73.30 51.27
N THR F 1088 48.81 -73.47 50.86
CA THR F 1088 49.74 -72.38 50.48
C THR F 1088 49.77 -72.15 48.97
N LYS F 1089 49.74 -73.20 48.16
CA LYS F 1089 50.00 -73.16 46.69
C LYS F 1089 48.79 -73.67 45.90
N PHE F 1090 48.80 -73.43 44.58
CA PHE F 1090 47.90 -74.02 43.57
C PHE F 1090 48.39 -75.42 43.23
N GLN F 1091 47.46 -76.35 43.05
CA GLN F 1091 47.73 -77.76 42.71
C GLN F 1091 47.45 -77.99 41.24
N SER F 1092 48.37 -78.65 40.54
CA SER F 1092 48.29 -78.96 39.09
C SER F 1092 47.72 -80.37 38.89
N VAL F 1093 48.01 -81.30 39.80
CA VAL F 1093 47.41 -82.65 39.87
C VAL F 1093 46.84 -82.82 41.27
N ILE F 1094 45.65 -83.42 41.39
CA ILE F 1094 44.99 -83.77 42.69
C ILE F 1094 44.77 -85.26 42.71
N ASN F 1095 45.41 -85.97 43.61
CA ASN F 1095 45.35 -87.43 43.74
C ASN F 1095 44.02 -87.81 44.38
N ASP F 1096 43.68 -89.10 44.44
CA ASP F 1096 42.34 -89.59 44.87
C ASP F 1096 42.24 -89.45 46.38
N PRO F 1097 41.23 -88.73 46.91
CA PRO F 1097 41.00 -88.66 48.35
C PRO F 1097 40.55 -89.96 49.04
N ASN F 1098 39.90 -90.85 48.29
CA ASN F 1098 39.15 -92.01 48.83
C ASN F 1098 39.85 -93.31 48.41
N VAL F 1099 41.06 -93.54 48.90
CA VAL F 1099 41.79 -94.82 48.68
C VAL F 1099 42.22 -95.36 50.04
N ALA F 1100 41.69 -96.52 50.43
CA ALA F 1100 42.00 -97.21 51.70
C ALA F 1100 43.42 -97.76 51.62
N ASP F 1101 43.68 -98.63 50.64
CA ASP F 1101 44.97 -99.34 50.45
C ASP F 1101 45.44 -99.15 49.02
N ALA F 1102 46.63 -98.56 48.84
CA ALA F 1102 47.20 -98.23 47.53
C ALA F 1102 47.73 -99.48 46.85
N ALA F 1103 48.04 -100.54 47.61
CA ALA F 1103 48.59 -101.81 47.09
C ALA F 1103 47.50 -102.61 46.35
N LYS F 1104 46.23 -102.32 46.58
CA LYS F 1104 45.09 -103.04 45.96
C LYS F 1104 44.68 -102.42 44.63
N VAL F 1105 45.22 -101.26 44.25
CA VAL F 1105 44.79 -100.54 43.01
C VAL F 1105 45.40 -101.23 41.79
N LYS F 1106 44.60 -101.46 40.75
CA LYS F 1106 44.97 -102.15 39.48
C LYS F 1106 44.70 -101.28 38.24
N LYS F 1107 43.70 -100.41 38.28
CA LYS F 1107 43.37 -99.41 37.22
C LYS F 1107 43.61 -98.01 37.76
N VAL F 1108 44.00 -97.07 36.91
CA VAL F 1108 44.14 -95.62 37.22
C VAL F 1108 43.46 -94.82 36.12
N MET F 1109 42.46 -94.01 36.44
CA MET F 1109 41.73 -93.15 35.50
C MET F 1109 42.24 -91.73 35.60
N LEU F 1110 42.59 -91.08 34.49
CA LEU F 1110 42.92 -89.64 34.40
C LEU F 1110 41.72 -88.90 33.84
N VAL F 1111 41.40 -87.74 34.38
CA VAL F 1111 40.17 -86.96 34.07
C VAL F 1111 40.44 -85.48 34.28
N SER F 1112 39.69 -84.59 33.65
CA SER F 1112 39.78 -83.12 33.84
C SER F 1112 38.41 -82.47 33.76
N GLY F 1113 37.92 -81.90 34.86
CA GLY F 1113 36.72 -81.05 34.89
C GLY F 1113 35.59 -81.67 35.68
N LYS F 1114 34.36 -81.43 35.26
CA LYS F 1114 33.11 -81.77 36.00
C LYS F 1114 32.86 -83.28 36.01
N LEU F 1115 33.42 -84.03 35.08
CA LEU F 1115 33.13 -85.48 34.95
C LEU F 1115 33.69 -86.24 36.13
N TYR F 1116 34.60 -85.64 36.90
CA TYR F 1116 35.19 -86.29 38.10
C TYR F 1116 34.07 -86.72 39.03
N TYR F 1117 33.14 -85.80 39.31
CA TYR F 1117 32.11 -85.95 40.35
C TYR F 1117 31.18 -87.10 40.00
N GLU F 1118 30.91 -87.32 38.71
CA GLU F 1118 30.07 -88.47 38.24
C GLU F 1118 30.81 -89.77 38.47
N LEU F 1119 32.08 -89.84 38.08
CA LEU F 1119 32.91 -91.06 38.19
C LEU F 1119 33.09 -91.43 39.66
N ALA F 1120 33.24 -90.46 40.54
CA ALA F 1120 33.49 -90.63 41.98
C ALA F 1120 32.26 -91.20 42.67
N LYS F 1121 31.08 -90.74 42.26
CA LYS F 1121 29.76 -91.21 42.74
C LYS F 1121 29.63 -92.71 42.51
N ARG F 1122 29.99 -93.16 41.32
CA ARG F 1122 29.81 -94.56 40.87
C ARG F 1122 30.79 -95.46 41.60
N LYS F 1123 31.98 -94.97 41.93
CA LYS F 1123 33.03 -95.75 42.64
C LYS F 1123 32.54 -96.08 44.04
N GLU F 1124 31.84 -95.14 44.68
CA GLU F 1124 31.32 -95.30 46.06
C GLU F 1124 30.15 -96.27 46.07
N LYS F 1125 29.23 -96.14 45.10
CA LYS F 1125 28.01 -96.97 44.97
C LYS F 1125 28.37 -98.43 44.80
N ASP F 1126 29.40 -98.73 44.01
CA ASP F 1126 29.73 -100.11 43.61
C ASP F 1126 30.87 -100.68 44.47
N GLY F 1127 31.50 -99.87 45.30
CA GLY F 1127 32.53 -100.32 46.25
C GLY F 1127 33.76 -100.84 45.55
N ARG F 1128 34.30 -100.07 44.61
CA ARG F 1128 35.48 -100.44 43.81
C ARG F 1128 36.74 -99.92 44.51
N ASP F 1129 37.48 -100.82 45.15
CA ASP F 1129 38.74 -100.53 45.88
C ASP F 1129 39.94 -100.87 45.00
N ASP F 1130 39.72 -101.16 43.72
CA ASP F 1130 40.76 -101.52 42.74
C ASP F 1130 40.97 -100.37 41.74
N ILE F 1131 40.18 -99.29 41.83
CA ILE F 1131 40.26 -98.11 40.93
C ILE F 1131 40.72 -96.90 41.73
N ALA F 1132 41.50 -96.01 41.12
CA ALA F 1132 41.93 -94.70 41.64
C ALA F 1132 41.73 -93.62 40.58
N ILE F 1133 41.07 -92.52 40.89
CA ILE F 1133 40.73 -91.42 39.95
C ILE F 1133 41.60 -90.21 40.24
N VAL F 1134 42.40 -89.74 39.27
CA VAL F 1134 43.41 -88.65 39.39
C VAL F 1134 43.05 -87.52 38.44
N ARG F 1135 43.06 -86.28 38.90
CA ARG F 1135 42.56 -85.09 38.20
C ARG F 1135 43.73 -84.26 37.68
N ILE F 1136 43.62 -83.75 36.45
CA ILE F 1136 44.62 -82.85 35.81
C ILE F 1136 43.98 -81.47 35.74
N GLU F 1137 44.46 -80.52 36.55
CA GLU F 1137 43.87 -79.18 36.73
C GLU F 1137 44.49 -78.21 35.74
N MET F 1138 45.78 -78.35 35.46
CA MET F 1138 46.52 -77.56 34.44
C MET F 1138 46.82 -78.44 33.24
N LEU F 1139 46.48 -77.98 32.04
CA LEU F 1139 46.58 -78.75 30.78
C LEU F 1139 47.88 -78.40 30.06
N HIS F 1140 48.16 -77.12 29.81
CA HIS F 1140 49.44 -76.64 29.23
C HIS F 1140 50.05 -75.58 30.13
N PRO F 1141 51.33 -75.67 30.55
CA PRO F 1141 52.21 -76.81 30.30
C PRO F 1141 51.78 -78.13 30.93
N ILE F 1142 52.29 -79.25 30.43
CA ILE F 1142 51.93 -80.60 30.91
C ILE F 1142 52.69 -80.83 32.20
N PRO F 1143 52.01 -81.02 33.35
CA PRO F 1143 52.70 -81.34 34.59
C PRO F 1143 53.13 -82.80 34.67
N PHE F 1144 54.21 -83.14 33.98
CA PHE F 1144 54.61 -84.54 33.76
C PHE F 1144 55.29 -85.11 35.01
N ASN F 1145 55.96 -84.28 35.82
CA ASN F 1145 56.65 -84.76 37.04
C ASN F 1145 55.63 -85.17 38.09
N ARG F 1146 54.58 -84.38 38.26
CA ARG F 1146 53.50 -84.65 39.23
C ARG F 1146 52.68 -85.87 38.81
N ILE F 1147 52.43 -86.05 37.50
CA ILE F 1147 51.69 -87.23 36.97
C ILE F 1147 52.52 -88.47 37.21
N SER F 1148 53.84 -88.38 37.08
CA SER F 1148 54.77 -89.52 37.28
C SER F 1148 54.77 -89.93 38.74
N GLU F 1149 54.83 -88.97 39.66
CA GLU F 1149 54.83 -89.19 41.13
C GLU F 1149 53.55 -89.91 41.54
N ALA F 1150 52.41 -89.49 41.00
CA ALA F 1150 51.07 -90.06 41.28
C ALA F 1150 51.03 -91.53 40.89
N LEU F 1151 51.48 -91.86 39.68
CA LEU F 1151 51.44 -93.24 39.15
C LEU F 1151 52.43 -94.13 39.88
N ALA F 1152 53.52 -93.57 40.40
CA ALA F 1152 54.54 -94.30 41.17
C ALA F 1152 53.96 -94.78 42.49
N GLY F 1153 53.00 -94.06 43.04
CA GLY F 1153 52.34 -94.36 44.32
C GLY F 1153 51.43 -95.56 44.25
N TYR F 1154 51.11 -96.05 43.05
CA TYR F 1154 50.27 -97.25 42.81
C TYR F 1154 51.09 -98.30 42.09
N PRO F 1155 51.96 -99.05 42.79
CA PRO F 1155 52.91 -99.96 42.13
C PRO F 1155 52.40 -101.25 41.48
N ASN F 1156 51.14 -101.62 41.63
CA ASN F 1156 50.54 -102.81 41.01
C ASN F 1156 49.49 -102.39 39.98
N ALA F 1157 49.66 -101.23 39.35
CA ALA F 1157 48.75 -100.71 38.30
C ALA F 1157 49.11 -101.37 36.97
N GLU F 1158 48.14 -102.05 36.37
CA GLU F 1158 48.30 -102.79 35.09
C GLU F 1158 47.92 -101.89 33.91
N GLU F 1159 46.90 -101.04 34.05
CA GLU F 1159 46.38 -100.21 32.93
C GLU F 1159 46.09 -98.78 33.39
N VAL F 1160 46.08 -97.85 32.43
CA VAL F 1160 45.82 -96.40 32.60
C VAL F 1160 44.79 -95.98 31.55
N LEU F 1161 43.63 -95.47 31.96
CA LEU F 1161 42.56 -94.98 31.06
C LEU F 1161 42.53 -93.47 31.08
N PHE F 1162 42.31 -92.83 29.94
CA PHE F 1162 42.09 -91.37 29.79
C PHE F 1162 40.63 -91.18 29.45
N VAL F 1163 39.87 -90.50 30.31
CA VAL F 1163 38.38 -90.43 30.24
C VAL F 1163 37.96 -88.99 30.02
N GLN F 1164 37.24 -88.68 28.94
CA GLN F 1164 36.74 -87.32 28.64
C GLN F 1164 35.32 -87.38 28.12
N ASP F 1165 34.56 -86.30 28.30
CA ASP F 1165 33.17 -86.18 27.81
C ASP F 1165 33.14 -85.85 26.32
N GLU F 1166 34.15 -85.14 25.80
CA GLU F 1166 34.12 -84.59 24.42
C GLU F 1166 34.32 -85.71 23.42
N PRO F 1167 33.89 -85.56 22.15
CA PRO F 1167 34.21 -86.50 21.08
C PRO F 1167 35.70 -86.75 20.88
N ALA F 1168 36.08 -87.84 20.22
CA ALA F 1168 37.47 -88.35 20.17
C ALA F 1168 38.40 -87.46 19.35
N ASN F 1169 37.88 -86.56 18.52
CA ASN F 1169 38.66 -85.61 17.71
C ASN F 1169 38.64 -84.23 18.35
N GLN F 1170 38.05 -84.09 19.54
CA GLN F 1170 37.91 -82.83 20.27
C GLN F 1170 38.40 -83.06 21.71
N GLY F 1171 38.46 -82.02 22.53
CA GLY F 1171 38.88 -82.10 23.94
C GLY F 1171 40.39 -82.19 24.06
N PRO F 1172 40.94 -82.51 25.25
CA PRO F 1172 42.36 -82.71 25.41
C PRO F 1172 43.06 -84.01 24.99
N TRP F 1173 42.37 -84.99 24.42
CA TRP F 1173 42.97 -86.31 24.11
C TRP F 1173 43.97 -86.20 22.98
N PRO F 1174 43.68 -85.52 21.85
CA PRO F 1174 44.62 -85.43 20.76
C PRO F 1174 46.02 -84.94 21.17
N PHE F 1175 46.06 -83.93 22.03
CA PHE F 1175 47.31 -83.28 22.55
C PHE F 1175 48.05 -84.24 23.44
N TYR F 1176 47.34 -84.99 24.29
CA TYR F 1176 47.95 -85.81 25.36
C TYR F 1176 48.44 -87.14 24.79
N GLN F 1177 47.82 -87.69 23.75
CA GLN F 1177 48.24 -89.00 23.17
C GLN F 1177 49.54 -88.81 22.40
N GLU F 1178 49.81 -87.61 21.91
CA GLU F 1178 51.04 -87.25 21.15
C GLU F 1178 52.21 -87.07 22.11
N HIS F 1179 52.02 -86.29 23.17
CA HIS F 1179 53.11 -85.68 23.98
C HIS F 1179 53.41 -86.45 25.26
N LEU F 1180 52.44 -87.12 25.89
CA LEU F 1180 52.63 -87.65 27.26
C LEU F 1180 53.50 -88.90 27.25
N PRO F 1181 53.36 -89.84 26.30
CA PRO F 1181 54.19 -91.04 26.30
C PRO F 1181 55.70 -90.80 26.20
N GLU F 1182 56.14 -89.79 25.45
CA GLU F 1182 57.58 -89.44 25.30
C GLU F 1182 58.11 -88.77 26.58
N LEU F 1183 57.26 -88.14 27.38
CA LEU F 1183 57.66 -87.44 28.64
C LEU F 1183 57.65 -88.39 29.84
N ILE F 1184 56.91 -89.50 29.80
CA ILE F 1184 56.89 -90.55 30.85
C ILE F 1184 57.09 -91.89 30.17
N PRO F 1185 58.34 -92.30 29.85
CA PRO F 1185 58.60 -93.55 29.15
C PRO F 1185 58.09 -94.86 29.76
N ASN F 1186 58.14 -95.00 31.09
CA ASN F 1186 57.82 -96.26 31.80
C ASN F 1186 56.31 -96.47 31.92
N MET F 1187 55.48 -95.47 31.61
CA MET F 1187 53.99 -95.52 31.70
C MET F 1187 53.47 -96.64 30.83
N PRO F 1188 52.41 -97.39 31.23
CA PRO F 1188 51.70 -98.29 30.32
C PRO F 1188 51.00 -97.56 29.17
N LYS F 1189 50.57 -98.31 28.14
CA LYS F 1189 49.88 -97.73 26.95
C LYS F 1189 48.50 -97.24 27.40
N MET F 1190 48.18 -95.98 27.11
CA MET F 1190 46.90 -95.36 27.49
C MET F 1190 45.79 -95.95 26.63
N ARG F 1191 44.56 -95.92 27.13
CA ARG F 1191 43.33 -96.44 26.46
C ARG F 1191 42.23 -95.40 26.62
N ARG F 1192 41.77 -94.82 25.51
CA ARG F 1192 40.76 -93.74 25.48
C ARG F 1192 39.41 -94.31 25.88
N VAL F 1193 38.60 -93.50 26.58
CA VAL F 1193 37.16 -93.71 26.82
C VAL F 1193 36.49 -92.36 26.65
N SER F 1194 35.76 -92.17 25.56
CA SER F 1194 35.11 -90.88 25.20
C SER F 1194 33.90 -91.14 24.33
N ARG F 1195 33.21 -90.06 23.95
CA ARG F 1195 32.18 -90.08 22.89
C ARG F 1195 32.86 -90.30 21.54
N ARG F 1196 32.10 -90.81 20.57
CA ARG F 1196 32.51 -91.10 19.17
C ARG F 1196 32.92 -89.80 18.47
N ALA F 1197 33.84 -89.87 17.50
CA ALA F 1197 34.32 -88.73 16.69
C ALA F 1197 33.19 -88.21 15.82
N GLN F 1198 33.02 -86.89 15.71
CA GLN F 1198 31.95 -86.32 14.88
C GLN F 1198 32.27 -84.89 14.44
N SER F 1199 31.52 -84.40 13.47
CA SER F 1199 31.76 -83.15 12.72
C SER F 1199 31.14 -81.96 13.44
N SER F 1200 30.08 -82.18 14.22
CA SER F 1200 29.49 -81.17 15.13
C SER F 1200 30.09 -81.38 16.51
N THR F 1201 29.67 -80.55 17.47
CA THR F 1201 30.16 -80.52 18.86
C THR F 1201 29.39 -81.52 19.71
N ALA F 1202 28.05 -81.49 19.63
CA ALA F 1202 27.15 -82.28 20.48
C ALA F 1202 25.78 -82.44 19.83
N THR F 1203 25.02 -83.45 20.25
CA THR F 1203 23.62 -83.73 19.83
C THR F 1203 22.70 -82.60 20.22
N GLY F 1204 21.51 -82.56 19.63
CA GLY F 1204 20.47 -81.57 19.93
C GLY F 1204 19.22 -82.20 20.51
N VAL F 1205 19.23 -83.51 20.71
CA VAL F 1205 18.15 -84.31 21.35
C VAL F 1205 18.61 -84.67 22.76
N ALA F 1206 17.83 -84.31 23.77
CA ALA F 1206 18.20 -84.43 25.20
C ALA F 1206 18.17 -85.88 25.67
N LYS F 1207 17.32 -86.72 25.11
CA LYS F 1207 17.25 -88.15 25.50
C LYS F 1207 18.49 -88.88 24.99
N VAL F 1208 19.05 -88.46 23.87
CA VAL F 1208 20.25 -89.09 23.26
C VAL F 1208 21.47 -88.76 24.13
N HIS F 1209 21.54 -87.54 24.66
CA HIS F 1209 22.61 -87.07 25.57
C HIS F 1209 22.66 -87.96 26.80
N GLN F 1210 21.52 -88.28 27.38
CA GLN F 1210 21.45 -89.05 28.64
C GLN F 1210 21.88 -90.49 28.39
N LEU F 1211 21.60 -91.03 27.21
CA LEU F 1211 21.93 -92.42 26.86
C LEU F 1211 23.43 -92.54 26.62
N GLU F 1212 24.03 -91.56 25.95
CA GLU F 1212 25.49 -91.47 25.67
C GLU F 1212 26.27 -91.45 26.97
N GLU F 1213 25.83 -90.66 27.95
CA GLU F 1213 26.53 -90.45 29.24
C GLU F 1213 26.54 -91.77 30.02
N LYS F 1214 25.43 -92.50 30.01
CA LYS F 1214 25.32 -93.81 30.70
C LYS F 1214 26.33 -94.79 30.09
N GLN F 1215 26.43 -94.81 28.76
CA GLN F 1215 27.27 -95.73 27.98
C GLN F 1215 28.75 -95.46 28.27
N LEU F 1216 29.11 -94.20 28.46
CA LEU F 1216 30.50 -93.70 28.70
C LEU F 1216 30.99 -94.22 30.05
N ILE F 1217 30.19 -94.10 31.08
CA ILE F 1217 30.58 -94.45 32.48
C ILE F 1217 30.57 -95.97 32.62
N ASP F 1218 29.69 -96.68 31.93
CA ASP F 1218 29.65 -98.16 31.96
C ASP F 1218 30.93 -98.70 31.32
N GLU F 1219 31.39 -98.09 30.23
CA GLU F 1219 32.60 -98.52 29.48
C GLU F 1219 33.83 -98.39 30.36
N ALA F 1220 33.89 -97.35 31.19
CA ALA F 1220 35.01 -97.00 32.09
C ALA F 1220 35.20 -98.07 33.16
N PHE F 1221 34.10 -98.57 33.71
CA PHE F 1221 34.09 -99.51 34.86
C PHE F 1221 34.02 -100.97 34.39
N GLU F 1222 33.72 -101.20 33.11
CA GLU F 1222 33.61 -102.57 32.51
C GLU F 1222 34.92 -103.31 32.76
N ALA F 1223 34.83 -104.56 33.25
CA ALA F 1223 35.98 -105.45 33.53
C ALA F 1223 36.44 -106.10 32.21
N GLU G 41 77.17 18.74 44.03
CA GLU G 41 78.41 19.46 43.59
C GLU G 41 79.27 19.74 44.84
N ASN G 42 79.21 20.95 45.42
CA ASN G 42 79.85 21.32 46.71
C ASN G 42 78.84 21.17 47.86
N LEU G 43 77.66 20.56 47.62
CA LEU G 43 76.62 20.29 48.64
C LEU G 43 77.22 19.41 49.74
N PRO G 44 76.98 19.69 51.04
CA PRO G 44 77.31 18.77 52.13
C PRO G 44 76.70 17.38 51.94
N ALA G 45 77.34 16.35 52.52
CA ALA G 45 76.93 14.94 52.38
C ALA G 45 75.66 14.69 53.20
N GLY G 46 74.63 14.11 52.56
CA GLY G 46 73.33 13.84 53.19
C GLY G 46 72.31 14.96 52.99
N SER G 47 72.68 16.04 52.29
CA SER G 47 71.80 17.19 51.97
C SER G 47 71.21 17.02 50.57
N ALA G 48 70.35 17.94 50.15
CA ALA G 48 69.74 17.99 48.80
C ALA G 48 69.24 19.40 48.51
N LEU G 49 68.73 19.64 47.32
CA LEU G 49 68.40 21.00 46.81
C LEU G 49 67.13 20.96 45.98
N LEU G 50 66.30 22.01 46.07
CA LEU G 50 65.13 22.24 45.19
C LEU G 50 65.32 23.58 44.49
N VAL G 51 65.06 23.65 43.18
CA VAL G 51 65.20 24.89 42.35
C VAL G 51 63.91 25.13 41.58
N VAL G 52 63.44 26.38 41.56
CA VAL G 52 62.15 26.80 40.96
C VAL G 52 62.34 26.92 39.45
N LYS G 53 61.77 25.99 38.68
CA LYS G 53 61.84 25.97 37.20
C LYS G 53 60.86 27.00 36.65
N ARG G 54 59.61 26.96 37.11
CA ARG G 54 58.47 27.77 36.59
C ARG G 54 57.72 28.40 37.76
N GLY G 55 57.47 29.72 37.70
CA GLY G 55 56.73 30.47 38.74
C GLY G 55 57.22 31.91 38.84
N PRO G 56 56.56 32.76 39.66
CA PRO G 56 56.99 34.16 39.84
C PRO G 56 58.43 34.37 40.32
N ASN G 57 58.92 33.50 41.22
CA ASN G 57 60.26 33.61 41.86
C ASN G 57 61.22 32.60 41.23
N ALA G 58 61.13 32.40 39.91
CA ALA G 58 61.89 31.36 39.17
C ALA G 58 63.39 31.62 39.34
N GLY G 59 64.16 30.55 39.57
CA GLY G 59 65.61 30.61 39.82
C GLY G 59 65.97 30.54 41.29
N ALA G 60 65.00 30.72 42.19
CA ALA G 60 65.17 30.62 43.66
C ALA G 60 65.65 29.21 44.04
N ARG G 61 66.55 29.12 45.01
CA ARG G 61 67.16 27.85 45.48
C ARG G 61 66.84 27.67 46.96
N PHE G 62 66.44 26.44 47.35
CA PHE G 62 66.11 26.04 48.74
C PHE G 62 66.93 24.80 49.12
N LEU G 63 67.30 24.67 50.39
CA LEU G 63 68.23 23.64 50.90
C LEU G 63 67.51 22.70 51.88
N LEU G 64 67.41 21.42 51.54
CA LEU G 64 66.86 20.34 52.39
C LEU G 64 67.99 19.73 53.20
N ASP G 65 68.12 20.06 54.49
CA ASP G 65 69.21 19.57 55.36
C ASP G 65 68.73 19.28 56.79
N GLN G 66 67.42 19.24 57.07
CA GLN G 66 66.85 18.97 58.42
C GLN G 66 65.72 17.96 58.29
N PRO G 67 65.47 17.12 59.32
CA PRO G 67 64.53 16.01 59.23
C PRO G 67 63.12 16.28 58.66
N THR G 68 62.54 17.45 58.95
CA THR G 68 61.26 17.92 58.34
C THR G 68 61.35 19.39 57.93
N THR G 69 60.84 19.70 56.74
CA THR G 69 60.81 21.03 56.11
C THR G 69 59.43 21.24 55.49
N THR G 70 58.73 22.29 55.89
CA THR G 70 57.32 22.59 55.54
C THR G 70 57.27 23.54 54.34
N ALA G 71 56.25 23.43 53.50
CA ALA G 71 56.09 24.23 52.26
C ALA G 71 54.64 24.59 52.05
N GLY G 72 54.32 25.88 52.01
CA GLY G 72 52.94 26.39 51.88
C GLY G 72 52.86 27.90 51.85
N ARG G 73 51.67 28.44 52.05
CA ARG G 73 51.34 29.90 51.96
C ARG G 73 51.30 30.54 53.35
N HIS G 74 51.52 29.75 54.41
CA HIS G 74 51.68 30.26 55.80
C HIS G 74 52.98 31.04 55.85
N PRO G 75 53.03 32.24 56.46
CA PRO G 75 54.24 33.05 56.45
C PRO G 75 55.38 32.53 57.36
N GLU G 76 55.14 31.48 58.14
CA GLU G 76 56.16 30.82 58.99
C GLU G 76 56.64 29.52 58.34
N SER G 77 56.24 29.22 57.10
CA SER G 77 56.70 28.04 56.32
C SER G 77 58.19 28.15 56.06
N ASP G 78 58.88 27.01 55.94
CA ASP G 78 60.32 26.93 55.58
C ASP G 78 60.49 27.34 54.12
N ILE G 79 59.65 26.82 53.23
CA ILE G 79 59.61 27.18 51.79
C ILE G 79 58.33 27.95 51.50
N PHE G 80 58.39 29.30 51.54
CA PHE G 80 57.23 30.21 51.43
C PHE G 80 56.89 30.46 49.96
N LEU G 81 55.73 29.99 49.50
CA LEU G 81 55.30 30.04 48.08
C LEU G 81 53.96 30.78 47.98
N ASP G 82 54.00 32.10 47.81
CA ASP G 82 52.82 32.99 47.94
C ASP G 82 52.05 33.00 46.61
N ASP G 83 50.91 32.31 46.58
CA ASP G 83 49.95 32.30 45.44
C ASP G 83 48.63 31.70 45.92
N VAL G 84 47.53 32.07 45.28
CA VAL G 84 46.15 31.63 45.61
C VAL G 84 46.05 30.10 45.50
N THR G 85 46.76 29.49 44.56
CA THR G 85 46.67 28.04 44.26
C THR G 85 47.32 27.19 45.34
N VAL G 86 48.23 27.75 46.15
CA VAL G 86 48.92 27.02 47.25
C VAL G 86 48.10 27.19 48.54
N SER G 87 47.98 26.11 49.33
CA SER G 87 47.29 26.05 50.63
C SER G 87 48.25 26.43 51.74
N ARG G 88 47.73 26.86 52.89
CA ARG G 88 48.52 27.40 54.03
C ARG G 88 49.50 26.34 54.51
N ARG G 89 49.02 25.12 54.73
CA ARG G 89 49.86 23.91 54.93
C ARG G 89 49.60 22.99 53.74
N HIS G 90 50.60 22.69 52.90
CA HIS G 90 50.44 22.04 51.57
C HIS G 90 51.23 20.75 51.44
N ALA G 91 52.52 20.74 51.77
CA ALA G 91 53.31 19.49 51.76
C ALA G 91 54.53 19.59 52.66
N GLU G 92 55.07 18.46 53.09
CA GLU G 92 56.34 18.36 53.84
C GLU G 92 57.33 17.51 53.05
N PHE G 93 58.63 17.82 53.19
CA PHE G 93 59.79 17.05 52.68
C PHE G 93 60.53 16.45 53.86
N ARG G 94 60.67 15.12 53.91
CA ARG G 94 61.20 14.35 55.06
C ARG G 94 62.41 13.52 54.64
N ILE G 95 63.48 13.52 55.44
CA ILE G 95 64.74 12.76 55.20
C ILE G 95 64.82 11.65 56.27
N ASN G 96 64.77 10.39 55.84
CA ASN G 96 64.69 9.18 56.71
C ASN G 96 65.71 8.14 56.24
N GLU G 97 66.80 7.96 57.00
CA GLU G 97 67.91 7.01 56.70
C GLU G 97 68.44 7.29 55.29
N GLY G 98 68.90 8.52 55.07
CA GLY G 98 69.46 9.01 53.80
C GLY G 98 68.55 8.71 52.62
N GLU G 99 67.29 9.11 52.71
CA GLU G 99 66.28 8.90 51.64
C GLU G 99 65.23 10.02 51.73
N PHE G 100 64.94 10.69 50.61
CA PHE G 100 64.14 11.94 50.53
C PHE G 100 62.72 11.62 50.03
N GLU G 101 61.69 12.02 50.78
CA GLU G 101 60.25 11.73 50.47
C GLU G 101 59.43 13.01 50.46
N VAL G 102 58.47 13.13 49.54
CA VAL G 102 57.43 14.20 49.52
C VAL G 102 56.12 13.60 50.04
N VAL G 103 55.35 14.39 50.80
CA VAL G 103 54.07 13.97 51.47
C VAL G 103 53.07 15.10 51.39
N ASP G 104 51.87 14.86 50.88
CA ASP G 104 50.75 15.83 50.88
C ASP G 104 50.11 15.82 52.27
N VAL G 105 49.94 16.98 52.88
CA VAL G 105 49.40 17.14 54.26
C VAL G 105 47.98 17.74 54.21
N GLY G 106 47.24 17.52 53.13
CA GLY G 106 45.79 17.75 53.06
C GLY G 106 45.43 19.03 52.32
N SER G 107 45.98 19.22 51.13
CA SER G 107 45.76 20.43 50.29
C SER G 107 44.58 20.21 49.38
N LEU G 108 44.02 21.27 48.82
CA LEU G 108 42.85 21.23 47.94
C LEU G 108 43.25 20.73 46.56
N ASN G 109 44.33 21.28 45.99
CA ASN G 109 44.75 21.00 44.60
C ASN G 109 45.64 19.76 44.54
N GLY G 110 46.23 19.34 45.66
CA GLY G 110 47.08 18.14 45.71
C GLY G 110 48.49 18.40 45.23
N THR G 111 49.37 17.41 45.35
CA THR G 111 50.78 17.42 44.88
C THR G 111 50.96 16.41 43.74
N TYR G 112 51.64 16.81 42.67
CA TYR G 112 51.96 15.98 41.47
C TYR G 112 53.47 15.75 41.39
N VAL G 113 53.91 14.51 41.15
CA VAL G 113 55.32 14.12 40.85
C VAL G 113 55.37 13.52 39.44
N ASN G 114 55.99 14.25 38.50
CA ASN G 114 56.08 13.91 37.05
C ASN G 114 54.67 13.78 36.49
N ARG G 115 53.87 14.84 36.64
CA ARG G 115 52.52 15.05 36.06
C ARG G 115 51.59 13.88 36.42
N GLU G 116 51.73 13.34 37.63
CA GLU G 116 50.90 12.23 38.17
C GLU G 116 50.59 12.50 39.64
N PRO G 117 49.31 12.50 40.07
CA PRO G 117 48.96 12.77 41.45
C PRO G 117 49.40 11.68 42.43
N ARG G 118 50.03 12.08 43.53
CA ARG G 118 50.60 11.19 44.58
C ARG G 118 50.29 11.75 45.96
N ASN G 119 50.19 10.88 46.96
CA ASN G 119 50.00 11.22 48.39
C ASN G 119 51.32 11.13 49.13
N ALA G 120 52.16 10.16 48.79
CA ALA G 120 53.58 10.11 49.21
C ALA G 120 54.41 9.46 48.10
N GLN G 121 55.69 9.84 48.00
CA GLN G 121 56.61 9.36 46.95
C GLN G 121 58.05 9.63 47.36
N VAL G 122 58.96 8.68 47.11
CA VAL G 122 60.43 8.85 47.30
C VAL G 122 61.00 9.38 45.99
N MET G 123 61.76 10.49 46.06
CA MET G 123 62.19 11.28 44.89
C MET G 123 63.57 10.80 44.45
N GLN G 124 63.77 10.65 43.15
CA GLN G 124 65.07 10.43 42.47
C GLN G 124 65.46 11.75 41.80
N THR G 125 66.75 11.96 41.54
CA THR G 125 67.29 13.25 41.03
C THR G 125 66.64 13.58 39.69
N GLY G 126 66.34 14.84 39.45
CA GLY G 126 65.78 15.35 38.19
C GLY G 126 64.28 15.13 38.09
N ASP G 127 63.59 14.94 39.21
CA ASP G 127 62.10 14.78 39.27
C ASP G 127 61.47 16.15 39.39
N GLU G 128 60.34 16.37 38.68
CA GLU G 128 59.55 17.62 38.72
C GLU G 128 58.43 17.45 39.73
N ILE G 129 58.32 18.38 40.69
CA ILE G 129 57.29 18.43 41.77
C ILE G 129 56.43 19.66 41.54
N GLN G 130 55.10 19.51 41.46
CA GLN G 130 54.15 20.63 41.25
C GLN G 130 53.34 20.88 42.53
N ILE G 131 53.45 22.09 43.08
CA ILE G 131 52.66 22.64 44.21
C ILE G 131 51.98 23.90 43.72
N GLY G 132 50.73 23.80 43.28
CA GLY G 132 49.95 24.92 42.73
C GLY G 132 50.36 25.20 41.31
N LYS G 133 50.79 26.43 41.03
CA LYS G 133 51.33 26.85 39.72
C LYS G 133 52.86 26.87 39.77
N PHE G 134 53.48 26.57 40.91
CA PHE G 134 54.95 26.45 41.03
C PHE G 134 55.36 25.05 40.60
N ARG G 135 56.47 24.94 39.86
CA ARG G 135 57.12 23.66 39.45
C ARG G 135 58.57 23.72 39.89
N LEU G 136 59.03 22.70 40.62
CA LEU G 136 60.36 22.62 41.26
C LEU G 136 61.09 21.37 40.75
N VAL G 137 62.44 21.39 40.77
CA VAL G 137 63.32 20.27 40.33
C VAL G 137 64.23 19.87 41.49
N PHE G 138 64.35 18.58 41.75
CA PHE G 138 65.06 17.98 42.90
C PHE G 138 66.44 17.53 42.47
N LEU G 139 67.49 17.94 43.20
CA LEU G 139 68.90 17.61 42.91
C LEU G 139 69.55 17.07 44.19
N ALA G 140 70.01 15.83 44.18
CA ALA G 140 70.62 15.15 45.34
C ALA G 140 72.05 15.65 45.55
N GLY G 141 72.66 15.25 46.66
CA GLY G 141 74.06 15.59 47.02
C GLY G 141 74.93 14.33 47.08
N PRO G 142 76.21 14.46 47.49
CA PRO G 142 77.06 13.31 47.79
C PRO G 142 76.52 12.44 48.94
N ALA G 143 76.80 11.14 48.91
CA ALA G 143 76.42 10.14 49.94
C ALA G 143 77.55 10.01 50.97
N GLU H 41 -27.09 85.86 -11.04
CA GLU H 41 -27.52 86.89 -10.04
C GLU H 41 -27.60 88.25 -10.73
N ASN H 42 -26.58 89.10 -10.62
CA ASN H 42 -26.44 90.38 -11.36
C ASN H 42 -25.60 90.17 -12.64
N LEU H 43 -25.29 88.92 -13.01
CA LEU H 43 -24.56 88.55 -14.25
C LEU H 43 -25.34 89.05 -15.46
N PRO H 44 -24.69 89.67 -16.47
CA PRO H 44 -25.33 89.97 -17.75
C PRO H 44 -25.96 88.73 -18.41
N ALA H 45 -26.99 88.95 -19.25
CA ALA H 45 -27.76 87.86 -19.90
C ALA H 45 -26.91 87.24 -21.01
N GLY H 46 -26.77 85.91 -21.00
CA GLY H 46 -25.96 85.14 -21.96
C GLY H 46 -24.54 84.89 -21.48
N SER H 47 -24.17 85.37 -20.29
CA SER H 47 -22.83 85.15 -19.66
C SER H 47 -22.89 83.98 -18.70
N ALA H 48 -21.75 83.63 -18.09
CA ALA H 48 -21.63 82.58 -17.06
C ALA H 48 -20.35 82.80 -16.26
N LEU H 49 -20.12 81.98 -15.24
CA LEU H 49 -19.03 82.20 -14.24
C LEU H 49 -18.42 80.87 -13.84
N LEU H 50 -17.10 80.84 -13.59
CA LEU H 50 -16.37 79.69 -13.01
C LEU H 50 -15.69 80.18 -11.73
N VAL H 51 -15.77 79.41 -10.64
CA VAL H 51 -15.15 79.75 -9.33
C VAL H 51 -14.30 78.57 -8.85
N VAL H 52 -13.11 78.86 -8.34
CA VAL H 52 -12.09 77.84 -7.94
C VAL H 52 -12.48 77.32 -6.54
N LYS H 53 -12.95 76.08 -6.46
CA LYS H 53 -13.34 75.43 -5.19
C LYS H 53 -12.09 74.98 -4.46
N ARG H 54 -11.19 74.27 -5.15
CA ARG H 54 -9.97 73.61 -4.59
C ARG H 54 -8.76 73.95 -5.45
N GLY H 55 -7.67 74.40 -4.83
CA GLY H 55 -6.41 74.75 -5.51
C GLY H 55 -5.66 75.87 -4.81
N PRO H 56 -4.44 76.23 -5.26
CA PRO H 56 -3.67 77.33 -4.65
C PRO H 56 -4.35 78.70 -4.62
N ASN H 57 -5.10 79.04 -5.69
CA ASN H 57 -5.74 80.36 -5.88
C ASN H 57 -7.25 80.24 -5.60
N ALA H 58 -7.64 79.45 -4.59
CA ALA H 58 -9.05 79.11 -4.29
C ALA H 58 -9.82 80.40 -3.96
N GLY H 59 -11.03 80.54 -4.51
CA GLY H 59 -11.89 81.72 -4.36
C GLY H 59 -11.84 82.64 -5.55
N ALA H 60 -10.87 82.46 -6.46
CA ALA H 60 -10.72 83.24 -7.71
C ALA H 60 -11.95 83.04 -8.59
N ARG H 61 -12.39 84.11 -9.26
CA ARG H 61 -13.60 84.13 -10.13
C ARG H 61 -13.18 84.52 -11.55
N PHE H 62 -13.71 83.81 -12.55
CA PHE H 62 -13.48 84.02 -14.00
C PHE H 62 -14.82 84.16 -14.72
N LEU H 63 -14.87 84.97 -15.78
CA LEU H 63 -16.10 85.36 -16.50
C LEU H 63 -16.07 84.83 -17.93
N LEU H 64 -17.01 83.94 -18.28
CA LEU H 64 -17.23 83.41 -19.64
C LEU H 64 -18.23 84.30 -20.37
N ASP H 65 -17.78 85.17 -21.27
CA ASP H 65 -18.65 86.12 -22.01
C ASP H 65 -18.22 86.31 -23.47
N GLN H 66 -17.33 85.48 -24.01
CA GLN H 66 -16.84 85.58 -25.42
C GLN H 66 -16.86 84.19 -26.05
N PRO H 67 -17.06 84.06 -27.39
CA PRO H 67 -17.26 82.78 -28.04
C PRO H 67 -16.27 81.66 -27.75
N THR H 68 -14.98 81.95 -27.58
CA THR H 68 -13.95 80.98 -27.13
C THR H 68 -13.04 81.60 -26.05
N THR H 69 -12.75 80.82 -25.01
CA THR H 69 -11.92 81.17 -23.84
C THR H 69 -11.00 79.99 -23.53
N THR H 70 -9.70 80.21 -23.54
CA THR H 70 -8.64 79.18 -23.42
C THR H 70 -8.19 79.06 -21.96
N ALA H 71 -7.79 77.87 -21.53
CA ALA H 71 -7.40 77.56 -20.14
C ALA H 71 -6.23 76.60 -20.10
N GLY H 72 -5.09 77.01 -19.53
CA GLY H 72 -3.86 76.21 -19.50
C GLY H 72 -2.73 76.90 -18.76
N ARG H 73 -1.50 76.42 -18.95
CA ARG H 73 -0.26 76.87 -18.26
C ARG H 73 0.53 77.82 -19.15
N HIS H 74 0.07 78.10 -20.36
CA HIS H 74 0.64 79.13 -21.26
C HIS H 74 0.35 80.48 -20.64
N PRO H 75 1.34 81.41 -20.58
CA PRO H 75 1.11 82.70 -19.91
C PRO H 75 0.20 83.68 -20.67
N GLU H 76 -0.22 83.35 -21.89
CA GLU H 76 -1.17 84.15 -22.69
C GLU H 76 -2.57 83.53 -22.66
N SER H 77 -2.81 82.51 -21.83
CA SER H 77 -4.12 81.86 -21.62
C SER H 77 -5.10 82.86 -21.02
N ASP H 78 -6.39 82.73 -21.30
CA ASP H 78 -7.46 83.56 -20.70
C ASP H 78 -7.63 83.20 -19.23
N ILE H 79 -7.64 81.90 -18.91
CA ILE H 79 -7.70 81.37 -17.52
C ILE H 79 -6.36 80.71 -17.21
N PHE H 80 -5.43 81.44 -16.59
CA PHE H 80 -4.02 81.01 -16.32
C PHE H 80 -3.95 80.20 -15.03
N LEU H 81 -3.65 78.91 -15.12
CA LEU H 81 -3.65 77.94 -13.99
C LEU H 81 -2.26 77.31 -13.86
N ASP H 82 -1.37 77.94 -13.09
CA ASP H 82 0.07 77.59 -13.03
C ASP H 82 0.28 76.40 -12.07
N ASP H 83 0.53 75.22 -12.64
CA ASP H 83 0.88 73.98 -11.89
C ASP H 83 1.44 72.96 -12.89
N VAL H 84 2.27 72.05 -12.42
CA VAL H 84 2.94 70.99 -13.23
C VAL H 84 1.89 70.09 -13.88
N THR H 85 0.76 69.85 -13.21
CA THR H 85 -0.29 68.90 -13.65
C THR H 85 -1.08 69.46 -14.83
N VAL H 86 -1.09 70.78 -15.04
CA VAL H 86 -1.81 71.44 -16.18
C VAL H 86 -0.87 71.55 -17.38
N SER H 87 -1.39 71.29 -18.58
CA SER H 87 -0.68 71.37 -19.88
C SER H 87 -0.79 72.80 -20.43
N ARG H 88 0.12 73.17 -21.32
CA ARG H 88 0.25 74.57 -21.84
C ARG H 88 -1.04 74.97 -22.53
N ARG H 89 -1.56 74.11 -23.41
CA ARG H 89 -2.93 74.19 -23.96
C ARG H 89 -3.70 72.97 -23.46
N HIS H 90 -4.76 73.14 -22.66
CA HIS H 90 -5.42 72.06 -21.87
C HIS H 90 -6.90 71.92 -22.20
N ALA H 91 -7.68 73.00 -22.19
CA ALA H 91 -9.09 72.94 -22.60
C ALA H 91 -9.61 74.29 -23.03
N GLU H 92 -10.69 74.30 -23.80
CA GLU H 92 -11.42 75.53 -24.21
C GLU H 92 -12.87 75.44 -23.72
N PHE H 93 -13.46 76.59 -23.39
CA PHE H 93 -14.89 76.79 -23.05
C PHE H 93 -15.54 77.58 -24.18
N ARG H 94 -16.57 77.03 -24.82
CA ARG H 94 -17.22 77.57 -26.04
C ARG H 94 -18.71 77.82 -25.81
N ILE H 95 -19.22 78.98 -26.24
CA ILE H 95 -20.66 79.37 -26.13
C ILE H 95 -21.26 79.38 -27.53
N ASN H 96 -22.24 78.50 -27.78
CA ASN H 96 -22.86 78.25 -29.11
C ASN H 96 -24.37 78.23 -28.98
N GLU H 97 -25.05 79.29 -29.46
CA GLU H 97 -26.53 79.46 -29.41
C GLU H 97 -26.99 79.31 -27.96
N GLY H 98 -26.46 80.16 -27.08
CA GLY H 98 -26.77 80.21 -25.65
C GLY H 98 -26.65 78.85 -24.98
N GLU H 99 -25.52 78.17 -25.16
CA GLU H 99 -25.24 76.84 -24.57
C GLU H 99 -23.74 76.69 -24.37
N PHE H 100 -23.32 76.29 -23.16
CA PHE H 100 -21.91 76.31 -22.68
C PHE H 100 -21.33 74.89 -22.72
N GLU H 101 -20.19 74.70 -23.40
CA GLU H 101 -19.53 73.39 -23.61
C GLU H 101 -18.07 73.44 -23.18
N VAL H 102 -17.56 72.37 -22.55
CA VAL H 102 -16.11 72.15 -22.27
C VAL H 102 -15.58 71.15 -23.28
N VAL H 103 -14.31 71.35 -23.74
CA VAL H 103 -13.64 70.55 -24.79
C VAL H 103 -12.18 70.37 -24.42
N ASP H 104 -11.69 69.12 -24.37
CA ASP H 104 -10.25 68.82 -24.17
C ASP H 104 -9.53 69.00 -25.50
N VAL H 105 -8.43 69.77 -25.51
CA VAL H 105 -7.65 70.11 -26.72
C VAL H 105 -6.30 69.38 -26.72
N GLY H 106 -6.22 68.21 -26.07
CA GLY H 106 -5.12 67.25 -26.22
C GLY H 106 -4.13 67.30 -25.08
N SER H 107 -4.62 67.23 -23.84
CA SER H 107 -3.81 67.28 -22.61
C SER H 107 -3.40 65.87 -22.21
N LEU H 108 -2.39 65.75 -21.36
CA LEU H 108 -1.85 64.45 -20.91
C LEU H 108 -2.79 63.84 -19.88
N ASN H 109 -3.22 64.62 -18.89
CA ASN H 109 -4.02 64.13 -17.74
C ASN H 109 -5.51 64.12 -18.07
N GLY H 110 -5.96 64.85 -19.08
CA GLY H 110 -7.36 64.88 -19.50
C GLY H 110 -8.19 65.79 -18.64
N THR H 111 -9.46 65.99 -19.03
CA THR H 111 -10.48 66.78 -18.31
C THR H 111 -11.58 65.86 -17.77
N TYR H 112 -12.00 66.05 -16.51
CA TYR H 112 -13.07 65.29 -15.83
C TYR H 112 -14.26 66.22 -15.51
N VAL H 113 -15.49 65.78 -15.81
CA VAL H 113 -16.75 66.47 -15.40
C VAL H 113 -17.54 65.53 -14.48
N ASN H 114 -17.64 65.90 -13.20
CA ASN H 114 -18.27 65.10 -12.12
C ASN H 114 -17.56 63.75 -12.01
N ARG H 115 -16.25 63.80 -11.82
CA ARG H 115 -15.34 62.64 -11.53
C ARG H 115 -15.49 61.56 -12.60
N GLU H 116 -15.69 61.96 -13.86
CA GLU H 116 -15.82 61.05 -15.03
C GLU H 116 -15.10 61.67 -16.22
N PRO H 117 -14.16 60.95 -16.88
CA PRO H 117 -13.42 61.50 -18.01
C PRO H 117 -14.28 61.72 -19.26
N ARG H 118 -14.14 62.91 -19.87
CA ARG H 118 -14.92 63.36 -21.04
C ARG H 118 -14.00 64.08 -22.02
N ASN H 119 -14.33 64.04 -23.31
CA ASN H 119 -13.64 64.75 -24.41
C ASN H 119 -14.40 66.01 -24.79
N ALA H 120 -15.73 65.97 -24.76
CA ALA H 120 -16.60 67.16 -24.82
C ALA H 120 -17.86 66.91 -23.99
N GLN H 121 -18.46 67.97 -23.45
CA GLN H 121 -19.64 67.89 -22.56
C GLN H 121 -20.30 69.26 -22.47
N VAL H 122 -21.64 69.30 -22.49
CA VAL H 122 -22.43 70.55 -22.24
C VAL H 122 -22.72 70.61 -20.75
N MET H 123 -22.41 71.73 -20.11
CA MET H 123 -22.39 71.91 -18.64
C MET H 123 -23.74 72.44 -18.18
N GLN H 124 -24.28 71.87 -17.09
CA GLN H 124 -25.44 72.38 -16.33
C GLN H 124 -24.90 73.01 -15.05
N THR H 125 -25.66 73.92 -14.42
CA THR H 125 -25.20 74.72 -13.26
C THR H 125 -24.85 73.79 -12.12
N GLY H 126 -23.79 74.10 -11.37
CA GLY H 126 -23.34 73.35 -10.20
C GLY H 126 -22.54 72.11 -10.55
N ASP H 127 -21.96 72.05 -11.75
CA ASP H 127 -21.11 70.93 -12.22
C ASP H 127 -19.67 71.22 -11.81
N GLU H 128 -18.94 70.19 -11.37
CA GLU H 128 -17.50 70.28 -10.98
C GLU H 128 -16.65 69.86 -12.18
N ILE H 129 -15.70 70.71 -12.56
CA ILE H 129 -14.74 70.51 -13.69
C ILE H 129 -13.34 70.40 -13.12
N GLN H 130 -12.60 69.34 -13.42
CA GLN H 130 -11.21 69.11 -12.92
C GLN H 130 -10.21 69.27 -14.08
N ILE H 131 -9.28 70.22 -13.94
CA ILE H 131 -8.12 70.47 -14.83
C ILE H 131 -6.87 70.38 -13.96
N GLY H 132 -6.23 69.22 -13.92
CA GLY H 132 -5.04 68.98 -13.10
C GLY H 132 -5.42 68.73 -11.66
N LYS H 133 -4.89 69.53 -10.74
CA LYS H 133 -5.24 69.51 -9.30
C LYS H 133 -6.22 70.64 -8.98
N PHE H 134 -6.59 71.47 -9.96
CA PHE H 134 -7.61 72.53 -9.80
C PHE H 134 -8.98 71.91 -10.00
N ARG H 135 -9.95 72.30 -9.17
CA ARG H 135 -11.39 71.92 -9.28
C ARG H 135 -12.21 73.21 -9.29
N LEU H 136 -13.08 73.37 -10.31
CA LEU H 136 -13.86 74.60 -10.57
C LEU H 136 -15.34 74.25 -10.56
N VAL H 137 -16.22 75.23 -10.26
CA VAL H 137 -17.70 75.08 -10.23
C VAL H 137 -18.33 76.09 -11.19
N PHE H 138 -19.27 75.65 -12.00
CA PHE H 138 -19.90 76.40 -13.11
C PHE H 138 -21.23 76.97 -12.63
N LEU H 139 -21.46 78.27 -12.83
CA LEU H 139 -22.69 78.99 -12.43
C LEU H 139 -23.21 79.79 -13.63
N ALA H 140 -24.41 79.47 -14.10
CA ALA H 140 -25.04 80.11 -15.28
C ALA H 140 -25.57 81.49 -14.90
N GLY H 141 -26.01 82.26 -15.90
CA GLY H 141 -26.62 83.59 -15.73
C GLY H 141 -28.07 83.59 -16.20
N PRO H 142 -28.74 84.77 -16.21
CA PRO H 142 -30.06 84.91 -16.82
C PRO H 142 -30.05 84.63 -18.34
N ALA H 143 -31.18 84.15 -18.86
CA ALA H 143 -31.40 83.87 -20.31
C ALA H 143 -32.02 85.09 -20.98
N GLU I 41 -57.81 66.83 -19.60
CA GLU I 41 -58.25 67.39 -20.92
C GLU I 41 -59.45 68.32 -20.68
N ASN I 42 -60.69 67.85 -20.87
CA ASN I 42 -61.94 68.58 -20.51
C ASN I 42 -62.44 68.14 -19.13
N LEU I 43 -61.62 67.39 -18.37
CA LEU I 43 -61.91 66.98 -16.96
C LEU I 43 -62.10 68.22 -16.10
N PRO I 44 -63.13 68.28 -15.22
CA PRO I 44 -63.23 69.33 -14.21
C PRO I 44 -61.99 69.45 -13.33
N ALA I 45 -61.75 70.65 -12.77
CA ALA I 45 -60.56 70.95 -11.97
C ALA I 45 -60.67 70.27 -10.59
N GLY I 46 -59.64 69.51 -10.20
CA GLY I 46 -59.60 68.76 -8.93
C GLY I 46 -60.08 67.33 -9.07
N SER I 47 -60.49 66.90 -10.27
CA SER I 47 -60.93 65.52 -10.59
C SER I 47 -59.77 64.70 -11.16
N ALA I 48 -59.99 63.43 -11.44
CA ALA I 48 -59.03 62.51 -12.08
C ALA I 48 -59.77 61.32 -12.68
N LEU I 49 -59.05 60.43 -13.36
CA LEU I 49 -59.66 59.35 -14.19
C LEU I 49 -58.82 58.08 -14.07
N LEU I 50 -59.47 56.91 -14.07
CA LEU I 50 -58.83 55.58 -14.17
C LEU I 50 -59.39 54.88 -15.40
N VAL I 51 -58.53 54.25 -16.20
CA VAL I 51 -58.92 53.51 -17.44
C VAL I 51 -58.33 52.10 -17.41
N VAL I 52 -59.13 51.10 -17.77
CA VAL I 52 -58.77 49.66 -17.69
C VAL I 52 -57.91 49.32 -18.91
N LYS I 53 -56.62 49.08 -18.69
CA LYS I 53 -55.65 48.72 -19.76
C LYS I 53 -55.84 47.24 -20.11
N ARG I 54 -55.86 46.37 -19.10
CA ARG I 54 -55.87 44.89 -19.24
C ARG I 54 -56.96 44.30 -18.33
N GLY I 55 -57.81 43.43 -18.87
CA GLY I 55 -58.89 42.77 -18.11
C GLY I 55 -60.11 42.48 -19.00
N PRO I 56 -61.14 41.77 -18.48
CA PRO I 56 -62.35 41.49 -19.25
C PRO I 56 -63.11 42.71 -19.79
N ASN I 57 -63.17 43.79 -19.01
CA ASN I 57 -63.94 45.03 -19.33
C ASN I 57 -62.98 46.12 -19.80
N ALA I 58 -61.95 45.77 -20.57
CA ALA I 58 -60.86 46.69 -21.00
C ALA I 58 -61.45 47.84 -21.80
N GLY I 59 -61.00 49.07 -21.54
CA GLY I 59 -61.49 50.30 -22.18
C GLY I 59 -62.48 51.06 -21.30
N ALA I 60 -63.00 50.43 -20.24
CA ALA I 60 -63.93 51.06 -19.27
C ALA I 60 -63.25 52.24 -18.58
N ARG I 61 -64.00 53.32 -18.34
CA ARG I 61 -63.50 54.59 -17.73
C ARG I 61 -64.29 54.84 -16.44
N PHE I 62 -63.58 55.24 -15.38
CA PHE I 62 -64.12 55.57 -14.03
C PHE I 62 -63.63 56.95 -13.61
N LEU I 63 -64.44 57.69 -12.87
CA LEU I 63 -64.21 59.12 -12.51
C LEU I 63 -64.03 59.26 -11.00
N LEU I 64 -62.85 59.71 -10.57
CA LEU I 64 -62.52 60.04 -9.16
C LEU I 64 -62.82 61.51 -8.91
N ASP I 65 -63.94 61.82 -8.24
CA ASP I 65 -64.37 63.23 -7.98
C ASP I 65 -65.01 63.39 -6.59
N GLN I 66 -64.90 62.41 -5.67
CA GLN I 66 -65.47 62.48 -4.31
C GLN I 66 -64.42 62.01 -3.31
N PRO I 67 -64.42 62.52 -2.05
CA PRO I 67 -63.36 62.26 -1.09
C PRO I 67 -62.92 60.81 -0.85
N THR I 68 -63.84 59.84 -0.90
CA THR I 68 -63.52 58.38 -0.87
C THR I 68 -64.35 57.62 -1.90
N THR I 69 -63.68 56.69 -2.60
CA THR I 69 -64.24 55.83 -3.67
C THR I 69 -63.70 54.41 -3.46
N THR I 70 -64.59 53.43 -3.31
CA THR I 70 -64.29 52.03 -2.95
C THR I 70 -64.19 51.18 -4.20
N ALA I 71 -63.36 50.14 -4.19
CA ALA I 71 -63.09 49.26 -5.35
C ALA I 71 -62.92 47.83 -4.91
N GLY I 72 -63.78 46.92 -5.38
CA GLY I 72 -63.78 45.50 -4.98
C GLY I 72 -64.84 44.69 -5.68
N ARG I 73 -65.14 43.50 -5.16
CA ARG I 73 -66.06 42.49 -5.75
C ARG I 73 -67.42 42.55 -5.06
N HIS I 74 -67.60 43.43 -4.07
CA HIS I 74 -68.91 43.72 -3.44
C HIS I 74 -69.76 44.42 -4.47
N PRO I 75 -71.06 44.04 -4.64
CA PRO I 75 -71.88 44.65 -5.68
C PRO I 75 -72.32 46.10 -5.41
N GLU I 76 -72.02 46.65 -4.23
CA GLU I 76 -72.30 48.06 -3.87
C GLU I 76 -71.03 48.90 -3.94
N SER I 77 -69.92 48.35 -4.46
CA SER I 77 -68.64 49.07 -4.68
C SER I 77 -68.85 50.17 -5.71
N ASP I 78 -68.08 51.26 -5.61
CA ASP I 78 -68.09 52.38 -6.60
C ASP I 78 -67.46 51.90 -7.90
N ILE I 79 -66.33 51.19 -7.82
CA ILE I 79 -65.63 50.57 -8.99
C ILE I 79 -65.76 49.05 -8.87
N PHE I 80 -66.76 48.45 -9.52
CA PHE I 80 -67.12 47.01 -9.41
C PHE I 80 -66.28 46.19 -10.38
N LEU I 81 -65.40 45.34 -9.85
CA LEU I 81 -64.41 44.53 -10.63
C LEU I 81 -64.62 43.05 -10.34
N ASP I 82 -65.49 42.39 -11.11
CA ASP I 82 -65.98 41.01 -10.83
C ASP I 82 -64.96 39.99 -11.34
N ASP I 83 -64.21 39.38 -10.43
CA ASP I 83 -63.25 38.27 -10.70
C ASP I 83 -62.87 37.62 -9.37
N VAL I 84 -62.49 36.34 -9.40
CA VAL I 84 -62.11 35.52 -8.22
C VAL I 84 -60.91 36.16 -7.52
N THR I 85 -60.00 36.77 -8.26
CA THR I 85 -58.72 37.31 -7.73
C THR I 85 -58.95 38.58 -6.92
N VAL I 86 -60.06 39.29 -7.10
CA VAL I 86 -60.40 40.53 -6.35
C VAL I 86 -61.20 40.16 -5.10
N SER I 87 -60.91 40.82 -3.98
CA SER I 87 -61.58 40.66 -2.67
C SER I 87 -62.77 41.60 -2.59
N ARG I 88 -63.73 41.30 -1.71
CA ARG I 88 -65.02 42.01 -1.61
C ARG I 88 -64.77 43.47 -1.29
N ARG I 89 -63.93 43.73 -0.30
CA ARG I 89 -63.35 45.08 -0.02
C ARG I 89 -61.85 44.98 -0.26
N HIS I 90 -61.28 45.69 -1.25
CA HIS I 90 -59.90 45.50 -1.77
C HIS I 90 -59.04 46.74 -1.67
N ALA I 91 -59.50 47.90 -2.12
CA ALA I 91 -58.75 49.16 -1.95
C ALA I 91 -59.67 50.37 -2.03
N GLU I 92 -59.22 51.49 -1.48
CA GLU I 92 -59.90 52.80 -1.58
C GLU I 92 -58.97 53.81 -2.24
N PHE I 93 -59.54 54.75 -3.00
CA PHE I 93 -58.87 55.93 -3.61
C PHE I 93 -59.37 57.18 -2.89
N ARG I 94 -58.46 57.96 -2.29
CA ARG I 94 -58.76 59.11 -1.41
C ARG I 94 -58.12 60.39 -1.95
N ILE I 95 -58.86 61.51 -1.97
CA ILE I 95 -58.40 62.85 -2.43
C ILE I 95 -58.32 63.76 -1.22
N ASN I 96 -57.10 64.22 -0.89
CA ASN I 96 -56.78 65.01 0.34
C ASN I 96 -55.91 66.22 -0.04
N GLU I 97 -56.50 67.42 -0.01
CA GLU I 97 -55.84 68.71 -0.35
C GLU I 97 -55.22 68.59 -1.75
N GLY I 98 -56.07 68.30 -2.75
CA GLY I 98 -55.70 68.15 -4.16
C GLY I 98 -54.53 67.21 -4.35
N GLU I 99 -54.62 66.00 -3.79
CA GLU I 99 -53.57 64.94 -3.90
C GLU I 99 -54.23 63.57 -3.81
N PHE I 100 -53.94 62.68 -4.75
CA PHE I 100 -54.63 61.38 -4.97
C PHE I 100 -53.78 60.24 -4.42
N GLU I 101 -54.35 59.40 -3.54
CA GLU I 101 -53.66 58.28 -2.84
C GLU I 101 -54.41 56.97 -3.02
N VAL I 102 -53.70 55.87 -3.21
CA VAL I 102 -54.25 54.48 -3.18
C VAL I 102 -53.90 53.85 -1.84
N VAL I 103 -54.81 53.05 -1.27
CA VAL I 103 -54.69 52.40 0.08
C VAL I 103 -55.27 51.01 0.02
N ASP I 104 -54.51 49.98 0.43
CA ASP I 104 -55.00 48.60 0.56
C ASP I 104 -55.76 48.48 1.87
N VAL I 105 -56.98 47.94 1.84
CA VAL I 105 -57.90 47.83 3.00
C VAL I 105 -58.01 46.36 3.44
N GLY I 106 -56.99 45.54 3.18
CA GLY I 106 -56.81 44.21 3.80
C GLY I 106 -57.19 43.08 2.87
N SER I 107 -56.68 43.08 1.65
CA SER I 107 -56.96 42.07 0.61
C SER I 107 -55.95 40.94 0.71
N LEU I 108 -56.25 39.79 0.11
CA LEU I 108 -55.40 38.59 0.15
C LEU I 108 -54.22 38.77 -0.79
N ASN I 109 -54.47 39.21 -2.03
CA ASN I 109 -53.43 39.30 -3.09
C ASN I 109 -52.67 40.62 -3.01
N GLY I 110 -53.21 41.64 -2.35
CA GLY I 110 -52.54 42.94 -2.19
C GLY I 110 -52.70 43.82 -3.40
N THR I 111 -52.24 45.07 -3.31
CA THR I 111 -52.23 46.08 -4.40
C THR I 111 -50.78 46.38 -4.80
N TYR I 112 -50.51 46.44 -6.11
CA TYR I 112 -49.19 46.76 -6.71
C TYR I 112 -49.26 48.09 -7.47
N VAL I 113 -48.28 48.98 -7.28
CA VAL I 113 -48.09 50.24 -8.06
C VAL I 113 -46.75 50.16 -8.78
N ASN I 114 -46.78 50.04 -10.11
CA ASN I 114 -45.61 49.86 -11.01
C ASN I 114 -44.87 48.60 -10.58
N ARG I 115 -45.57 47.47 -10.56
CA ARG I 115 -45.07 46.09 -10.34
C ARG I 115 -44.27 46.00 -9.03
N GLU I 116 -44.70 46.73 -8.00
CA GLU I 116 -44.07 46.74 -6.65
C GLU I 116 -45.17 46.80 -5.60
N PRO I 117 -45.19 45.88 -4.61
CA PRO I 117 -46.23 45.86 -3.59
C PRO I 117 -46.16 47.05 -2.62
N ARG I 118 -47.30 47.69 -2.37
CA ARG I 118 -47.46 48.90 -1.54
C ARG I 118 -48.71 48.78 -0.67
N ASN I 119 -48.71 49.41 0.49
CA ASN I 119 -49.85 49.51 1.44
C ASN I 119 -50.54 50.85 1.29
N ALA I 120 -49.78 51.92 1.06
CA ALA I 120 -50.30 53.24 0.61
C ALA I 120 -49.27 53.90 -0.29
N GLN I 121 -49.74 54.75 -1.22
CA GLN I 121 -48.88 55.43 -2.22
C GLN I 121 -49.64 56.60 -2.82
N VAL I 122 -48.97 57.73 -3.04
CA VAL I 122 -49.52 58.91 -3.77
C VAL I 122 -49.16 58.73 -5.24
N MET I 123 -50.16 58.84 -6.12
CA MET I 123 -50.06 58.46 -7.55
C MET I 123 -49.70 59.70 -8.36
N GLN I 124 -48.77 59.55 -9.30
CA GLN I 124 -48.43 60.53 -10.37
C GLN I 124 -49.04 60.01 -11.67
N THR I 125 -49.27 60.88 -12.65
CA THR I 125 -49.98 60.54 -13.91
C THR I 125 -49.22 59.46 -14.65
N GLY I 126 -49.93 58.53 -15.27
CA GLY I 126 -49.35 57.45 -16.08
C GLY I 126 -48.83 56.29 -15.26
N ASP I 127 -49.29 56.15 -14.00
CA ASP I 127 -48.90 55.04 -13.10
C ASP I 127 -49.85 53.87 -13.33
N GLU I 128 -49.32 52.63 -13.32
CA GLU I 128 -50.10 51.38 -13.47
C GLU I 128 -50.42 50.83 -12.09
N ILE I 129 -51.70 50.56 -11.82
CA ILE I 129 -52.24 50.02 -10.53
C ILE I 129 -52.81 48.64 -10.83
N GLN I 130 -52.37 47.60 -10.10
CA GLN I 130 -52.86 46.21 -10.27
C GLN I 130 -53.72 45.79 -9.06
N ILE I 131 -54.99 45.45 -9.32
CA ILE I 131 -55.96 44.87 -8.36
C ILE I 131 -56.42 43.54 -8.95
N GLY I 132 -55.80 42.44 -8.54
CA GLY I 132 -56.11 41.10 -9.05
C GLY I 132 -55.47 40.87 -10.39
N LYS I 133 -56.27 40.53 -11.40
CA LYS I 133 -55.83 40.39 -12.81
C LYS I 133 -56.17 41.66 -13.60
N PHE I 134 -56.82 42.64 -12.99
CA PHE I 134 -57.11 43.95 -13.63
C PHE I 134 -55.90 44.84 -13.48
N ARG I 135 -55.55 45.59 -14.54
CA ARG I 135 -54.49 46.63 -14.56
C ARG I 135 -55.10 47.92 -15.06
N LEU I 136 -54.94 49.01 -14.30
CA LEU I 136 -55.57 50.33 -14.54
C LEU I 136 -54.47 51.39 -14.69
N VAL I 137 -54.77 52.49 -15.40
CA VAL I 137 -53.84 53.64 -15.64
C VAL I 137 -54.49 54.92 -15.13
N PHE I 138 -53.74 55.73 -14.39
CA PHE I 138 -54.21 56.94 -13.67
C PHE I 138 -53.88 58.18 -14.51
N LEU I 139 -54.86 59.04 -14.75
CA LEU I 139 -54.73 60.29 -15.54
C LEU I 139 -55.30 61.45 -14.74
N ALA I 140 -54.48 62.44 -14.40
CA ALA I 140 -54.86 63.61 -13.59
C ALA I 140 -55.65 64.60 -14.43
N GLY I 141 -56.21 65.62 -13.79
CA GLY I 141 -56.95 66.72 -14.44
C GLY I 141 -56.24 68.06 -14.24
N PRO I 142 -56.86 69.18 -14.71
CA PRO I 142 -56.36 70.52 -14.38
C PRO I 142 -56.38 70.82 -12.87
N ALA I 143 -55.47 71.68 -12.41
CA ALA I 143 -55.34 72.14 -11.02
C ALA I 143 -56.13 73.45 -10.83
N GLU J 41 -49.67 -67.70 -34.43
CA GLU J 41 -51.01 -68.23 -34.00
C GLU J 41 -51.52 -69.18 -35.11
N ASN J 42 -52.39 -68.70 -36.01
CA ASN J 42 -52.86 -69.44 -37.22
C ASN J 42 -52.01 -69.04 -38.44
N LEU J 43 -50.91 -68.30 -38.25
CA LEU J 43 -49.96 -67.89 -39.32
C LEU J 43 -49.39 -69.14 -39.98
N PRO J 44 -49.31 -69.19 -41.33
CA PRO J 44 -48.56 -70.24 -42.03
C PRO J 44 -47.11 -70.36 -41.56
N ALA J 45 -46.52 -71.55 -41.70
CA ALA J 45 -45.15 -71.87 -41.23
C ALA J 45 -44.13 -71.20 -42.15
N GLY J 46 -43.19 -70.44 -41.56
CA GLY J 46 -42.15 -69.70 -42.28
C GLY J 46 -42.54 -68.26 -42.58
N SER J 47 -43.75 -67.82 -42.18
CA SER J 47 -44.26 -66.44 -42.37
C SER J 47 -44.02 -65.62 -41.10
N ALA J 48 -44.39 -64.34 -41.12
CA ALA J 48 -44.33 -63.42 -39.97
C ALA J 48 -45.28 -62.25 -40.21
N LEU J 49 -45.40 -61.35 -39.24
CA LEU J 49 -46.43 -60.28 -39.21
C LEU J 49 -45.85 -59.01 -38.62
N LEU J 50 -46.25 -57.84 -39.15
CA LEU J 50 -45.95 -56.50 -38.59
C LEU J 50 -47.28 -55.82 -38.30
N VAL J 51 -47.42 -55.18 -37.13
CA VAL J 51 -48.65 -54.46 -36.70
C VAL J 51 -48.28 -53.05 -36.25
N VAL J 52 -49.06 -52.05 -36.68
CA VAL J 52 -48.80 -50.60 -36.46
C VAL J 52 -49.26 -50.25 -35.04
N LYS J 53 -48.32 -50.01 -34.14
CA LYS J 53 -48.59 -49.64 -32.73
C LYS J 53 -49.00 -48.17 -32.67
N ARG J 54 -48.21 -47.30 -33.29
CA ARG J 54 -48.34 -45.81 -33.24
C ARG J 54 -48.28 -45.23 -34.65
N GLY J 55 -49.22 -44.37 -35.03
CA GLY J 55 -49.28 -43.72 -36.34
C GLY J 55 -50.72 -43.45 -36.79
N PRO J 56 -50.92 -42.75 -37.93
CA PRO J 56 -52.27 -42.48 -38.45
C PRO J 56 -53.14 -43.71 -38.71
N ASN J 57 -52.55 -44.80 -39.23
CA ASN J 57 -53.25 -46.04 -39.64
C ASN J 57 -53.04 -47.13 -38.58
N ALA J 58 -53.06 -46.77 -37.29
CA ALA J 58 -52.73 -47.66 -36.16
C ALA J 58 -53.72 -48.83 -36.14
N GLY J 59 -53.21 -50.05 -35.94
CA GLY J 59 -54.01 -51.29 -35.94
C GLY J 59 -53.90 -52.06 -37.24
N ALA J 60 -53.37 -51.44 -38.31
CA ALA J 60 -53.14 -52.06 -39.63
C ALA J 60 -52.17 -53.24 -39.49
N ARG J 61 -52.42 -54.33 -40.23
CA ARG J 61 -51.62 -55.57 -40.19
C ARG J 61 -51.06 -55.84 -41.59
N PHE J 62 -49.77 -56.21 -41.66
CA PHE J 62 -49.03 -56.55 -42.90
C PHE J 62 -48.38 -57.93 -42.76
N LEU J 63 -48.26 -58.68 -43.86
CA LEU J 63 -47.83 -60.09 -43.87
C LEU J 63 -46.50 -60.23 -44.64
N LEU J 64 -45.45 -60.66 -43.95
CA LEU J 64 -44.12 -60.98 -44.52
C LEU J 64 -44.08 -62.46 -44.92
N ASP J 65 -44.22 -62.77 -46.20
CA ASP J 65 -44.26 -64.17 -46.71
C ASP J 65 -43.52 -64.35 -48.04
N GLN J 66 -42.73 -63.36 -48.50
CA GLN J 66 -41.98 -63.42 -49.79
C GLN J 66 -40.55 -62.94 -49.55
N PRO J 67 -39.56 -63.44 -50.31
CA PRO J 67 -38.14 -63.16 -50.04
C PRO J 67 -37.71 -61.72 -49.84
N THR J 68 -38.31 -60.75 -50.54
CA THR J 68 -38.10 -59.29 -50.32
C THR J 68 -39.44 -58.54 -50.35
N THR J 69 -39.62 -57.61 -49.42
CA THR J 69 -40.81 -56.76 -49.22
C THR J 69 -40.33 -55.33 -48.92
N THR J 70 -40.76 -54.37 -49.73
CA THR J 70 -40.30 -52.97 -49.72
C THR J 70 -41.25 -52.12 -48.88
N ALA J 71 -40.75 -51.07 -48.23
CA ALA J 71 -41.53 -50.21 -47.32
C ALA J 71 -41.08 -48.76 -47.47
N GLY J 72 -41.98 -47.86 -47.86
CA GLY J 72 -41.68 -46.45 -48.12
C GLY J 72 -42.89 -45.64 -48.56
N ARG J 73 -42.66 -44.46 -49.10
CA ARG J 73 -43.70 -43.45 -49.50
C ARG J 73 -43.97 -43.53 -51.00
N HIS J 74 -43.28 -44.40 -51.73
CA HIS J 74 -43.55 -44.70 -53.16
C HIS J 74 -44.88 -45.41 -53.22
N PRO J 75 -45.80 -45.06 -54.15
CA PRO J 75 -47.12 -45.68 -54.18
C PRO J 75 -47.15 -47.12 -54.69
N GLU J 76 -46.03 -47.66 -55.16
CA GLU J 76 -45.89 -49.08 -55.59
C GLU J 76 -45.18 -49.91 -54.53
N SER J 77 -44.93 -49.35 -53.33
CA SER J 77 -44.33 -50.05 -52.17
C SER J 77 -45.26 -51.17 -51.71
N ASP J 78 -44.71 -52.25 -51.15
CA ASP J 78 -45.50 -53.37 -50.56
C ASP J 78 -46.17 -52.89 -49.27
N ILE J 79 -45.43 -52.18 -48.42
CA ILE J 79 -45.95 -51.55 -47.17
C ILE J 79 -45.95 -50.03 -47.35
N PHE J 80 -47.07 -49.44 -47.77
CA PHE J 80 -47.22 -48.01 -48.13
C PHE J 80 -47.49 -47.18 -46.88
N LEU J 81 -46.55 -46.32 -46.49
CA LEU J 81 -46.60 -45.51 -45.24
C LEU J 81 -46.50 -44.03 -45.58
N ASP J 82 -47.64 -43.38 -45.82
CA ASP J 82 -47.73 -42.00 -46.39
C ASP J 82 -47.53 -40.97 -45.27
N ASP J 83 -46.35 -40.35 -45.23
CA ASP J 83 -46.01 -39.24 -44.31
C ASP J 83 -44.72 -38.57 -44.80
N VAL J 84 -44.54 -37.30 -44.48
CA VAL J 84 -43.38 -36.46 -44.90
C VAL J 84 -42.09 -37.08 -44.36
N THR J 85 -42.12 -37.69 -43.17
CA THR J 85 -40.93 -38.21 -42.46
C THR J 85 -40.41 -39.48 -43.13
N VAL J 86 -41.21 -40.20 -43.90
CA VAL J 86 -40.80 -41.44 -44.62
C VAL J 86 -40.29 -41.08 -46.01
N SER J 87 -39.20 -41.73 -46.45
CA SER J 87 -38.56 -41.57 -47.77
C SER J 87 -39.20 -42.52 -48.78
N ARG J 88 -39.08 -42.22 -50.06
CA ARG J 88 -39.77 -42.94 -51.16
C ARG J 88 -39.35 -44.40 -51.15
N ARG J 89 -38.05 -44.66 -51.06
CA ARG J 89 -37.47 -45.99 -50.75
C ARG J 89 -36.76 -45.87 -49.41
N HIS J 90 -37.20 -46.59 -48.36
CA HIS J 90 -36.78 -46.37 -46.94
C HIS J 90 -36.17 -47.61 -46.32
N ALA J 91 -36.81 -48.78 -46.41
CA ALA J 91 -36.21 -50.03 -45.90
C ALA J 91 -36.80 -51.25 -46.58
N GLU J 92 -36.09 -52.37 -46.54
CA GLU J 92 -36.56 -53.69 -47.03
C GLU J 92 -36.52 -54.69 -45.87
N PHE J 93 -37.46 -55.65 -45.87
CA PHE J 93 -37.54 -56.81 -44.97
C PHE J 93 -37.24 -58.06 -45.79
N ARG J 94 -36.21 -58.83 -45.42
CA ARG J 94 -35.67 -59.98 -46.18
C ARG J 94 -35.70 -61.26 -45.34
N ILE J 95 -36.16 -62.37 -45.92
CA ILE J 95 -36.24 -63.71 -45.26
C ILE J 95 -35.21 -64.62 -45.91
N ASN J 96 -34.21 -65.06 -45.14
CA ASN J 96 -33.03 -65.85 -45.62
C ASN J 96 -32.79 -67.05 -44.69
N GLU J 97 -33.12 -68.26 -45.17
CA GLU J 97 -32.98 -69.54 -44.43
C GLU J 97 -33.73 -69.43 -43.10
N GLY J 98 -35.04 -69.15 -43.18
CA GLY J 98 -35.95 -68.99 -42.03
C GLY J 98 -35.40 -68.04 -40.99
N GLU J 99 -35.03 -66.83 -41.40
CA GLU J 99 -34.49 -65.77 -40.50
C GLU J 99 -34.83 -64.40 -41.10
N PHE J 100 -35.41 -63.51 -40.29
CA PHE J 100 -36.02 -62.23 -40.72
C PHE J 100 -35.08 -61.06 -40.39
N GLU J 101 -34.72 -60.23 -41.38
CA GLU J 101 -33.76 -59.11 -41.25
C GLU J 101 -34.38 -57.81 -41.74
N VAL J 102 -34.12 -56.69 -41.08
CA VAL J 102 -34.43 -55.30 -41.54
C VAL J 102 -33.15 -54.67 -42.07
N VAL J 103 -33.25 -53.86 -43.14
CA VAL J 103 -32.11 -53.23 -43.86
C VAL J 103 -32.52 -51.82 -44.28
N ASP J 104 -31.76 -50.80 -43.92
CA ASP J 104 -31.96 -49.41 -44.41
C ASP J 104 -31.36 -49.31 -45.81
N VAL J 105 -32.13 -48.77 -46.76
CA VAL J 105 -31.75 -48.66 -48.20
C VAL J 105 -31.48 -47.19 -48.56
N GLY J 106 -31.07 -46.36 -47.59
CA GLY J 106 -30.49 -45.03 -47.83
C GLY J 106 -31.48 -43.91 -47.58
N SER J 107 -32.14 -43.92 -46.43
CA SER J 107 -33.15 -42.91 -46.02
C SER J 107 -32.48 -41.77 -45.30
N LEU J 108 -33.15 -40.63 -45.18
CA LEU J 108 -32.62 -39.42 -44.54
C LEU J 108 -32.66 -39.59 -43.02
N ASN J 109 -33.79 -40.04 -42.48
CA ASN J 109 -34.02 -40.12 -41.02
C ASN J 109 -33.49 -41.44 -40.45
N GLY J 110 -33.28 -42.45 -41.27
CA GLY J 110 -32.73 -43.75 -40.83
C GLY J 110 -33.79 -44.63 -40.21
N THR J 111 -33.43 -45.87 -39.90
CA THR J 111 -34.27 -46.90 -39.23
C THR J 111 -33.73 -47.18 -37.83
N TYR J 112 -34.61 -47.24 -36.82
CA TYR J 112 -34.30 -47.55 -35.41
C TYR J 112 -34.93 -48.88 -35.00
N VAL J 113 -34.19 -49.77 -34.33
CA VAL J 113 -34.68 -51.03 -33.69
C VAL J 113 -34.45 -50.94 -32.19
N ASN J 114 -35.54 -50.83 -31.42
CA ASN J 114 -35.55 -50.64 -29.95
C ASN J 114 -34.78 -49.36 -29.62
N ARG J 115 -35.20 -48.25 -30.20
CA ARG J 115 -34.73 -46.86 -29.94
C ARG J 115 -33.21 -46.76 -30.09
N GLU J 116 -32.62 -47.49 -31.04
CA GLU J 116 -31.17 -47.49 -31.34
C GLU J 116 -30.99 -47.55 -32.86
N PRO J 117 -30.22 -46.62 -33.48
CA PRO J 117 -30.03 -46.61 -34.92
C PRO J 117 -29.20 -47.78 -35.44
N ARG J 118 -29.69 -48.44 -36.49
CA ARG J 118 -29.10 -49.65 -37.11
C ARG J 118 -29.16 -49.53 -38.64
N ASN J 119 -28.21 -50.17 -39.33
CA ASN J 119 -28.15 -50.27 -40.81
C ASN J 119 -28.67 -51.62 -41.26
N ALA J 120 -28.38 -52.69 -40.52
CA ALA J 120 -29.03 -54.00 -40.66
C ALA J 120 -29.14 -54.67 -39.30
N GLN J 121 -30.15 -55.51 -39.11
CA GLN J 121 -30.43 -56.19 -37.82
C GLN J 121 -31.35 -57.37 -38.05
N VAL J 122 -31.11 -58.50 -37.38
CA VAL J 122 -32.02 -59.69 -37.37
C VAL J 122 -32.98 -59.52 -36.21
N MET J 123 -34.28 -59.63 -36.48
CA MET J 123 -35.37 -59.26 -35.54
C MET J 123 -35.79 -60.51 -34.76
N GLN J 124 -35.99 -60.35 -33.44
CA GLN J 124 -36.63 -61.33 -32.54
C GLN J 124 -38.03 -60.82 -32.24
N THR J 125 -38.95 -61.71 -31.84
CA THR J 125 -40.39 -61.38 -31.65
C THR J 125 -40.53 -60.29 -30.60
N GLY J 126 -41.46 -59.37 -30.80
CA GLY J 126 -41.78 -58.28 -29.85
C GLY J 126 -40.82 -57.13 -29.94
N ASP J 127 -40.09 -56.97 -31.05
CA ASP J 127 -39.14 -55.85 -31.30
C ASP J 127 -39.91 -54.69 -31.93
N GLU J 128 -39.60 -53.46 -31.51
CA GLU J 128 -40.21 -52.22 -32.05
C GLU J 128 -39.29 -51.66 -33.13
N ILE J 129 -39.84 -51.41 -34.32
CA ILE J 129 -39.14 -50.86 -35.52
C ILE J 129 -39.73 -49.49 -35.83
N GLN J 130 -38.91 -48.44 -35.92
CA GLN J 130 -39.34 -47.05 -36.21
C GLN J 130 -38.91 -46.64 -37.62
N ILE J 131 -39.88 -46.32 -38.48
CA ILE J 131 -39.71 -45.74 -39.84
C ILE J 131 -40.46 -44.42 -39.86
N GLY J 132 -39.78 -43.31 -39.62
CA GLY J 132 -40.39 -41.98 -39.57
C GLY J 132 -41.07 -41.74 -38.25
N LYS J 133 -42.36 -41.43 -38.28
CA LYS J 133 -43.22 -41.29 -37.09
C LYS J 133 -44.05 -42.55 -36.88
N PHE J 134 -43.94 -43.55 -37.75
CA PHE J 134 -44.62 -44.86 -37.61
C PHE J 134 -43.75 -45.74 -36.71
N ARG J 135 -44.39 -46.49 -35.80
CA ARG J 135 -43.76 -47.51 -34.93
C ARG J 135 -44.51 -48.82 -35.12
N LEU J 136 -43.79 -49.90 -35.43
CA LEU J 136 -44.34 -51.23 -35.79
C LEU J 136 -43.80 -52.28 -34.82
N VAL J 137 -44.54 -53.38 -34.62
CA VAL J 137 -44.16 -54.52 -33.73
C VAL J 137 -44.14 -55.81 -34.55
N PHE J 138 -43.08 -56.61 -34.39
CA PHE J 138 -42.77 -57.82 -35.19
C PHE J 138 -43.23 -59.05 -34.42
N LEU J 139 -44.01 -59.93 -35.05
CA LEU J 139 -44.55 -61.17 -34.46
C LEU J 139 -44.24 -62.34 -35.40
N ALA J 140 -43.45 -63.31 -34.94
CA ALA J 140 -43.03 -64.49 -35.72
C ALA J 140 -44.18 -65.49 -35.84
N GLY J 141 -44.00 -66.51 -36.67
CA GLY J 141 -44.97 -67.61 -36.87
C GLY J 141 -44.39 -68.95 -36.42
N PRO J 142 -45.13 -70.07 -36.63
CA PRO J 142 -44.58 -71.41 -36.42
C PRO J 142 -43.39 -71.73 -37.34
N ALA J 143 -42.48 -72.58 -36.87
CA ALA J 143 -41.28 -73.04 -37.61
C ALA J 143 -41.58 -74.35 -38.34
N GLU K 41 -24.14 -86.18 -14.29
CA GLU K 41 -23.58 -87.20 -15.24
C GLU K 41 -24.17 -88.57 -14.91
N ASN K 42 -23.45 -89.42 -14.16
CA ASN K 42 -23.95 -90.71 -13.61
C ASN K 42 -24.45 -90.51 -12.16
N LEU K 43 -24.56 -89.26 -11.69
CA LEU K 43 -25.13 -88.90 -10.35
C LEU K 43 -26.56 -89.43 -10.26
N PRO K 44 -26.96 -90.06 -9.13
CA PRO K 44 -28.36 -90.38 -8.87
C PRO K 44 -29.30 -89.16 -8.97
N ALA K 45 -30.57 -89.39 -9.29
CA ALA K 45 -31.58 -88.33 -9.51
C ALA K 45 -31.96 -87.71 -8.17
N GLY K 46 -31.89 -86.37 -8.08
CA GLY K 46 -32.19 -85.60 -6.86
C GLY K 46 -30.96 -85.33 -6.01
N SER K 47 -29.77 -85.79 -6.42
CA SER K 47 -28.47 -85.56 -5.74
C SER K 47 -27.75 -84.37 -6.37
N ALA K 48 -26.60 -84.01 -5.83
CA ALA K 48 -25.70 -82.95 -6.36
C ALA K 48 -24.30 -83.15 -5.81
N LEU K 49 -23.35 -82.32 -6.25
CA LEU K 49 -21.89 -82.52 -5.98
C LEU K 49 -21.22 -81.17 -5.74
N LEU K 50 -20.24 -81.13 -4.83
CA LEU K 50 -19.34 -79.96 -4.60
C LEU K 50 -17.91 -80.44 -4.82
N VAL K 51 -17.09 -79.66 -5.55
CA VAL K 51 -15.67 -79.99 -5.85
C VAL K 51 -14.79 -78.79 -5.46
N VAL K 52 -13.66 -79.06 -4.81
CA VAL K 52 -12.74 -78.03 -4.25
C VAL K 52 -11.87 -77.51 -5.40
N LYS K 53 -12.09 -76.28 -5.83
CA LYS K 53 -11.33 -75.63 -6.92
C LYS K 53 -9.99 -75.15 -6.36
N ARG K 54 -10.02 -74.43 -5.23
CA ARG K 54 -8.84 -73.76 -4.60
C ARG K 54 -8.80 -74.09 -3.11
N GLY K 55 -7.64 -74.52 -2.61
CA GLY K 55 -7.43 -74.86 -1.18
C GLY K 55 -6.41 -75.97 -1.01
N PRO K 56 -6.02 -76.31 0.25
CA PRO K 56 -5.06 -77.38 0.51
C PRO K 56 -5.43 -78.77 -0.05
N ASN K 57 -6.72 -79.12 0.01
CA ASN K 57 -7.26 -80.46 -0.39
C ASN K 57 -7.93 -80.36 -1.77
N ALA K 58 -7.37 -79.56 -2.69
CA ALA K 58 -7.98 -79.25 -4.00
C ALA K 58 -8.17 -80.54 -4.80
N GLY K 59 -9.33 -80.69 -5.45
CA GLY K 59 -9.71 -81.90 -6.21
C GLY K 59 -10.63 -82.82 -5.44
N ALA K 60 -10.77 -82.62 -4.13
CA ALA K 60 -11.67 -83.41 -3.24
C ALA K 60 -13.12 -83.24 -3.70
N ARG K 61 -13.91 -84.32 -3.65
CA ARG K 61 -15.32 -84.35 -4.09
C ARG K 61 -16.20 -84.75 -2.90
N PHE K 62 -17.33 -84.04 -2.73
CA PHE K 62 -18.34 -84.26 -1.67
C PHE K 62 -19.72 -84.43 -2.30
N LEU K 63 -20.59 -85.24 -1.69
CA LEU K 63 -21.91 -85.65 -2.25
C LEU K 63 -23.04 -85.13 -1.37
N LEU K 64 -23.88 -84.25 -1.92
CA LEU K 64 -25.12 -83.74 -1.28
C LEU K 64 -26.30 -84.64 -1.63
N ASP K 65 -26.72 -85.51 -0.72
CA ASP K 65 -27.83 -86.48 -0.98
C ASP K 65 -28.74 -86.67 0.25
N GLN K 66 -28.65 -85.82 1.29
CA GLN K 66 -29.48 -85.92 2.52
C GLN K 66 -30.01 -84.54 2.87
N PRO K 67 -31.21 -84.43 3.50
CA PRO K 67 -31.87 -83.15 3.73
C PRO K 67 -31.06 -82.01 4.35
N THR K 68 -30.13 -82.29 5.28
CA THR K 68 -29.16 -81.30 5.82
C THR K 68 -27.76 -81.90 5.91
N THR K 69 -26.76 -81.11 5.51
CA THR K 69 -25.32 -81.45 5.47
C THR K 69 -24.53 -80.25 6.01
N THR K 70 -23.75 -80.46 7.05
CA THR K 70 -23.03 -79.41 7.82
C THR K 70 -21.60 -79.27 7.31
N ALA K 71 -21.03 -78.07 7.36
CA ALA K 71 -19.68 -77.76 6.82
C ALA K 71 -18.97 -76.78 7.74
N GLY K 72 -17.82 -77.17 8.30
CA GLY K 72 -17.06 -76.35 9.27
C GLY K 72 -15.80 -77.03 9.73
N ARG K 73 -15.21 -76.52 10.82
CA ARG K 73 -13.90 -76.96 11.39
C ARG K 73 -14.13 -77.90 12.57
N HIS K 74 -15.37 -78.19 12.94
CA HIS K 74 -15.74 -79.22 13.95
C HIS K 74 -15.39 -80.57 13.36
N PRO K 75 -14.75 -81.49 14.10
CA PRO K 75 -14.33 -82.77 13.54
C PRO K 75 -15.47 -83.77 13.27
N GLU K 76 -16.70 -83.45 13.67
CA GLU K 76 -17.91 -84.27 13.39
C GLU K 76 -18.73 -83.67 12.25
N SER K 77 -18.22 -82.65 11.56
CA SER K 77 -18.85 -82.01 10.37
C SER K 77 -18.95 -83.03 9.24
N ASP K 78 -19.95 -82.91 8.37
CA ASP K 78 -20.11 -83.76 7.17
C ASP K 78 -19.03 -83.38 6.15
N ILE K 79 -18.80 -82.10 5.93
CA ILE K 79 -17.72 -81.55 5.05
C ILE K 79 -16.68 -80.87 5.93
N PHE K 80 -15.61 -81.59 6.31
CA PHE K 80 -14.57 -81.14 7.25
C PHE K 80 -13.50 -80.33 6.53
N LEU K 81 -13.40 -79.03 6.82
CA LEU K 81 -12.52 -78.06 6.14
C LEU K 81 -11.58 -77.41 7.16
N ASP K 82 -10.43 -78.01 7.41
CA ASP K 82 -9.51 -77.65 8.52
C ASP K 82 -8.64 -76.46 8.11
N ASP K 83 -8.95 -75.27 8.64
CA ASP K 83 -8.16 -74.03 8.46
C ASP K 83 -8.64 -73.00 9.49
N VAL K 84 -7.76 -72.07 9.87
CA VAL K 84 -8.02 -71.01 10.88
C VAL K 84 -9.19 -70.14 10.43
N THR K 85 -9.33 -69.91 9.12
CA THR K 85 -10.33 -68.97 8.54
C THR K 85 -11.74 -69.55 8.62
N VAL K 86 -11.90 -70.86 8.75
CA VAL K 86 -13.23 -71.53 8.86
C VAL K 86 -13.62 -71.64 10.33
N SER K 87 -14.90 -71.39 10.64
CA SER K 87 -15.51 -71.48 12.00
C SER K 87 -16.00 -72.89 12.24
N ARG K 88 -16.17 -73.27 13.51
CA ARG K 88 -16.48 -74.66 13.94
C ARG K 88 -17.81 -75.08 13.33
N ARG K 89 -18.83 -74.23 13.43
CA ARG K 89 -20.08 -74.34 12.67
C ARG K 89 -20.16 -73.13 11.74
N HIS K 90 -20.16 -73.32 10.41
CA HIS K 90 -19.95 -72.24 9.41
C HIS K 90 -21.10 -72.12 8.42
N ALA K 91 -21.54 -73.21 7.80
CA ALA K 91 -22.72 -73.17 6.91
C ALA K 91 -23.37 -74.53 6.77
N GLU K 92 -24.63 -74.56 6.37
CA GLU K 92 -25.38 -75.80 6.05
C GLU K 92 -25.86 -75.73 4.60
N PHE K 93 -25.94 -76.88 3.94
CA PHE K 93 -26.53 -77.09 2.59
C PHE K 93 -27.80 -77.91 2.75
N ARG K 94 -28.95 -77.37 2.31
CA ARG K 94 -30.31 -77.93 2.53
C ARG K 94 -31.01 -78.19 1.21
N ILE K 95 -31.65 -79.36 1.06
CA ILE K 95 -32.41 -79.77 -0.16
C ILE K 95 -33.90 -79.80 0.21
N ASN K 96 -34.69 -78.93 -0.43
CA ASN K 96 -36.14 -78.70 -0.13
C ASN K 96 -36.94 -78.70 -1.44
N GLU K 97 -37.72 -79.76 -1.68
CA GLU K 97 -38.57 -79.95 -2.89
C GLU K 97 -37.68 -79.81 -4.13
N GLY K 98 -36.65 -80.65 -4.23
CA GLY K 98 -35.68 -80.70 -5.33
C GLY K 98 -35.10 -79.33 -5.65
N GLU K 99 -34.58 -78.63 -4.63
CA GLU K 99 -33.96 -77.30 -4.78
C GLU K 99 -32.88 -77.13 -3.70
N PHE K 100 -31.68 -76.72 -4.09
CA PHE K 100 -30.45 -76.71 -3.26
C PHE K 100 -30.15 -75.29 -2.77
N GLU K 101 -30.01 -75.08 -1.45
CA GLU K 101 -29.80 -73.76 -0.81
C GLU K 101 -28.57 -73.78 0.10
N VAL K 102 -27.78 -72.72 0.12
CA VAL K 102 -26.68 -72.47 1.10
C VAL K 102 -27.19 -71.47 2.15
N VAL K 103 -26.79 -71.66 3.42
CA VAL K 103 -27.24 -70.85 4.59
C VAL K 103 -26.06 -70.64 5.52
N ASP K 104 -25.74 -69.40 5.88
CA ASP K 104 -24.72 -69.08 6.91
C ASP K 104 -25.35 -69.25 8.28
N VAL K 105 -24.68 -70.00 9.17
CA VAL K 105 -25.18 -70.35 10.53
C VAL K 105 -24.38 -69.59 11.60
N GLY K 106 -23.83 -68.42 11.26
CA GLY K 106 -23.30 -67.45 12.23
C GLY K 106 -21.79 -67.46 12.33
N SER K 107 -21.10 -67.39 11.20
CA SER K 107 -19.62 -67.43 11.11
C SER K 107 -19.07 -66.02 11.18
N LEU K 108 -17.78 -65.88 11.47
CA LEU K 108 -17.11 -64.58 11.61
C LEU K 108 -16.86 -63.97 10.25
N ASN K 109 -16.32 -64.75 9.30
CA ASN K 109 -15.89 -64.26 7.98
C ASN K 109 -17.05 -64.27 6.99
N GLY K 110 -18.12 -65.02 7.26
CA GLY K 110 -19.31 -65.08 6.39
C GLY K 110 -19.12 -65.99 5.20
N THR K 111 -20.17 -66.21 4.42
CA THR K 111 -20.20 -67.01 3.18
C THR K 111 -20.44 -66.10 1.97
N TYR K 112 -19.68 -66.29 0.89
CA TYR K 112 -19.79 -65.54 -0.40
C TYR K 112 -20.24 -66.48 -1.51
N VAL K 113 -21.22 -66.06 -2.33
CA VAL K 113 -21.66 -66.76 -3.58
C VAL K 113 -21.40 -65.83 -4.77
N ASN K 114 -20.43 -66.19 -5.61
CA ASN K 114 -19.95 -65.41 -6.78
C ASN K 114 -19.46 -64.04 -6.29
N ARG K 115 -18.52 -64.07 -5.34
CA ARG K 115 -17.76 -62.90 -4.81
C ARG K 115 -18.72 -61.83 -4.29
N GLU K 116 -19.84 -62.23 -3.68
CA GLU K 116 -20.86 -61.33 -3.09
C GLU K 116 -21.38 -61.94 -1.80
N PRO K 117 -21.35 -61.21 -0.66
CA PRO K 117 -21.80 -61.76 0.62
C PRO K 117 -23.31 -62.00 0.70
N ARG K 118 -23.70 -63.18 1.16
CA ARG K 118 -25.10 -63.66 1.25
C ARG K 118 -25.32 -64.38 2.58
N ASN K 119 -26.55 -64.35 3.09
CA ASN K 119 -27.01 -65.05 4.32
C ASN K 119 -27.75 -66.33 3.93
N ALA K 120 -28.52 -66.30 2.85
CA ALA K 120 -29.08 -67.50 2.20
C ALA K 120 -29.18 -67.26 0.70
N GLN K 121 -29.08 -68.33 -0.09
CA GLN K 121 -29.09 -68.25 -1.58
C GLN K 121 -29.39 -69.64 -2.14
N VAL K 122 -30.21 -69.71 -3.20
CA VAL K 122 -30.47 -70.95 -3.98
C VAL K 122 -29.46 -71.01 -5.11
N MET K 123 -28.75 -72.13 -5.23
CA MET K 123 -27.56 -72.29 -6.09
C MET K 123 -28.00 -72.84 -7.44
N GLN K 124 -27.46 -72.28 -8.53
CA GLN K 124 -27.54 -72.80 -9.92
C GLN K 124 -26.18 -73.42 -10.25
N THR K 125 -26.12 -74.33 -11.22
CA THR K 125 -24.91 -75.12 -11.54
C THR K 125 -23.79 -74.17 -11.96
N GLY K 126 -22.56 -74.47 -11.56
CA GLY K 126 -21.36 -73.71 -11.92
C GLY K 126 -21.17 -72.47 -11.07
N ASP K 127 -21.80 -72.39 -9.89
CA ASP K 127 -21.67 -71.27 -8.94
C ASP K 127 -20.46 -71.53 -8.03
N GLU K 128 -19.68 -70.49 -7.72
CA GLU K 128 -18.52 -70.55 -6.81
C GLU K 128 -18.97 -70.13 -5.41
N ILE K 129 -18.69 -70.98 -4.40
CA ILE K 129 -19.03 -70.76 -2.97
C ILE K 129 -17.72 -70.64 -2.20
N GLN K 130 -17.53 -69.56 -1.43
CA GLN K 130 -16.31 -69.31 -0.62
C GLN K 130 -16.63 -69.46 0.88
N ILE K 131 -15.95 -70.41 1.54
CA ILE K 131 -15.96 -70.64 3.01
C ILE K 131 -14.51 -70.52 3.48
N GLY K 132 -14.10 -69.36 3.96
CA GLY K 132 -12.74 -69.10 4.42
C GLY K 132 -11.83 -68.85 3.24
N LYS K 133 -10.75 -69.63 3.13
CA LYS K 133 -9.82 -69.61 1.99
C LYS K 133 -10.14 -70.76 1.02
N PHE K 134 -11.12 -71.60 1.32
CA PHE K 134 -11.59 -72.67 0.41
C PHE K 134 -12.59 -72.07 -0.57
N ARG K 135 -12.51 -72.47 -1.85
CA ARG K 135 -13.46 -72.11 -2.93
C ARG K 135 -13.95 -73.41 -3.56
N LEU K 136 -15.28 -73.59 -3.65
CA LEU K 136 -15.95 -74.83 -4.10
C LEU K 136 -16.84 -74.49 -5.30
N VAL K 137 -17.12 -75.49 -6.16
CA VAL K 137 -17.98 -75.37 -7.38
C VAL K 137 -19.11 -76.38 -7.29
N PHE K 138 -20.33 -75.95 -7.56
CA PHE K 138 -21.59 -76.73 -7.39
C PHE K 138 -22.00 -77.30 -8.74
N LEU K 139 -22.27 -78.61 -8.79
CA LEU K 139 -22.69 -79.35 -10.01
C LEU K 139 -23.95 -80.16 -9.70
N ALA K 140 -25.05 -79.86 -10.37
CA ALA K 140 -26.36 -80.51 -10.16
C ALA K 140 -26.37 -81.89 -10.81
N GLY K 141 -27.42 -82.67 -10.55
CA GLY K 141 -27.65 -84.00 -11.13
C GLY K 141 -28.89 -84.03 -12.01
N PRO K 142 -29.29 -85.21 -12.53
CA PRO K 142 -30.57 -85.37 -13.21
C PRO K 142 -31.77 -85.09 -12.30
N ALA K 143 -32.88 -84.63 -12.89
CA ALA K 143 -34.16 -84.34 -12.18
C ALA K 143 -35.08 -85.57 -12.27
N GLU L 41 81.62 -17.28 35.35
CA GLU L 41 82.02 -17.98 36.62
C GLU L 41 83.54 -18.24 36.58
N ASN L 42 83.97 -19.46 36.21
CA ASN L 42 85.39 -19.81 35.95
C ASN L 42 85.71 -19.70 34.45
N LEU L 43 84.80 -19.12 33.65
CA LEU L 43 85.01 -18.86 32.20
C LEU L 43 86.23 -17.97 32.01
N PRO L 44 87.13 -18.26 31.05
CA PRO L 44 88.19 -17.32 30.65
C PRO L 44 87.67 -15.94 30.26
N ALA L 45 88.50 -14.91 30.40
CA ALA L 45 88.12 -13.50 30.15
C ALA L 45 88.01 -13.27 28.64
N GLY L 46 86.88 -12.71 28.19
CA GLY L 46 86.60 -12.45 26.76
C GLY L 46 85.84 -13.59 26.08
N SER L 47 85.52 -14.67 26.82
CA SER L 47 84.75 -15.84 26.31
C SER L 47 83.27 -15.67 26.68
N ALA L 48 82.44 -16.63 26.25
CA ALA L 48 81.00 -16.69 26.58
C ALA L 48 80.49 -18.11 26.37
N LEU L 49 79.22 -18.37 26.68
CA LEU L 49 78.65 -19.74 26.74
C LEU L 49 77.21 -19.72 26.23
N LEU L 50 76.80 -20.78 25.53
CA LEU L 50 75.40 -21.04 25.12
C LEU L 50 74.98 -22.38 25.70
N VAL L 51 73.77 -22.46 26.29
CA VAL L 51 73.23 -23.71 26.91
C VAL L 51 71.83 -23.97 26.35
N VAL L 52 71.55 -25.23 26.00
CA VAL L 52 70.29 -25.67 25.33
C VAL L 52 69.21 -25.79 26.40
N LYS L 53 68.24 -24.89 26.40
CA LYS L 53 67.11 -24.88 27.36
C LYS L 53 66.08 -25.92 26.91
N ARG L 54 65.69 -25.90 25.63
CA ARG L 54 64.61 -26.73 25.04
C ARG L 54 65.10 -27.38 23.75
N GLY L 55 64.92 -28.70 23.60
CA GLY L 55 65.32 -29.45 22.40
C GLY L 55 65.72 -30.88 22.74
N PRO L 56 65.99 -31.74 21.73
CA PRO L 56 66.41 -33.13 21.97
C PRO L 56 67.65 -33.32 22.84
N ASN L 57 68.66 -32.44 22.68
CA ASN L 57 69.98 -32.52 23.37
C ASN L 57 70.04 -31.49 24.51
N ALA L 58 68.93 -31.30 25.23
CA ALA L 58 68.78 -30.24 26.26
C ALA L 58 69.81 -30.48 27.36
N GLY L 59 70.46 -29.40 27.82
CA GLY L 59 71.53 -29.42 28.83
C GLY L 59 72.92 -29.33 28.24
N ALA L 60 73.05 -29.53 26.92
CA ALA L 60 74.33 -29.42 26.17
C ALA L 60 74.90 -28.01 26.30
N ARG L 61 76.22 -27.89 26.44
CA ARG L 61 76.94 -26.61 26.63
C ARG L 61 77.93 -26.42 25.48
N PHE L 62 77.99 -25.21 24.92
CA PHE L 62 78.89 -24.80 23.81
C PHE L 62 79.67 -23.54 24.21
N LEU L 63 80.90 -23.40 23.75
CA LEU L 63 81.85 -22.35 24.17
C LEU L 63 82.19 -21.42 22.99
N LEU L 64 81.83 -20.15 23.10
CA LEU L 64 82.17 -19.07 22.14
C LEU L 64 83.49 -18.42 22.55
N ASP L 65 84.59 -18.76 21.89
CA ASP L 65 85.94 -18.24 22.23
C ASP L 65 86.80 -17.94 20.98
N GLN L 66 86.22 -17.93 19.77
CA GLN L 66 86.96 -17.66 18.50
C GLN L 66 86.16 -16.67 17.66
N PRO L 67 86.81 -15.82 16.83
CA PRO L 67 86.15 -14.73 16.12
C PRO L 67 84.87 -15.04 15.35
N THR L 68 84.77 -16.21 14.71
CA THR L 68 83.52 -16.70 14.07
C THR L 68 83.26 -18.17 14.40
N THR L 69 82.01 -18.50 14.71
CA THR L 69 81.51 -19.84 15.09
C THR L 69 80.19 -20.08 14.36
N THR L 70 80.10 -21.14 13.57
CA THR L 70 78.98 -21.46 12.66
C THR L 70 78.01 -22.42 13.35
N ALA L 71 76.72 -22.34 13.04
CA ALA L 71 75.65 -23.13 13.67
C ALA L 71 74.61 -23.53 12.64
N GLY L 72 74.40 -24.83 12.43
CA GLY L 72 73.48 -25.37 11.40
C GLY L 72 73.43 -26.87 11.38
N ARG L 73 72.88 -27.44 10.31
CA ARG L 73 72.63 -28.90 10.11
C ARG L 73 73.73 -29.52 9.26
N HIS L 74 74.70 -28.74 8.78
CA HIS L 74 75.91 -29.23 8.08
C HIS L 74 76.74 -29.98 9.11
N PRO L 75 77.28 -31.18 8.78
CA PRO L 75 78.03 -31.97 9.76
C PRO L 75 79.41 -31.42 10.13
N GLU L 76 79.88 -30.37 9.45
CA GLU L 76 81.16 -29.69 9.75
C GLU L 76 80.91 -28.37 10.50
N SER L 77 79.68 -28.10 10.93
CA SER L 77 79.30 -26.92 11.75
C SER L 77 80.00 -26.99 13.11
N ASP L 78 80.30 -25.84 13.71
CA ASP L 78 80.89 -25.76 15.07
C ASP L 78 79.83 -26.16 16.10
N ILE L 79 78.60 -25.67 15.95
CA ILE L 79 77.43 -26.03 16.80
C ILE L 79 76.45 -26.83 15.95
N PHE L 80 76.53 -28.16 16.00
CA PHE L 80 75.76 -29.10 15.14
C PHE L 80 74.39 -29.38 15.76
N LEU L 81 73.30 -28.92 15.11
CA LEU L 81 71.92 -28.98 15.61
C LEU L 81 71.04 -29.75 14.62
N ASP L 82 70.96 -31.08 14.76
CA ASP L 82 70.36 -31.99 13.76
C ASP L 82 68.84 -32.02 13.95
N ASP L 83 68.11 -31.35 13.05
CA ASP L 83 66.63 -31.35 12.96
C ASP L 83 66.21 -30.78 11.61
N VAL L 84 65.03 -31.17 11.12
CA VAL L 84 64.46 -30.76 9.81
C VAL L 84 64.30 -29.24 9.77
N THR L 85 63.97 -28.61 10.91
CA THR L 85 63.64 -27.17 11.00
C THR L 85 64.88 -26.30 10.86
N VAL L 86 66.08 -26.84 11.10
CA VAL L 86 67.37 -26.10 10.98
C VAL L 86 67.92 -26.27 9.57
N SER L 87 68.45 -25.19 8.98
CA SER L 87 69.08 -25.13 7.64
C SER L 87 70.55 -25.48 7.75
N ARG L 88 71.16 -25.91 6.64
CA ARG L 88 72.54 -26.43 6.60
C ARG L 88 73.50 -25.36 7.08
N ARG L 89 73.37 -24.15 6.55
CA ARG L 89 74.01 -22.92 7.09
C ARG L 89 72.91 -22.00 7.58
N HIS L 90 72.83 -21.70 8.89
CA HIS L 90 71.66 -21.05 9.55
C HIS L 90 72.02 -19.74 10.24
N ALA L 91 73.04 -19.72 11.08
CA ALA L 91 73.50 -18.46 11.70
C ALA L 91 74.95 -18.54 12.13
N GLU L 92 75.60 -17.38 12.30
CA GLU L 92 76.97 -17.26 12.86
C GLU L 92 76.93 -16.39 14.11
N PHE L 93 77.81 -16.69 15.06
CA PHE L 93 78.08 -15.90 16.29
C PHE L 93 79.47 -15.28 16.16
N ARG L 94 79.57 -13.94 16.23
CA ARG L 94 80.79 -13.16 15.96
C ARG L 94 81.18 -12.30 17.16
N ILE L 95 82.46 -12.29 17.54
CA ILE L 95 83.02 -11.50 18.68
C ILE L 95 83.90 -10.39 18.10
N ASN L 96 83.50 -9.13 18.30
CA ASN L 96 84.14 -7.92 17.72
C ASN L 96 84.37 -6.86 18.81
N GLU L 97 85.62 -6.66 19.23
CA GLU L 97 86.04 -5.70 20.28
C GLU L 97 85.23 -5.98 21.55
N GLY L 98 85.35 -7.21 22.07
CA GLY L 98 84.67 -7.68 23.28
C GLY L 98 83.18 -7.41 23.26
N GLU L 99 82.49 -7.82 22.19
CA GLU L 99 81.03 -7.65 22.01
C GLU L 99 80.49 -8.77 21.13
N PHE L 100 79.44 -9.46 21.58
CA PHE L 100 78.91 -10.72 21.00
C PHE L 100 77.65 -10.43 20.18
N GLU L 101 77.63 -10.84 18.90
CA GLU L 101 76.52 -10.58 17.94
C GLU L 101 76.04 -11.88 17.31
N VAL L 102 74.74 -12.02 17.10
CA VAL L 102 74.10 -13.11 16.28
C VAL L 102 73.72 -12.53 14.92
N VAL L 103 73.87 -13.32 13.85
CA VAL L 103 73.64 -12.92 12.43
C VAL L 103 72.99 -14.07 11.69
N ASP L 104 71.85 -13.85 11.03
CA ASP L 104 71.20 -14.85 10.15
C ASP L 104 71.93 -14.83 8.81
N VAL L 105 72.32 -16.00 8.30
CA VAL L 105 73.11 -16.17 7.05
C VAL L 105 72.22 -16.79 5.95
N GLY L 106 70.91 -16.59 6.01
CA GLY L 106 69.98 -16.85 4.90
C GLY L 106 69.20 -18.13 5.07
N SER L 107 68.58 -18.33 6.22
CA SER L 107 67.79 -19.53 6.58
C SER L 107 66.34 -19.34 6.18
N LEU L 108 65.58 -20.42 6.08
CA LEU L 108 64.17 -20.39 5.67
C LEU L 108 63.31 -19.90 6.81
N ASN L 109 63.51 -20.43 8.01
CA ASN L 109 62.66 -20.16 9.20
C ASN L 109 63.12 -18.90 9.93
N GLY L 110 64.36 -18.46 9.73
CA GLY L 110 64.90 -17.24 10.36
C GLY L 110 65.36 -17.49 11.78
N THR L 111 65.98 -16.49 12.39
CA THR L 111 66.45 -16.46 13.80
C THR L 111 65.63 -15.48 14.62
N TYR L 112 65.18 -15.86 15.82
CA TYR L 112 64.42 -15.04 16.78
C TYR L 112 65.25 -14.78 18.04
N VAL L 113 65.30 -13.52 18.52
CA VAL L 113 65.91 -13.12 19.83
C VAL L 113 64.80 -12.53 20.71
N ASN L 114 64.44 -13.25 21.78
CA ASN L 114 63.33 -12.92 22.72
C ASN L 114 62.03 -12.83 21.92
N ARG L 115 61.69 -13.90 21.21
CA ARG L 115 60.42 -14.12 20.49
C ARG L 115 60.13 -12.99 19.51
N GLU L 116 61.16 -12.43 18.88
CA GLU L 116 61.07 -11.33 17.88
C GLU L 116 62.07 -11.59 16.76
N PRO L 117 61.64 -11.60 15.48
CA PRO L 117 62.54 -11.88 14.37
C PRO L 117 63.57 -10.77 14.12
N ARG L 118 64.83 -11.15 13.96
CA ARG L 118 66.00 -10.25 13.78
C ARG L 118 66.93 -10.82 12.71
N ASN L 119 67.66 -9.93 12.01
CA ASN L 119 68.68 -10.26 11.00
C ASN L 119 70.07 -10.15 11.61
N ALA L 120 70.29 -9.17 12.49
CA ALA L 120 71.48 -9.08 13.36
C ALA L 120 71.08 -8.44 14.68
N GLN L 121 71.78 -8.79 15.76
CA GLN L 121 71.48 -8.30 17.13
C GLN L 121 72.68 -8.54 18.02
N VAL L 122 73.01 -7.58 18.90
CA VAL L 122 74.05 -7.73 19.96
C VAL L 122 73.36 -8.26 21.21
N MET L 123 73.89 -9.33 21.78
CA MET L 123 73.23 -10.14 22.83
C MET L 123 73.71 -9.63 24.20
N GLN L 124 72.77 -9.48 25.14
CA GLN L 124 73.02 -9.25 26.59
C GLN L 124 72.73 -10.56 27.31
N THR L 125 73.30 -10.75 28.51
CA THR L 125 73.24 -12.03 29.26
C THR L 125 71.79 -12.38 29.56
N GLY L 126 71.44 -13.66 29.48
CA GLY L 126 70.10 -14.18 29.78
C GLY L 126 69.11 -14.00 28.65
N ASP L 127 69.60 -13.80 27.41
CA ASP L 127 68.74 -13.67 26.20
C ASP L 127 68.47 -15.05 25.63
N GLU L 128 67.25 -15.29 25.16
CA GLU L 128 66.81 -16.56 24.52
C GLU L 128 66.94 -16.40 23.01
N ILE L 129 67.65 -17.34 22.36
CA ILE L 129 67.90 -17.39 20.88
C ILE L 129 67.21 -18.64 20.34
N GLN L 130 66.35 -18.51 19.34
CA GLN L 130 65.63 -19.65 18.71
C GLN L 130 66.17 -19.90 17.30
N ILE L 131 66.69 -21.11 17.07
CA ILE L 131 67.13 -21.66 15.76
C ILE L 131 66.34 -22.94 15.53
N GLY L 132 65.24 -22.86 14.79
CA GLY L 132 64.36 -24.00 14.51
C GLY L 132 63.47 -24.28 15.69
N LYS L 133 63.52 -25.51 16.22
CA LYS L 133 62.81 -25.94 17.44
C LYS L 133 63.76 -25.92 18.64
N PHE L 134 65.04 -25.59 18.45
CA PHE L 134 66.02 -25.45 19.54
C PHE L 134 65.90 -24.04 20.12
N ARG L 135 65.98 -23.92 21.44
CA ARG L 135 66.02 -22.64 22.19
C ARG L 135 67.25 -22.66 23.10
N LEU L 136 68.09 -21.64 23.00
CA LEU L 136 69.40 -21.53 23.69
C LEU L 136 69.41 -20.28 24.57
N VAL L 137 70.22 -20.27 25.63
CA VAL L 137 70.40 -19.13 26.58
C VAL L 137 71.87 -18.71 26.61
N PHE L 138 72.12 -17.41 26.53
CA PHE L 138 73.47 -16.79 26.39
C PHE L 138 73.94 -16.32 27.76
N LEU L 139 75.16 -16.71 28.15
CA LEU L 139 75.79 -16.36 29.45
C LEU L 139 77.19 -15.80 29.19
N ALA L 140 77.43 -14.55 29.55
CA ALA L 140 78.72 -13.85 29.34
C ALA L 140 79.75 -14.32 30.36
N GLY L 141 81.00 -13.91 30.17
CA GLY L 141 82.13 -14.21 31.07
C GLY L 141 82.68 -12.95 31.71
N PRO L 142 83.79 -13.05 32.49
CA PRO L 142 84.51 -11.87 32.98
C PRO L 142 85.09 -11.01 31.85
N ALA L 143 85.22 -9.71 32.09
CA ALA L 143 85.81 -8.71 31.15
C ALA L 143 87.29 -8.54 31.44
#